data_7ALW
#
_entry.id   7ALW
#
_cell.length_a   1.00
_cell.length_b   1.00
_cell.length_c   1.00
_cell.angle_alpha   90.00
_cell.angle_beta   90.00
_cell.angle_gamma   90.00
#
_symmetry.space_group_name_H-M   'P 1'
#
_entity_poly.entity_id   1
_entity_poly.type   'polypeptide(L)'
_entity_poly.pdbx_seq_one_letter_code
;MNPHDLEWLNRIGERKDIMLAVLLLAVVFMMVLPLPPIVLDILIAVNMTISVVLLMIAIYINSPLQFSAFPAVLLVTTLF
RLALSVSTTRMILLQADAGQIVYTFGNFVVGGNLIVGIVIFLIITIVQFLVITKGSERVAEVSARFSLDAMPGKQMSIDG
DMRAGVIDVNEARERRATIEKESQMFGSMDGAMKFVKGDAIAGLIIIFVNILGGVTIGVTQKGLAAAEALQLYSILTVGD
GMVSQVPALLIAITAGIIVTRVSSEDSSDLGSDIGKQVVAQPKAMLIGGVLLLLFGLIPGFPTVTFLILALLVGCGGYML
SRKQSRNDEANQDLQSILTSGSGAPAARTKAKTSGANKGRLGEQEAFAMTVPLLIDVDSSQQEALEAIALNDELVRVRRA
LYLDLGVPFPGIHLRFNEGMGEGEYLISLQEVPVARGELKAGYLLVRESVSQLELLGIPYEKGEHLLPDQETFWVSVEYE
ERLEKSQLEFFSHSQVLTWHLSHVLREYAEDFIGIQETRYLLEQMEGGYGELIKEVQRIVPLQRMTEILQRLVGEDISIR
NMRSILEAMVEWGQKEKDVVQLTEYIRSSLKRYICYKYANGNNILPAYLFDQEVEEKIRSGVRQTSAGSYLALDPAVTES
LLEQVRKTIGDLSQIQSKPVLIVSMDIRRYVRKLIESEYYGLPVLSYQELTQQINIQPLGRVCLENLYFQ
;
_entity_poly.pdbx_strand_id   A,B,C,D,E,F,G,H,I,J,K,L,M,N,O,P,Q,R
#
# COMPACT_ATOMS: atom_id res chain seq x y z
N LEU A 361 -46.72 -32.23 48.12
CA LEU A 361 -46.09 -32.65 46.87
C LEU A 361 -45.38 -31.47 46.23
N GLY A 362 -45.43 -30.32 46.88
CA GLY A 362 -44.74 -29.15 46.41
C GLY A 362 -43.23 -29.22 46.48
N GLU A 363 -42.67 -30.32 47.00
CA GLU A 363 -41.23 -30.51 46.98
C GLU A 363 -40.75 -30.52 45.53
N GLN A 364 -39.69 -29.77 45.25
CA GLN A 364 -39.41 -29.38 43.87
C GLN A 364 -39.16 -30.59 42.98
N GLU A 365 -38.00 -31.25 43.06
CA GLU A 365 -37.92 -32.57 42.45
C GLU A 365 -36.99 -33.56 43.16
N ALA A 366 -36.06 -33.07 43.98
CA ALA A 366 -35.13 -33.93 44.71
C ALA A 366 -34.31 -34.81 43.77
N PHE A 367 -33.45 -34.15 42.99
CA PHE A 367 -32.53 -34.80 42.06
C PHE A 367 -31.86 -36.01 42.70
N ALA A 368 -31.82 -37.10 41.95
CA ALA A 368 -31.22 -38.35 42.41
C ALA A 368 -30.20 -38.83 41.39
N MET A 369 -28.97 -39.02 41.84
CA MET A 369 -27.87 -39.34 40.93
C MET A 369 -28.05 -40.71 40.31
N THR A 370 -27.71 -40.84 39.04
CA THR A 370 -27.70 -42.15 38.40
C THR A 370 -26.54 -42.99 38.91
N VAL A 371 -26.72 -44.30 38.88
CA VAL A 371 -25.68 -45.19 39.39
C VAL A 371 -24.70 -45.52 38.26
N PRO A 372 -23.41 -45.43 38.51
CA PRO A 372 -22.44 -45.66 37.44
C PRO A 372 -22.51 -47.07 36.89
N LEU A 373 -22.40 -48.06 37.75
CA LEU A 373 -22.53 -49.45 37.34
C LEU A 373 -23.53 -50.11 38.26
N LEU A 374 -24.27 -51.07 37.73
CA LEU A 374 -25.32 -51.70 38.50
C LEU A 374 -25.50 -53.13 38.04
N ILE A 375 -25.60 -54.04 39.00
CA ILE A 375 -25.91 -55.43 38.72
C ILE A 375 -27.28 -55.71 39.31
N ASP A 376 -28.21 -56.12 38.48
CA ASP A 376 -29.53 -56.50 38.92
C ASP A 376 -29.72 -57.97 38.58
N VAL A 377 -29.64 -58.82 39.60
CA VAL A 377 -29.95 -60.22 39.43
C VAL A 377 -31.28 -60.47 40.12
N ASP A 378 -31.84 -61.65 39.93
CA ASP A 378 -33.16 -61.91 40.46
C ASP A 378 -33.11 -62.07 41.97
N SER A 379 -34.28 -62.18 42.58
CA SER A 379 -34.40 -62.59 43.97
C SER A 379 -34.22 -64.10 44.01
N SER A 380 -34.58 -64.71 45.15
CA SER A 380 -34.50 -66.14 45.36
C SER A 380 -33.05 -66.61 45.47
N GLN A 381 -32.10 -65.71 45.21
CA GLN A 381 -30.70 -65.97 45.48
C GLN A 381 -30.10 -64.98 46.44
N GLN A 382 -30.85 -63.94 46.81
CA GLN A 382 -30.32 -62.88 47.67
C GLN A 382 -29.70 -63.42 48.95
N GLU A 383 -30.05 -64.64 49.31
CA GLU A 383 -29.39 -65.36 50.38
C GLU A 383 -28.90 -66.74 49.93
N ALA A 384 -29.37 -67.22 48.78
CA ALA A 384 -28.95 -68.50 48.25
C ALA A 384 -27.69 -68.39 47.41
N LEU A 385 -27.53 -67.33 46.62
CA LEU A 385 -26.28 -67.27 45.87
C LEU A 385 -25.16 -66.85 46.80
N GLU A 386 -25.03 -65.54 47.09
CA GLU A 386 -24.76 -64.94 48.39
C GLU A 386 -23.81 -65.72 49.30
N ALA A 387 -23.22 -66.78 48.80
CA ALA A 387 -22.50 -67.71 49.66
C ALA A 387 -21.23 -68.24 49.02
N ILE A 388 -20.87 -67.81 47.81
CA ILE A 388 -19.51 -68.08 47.39
C ILE A 388 -18.69 -66.93 47.90
N ALA A 389 -18.80 -65.76 47.27
CA ALA A 389 -18.71 -64.51 48.00
C ALA A 389 -19.82 -63.57 47.56
N LEU A 390 -19.83 -63.26 46.26
CA LEU A 390 -20.71 -62.28 45.62
C LEU A 390 -20.65 -60.93 46.29
N ASN A 391 -19.70 -60.74 47.19
CA ASN A 391 -19.24 -59.43 47.59
C ASN A 391 -17.73 -59.39 47.70
N ASP A 392 -17.07 -60.55 47.62
CA ASP A 392 -15.63 -60.64 47.47
C ASP A 392 -15.25 -61.41 46.22
N GLU A 393 -16.22 -61.73 45.37
CA GLU A 393 -15.90 -62.27 44.04
C GLU A 393 -16.07 -61.20 42.98
N LEU A 394 -16.79 -60.13 43.30
CA LEU A 394 -16.82 -58.97 42.43
C LEU A 394 -15.65 -58.05 42.71
N VAL A 395 -15.46 -57.68 43.97
CA VAL A 395 -14.36 -56.79 44.32
C VAL A 395 -13.03 -57.44 43.98
N ARG A 396 -12.97 -58.76 43.90
CA ARG A 396 -11.74 -59.42 43.47
C ARG A 396 -11.53 -59.26 41.97
N VAL A 397 -12.59 -59.41 41.18
CA VAL A 397 -12.41 -59.28 39.74
C VAL A 397 -12.42 -57.83 39.33
N ARG A 398 -12.88 -56.92 40.20
CA ARG A 398 -12.74 -55.52 39.88
C ARG A 398 -11.31 -55.06 40.08
N ARG A 399 -10.72 -55.41 41.23
CA ARG A 399 -9.31 -55.09 41.44
C ARG A 399 -8.43 -55.82 40.44
N ALA A 400 -8.63 -57.12 40.27
CA ALA A 400 -7.80 -57.87 39.34
C ALA A 400 -7.92 -57.33 37.94
N LEU A 401 -9.02 -56.67 37.63
CA LEU A 401 -9.15 -56.03 36.33
C LEU A 401 -8.60 -54.63 36.34
N TYR A 402 -8.57 -53.99 37.51
CA TYR A 402 -7.96 -52.67 37.59
C TYR A 402 -6.46 -52.76 37.37
N LEU A 403 -5.80 -53.68 38.06
CA LEU A 403 -4.36 -53.87 37.85
C LEU A 403 -4.04 -54.33 36.44
N ASP A 404 -5.03 -54.58 35.61
CA ASP A 404 -4.75 -54.96 34.24
C ASP A 404 -4.83 -53.76 33.31
N LEU A 405 -5.91 -53.00 33.42
CA LEU A 405 -6.16 -51.82 32.59
C LEU A 405 -5.69 -50.53 33.24
N GLY A 406 -6.00 -50.35 34.51
CA GLY A 406 -5.62 -49.15 35.22
C GLY A 406 -6.74 -48.16 35.42
N VAL A 407 -7.88 -48.36 34.79
CA VAL A 407 -9.00 -47.43 34.92
C VAL A 407 -9.50 -47.45 36.37
N PRO A 408 -9.76 -46.32 36.96
CA PRO A 408 -10.32 -46.33 38.33
C PRO A 408 -11.81 -46.63 38.29
N PHE A 409 -12.14 -47.92 38.24
CA PHE A 409 -13.51 -48.35 38.04
C PHE A 409 -14.40 -47.85 39.17
N PRO A 410 -15.70 -47.76 38.92
CA PRO A 410 -16.59 -47.24 39.96
C PRO A 410 -17.07 -48.33 40.88
N GLY A 411 -17.97 -47.98 41.81
CA GLY A 411 -18.47 -48.95 42.76
C GLY A 411 -19.62 -49.73 42.19
N ILE A 412 -19.52 -51.05 42.22
CA ILE A 412 -20.55 -51.91 41.66
C ILE A 412 -21.65 -52.07 42.70
N HIS A 413 -22.78 -51.41 42.49
CA HIS A 413 -23.93 -51.67 43.32
C HIS A 413 -24.53 -53.02 42.95
N LEU A 414 -24.94 -53.77 43.96
CA LEU A 414 -25.53 -55.08 43.77
C LEU A 414 -26.93 -55.06 44.36
N ARG A 415 -27.93 -55.28 43.51
CA ARG A 415 -29.32 -55.25 43.93
C ARG A 415 -30.00 -56.55 43.48
N PHE A 416 -30.58 -57.25 44.45
CA PHE A 416 -31.39 -58.42 44.17
C PHE A 416 -32.82 -57.96 43.97
N ASN A 417 -33.26 -57.95 42.71
CA ASN A 417 -34.60 -57.54 42.36
C ASN A 417 -35.50 -58.76 42.26
N GLU A 418 -36.75 -58.60 42.69
CA GLU A 418 -37.73 -59.66 42.54
C GLU A 418 -38.57 -59.49 41.28
N GLY A 419 -38.55 -58.32 40.66
CA GLY A 419 -39.41 -58.05 39.53
C GLY A 419 -39.13 -58.95 38.34
N MET A 420 -37.92 -59.47 38.24
CA MET A 420 -37.56 -60.32 37.11
C MET A 420 -37.88 -61.77 37.45
N GLY A 421 -37.37 -62.70 36.64
CA GLY A 421 -37.63 -64.11 36.84
C GLY A 421 -36.84 -64.71 37.97
N GLU A 422 -36.30 -65.91 37.79
CA GLU A 422 -35.50 -66.56 38.81
C GLU A 422 -34.07 -66.87 38.35
N GLY A 423 -33.81 -66.85 37.06
CA GLY A 423 -32.45 -67.02 36.59
C GLY A 423 -31.96 -65.85 35.76
N GLU A 424 -32.72 -64.76 35.78
CA GLU A 424 -32.39 -63.58 35.00
C GLU A 424 -31.37 -62.72 35.76
N TYR A 425 -30.59 -61.96 35.00
CA TYR A 425 -29.67 -60.99 35.56
C TYR A 425 -29.27 -60.02 34.46
N LEU A 426 -29.27 -58.74 34.79
CA LEU A 426 -28.87 -57.70 33.85
C LEU A 426 -27.80 -56.85 34.50
N ILE A 427 -26.80 -56.49 33.72
CA ILE A 427 -25.70 -55.65 34.17
C ILE A 427 -25.87 -54.32 33.46
N SER A 428 -26.26 -53.28 34.19
CA SER A 428 -26.67 -52.03 33.59
C SER A 428 -25.63 -50.96 33.86
N LEU A 429 -25.00 -50.46 32.80
CA LEU A 429 -24.19 -49.26 32.89
C LEU A 429 -25.09 -48.05 32.83
N GLN A 430 -25.23 -47.35 33.94
CA GLN A 430 -25.97 -46.09 33.95
C GLN A 430 -27.39 -46.29 33.43
N GLU A 431 -28.06 -47.30 33.97
CA GLU A 431 -29.48 -47.54 33.75
C GLU A 431 -29.80 -47.89 32.30
N VAL A 432 -28.93 -48.64 31.62
CA VAL A 432 -29.28 -49.25 30.35
C VAL A 432 -28.66 -50.63 30.28
N PRO A 433 -29.44 -51.69 30.47
CA PRO A 433 -28.88 -53.04 30.54
C PRO A 433 -27.99 -53.37 29.36
N VAL A 434 -26.71 -53.59 29.64
CA VAL A 434 -25.74 -53.79 28.58
C VAL A 434 -25.41 -55.26 28.35
N ALA A 435 -25.63 -56.12 29.32
CA ALA A 435 -25.45 -57.55 29.10
C ALA A 435 -26.41 -58.28 30.03
N ARG A 436 -27.58 -58.62 29.53
CA ARG A 436 -28.57 -59.34 30.30
C ARG A 436 -28.40 -60.83 30.07
N GLY A 437 -29.02 -61.61 30.94
CA GLY A 437 -28.95 -63.04 30.80
C GLY A 437 -29.92 -63.74 31.72
N GLU A 438 -30.47 -64.84 31.25
CA GLU A 438 -31.28 -65.73 32.07
C GLU A 438 -30.40 -66.96 32.32
N LEU A 439 -29.69 -66.95 33.42
CA LEU A 439 -28.77 -68.05 33.71
C LEU A 439 -29.59 -69.30 33.96
N LYS A 440 -29.63 -70.19 32.97
CA LYS A 440 -30.33 -71.47 33.14
C LYS A 440 -29.57 -72.41 34.04
N ALA A 441 -28.51 -71.91 34.66
CA ALA A 441 -27.95 -72.50 35.87
C ALA A 441 -28.85 -72.11 37.03
N GLY A 442 -30.04 -71.62 36.72
CA GLY A 442 -31.02 -71.18 37.70
C GLY A 442 -31.05 -72.05 38.94
N TYR A 443 -31.27 -73.35 38.78
CA TYR A 443 -31.22 -74.22 39.94
C TYR A 443 -29.77 -74.61 40.26
N LEU A 444 -29.16 -75.45 39.40
CA LEU A 444 -27.73 -75.71 39.36
C LEU A 444 -27.42 -76.40 38.05
N LEU A 445 -26.84 -75.68 37.10
CA LEU A 445 -26.58 -76.26 35.80
C LEU A 445 -25.24 -75.76 35.28
N VAL A 446 -24.20 -75.83 36.11
CA VAL A 446 -22.91 -75.22 35.85
C VAL A 446 -22.50 -75.44 34.39
N ARG A 447 -22.25 -74.34 33.68
CA ARG A 447 -22.17 -74.39 32.24
C ARG A 447 -20.83 -74.93 31.79
N GLU A 448 -20.64 -74.99 30.47
CA GLU A 448 -19.39 -75.42 29.87
C GLU A 448 -19.10 -74.53 28.68
N SER A 449 -17.90 -73.96 28.66
CA SER A 449 -17.52 -72.96 27.67
C SER A 449 -16.96 -73.55 26.38
N VAL A 450 -16.21 -74.64 26.47
CA VAL A 450 -15.56 -75.22 25.31
C VAL A 450 -16.34 -76.47 24.93
N SER A 451 -17.65 -76.44 25.21
CA SER A 451 -18.54 -77.54 24.85
C SER A 451 -18.35 -77.93 23.40
N GLN A 452 -18.37 -79.24 23.15
CA GLN A 452 -18.01 -79.78 21.85
C GLN A 452 -18.64 -81.17 21.77
N LEU A 453 -18.32 -81.92 20.72
CA LEU A 453 -18.70 -83.33 20.73
C LEU A 453 -17.98 -84.11 21.82
N GLU A 454 -16.98 -83.50 22.46
CA GLU A 454 -16.35 -84.12 23.61
C GLU A 454 -17.33 -84.28 24.76
N LEU A 455 -18.29 -83.36 24.88
CA LEU A 455 -19.40 -83.57 25.80
C LEU A 455 -20.42 -84.55 25.26
N LEU A 456 -20.24 -85.05 24.05
CA LEU A 456 -20.93 -86.25 23.61
C LEU A 456 -20.08 -87.49 23.81
N GLY A 457 -18.75 -87.36 23.63
CA GLY A 457 -17.86 -88.41 24.08
C GLY A 457 -17.90 -88.56 25.59
N ILE A 458 -18.02 -87.45 26.29
CA ILE A 458 -18.29 -87.43 27.73
C ILE A 458 -19.78 -87.18 27.81
N PRO A 459 -20.61 -88.23 27.79
CA PRO A 459 -21.94 -88.13 27.19
C PRO A 459 -22.98 -87.35 27.98
N TYR A 460 -22.59 -86.68 29.07
CA TYR A 460 -23.59 -86.12 29.99
C TYR A 460 -24.46 -85.10 29.29
N GLU A 461 -25.75 -85.15 29.57
CA GLU A 461 -26.73 -84.40 28.81
C GLU A 461 -26.41 -82.90 28.80
N LYS A 462 -26.85 -82.24 27.74
CA LYS A 462 -26.51 -80.86 27.48
C LYS A 462 -27.74 -79.97 27.56
N GLY A 463 -27.48 -78.66 27.55
CA GLY A 463 -28.51 -77.65 27.39
C GLY A 463 -28.03 -76.60 26.41
N GLU A 464 -28.76 -76.40 25.32
CA GLU A 464 -28.23 -75.58 24.24
C GLU A 464 -28.43 -74.09 24.52
N HIS A 465 -27.43 -73.31 24.12
CA HIS A 465 -27.47 -71.85 24.16
C HIS A 465 -26.26 -71.33 23.40
N LEU A 466 -26.24 -70.01 23.20
CA LEU A 466 -25.11 -69.31 22.59
C LEU A 466 -24.71 -68.16 23.49
N LEU A 467 -24.56 -68.45 24.79
CA LEU A 467 -24.05 -67.50 25.76
C LEU A 467 -22.72 -67.01 25.17
N PRO A 468 -22.37 -65.74 25.34
CA PRO A 468 -21.68 -65.02 24.25
C PRO A 468 -20.43 -65.64 23.67
N ASP A 469 -19.36 -65.79 24.45
CA ASP A 469 -18.03 -65.82 23.84
C ASP A 469 -17.61 -67.18 23.30
N GLN A 470 -17.94 -68.26 23.97
CA GLN A 470 -17.64 -69.60 23.47
C GLN A 470 -18.92 -70.43 23.55
N GLU A 471 -18.93 -71.56 22.85
CA GLU A 471 -20.15 -72.34 22.79
C GLU A 471 -20.50 -72.86 24.18
N THR A 472 -21.60 -72.36 24.71
CA THR A 472 -22.04 -72.66 26.07
C THR A 472 -23.04 -73.82 26.06
N PHE A 473 -22.70 -74.88 26.76
CA PHE A 473 -23.65 -75.95 27.01
C PHE A 473 -23.59 -76.30 28.47
N TRP A 474 -24.72 -76.71 29.02
CA TRP A 474 -24.90 -76.80 30.45
C TRP A 474 -25.04 -78.25 30.88
N VAL A 475 -24.43 -78.57 32.04
CA VAL A 475 -24.54 -79.88 32.66
C VAL A 475 -24.84 -79.66 34.13
N SER A 476 -25.36 -80.69 34.78
CA SER A 476 -25.79 -80.56 36.17
C SER A 476 -24.60 -80.79 37.10
N VAL A 477 -24.88 -80.86 38.40
CA VAL A 477 -23.82 -80.88 39.40
C VAL A 477 -23.41 -82.31 39.79
N GLU A 478 -24.20 -83.32 39.45
CA GLU A 478 -23.70 -84.69 39.50
C GLU A 478 -22.83 -84.96 38.28
N TYR A 479 -23.18 -84.35 37.14
CA TYR A 479 -22.36 -84.47 35.95
C TYR A 479 -21.06 -83.72 36.09
N GLU A 480 -21.03 -82.71 36.98
CA GLU A 480 -19.82 -81.91 37.17
C GLU A 480 -18.66 -82.77 37.65
N GLU A 481 -18.92 -83.66 38.60
CA GLU A 481 -17.83 -84.46 39.19
C GLU A 481 -17.07 -85.22 38.12
N ARG A 482 -17.78 -85.73 37.12
CA ARG A 482 -17.13 -86.54 36.10
C ARG A 482 -16.53 -85.69 35.00
N LEU A 483 -17.17 -84.59 34.62
CA LEU A 483 -16.59 -83.71 33.61
C LEU A 483 -15.43 -82.89 34.15
N GLU A 484 -15.41 -82.60 35.45
CA GLU A 484 -14.21 -81.97 36.01
C GLU A 484 -13.05 -82.94 36.03
N LYS A 485 -13.33 -84.24 36.08
CA LYS A 485 -12.27 -85.21 35.80
C LYS A 485 -11.79 -85.09 34.37
N SER A 486 -12.71 -84.89 33.43
CA SER A 486 -12.40 -84.75 32.02
C SER A 486 -11.78 -83.41 31.68
N GLN A 487 -11.75 -82.47 32.62
CA GLN A 487 -11.03 -81.22 32.47
C GLN A 487 -11.51 -80.33 31.32
N LEU A 488 -12.74 -79.82 31.43
CA LEU A 488 -13.19 -78.72 30.59
C LEU A 488 -13.60 -77.55 31.47
N GLU A 489 -13.99 -76.43 30.85
CA GLU A 489 -14.16 -75.19 31.59
C GLU A 489 -15.50 -75.13 32.31
N PHE A 490 -15.43 -74.99 33.63
CA PHE A 490 -16.60 -74.91 34.50
C PHE A 490 -16.80 -73.48 35.00
N PHE A 491 -18.04 -73.02 34.94
CA PHE A 491 -18.39 -71.70 35.42
C PHE A 491 -19.47 -71.85 36.48
N SER A 492 -19.09 -71.62 37.74
CA SER A 492 -20.05 -71.62 38.81
C SER A 492 -20.96 -70.42 38.69
N HIS A 493 -21.81 -70.23 39.69
CA HIS A 493 -22.71 -69.09 39.65
C HIS A 493 -21.99 -67.77 39.89
N SER A 494 -20.85 -67.80 40.56
CA SER A 494 -20.01 -66.62 40.55
C SER A 494 -19.38 -66.40 39.18
N GLN A 495 -18.71 -67.42 38.66
CA GLN A 495 -17.88 -67.25 37.47
C GLN A 495 -18.72 -67.00 36.23
N VAL A 496 -20.00 -67.37 36.25
CA VAL A 496 -20.85 -67.03 35.11
C VAL A 496 -21.23 -65.57 35.21
N LEU A 497 -21.31 -65.04 36.42
CA LEU A 497 -21.68 -63.65 36.62
C LEU A 497 -20.50 -62.72 36.34
N THR A 498 -19.43 -62.88 37.12
CA THR A 498 -18.29 -61.97 36.97
C THR A 498 -17.70 -62.02 35.58
N TRP A 499 -17.79 -63.15 34.90
CA TRP A 499 -17.18 -63.20 33.58
C TRP A 499 -17.76 -62.14 32.67
N HIS A 500 -19.09 -62.04 32.60
CA HIS A 500 -19.67 -60.94 31.83
C HIS A 500 -19.24 -59.60 32.39
N LEU A 501 -19.17 -59.47 33.71
CA LEU A 501 -18.66 -58.23 34.29
C LEU A 501 -17.26 -57.94 33.77
N SER A 502 -16.31 -58.85 34.03
CA SER A 502 -14.95 -58.66 33.56
C SER A 502 -14.88 -58.57 32.06
N HIS A 503 -16.00 -58.83 31.37
CA HIS A 503 -16.06 -58.54 29.95
C HIS A 503 -16.76 -57.22 29.68
N VAL A 504 -17.64 -56.78 30.58
CA VAL A 504 -18.31 -55.50 30.38
C VAL A 504 -17.33 -54.36 30.60
N LEU A 505 -16.54 -54.44 31.67
CA LEU A 505 -15.57 -53.39 31.92
C LEU A 505 -14.53 -53.33 30.82
N ARG A 506 -13.98 -54.47 30.43
CA ARG A 506 -12.91 -54.44 29.45
C ARG A 506 -13.38 -53.89 28.11
N GLU A 507 -14.68 -53.86 27.86
CA GLU A 507 -15.18 -53.33 26.60
C GLU A 507 -15.82 -51.97 26.73
N TYR A 508 -16.19 -51.56 27.93
CA TYR A 508 -16.75 -50.24 28.16
C TYR A 508 -15.85 -49.44 29.10
N ALA A 509 -14.55 -49.66 28.99
CA ALA A 509 -13.59 -48.89 29.74
C ALA A 509 -13.30 -47.54 29.11
N GLU A 510 -13.90 -47.24 27.96
CA GLU A 510 -13.83 -45.89 27.45
C GLU A 510 -14.82 -44.96 28.12
N ASP A 511 -15.69 -45.48 28.97
CA ASP A 511 -16.75 -44.69 29.57
C ASP A 511 -16.50 -44.40 31.04
N PHE A 512 -15.48 -45.01 31.63
CA PHE A 512 -15.15 -44.77 33.01
C PHE A 512 -13.95 -43.84 33.17
N ILE A 513 -13.37 -43.37 32.09
CA ILE A 513 -12.29 -42.41 32.21
C ILE A 513 -12.78 -41.06 31.72
N GLY A 514 -13.35 -40.28 32.62
CA GLY A 514 -13.81 -38.94 32.31
C GLY A 514 -12.98 -37.91 33.05
N ILE A 515 -13.19 -36.66 32.67
CA ILE A 515 -12.43 -35.57 33.25
C ILE A 515 -12.49 -35.62 34.76
N GLN A 516 -13.50 -36.27 35.31
CA GLN A 516 -13.55 -36.40 36.75
C GLN A 516 -12.69 -37.55 37.24
N GLU A 517 -12.34 -38.47 36.35
CA GLU A 517 -11.59 -39.64 36.80
C GLU A 517 -10.09 -39.47 36.57
N THR A 518 -9.68 -38.73 35.54
CA THR A 518 -8.25 -38.46 35.43
C THR A 518 -7.81 -37.47 36.49
N ARG A 519 -8.63 -36.47 36.79
CA ARG A 519 -8.28 -35.58 37.89
C ARG A 519 -8.24 -36.34 39.21
N TYR A 520 -8.72 -37.57 39.22
CA TYR A 520 -8.48 -38.41 40.38
C TYR A 520 -7.08 -39.00 40.35
N LEU A 521 -6.60 -39.36 39.16
CA LEU A 521 -5.23 -39.84 39.04
C LEU A 521 -4.23 -38.73 39.26
N LEU A 522 -4.44 -37.58 38.62
CA LEU A 522 -3.53 -36.47 38.77
C LEU A 522 -3.62 -35.83 40.14
N GLU A 523 -4.50 -36.30 41.01
CA GLU A 523 -4.40 -35.91 42.40
C GLU A 523 -3.76 -37.01 43.23
N GLN A 524 -4.10 -38.26 42.93
CA GLN A 524 -3.49 -39.38 43.65
C GLN A 524 -2.01 -39.47 43.39
N MET A 525 -1.51 -38.86 42.33
CA MET A 525 -0.08 -38.88 42.02
C MET A 525 0.63 -37.62 42.43
N GLU A 526 -0.08 -36.64 43.00
CA GLU A 526 0.57 -35.41 43.42
C GLU A 526 1.72 -35.69 44.36
N GLY A 527 1.52 -36.59 45.33
CA GLY A 527 2.56 -36.93 46.28
C GLY A 527 3.81 -37.46 45.61
N GLY A 528 3.67 -38.53 44.85
CA GLY A 528 4.79 -39.14 44.17
C GLY A 528 5.48 -38.18 43.22
N TYR A 529 4.77 -37.75 42.18
CA TYR A 529 5.36 -36.92 41.13
C TYR A 529 4.72 -35.55 41.18
N GLY A 530 5.29 -34.68 42.00
CA GLY A 530 4.79 -33.33 42.10
C GLY A 530 5.08 -32.53 40.86
N GLU A 531 6.36 -32.35 40.55
CA GLU A 531 6.72 -31.42 39.49
C GLU A 531 6.39 -31.97 38.11
N LEU A 532 6.11 -33.27 38.02
CA LEU A 532 5.68 -33.83 36.75
C LEU A 532 4.28 -33.36 36.41
N ILE A 533 3.39 -33.38 37.39
CA ILE A 533 2.00 -33.03 37.16
C ILE A 533 1.85 -31.52 36.97
N LYS A 534 2.51 -30.74 37.82
CA LYS A 534 2.44 -29.29 37.67
C LYS A 534 3.04 -28.83 36.35
N GLU A 535 3.76 -29.70 35.66
CA GLU A 535 4.28 -29.41 34.34
C GLU A 535 3.35 -29.90 33.25
N VAL A 536 2.70 -31.04 33.45
CA VAL A 536 1.85 -31.58 32.40
C VAL A 536 0.53 -30.82 32.33
N GLN A 537 0.05 -30.31 33.46
CA GLN A 537 -1.24 -29.63 33.44
C GLN A 537 -1.19 -28.33 32.67
N ARG A 538 -0.04 -27.66 32.65
CA ARG A 538 0.09 -26.42 31.91
C ARG A 538 0.33 -26.64 30.43
N ILE A 539 0.71 -27.85 30.03
CA ILE A 539 0.97 -28.13 28.63
C ILE A 539 -0.26 -28.70 27.95
N VAL A 540 -0.87 -29.72 28.53
CA VAL A 540 -2.09 -30.32 27.99
C VAL A 540 -3.24 -30.06 28.95
N PRO A 541 -4.32 -29.43 28.52
CA PRO A 541 -5.48 -29.25 29.38
C PRO A 541 -6.11 -30.59 29.72
N LEU A 542 -6.93 -30.60 30.77
CA LEU A 542 -7.53 -31.85 31.21
C LEU A 542 -8.39 -32.48 30.14
N GLN A 543 -9.05 -31.68 29.33
CA GLN A 543 -9.82 -32.28 28.25
C GLN A 543 -8.90 -33.03 27.30
N ARG A 544 -7.77 -32.44 26.95
CA ARG A 544 -6.90 -33.06 25.95
C ARG A 544 -6.19 -34.27 26.51
N MET A 545 -5.76 -34.20 27.77
CA MET A 545 -5.09 -35.33 28.37
C MET A 545 -6.04 -36.49 28.56
N THR A 546 -7.31 -36.20 28.84
CA THR A 546 -8.27 -37.28 29.00
C THR A 546 -8.68 -37.86 27.67
N GLU A 547 -8.80 -37.04 26.64
CA GLU A 547 -9.11 -37.56 25.32
C GLU A 547 -8.01 -38.49 24.82
N ILE A 548 -6.88 -38.53 25.51
CA ILE A 548 -5.85 -39.52 25.21
C ILE A 548 -6.08 -40.79 26.02
N LEU A 549 -6.25 -40.64 27.33
CA LEU A 549 -6.40 -41.82 28.18
C LEU A 549 -7.56 -42.68 27.73
N GLN A 550 -8.58 -42.07 27.12
CA GLN A 550 -9.64 -42.88 26.54
C GLN A 550 -9.15 -43.59 25.29
N ARG A 551 -8.24 -42.97 24.55
CA ARG A 551 -7.79 -43.58 23.31
C ARG A 551 -6.80 -44.70 23.54
N LEU A 552 -6.10 -44.68 24.66
CA LEU A 552 -5.27 -45.83 25.00
C LEU A 552 -6.14 -47.00 25.40
N VAL A 553 -6.92 -46.84 26.48
CA VAL A 553 -7.73 -47.93 26.98
C VAL A 553 -8.71 -48.42 25.92
N GLY A 554 -8.87 -47.69 24.83
CA GLY A 554 -9.64 -48.21 23.73
C GLY A 554 -8.96 -49.36 23.02
N GLU A 555 -7.65 -49.30 22.88
CA GLU A 555 -6.88 -50.37 22.26
C GLU A 555 -6.42 -51.41 23.27
N ASP A 556 -7.01 -51.41 24.46
CA ASP A 556 -6.66 -52.30 25.56
C ASP A 556 -5.26 -52.08 26.09
N ILE A 557 -4.56 -51.04 25.62
CA ILE A 557 -3.34 -50.62 26.28
C ILE A 557 -3.66 -50.24 27.71
N SER A 558 -2.70 -50.42 28.60
CA SER A 558 -2.93 -50.24 30.03
C SER A 558 -2.40 -48.89 30.48
N ILE A 559 -3.30 -48.04 30.97
CA ILE A 559 -2.90 -46.79 31.59
C ILE A 559 -1.90 -47.01 32.71
N ARG A 560 -1.97 -48.17 33.36
CA ARG A 560 -1.36 -48.42 34.66
C ARG A 560 -0.04 -47.71 34.86
N ASN A 561 0.83 -47.76 33.85
CA ASN A 561 2.12 -47.10 33.91
C ASN A 561 1.91 -45.61 33.71
N MET A 562 1.52 -44.94 34.79
CA MET A 562 1.07 -43.57 34.62
C MET A 562 2.20 -42.57 34.52
N ARG A 563 3.41 -42.94 34.94
CA ARG A 563 4.52 -42.01 34.80
C ARG A 563 4.91 -41.84 33.35
N SER A 564 5.35 -42.93 32.71
CA SER A 564 5.87 -42.80 31.35
C SER A 564 4.79 -42.46 30.35
N ILE A 565 3.54 -42.32 30.80
CA ILE A 565 2.52 -41.72 29.95
C ILE A 565 2.55 -40.21 30.10
N LEU A 566 3.01 -39.73 31.24
CA LEU A 566 3.10 -38.29 31.41
C LEU A 566 4.43 -37.75 30.92
N GLU A 567 5.52 -38.51 31.06
CA GLU A 567 6.77 -38.13 30.41
C GLU A 567 6.56 -37.92 28.93
N ALA A 568 5.93 -38.88 28.26
CA ALA A 568 5.66 -38.73 26.85
C ALA A 568 4.51 -37.78 26.59
N MET A 569 3.79 -37.39 27.63
CA MET A 569 2.76 -36.36 27.46
C MET A 569 3.41 -34.99 27.42
N VAL A 570 4.34 -34.75 28.32
CA VAL A 570 5.06 -33.48 28.35
C VAL A 570 5.89 -33.31 27.09
N GLU A 571 6.61 -34.35 26.72
CA GLU A 571 7.53 -34.27 25.59
C GLU A 571 6.80 -33.87 24.32
N TRP A 572 5.70 -34.54 24.01
CA TRP A 572 5.05 -34.35 22.72
C TRP A 572 3.87 -33.39 22.76
N GLY A 573 3.37 -33.03 23.94
CA GLY A 573 2.24 -32.13 24.00
C GLY A 573 2.53 -30.74 23.50
N GLN A 574 3.79 -30.42 23.29
CA GLN A 574 4.22 -29.13 22.77
C GLN A 574 4.41 -29.16 21.26
N LYS A 575 4.89 -30.28 20.73
CA LYS A 575 5.14 -30.39 19.31
C LYS A 575 3.89 -30.80 18.55
N GLU A 576 3.25 -31.88 18.97
CA GLU A 576 2.08 -32.38 18.26
C GLU A 576 0.80 -31.87 18.90
N LYS A 577 -0.22 -31.65 18.08
CA LYS A 577 -1.49 -31.11 18.54
C LYS A 577 -2.71 -31.91 18.11
N ASP A 578 -2.62 -32.71 17.07
CA ASP A 578 -3.72 -33.60 16.71
C ASP A 578 -3.70 -34.80 17.63
N VAL A 579 -4.81 -35.03 18.34
CA VAL A 579 -4.84 -36.06 19.37
C VAL A 579 -4.41 -37.40 18.81
N VAL A 580 -4.88 -37.74 17.61
CA VAL A 580 -4.59 -39.07 17.07
C VAL A 580 -3.10 -39.23 16.81
N GLN A 581 -2.42 -38.13 16.44
CA GLN A 581 -0.97 -38.20 16.34
C GLN A 581 -0.32 -38.30 17.71
N LEU A 582 -0.77 -37.46 18.64
CA LEU A 582 -0.18 -37.46 19.97
C LEU A 582 -0.29 -38.82 20.62
N THR A 583 -1.41 -39.52 20.41
CA THR A 583 -1.52 -40.82 21.05
C THR A 583 -0.66 -41.85 20.36
N GLU A 584 -0.38 -41.69 19.08
CA GLU A 584 0.55 -42.61 18.43
C GLU A 584 1.97 -42.35 18.88
N TYR A 585 2.27 -41.13 19.30
CA TYR A 585 3.57 -40.90 19.91
C TYR A 585 3.61 -41.41 21.34
N ILE A 586 2.48 -41.43 22.02
CA ILE A 586 2.48 -41.86 23.41
C ILE A 586 2.52 -43.37 23.52
N ARG A 587 1.83 -44.08 22.62
CA ARG A 587 2.01 -45.54 22.57
C ARG A 587 3.46 -45.90 22.33
N SER A 588 4.16 -45.13 21.51
CA SER A 588 5.57 -45.36 21.26
C SER A 588 6.44 -45.14 22.48
N SER A 589 5.88 -44.66 23.59
CA SER A 589 6.63 -44.57 24.83
C SER A 589 6.49 -45.82 25.69
N LEU A 590 5.48 -46.65 25.42
CA LEU A 590 5.32 -47.92 26.10
C LEU A 590 5.90 -49.06 25.28
N LYS A 591 6.98 -48.79 24.54
CA LYS A 591 7.55 -49.77 23.62
C LYS A 591 7.70 -51.14 24.27
N ARG A 592 8.55 -51.23 25.29
CA ARG A 592 8.84 -52.54 25.83
C ARG A 592 7.71 -53.09 26.66
N TYR A 593 6.56 -52.42 26.69
CA TYR A 593 5.38 -53.05 27.25
C TYR A 593 4.64 -53.84 26.19
N ILE A 594 4.36 -53.20 25.06
CA ILE A 594 3.59 -53.85 24.01
C ILE A 594 4.28 -55.12 23.54
N CYS A 595 5.60 -55.05 23.32
CA CYS A 595 6.38 -56.24 23.02
C CYS A 595 6.09 -57.38 23.96
N TYR A 596 5.64 -57.09 25.17
CA TYR A 596 5.28 -58.12 26.12
C TYR A 596 3.79 -58.42 26.14
N LYS A 597 2.95 -57.54 25.61
CA LYS A 597 1.54 -57.86 25.58
C LYS A 597 1.17 -58.72 24.39
N TYR A 598 1.81 -58.51 23.24
CA TYR A 598 1.37 -59.21 22.04
C TYR A 598 2.30 -60.35 21.67
N ALA A 599 3.59 -60.21 21.89
CA ALA A 599 4.56 -61.24 21.56
C ALA A 599 5.17 -61.78 22.84
N ASN A 600 4.50 -62.73 23.46
CA ASN A 600 4.99 -63.30 24.71
C ASN A 600 6.21 -64.21 24.51
N GLY A 601 6.36 -64.80 23.33
CA GLY A 601 7.48 -65.69 23.09
C GLY A 601 8.80 -64.95 23.02
N ASN A 602 9.81 -65.66 22.54
CA ASN A 602 11.16 -65.14 22.49
C ASN A 602 11.33 -64.11 21.38
N ASN A 603 10.73 -62.94 21.55
CA ASN A 603 10.92 -61.82 20.63
C ASN A 603 10.48 -62.17 19.22
N ILE A 604 9.52 -63.06 19.08
CA ILE A 604 8.97 -63.42 17.78
C ILE A 604 7.48 -63.09 17.79
N LEU A 605 7.02 -62.44 16.72
CA LEU A 605 5.67 -61.88 16.67
C LEU A 605 5.06 -62.23 15.32
N PRO A 606 3.94 -62.93 15.30
CA PRO A 606 3.32 -63.30 14.01
C PRO A 606 2.50 -62.15 13.46
N ALA A 607 3.01 -61.51 12.41
CA ALA A 607 2.44 -60.28 11.92
C ALA A 607 1.70 -60.50 10.62
N TYR A 608 1.07 -59.42 10.15
CA TYR A 608 0.27 -59.42 8.93
C TYR A 608 0.57 -58.16 8.14
N LEU A 609 1.84 -57.89 7.90
CA LEU A 609 2.27 -56.61 7.32
C LEU A 609 1.39 -56.17 6.16
N PHE A 610 1.22 -54.85 6.06
CA PHE A 610 0.51 -54.22 4.95
C PHE A 610 1.51 -53.85 3.87
N ASP A 611 1.31 -54.37 2.66
CA ASP A 611 2.23 -54.00 1.59
C ASP A 611 2.03 -52.56 1.20
N GLN A 612 3.15 -51.89 0.93
CA GLN A 612 3.20 -50.43 0.90
C GLN A 612 2.11 -49.81 0.03
N GLU A 613 1.67 -50.52 -1.00
CA GLU A 613 0.67 -49.95 -1.90
C GLU A 613 -0.60 -49.59 -1.16
N VAL A 614 -0.96 -50.36 -0.13
CA VAL A 614 -2.20 -50.08 0.59
C VAL A 614 -1.99 -48.98 1.62
N GLU A 615 -0.90 -49.04 2.39
CA GLU A 615 -0.63 -48.00 3.38
C GLU A 615 -0.56 -46.62 2.77
N GLU A 616 -0.56 -46.52 1.44
CA GLU A 616 -0.60 -45.23 0.77
C GLU A 616 -1.99 -44.87 0.28
N LYS A 617 -2.80 -45.86 -0.08
CA LYS A 617 -4.19 -45.55 -0.36
C LYS A 617 -4.90 -45.00 0.86
N ILE A 618 -4.57 -45.49 2.04
CA ILE A 618 -5.24 -45.02 3.25
C ILE A 618 -4.67 -43.69 3.72
N ARG A 619 -3.39 -43.45 3.52
CA ARG A 619 -2.83 -42.17 3.94
C ARG A 619 -3.30 -41.02 3.07
N SER A 620 -4.05 -41.29 2.01
CA SER A 620 -4.55 -40.25 1.14
C SER A 620 -6.02 -39.93 1.38
N GLY A 621 -6.59 -40.42 2.48
CA GLY A 621 -8.00 -40.19 2.74
C GLY A 621 -8.27 -39.70 4.15
N VAL A 622 -7.41 -38.85 4.69
CA VAL A 622 -7.46 -38.53 6.11
C VAL A 622 -8.41 -37.37 6.42
N ARG A 623 -8.45 -36.34 5.57
CA ARG A 623 -9.46 -35.27 5.68
C ARG A 623 -9.42 -34.59 7.05
N GLN A 624 -8.31 -33.90 7.32
CA GLN A 624 -8.11 -33.24 8.61
C GLN A 624 -8.90 -31.94 8.64
N THR A 625 -10.17 -32.01 8.99
CA THR A 625 -11.07 -30.88 8.86
C THR A 625 -11.56 -30.31 10.18
N SER A 626 -12.26 -31.10 10.99
CA SER A 626 -13.01 -30.57 12.13
C SER A 626 -12.66 -31.34 13.39
N ALA A 627 -11.37 -31.53 13.62
CA ALA A 627 -10.87 -32.31 14.75
C ALA A 627 -11.44 -33.72 14.75
N GLY A 628 -11.79 -34.23 13.58
CA GLY A 628 -12.24 -35.60 13.44
C GLY A 628 -11.31 -36.42 12.57
N SER A 629 -10.68 -35.77 11.58
CA SER A 629 -9.75 -36.41 10.67
C SER A 629 -10.27 -37.73 10.16
N TYR A 630 -11.58 -37.80 9.90
CA TYR A 630 -12.20 -39.07 9.53
C TYR A 630 -11.54 -39.65 8.28
N LEU A 631 -11.35 -40.96 8.28
CA LEU A 631 -10.94 -41.65 7.07
C LEU A 631 -12.15 -41.74 6.16
N ALA A 632 -12.13 -41.00 5.07
CA ALA A 632 -13.24 -40.99 4.11
C ALA A 632 -12.66 -41.30 2.73
N LEU A 633 -12.69 -42.58 2.36
CA LEU A 633 -12.24 -42.97 1.02
C LEU A 633 -13.42 -43.10 0.06
N ASP A 634 -14.26 -44.10 0.29
CA ASP A 634 -15.46 -44.38 -0.48
C ASP A 634 -16.11 -45.59 0.17
N PRO A 635 -17.44 -45.64 0.29
CA PRO A 635 -18.10 -46.90 0.62
C PRO A 635 -17.79 -48.02 -0.35
N ALA A 636 -17.17 -47.73 -1.49
CA ALA A 636 -16.78 -48.76 -2.44
C ALA A 636 -15.30 -49.06 -2.40
N VAL A 637 -14.48 -48.21 -1.79
CA VAL A 637 -13.07 -48.52 -1.60
C VAL A 637 -12.87 -49.24 -0.27
N THR A 638 -13.57 -48.80 0.77
CA THR A 638 -13.50 -49.50 2.05
C THR A 638 -13.79 -50.98 1.89
N GLU A 639 -14.75 -51.33 1.05
CA GLU A 639 -15.01 -52.74 0.81
C GLU A 639 -13.93 -53.36 -0.07
N SER A 640 -13.20 -52.56 -0.83
CA SER A 640 -12.10 -53.10 -1.61
C SER A 640 -10.95 -53.51 -0.71
N LEU A 641 -10.53 -52.62 0.19
CA LEU A 641 -9.46 -52.96 1.12
C LEU A 641 -9.92 -54.04 2.08
N LEU A 642 -11.08 -53.84 2.71
CA LEU A 642 -11.56 -54.81 3.67
C LEU A 642 -11.77 -56.17 3.04
N GLU A 643 -11.82 -56.25 1.72
CA GLU A 643 -11.86 -57.55 1.08
C GLU A 643 -10.46 -58.14 0.93
N GLN A 644 -9.50 -57.32 0.51
CA GLN A 644 -8.13 -57.80 0.41
C GLN A 644 -7.63 -58.29 1.76
N VAL A 645 -8.03 -57.63 2.85
CA VAL A 645 -7.73 -58.15 4.17
C VAL A 645 -8.37 -59.51 4.36
N ARG A 646 -9.70 -59.56 4.29
CA ARG A 646 -10.43 -60.79 4.49
C ARG A 646 -9.97 -61.90 3.56
N LYS A 647 -9.31 -61.55 2.47
CA LYS A 647 -8.85 -62.57 1.54
C LYS A 647 -7.58 -63.25 2.00
N THR A 648 -6.76 -62.59 2.81
CA THR A 648 -5.53 -63.17 3.32
C THR A 648 -5.63 -63.60 4.77
N ILE A 649 -6.08 -62.71 5.65
CA ILE A 649 -6.26 -63.06 7.05
C ILE A 649 -7.25 -64.21 7.19
N GLY A 650 -8.21 -64.31 6.27
CA GLY A 650 -9.19 -65.35 6.39
C GLY A 650 -10.18 -65.03 7.49
N ASP A 651 -10.31 -65.93 8.47
CA ASP A 651 -11.21 -65.71 9.59
C ASP A 651 -10.51 -65.66 10.93
N LEU A 652 -9.27 -66.14 11.01
CA LEU A 652 -8.45 -66.14 12.23
C LEU A 652 -9.15 -66.79 13.41
N SER A 653 -10.29 -67.43 13.18
CA SER A 653 -10.93 -68.16 14.26
C SER A 653 -10.17 -69.45 14.54
N GLN A 654 -9.76 -70.14 13.47
CA GLN A 654 -8.89 -71.29 13.62
C GLN A 654 -7.44 -70.86 13.78
N ILE A 655 -7.07 -69.71 13.21
CA ILE A 655 -5.69 -69.27 13.31
C ILE A 655 -5.34 -69.02 14.77
N GLN A 656 -4.43 -69.82 15.30
CA GLN A 656 -4.06 -69.75 16.69
C GLN A 656 -2.91 -68.77 16.89
N SER A 657 -2.54 -68.56 18.16
CA SER A 657 -1.40 -67.79 18.62
C SER A 657 -1.63 -66.29 18.57
N LYS A 658 -2.87 -65.82 18.35
CA LYS A 658 -3.19 -64.41 18.45
C LYS A 658 -2.28 -63.54 17.58
N PRO A 659 -2.43 -63.55 16.27
CA PRO A 659 -1.58 -62.71 15.42
C PRO A 659 -1.98 -61.25 15.55
N VAL A 660 -1.14 -60.38 15.03
CA VAL A 660 -1.38 -58.94 15.08
C VAL A 660 -1.07 -58.33 13.73
N LEU A 661 -1.90 -57.39 13.32
CA LEU A 661 -1.63 -56.62 12.11
C LEU A 661 -0.60 -55.55 12.44
N ILE A 662 0.24 -55.22 11.47
CA ILE A 662 1.33 -54.28 11.69
C ILE A 662 1.34 -53.30 10.55
N VAL A 663 1.03 -52.05 10.82
CA VAL A 663 0.94 -51.02 9.81
C VAL A 663 1.72 -49.82 10.28
N SER A 664 2.06 -48.92 9.35
CA SER A 664 2.81 -47.73 9.69
C SER A 664 2.12 -46.95 10.79
N MET A 665 2.87 -46.05 11.42
CA MET A 665 2.37 -45.41 12.63
C MET A 665 1.25 -44.42 12.32
N ASP A 666 1.46 -43.55 11.35
CA ASP A 666 0.56 -42.41 11.15
C ASP A 666 -0.84 -42.80 10.72
N ILE A 667 -1.09 -44.07 10.41
CA ILE A 667 -2.45 -44.49 10.07
C ILE A 667 -2.85 -45.68 10.93
N ARG A 668 -2.07 -45.96 11.97
CA ARG A 668 -2.37 -47.10 12.83
C ARG A 668 -3.79 -47.00 13.36
N ARG A 669 -4.30 -45.79 13.48
CA ARG A 669 -5.65 -45.64 14.03
C ARG A 669 -6.70 -45.94 12.98
N TYR A 670 -6.62 -45.29 11.83
CA TYR A 670 -7.69 -45.38 10.85
C TYR A 670 -7.85 -46.81 10.35
N VAL A 671 -6.76 -47.57 10.27
CA VAL A 671 -6.88 -48.98 9.97
C VAL A 671 -7.63 -49.69 11.08
N ARG A 672 -7.40 -49.30 12.32
CA ARG A 672 -8.03 -49.99 13.44
C ARG A 672 -9.54 -49.82 13.40
N LYS A 673 -10.01 -48.58 13.33
CA LYS A 673 -11.45 -48.38 13.31
C LYS A 673 -12.06 -48.80 11.97
N LEU A 674 -11.25 -49.18 10.99
CA LEU A 674 -11.78 -49.69 9.74
C LEU A 674 -12.19 -51.15 9.90
N ILE A 675 -11.22 -52.03 10.20
CA ILE A 675 -11.52 -53.44 10.40
C ILE A 675 -12.15 -53.74 11.75
N GLU A 676 -12.41 -52.72 12.56
CA GLU A 676 -12.99 -52.92 13.88
C GLU A 676 -14.30 -53.68 13.83
N SER A 677 -15.01 -53.61 12.71
CA SER A 677 -16.26 -54.33 12.58
C SER A 677 -16.01 -55.82 12.44
N GLU A 678 -15.19 -56.21 11.45
CA GLU A 678 -15.05 -57.62 11.13
C GLU A 678 -14.08 -58.32 12.08
N TYR A 679 -12.85 -57.82 12.18
CA TYR A 679 -11.81 -58.46 12.96
C TYR A 679 -11.62 -57.68 14.24
N TYR A 680 -12.32 -58.10 15.28
CA TYR A 680 -12.27 -57.36 16.54
C TYR A 680 -11.09 -57.76 17.41
N GLY A 681 -10.71 -59.04 17.39
CA GLY A 681 -9.62 -59.50 18.24
C GLY A 681 -8.30 -59.49 17.51
N LEU A 682 -8.18 -58.65 16.48
CA LEU A 682 -6.95 -58.51 15.71
C LEU A 682 -6.33 -57.17 16.04
N PRO A 683 -5.45 -57.10 17.03
CA PRO A 683 -4.87 -55.80 17.38
C PRO A 683 -3.99 -55.29 16.26
N VAL A 684 -3.83 -53.97 16.23
CA VAL A 684 -3.00 -53.32 15.24
C VAL A 684 -1.86 -52.63 15.95
N LEU A 685 -0.65 -52.78 15.42
CA LEU A 685 0.53 -52.16 15.98
C LEU A 685 1.11 -51.16 14.99
N SER A 686 2.26 -50.63 15.35
CA SER A 686 3.02 -49.77 14.46
C SER A 686 4.40 -50.37 14.25
N TYR A 687 5.15 -49.75 13.34
CA TYR A 687 6.56 -50.12 13.27
C TYR A 687 7.32 -49.51 14.42
N GLN A 688 6.84 -48.40 14.95
CA GLN A 688 7.55 -47.68 15.98
C GLN A 688 7.33 -48.32 17.34
N GLU A 689 6.09 -48.66 17.65
CA GLU A 689 5.79 -49.33 18.91
C GLU A 689 6.59 -50.62 19.05
N LEU A 690 6.97 -51.22 17.93
CA LEU A 690 7.79 -52.42 17.98
C LEU A 690 9.19 -52.07 18.44
N THR A 691 9.46 -52.31 19.71
CA THR A 691 10.84 -52.20 20.18
C THR A 691 11.72 -53.06 19.29
N GLN A 692 12.92 -52.56 19.02
CA GLN A 692 13.85 -53.36 18.27
C GLN A 692 14.11 -54.66 19.03
N GLN A 693 14.80 -55.59 18.36
CA GLN A 693 15.05 -56.92 18.88
C GLN A 693 13.73 -57.69 19.00
N ILE A 694 12.87 -57.53 18.00
CA ILE A 694 11.65 -58.31 17.86
C ILE A 694 11.67 -58.93 16.47
N ASN A 695 11.54 -60.25 16.41
CA ASN A 695 11.56 -60.96 15.13
C ASN A 695 10.13 -61.05 14.60
N ILE A 696 9.74 -60.04 13.83
CA ILE A 696 8.47 -60.09 13.13
C ILE A 696 8.49 -61.26 12.16
N GLN A 697 7.57 -62.19 12.34
CA GLN A 697 7.47 -63.34 11.47
C GLN A 697 6.24 -63.20 10.58
N PRO A 698 6.35 -62.50 9.45
CA PRO A 698 5.15 -62.15 8.68
C PRO A 698 4.39 -63.38 8.22
N LEU A 699 3.14 -63.48 8.67
CA LEU A 699 2.29 -64.57 8.21
C LEU A 699 1.93 -64.40 6.74
N GLY A 700 1.50 -63.21 6.36
CA GLY A 700 1.22 -62.93 4.96
C GLY A 700 0.93 -61.47 4.69
N ARG A 701 1.62 -60.89 3.71
CA ARG A 701 1.48 -59.47 3.44
C ARG A 701 0.16 -59.20 2.73
N VAL A 702 -0.53 -58.13 3.14
CA VAL A 702 -1.81 -57.77 2.55
C VAL A 702 -1.54 -56.93 1.30
N CYS A 703 -1.62 -57.56 0.14
CA CYS A 703 -1.35 -56.89 -1.11
C CYS A 703 -2.55 -56.02 -1.47
N LEU A 704 -2.59 -55.53 -2.70
CA LEU A 704 -3.76 -54.80 -3.16
C LEU A 704 -4.42 -55.59 -4.28
N LEU B 361 -54.88 1.96 50.23
CA LEU B 361 -54.70 1.33 48.93
C LEU B 361 -53.42 1.81 48.27
N GLY B 362 -52.71 2.69 48.96
CA GLY B 362 -51.44 3.17 48.48
C GLY B 362 -50.33 2.15 48.43
N GLU B 363 -50.58 0.92 48.89
CA GLU B 363 -49.60 -0.14 48.76
C GLU B 363 -49.29 -0.36 47.28
N GLN B 364 -48.00 -0.44 46.96
CA GLN B 364 -47.59 -0.24 45.57
C GLN B 364 -48.19 -1.27 44.63
N GLU B 365 -47.72 -2.52 44.62
CA GLU B 365 -48.53 -3.54 43.97
C GLU B 365 -48.42 -4.94 44.58
N ALA B 366 -47.37 -5.21 45.35
CA ALA B 366 -47.18 -6.51 45.99
C ALA B 366 -47.15 -7.65 44.97
N PHE B 367 -46.09 -7.64 44.16
CA PHE B 367 -45.83 -8.67 43.16
C PHE B 367 -46.08 -10.06 43.71
N ALA B 368 -46.78 -10.88 42.93
CA ALA B 368 -47.09 -12.26 43.32
C ALA B 368 -46.66 -13.21 42.22
N MET B 369 -45.81 -14.17 42.58
CA MET B 369 -45.21 -15.05 41.59
C MET B 369 -46.25 -15.96 40.95
N THR B 370 -46.12 -16.19 39.65
CA THR B 370 -46.96 -17.15 38.97
C THR B 370 -46.58 -18.56 39.39
N VAL B 371 -47.56 -19.47 39.33
CA VAL B 371 -47.33 -20.84 39.74
C VAL B 371 -46.82 -21.64 38.54
N PRO B 372 -45.77 -22.41 38.71
CA PRO B 372 -45.20 -23.15 37.57
C PRO B 372 -46.18 -24.15 36.98
N LEU B 373 -46.70 -25.03 37.80
CA LEU B 373 -47.70 -25.99 37.37
C LEU B 373 -48.86 -25.91 38.33
N LEU B 374 -50.07 -26.14 37.83
CA LEU B 374 -51.25 -26.01 38.66
C LEU B 374 -52.31 -26.96 38.16
N ILE B 375 -52.95 -27.66 39.10
CA ILE B 375 -54.09 -28.50 38.80
C ILE B 375 -55.29 -27.89 39.47
N ASP B 376 -56.29 -27.56 38.69
CA ASP B 376 -57.54 -27.03 39.22
C ASP B 376 -58.63 -28.02 38.85
N VAL B 377 -59.09 -28.79 39.83
CA VAL B 377 -60.23 -29.67 39.65
C VAL B 377 -61.38 -29.04 40.42
N ASP B 378 -62.58 -29.57 40.23
CA ASP B 378 -63.75 -28.97 40.85
C ASP B 378 -63.75 -29.21 42.35
N SER B 379 -64.70 -28.59 43.02
CA SER B 379 -65.00 -28.93 44.40
C SER B 379 -65.84 -30.20 44.40
N SER B 380 -66.46 -30.51 45.53
CA SER B 380 -67.31 -31.69 45.70
C SER B 380 -66.49 -32.97 45.70
N GLN B 381 -65.20 -32.88 45.40
CA GLN B 381 -64.28 -33.98 45.56
C GLN B 381 -63.15 -33.66 46.53
N GLN B 382 -63.04 -32.41 46.97
CA GLN B 382 -61.93 -31.99 47.82
C GLN B 382 -61.76 -32.89 49.03
N GLU B 383 -62.81 -33.62 49.39
CA GLU B 383 -62.72 -34.67 50.39
C GLU B 383 -63.24 -36.00 49.87
N ALA B 384 -63.95 -36.00 48.74
CA ALA B 384 -64.46 -37.21 48.14
C ALA B 384 -63.46 -37.88 47.23
N LEU B 385 -62.67 -37.12 46.45
CA LEU B 385 -61.71 -37.82 45.63
C LEU B 385 -60.55 -38.26 46.49
N GLU B 386 -59.61 -37.37 46.81
CA GLU B 386 -58.96 -37.16 48.10
C GLU B 386 -58.71 -38.43 48.93
N ALA B 387 -58.95 -39.59 48.35
CA ALA B 387 -58.96 -40.81 49.14
C ALA B 387 -58.36 -41.99 48.40
N ILE B 388 -57.84 -41.81 47.19
CA ILE B 388 -56.99 -42.86 46.66
C ILE B 388 -55.59 -42.53 47.16
N ALA B 389 -54.95 -41.52 46.56
CA ALA B 389 -54.06 -40.66 47.33
C ALA B 389 -54.33 -39.20 46.98
N LEU B 390 -54.18 -38.88 45.69
CA LEU B 390 -54.25 -37.53 45.15
C LEU B 390 -53.31 -36.56 45.84
N ASN B 391 -52.44 -37.09 46.68
CA ASN B 391 -51.23 -36.41 47.08
C ASN B 391 -50.05 -37.35 47.09
N ASP B 392 -50.27 -38.64 46.94
CA ASP B 392 -49.24 -39.62 46.69
C ASP B 392 -49.48 -40.38 45.40
N GLU B 393 -50.46 -39.96 44.61
CA GLU B 393 -50.61 -40.48 43.26
C GLU B 393 -50.09 -39.48 42.23
N LEU B 394 -49.94 -38.22 42.63
CA LEU B 394 -49.25 -37.27 41.79
C LEU B 394 -47.75 -37.33 42.02
N VAL B 395 -47.33 -37.24 43.29
CA VAL B 395 -45.90 -37.28 43.58
C VAL B 395 -45.30 -38.61 43.12
N ARG B 396 -46.12 -39.65 43.00
CA ARG B 396 -45.61 -40.91 42.48
C ARG B 396 -45.39 -40.83 40.98
N VAL B 397 -46.32 -40.23 40.26
CA VAL B 397 -46.16 -40.14 38.81
C VAL B 397 -45.24 -39.00 38.44
N ARG B 398 -44.99 -38.06 39.36
CA ARG B 398 -43.99 -37.04 39.07
C ARG B 398 -42.60 -37.63 39.19
N ARG B 399 -42.33 -38.34 40.28
CA ARG B 399 -41.04 -39.01 40.41
C ARG B 399 -40.86 -40.07 39.34
N ALA B 400 -41.85 -40.92 39.14
CA ALA B 400 -41.73 -41.98 38.15
C ALA B 400 -41.52 -41.40 36.76
N LEU B 401 -41.96 -40.16 36.56
CA LEU B 401 -41.70 -39.52 35.28
C LEU B 401 -40.37 -38.78 35.30
N TYR B 402 -39.90 -38.39 36.47
CA TYR B 402 -38.58 -37.77 36.55
C TYR B 402 -37.50 -38.77 36.22
N LEU B 403 -37.55 -39.96 36.84
CA LEU B 403 -36.58 -41.01 36.54
C LEU B 403 -36.66 -41.47 35.10
N ASP B 404 -37.63 -40.97 34.32
CA ASP B 404 -37.70 -41.37 32.93
C ASP B 404 -37.02 -40.32 32.04
N LEU B 405 -37.37 -39.05 32.24
CA LEU B 405 -36.83 -37.94 31.47
C LEU B 405 -35.62 -37.30 32.12
N GLY B 406 -35.70 -37.04 33.42
CA GLY B 406 -34.61 -36.40 34.12
C GLY B 406 -34.83 -34.95 34.43
N VAL B 407 -35.85 -34.33 33.88
CA VAL B 407 -36.12 -32.92 34.11
C VAL B 407 -36.45 -32.71 35.58
N PRO B 408 -35.92 -31.70 36.23
CA PRO B 408 -36.31 -31.45 37.62
C PRO B 408 -37.64 -30.72 37.67
N PHE B 409 -38.72 -31.49 37.61
CA PHE B 409 -40.05 -30.94 37.49
C PHE B 409 -40.39 -30.07 38.69
N PRO B 410 -41.33 -29.15 38.53
CA PRO B 410 -41.64 -28.24 39.64
C PRO B 410 -42.68 -28.82 40.56
N GLY B 411 -43.11 -28.05 41.56
CA GLY B 411 -44.09 -28.55 42.51
C GLY B 411 -45.49 -28.36 42.00
N ILE B 412 -46.26 -29.45 41.98
CA ILE B 412 -47.62 -29.41 41.47
C ILE B 412 -48.53 -28.90 42.58
N HIS B 413 -48.98 -27.66 42.46
CA HIS B 413 -50.00 -27.18 43.36
C HIS B 413 -51.33 -27.80 42.99
N LEU B 414 -52.10 -28.19 44.00
CA LEU B 414 -53.41 -28.81 43.82
C LEU B 414 -54.45 -27.94 44.51
N ARG B 415 -55.37 -27.41 43.73
CA ARG B 415 -56.42 -26.54 44.23
C ARG B 415 -57.77 -27.07 43.80
N PHE B 416 -58.64 -27.30 44.78
CA PHE B 416 -60.02 -27.67 44.53
C PHE B 416 -60.83 -26.38 44.43
N ASN B 417 -61.21 -26.01 43.21
CA ASN B 417 -61.98 -24.82 42.95
C ASN B 417 -63.46 -25.18 42.89
N GLU B 418 -64.29 -24.28 43.40
CA GLU B 418 -65.73 -24.45 43.28
C GLU B 418 -66.32 -23.72 42.09
N GLY B 419 -65.56 -22.79 41.50
CA GLY B 419 -66.10 -21.97 40.44
C GLY B 419 -66.49 -22.75 39.21
N MET B 420 -65.90 -23.92 39.01
CA MET B 420 -66.21 -24.73 37.85
C MET B 420 -67.37 -25.66 38.16
N GLY B 421 -67.60 -26.65 37.29
CA GLY B 421 -68.71 -27.57 37.47
C GLY B 421 -68.44 -28.61 38.54
N GLU B 422 -68.80 -29.86 38.27
CA GLU B 422 -68.56 -30.94 39.22
C GLU B 422 -67.68 -32.06 38.67
N GLY B 423 -67.50 -32.13 37.36
CA GLY B 423 -66.60 -33.10 36.80
C GLY B 423 -65.50 -32.45 35.97
N GLU B 424 -65.38 -31.13 36.06
CA GLU B 424 -64.40 -30.39 35.31
C GLU B 424 -63.04 -30.44 36.01
N TYR B 425 -61.98 -30.29 35.22
CA TYR B 425 -60.64 -30.17 35.75
C TYR B 425 -59.74 -29.62 34.66
N LEU B 426 -58.91 -28.65 35.02
CA LEU B 426 -57.98 -28.05 34.09
C LEU B 426 -56.58 -28.12 34.68
N ILE B 427 -55.61 -28.44 33.85
CA ILE B 427 -54.21 -28.51 34.25
C ILE B 427 -53.52 -27.34 33.59
N SER B 428 -53.13 -26.35 34.37
CA SER B 428 -52.66 -25.09 33.83
C SER B 428 -51.17 -24.94 34.06
N LEU B 429 -50.41 -24.90 32.97
CA LEU B 429 -49.00 -24.50 33.04
C LEU B 429 -48.93 -22.99 33.08
N GLN B 430 -48.54 -22.43 34.21
CA GLN B 430 -48.31 -21.00 34.31
C GLN B 430 -49.53 -20.20 33.88
N GLU B 431 -50.68 -20.59 34.44
CA GLU B 431 -51.94 -19.86 34.30
C GLU B 431 -52.45 -19.83 32.87
N VAL B 432 -52.28 -20.91 32.12
CA VAL B 432 -52.99 -21.08 30.85
C VAL B 432 -53.40 -22.52 30.70
N PRO B 433 -54.67 -22.85 30.91
CA PRO B 433 -55.11 -24.25 30.91
C PRO B 433 -54.68 -24.99 29.66
N VAL B 434 -53.83 -26.00 29.85
CA VAL B 434 -53.24 -26.70 28.72
C VAL B 434 -53.93 -28.02 28.43
N ALA B 435 -54.63 -28.61 29.40
CA ALA B 435 -55.42 -29.81 29.12
C ALA B 435 -56.58 -29.82 30.09
N ARG B 436 -57.72 -29.29 29.65
CA ARG B 436 -58.91 -29.27 30.47
C ARG B 436 -59.73 -30.50 30.19
N GLY B 437 -60.69 -30.76 31.07
CA GLY B 437 -61.56 -31.90 30.89
C GLY B 437 -62.72 -31.88 31.85
N GLU B 438 -63.86 -32.35 31.39
CA GLU B 438 -65.02 -32.56 32.25
C GLU B 438 -65.13 -34.08 32.39
N LEU B 439 -64.54 -34.60 33.46
CA LEU B 439 -64.53 -36.05 33.65
C LEU B 439 -65.95 -36.49 33.92
N LYS B 440 -66.59 -37.10 32.90
CA LYS B 440 -67.93 -37.63 33.09
C LYS B 440 -67.93 -38.90 33.91
N ALA B 441 -66.77 -39.24 34.47
CA ALA B 441 -66.68 -40.13 35.61
C ALA B 441 -67.08 -39.33 36.86
N GLY B 442 -67.69 -38.17 36.64
CA GLY B 442 -68.12 -37.27 37.70
C GLY B 442 -68.66 -38.00 38.91
N TYR B 443 -69.68 -38.84 38.72
CA TYR B 443 -70.15 -39.63 39.86
C TYR B 443 -69.28 -40.87 40.05
N LEU B 444 -69.37 -41.84 39.15
CA LEU B 444 -68.45 -42.95 39.01
C LEU B 444 -68.70 -43.59 37.65
N LEU B 445 -67.82 -43.35 36.69
CA LEU B 445 -68.03 -43.88 35.35
C LEU B 445 -66.70 -44.32 34.75
N VAL B 446 -65.94 -45.09 35.52
CA VAL B 446 -64.55 -45.43 35.19
C VAL B 446 -64.43 -45.75 33.71
N ARG B 447 -63.55 -45.03 33.01
CA ARG B 447 -63.57 -45.02 31.55
C ARG B 447 -62.91 -46.27 31.01
N GLU B 448 -62.84 -46.35 29.68
CA GLU B 448 -62.18 -47.44 28.98
C GLU B 448 -61.42 -46.86 27.79
N SER B 449 -60.13 -47.19 27.71
CA SER B 449 -59.24 -46.60 26.72
C SER B 449 -59.24 -47.33 25.40
N VAL B 450 -59.35 -48.65 25.41
CA VAL B 450 -59.26 -49.43 24.18
C VAL B 450 -60.68 -49.87 23.83
N SER B 451 -61.65 -49.03 24.19
CA SER B 451 -63.05 -49.28 23.85
C SER B 451 -63.22 -49.61 22.38
N GLN B 452 -64.07 -50.58 22.10
CA GLN B 452 -64.19 -51.14 20.77
C GLN B 452 -65.56 -51.81 20.70
N LEU B 453 -65.83 -52.53 19.61
CA LEU B 453 -67.02 -53.36 19.59
C LEU B 453 -66.93 -54.49 20.62
N GLU B 454 -65.75 -54.70 21.20
CA GLU B 454 -65.63 -55.66 22.29
C GLU B 454 -66.45 -55.23 23.49
N LEU B 455 -66.59 -53.92 23.71
CA LEU B 455 -67.54 -53.43 24.70
C LEU B 455 -68.98 -53.50 24.20
N LEU B 456 -69.19 -53.91 22.95
CA LEU B 456 -70.51 -54.37 22.53
C LEU B 456 -70.64 -55.88 22.63
N GLY B 457 -69.55 -56.61 22.38
CA GLY B 457 -69.53 -58.02 22.75
C GLY B 457 -69.60 -58.20 24.25
N ILE B 458 -68.95 -57.32 24.99
CA ILE B 458 -69.09 -57.22 26.43
C ILE B 458 -70.09 -56.08 26.63
N PRO B 459 -71.39 -56.37 26.63
CA PRO B 459 -72.36 -55.40 26.12
C PRO B 459 -72.63 -54.19 27.01
N TYR B 460 -71.88 -53.99 28.08
CA TYR B 460 -72.26 -52.99 29.08
C TYR B 460 -72.28 -51.60 28.47
N GLU B 461 -73.30 -50.82 28.84
CA GLU B 461 -73.60 -49.58 28.17
C GLU B 461 -72.40 -48.63 28.18
N LYS B 462 -72.35 -47.78 27.16
CA LYS B 462 -71.20 -46.92 26.93
C LYS B 462 -71.58 -45.46 27.12
N GLY B 463 -70.54 -44.62 27.13
CA GLY B 463 -70.70 -43.18 27.05
C GLY B 463 -69.68 -42.61 26.08
N GLU B 464 -70.15 -41.92 25.04
CA GLU B 464 -69.26 -41.56 23.95
C GLU B 464 -68.44 -40.32 24.29
N HIS B 465 -67.20 -40.32 23.84
CA HIS B 465 -66.29 -39.17 23.93
C HIS B 465 -65.06 -39.50 23.10
N LEU B 466 -64.20 -38.50 22.93
CA LEU B 466 -62.90 -38.63 22.28
C LEU B 466 -61.83 -38.06 23.18
N LEU B 467 -61.86 -38.47 24.45
CA LEU B 467 -60.82 -38.13 25.41
C LEU B 467 -59.51 -38.56 24.75
N PRO B 468 -58.42 -37.82 24.93
CA PRO B 468 -57.47 -37.64 23.82
C PRO B 468 -56.92 -38.88 23.13
N ASP B 469 -56.18 -39.72 23.83
CA ASP B 469 -55.20 -40.55 23.15
C ASP B 469 -55.76 -41.82 22.53
N GLN B 470 -56.68 -42.50 23.20
CA GLN B 470 -57.33 -43.67 22.65
C GLN B 470 -58.83 -43.49 22.78
N GLU B 471 -59.59 -44.31 22.06
CA GLU B 471 -61.02 -44.13 22.06
C GLU B 471 -61.59 -44.40 23.45
N THR B 472 -62.09 -43.35 24.08
CA THR B 472 -62.58 -43.39 25.45
C THR B 472 -64.07 -43.63 25.47
N PHE B 473 -64.48 -44.71 26.12
CA PHE B 473 -65.88 -44.95 26.39
C PHE B 473 -66.01 -45.34 27.85
N TRP B 474 -67.12 -44.97 28.45
CA TRP B 474 -67.27 -45.03 29.90
C TRP B 474 -68.29 -46.08 30.29
N VAL B 475 -68.00 -46.79 31.38
CA VAL B 475 -68.90 -47.76 31.99
C VAL B 475 -68.93 -47.49 33.48
N SER B 476 -69.98 -47.98 34.13
CA SER B 476 -70.17 -47.70 35.55
C SER B 476 -69.38 -48.70 36.39
N VAL B 477 -69.59 -48.67 37.71
CA VAL B 477 -68.77 -49.42 38.63
C VAL B 477 -69.33 -50.80 38.96
N GLU B 478 -70.61 -51.05 38.64
CA GLU B 478 -71.10 -52.43 38.61
C GLU B 478 -70.65 -53.11 37.33
N TYR B 479 -70.57 -52.35 36.24
CA TYR B 479 -70.06 -52.88 34.99
C TYR B 479 -68.56 -53.14 35.07
N GLU B 480 -67.87 -52.45 35.98
CA GLU B 480 -66.43 -52.62 36.11
C GLU B 480 -66.06 -54.04 36.49
N GLU B 481 -66.79 -54.63 37.43
CA GLU B 481 -66.46 -55.97 37.92
C GLU B 481 -66.40 -56.97 36.77
N ARG B 482 -67.31 -56.85 35.81
CA ARG B 482 -67.36 -57.82 34.74
C ARG B 482 -66.39 -57.48 33.61
N LEU B 483 -66.19 -56.19 33.32
CA LEU B 483 -65.22 -55.83 32.29
C LEU B 483 -63.79 -55.97 32.78
N GLU B 484 -63.54 -55.85 34.08
CA GLU B 484 -62.21 -56.16 34.58
C GLU B 484 -61.92 -57.65 34.48
N LYS B 485 -62.97 -58.48 34.51
CA LYS B 485 -62.79 -59.88 34.15
C LYS B 485 -62.39 -60.00 32.69
N SER B 486 -63.01 -59.20 31.83
CA SER B 486 -62.73 -59.20 30.40
C SER B 486 -61.40 -58.55 30.04
N GLN B 487 -60.75 -57.90 31.02
CA GLN B 487 -59.39 -57.38 30.84
C GLN B 487 -59.23 -56.32 29.76
N LEU B 488 -59.84 -55.16 29.96
CA LEU B 488 -59.52 -53.97 29.19
C LEU B 488 -59.04 -52.86 30.14
N GLU B 489 -58.65 -51.73 29.56
CA GLU B 489 -57.96 -50.71 30.35
C GLU B 489 -58.93 -49.86 31.17
N PHE B 490 -58.74 -49.87 32.48
CA PHE B 490 -59.55 -49.13 33.43
C PHE B 490 -58.78 -47.94 33.97
N PHE B 491 -59.44 -46.80 34.01
CA PHE B 491 -58.85 -45.58 34.56
C PHE B 491 -59.73 -45.08 35.68
N SER B 492 -59.24 -45.22 36.91
CA SER B 492 -59.94 -44.69 38.06
C SER B 492 -59.89 -43.16 38.03
N HIS B 493 -60.39 -42.54 39.09
CA HIS B 493 -60.35 -41.09 39.14
C HIS B 493 -58.95 -40.56 39.36
N SER B 494 -58.06 -41.35 39.95
CA SER B 494 -56.65 -40.98 39.91
C SER B 494 -56.09 -41.12 38.52
N GLN B 495 -56.24 -42.30 37.92
CA GLN B 495 -55.54 -42.61 36.69
C GLN B 495 -56.06 -41.81 35.52
N VAL B 496 -57.28 -41.29 35.61
CA VAL B 496 -57.74 -40.40 34.54
C VAL B 496 -57.10 -39.04 34.70
N LEU B 497 -56.78 -38.68 35.94
CA LEU B 497 -56.17 -37.38 36.19
C LEU B 497 -54.69 -37.41 35.87
N THR B 498 -53.93 -38.25 36.56
CA THR B 498 -52.49 -38.28 36.37
C THR B 498 -52.11 -38.60 34.94
N TRP B 499 -52.92 -39.37 34.23
CA TRP B 499 -52.54 -39.72 32.87
C TRP B 499 -52.33 -38.46 32.04
N HIS B 500 -53.29 -37.54 32.05
CA HIS B 500 -53.05 -36.28 31.36
C HIS B 500 -51.84 -35.55 31.93
N LEU B 501 -51.67 -35.59 33.24
CA LEU B 501 -50.46 -35.00 33.81
C LEU B 501 -49.22 -35.64 33.22
N SER B 502 -49.07 -36.95 33.40
CA SER B 502 -47.91 -37.64 32.84
C SER B 502 -47.85 -37.52 31.33
N HIS B 503 -48.90 -36.97 30.72
CA HIS B 503 -48.80 -36.62 29.31
C HIS B 503 -48.51 -35.14 29.13
N VAL B 504 -48.87 -34.30 30.10
CA VAL B 504 -48.58 -32.88 29.97
C VAL B 504 -47.09 -32.64 30.17
N LEU B 505 -46.50 -33.28 31.17
CA LEU B 505 -45.06 -33.10 31.38
C LEU B 505 -44.27 -33.65 30.21
N ARG B 506 -44.59 -34.86 29.76
CA ARG B 506 -43.79 -35.44 28.71
C ARG B 506 -43.84 -34.64 27.42
N GLU B 507 -44.83 -33.77 27.26
CA GLU B 507 -44.91 -32.96 26.05
C GLU B 507 -44.52 -31.52 26.26
N TYR B 508 -44.51 -31.04 27.49
CA TYR B 508 -44.08 -29.68 27.80
C TYR B 508 -42.85 -29.71 28.69
N ALA B 509 -42.01 -30.70 28.50
CA ALA B 509 -40.74 -30.77 29.21
C ALA B 509 -39.68 -29.88 28.59
N GLU B 510 -39.99 -29.20 27.50
CA GLU B 510 -39.08 -28.16 27.02
C GLU B 510 -39.23 -26.87 27.78
N ASP B 511 -40.20 -26.76 28.68
CA ASP B 511 -40.49 -25.53 29.37
C ASP B 511 -40.07 -25.56 30.82
N PHE B 512 -39.64 -26.70 31.32
CA PHE B 512 -39.19 -26.82 32.70
C PHE B 512 -37.67 -26.89 32.80
N ILE B 513 -36.96 -26.82 31.68
CA ILE B 513 -35.51 -26.79 31.76
C ILE B 513 -35.05 -25.41 31.34
N GLY B 514 -34.95 -24.50 32.30
CA GLY B 514 -34.45 -23.16 32.06
C GLY B 514 -33.13 -22.95 32.77
N ILE B 515 -32.52 -21.82 32.44
CA ILE B 515 -31.21 -21.51 33.00
C ILE B 515 -31.23 -21.61 34.51
N GLN B 516 -32.41 -21.49 35.10
CA GLN B 516 -32.48 -21.66 36.55
C GLN B 516 -32.54 -23.13 36.94
N GLU B 517 -32.89 -24.00 36.00
CA GLU B 517 -33.04 -25.40 36.37
C GLU B 517 -31.80 -26.21 36.04
N THR B 518 -31.04 -25.84 35.01
CA THR B 518 -29.78 -26.53 34.81
C THR B 518 -28.77 -26.13 35.87
N ARG B 519 -28.74 -24.86 36.25
CA ARG B 519 -27.87 -24.46 37.35
C ARG B 519 -28.28 -25.16 38.63
N TYR B 520 -29.43 -25.80 38.65
CA TYR B 520 -29.76 -26.68 39.77
C TYR B 520 -29.05 -28.01 39.62
N LEU B 521 -28.96 -28.52 38.39
CA LEU B 521 -28.23 -29.76 38.17
C LEU B 521 -26.74 -29.56 38.35
N LEU B 522 -26.19 -28.50 37.76
CA LEU B 522 -24.76 -28.23 37.88
C LEU B 522 -24.37 -27.78 39.27
N GLU B 523 -25.33 -27.63 40.18
CA GLU B 523 -24.96 -27.49 41.58
C GLU B 523 -25.14 -28.79 42.33
N GLN B 524 -26.22 -29.52 42.02
CA GLN B 524 -26.43 -30.80 42.67
C GLN B 524 -25.37 -31.81 42.30
N MET B 525 -24.62 -31.59 41.23
CA MET B 525 -23.56 -32.50 40.82
C MET B 525 -22.19 -32.00 41.22
N GLU B 526 -22.09 -30.84 41.86
CA GLU B 526 -20.79 -30.34 42.28
C GLU B 526 -20.05 -31.35 43.13
N GLY B 527 -20.74 -31.97 44.07
CA GLY B 527 -20.14 -32.95 44.95
C GLY B 527 -19.54 -34.12 44.18
N GLY B 528 -20.36 -34.81 43.41
CA GLY B 528 -19.90 -35.94 42.64
C GLY B 528 -18.80 -35.59 41.67
N TYR B 529 -19.10 -34.74 40.69
CA TYR B 529 -18.16 -34.41 39.62
C TYR B 529 -17.77 -32.95 39.76
N GLY B 530 -16.74 -32.70 40.57
CA GLY B 530 -16.26 -31.35 40.74
C GLY B 530 -15.57 -30.83 39.50
N GLU B 531 -14.48 -31.49 39.10
CA GLU B 531 -13.64 -30.94 38.05
C GLU B 531 -14.30 -31.08 36.69
N LEU B 532 -15.35 -31.89 36.58
CA LEU B 532 -16.08 -31.95 35.32
C LEU B 532 -16.86 -30.68 35.09
N ILE B 533 -17.53 -30.19 36.13
CA ILE B 533 -18.37 -29.02 36.00
C ILE B 533 -17.53 -27.75 35.87
N LYS B 534 -16.49 -27.63 36.69
CA LYS B 534 -15.63 -26.46 36.58
C LYS B 534 -14.92 -26.40 35.24
N GLU B 535 -14.94 -27.49 34.48
CA GLU B 535 -14.40 -27.51 33.13
C GLU B 535 -15.47 -27.22 32.10
N VAL B 536 -16.68 -27.71 32.31
CA VAL B 536 -17.72 -27.51 31.31
C VAL B 536 -18.25 -26.08 31.34
N GLN B 537 -18.26 -25.45 32.52
CA GLN B 537 -18.81 -24.11 32.60
C GLN B 537 -17.96 -23.09 31.87
N ARG B 538 -16.66 -23.30 31.79
CA ARG B 538 -15.78 -22.40 31.08
C ARG B 538 -15.79 -22.62 29.58
N ILE B 539 -16.28 -23.77 29.12
CA ILE B 539 -16.32 -24.06 27.70
C ILE B 539 -17.64 -23.66 27.09
N VAL B 540 -18.74 -24.08 27.68
CA VAL B 540 -20.09 -23.73 27.20
C VAL B 540 -20.77 -22.88 28.24
N PRO B 541 -21.21 -21.67 27.90
CA PRO B 541 -21.95 -20.85 28.85
C PRO B 541 -23.28 -21.50 29.20
N LEU B 542 -23.88 -21.04 30.30
CA LEU B 542 -25.13 -21.65 30.74
C LEU B 542 -26.23 -21.52 29.72
N GLN B 543 -26.25 -20.42 28.97
CA GLN B 543 -27.26 -20.33 27.92
C GLN B 543 -27.07 -21.44 26.90
N ARG B 544 -25.84 -21.69 26.49
CA ARG B 544 -25.60 -22.64 25.42
C ARG B 544 -25.81 -24.07 25.90
N MET B 545 -25.39 -24.36 27.12
CA MET B 545 -25.58 -25.70 27.64
C MET B 545 -27.05 -25.99 27.87
N THR B 546 -27.83 -24.98 28.24
CA THR B 546 -29.25 -25.20 28.43
C THR B 546 -29.98 -25.31 27.11
N GLU B 547 -29.58 -24.53 26.12
CA GLU B 547 -30.20 -24.65 24.81
C GLU B 547 -29.97 -26.03 24.21
N ILE B 548 -29.10 -26.83 24.83
CA ILE B 548 -28.96 -28.22 24.43
C ILE B 548 -29.92 -29.10 25.21
N LEU B 549 -29.91 -28.98 26.54
CA LEU B 549 -30.75 -29.83 27.36
C LEU B 549 -32.21 -29.71 26.97
N GLN B 550 -32.62 -28.56 26.45
CA GLN B 550 -33.98 -28.47 25.91
C GLN B 550 -34.09 -29.25 24.62
N ARG B 551 -33.02 -29.31 23.84
CA ARG B 551 -33.12 -29.98 22.55
C ARG B 551 -33.06 -31.49 22.68
N LEU B 552 -32.48 -31.99 23.76
CA LEU B 552 -32.56 -33.42 24.00
C LEU B 552 -33.97 -33.80 24.43
N VAL B 553 -34.42 -33.24 25.56
CA VAL B 553 -35.72 -33.59 26.08
C VAL B 553 -36.82 -33.28 25.09
N GLY B 554 -36.51 -32.54 24.02
CA GLY B 554 -37.48 -32.38 22.96
C GLY B 554 -37.72 -33.65 22.18
N GLU B 555 -36.67 -34.43 21.95
CA GLU B 555 -36.80 -35.70 21.25
C GLU B 555 -37.08 -36.86 22.20
N ASP B 556 -37.48 -36.56 23.42
CA ASP B 556 -37.75 -37.54 24.47
C ASP B 556 -36.51 -38.31 24.92
N ILE B 557 -35.34 -37.92 24.43
CA ILE B 557 -34.10 -38.41 25.01
C ILE B 557 -34.06 -38.01 26.48
N SER B 558 -33.40 -38.82 27.29
CA SER B 558 -33.42 -38.63 28.74
C SER B 558 -32.13 -37.96 29.19
N ILE B 559 -32.26 -36.77 29.76
CA ILE B 559 -31.13 -36.09 30.39
C ILE B 559 -30.48 -36.97 31.43
N ARG B 560 -31.24 -37.86 32.05
CA ARG B 560 -30.90 -38.53 33.30
C ARG B 560 -29.42 -38.83 33.43
N ASN B 561 -28.82 -39.37 32.37
CA ASN B 561 -27.40 -39.69 32.36
C ASN B 561 -26.61 -38.39 32.21
N MET B 562 -26.44 -37.70 33.34
CA MET B 562 -25.92 -36.35 33.24
C MET B 562 -24.42 -36.30 33.09
N ARG B 563 -23.72 -37.38 33.42
CA ARG B 563 -22.27 -37.37 33.23
C ARG B 563 -21.92 -37.39 31.76
N SER B 564 -22.29 -38.46 31.06
CA SER B 564 -21.86 -38.61 29.67
C SER B 564 -22.51 -37.59 28.76
N ILE B 565 -23.36 -36.72 29.29
CA ILE B 565 -23.78 -35.56 28.53
C ILE B 565 -22.79 -34.43 28.72
N LEU B 566 -22.09 -34.42 29.85
CA LEU B 566 -21.08 -33.39 30.05
C LEU B 566 -19.73 -33.80 29.47
N GLU B 567 -19.40 -35.08 29.53
CA GLU B 567 -18.21 -35.54 28.81
C GLU B 567 -18.29 -35.15 27.35
N ALA B 568 -19.41 -35.45 26.70
CA ALA B 568 -19.57 -35.06 25.31
C ALA B 568 -19.84 -33.58 25.16
N MET B 569 -20.12 -32.89 26.26
CA MET B 569 -20.25 -31.45 26.18
C MET B 569 -18.88 -30.79 26.14
N VAL B 570 -17.98 -31.26 26.98
CA VAL B 570 -16.61 -30.74 27.00
C VAL B 570 -15.91 -31.07 25.69
N GLU B 571 -16.03 -32.31 25.24
CA GLU B 571 -15.31 -32.76 24.06
C GLU B 571 -15.66 -31.90 22.85
N TRP B 572 -16.94 -31.69 22.60
CA TRP B 572 -17.37 -31.04 21.36
C TRP B 572 -17.64 -29.56 21.51
N GLY B 573 -17.77 -29.04 22.73
CA GLY B 573 -18.05 -27.64 22.88
C GLY B 573 -16.97 -26.71 22.40
N GLN B 574 -15.80 -27.27 22.12
CA GLN B 574 -14.67 -26.52 21.61
C GLN B 574 -14.58 -26.56 20.09
N LYS B 575 -14.94 -27.69 19.50
CA LYS B 575 -14.87 -27.85 18.05
C LYS B 575 -16.12 -27.32 17.38
N GLU B 576 -17.29 -27.76 17.80
CA GLU B 576 -18.54 -27.36 17.16
C GLU B 576 -19.16 -26.18 17.90
N LYS B 577 -19.84 -25.32 17.16
CA LYS B 577 -20.45 -24.13 17.72
C LYS B 577 -21.90 -23.92 17.35
N ASP B 578 -22.40 -24.54 16.28
CA ASP B 578 -23.81 -24.50 15.97
C ASP B 578 -24.54 -25.49 16.85
N VAL B 579 -25.51 -25.00 17.63
CA VAL B 579 -26.16 -25.83 18.63
C VAL B 579 -26.70 -27.10 18.01
N VAL B 580 -27.33 -26.99 16.84
CA VAL B 580 -27.97 -28.15 16.24
C VAL B 580 -26.93 -29.21 15.88
N GLN B 581 -25.73 -28.78 15.49
CA GLN B 581 -24.67 -29.76 15.29
C GLN B 581 -24.19 -30.33 16.61
N LEU B 582 -23.96 -29.46 17.59
CA LEU B 582 -23.46 -29.92 18.88
C LEU B 582 -24.41 -30.94 19.49
N THR B 583 -25.71 -30.75 19.34
CA THR B 583 -26.61 -31.72 19.96
C THR B 583 -26.63 -33.02 19.18
N GLU B 584 -26.35 -32.99 17.88
CA GLU B 584 -26.26 -34.24 17.15
C GLU B 584 -24.98 -34.98 17.51
N TYR B 585 -23.96 -34.26 17.95
CA TYR B 585 -22.79 -34.95 18.47
C TYR B 585 -23.04 -35.47 19.88
N ILE B 586 -23.89 -34.79 20.63
CA ILE B 586 -24.13 -35.21 22.01
C ILE B 586 -25.06 -36.42 22.07
N ARG B 587 -26.07 -36.46 21.20
CA ARG B 587 -26.87 -37.68 21.10
C ARG B 587 -26.00 -38.88 20.75
N SER B 588 -24.99 -38.68 19.92
CA SER B 588 -24.06 -39.74 19.56
C SER B 588 -23.22 -40.20 20.72
N SER B 589 -23.30 -39.55 21.88
CA SER B 589 -22.63 -40.04 23.07
C SER B 589 -23.50 -40.96 23.90
N LEU B 590 -24.81 -40.93 23.68
CA LEU B 590 -25.73 -41.86 24.33
C LEU B 590 -26.05 -43.04 23.44
N LYS B 591 -25.07 -43.48 22.64
CA LYS B 591 -25.30 -44.54 21.66
C LYS B 591 -26.03 -45.72 22.27
N ARG B 592 -25.40 -46.39 23.21
CA ARG B 592 -26.00 -47.63 23.70
C ARG B 592 -27.20 -47.38 24.58
N TYR B 593 -27.65 -46.13 24.71
CA TYR B 593 -28.93 -45.91 25.33
C TYR B 593 -30.05 -45.97 24.31
N ILE B 594 -29.89 -45.22 23.21
CA ILE B 594 -30.94 -45.17 22.20
C ILE B 594 -31.22 -46.55 21.64
N CYS B 595 -30.18 -47.32 21.34
CA CYS B 595 -30.35 -48.72 20.95
C CYS B 595 -31.28 -49.46 21.88
N TYR B 596 -31.39 -49.03 23.13
CA TYR B 596 -32.30 -49.65 24.07
C TYR B 596 -33.63 -48.94 24.18
N LYS B 597 -33.73 -47.69 23.73
CA LYS B 597 -35.02 -47.04 23.78
C LYS B 597 -35.89 -47.37 22.60
N TYR B 598 -35.31 -47.55 21.42
CA TYR B 598 -36.13 -47.73 20.23
C TYR B 598 -36.16 -49.18 19.76
N ALA B 599 -35.08 -49.91 19.91
CA ALA B 599 -35.01 -51.30 19.48
C ALA B 599 -34.84 -52.19 20.70
N ASN B 600 -35.94 -52.53 21.34
CA ASN B 600 -35.88 -53.36 22.53
C ASN B 600 -35.54 -54.81 22.23
N GLY B 601 -35.84 -55.29 21.02
CA GLY B 601 -35.56 -56.67 20.69
C GLY B 601 -34.07 -56.95 20.55
N ASN B 602 -33.77 -58.11 19.98
CA ASN B 602 -32.39 -58.56 19.86
C ASN B 602 -31.65 -57.81 18.77
N ASN B 603 -31.36 -56.54 19.02
CA ASN B 603 -30.52 -55.74 18.12
C ASN B 603 -31.12 -55.64 16.72
N ILE B 604 -32.45 -55.70 16.63
CA ILE B 604 -33.15 -55.54 15.36
C ILE B 604 -34.07 -54.34 15.47
N LEU B 605 -34.04 -53.47 14.47
CA LEU B 605 -34.72 -52.18 14.51
C LEU B 605 -35.46 -51.97 13.21
N PRO B 606 -36.77 -51.80 13.23
CA PRO B 606 -37.52 -51.60 11.98
C PRO B 606 -37.44 -50.17 11.52
N ALA B 607 -36.69 -49.93 10.45
CA ALA B 607 -36.33 -48.59 10.03
C ALA B 607 -37.09 -48.20 8.78
N TYR B 608 -36.91 -46.95 8.39
CA TYR B 608 -37.55 -46.36 7.22
C TYR B 608 -36.55 -45.52 6.44
N LEU B 609 -35.41 -46.11 6.13
CA LEU B 609 -34.28 -45.37 5.56
C LEU B 609 -34.70 -44.40 4.47
N PHE B 610 -34.00 -43.27 4.42
CA PHE B 610 -34.17 -42.25 3.38
C PHE B 610 -33.21 -42.55 2.24
N ASP B 611 -33.73 -42.74 1.04
CA ASP B 611 -32.83 -42.98 -0.08
C ASP B 611 -32.07 -41.71 -0.41
N GLN B 612 -30.79 -41.89 -0.74
CA GLN B 612 -29.82 -40.80 -0.73
C GLN B 612 -30.29 -39.58 -1.51
N GLU B 613 -31.12 -39.78 -2.53
CA GLU B 613 -31.54 -38.65 -3.34
C GLU B 613 -32.26 -37.59 -2.51
N VAL B 614 -32.99 -38.02 -1.48
CA VAL B 614 -33.74 -37.07 -0.66
C VAL B 614 -32.85 -36.43 0.38
N GLU B 615 -32.03 -37.22 1.07
CA GLU B 615 -31.13 -36.66 2.06
C GLU B 615 -30.20 -35.60 1.49
N GLU B 616 -30.18 -35.43 0.17
CA GLU B 616 -29.41 -34.37 -0.46
C GLU B 616 -30.25 -33.19 -0.85
N LYS B 617 -31.53 -33.40 -1.18
CA LYS B 617 -32.42 -32.27 -1.36
C LYS B 617 -32.55 -31.46 -0.07
N ILE B 618 -32.57 -32.13 1.07
CA ILE B 618 -32.76 -31.42 2.33
C ILE B 618 -31.46 -30.78 2.79
N ARG B 619 -30.32 -31.42 2.51
CA ARG B 619 -29.06 -30.82 2.93
C ARG B 619 -28.71 -29.58 2.13
N SER B 620 -29.49 -29.23 1.12
CA SER B 620 -29.24 -28.05 0.31
C SER B 620 -30.16 -26.90 0.66
N GLY B 621 -30.86 -26.98 1.78
CA GLY B 621 -31.78 -25.92 2.16
C GLY B 621 -31.65 -25.47 3.59
N VAL B 622 -30.42 -25.39 4.09
CA VAL B 622 -30.20 -25.21 5.51
C VAL B 622 -30.17 -23.74 5.91
N ARG B 623 -29.58 -22.86 5.10
CA ARG B 623 -29.66 -21.41 5.31
C ARG B 623 -29.14 -21.00 6.70
N GLN B 624 -27.84 -21.19 6.91
CA GLN B 624 -27.23 -20.90 8.20
C GLN B 624 -26.99 -19.39 8.32
N THR B 625 -28.01 -18.66 8.76
CA THR B 625 -27.98 -17.20 8.71
C THR B 625 -27.96 -16.54 10.08
N SER B 626 -28.97 -16.76 10.90
CA SER B 626 -29.16 -15.95 12.11
C SER B 626 -29.34 -16.85 13.32
N ALA B 627 -28.46 -17.83 13.46
CA ALA B 627 -28.53 -18.81 14.54
C ALA B 627 -29.88 -19.53 14.53
N GLY B 628 -30.52 -19.62 13.37
CA GLY B 628 -31.74 -20.38 13.22
C GLY B 628 -31.58 -21.55 12.27
N SER B 629 -30.72 -21.38 11.26
CA SER B 629 -30.44 -22.42 10.27
C SER B 629 -31.72 -23.07 9.76
N TYR B 630 -32.76 -22.27 9.59
CA TYR B 630 -34.07 -22.82 9.22
C TYR B 630 -33.97 -23.60 7.93
N LEU B 631 -34.67 -24.72 7.87
CA LEU B 631 -34.84 -25.44 6.62
C LEU B 631 -35.86 -24.68 5.79
N ALA B 632 -35.40 -24.06 4.72
CA ALA B 632 -36.27 -23.28 3.84
C ALA B 632 -36.08 -23.80 2.41
N LEU B 633 -36.93 -24.73 2.01
CA LEU B 633 -36.88 -25.24 0.63
C LEU B 633 -37.90 -24.52 -0.25
N ASP B 634 -39.18 -24.78 0.01
CA ASP B 634 -40.31 -24.17 -0.69
C ASP B 634 -41.56 -24.73 -0.02
N PRO B 635 -42.61 -23.92 0.17
CA PRO B 635 -43.91 -24.49 0.52
C PRO B 635 -44.42 -25.48 -0.50
N ALA B 636 -43.79 -25.58 -1.67
CA ALA B 636 -44.18 -26.56 -2.67
C ALA B 636 -43.24 -27.75 -2.75
N VAL B 637 -42.05 -27.65 -2.17
CA VAL B 637 -41.18 -28.81 -2.07
C VAL B 637 -41.42 -29.57 -0.79
N THR B 638 -41.64 -28.85 0.32
CA THR B 638 -42.00 -29.51 1.57
C THR B 638 -43.17 -30.46 1.38
N GLU B 639 -44.16 -30.06 0.59
CA GLU B 639 -45.27 -30.95 0.33
C GLU B 639 -44.88 -32.07 -0.63
N SER B 640 -43.82 -31.86 -1.41
CA SER B 640 -43.36 -32.93 -2.28
C SER B 640 -42.69 -34.04 -1.47
N LEU B 641 -41.77 -33.68 -0.58
CA LEU B 641 -41.15 -34.68 0.27
C LEU B 641 -42.16 -35.28 1.22
N LEU B 642 -42.90 -34.43 1.93
CA LEU B 642 -43.86 -34.92 2.91
C LEU B 642 -44.92 -35.80 2.25
N GLU B 643 -45.04 -35.74 0.93
CA GLU B 643 -45.94 -36.68 0.26
C GLU B 643 -45.24 -38.00 0.00
N GLN B 644 -43.99 -37.97 -0.46
CA GLN B 644 -43.25 -39.20 -0.65
C GLN B 644 -43.12 -39.98 0.64
N VAL B 645 -42.98 -39.29 1.76
CA VAL B 645 -43.03 -39.97 3.05
C VAL B 645 -44.39 -40.62 3.24
N ARG B 646 -45.44 -39.80 3.25
CA ARG B 646 -46.79 -40.29 3.48
C ARG B 646 -47.19 -41.37 2.49
N LYS B 647 -46.49 -41.47 1.36
CA LYS B 647 -46.82 -42.48 0.37
C LYS B 647 -46.26 -43.85 0.73
N THR B 648 -45.17 -43.90 1.50
CA THR B 648 -44.58 -45.17 1.91
C THR B 648 -44.90 -45.53 3.35
N ILE B 649 -44.65 -44.62 4.28
CA ILE B 649 -44.96 -44.85 5.68
C ILE B 649 -46.45 -45.12 5.86
N GLY B 650 -47.28 -44.53 5.01
CA GLY B 650 -48.70 -44.71 5.16
C GLY B 650 -49.22 -43.90 6.33
N ASP B 651 -49.86 -44.57 7.29
CA ASP B 651 -50.37 -43.90 8.47
C ASP B 651 -49.75 -44.39 9.77
N LEU B 652 -49.11 -45.56 9.76
CA LEU B 652 -48.44 -46.16 10.90
C LEU B 652 -49.36 -46.29 12.12
N SER B 653 -50.65 -46.04 11.95
CA SER B 653 -51.57 -46.25 13.05
C SER B 653 -51.80 -47.75 13.23
N GLN B 654 -51.97 -48.46 12.12
CA GLN B 654 -52.03 -49.92 12.19
C GLN B 654 -50.64 -50.53 12.26
N ILE B 655 -49.63 -49.85 11.71
CA ILE B 655 -48.28 -50.39 11.71
C ILE B 655 -47.81 -50.51 13.15
N GLN B 656 -47.61 -51.75 13.59
CA GLN B 656 -47.23 -52.02 14.97
C GLN B 656 -45.71 -52.01 15.11
N SER B 657 -45.26 -52.18 16.35
CA SER B 657 -43.86 -52.33 16.76
C SER B 657 -43.08 -51.03 16.77
N LYS B 658 -43.74 -49.87 16.64
CA LYS B 658 -43.08 -48.58 16.80
C LYS B 658 -41.86 -48.45 15.91
N PRO B 659 -42.03 -48.27 14.60
CA PRO B 659 -40.87 -48.12 13.72
C PRO B 659 -40.23 -46.75 13.93
N VAL B 660 -39.04 -46.59 13.37
CA VAL B 660 -38.31 -45.33 13.48
C VAL B 660 -37.72 -44.98 12.13
N LEU B 661 -37.76 -43.69 11.80
CA LEU B 661 -37.11 -43.20 10.60
C LEU B 661 -35.63 -43.05 10.89
N ILE B 662 -34.80 -43.27 9.88
CA ILE B 662 -33.36 -43.26 10.05
C ILE B 662 -32.75 -42.44 8.93
N VAL B 663 -32.18 -41.30 9.27
CA VAL B 663 -31.64 -40.38 8.29
C VAL B 663 -30.24 -39.99 8.75
N SER B 664 -29.45 -39.47 7.82
CA SER B 664 -28.10 -39.05 8.14
C SER B 664 -28.09 -38.08 9.30
N MET B 665 -26.91 -37.91 9.90
CA MET B 665 -26.84 -37.18 11.16
C MET B 665 -27.09 -35.69 10.96
N ASP B 666 -26.40 -35.08 10.00
CA ASP B 666 -26.37 -33.63 9.90
C ASP B 666 -27.70 -33.00 9.55
N ILE B 667 -28.72 -33.80 9.22
CA ILE B 667 -30.04 -33.24 8.96
C ILE B 667 -31.07 -33.95 9.81
N ARG B 668 -30.62 -34.73 10.79
CA ARG B 668 -31.56 -35.46 11.63
C ARG B 668 -32.56 -34.52 12.27
N ARG B 669 -32.18 -33.26 12.45
CA ARG B 669 -33.10 -32.33 13.09
C ARG B 669 -34.13 -31.82 12.10
N TYR B 670 -33.69 -31.31 10.97
CA TYR B 670 -34.61 -30.63 10.06
C TYR B 670 -35.66 -31.59 9.54
N VAL B 671 -35.31 -32.85 9.36
CA VAL B 671 -36.33 -33.85 9.03
C VAL B 671 -37.32 -33.98 10.16
N ARG B 672 -36.84 -33.91 11.40
CA ARG B 672 -37.73 -34.12 12.54
C ARG B 672 -38.78 -33.02 12.61
N LYS B 673 -38.35 -31.76 12.61
CA LYS B 673 -39.33 -30.69 12.68
C LYS B 673 -40.11 -30.53 11.39
N LEU B 674 -39.76 -31.28 10.34
CA LEU B 674 -40.55 -31.25 9.12
C LEU B 674 -41.79 -32.13 9.25
N ILE B 675 -41.60 -33.43 9.47
CA ILE B 675 -42.72 -34.34 9.64
C ILE B 675 -43.35 -34.25 11.02
N GLU B 676 -42.86 -33.35 11.88
CA GLU B 676 -43.40 -33.24 13.23
C GLU B 676 -44.89 -32.96 13.25
N SER B 677 -45.42 -32.39 12.18
CA SER B 677 -46.86 -32.15 12.12
C SER B 677 -47.63 -33.44 11.91
N GLU B 678 -47.28 -34.19 10.87
CA GLU B 678 -48.08 -35.35 10.50
C GLU B 678 -47.75 -36.55 11.36
N TYR B 679 -46.49 -36.96 11.39
CA TYR B 679 -46.08 -38.18 12.08
C TYR B 679 -45.38 -37.78 13.36
N TYR B 680 -46.15 -37.71 14.45
CA TYR B 680 -45.60 -37.27 15.71
C TYR B 680 -44.92 -38.39 16.49
N GLY B 681 -45.45 -39.60 16.41
CA GLY B 681 -44.88 -40.70 17.16
C GLY B 681 -43.88 -41.49 16.36
N LEU B 682 -43.29 -40.86 15.35
CA LEU B 682 -42.29 -41.48 14.49
C LEU B 682 -40.93 -40.87 14.82
N PRO B 683 -40.18 -41.44 15.75
CA PRO B 683 -38.89 -40.85 16.11
C PRO B 683 -37.94 -40.93 14.94
N VAL B 684 -36.97 -40.03 14.93
CA VAL B 684 -35.94 -39.99 13.90
C VAL B 684 -34.60 -40.24 14.55
N LEU B 685 -33.79 -41.08 13.94
CA LEU B 685 -32.46 -41.40 14.44
C LEU B 685 -31.41 -40.94 13.44
N SER B 686 -30.18 -41.28 13.74
CA SER B 686 -29.08 -41.06 12.83
C SER B 686 -28.41 -42.37 12.50
N TYR B 687 -27.46 -42.33 11.57
CA TYR B 687 -26.63 -43.50 11.39
C TYR B 687 -25.61 -43.60 12.51
N GLN B 688 -25.26 -42.46 13.09
CA GLN B 688 -24.21 -42.44 14.10
C GLN B 688 -24.74 -42.88 15.45
N GLU B 689 -25.91 -42.37 15.84
CA GLU B 689 -26.52 -42.78 17.09
C GLU B 689 -26.72 -44.27 17.14
N LEU B 690 -26.86 -44.91 15.98
CA LEU B 690 -27.01 -46.36 15.94
C LEU B 690 -25.69 -47.01 16.32
N THR B 691 -25.59 -47.46 17.55
CA THR B 691 -24.45 -48.28 17.93
C THR B 691 -24.35 -49.44 16.97
N GLN B 692 -23.12 -49.80 16.63
CA GLN B 692 -22.93 -50.97 15.80
C GLN B 692 -23.56 -52.19 16.50
N GLN B 693 -23.63 -53.29 15.76
CA GLN B 693 -24.29 -54.50 16.23
C GLN B 693 -25.78 -54.27 16.41
N ILE B 694 -26.37 -53.53 15.47
CA ILE B 694 -27.81 -53.34 15.39
C ILE B 694 -28.24 -53.73 13.99
N ASN B 695 -29.19 -54.66 13.90
CA ASN B 695 -29.66 -55.13 12.60
C ASN B 695 -30.83 -54.25 12.18
N ILE B 696 -30.52 -53.18 11.46
CA ILE B 696 -31.56 -52.37 10.84
C ILE B 696 -32.31 -53.21 9.85
N GLN B 697 -33.61 -53.35 10.05
CA GLN B 697 -34.46 -54.12 9.16
C GLN B 697 -35.33 -53.16 8.37
N PRO B 698 -34.85 -52.63 7.26
CA PRO B 698 -35.57 -51.54 6.58
C PRO B 698 -36.95 -51.97 6.13
N LEU B 699 -37.96 -51.28 6.65
CA LEU B 699 -39.33 -51.55 6.22
C LEU B 699 -39.54 -51.10 4.78
N GLY B 700 -39.13 -49.87 4.47
CA GLY B 700 -39.21 -49.40 3.10
C GLY B 700 -38.51 -48.08 2.89
N ARG B 701 -37.64 -48.00 1.89
CA ARG B 701 -36.85 -46.80 1.67
C ARG B 701 -37.71 -45.71 1.05
N VAL B 702 -37.54 -44.48 1.54
CA VAL B 702 -38.31 -43.34 1.05
C VAL B 702 -37.61 -42.80 -0.20
N CYS B 703 -38.12 -43.15 -1.37
CA CYS B 703 -37.52 -42.73 -2.62
C CYS B 703 -37.89 -41.27 -2.86
N LEU B 704 -37.64 -40.78 -4.07
CA LEU B 704 -38.10 -39.45 -4.43
C LEU B 704 -39.15 -39.57 -5.52
N LEU C 361 -39.15 33.27 53.82
CA LEU C 361 -39.47 32.75 52.50
C LEU C 361 -38.20 32.35 51.76
N GLY C 362 -37.07 32.52 52.43
CA GLY C 362 -35.80 32.12 51.88
C GLY C 362 -35.61 30.63 51.73
N GLU C 363 -36.57 29.83 52.17
CA GLU C 363 -36.51 28.39 51.95
C GLU C 363 -36.46 28.12 50.45
N GLN C 364 -35.53 27.26 50.04
CA GLN C 364 -35.13 27.23 48.63
C GLN C 364 -36.30 26.89 47.70
N GLU C 365 -36.73 25.64 47.63
CA GLU C 365 -38.03 25.40 47.00
C GLU C 365 -38.82 24.22 47.57
N ALA C 366 -38.16 23.29 48.25
CA ALA C 366 -38.83 22.13 48.85
C ALA C 366 -39.56 21.31 47.80
N PHE C 367 -38.77 20.69 46.92
CA PHE C 367 -39.26 19.80 45.87
C PHE C 367 -40.33 18.85 46.40
N ALA C 368 -41.41 18.71 45.65
CA ALA C 368 -42.52 17.84 46.01
C ALA C 368 -42.84 16.91 44.86
N MET C 369 -42.79 15.60 45.13
CA MET C 369 -42.92 14.61 44.08
C MET C 369 -44.33 14.62 43.49
N THR C 370 -44.42 14.44 42.18
CA THR C 370 -45.71 14.28 41.53
C THR C 370 -46.31 12.92 41.87
N VAL C 371 -47.64 12.87 41.86
CA VAL C 371 -48.33 11.62 42.22
C VAL C 371 -48.49 10.78 40.96
N PRO C 372 -48.18 9.50 41.05
CA PRO C 372 -48.25 8.65 39.85
C PRO C 372 -49.65 8.54 39.30
N LEU C 373 -50.60 8.15 40.13
CA LEU C 373 -51.99 8.07 39.73
C LEU C 373 -52.80 8.81 40.78
N LEU C 374 -53.88 9.44 40.35
CA LEU C 374 -54.68 10.25 41.26
C LEU C 374 -56.12 10.22 40.81
N ILE C 375 -57.02 10.02 41.77
CA ILE C 375 -58.45 10.12 41.52
C ILE C 375 -58.96 11.32 42.29
N ASP C 376 -59.54 12.26 41.59
CA ASP C 376 -60.14 13.43 42.21
C ASP C 376 -61.63 13.39 41.89
N VAL C 377 -62.43 13.03 42.88
CA VAL C 377 -63.87 13.10 42.75
C VAL C 377 -64.34 14.26 43.61
N ASP C 378 -65.60 14.63 43.49
CA ASP C 378 -66.09 15.79 44.20
C ASP C 378 -66.20 15.50 45.69
N SER C 379 -66.50 16.55 46.44
CA SER C 379 -66.90 16.39 47.83
C SER C 379 -68.36 15.95 47.85
N SER C 380 -69.00 16.04 49.01
CA SER C 380 -70.40 15.67 49.21
C SER C 380 -70.60 14.16 49.11
N GLN C 381 -69.55 13.44 48.73
CA GLN C 381 -69.55 11.99 48.80
C GLN C 381 -68.44 11.45 49.69
N GLN C 382 -67.54 12.32 50.17
CA GLN C 382 -66.39 11.87 50.95
C GLN C 382 -66.80 11.00 52.12
N GLU C 383 -68.06 11.07 52.52
CA GLU C 383 -68.64 10.16 53.49
C GLU C 383 -69.90 9.49 52.96
N ALA C 384 -70.48 10.03 51.89
CA ALA C 384 -71.68 9.46 51.29
C ALA C 384 -71.36 8.36 50.29
N LEU C 385 -70.30 8.50 49.50
CA LEU C 385 -70.04 7.40 48.58
C LEU C 385 -69.40 6.26 49.35
N GLU C 386 -68.10 6.33 49.64
CA GLU C 386 -67.42 5.98 50.88
C GLU C 386 -68.00 4.80 51.65
N ALA C 387 -68.96 4.10 51.07
CA ALA C 387 -69.71 3.12 51.82
C ALA C 387 -70.04 1.87 51.01
N ILE C 388 -69.57 1.76 49.77
CA ILE C 388 -69.61 0.45 49.16
C ILE C 388 -68.31 -0.22 49.57
N ALA C 389 -67.19 0.18 48.97
CA ALA C 389 -65.93 0.22 49.68
C ALA C 389 -65.21 1.53 49.40
N LEU C 390 -64.93 1.77 48.11
CA LEU C 390 -64.14 2.89 47.61
C LEU C 390 -62.79 2.99 48.27
N ASN C 391 -62.42 1.97 49.03
CA ASN C 391 -61.03 1.71 49.38
C ASN C 391 -60.73 0.23 49.28
N ASP C 392 -61.75 -0.61 49.11
CA ASP C 392 -61.58 -2.01 48.76
C ASP C 392 -62.29 -2.35 47.46
N GLU C 393 -62.80 -1.36 46.75
CA GLU C 393 -63.30 -1.58 45.40
C GLU C 393 -62.30 -1.07 44.37
N LEU C 394 -61.37 -0.23 44.79
CA LEU C 394 -60.25 0.12 43.93
C LEU C 394 -59.13 -0.89 44.06
N VAL C 395 -58.70 -1.18 45.30
CA VAL C 395 -57.63 -2.15 45.49
C VAL C 395 -58.04 -3.52 44.96
N ARG C 396 -59.34 -3.79 44.87
CA ARG C 396 -59.77 -5.05 44.27
C ARG C 396 -59.60 -5.03 42.77
N VAL C 397 -59.95 -3.92 42.13
CA VAL C 397 -59.82 -3.86 40.67
C VAL C 397 -58.39 -3.55 40.28
N ARG C 398 -57.58 -3.05 41.20
CA ARG C 398 -56.17 -2.89 40.87
C ARG C 398 -55.45 -4.23 40.89
N ARG C 399 -55.68 -5.02 41.94
CA ARG C 399 -55.11 -6.36 41.96
C ARG C 399 -55.69 -7.23 40.85
N ALA C 400 -57.00 -7.23 40.69
CA ALA C 400 -57.62 -8.06 39.67
C ALA C 400 -57.13 -7.65 38.29
N LEU C 401 -56.68 -6.41 38.14
CA LEU C 401 -56.11 -6.00 36.87
C LEU C 401 -54.62 -6.29 36.83
N TYR C 402 -53.97 -6.37 37.97
CA TYR C 402 -52.56 -6.73 37.98
C TYR C 402 -52.39 -8.18 37.55
N LEU C 403 -53.16 -9.09 38.14
CA LEU C 403 -53.10 -10.49 37.74
C LEU C 403 -53.52 -10.70 36.30
N ASP C 404 -53.95 -9.66 35.60
CA ASP C 404 -54.31 -9.82 34.21
C ASP C 404 -53.15 -9.40 33.31
N LEU C 405 -52.60 -8.22 33.56
CA LEU C 405 -51.50 -7.66 32.79
C LEU C 405 -50.14 -7.97 33.39
N GLY C 406 -49.99 -7.81 34.69
CA GLY C 406 -48.73 -8.06 35.33
C GLY C 406 -47.95 -6.82 35.70
N VAL C 407 -48.36 -5.66 35.23
CA VAL C 407 -47.64 -4.42 35.52
C VAL C 407 -47.72 -4.14 37.01
N PRO C 408 -46.64 -3.75 37.65
CA PRO C 408 -46.73 -3.40 39.07
C PRO C 408 -47.28 -2.00 39.23
N PHE C 409 -48.61 -1.90 39.22
CA PHE C 409 -49.28 -0.61 39.21
C PHE C 409 -48.94 0.20 40.45
N PRO C 410 -49.07 1.50 40.38
CA PRO C 410 -48.70 2.34 41.53
C PRO C 410 -49.85 2.49 42.51
N GLY C 411 -49.65 3.29 43.55
CA GLY C 411 -50.68 3.47 44.56
C GLY C 411 -51.65 4.54 44.14
N ILE C 412 -52.94 4.20 44.15
CA ILE C 412 -53.98 5.13 43.72
C ILE C 412 -54.32 6.03 44.91
N HIS C 413 -53.86 7.28 44.86
CA HIS C 413 -54.31 8.25 45.84
C HIS C 413 -55.75 8.63 45.54
N LEU C 414 -56.55 8.76 46.59
CA LEU C 414 -57.95 9.13 46.48
C LEU C 414 -58.17 10.41 47.26
N ARG C 415 -58.58 11.47 46.55
CA ARG C 415 -58.79 12.77 47.15
C ARG C 415 -60.18 13.26 46.80
N PHE C 416 -60.97 13.56 47.82
CA PHE C 416 -62.27 14.18 47.66
C PHE C 416 -62.07 15.69 47.65
N ASN C 417 -62.16 16.29 46.47
CA ASN C 417 -62.01 17.72 46.30
C ASN C 417 -63.37 18.39 46.32
N GLU C 418 -63.42 19.57 46.91
CA GLU C 418 -64.64 20.37 46.89
C GLU C 418 -64.65 21.38 45.76
N GLY C 419 -63.49 21.66 45.15
CA GLY C 419 -63.42 22.70 44.15
C GLY C 419 -64.27 22.42 42.92
N MET C 420 -64.57 21.16 42.65
CA MET C 420 -65.36 20.81 41.49
C MET C 420 -66.84 20.82 41.85
N GLY C 421 -67.67 20.27 40.98
CA GLY C 421 -69.11 20.24 41.20
C GLY C 421 -69.53 19.20 42.22
N GLU C 422 -70.63 18.49 41.94
CA GLU C 422 -71.10 17.46 42.85
C GLU C 422 -71.16 16.08 42.21
N GLY C 423 -71.12 15.99 40.88
CA GLY C 423 -71.06 14.70 40.23
C GLY C 423 -69.83 14.56 39.36
N GLU C 424 -68.89 15.48 39.49
CA GLU C 424 -67.68 15.48 38.68
C GLU C 424 -66.65 14.53 39.28
N TYR C 425 -65.77 14.02 38.43
CA TYR C 425 -64.65 13.22 38.87
C TYR C 425 -63.64 13.14 37.74
N LEU C 426 -62.37 13.33 38.07
CA LEU C 426 -61.30 13.25 37.09
C LEU C 426 -60.26 12.28 37.60
N ILE C 427 -59.74 11.47 36.69
CA ILE C 427 -58.70 10.49 36.99
C ILE C 427 -57.44 10.99 36.32
N SER C 428 -56.48 11.45 37.10
CA SER C 428 -55.33 12.16 36.57
C SER C 428 -54.09 11.30 36.70
N LEU C 429 -53.52 10.92 35.56
CA LEU C 429 -52.18 10.33 35.55
C LEU C 429 -51.15 11.44 35.62
N GLN C 430 -50.46 11.54 36.75
CA GLN C 430 -49.36 12.49 36.87
C GLN C 430 -49.81 13.90 36.54
N GLU C 431 -50.92 14.31 37.16
CA GLU C 431 -51.41 15.68 37.14
C GLU C 431 -51.84 16.12 35.74
N VAL C 432 -52.43 15.23 34.96
CA VAL C 432 -53.12 15.65 33.73
C VAL C 432 -54.37 14.79 33.56
N PRO C 433 -55.55 15.34 33.85
CA PRO C 433 -56.77 14.54 33.84
C PRO C 433 -56.95 13.78 32.54
N VAL C 434 -56.95 12.45 32.65
CA VAL C 434 -56.98 11.61 31.46
C VAL C 434 -58.38 11.06 31.18
N ALA C 435 -59.25 10.99 32.18
CA ALA C 435 -60.63 10.59 31.93
C ALA C 435 -61.50 11.26 32.96
N ARG C 436 -62.05 12.42 32.62
CA ARG C 436 -62.92 13.15 33.52
C ARG C 436 -64.35 12.75 33.25
N GLY C 437 -65.23 13.09 34.19
CA GLY C 437 -66.63 12.79 34.04
C GLY C 437 -67.46 13.48 35.08
N GLU C 438 -68.66 13.89 34.68
CA GLU C 438 -69.66 14.40 35.60
C GLU C 438 -70.70 13.30 35.72
N LEU C 439 -70.55 12.45 36.72
CA LEU C 439 -71.46 11.33 36.87
C LEU C 439 -72.84 11.87 37.23
N LYS C 440 -73.74 11.88 36.24
CA LYS C 440 -75.11 12.33 36.50
C LYS C 440 -75.89 11.29 37.28
N ALA C 441 -75.20 10.25 37.75
CA ALA C 441 -75.66 9.44 38.86
C ALA C 441 -75.42 10.22 40.15
N GLY C 442 -75.15 11.52 40.01
CA GLY C 442 -74.88 12.41 41.12
C GLY C 442 -75.71 12.12 42.34
N TYR C 443 -77.04 12.13 42.20
CA TYR C 443 -77.86 11.77 43.34
C TYR C 443 -77.98 10.24 43.44
N LEU C 444 -78.70 9.62 42.52
CA LEU C 444 -78.71 8.18 42.29
C LEU C 444 -79.35 7.94 40.93
N LEU C 445 -78.56 7.63 39.92
CA LEU C 445 -79.11 7.44 38.59
C LEU C 445 -78.39 6.30 37.89
N VAL C 446 -78.27 5.16 38.58
CA VAL C 446 -77.44 4.05 38.15
C VAL C 446 -77.60 3.81 36.65
N ARG C 447 -76.50 3.85 35.92
CA ARG C 447 -76.55 3.96 34.47
C ARG C 447 -76.86 2.61 33.84
N GLU C 448 -76.90 2.60 32.51
CA GLU C 448 -77.12 1.39 31.75
C GLU C 448 -76.22 1.42 30.53
N SER C 449 -75.43 0.36 30.35
CA SER C 449 -74.40 0.29 29.32
C SER C 449 -74.91 -0.17 27.97
N VAL C 450 -75.84 -1.11 27.95
CA VAL C 450 -76.31 -1.69 26.70
C VAL C 450 -77.69 -1.10 26.43
N SER C 451 -77.90 0.14 26.89
CA SER C 451 -79.15 0.86 26.64
C SER C 451 -79.52 0.80 25.17
N GLN C 452 -80.81 0.62 24.91
CA GLN C 452 -81.32 0.35 23.58
C GLN C 452 -82.79 0.72 23.58
N LEU C 453 -83.49 0.40 22.50
CA LEU C 453 -84.94 0.53 22.55
C LEU C 453 -85.56 -0.45 23.52
N GLU C 454 -84.77 -1.41 24.03
CA GLU C 454 -85.26 -2.29 25.08
C GLU C 454 -85.57 -1.51 26.34
N LEU C 455 -84.83 -0.44 26.60
CA LEU C 455 -85.22 0.49 27.66
C LEU C 455 -86.37 1.39 27.26
N LEU C 456 -86.85 1.27 26.03
CA LEU C 456 -88.17 1.80 25.68
C LEU C 456 -89.22 0.71 25.75
N GLY C 457 -88.87 -0.53 25.40
CA GLY C 457 -89.74 -1.65 25.72
C GLY C 457 -89.87 -1.84 27.21
N ILE C 458 -88.77 -1.62 27.93
CA ILE C 458 -88.77 -1.55 29.40
C ILE C 458 -88.80 -0.06 29.69
N PRO C 459 -89.98 0.56 29.78
CA PRO C 459 -90.12 1.96 29.35
C PRO C 459 -89.53 3.00 30.28
N TYR C 460 -88.78 2.60 31.31
CA TYR C 460 -88.40 3.54 32.36
C TYR C 460 -87.55 4.67 31.80
N GLU C 461 -87.83 5.89 32.26
CA GLU C 461 -87.28 7.08 31.64
C GLU C 461 -85.75 7.04 31.59
N LYS C 462 -85.20 7.72 30.61
CA LYS C 462 -83.78 7.66 30.31
C LYS C 462 -83.12 9.02 30.57
N GLY C 463 -81.79 9.00 30.53
CA GLY C 463 -80.98 10.21 30.50
C GLY C 463 -79.88 10.06 29.49
N GLU C 464 -79.83 10.95 28.50
CA GLU C 464 -78.94 10.73 27.37
C GLU C 464 -77.52 11.15 27.68
N HIS C 465 -76.58 10.37 27.14
CA HIS C 465 -75.15 10.67 27.21
C HIS C 465 -74.43 9.69 26.29
N LEU C 466 -73.14 9.93 26.10
CA LEU C 466 -72.26 9.04 25.35
C LEU C 466 -71.03 8.73 26.20
N LEU C 467 -71.27 8.36 27.45
CA LEU C 467 -70.23 7.89 28.35
C LEU C 467 -69.52 6.77 27.59
N PRO C 468 -68.21 6.63 27.73
CA PRO C 468 -67.40 6.24 26.56
C PRO C 468 -67.79 4.98 25.80
N ASP C 469 -67.73 3.81 26.42
CA ASP C 469 -67.54 2.60 25.65
C ASP C 469 -68.81 2.00 25.05
N GLN C 470 -69.93 2.04 25.75
CA GLN C 470 -71.20 1.59 25.20
C GLN C 470 -72.23 2.68 25.44
N GLU C 471 -73.36 2.57 24.75
CA GLU C 471 -74.35 3.63 24.85
C GLU C 471 -74.90 3.70 26.28
N THR C 472 -74.60 4.79 26.96
CA THR C 472 -74.95 4.98 28.36
C THR C 472 -76.25 5.73 28.47
N PHE C 473 -77.23 5.13 29.12
CA PHE C 473 -78.45 5.83 29.48
C PHE C 473 -78.76 5.51 30.93
N TRP C 474 -79.34 6.46 31.61
CA TRP C 474 -79.45 6.42 33.06
C TRP C 474 -80.89 6.24 33.50
N VAL C 475 -81.08 5.44 34.55
CA VAL C 475 -82.37 5.24 35.18
C VAL C 475 -82.19 5.36 36.68
N SER C 476 -83.28 5.61 37.39
CA SER C 476 -83.20 5.85 38.82
C SER C 476 -83.20 4.53 39.58
N VAL C 477 -83.29 4.62 40.91
CA VAL C 477 -83.11 3.44 41.75
C VAL C 477 -84.43 2.73 42.08
N GLU C 478 -85.57 3.37 41.84
CA GLU C 478 -86.83 2.62 41.81
C GLU C 478 -86.97 1.90 40.48
N TYR C 479 -86.45 2.50 39.41
CA TYR C 479 -86.44 1.85 38.11
C TYR C 479 -85.46 0.69 38.09
N GLU C 480 -84.46 0.71 38.96
CA GLU C 480 -83.45 -0.33 38.99
C GLU C 480 -84.07 -1.69 39.30
N GLU C 481 -84.98 -1.73 40.28
CA GLU C 481 -85.56 -3.01 40.71
C GLU C 481 -86.20 -3.75 39.54
N ARG C 482 -86.85 -3.00 38.64
CA ARG C 482 -87.54 -3.65 37.54
C ARG C 482 -86.62 -3.93 36.36
N LEU C 483 -85.65 -3.06 36.09
CA LEU C 483 -84.71 -3.33 35.01
C LEU C 483 -83.69 -4.39 35.40
N GLU C 484 -83.38 -4.53 36.68
CA GLU C 484 -82.53 -5.66 37.08
C GLU C 484 -83.27 -6.97 36.93
N LYS C 485 -84.61 -6.94 37.01
CA LYS C 485 -85.38 -8.10 36.59
C LYS C 485 -85.19 -8.36 35.10
N SER C 486 -85.19 -7.30 34.30
CA SER C 486 -85.03 -7.39 32.86
C SER C 486 -83.59 -7.70 32.45
N GLN C 487 -82.65 -7.69 33.38
CA GLN C 487 -81.29 -8.15 33.14
C GLN C 487 -80.52 -7.36 32.07
N LEU C 488 -80.23 -6.09 32.35
CA LEU C 488 -79.25 -5.34 31.59
C LEU C 488 -78.15 -4.86 32.53
N GLU C 489 -77.14 -4.20 31.97
CA GLU C 489 -75.93 -3.90 32.74
C GLU C 489 -76.10 -2.69 33.63
N PHE C 490 -75.92 -2.90 34.94
CA PHE C 490 -76.03 -1.87 35.96
C PHE C 490 -74.67 -1.49 36.48
N PHE C 491 -74.43 -0.19 36.60
CA PHE C 491 -73.18 0.32 37.13
C PHE C 491 -73.50 1.20 38.33
N SER C 492 -73.18 0.71 39.51
CA SER C 492 -73.33 1.49 40.72
C SER C 492 -72.32 2.63 40.73
N HIS C 493 -72.27 3.35 41.84
CA HIS C 493 -71.30 4.44 41.93
C HIS C 493 -69.88 3.93 42.07
N SER C 494 -69.69 2.73 42.58
CA SER C 494 -68.37 2.12 42.46
C SER C 494 -68.08 1.73 41.02
N GLN C 495 -68.98 0.97 40.41
CA GLN C 495 -68.68 0.35 39.13
C GLN C 495 -68.60 1.38 38.01
N VAL C 496 -69.20 2.56 38.20
CA VAL C 496 -69.02 3.59 37.19
C VAL C 496 -67.65 4.22 37.34
N LEU C 497 -67.13 4.22 38.57
CA LEU C 497 -65.82 4.82 38.81
C LEU C 497 -64.71 3.86 38.39
N THR C 498 -64.65 2.69 39.02
CA THR C 498 -63.57 1.76 38.72
C THR C 498 -63.53 1.37 37.26
N TRP C 499 -64.67 1.33 36.58
CA TRP C 499 -64.64 0.91 35.19
C TRP C 499 -63.71 1.79 34.38
N HIS C 500 -63.84 3.11 34.48
CA HIS C 500 -62.88 3.98 33.82
C HIS C 500 -61.47 3.73 34.32
N LEU C 501 -61.31 3.49 35.62
CA LEU C 501 -60.00 3.15 36.12
C LEU C 501 -59.48 1.90 35.43
N SER C 502 -60.19 0.79 35.56
CA SER C 502 -59.77 -0.44 34.91
C SER C 502 -59.70 -0.29 33.40
N HIS C 503 -60.16 0.84 32.88
CA HIS C 503 -59.91 1.15 31.48
C HIS C 503 -58.75 2.10 31.31
N VAL C 504 -58.46 2.91 32.33
CA VAL C 504 -57.32 3.82 32.24
C VAL C 504 -56.02 3.05 32.33
N LEU C 505 -55.93 2.11 33.27
CA LEU C 505 -54.72 1.32 33.39
C LEU C 505 -54.50 0.48 32.16
N ARG C 506 -55.53 -0.22 31.70
CA ARG C 506 -55.33 -1.13 30.57
C ARG C 506 -54.90 -0.38 29.31
N GLU C 507 -55.11 0.92 29.24
CA GLU C 507 -54.69 1.67 28.06
C GLU C 507 -53.46 2.51 28.29
N TYR C 508 -53.11 2.80 29.53
CA TYR C 508 -51.90 3.54 29.85
C TYR C 508 -50.94 2.68 30.66
N ALA C 509 -50.93 1.39 30.37
CA ALA C 509 -49.99 0.49 31.00
C ALA C 509 -48.62 0.53 30.33
N GLU C 510 -48.45 1.33 29.29
CA GLU C 510 -47.11 1.57 28.77
C GLU C 510 -46.36 2.61 29.58
N ASP C 511 -47.03 3.26 30.54
CA ASP C 511 -46.43 4.34 31.28
C ASP C 511 -46.07 3.95 32.71
N PHE C 512 -46.47 2.77 33.15
CA PHE C 512 -46.14 2.31 34.48
C PHE C 512 -45.03 1.28 34.48
N ILE C 513 -44.47 0.95 33.32
CA ILE C 513 -43.33 0.04 33.30
C ILE C 513 -42.11 0.84 32.89
N GLY C 514 -41.42 1.41 33.87
CA GLY C 514 -40.19 2.13 33.63
C GLY C 514 -39.01 1.42 34.26
N ILE C 515 -37.83 1.89 33.92
CA ILE C 515 -36.62 1.26 34.40
C ILE C 515 -36.63 1.11 35.90
N GLN C 516 -37.44 1.91 36.58
CA GLN C 516 -37.56 1.74 38.02
C GLN C 516 -38.53 0.63 38.37
N GLU C 517 -39.40 0.24 37.43
CA GLU C 517 -40.40 -0.76 37.78
C GLU C 517 -39.98 -2.15 37.35
N THR C 518 -39.19 -2.28 36.28
CA THR C 518 -38.66 -3.61 35.97
C THR C 518 -37.60 -4.01 36.97
N ARG C 519 -36.76 -3.08 37.38
CA ARG C 519 -35.81 -3.41 38.43
C ARG C 519 -36.51 -3.76 39.72
N TYR C 520 -37.81 -3.51 39.80
CA TYR C 520 -38.58 -4.05 40.91
C TYR C 520 -38.89 -5.52 40.68
N LEU C 521 -39.19 -5.89 39.43
CA LEU C 521 -39.44 -7.30 39.12
C LEU C 521 -38.16 -8.10 39.21
N LEU C 522 -37.08 -7.60 38.61
CA LEU C 522 -35.81 -8.31 38.65
C LEU C 522 -35.17 -8.30 40.02
N GLU C 523 -35.77 -7.64 41.00
CA GLU C 523 -35.35 -7.85 42.37
C GLU C 523 -36.30 -8.79 43.09
N GLN C 524 -37.60 -8.64 42.84
CA GLN C 524 -38.58 -9.52 43.45
C GLN C 524 -38.41 -10.96 43.00
N MET C 525 -37.74 -11.20 41.88
CA MET C 525 -37.51 -12.54 41.38
C MET C 525 -36.13 -13.08 41.70
N GLU C 526 -35.30 -12.28 42.37
CA GLU C 526 -33.96 -12.75 42.71
C GLU C 526 -34.02 -14.05 43.48
N GLY C 527 -34.91 -14.15 44.45
CA GLY C 527 -35.04 -15.35 45.25
C GLY C 527 -35.35 -16.57 44.42
N GLY C 528 -36.45 -16.51 43.68
CA GLY C 528 -36.85 -17.64 42.85
C GLY C 528 -35.82 -18.01 41.82
N TYR C 529 -35.53 -17.10 40.89
CA TYR C 529 -34.64 -17.38 39.77
C TYR C 529 -33.39 -16.52 39.92
N GLY C 530 -32.42 -17.03 40.66
CA GLY C 530 -31.19 -16.32 40.84
C GLY C 530 -30.37 -16.28 39.57
N GLU C 531 -29.97 -17.46 39.09
CA GLU C 531 -29.01 -17.50 38.00
C GLU C 531 -29.64 -17.10 36.68
N LEU C 532 -30.97 -17.04 36.61
CA LEU C 532 -31.61 -16.55 35.41
C LEU C 532 -31.41 -15.05 35.27
N ILE C 533 -31.56 -14.32 36.36
CA ILE C 533 -31.47 -12.87 36.32
C ILE C 533 -30.02 -12.43 36.17
N LYS C 534 -29.11 -13.05 36.92
CA LYS C 534 -27.70 -12.70 36.79
C LYS C 534 -27.18 -13.02 35.40
N GLU C 535 -27.91 -13.79 34.62
CA GLU C 535 -27.55 -14.07 33.23
C GLU C 535 -28.22 -13.09 32.29
N VAL C 536 -29.47 -12.70 32.57
CA VAL C 536 -30.15 -11.83 31.64
C VAL C 536 -29.65 -10.39 31.74
N GLN C 537 -29.22 -9.98 32.94
CA GLN C 537 -28.77 -8.61 33.10
C GLN C 537 -27.49 -8.31 32.34
N ARG C 538 -26.64 -9.32 32.16
CA ARG C 538 -25.41 -9.13 31.42
C ARG C 538 -25.61 -9.19 29.93
N ILE C 539 -26.73 -9.74 29.47
CA ILE C 539 -26.99 -9.84 28.04
C ILE C 539 -27.79 -8.65 27.54
N VAL C 540 -28.88 -8.31 28.19
CA VAL C 540 -29.70 -7.16 27.81
C VAL C 540 -29.64 -6.13 28.92
N PRO C 541 -29.21 -4.90 28.64
CA PRO C 541 -29.23 -3.86 29.66
C PRO C 541 -30.65 -3.53 30.07
N LEU C 542 -30.78 -2.88 31.22
CA LEU C 542 -32.12 -2.57 31.74
C LEU C 542 -32.91 -1.70 30.79
N GLN C 543 -32.24 -0.80 30.08
CA GLN C 543 -33.00 -0.02 29.11
C GLN C 543 -33.60 -0.91 28.04
N ARG C 544 -32.82 -1.88 27.55
CA ARG C 544 -33.29 -2.68 26.43
C ARG C 544 -34.34 -3.67 26.88
N MET C 545 -34.17 -4.25 28.07
CA MET C 545 -35.16 -5.19 28.56
C MET C 545 -36.47 -4.48 28.88
N THR C 546 -36.40 -3.24 29.33
CA THR C 546 -37.63 -2.51 29.61
C THR C 546 -38.31 -2.05 28.34
N GLU C 547 -37.53 -1.65 27.34
CA GLU C 547 -38.13 -1.25 26.07
C GLU C 547 -38.86 -2.42 25.43
N ILE C 548 -38.68 -3.63 25.96
CA ILE C 548 -39.48 -4.77 25.51
C ILE C 548 -40.74 -4.88 26.33
N LEU C 549 -40.62 -4.87 27.66
CA LEU C 549 -41.79 -5.05 28.51
C LEU C 549 -42.83 -4.00 28.22
N GLN C 550 -42.44 -2.82 27.76
CA GLN C 550 -43.43 -1.85 27.32
C GLN C 550 -44.07 -2.29 26.02
N ARG C 551 -43.30 -2.97 25.16
CA ARG C 551 -43.85 -3.34 23.87
C ARG C 551 -44.76 -4.54 23.95
N LEU C 552 -44.61 -5.37 24.98
CA LEU C 552 -45.59 -6.43 25.18
C LEU C 552 -46.88 -5.84 25.69
N VAL C 553 -46.84 -5.21 26.86
CA VAL C 553 -48.04 -4.68 27.46
C VAL C 553 -48.72 -3.67 26.56
N GLY C 554 -48.05 -3.23 25.49
CA GLY C 554 -48.73 -2.42 24.50
C GLY C 554 -49.74 -3.20 23.70
N GLU C 555 -49.45 -4.45 23.38
CA GLU C 555 -50.38 -5.30 22.66
C GLU C 555 -51.31 -6.07 23.60
N ASP C 556 -51.39 -5.67 24.85
CA ASP C 556 -52.19 -6.30 25.89
C ASP C 556 -51.71 -7.71 26.22
N ILE C 557 -50.57 -8.14 25.67
CA ILE C 557 -49.92 -9.34 26.15
C ILE C 557 -49.58 -9.15 27.62
N SER C 558 -49.57 -10.24 28.37
CA SER C 558 -49.42 -10.18 29.82
C SER C 558 -47.98 -10.51 30.20
N ILE C 559 -47.30 -9.56 30.81
CA ILE C 559 -45.98 -9.80 31.38
C ILE C 559 -46.00 -10.96 32.35
N ARG C 560 -47.14 -11.20 33.00
CA ARG C 560 -47.26 -12.00 34.20
C ARG C 560 -46.31 -13.19 34.23
N ASN C 561 -46.24 -13.91 33.12
CA ASN C 561 -45.35 -15.07 32.99
C ASN C 561 -43.93 -14.56 32.84
N MET C 562 -43.31 -14.21 33.96
CA MET C 562 -42.05 -13.50 33.87
C MET C 562 -40.87 -14.42 33.62
N ARG C 563 -41.01 -15.72 33.87
CA ARG C 563 -39.90 -16.62 33.59
C ARG C 563 -39.70 -16.77 32.09
N SER C 564 -40.69 -17.30 31.40
CA SER C 564 -40.50 -17.61 29.98
C SER C 564 -40.38 -16.34 29.14
N ILE C 565 -40.45 -15.17 29.75
CA ILE C 565 -40.06 -13.96 29.05
C ILE C 565 -38.57 -13.74 29.20
N LEU C 566 -38.00 -14.25 30.28
CA LEU C 566 -36.55 -14.11 30.45
C LEU C 566 -35.80 -15.24 29.77
N GLU C 567 -36.36 -16.46 29.76
CA GLU C 567 -35.76 -17.52 28.96
C GLU C 567 -35.62 -17.08 27.52
N ALA C 568 -36.69 -16.55 26.94
CA ALA C 568 -36.63 -16.06 25.57
C ALA C 568 -35.89 -14.75 25.48
N MET C 569 -35.62 -14.10 26.61
CA MET C 569 -34.79 -12.90 26.59
C MET C 569 -33.32 -13.28 26.47
N VAL C 570 -32.91 -14.27 27.24
CA VAL C 570 -31.53 -14.74 27.18
C VAL C 570 -31.25 -15.35 25.82
N GLU C 571 -32.15 -16.19 25.34
CA GLU C 571 -31.92 -16.92 24.09
C GLU C 571 -31.68 -15.96 22.94
N TRP C 572 -32.54 -14.97 22.78
CA TRP C 572 -32.49 -14.13 21.60
C TRP C 572 -31.75 -12.82 21.80
N GLY C 573 -31.47 -12.42 23.04
CA GLY C 573 -30.79 -11.17 23.25
C GLY C 573 -29.37 -11.12 22.73
N GLN C 574 -28.84 -12.28 22.36
CA GLN C 574 -27.51 -12.39 21.79
C GLN C 574 -27.53 -12.38 20.27
N LYS C 575 -28.55 -12.99 19.67
CA LYS C 575 -28.64 -13.05 18.22
C LYS C 575 -29.28 -11.80 17.65
N GLU C 576 -30.45 -11.42 18.14
CA GLU C 576 -31.16 -10.28 17.59
C GLU C 576 -30.87 -9.03 18.41
N LYS C 577 -30.86 -7.88 17.73
CA LYS C 577 -30.55 -6.62 18.37
C LYS C 577 -31.55 -5.51 18.10
N ASP C 578 -32.35 -5.61 17.05
CA ASP C 578 -33.42 -4.64 16.84
C ASP C 578 -34.58 -4.99 17.74
N VAL C 579 -34.99 -4.06 18.59
CA VAL C 579 -35.99 -4.33 19.60
C VAL C 579 -37.24 -4.93 18.98
N VAL C 580 -37.69 -4.37 17.87
CA VAL C 580 -38.95 -4.81 17.28
C VAL C 580 -38.85 -6.26 16.82
N GLN C 581 -37.65 -6.68 16.37
CA GLN C 581 -37.47 -8.09 16.07
C GLN C 581 -37.42 -8.92 17.34
N LEU C 582 -36.66 -8.46 18.32
CA LEU C 582 -36.52 -9.22 19.56
C LEU C 582 -37.88 -9.43 20.21
N THR C 583 -38.78 -8.45 20.15
CA THR C 583 -40.06 -8.66 20.80
C THR C 583 -40.93 -9.59 19.99
N GLU C 584 -40.74 -9.66 18.68
CA GLU C 584 -41.49 -10.64 17.90
C GLU C 584 -40.98 -12.04 18.16
N TYR C 585 -39.72 -12.17 18.54
CA TYR C 585 -39.24 -13.48 18.97
C TYR C 585 -39.73 -13.80 20.38
N ILE C 586 -39.92 -12.80 21.20
CA ILE C 586 -40.33 -13.06 22.58
C ILE C 586 -41.81 -13.38 22.67
N ARG C 587 -42.65 -12.72 21.87
CA ARG C 587 -44.04 -13.14 21.78
C ARG C 587 -44.15 -14.59 21.35
N SER C 588 -43.28 -15.03 20.46
CA SER C 588 -43.25 -16.40 20.01
C SER C 588 -42.87 -17.38 21.09
N SER C 589 -42.47 -16.90 22.28
CA SER C 589 -42.23 -17.79 23.40
C SER C 589 -43.47 -17.98 24.26
N LEU C 590 -44.45 -17.11 24.14
CA LEU C 590 -45.73 -17.28 24.82
C LEU C 590 -46.77 -17.94 23.92
N LYS C 591 -46.33 -18.84 23.04
CA LYS C 591 -47.21 -19.44 22.05
C LYS C 591 -48.50 -19.91 22.67
N ARG C 592 -48.42 -20.90 23.55
CA ARG C 592 -49.66 -21.49 24.04
C ARG C 592 -50.39 -20.60 25.01
N TYR C 593 -49.93 -19.37 25.20
CA TYR C 593 -50.75 -18.41 25.91
C TYR C 593 -51.67 -17.68 24.97
N ILE C 594 -51.12 -17.14 23.88
CA ILE C 594 -51.92 -16.36 22.94
C ILE C 594 -53.05 -17.20 22.37
N CYS C 595 -52.75 -18.44 21.98
CA CYS C 595 -53.78 -19.38 21.57
C CYS C 595 -54.95 -19.41 22.53
N TYR C 596 -54.72 -19.09 23.80
CA TYR C 596 -55.78 -19.05 24.78
C TYR C 596 -56.33 -17.66 25.01
N LYS C 597 -55.62 -16.62 24.59
CA LYS C 597 -56.20 -15.29 24.75
C LYS C 597 -57.12 -14.92 23.61
N TYR C 598 -56.83 -15.36 22.40
CA TYR C 598 -57.61 -14.90 21.26
C TYR C 598 -58.59 -15.95 20.75
N ALA C 599 -58.21 -17.22 20.81
CA ALA C 599 -59.06 -18.30 20.34
C ALA C 599 -59.46 -19.17 21.52
N ASN C 600 -60.51 -18.77 22.22
CA ASN C 600 -60.95 -19.52 23.39
C ASN C 600 -61.62 -20.83 23.02
N GLY C 601 -62.21 -20.93 21.83
CA GLY C 601 -62.89 -22.15 21.43
C GLY C 601 -61.93 -23.29 21.18
N ASN C 602 -62.46 -24.34 20.57
CA ASN C 602 -61.70 -25.56 20.34
C ASN C 602 -60.68 -25.39 19.23
N ASN C 603 -59.63 -24.61 19.48
CA ASN C 603 -58.51 -24.47 18.56
C ASN C 603 -58.96 -23.93 17.20
N ILE C 604 -60.01 -23.12 17.20
CA ILE C 604 -60.48 -22.47 15.99
C ILE C 604 -60.42 -20.97 16.19
N LEU C 605 -59.87 -20.26 15.21
CA LEU C 605 -59.57 -18.84 15.35
C LEU C 605 -60.05 -18.12 14.09
N PRO C 606 -60.94 -17.15 14.20
CA PRO C 606 -61.44 -16.45 13.03
C PRO C 606 -60.47 -15.36 12.59
N ALA C 607 -59.77 -15.60 11.49
CA ALA C 607 -58.66 -14.76 11.09
C ALA C 607 -59.03 -13.90 9.89
N TYR C 608 -58.10 -13.03 9.52
CA TYR C 608 -58.26 -12.10 8.43
C TYR C 608 -56.98 -12.04 7.61
N LEU C 609 -56.49 -13.20 7.19
CA LEU C 609 -55.17 -13.32 6.57
C LEU C 609 -54.91 -12.23 5.54
N PHE C 610 -53.65 -11.80 5.48
CA PHE C 610 -53.17 -10.86 4.49
C PHE C 610 -52.66 -11.62 3.27
N ASP C 611 -53.21 -11.36 2.10
CA ASP C 611 -52.71 -12.04 0.92
C ASP C 611 -51.34 -11.53 0.57
N GLN C 612 -50.48 -12.46 0.15
CA GLN C 612 -49.04 -12.25 0.12
C GLN C 612 -48.64 -10.97 -0.58
N GLU C 613 -49.44 -10.52 -1.54
CA GLU C 613 -49.07 -9.33 -2.30
C GLU C 613 -48.92 -8.12 -1.39
N VAL C 614 -49.72 -8.04 -0.33
CA VAL C 614 -49.66 -6.89 0.56
C VAL C 614 -48.53 -7.03 1.56
N GLU C 615 -48.38 -8.21 2.17
CA GLU C 615 -47.29 -8.41 3.12
C GLU C 615 -45.93 -8.16 2.51
N GLU C 616 -45.84 -7.96 1.19
CA GLU C 616 -44.60 -7.60 0.55
C GLU C 616 -44.50 -6.12 0.25
N LYS C 617 -45.62 -5.45 0.00
CA LYS C 617 -45.58 -4.00 -0.08
C LYS C 617 -45.13 -3.38 1.22
N ILE C 618 -45.54 -3.95 2.35
CA ILE C 618 -45.18 -3.38 3.63
C ILE C 618 -43.77 -3.75 4.03
N ARG C 619 -43.30 -4.93 3.66
CA ARG C 619 -41.94 -5.31 4.01
C ARG C 619 -40.90 -4.53 3.22
N SER C 620 -41.31 -3.70 2.27
CA SER C 620 -40.39 -2.91 1.48
C SER C 620 -40.35 -1.45 1.92
N GLY C 621 -40.90 -1.13 3.08
CA GLY C 621 -40.92 0.23 3.55
C GLY C 621 -40.47 0.40 4.99
N VAL C 622 -39.46 -0.35 5.40
CA VAL C 622 -39.12 -0.44 6.82
C VAL C 622 -38.15 0.64 7.25
N ARG C 623 -37.16 0.99 6.43
CA ARG C 623 -36.29 2.15 6.68
C ARG C 623 -35.58 2.04 8.04
N GLN C 624 -34.70 1.05 8.16
CA GLN C 624 -34.00 0.80 9.42
C GLN C 624 -32.85 1.80 9.56
N THR C 625 -33.15 2.98 10.08
CA THR C 625 -32.19 4.08 10.08
C THR C 625 -31.70 4.48 11.46
N SER C 626 -32.59 4.91 12.35
CA SER C 626 -32.18 5.57 13.58
C SER C 626 -32.85 4.93 14.78
N ALA C 627 -32.80 3.60 14.83
CA ALA C 627 -33.45 2.83 15.88
C ALA C 627 -34.95 3.14 15.95
N GLY C 628 -35.53 3.54 14.82
CA GLY C 628 -36.96 3.75 14.75
C GLY C 628 -37.62 2.82 13.75
N SER C 629 -36.89 2.46 12.69
CA SER C 629 -37.37 1.55 11.66
C SER C 629 -38.77 1.90 11.21
N TYR C 630 -39.09 3.19 11.14
CA TYR C 630 -40.45 3.62 10.84
C TYR C 630 -40.92 3.04 9.52
N LEU C 631 -42.17 2.63 9.48
CA LEU C 631 -42.80 2.27 8.22
C LEU C 631 -43.12 3.56 7.49
N ALA C 632 -42.41 3.81 6.40
CA ALA C 632 -42.61 5.01 5.61
C ALA C 632 -42.85 4.59 4.16
N LEU C 633 -44.11 4.44 3.78
CA LEU C 633 -44.45 4.11 2.39
C LEU C 633 -44.80 5.37 1.60
N ASP C 634 -45.93 5.98 1.94
CA ASP C 634 -46.43 7.20 1.34
C ASP C 634 -47.72 7.53 2.08
N PRO C 635 -48.01 8.80 2.36
CA PRO C 635 -49.36 9.17 2.77
C PRO C 635 -50.42 8.80 1.76
N ALA C 636 -50.05 8.40 0.55
CA ALA C 636 -51.00 7.97 -0.45
C ALA C 636 -51.04 6.46 -0.62
N VAL C 637 -50.05 5.73 -0.12
CA VAL C 637 -50.11 4.29 -0.11
C VAL C 637 -50.74 3.78 1.16
N THR C 638 -50.42 4.40 2.30
CA THR C 638 -51.07 4.04 3.55
C THR C 638 -52.57 4.07 3.41
N GLU C 639 -53.11 5.06 2.71
CA GLU C 639 -54.55 5.09 2.50
C GLU C 639 -54.99 4.05 1.49
N SER C 640 -54.08 3.58 0.64
CA SER C 640 -54.44 2.52 -0.29
C SER C 640 -54.61 1.20 0.44
N LEU C 641 -53.64 0.83 1.27
CA LEU C 641 -53.78 -0.39 2.05
C LEU C 641 -54.90 -0.27 3.05
N LEU C 642 -54.90 0.82 3.83
CA LEU C 642 -55.92 0.98 4.86
C LEU C 642 -57.32 1.03 4.25
N GLU C 643 -57.42 1.23 2.94
CA GLU C 643 -58.72 1.14 2.31
C GLU C 643 -59.05 -0.32 1.97
N GLN C 644 -58.08 -1.05 1.43
CA GLN C 644 -58.31 -2.47 1.15
C GLN C 644 -58.68 -3.22 2.41
N VAL C 645 -58.08 -2.85 3.54
CA VAL C 645 -58.51 -3.43 4.81
C VAL C 645 -59.97 -3.07 5.07
N ARG C 646 -60.25 -1.77 5.17
CA ARG C 646 -61.59 -1.31 5.48
C ARG C 646 -62.62 -1.83 4.49
N LYS C 647 -62.18 -2.26 3.31
CA LYS C 647 -63.11 -2.77 2.31
C LYS C 647 -63.55 -4.19 2.60
N THR C 648 -62.73 -4.98 3.30
CA THR C 648 -63.07 -6.35 3.62
C THR C 648 -63.50 -6.53 5.08
N ILE C 649 -62.68 -6.04 6.01
CA ILE C 649 -63.04 -6.12 7.43
C ILE C 649 -64.34 -5.39 7.69
N GLY C 650 -64.63 -4.34 6.92
CA GLY C 650 -65.83 -3.58 7.16
C GLY C 650 -65.67 -2.72 8.38
N ASP C 651 -66.56 -2.87 9.36
CA ASP C 651 -66.48 -2.12 10.60
C ASP C 651 -66.27 -2.97 11.84
N LEU C 652 -66.53 -4.27 11.74
CA LEU C 652 -66.36 -5.24 12.84
C LEU C 652 -67.11 -4.82 14.09
N SER C 653 -67.95 -3.80 14.02
CA SER C 653 -68.76 -3.45 15.18
C SER C 653 -69.88 -4.47 15.33
N GLN C 654 -70.51 -4.84 14.22
CA GLN C 654 -71.49 -5.91 14.24
C GLN C 654 -70.80 -7.28 14.21
N ILE C 655 -69.61 -7.36 13.60
CA ILE C 655 -68.93 -8.64 13.51
C ILE C 655 -68.60 -9.12 14.90
N GLN C 656 -69.22 -10.22 15.31
CA GLN C 656 -69.05 -10.76 16.63
C GLN C 656 -67.88 -11.74 16.67
N SER C 657 -67.59 -12.22 17.88
CA SER C 657 -66.61 -13.26 18.19
C SER C 657 -65.18 -12.76 18.18
N LYS C 658 -64.94 -11.45 18.14
CA LYS C 658 -63.60 -10.89 18.28
C LYS C 658 -62.61 -11.51 17.31
N PRO C 659 -62.67 -11.18 16.03
CA PRO C 659 -61.71 -11.74 15.09
C PRO C 659 -60.34 -11.11 15.28
N VAL C 660 -59.34 -11.72 14.66
CA VAL C 660 -57.97 -11.23 14.74
C VAL C 660 -57.34 -11.24 13.37
N LEU C 661 -56.57 -10.21 13.07
CA LEU C 661 -55.79 -10.16 11.86
C LEU C 661 -54.55 -11.02 12.04
N ILE C 662 -54.08 -11.64 10.97
CA ILE C 662 -52.97 -12.57 11.05
C ILE C 662 -52.02 -12.26 9.91
N VAL C 663 -50.84 -11.77 10.25
CA VAL C 663 -49.86 -11.34 9.26
C VAL C 663 -48.53 -11.96 9.64
N SER C 664 -47.61 -12.01 8.66
CA SER C 664 -46.29 -12.58 8.90
C SER C 664 -45.63 -11.91 10.09
N MET C 665 -44.60 -12.56 10.62
CA MET C 665 -44.03 -12.13 11.89
C MET C 665 -43.27 -10.82 11.75
N ASP C 666 -42.38 -10.74 10.76
CA ASP C 666 -41.43 -9.64 10.69
C ASP C 666 -42.07 -8.28 10.45
N ILE C 667 -43.37 -8.21 10.17
CA ILE C 667 -44.03 -6.93 10.02
C ILE C 667 -45.25 -6.86 10.92
N ARG C 668 -45.38 -7.81 11.84
CA ARG C 668 -46.54 -7.83 12.72
C ARG C 668 -46.68 -6.52 13.45
N ARG C 669 -45.58 -5.80 13.64
CA ARG C 669 -45.67 -4.55 14.37
C ARG C 669 -46.15 -3.43 13.47
N TYR C 670 -45.53 -3.25 12.32
CA TYR C 670 -45.83 -2.08 11.49
C TYR C 670 -47.27 -2.11 11.01
N VAL C 671 -47.82 -3.30 10.78
CA VAL C 671 -49.25 -3.39 10.49
C VAL C 671 -50.06 -2.94 11.68
N ARG C 672 -49.60 -3.27 12.89
CA ARG C 672 -50.38 -2.93 14.07
C ARG C 672 -50.48 -1.43 14.25
N LYS C 673 -49.34 -0.73 14.25
CA LYS C 673 -49.41 0.71 14.42
C LYS C 673 -49.95 1.42 13.19
N LEU C 674 -50.19 0.69 12.10
CA LEU C 674 -50.82 1.29 10.93
C LEU C 674 -52.33 1.40 11.13
N ILE C 675 -53.00 0.26 11.30
CA ILE C 675 -54.44 0.27 11.52
C ILE C 675 -54.82 0.65 12.94
N GLU C 676 -53.85 0.97 13.79
CA GLU C 676 -54.13 1.32 15.17
C GLU C 676 -55.11 2.47 15.29
N SER C 677 -55.19 3.33 14.28
CA SER C 677 -56.13 4.44 14.33
C SER C 677 -57.55 3.95 14.14
N GLU C 678 -57.81 3.21 13.05
CA GLU C 678 -59.17 2.86 12.71
C GLU C 678 -59.67 1.67 13.50
N TYR C 679 -58.96 0.56 13.44
CA TYR C 679 -59.40 -0.69 14.06
C TYR C 679 -58.57 -0.91 15.32
N TYR C 680 -59.08 -0.44 16.45
CA TYR C 680 -58.34 -0.53 17.68
C TYR C 680 -58.51 -1.87 18.38
N GLY C 681 -59.68 -2.46 18.31
CA GLY C 681 -59.93 -3.72 18.98
C GLY C 681 -59.70 -4.91 18.09
N LEU C 682 -58.87 -4.73 17.06
CA LEU C 682 -58.52 -5.80 16.13
C LEU C 682 -57.09 -6.22 16.38
N PRO C 683 -56.84 -7.19 17.24
CA PRO C 683 -55.46 -7.58 17.52
C PRO C 683 -54.82 -8.18 16.30
N VAL C 684 -53.50 -8.11 16.25
CA VAL C 684 -52.72 -8.67 15.15
C VAL C 684 -51.83 -9.75 15.71
N LEU C 685 -51.76 -10.88 15.02
CA LEU C 685 -50.94 -12.00 15.42
C LEU C 685 -49.87 -12.25 14.36
N SER C 686 -49.14 -13.33 14.56
CA SER C 686 -48.17 -13.80 13.59
C SER C 686 -48.52 -15.21 13.18
N TYR C 687 -47.80 -15.71 12.19
CA TYR C 687 -47.91 -17.14 11.93
C TYR C 687 -47.16 -17.93 12.97
N GLN C 688 -46.14 -17.33 13.56
CA GLN C 688 -45.28 -18.04 14.49
C GLN C 688 -45.93 -18.12 15.87
N GLU C 689 -46.48 -17.01 16.35
CA GLU C 689 -47.17 -17.02 17.62
C GLU C 689 -48.29 -18.04 17.64
N LEU C 690 -48.83 -18.37 16.48
CA LEU C 690 -49.87 -19.38 16.41
C LEU C 690 -49.26 -20.74 16.68
N THR C 691 -49.44 -21.24 17.89
CA THR C 691 -49.08 -22.61 18.17
C THR C 691 -49.78 -23.51 17.17
N GLN C 692 -49.07 -24.55 16.74
CA GLN C 692 -49.71 -25.51 15.87
C GLN C 692 -50.94 -26.09 16.57
N GLN C 693 -51.72 -26.84 15.81
CA GLN C 693 -52.99 -27.38 16.30
C GLN C 693 -53.99 -26.26 16.57
N ILE C 694 -53.99 -25.26 15.71
CA ILE C 694 -54.99 -24.19 15.72
C ILE C 694 -55.61 -24.13 14.34
N ASN C 695 -56.93 -24.22 14.29
CA ASN C 695 -57.65 -24.20 13.02
C ASN C 695 -57.99 -22.76 12.69
N ILE C 696 -57.09 -22.09 11.98
CA ILE C 696 -57.38 -20.77 11.47
C ILE C 696 -58.54 -20.86 10.49
N GLN C 697 -59.62 -20.16 10.78
CA GLN C 697 -60.79 -20.15 9.93
C GLN C 697 -60.89 -18.81 9.22
N PRO C 698 -60.20 -18.64 8.10
CA PRO C 698 -60.08 -17.31 7.49
C PRO C 698 -61.43 -16.71 7.13
N LEU C 699 -61.75 -15.57 7.75
CA LEU C 699 -62.98 -14.88 7.40
C LEU C 699 -62.89 -14.31 6.00
N GLY C 700 -61.81 -13.61 5.69
CA GLY C 700 -61.62 -13.11 4.35
C GLY C 700 -60.24 -12.53 4.12
N ARG C 701 -59.56 -12.95 3.07
CA ARG C 701 -58.19 -12.53 2.83
C ARG C 701 -58.17 -11.10 2.30
N VAL C 702 -57.24 -10.29 2.80
CA VAL C 702 -57.12 -8.89 2.40
C VAL C 702 -56.27 -8.85 1.12
N CYS C 703 -56.93 -8.72 -0.02
CA CYS C 703 -56.24 -8.70 -1.30
C CYS C 703 -55.60 -7.33 -1.47
N LEU C 704 -55.14 -7.03 -2.67
CA LEU C 704 -54.65 -5.70 -2.98
C LEU C 704 -55.56 -5.05 -4.00
N LEU D 361 -7.02 47.15 57.29
CA LEU D 361 -7.64 47.04 55.98
C LEU D 361 -6.94 45.97 55.17
N GLY D 362 -5.94 45.34 55.76
CA GLY D 362 -5.24 44.26 55.11
C GLY D 362 -6.05 43.00 54.92
N GLU D 363 -7.30 42.96 55.40
CA GLU D 363 -8.17 41.83 55.12
C GLU D 363 -8.35 41.69 53.62
N GLN D 364 -8.20 40.46 53.12
CA GLN D 364 -7.95 40.28 51.69
C GLN D 364 -9.09 40.82 50.83
N GLU D 365 -10.23 40.12 50.76
CA GLU D 365 -11.39 40.81 50.20
C GLU D 365 -12.75 40.38 50.79
N ALA D 366 -12.80 39.19 51.40
CA ALA D 366 -14.04 38.70 52.01
C ALA D 366 -15.17 38.58 50.98
N PHE D 367 -14.97 37.67 50.03
CA PHE D 367 -15.97 37.37 49.00
C PHE D 367 -17.37 37.29 49.56
N ALA D 368 -18.31 37.91 48.88
CA ALA D 368 -19.71 37.92 49.29
C ALA D 368 -20.59 37.48 48.14
N MET D 369 -21.37 36.43 48.37
CA MET D 369 -22.15 35.82 47.30
C MET D 369 -23.24 36.75 46.81
N THR D 370 -23.46 36.75 45.49
CA THR D 370 -24.57 37.50 44.93
C THR D 370 -25.90 36.82 45.27
N VAL D 371 -26.95 37.61 45.34
CA VAL D 371 -28.26 37.08 45.70
C VAL D 371 -28.97 36.60 44.44
N PRO D 372 -29.54 35.41 44.45
CA PRO D 372 -30.18 34.88 43.25
C PRO D 372 -31.34 35.73 42.78
N LEU D 373 -32.30 35.98 43.67
CA LEU D 373 -33.43 36.83 43.36
C LEU D 373 -33.55 37.85 44.48
N LEU D 374 -33.99 39.05 44.14
CA LEU D 374 -34.05 40.12 45.11
C LEU D 374 -35.20 41.04 44.76
N ILE D 375 -35.98 41.40 45.77
CA ILE D 375 -37.03 42.41 45.61
C ILE D 375 -36.63 43.60 46.45
N ASP D 376 -36.49 44.74 45.81
CA ASP D 376 -36.20 45.98 46.50
C ASP D 376 -37.37 46.92 46.28
N VAL D 377 -38.19 47.09 47.30
CA VAL D 377 -39.27 48.07 47.27
C VAL D 377 -38.85 49.20 48.19
N ASP D 378 -39.59 50.29 48.17
CA ASP D 378 -39.19 51.46 48.93
C ASP D 378 -39.41 51.22 50.41
N SER D 379 -38.96 52.16 51.22
CA SER D 379 -39.33 52.21 52.63
C SER D 379 -40.73 52.80 52.73
N SER D 380 -41.13 53.20 53.93
CA SER D 380 -42.43 53.79 54.20
C SER D 380 -43.54 52.76 54.08
N GLN D 381 -43.22 51.57 53.61
CA GLN D 381 -44.14 50.44 53.64
C GLN D 381 -43.60 49.27 54.44
N GLN D 382 -42.35 49.34 54.88
CA GLN D 382 -41.72 48.21 55.57
C GLN D 382 -42.55 47.72 56.75
N GLU D 383 -43.46 48.56 57.23
CA GLU D 383 -44.46 48.16 58.21
C GLU D 383 -45.87 48.49 57.75
N ALA D 384 -46.01 49.33 56.73
CA ALA D 384 -47.31 49.70 56.19
C ALA D 384 -47.81 48.72 55.14
N LEU D 385 -46.93 48.20 54.28
CA LEU D 385 -47.45 47.24 53.32
C LEU D 385 -47.68 45.91 54.02
N GLU D 386 -46.61 45.12 54.21
CA GLU D 386 -46.27 44.35 55.41
C GLU D 386 -47.45 43.76 56.18
N ALA D 387 -48.66 43.87 55.64
CA ALA D 387 -49.84 43.54 56.41
C ALA D 387 -50.90 42.84 55.59
N ILE D 388 -50.66 42.54 54.32
CA ILE D 388 -51.55 41.59 53.68
C ILE D 388 -50.96 40.22 53.97
N ALA D 389 -49.87 39.87 53.31
CA ALA D 389 -48.84 39.05 53.95
C ALA D 389 -47.46 39.61 53.65
N LEU D 390 -47.14 39.70 52.37
CA LEU D 390 -45.83 40.09 51.84
C LEU D 390 -44.70 39.25 52.42
N ASN D 391 -45.05 38.19 53.13
CA ASN D 391 -44.15 37.08 53.37
C ASN D 391 -44.86 35.76 53.22
N ASP D 392 -46.18 35.76 53.09
CA ASP D 392 -46.96 34.62 52.70
C ASP D 392 -47.76 34.89 51.43
N GLU D 393 -47.55 36.02 50.78
CA GLU D 393 -48.11 36.25 49.46
C GLU D 393 -47.05 36.07 48.38
N LEU D 394 -45.78 36.10 48.77
CA LEU D 394 -44.72 35.72 47.84
C LEU D 394 -44.51 34.20 47.88
N VAL D 395 -44.33 33.64 49.08
CA VAL D 395 -44.11 32.20 49.17
C VAL D 395 -45.31 31.44 48.63
N ARG D 396 -46.49 32.07 48.62
CA ARG D 396 -47.64 31.41 48.02
C ARG D 396 -47.54 31.41 46.50
N VAL D 397 -47.13 32.53 45.91
CA VAL D 397 -47.04 32.57 44.46
C VAL D 397 -45.76 31.94 43.98
N ARG D 398 -44.78 31.74 44.86
CA ARG D 398 -43.61 30.99 44.45
C ARG D 398 -43.91 29.51 44.39
N ARG D 399 -44.56 28.97 45.43
CA ARG D 399 -44.98 27.58 45.38
C ARG D 399 -46.00 27.36 44.27
N ALA D 400 -47.03 28.20 44.20
CA ALA D 400 -48.06 28.01 43.20
C ALA D 400 -47.47 28.10 41.80
N LEU D 401 -46.34 28.78 41.66
CA LEU D 401 -45.67 28.81 40.36
C LEU D 401 -44.71 27.65 40.21
N TYR D 402 -44.22 27.10 41.32
CA TYR D 402 -43.38 25.93 41.22
C TYR D 402 -44.18 24.73 40.74
N LEU D 403 -45.34 24.49 41.36
CA LEU D 403 -46.20 23.39 40.92
C LEU D 403 -46.70 23.58 39.50
N ASP D 404 -46.39 24.71 38.86
CA ASP D 404 -46.80 24.90 37.48
C ASP D 404 -45.68 24.54 36.53
N LEU D 405 -44.49 25.08 36.78
CA LEU D 405 -43.31 24.86 35.95
C LEU D 405 -42.45 23.72 36.45
N GLY D 406 -42.18 23.66 37.74
CA GLY D 406 -41.35 22.63 38.30
C GLY D 406 -39.96 23.05 38.64
N VAL D 407 -39.55 24.24 38.24
CA VAL D 407 -38.20 24.73 38.51
C VAL D 407 -38.03 24.90 40.02
N PRO D 408 -36.94 24.47 40.59
CA PRO D 408 -36.73 24.71 42.04
C PRO D 408 -36.26 26.13 42.27
N PHE D 409 -37.22 27.05 42.35
CA PHE D 409 -36.91 28.46 42.41
C PHE D 409 -36.10 28.79 43.65
N PRO D 410 -35.36 29.89 43.63
CA PRO D 410 -34.52 30.22 44.77
C PRO D 410 -35.27 31.00 45.83
N GLY D 411 -34.57 31.43 46.87
CA GLY D 411 -35.21 32.16 47.95
C GLY D 411 -35.29 33.63 47.63
N ILE D 412 -36.49 34.18 47.71
CA ILE D 412 -36.71 35.58 47.39
C ILE D 412 -36.36 36.42 48.61
N HIS D 413 -35.22 37.09 48.56
CA HIS D 413 -34.91 38.06 49.60
C HIS D 413 -35.78 39.29 49.41
N LEU D 414 -36.27 39.83 50.51
CA LEU D 414 -37.12 41.01 50.50
C LEU D 414 -36.45 42.10 51.32
N ARG D 415 -36.11 43.20 50.68
CA ARG D 415 -35.42 44.31 51.33
C ARG D 415 -36.19 45.59 51.08
N PHE D 416 -36.57 46.25 52.16
CA PHE D 416 -37.18 47.58 52.09
C PHE D 416 -36.07 48.61 52.12
N ASN D 417 -35.79 49.20 50.96
CA ASN D 417 -34.75 50.22 50.82
C ASN D 417 -35.37 51.59 50.95
N GLU D 418 -34.64 52.50 51.58
CA GLU D 418 -35.07 53.89 51.66
C GLU D 418 -34.47 54.74 50.56
N GLY D 419 -33.42 54.26 49.89
CA GLY D 419 -32.73 55.07 48.91
C GLY D 419 -33.60 55.48 47.73
N MET D 420 -34.64 54.71 47.44
CA MET D 420 -35.51 55.02 46.33
C MET D 420 -36.64 55.95 46.79
N GLY D 421 -37.66 56.11 45.95
CA GLY D 421 -38.77 57.00 46.27
C GLY D 421 -39.73 56.40 47.28
N GLU D 422 -41.03 56.57 47.06
CA GLU D 422 -42.02 56.01 47.96
C GLU D 422 -42.97 55.04 47.28
N GLY D 423 -43.03 55.02 45.96
CA GLY D 423 -43.84 54.03 45.27
C GLY D 423 -43.01 53.19 44.31
N GLU D 424 -41.69 53.30 44.40
CA GLU D 424 -40.80 52.57 43.52
C GLU D 424 -40.59 51.16 44.03
N TYR D 425 -40.26 50.26 43.12
CA TYR D 425 -39.90 48.90 43.46
C TYR D 425 -39.21 48.27 42.26
N LEU D 426 -38.10 47.59 42.51
CA LEU D 426 -37.37 46.90 41.46
C LEU D 426 -37.17 45.46 41.88
N ILE D 427 -37.31 44.57 40.91
CA ILE D 427 -37.13 43.13 41.12
C ILE D 427 -35.86 42.76 40.38
N SER D 428 -34.80 42.46 41.12
CA SER D 428 -33.49 42.30 40.54
C SER D 428 -33.07 40.83 40.55
N LEU D 429 -32.91 40.25 39.37
CA LEU D 429 -32.27 38.94 39.26
C LEU D 429 -30.76 39.14 39.30
N GLN D 430 -30.12 38.72 40.38
CA GLN D 430 -28.67 38.73 40.45
C GLN D 430 -28.12 40.13 40.20
N GLU D 431 -28.70 41.10 40.90
CA GLU D 431 -28.21 42.48 40.94
C GLU D 431 -28.30 43.18 39.59
N VAL D 432 -29.35 42.91 38.82
CA VAL D 432 -29.64 43.75 37.66
C VAL D 432 -31.16 43.90 37.54
N PRO D 433 -31.70 45.05 37.92
CA PRO D 433 -33.16 45.22 37.97
C PRO D 433 -33.83 44.84 36.67
N VAL D 434 -34.65 43.80 36.74
CA VAL D 434 -35.27 43.25 35.53
C VAL D 434 -36.69 43.73 35.32
N ALA D 435 -37.38 44.17 36.36
CA ALA D 435 -38.70 44.76 36.19
C ALA D 435 -38.91 45.77 37.31
N ARG D 436 -38.60 47.02 37.03
CA ARG D 436 -38.78 48.08 38.00
C ARG D 436 -40.15 48.70 37.82
N GLY D 437 -40.57 49.46 38.83
CA GLY D 437 -41.84 50.13 38.75
C GLY D 437 -42.01 51.13 39.86
N GLU D 438 -42.69 52.23 39.56
CA GLU D 438 -43.10 53.20 40.55
C GLU D 438 -44.60 53.02 40.71
N LEU D 439 -44.99 52.20 41.67
CA LEU D 439 -46.41 51.91 41.85
C LEU D 439 -47.11 53.17 42.31
N LYS D 440 -47.82 53.82 41.38
CA LYS D 440 -48.58 55.02 41.73
C LYS D 440 -49.83 54.67 42.54
N ALA D 441 -49.95 53.40 42.93
CA ALA D 441 -50.78 53.01 44.05
C ALA D 441 -50.05 53.37 45.34
N GLY D 442 -49.02 54.21 45.22
CA GLY D 442 -48.20 54.65 46.33
C GLY D 442 -48.99 54.87 47.59
N TYR D 443 -50.01 55.73 47.54
CA TYR D 443 -50.85 55.91 48.72
C TYR D 443 -51.91 54.80 48.80
N LEU D 444 -52.89 54.85 47.89
CA LEU D 444 -53.82 53.77 47.62
C LEU D 444 -54.52 54.07 46.31
N LEU D 445 -54.14 53.39 45.23
CA LEU D 445 -54.72 53.69 43.94
C LEU D 445 -54.92 52.39 43.16
N VAL D 446 -55.52 51.39 43.81
CA VAL D 446 -55.61 50.03 43.29
C VAL D 446 -55.94 50.04 41.80
N ARG D 447 -55.08 49.42 41.00
CA ARG D 447 -55.10 49.63 39.57
C ARG D 447 -56.22 48.83 38.92
N GLU D 448 -56.30 48.93 37.60
CA GLU D 448 -57.26 48.18 36.81
C GLU D 448 -56.58 47.70 35.54
N SER D 449 -56.67 46.40 35.28
CA SER D 449 -55.94 45.76 34.19
C SER D 449 -56.68 45.82 32.86
N VAL D 450 -58.00 45.68 32.87
CA VAL D 450 -58.77 45.62 31.64
C VAL D 450 -59.46 46.97 31.48
N SER D 451 -58.81 48.02 31.97
CA SER D 451 -59.31 49.39 31.83
C SER D 451 -59.69 49.68 30.39
N GLN D 452 -60.81 50.38 30.21
CA GLN D 452 -61.41 50.56 28.91
C GLN D 452 -62.31 51.79 29.01
N LEU D 453 -63.09 52.06 27.97
CA LEU D 453 -64.11 53.08 28.11
C LEU D 453 -65.18 52.66 29.10
N GLU D 454 -65.17 51.38 29.52
CA GLU D 454 -66.07 50.95 30.57
C GLU D 454 -65.78 51.67 31.88
N LEU D 455 -64.51 52.01 32.13
CA LEU D 455 -64.19 52.89 33.23
C LEU D 455 -64.52 54.36 32.93
N LEU D 456 -65.00 54.65 31.73
CA LEU D 456 -65.69 55.91 31.48
C LEU D 456 -67.19 55.74 31.58
N GLY D 457 -67.72 54.59 31.18
CA GLY D 457 -69.09 54.26 31.52
C GLY D 457 -69.27 54.10 33.02
N ILE D 458 -68.26 53.52 33.67
CA ILE D 458 -68.18 53.48 35.13
C ILE D 458 -67.23 54.64 35.47
N PRO D 459 -67.74 55.85 35.64
CA PRO D 459 -66.97 57.06 35.27
C PRO D 459 -65.82 57.41 36.20
N TYR D 460 -65.47 56.57 37.16
CA TYR D 460 -64.54 56.99 38.21
C TYR D 460 -63.18 57.34 37.62
N GLU D 461 -62.60 58.42 38.14
CA GLU D 461 -61.44 59.03 37.52
C GLU D 461 -60.30 58.03 37.37
N LYS D 462 -59.46 58.26 36.37
CA LYS D 462 -58.42 57.34 35.99
C LYS D 462 -57.04 57.93 36.24
N GLY D 463 -56.03 57.08 36.12
CA GLY D 463 -54.65 57.50 36.08
C GLY D 463 -53.92 56.76 34.99
N GLU D 464 -53.35 57.47 34.02
CA GLU D 464 -52.84 56.80 32.83
C GLU D 464 -51.46 56.20 33.06
N HIS D 465 -51.25 55.03 32.45
CA HIS D 465 -49.96 54.36 32.42
C HIS D 465 -50.07 53.20 31.43
N LEU D 466 -48.93 52.57 31.17
CA LEU D 466 -48.84 51.38 30.33
C LEU D 466 -48.07 50.30 31.09
N LEU D 467 -48.46 50.09 32.35
CA LEU D 467 -47.91 49.02 33.17
C LEU D 467 -48.12 47.75 32.33
N PRO D 468 -47.19 46.79 32.38
CA PRO D 468 -46.86 46.06 31.16
C PRO D 468 -47.99 45.39 30.39
N ASP D 469 -48.68 44.40 30.96
CA ASP D 469 -49.33 43.40 30.14
C ASP D 469 -50.69 43.80 29.61
N GLN D 470 -51.51 44.49 30.38
CA GLN D 470 -52.79 44.98 29.91
C GLN D 470 -52.88 46.46 30.25
N GLU D 471 -53.83 47.14 29.63
CA GLU D 471 -53.92 48.58 29.83
C GLU D 471 -54.26 48.89 31.27
N THR D 472 -53.30 49.49 31.98
CA THR D 472 -53.42 49.77 33.40
C THR D 472 -53.93 51.18 33.62
N PHE D 473 -55.04 51.30 34.30
CA PHE D 473 -55.53 52.59 34.76
C PHE D 473 -55.91 52.44 36.22
N TRP D 474 -55.74 53.51 36.97
CA TRP D 474 -55.79 53.45 38.42
C TRP D 474 -57.01 54.21 38.94
N VAL D 475 -57.64 53.65 39.97
CA VAL D 475 -58.74 54.27 40.69
C VAL D 475 -58.46 54.15 42.18
N SER D 476 -59.12 54.99 42.96
CA SER D 476 -58.86 55.04 44.39
C SER D 476 -59.69 53.98 45.11
N VAL D 477 -59.67 54.02 46.44
CA VAL D 477 -60.25 52.95 47.24
C VAL D 477 -61.70 53.21 47.63
N GLU D 478 -62.18 54.45 47.48
CA GLU D 478 -63.62 54.68 47.51
C GLU D 478 -64.23 54.30 46.18
N TYR D 479 -63.48 54.50 45.09
CA TYR D 479 -63.94 54.07 43.77
C TYR D 479 -63.93 52.56 43.65
N GLU D 480 -63.11 51.88 44.46
CA GLU D 480 -63.01 50.43 44.39
C GLU D 480 -64.33 49.77 44.72
N GLU D 481 -65.03 50.25 45.74
CA GLU D 481 -66.28 49.62 46.17
C GLU D 481 -67.27 49.53 45.02
N ARG D 482 -67.33 50.56 44.19
CA ARG D 482 -68.31 50.58 43.11
C ARG D 482 -67.82 49.85 41.87
N LEU D 483 -66.53 49.92 41.57
CA LEU D 483 -66.01 49.19 40.42
C LEU D 483 -65.88 47.70 40.71
N GLU D 484 -65.70 47.31 41.97
CA GLU D 484 -65.76 45.88 42.28
C GLU D 484 -67.18 45.34 42.14
N LYS D 485 -68.18 46.21 42.31
CA LYS D 485 -69.53 45.83 41.91
C LYS D 485 -69.60 45.62 40.40
N SER D 486 -68.93 46.48 39.64
CA SER D 486 -68.92 46.40 38.18
C SER D 486 -68.03 45.28 37.67
N GLN D 487 -67.27 44.63 38.54
CA GLN D 487 -66.51 43.41 38.19
C GLN D 487 -65.46 43.60 37.11
N LEU D 488 -64.42 44.38 37.40
CA LEU D 488 -63.21 44.37 36.60
C LEU D 488 -62.02 43.99 37.49
N GLU D 489 -60.84 43.89 36.87
CA GLU D 489 -59.70 43.29 37.57
C GLU D 489 -59.03 44.29 38.51
N PHE D 490 -58.97 43.92 39.80
CA PHE D 490 -58.38 44.72 40.85
C PHE D 490 -57.07 44.12 41.30
N PHE D 491 -56.05 44.95 41.44
CA PHE D 491 -54.75 44.53 41.90
C PHE D 491 -54.40 45.32 43.14
N SER D 492 -54.43 44.66 44.29
CA SER D 492 -54.00 45.30 45.52
C SER D 492 -52.51 45.51 45.50
N HIS D 493 -51.97 45.97 46.63
CA HIS D 493 -50.53 46.19 46.69
C HIS D 493 -49.75 44.88 46.71
N SER D 494 -50.35 43.80 47.18
CA SER D 494 -49.74 42.51 46.96
C SER D 494 -49.80 42.12 45.50
N GLN D 495 -51.00 42.14 44.92
CA GLN D 495 -51.21 41.55 43.60
C GLN D 495 -50.52 42.37 42.51
N VAL D 496 -50.23 43.64 42.77
CA VAL D 496 -49.46 44.38 41.79
C VAL D 496 -48.00 43.98 41.87
N LEU D 497 -47.56 43.58 43.06
CA LEU D 497 -46.17 43.18 43.23
C LEU D 497 -45.93 41.78 42.71
N THR D 498 -46.62 40.79 43.30
CA THR D 498 -46.40 39.41 42.91
C THR D 498 -46.66 39.17 41.44
N TRP D 499 -47.58 39.92 40.84
CA TRP D 499 -47.87 39.66 39.43
C TRP D 499 -46.62 39.80 38.59
N HIS D 500 -45.87 40.89 38.74
CA HIS D 500 -44.61 40.98 38.04
C HIS D 500 -43.66 39.87 38.44
N LEU D 501 -43.65 39.51 39.72
CA LEU D 501 -42.84 38.36 40.13
C LEU D 501 -43.25 37.12 39.36
N SER D 502 -44.52 36.72 39.51
CA SER D 502 -44.99 35.54 38.80
C SER D 502 -44.89 35.71 37.30
N HIS D 503 -44.54 36.89 36.84
CA HIS D 503 -44.21 37.06 35.44
C HIS D 503 -42.70 37.07 35.22
N VAL D 504 -41.93 37.44 36.24
CA VAL D 504 -40.48 37.42 36.10
C VAL D 504 -39.97 36.00 36.08
N LEU D 505 -40.47 35.17 37.00
CA LEU D 505 -40.04 33.78 37.02
C LEU D 505 -40.45 33.06 35.75
N ARG D 506 -41.70 33.21 35.33
CA ARG D 506 -42.15 32.47 34.17
C ARG D 506 -41.39 32.83 32.91
N GLU D 507 -40.72 33.97 32.89
CA GLU D 507 -39.97 34.36 31.71
C GLU D 507 -38.46 34.22 31.88
N TYR D 508 -37.98 34.13 33.10
CA TYR D 508 -36.56 33.92 33.37
C TYR D 508 -36.35 32.59 34.09
N ALA D 509 -37.18 31.60 33.77
CA ALA D 509 -37.00 30.27 34.30
C ALA D 509 -35.94 29.49 33.55
N GLU D 510 -35.34 30.05 32.52
CA GLU D 510 -34.17 29.42 31.93
C GLU D 510 -32.91 29.70 32.71
N ASP D 511 -32.97 30.54 33.73
CA ASP D 511 -31.79 30.95 34.47
C ASP D 511 -31.73 30.35 35.85
N PHE D 512 -32.77 29.66 36.28
CA PHE D 512 -32.79 29.01 37.57
C PHE D 512 -32.58 27.51 37.48
N ILE D 513 -32.39 26.97 36.28
CA ILE D 513 -32.10 25.56 36.16
C ILE D 513 -30.67 25.41 35.69
N GLY D 514 -29.74 25.34 36.64
CA GLY D 514 -28.35 25.14 36.34
C GLY D 514 -27.87 23.80 36.87
N ILE D 515 -26.67 23.44 36.47
CA ILE D 515 -26.12 22.15 36.85
C ILE D 515 -26.19 21.95 38.35
N GLN D 516 -26.28 23.04 39.11
CA GLN D 516 -26.43 22.88 40.55
C GLN D 516 -27.88 22.63 40.92
N GLU D 517 -28.82 22.93 40.03
CA GLU D 517 -30.22 22.79 40.41
C GLU D 517 -30.80 21.47 39.91
N THR D 518 -30.31 20.94 38.79
CA THR D 518 -30.77 19.61 38.42
C THR D 518 -30.17 18.56 39.32
N ARG D 519 -28.91 18.71 39.72
CA ARG D 519 -28.35 17.79 40.69
C ARG D 519 -29.09 17.89 42.01
N TYR D 520 -29.92 18.90 42.18
CA TYR D 520 -30.83 18.90 43.32
C TYR D 520 -32.01 17.99 43.08
N LEU D 521 -32.52 17.97 41.84
CA LEU D 521 -33.61 17.07 41.50
C LEU D 521 -33.14 15.62 41.49
N LEU D 522 -32.01 15.36 40.84
CA LEU D 522 -31.48 14.01 40.77
C LEU D 522 -30.95 13.52 42.10
N GLU D 523 -30.96 14.35 43.13
CA GLU D 523 -30.73 13.84 44.47
C GLU D 523 -32.04 13.68 45.22
N GLN D 524 -32.95 14.63 45.06
CA GLN D 524 -34.23 14.53 45.71
C GLN D 524 -35.05 13.35 45.21
N MET D 525 -34.71 12.81 44.04
CA MET D 525 -35.42 11.66 43.49
C MET D 525 -34.68 10.36 43.70
N GLU D 526 -33.51 10.39 44.34
CA GLU D 526 -32.77 9.16 44.57
C GLU D 526 -33.63 8.14 45.31
N GLY D 527 -34.34 8.58 46.34
CA GLY D 527 -35.18 7.70 47.11
C GLY D 527 -36.23 7.02 46.26
N GLY D 528 -37.07 7.79 45.60
CA GLY D 528 -38.11 7.24 44.77
C GLY D 528 -37.58 6.36 43.66
N TYR D 529 -36.82 6.94 42.73
CA TYR D 529 -36.35 6.22 41.55
C TYR D 529 -34.83 6.08 41.65
N GLY D 530 -34.39 5.02 42.32
CA GLY D 530 -32.98 4.78 42.43
C GLY D 530 -32.36 4.35 41.12
N GLU D 531 -32.82 3.23 40.58
CA GLU D 531 -32.15 2.66 39.43
C GLU D 531 -32.42 3.46 38.16
N LEU D 532 -33.40 4.34 38.18
CA LEU D 532 -33.62 5.21 37.04
C LEU D 532 -32.51 6.24 36.93
N ILE D 533 -32.13 6.84 38.05
CA ILE D 533 -31.13 7.89 38.04
C ILE D 533 -29.75 7.32 37.81
N LYS D 534 -29.42 6.21 38.48
CA LYS D 534 -28.12 5.60 38.27
C LYS D 534 -27.95 5.10 36.84
N GLU D 535 -29.04 5.03 36.09
CA GLU D 535 -28.98 4.67 34.67
C GLU D 535 -28.91 5.90 33.80
N VAL D 536 -29.60 6.98 34.17
CA VAL D 536 -29.60 8.15 33.31
C VAL D 536 -28.30 8.91 33.43
N GLN D 537 -27.67 8.89 34.60
CA GLN D 537 -26.44 9.66 34.78
C GLN D 537 -25.30 9.11 33.94
N ARG D 538 -25.28 7.81 33.68
CA ARG D 538 -24.23 7.22 32.87
C ARG D 538 -24.48 7.39 31.38
N ILE D 539 -25.70 7.72 30.99
CA ILE D 539 -26.02 7.89 29.58
C ILE D 539 -25.88 9.33 29.16
N VAL D 540 -26.48 10.25 29.89
CA VAL D 540 -26.39 11.68 29.60
C VAL D 540 -25.65 12.37 30.73
N PRO D 541 -24.55 13.06 30.46
CA PRO D 541 -23.86 13.81 31.51
C PRO D 541 -24.74 14.94 32.02
N LEU D 542 -24.38 15.45 33.20
CA LEU D 542 -25.20 16.50 33.80
C LEU D 542 -25.28 17.73 32.93
N GLN D 543 -24.21 18.06 32.20
CA GLN D 543 -24.32 19.19 31.31
C GLN D 543 -25.39 18.95 30.25
N ARG D 544 -25.42 17.76 29.69
CA ARG D 544 -26.34 17.50 28.58
C ARG D 544 -27.77 17.38 29.07
N MET D 545 -27.96 16.76 30.23
CA MET D 545 -29.31 16.63 30.75
C MET D 545 -29.85 17.98 31.17
N THR D 546 -28.99 18.87 31.66
CA THR D 546 -29.46 20.19 32.04
C THR D 546 -29.73 21.06 30.83
N GLU D 547 -28.90 20.94 29.79
CA GLU D 547 -29.16 21.70 28.58
C GLU D 547 -30.48 21.31 27.94
N ILE D 548 -31.10 20.23 28.43
CA ILE D 548 -32.45 19.90 28.00
C ILE D 548 -33.47 20.57 28.90
N LEU D 549 -33.33 20.40 30.22
CA LEU D 549 -34.30 20.95 31.13
C LEU D 549 -34.46 22.46 30.94
N GLN D 550 -33.41 23.13 30.50
CA GLN D 550 -33.58 24.53 30.15
C GLN D 550 -34.38 24.69 28.87
N ARG D 551 -34.26 23.73 27.95
CA ARG D 551 -34.95 23.88 26.68
C ARG D 551 -36.42 23.52 26.79
N LEU D 552 -36.80 22.72 27.77
CA LEU D 552 -38.22 22.52 28.02
C LEU D 552 -38.83 23.77 28.64
N VAL D 553 -38.35 24.15 29.82
CA VAL D 553 -38.91 25.30 30.50
C VAL D 553 -38.83 26.55 29.67
N GLY D 554 -38.06 26.53 28.58
CA GLY D 554 -38.09 27.64 27.66
C GLY D 554 -39.40 27.75 26.91
N GLU D 555 -39.99 26.62 26.52
CA GLU D 555 -41.26 26.60 25.85
C GLU D 555 -42.44 26.54 26.81
N ASP D 556 -42.20 26.83 28.08
CA ASP D 556 -43.20 26.77 29.15
C ASP D 556 -43.71 25.36 29.41
N ILE D 557 -43.13 24.35 28.77
CA ILE D 557 -43.38 22.98 29.19
C ILE D 557 -42.96 22.82 30.64
N SER D 558 -43.61 21.93 31.35
CA SER D 558 -43.42 21.78 32.78
C SER D 558 -42.52 20.59 33.07
N ILE D 559 -41.36 20.86 33.65
CA ILE D 559 -40.48 19.80 34.13
C ILE D 559 -41.21 18.85 35.07
N ARG D 560 -42.22 19.36 35.78
CA ARG D 560 -42.78 18.74 36.96
C ARG D 560 -42.82 17.22 36.89
N ASN D 561 -43.26 16.68 35.76
CA ASN D 561 -43.31 15.24 35.54
C ASN D 561 -41.90 14.73 35.32
N MET D 562 -41.17 14.55 36.41
CA MET D 562 -39.75 14.29 36.26
C MET D 562 -39.44 12.85 35.91
N ARG D 563 -40.37 11.92 36.13
CA ARG D 563 -40.09 10.55 35.75
C ARG D 563 -40.08 10.39 34.24
N SER D 564 -41.21 10.66 33.59
CA SER D 564 -41.30 10.40 32.16
C SER D 564 -40.43 11.33 31.34
N ILE D 565 -39.72 12.25 32.00
CA ILE D 565 -38.67 12.97 31.31
C ILE D 565 -37.37 12.18 31.37
N LEU D 566 -37.22 11.35 32.40
CA LEU D 566 -36.02 10.53 32.47
C LEU D 566 -36.19 9.23 31.72
N GLU D 567 -37.39 8.65 31.71
CA GLU D 567 -37.64 7.50 30.84
C GLU D 567 -37.29 7.85 29.40
N ALA D 568 -37.79 8.97 28.91
CA ALA D 568 -37.47 9.39 27.55
C ALA D 568 -36.07 9.93 27.46
N MET D 569 -35.41 10.19 28.58
CA MET D 569 -34.02 10.59 28.54
C MET D 569 -33.13 9.38 28.32
N VAL D 570 -33.42 8.29 29.04
CA VAL D 570 -32.67 7.06 28.87
C VAL D 570 -32.88 6.49 27.48
N GLU D 571 -34.12 6.45 27.03
CA GLU D 571 -34.45 5.83 25.76
C GLU D 571 -33.70 6.48 24.61
N TRP D 572 -33.72 7.81 24.54
CA TRP D 572 -33.18 8.50 23.39
C TRP D 572 -31.77 9.02 23.58
N GLY D 573 -31.27 9.07 24.81
CA GLY D 573 -29.93 9.58 25.02
C GLY D 573 -28.84 8.74 24.41
N GLN D 574 -29.17 7.55 23.96
CA GLN D 574 -28.24 6.65 23.31
C GLN D 574 -28.29 6.77 21.79
N LYS D 575 -29.48 6.99 21.24
CA LYS D 575 -29.64 7.08 19.80
C LYS D 575 -29.36 8.49 19.30
N GLU D 576 -29.99 9.49 19.88
CA GLU D 576 -29.83 10.86 19.41
C GLU D 576 -28.78 11.59 20.24
N LYS D 577 -28.05 12.50 19.60
CA LYS D 577 -26.99 13.24 20.26
C LYS D 577 -27.06 14.74 20.08
N ASP D 578 -27.77 15.25 19.08
CA ASP D 578 -27.99 16.68 18.96
C ASP D 578 -29.08 17.09 19.92
N VAL D 579 -28.76 18.03 20.83
CA VAL D 579 -29.68 18.38 21.90
C VAL D 579 -31.05 18.75 21.34
N VAL D 580 -31.07 19.55 20.28
CA VAL D 580 -32.34 20.04 19.76
C VAL D 580 -33.19 18.88 19.26
N GLN D 581 -32.56 17.84 18.72
CA GLN D 581 -33.33 16.65 18.36
C GLN D 581 -33.79 15.91 19.59
N LEU D 582 -32.87 15.71 20.54
CA LEU D 582 -33.21 14.97 21.74
C LEU D 582 -34.37 15.62 22.47
N THR D 583 -34.42 16.95 22.50
CA THR D 583 -35.53 17.57 23.23
C THR D 583 -36.83 17.46 22.45
N GLU D 584 -36.77 17.37 21.12
CA GLU D 584 -37.99 17.14 20.38
C GLU D 584 -38.49 15.72 20.55
N TYR D 585 -37.59 14.79 20.85
CA TYR D 585 -38.05 13.46 21.21
C TYR D 585 -38.57 13.42 22.63
N ILE D 586 -38.06 14.28 23.51
CA ILE D 586 -38.49 14.24 24.89
C ILE D 586 -39.84 14.93 25.07
N ARG D 587 -40.08 16.02 24.35
CA ARG D 587 -41.42 16.59 24.34
C ARG D 587 -42.45 15.57 23.88
N SER D 588 -42.09 14.75 22.90
CA SER D 588 -42.96 13.68 22.42
C SER D 588 -43.25 12.63 23.46
N SER D 589 -42.61 12.67 24.62
CA SER D 589 -42.95 11.77 25.70
C SER D 589 -44.00 12.34 26.63
N LEU D 590 -44.21 13.66 26.60
CA LEU D 590 -45.27 14.30 27.35
C LEU D 590 -46.51 14.50 26.51
N LYS D 591 -46.78 13.59 25.58
CA LYS D 591 -47.88 13.75 24.63
C LYS D 591 -49.16 14.17 25.31
N ARG D 592 -49.71 13.31 26.16
CA ARG D 592 -51.01 13.60 26.71
C ARG D 592 -50.97 14.69 27.76
N TYR D 593 -49.82 15.33 27.95
CA TYR D 593 -49.82 16.55 28.74
C TYR D 593 -50.10 17.76 27.87
N ILE D 594 -49.36 17.88 26.78
CA ILE D 594 -49.51 19.05 25.91
C ILE D 594 -50.93 19.16 25.39
N CYS D 595 -51.50 18.04 24.94
CA CYS D 595 -52.91 18.01 24.57
C CYS D 595 -53.80 18.66 25.61
N TYR D 596 -53.37 18.67 26.86
CA TYR D 596 -54.14 19.33 27.91
C TYR D 596 -53.67 20.74 28.21
N LYS D 597 -52.47 21.11 27.78
CA LYS D 597 -52.05 22.48 28.02
C LYS D 597 -52.57 23.43 26.95
N TYR D 598 -52.65 22.98 25.70
CA TYR D 598 -53.00 23.90 24.64
C TYR D 598 -54.43 23.75 24.17
N ALA D 599 -54.95 22.53 24.16
CA ALA D 599 -56.32 22.27 23.71
C ALA D 599 -57.13 21.79 24.89
N ASN D 600 -57.66 22.71 25.67
CA ASN D 600 -58.45 22.35 26.84
C ASN D 600 -59.82 21.79 26.48
N GLY D 601 -60.37 22.16 25.32
CA GLY D 601 -61.68 21.68 24.94
C GLY D 601 -61.68 20.20 24.60
N ASN D 602 -62.78 19.78 23.98
CA ASN D 602 -62.98 18.36 23.68
C ASN D 602 -62.12 17.93 22.50
N ASN D 603 -60.81 17.84 22.72
CA ASN D 603 -59.89 17.28 21.72
C ASN D 603 -59.93 18.08 20.43
N ILE D 604 -60.22 19.37 20.51
CA ILE D 604 -60.21 20.25 19.35
C ILE D 604 -59.20 21.34 19.59
N LEU D 605 -58.36 21.61 18.60
CA LEU D 605 -57.21 22.50 18.75
C LEU D 605 -57.16 23.43 17.55
N PRO D 606 -57.22 24.74 17.75
CA PRO D 606 -57.18 25.67 16.62
C PRO D 606 -55.76 25.92 16.15
N ALA D 607 -55.42 25.36 15.01
CA ALA D 607 -54.04 25.32 14.55
C ALA D 607 -53.81 26.30 13.42
N TYR D 608 -52.55 26.39 13.02
CA TYR D 608 -52.11 27.28 11.95
C TYR D 608 -51.12 26.56 11.06
N LEU D 609 -51.49 25.38 10.58
CA LEU D 609 -50.58 24.50 9.87
C LEU D 609 -49.70 25.22 8.86
N PHE D 610 -48.47 24.76 8.73
CA PHE D 610 -47.53 25.23 7.74
C PHE D 610 -47.66 24.41 6.47
N ASP D 611 -47.96 25.04 5.35
CA ASP D 611 -48.04 24.27 4.11
C ASP D 611 -46.67 23.80 3.69
N GLN D 612 -46.62 22.57 3.19
CA GLN D 612 -45.38 21.82 3.08
C GLN D 612 -44.28 22.59 2.38
N GLU D 613 -44.63 23.51 1.48
CA GLU D 613 -43.61 24.24 0.74
C GLU D 613 -42.69 25.01 1.67
N VAL D 614 -43.23 25.52 2.79
CA VAL D 614 -42.42 26.32 3.71
C VAL D 614 -41.60 25.41 4.62
N GLU D 615 -42.22 24.38 5.19
CA GLU D 615 -41.49 23.47 6.05
C GLU D 615 -40.29 22.83 5.38
N GLU D 616 -40.15 23.01 4.06
CA GLU D 616 -38.98 22.53 3.35
C GLU D 616 -37.97 23.64 3.08
N LYS D 617 -38.41 24.88 2.93
CA LYS D 617 -37.46 25.97 2.88
C LYS D 617 -36.67 26.08 4.17
N ILE D 618 -37.32 25.83 5.31
CA ILE D 618 -36.63 25.96 6.59
C ILE D 618 -35.76 24.75 6.87
N ARG D 619 -36.18 23.57 6.44
CA ARG D 619 -35.36 22.39 6.69
C ARG D 619 -34.09 22.37 5.87
N SER D 620 -33.91 23.34 4.97
CA SER D 620 -32.72 23.42 4.14
C SER D 620 -31.74 24.47 4.62
N GLY D 621 -31.92 25.00 5.82
CA GLY D 621 -31.06 26.04 6.33
C GLY D 621 -30.56 25.78 7.73
N VAL D 622 -30.25 24.54 8.07
CA VAL D 622 -30.01 24.18 9.45
C VAL D 622 -28.55 24.35 9.86
N ARG D 623 -27.60 24.05 8.98
CA ARG D 623 -26.17 24.36 9.21
C ARG D 623 -25.65 23.75 10.52
N GLN D 624 -25.61 22.42 10.56
CA GLN D 624 -25.19 21.70 11.76
C GLN D 624 -23.67 21.72 11.84
N THR D 625 -23.13 22.79 12.43
CA THR D 625 -21.69 23.02 12.39
C THR D 625 -21.00 22.94 13.75
N SER D 626 -21.39 23.78 14.70
CA SER D 626 -20.61 23.95 15.93
C SER D 626 -21.50 23.80 17.15
N ALA D 627 -22.31 22.74 17.16
CA ALA D 627 -23.28 22.51 18.22
C ALA D 627 -24.23 23.69 18.40
N GLY D 628 -24.45 24.45 17.33
CA GLY D 628 -25.42 25.52 17.33
C GLY D 628 -26.55 25.28 16.36
N SER D 629 -26.25 24.60 15.25
CA SER D 629 -27.23 24.28 14.22
C SER D 629 -28.11 25.47 13.88
N TYR D 630 -27.52 26.66 13.86
CA TYR D 630 -28.30 27.87 13.67
C TYR D 630 -29.07 27.82 12.36
N LEU D 631 -30.31 28.30 12.39
CA LEU D 631 -31.06 28.50 11.17
C LEU D 631 -30.50 29.74 10.49
N ALA D 632 -29.83 29.56 9.37
CA ALA D 632 -29.23 30.66 8.62
C ALA D 632 -29.73 30.57 7.18
N LEU D 633 -30.81 31.28 6.89
CA LEU D 633 -31.32 31.33 5.52
C LEU D 633 -30.82 32.57 4.79
N ASP D 634 -31.29 33.74 5.20
CA ASP D 634 -30.91 35.04 4.68
C ASP D 634 -31.67 36.08 5.50
N PRO D 635 -31.07 37.21 5.84
CA PRO D 635 -31.86 38.33 6.35
C PRO D 635 -32.94 38.78 5.40
N ALA D 636 -32.94 38.32 4.16
CA ALA D 636 -33.99 38.65 3.20
C ALA D 636 -34.99 37.52 2.99
N VAL D 637 -34.67 36.31 3.40
CA VAL D 637 -35.64 35.23 3.38
C VAL D 637 -36.42 35.16 4.67
N THR D 638 -35.73 35.37 5.81
CA THR D 638 -36.43 35.42 7.09
C THR D 638 -37.57 36.42 7.05
N GLU D 639 -37.37 37.56 6.41
CA GLU D 639 -38.46 38.52 6.29
C GLU D 639 -39.50 38.05 5.28
N SER D 640 -39.12 37.17 4.36
CA SER D 640 -40.10 36.64 3.43
C SER D 640 -41.06 35.68 4.13
N LEU D 641 -40.53 34.73 4.89
CA LEU D 641 -41.39 33.83 5.64
C LEU D 641 -42.14 34.58 6.72
N LEU D 642 -41.43 35.35 7.52
CA LEU D 642 -42.07 36.07 8.61
C LEU D 642 -43.13 37.04 8.10
N GLU D 643 -43.11 37.35 6.81
CA GLU D 643 -44.21 38.13 6.26
C GLU D 643 -45.40 37.25 5.90
N GLN D 644 -45.13 36.10 5.27
CA GLN D 644 -46.23 35.18 4.97
C GLN D 644 -46.95 34.74 6.23
N VAL D 645 -46.23 34.58 7.33
CA VAL D 645 -46.88 34.34 8.61
C VAL D 645 -47.76 35.52 8.97
N ARG D 646 -47.14 36.69 9.14
CA ARG D 646 -47.87 37.88 9.53
C ARG D 646 -49.01 38.20 8.60
N LYS D 647 -49.00 37.66 7.38
CA LYS D 647 -50.07 37.92 6.44
C LYS D 647 -51.31 37.09 6.71
N THR D 648 -51.16 35.93 7.33
CA THR D 648 -52.30 35.06 7.64
C THR D 648 -52.68 35.11 9.11
N ILE D 649 -51.72 34.91 10.00
CA ILE D 649 -51.99 34.98 11.43
C ILE D 649 -52.51 36.36 11.80
N GLY D 650 -52.10 37.39 11.08
CA GLY D 650 -52.53 38.72 11.42
C GLY D 650 -51.82 39.21 12.66
N ASP D 651 -52.57 39.59 13.68
CA ASP D 651 -51.98 40.05 14.94
C ASP D 651 -52.33 39.19 16.13
N LEU D 652 -53.36 38.35 16.02
CA LEU D 652 -53.81 37.43 17.07
C LEU D 652 -54.09 38.14 18.38
N SER D 653 -54.07 39.47 18.40
CA SER D 653 -54.45 40.19 19.60
C SER D 653 -55.95 40.12 19.80
N GLN D 654 -56.70 40.30 18.73
CA GLN D 654 -58.14 40.08 18.79
C GLN D 654 -58.49 38.61 18.67
N ILE D 655 -57.65 37.83 17.98
CA ILE D 655 -57.94 36.41 17.81
C ILE D 655 -57.95 35.74 19.17
N GLN D 656 -59.11 35.26 19.57
CA GLN D 656 -59.30 34.66 20.87
C GLN D 656 -59.01 33.16 20.81
N SER D 657 -59.07 32.52 21.99
CA SER D 657 -58.97 31.09 22.20
C SER D 657 -57.55 30.56 22.12
N LYS D 658 -56.53 31.42 22.09
CA LYS D 658 -55.14 30.99 22.17
C LYS D 658 -54.80 29.94 21.12
N PRO D 659 -54.67 30.31 19.85
CA PRO D 659 -54.33 29.33 18.83
C PRO D 659 -52.87 28.93 18.95
N VAL D 660 -52.51 27.87 18.24
CA VAL D 660 -51.14 27.37 18.26
C VAL D 660 -50.70 27.04 16.85
N LEU D 661 -49.45 27.37 16.53
CA LEU D 661 -48.86 26.97 15.27
C LEU D 661 -48.45 25.52 15.35
N ILE D 662 -48.53 24.82 14.24
CA ILE D 662 -48.26 23.39 14.22
C ILE D 662 -47.37 23.09 13.03
N VAL D 663 -46.13 22.69 13.30
CA VAL D 663 -45.15 22.46 12.27
C VAL D 663 -44.50 21.10 12.54
N SER D 664 -43.86 20.55 11.51
CA SER D 664 -43.20 19.27 11.65
C SER D 664 -42.22 19.28 12.82
N MET D 665 -41.83 18.09 13.25
CA MET D 665 -41.09 17.99 14.50
C MET D 665 -39.67 18.52 14.34
N ASP D 666 -38.97 18.09 13.30
CA ASP D 666 -37.54 18.32 13.21
C ASP D 666 -37.17 19.79 13.05
N ILE D 667 -38.13 20.68 12.85
CA ILE D 667 -37.81 22.10 12.78
C ILE D 667 -38.69 22.87 13.75
N ARG D 668 -39.36 22.16 14.65
CA ARG D 668 -40.24 22.83 15.61
C ARG D 668 -39.48 23.89 16.38
N ARG D 669 -38.18 23.72 16.53
CA ARG D 669 -37.42 24.70 17.29
C ARG D 669 -37.11 25.93 16.46
N TYR D 670 -36.55 25.74 15.27
CA TYR D 670 -36.06 26.88 14.50
C TYR D 670 -37.20 27.80 14.12
N VAL D 671 -38.39 27.26 13.89
CA VAL D 671 -39.56 28.10 13.68
C VAL D 671 -39.85 28.89 14.95
N ARG D 672 -39.67 28.28 16.11
CA ARG D 672 -40.02 28.96 17.34
C ARG D 672 -39.13 30.16 17.57
N LYS D 673 -37.81 29.98 17.51
CA LYS D 673 -36.93 31.12 17.73
C LYS D 673 -36.93 32.09 16.55
N LEU D 674 -37.62 31.75 15.46
CA LEU D 674 -37.76 32.69 14.36
C LEU D 674 -38.84 33.71 14.65
N ILE D 675 -40.08 33.26 14.83
CA ILE D 675 -41.19 34.17 15.15
C ILE D 675 -41.19 34.62 16.60
N GLU D 676 -40.20 34.18 17.39
CA GLU D 676 -40.15 34.55 18.81
C GLU D 676 -40.16 36.05 19.02
N SER D 677 -39.71 36.83 18.03
CA SER D 677 -39.73 38.27 18.18
C SER D 677 -41.14 38.81 18.07
N GLU D 678 -41.83 38.48 16.97
CA GLU D 678 -43.11 39.10 16.71
C GLU D 678 -44.23 38.45 17.50
N TYR D 679 -44.41 37.14 17.36
CA TYR D 679 -45.52 36.42 17.97
C TYR D 679 -44.99 35.65 19.17
N TYR D 680 -45.04 36.26 20.34
CA TYR D 680 -44.49 35.64 21.53
C TYR D 680 -45.44 34.67 22.19
N GLY D 681 -46.74 34.98 22.18
CA GLY D 681 -47.71 34.13 22.83
C GLY D 681 -48.32 33.11 21.90
N LEU D 682 -47.60 32.79 20.82
CA LEU D 682 -48.05 31.81 19.83
C LEU D 682 -47.20 30.56 19.99
N PRO D 683 -47.61 29.59 20.80
CA PRO D 683 -46.79 28.41 20.98
C PRO D 683 -46.72 27.61 19.70
N VAL D 684 -45.66 26.83 19.56
CA VAL D 684 -45.45 25.97 18.40
C VAL D 684 -45.43 24.54 18.88
N LEU D 685 -46.13 23.68 18.14
CA LEU D 685 -46.20 22.26 18.46
C LEU D 685 -45.58 21.46 17.34
N SER D 686 -45.69 20.15 17.46
CA SER D 686 -45.27 19.23 16.42
C SER D 686 -46.45 18.39 15.99
N TYR D 687 -46.26 17.60 14.94
CA TYR D 687 -47.26 16.60 14.64
C TYR D 687 -47.16 15.45 15.61
N GLN D 688 -45.97 15.22 16.15
CA GLN D 688 -45.74 14.07 17.00
C GLN D 688 -46.25 14.34 18.42
N GLU D 689 -45.95 15.51 18.96
CA GLU D 689 -46.44 15.86 20.28
C GLU D 689 -47.95 15.78 20.34
N LEU D 690 -48.62 15.96 19.21
CA LEU D 690 -50.07 15.84 19.17
C LEU D 690 -50.46 14.39 19.36
N THR D 691 -50.87 14.04 20.57
CA THR D 691 -51.47 12.74 20.79
C THR D 691 -52.60 12.56 19.81
N GLN D 692 -52.74 11.35 19.31
CA GLN D 692 -53.87 11.06 18.45
C GLN D 692 -55.17 11.35 19.21
N GLN D 693 -56.28 11.32 18.48
CA GLN D 693 -57.58 11.68 19.03
C GLN D 693 -57.62 13.16 19.41
N ILE D 694 -57.01 13.99 18.57
CA ILE D 694 -57.08 15.44 18.67
C ILE D 694 -57.57 15.98 17.34
N ASN D 695 -58.66 16.74 17.38
CA ASN D 695 -59.22 17.30 16.15
C ASN D 695 -58.59 18.65 15.89
N ILE D 696 -57.48 18.63 15.15
CA ILE D 696 -56.88 19.87 14.68
C ILE D 696 -57.87 20.59 13.78
N GLN D 697 -58.23 21.80 14.16
CA GLN D 697 -59.16 22.61 13.39
C GLN D 697 -58.38 23.74 12.73
N PRO D 698 -57.79 23.51 11.56
CA PRO D 698 -56.85 24.50 11.00
C PRO D 698 -57.54 25.83 10.74
N LEU D 699 -57.04 26.87 11.40
CA LEU D 699 -57.55 28.21 11.16
C LEU D 699 -57.16 28.69 9.76
N GLY D 700 -55.89 28.55 9.40
CA GLY D 700 -55.46 28.89 8.06
C GLY D 700 -54.04 28.47 7.77
N ARG D 701 -53.82 27.79 6.67
CA ARG D 701 -52.50 27.26 6.35
C ARG D 701 -51.60 28.37 5.86
N VAL D 702 -50.35 28.37 6.33
CA VAL D 702 -49.38 29.39 5.96
C VAL D 702 -48.73 28.97 4.64
N CYS D 703 -49.20 29.56 3.55
CA CYS D 703 -48.69 29.22 2.22
C CYS D 703 -47.33 29.88 2.05
N LEU D 704 -46.82 29.89 0.82
CA LEU D 704 -45.60 30.62 0.54
C LEU D 704 -45.92 31.77 -0.41
N LEU E 361 26.73 36.84 58.87
CA LEU E 361 26.14 37.23 57.61
C LEU E 361 25.95 36.02 56.70
N GLY E 362 26.34 34.86 57.21
CA GLY E 362 26.16 33.62 56.49
C GLY E 362 24.73 33.19 56.31
N GLU E 363 23.76 33.92 56.87
CA GLU E 363 22.36 33.63 56.63
C GLU E 363 22.07 33.74 55.13
N GLN E 364 21.39 32.74 54.59
CA GLN E 364 21.41 32.54 53.14
C GLN E 364 20.85 33.73 52.38
N GLU E 365 19.53 33.95 52.36
CA GLU E 365 19.06 35.25 51.91
C GLU E 365 17.77 35.73 52.57
N ALA E 366 16.99 34.84 53.15
CA ALA E 366 15.74 35.19 53.83
C ALA E 366 14.77 35.91 52.89
N PHE E 367 14.30 35.14 51.90
CA PHE E 367 13.31 35.61 50.93
C PHE E 367 12.20 36.40 51.58
N ALA E 368 11.86 37.53 50.98
CA ALA E 368 10.81 38.41 51.50
C ALA E 368 9.81 38.71 50.39
N MET E 369 8.55 38.39 50.64
CA MET E 369 7.51 38.49 49.62
C MET E 369 7.27 39.94 49.22
N THR E 370 7.05 40.16 47.93
CA THR E 370 6.66 41.49 47.47
C THR E 370 5.23 41.79 47.88
N VAL E 371 4.93 43.07 48.05
CA VAL E 371 3.60 43.48 48.48
C VAL E 371 2.70 43.64 47.26
N PRO E 372 1.51 43.09 47.28
CA PRO E 372 0.63 43.18 46.10
C PRO E 372 0.27 44.60 45.74
N LEU E 373 -0.28 45.34 46.70
CA LEU E 373 -0.60 46.74 46.49
C LEU E 373 0.00 47.52 47.64
N LEU E 374 0.42 48.74 47.37
CA LEU E 374 1.09 49.54 48.38
C LEU E 374 0.79 51.01 48.14
N ILE E 375 0.46 51.72 49.20
CA ILE E 375 0.30 53.16 49.15
C ILE E 375 1.40 53.77 50.00
N ASP E 376 2.21 54.60 49.39
CA ASP E 376 3.26 55.31 50.10
C ASP E 376 2.96 56.80 49.98
N VAL E 377 2.48 57.38 51.06
CA VAL E 377 2.28 58.82 51.13
C VAL E 377 3.36 59.36 52.06
N ASP E 378 3.49 60.68 52.11
CA ASP E 378 4.57 61.26 52.89
C ASP E 378 4.29 61.12 54.37
N SER E 379 5.28 61.49 55.18
CA SER E 379 5.07 61.67 56.60
C SER E 379 4.38 63.02 56.81
N SER E 380 4.38 63.49 58.06
CA SER E 380 3.77 64.76 58.43
C SER E 380 2.24 64.70 58.36
N GLN E 381 1.71 63.60 57.83
CA GLN E 381 0.29 63.33 57.89
C GLN E 381 -0.02 62.04 58.62
N GLN E 382 0.99 61.25 58.97
CA GLN E 382 0.78 59.94 59.59
C GLN E 382 -0.14 60.02 60.80
N GLU E 383 -0.28 61.21 61.37
CA GLU E 383 -1.27 61.49 62.40
C GLU E 383 -2.15 62.66 62.04
N ALA E 384 -1.75 63.46 61.06
CA ALA E 384 -2.53 64.61 60.63
C ALA E 384 -3.57 64.25 59.59
N LEU E 385 -3.27 63.34 58.66
CA LEU E 385 -4.32 63.02 57.71
C LEU E 385 -5.31 62.09 58.38
N GLU E 386 -5.00 60.78 58.48
CA GLU E 386 -5.19 59.90 59.64
C GLU E 386 -6.46 60.16 60.46
N ALA E 387 -7.32 61.04 60.00
CA ALA E 387 -8.42 61.50 60.85
C ALA E 387 -9.71 61.70 60.08
N ILE E 388 -9.76 61.39 58.79
CA ILE E 388 -11.07 61.28 58.17
C ILE E 388 -11.49 59.83 58.40
N ALA E 389 -10.90 58.90 57.66
CA ALA E 389 -10.62 57.59 58.20
C ALA E 389 -9.22 57.15 57.82
N LEU E 390 -8.95 57.10 56.51
CA LEU E 390 -7.72 56.59 55.91
C LEU E 390 -7.37 55.19 56.38
N ASN E 391 -8.29 54.56 57.08
CA ASN E 391 -8.31 53.12 57.24
C ASN E 391 -9.70 52.56 57.08
N ASP E 392 -10.72 53.44 57.05
CA ASP E 392 -12.07 53.07 56.67
C ASP E 392 -12.55 53.88 55.48
N GLU E 393 -11.68 54.66 54.85
CA GLU E 393 -12.00 55.27 53.58
C GLU E 393 -11.35 54.53 52.43
N LEU E 394 -10.34 53.71 52.72
CA LEU E 394 -9.81 52.80 51.72
C LEU E 394 -10.62 51.51 51.70
N VAL E 395 -10.80 50.88 52.86
CA VAL E 395 -11.56 49.64 52.90
C VAL E 395 -12.98 49.86 52.42
N ARG E 396 -13.48 51.09 52.50
CA ARG E 396 -14.81 51.36 51.96
C ARG E 396 -14.79 51.40 50.45
N VAL E 397 -13.77 52.04 49.87
CA VAL E 397 -13.72 52.11 48.41
C VAL E 397 -13.17 50.83 47.83
N ARG E 398 -12.50 50.00 48.63
CA ARG E 398 -12.11 48.69 48.12
C ARG E 398 -13.30 47.77 48.03
N ARG E 399 -14.10 47.70 49.09
CA ARG E 399 -15.32 46.90 49.03
C ARG E 399 -16.29 47.46 48.00
N ALA E 400 -16.53 48.77 48.02
CA ALA E 400 -17.47 49.36 47.09
C ALA E 400 -17.01 49.13 45.65
N LEU E 401 -15.71 48.94 45.46
CA LEU E 401 -15.23 48.63 44.12
C LEU E 401 -15.25 47.13 43.87
N TYR E 402 -15.19 46.33 44.92
CA TYR E 402 -15.30 44.89 44.73
C TYR E 402 -16.69 44.52 44.28
N LEU E 403 -17.72 45.03 44.96
CA LEU E 403 -19.10 44.77 44.55
C LEU E 403 -19.40 45.34 43.17
N ASP E 404 -18.47 46.05 42.55
CA ASP E 404 -18.71 46.55 41.21
C ASP E 404 -18.11 45.63 40.17
N LEU E 405 -16.84 45.25 40.35
CA LEU E 405 -16.12 44.38 39.44
C LEU E 405 -16.17 42.92 39.85
N GLY E 406 -15.95 42.63 41.12
CA GLY E 406 -15.97 41.26 41.58
C GLY E 406 -14.61 40.68 41.85
N VAL E 407 -13.55 41.36 41.44
CA VAL E 407 -12.19 40.85 41.64
C VAL E 407 -11.90 40.76 43.13
N PRO E 408 -11.32 39.70 43.63
CA PRO E 408 -10.97 39.66 45.04
C PRO E 408 -9.67 40.43 45.29
N PHE E 409 -9.81 41.74 45.46
CA PHE E 409 -8.68 42.62 45.54
C PHE E 409 -7.80 42.26 46.74
N PRO E 410 -6.54 42.64 46.70
CA PRO E 410 -5.63 42.27 47.79
C PRO E 410 -5.67 43.28 48.92
N GLY E 411 -4.82 43.09 49.92
CA GLY E 411 -4.81 43.99 51.06
C GLY E 411 -3.94 45.18 50.79
N ILE E 412 -4.50 46.38 50.97
CA ILE E 412 -3.78 47.61 50.71
C ILE E 412 -2.93 47.95 51.92
N HIS E 413 -1.63 47.73 51.82
CA HIS E 413 -0.74 48.21 52.85
C HIS E 413 -0.61 49.72 52.76
N LEU E 414 -0.61 50.38 53.92
CA LEU E 414 -0.50 51.83 53.99
C LEU E 414 0.74 52.17 54.80
N ARG E 415 1.69 52.84 54.17
CA ARG E 415 2.95 53.20 54.80
C ARG E 415 3.17 54.70 54.64
N PHE E 416 3.35 55.38 55.77
CA PHE E 416 3.72 56.78 55.78
C PHE E 416 5.24 56.86 55.76
N ASN E 417 5.79 57.22 54.61
CA ASN E 417 7.23 57.34 54.42
C ASN E 417 7.64 58.78 54.63
N GLU E 418 8.81 58.97 55.24
CA GLU E 418 9.38 60.30 55.39
C GLU E 418 10.36 60.64 54.28
N GLY E 419 10.81 59.65 53.52
CA GLY E 419 11.83 59.90 52.52
C GLY E 419 11.40 60.84 51.42
N MET E 420 10.09 60.94 51.19
CA MET E 420 9.58 61.81 50.13
C MET E 420 9.33 63.20 50.70
N GLY E 421 8.62 64.04 49.94
CA GLY E 421 8.36 65.40 50.36
C GLY E 421 7.28 65.49 51.41
N GLU E 422 6.38 66.48 51.29
CA GLU E 422 5.29 66.63 52.24
C GLU E 422 3.91 66.53 51.60
N GLY E 423 3.81 66.65 50.29
CA GLY E 423 2.54 66.44 49.63
C GLY E 423 2.59 65.34 48.59
N GLU E 424 3.68 64.57 48.60
CA GLU E 424 3.88 63.50 47.63
C GLU E 424 3.14 62.24 48.08
N TYR E 425 2.78 61.41 47.12
CA TYR E 425 2.19 60.11 47.40
C TYR E 425 2.28 59.27 46.14
N LEU E 426 2.70 58.02 46.29
CA LEU E 426 2.79 57.10 45.18
C LEU E 426 2.03 55.84 45.53
N ILE E 427 1.31 55.31 44.55
CA ILE E 427 0.54 54.09 44.71
C ILE E 427 1.24 53.03 43.87
N SER E 428 1.88 52.08 44.53
CA SER E 428 2.77 51.16 43.85
C SER E 428 2.14 49.78 43.79
N LEU E 429 1.86 49.30 42.59
CA LEU E 429 1.50 47.90 42.39
C LEU E 429 2.79 47.08 42.33
N GLN E 430 3.04 46.27 43.35
CA GLN E 430 4.16 45.35 43.33
C GLN E 430 5.47 46.09 43.07
N GLU E 431 5.67 47.15 43.84
CA GLU E 431 6.94 47.89 43.89
C GLU E 431 7.28 48.57 42.57
N VAL E 432 6.28 49.09 41.87
CA VAL E 432 6.54 50.00 40.76
C VAL E 432 5.48 51.10 40.75
N PRO E 433 5.82 52.30 41.20
CA PRO E 433 4.81 53.35 41.36
C PRO E 433 4.00 53.57 40.09
N VAL E 434 2.71 53.31 40.18
CA VAL E 434 1.85 53.36 39.01
C VAL E 434 1.06 54.65 38.91
N ALA E 435 0.84 55.36 40.01
CA ALA E 435 0.20 56.66 39.95
C ALA E 435 0.73 57.49 41.10
N ARG E 436 1.77 58.28 40.84
CA ARG E 436 2.34 59.14 41.87
C ARG E 436 1.68 60.50 41.79
N GLY E 437 1.89 61.29 42.84
CA GLY E 437 1.33 62.61 42.87
C GLY E 437 1.90 63.42 44.02
N GLU E 438 2.06 64.70 43.79
CA GLU E 438 2.41 65.66 44.85
C GLU E 438 1.14 66.46 45.10
N LEU E 439 0.36 66.03 46.07
CA LEU E 439 -0.92 66.69 46.33
C LEU E 439 -0.62 68.08 46.87
N LYS E 440 -0.79 69.09 46.02
CA LYS E 440 -0.59 70.47 46.46
C LYS E 440 -1.74 70.94 47.34
N ALA E 441 -2.62 70.02 47.70
CA ALA E 441 -3.47 70.17 48.86
C ALA E 441 -2.64 69.90 50.11
N GLY E 442 -1.32 69.89 49.94
CA GLY E 442 -0.38 69.63 51.00
C GLY E 442 -0.79 70.23 52.33
N TYR E 443 -1.02 71.54 52.38
CA TYR E 443 -1.51 72.13 53.61
C TYR E 443 -3.02 71.96 53.72
N LEU E 444 -3.79 72.68 52.90
CA LEU E 444 -5.20 72.46 52.66
C LEU E 444 -5.58 73.23 51.40
N LEU E 445 -5.77 72.53 50.29
CA LEU E 445 -6.07 73.22 49.05
C LEU E 445 -7.07 72.40 48.24
N VAL E 446 -8.16 71.99 48.91
CA VAL E 446 -9.13 71.04 48.36
C VAL E 446 -9.41 71.36 46.90
N ARG E 447 -9.19 70.39 46.02
CA ARG E 447 -9.11 70.66 44.59
C ARG E 447 -10.50 70.81 44.01
N GLU E 448 -10.55 71.02 42.70
CA GLU E 448 -11.79 71.11 41.95
C GLU E 448 -11.62 70.40 40.63
N SER E 449 -12.54 69.48 40.33
CA SER E 449 -12.42 68.60 39.18
C SER E 449 -13.00 69.19 37.91
N VAL E 450 -14.09 69.93 38.01
CA VAL E 450 -14.77 70.47 36.82
C VAL E 450 -14.44 71.95 36.75
N SER E 451 -13.25 72.31 37.23
CA SER E 451 -12.76 73.68 37.17
C SER E 451 -12.91 74.24 35.77
N GLN E 452 -13.32 75.50 35.69
CA GLN E 452 -13.70 76.11 34.43
C GLN E 452 -13.60 77.62 34.64
N LEU E 453 -14.06 78.40 33.65
CA LEU E 453 -14.18 79.83 33.89
C LEU E 453 -15.24 80.12 34.94
N GLU E 454 -16.04 79.12 35.33
CA GLU E 454 -16.98 79.29 36.42
C GLU E 454 -16.25 79.56 37.72
N LEU E 455 -15.05 78.99 37.90
CA LEU E 455 -14.19 79.39 39.01
C LEU E 455 -13.52 80.74 38.77
N LEU E 456 -13.74 81.35 37.61
CA LEU E 456 -13.46 82.77 37.44
C LEU E 456 -14.72 83.60 37.66
N GLY E 457 -15.88 83.08 37.25
CA GLY E 457 -17.12 83.69 37.68
C GLY E 457 -17.31 83.58 39.18
N ILE E 458 -16.89 82.45 39.75
CA ILE E 458 -16.79 82.27 41.19
C ILE E 458 -15.33 82.52 41.49
N PRO E 459 -14.93 83.77 41.74
CA PRO E 459 -13.58 84.22 41.35
C PRO E 459 -12.44 83.69 42.21
N TYR E 460 -12.67 82.76 43.12
CA TYR E 460 -11.66 82.42 44.11
C TYR E 460 -10.42 81.86 43.45
N GLU E 461 -9.27 82.28 43.94
CA GLU E 461 -8.00 82.05 43.26
C GLU E 461 -7.78 80.56 43.01
N LYS E 462 -7.02 80.28 41.96
CA LYS E 462 -6.83 78.92 41.48
C LYS E 462 -5.37 78.49 41.65
N GLY E 463 -5.15 77.19 41.44
CA GLY E 463 -3.82 76.64 41.31
C GLY E 463 -3.79 75.66 40.15
N GLU E 464 -2.92 75.91 39.18
CA GLU E 464 -2.99 75.16 37.92
C GLU E 464 -2.33 73.80 38.05
N HIS E 465 -2.93 72.81 37.38
CA HIS E 465 -2.38 71.47 37.26
C HIS E 465 -3.24 70.72 36.24
N LEU E 466 -2.78 69.52 35.88
CA LEU E 466 -3.51 68.61 35.01
C LEU E 466 -3.59 67.24 35.68
N LEU E 467 -3.97 67.25 36.95
CA LEU E 467 -4.22 66.03 37.70
C LEU E 467 -5.21 65.23 36.84
N PRO E 468 -5.12 63.91 36.80
CA PRO E 468 -5.38 63.21 35.53
C PRO E 468 -6.70 63.47 34.82
N ASP E 469 -7.83 63.12 35.42
CA ASP E 469 -9.01 62.82 34.62
C ASP E 469 -9.82 64.03 34.19
N GLN E 470 -9.98 65.03 35.04
CA GLN E 470 -10.65 66.26 34.67
C GLN E 470 -9.77 67.43 35.06
N GLU E 471 -10.08 68.60 34.52
CA GLU E 471 -9.21 69.75 34.77
C GLU E 471 -9.22 70.10 36.24
N THR E 472 -8.09 69.91 36.89
CA THR E 472 -7.93 70.10 38.33
C THR E 472 -7.41 71.49 38.62
N PHE E 473 -8.18 72.25 39.39
CA PHE E 473 -7.70 73.51 39.92
C PHE E 473 -8.04 73.55 41.40
N TRP E 474 -7.19 74.22 42.16
CA TRP E 474 -7.23 74.10 43.61
C TRP E 474 -7.65 75.42 44.24
N VAL E 475 -8.46 75.32 45.30
CA VAL E 475 -8.88 76.46 46.10
C VAL E 475 -8.69 76.10 47.56
N SER E 476 -8.63 77.11 48.41
CA SER E 476 -8.35 76.88 49.82
C SER E 476 -9.64 76.55 50.57
N VAL E 477 -9.55 76.48 51.90
CA VAL E 477 -10.66 75.97 52.70
C VAL E 477 -11.59 77.08 53.19
N GLU E 478 -11.16 78.35 53.12
CA GLU E 478 -12.12 79.44 53.25
C GLU E 478 -12.89 79.62 51.95
N TYR E 479 -12.22 79.38 50.82
CA TYR E 479 -12.88 79.42 49.53
C TYR E 479 -13.85 78.27 49.36
N GLU E 480 -13.63 77.17 50.10
CA GLU E 480 -14.48 76.00 49.98
C GLU E 480 -15.92 76.32 50.37
N GLU E 481 -16.11 77.07 51.46
CA GLU E 481 -17.46 77.35 51.96
C GLU E 481 -18.32 77.99 50.88
N ARG E 482 -17.72 78.88 50.08
CA ARG E 482 -18.50 79.59 49.08
C ARG E 482 -18.63 78.80 47.78
N LEU E 483 -17.61 78.05 47.39
CA LEU E 483 -17.72 77.23 46.19
C LEU E 483 -18.58 75.99 46.43
N GLU E 484 -18.64 75.49 47.66
CA GLU E 484 -19.58 74.41 47.93
C GLU E 484 -21.02 74.92 47.87
N LYS E 485 -21.22 76.22 48.12
CA LYS E 485 -22.51 76.82 47.82
C LYS E 485 -22.76 76.80 46.32
N SER E 486 -21.72 77.08 45.53
CA SER E 486 -21.81 77.10 44.08
C SER E 486 -21.88 75.71 43.46
N GLN E 487 -21.68 74.66 44.27
CA GLN E 487 -21.89 73.28 43.84
C GLN E 487 -20.99 72.82 42.68
N LEU E 488 -19.69 72.73 42.92
CA LEU E 488 -18.79 72.01 42.05
C LEU E 488 -18.10 70.90 42.83
N GLU E 489 -17.28 70.10 42.14
CA GLU E 489 -16.77 68.87 42.74
C GLU E 489 -15.59 69.14 43.66
N PHE E 490 -15.74 68.74 44.93
CA PHE E 490 -14.73 68.90 45.96
C PHE E 490 -14.10 67.57 46.29
N PHE E 491 -12.78 67.55 46.38
CA PHE E 491 -12.04 66.36 46.75
C PHE E 491 -11.21 66.66 47.99
N SER E 492 -11.62 66.10 49.11
CA SER E 492 -10.85 66.23 50.33
C SER E 492 -9.56 65.44 50.21
N HIS E 493 -8.82 65.38 51.31
CA HIS E 493 -7.57 64.62 51.28
C HIS E 493 -7.81 63.12 51.21
N SER E 494 -8.96 62.65 51.69
CA SER E 494 -9.33 61.28 51.38
C SER E 494 -9.68 61.11 49.91
N GLN E 495 -10.60 61.93 49.42
CA GLN E 495 -11.17 61.70 48.10
C GLN E 495 -10.17 61.97 47.00
N VAL E 496 -9.11 62.73 47.28
CA VAL E 496 -8.09 62.88 46.27
C VAL E 496 -7.21 61.64 46.23
N LEU E 497 -7.10 60.96 47.37
CA LEU E 497 -6.28 59.76 47.44
C LEU E 497 -7.03 58.57 46.87
N THR E 498 -8.16 58.22 47.47
CA THR E 498 -8.89 57.04 47.03
C THR E 498 -9.30 57.12 45.56
N TRP E 499 -9.55 58.32 45.05
CA TRP E 499 -9.98 58.40 43.66
C TRP E 499 -8.97 57.76 42.74
N HIS E 500 -7.68 58.11 42.87
CA HIS E 500 -6.67 57.42 42.09
C HIS E 500 -6.66 55.94 42.39
N LEU E 501 -6.84 55.57 43.66
CA LEU E 501 -6.94 54.15 43.97
C LEU E 501 -8.08 53.52 43.21
N SER E 502 -9.30 54.00 43.43
CA SER E 502 -10.45 53.45 42.72
C SER E 502 -10.31 53.61 41.21
N HIS E 503 -9.29 54.33 40.77
CA HIS E 503 -8.97 54.33 39.34
C HIS E 503 -7.83 53.39 39.03
N VAL E 504 -6.96 53.12 40.01
CA VAL E 504 -5.86 52.19 39.76
C VAL E 504 -6.39 50.77 39.67
N LEU E 505 -7.28 50.39 40.58
CA LEU E 505 -7.85 49.06 40.54
C LEU E 505 -8.66 48.85 39.28
N ARG E 506 -9.54 49.80 38.96
CA ARG E 506 -10.40 49.60 37.81
C ARG E 506 -9.63 49.47 36.51
N GLU E 507 -8.38 49.92 36.48
CA GLU E 507 -7.59 49.81 35.26
C GLU E 507 -6.53 48.72 35.32
N TYR E 508 -6.17 48.27 36.51
CA TYR E 508 -5.22 47.18 36.67
C TYR E 508 -5.87 45.98 37.32
N ALA E 509 -7.15 45.78 37.03
CA ALA E 509 -7.85 44.61 37.51
C ALA E 509 -7.58 43.38 36.67
N GLU E 510 -6.79 43.50 35.62
CA GLU E 510 -6.32 42.31 34.93
C GLU E 510 -5.15 41.65 35.64
N ASP E 511 -4.62 42.28 36.68
CA ASP E 511 -3.43 41.79 37.34
C ASP E 511 -3.72 41.19 38.70
N PHE E 512 -4.95 41.30 39.18
CA PHE E 512 -5.33 40.72 40.46
C PHE E 512 -6.14 39.45 40.30
N ILE E 513 -6.38 39.01 39.07
CA ILE E 513 -7.07 37.73 38.89
C ILE E 513 -6.09 36.74 38.32
N GLY E 514 -5.38 36.04 39.20
CA GLY E 514 -4.45 35.01 38.81
C GLY E 514 -4.94 33.65 39.27
N ILE E 515 -4.26 32.63 38.76
CA ILE E 515 -4.65 31.26 39.07
C ILE E 515 -4.78 31.05 40.56
N GLN E 516 -4.13 31.89 41.35
CA GLN E 516 -4.29 31.78 42.80
C GLN E 516 -5.55 32.48 43.26
N GLU E 517 -6.10 33.37 42.45
CA GLU E 517 -7.26 34.12 42.92
C GLU E 517 -8.57 33.53 42.42
N THR E 518 -8.57 32.88 41.26
CA THR E 518 -9.79 32.18 40.87
C THR E 518 -9.98 30.94 41.72
N ARG E 519 -8.90 30.22 42.02
CA ARG E 519 -9.03 29.09 42.93
C ARG E 519 -9.49 29.54 44.30
N TYR E 520 -9.47 30.85 44.55
CA TYR E 520 -10.12 31.35 45.75
C TYR E 520 -11.63 31.42 45.56
N LEU E 521 -12.06 31.81 44.36
CA LEU E 521 -13.49 31.84 44.08
C LEU E 521 -14.06 30.43 43.99
N LEU E 522 -13.39 29.56 43.25
CA LEU E 522 -13.86 28.19 43.11
C LEU E 522 -13.71 27.39 44.38
N GLU E 523 -13.15 27.96 45.44
CA GLU E 523 -13.26 27.33 46.74
C GLU E 523 -14.34 27.99 47.57
N GLN E 524 -14.42 29.31 47.50
CA GLN E 524 -15.46 30.02 48.25
C GLN E 524 -16.85 29.67 47.76
N MET E 525 -16.98 29.12 46.56
CA MET E 525 -18.27 28.73 46.02
C MET E 525 -18.54 27.24 46.15
N GLU E 526 -17.60 26.48 46.70
CA GLU E 526 -17.82 25.05 46.85
C GLU E 526 -19.10 24.77 47.61
N GLY E 527 -19.33 25.48 48.70
CA GLY E 527 -20.52 25.30 49.50
C GLY E 527 -21.79 25.49 48.71
N GLY E 528 -21.96 26.67 48.13
CA GLY E 528 -23.14 26.97 47.35
C GLY E 528 -23.34 26.03 46.19
N TYR E 529 -22.41 26.05 45.23
CA TYR E 529 -22.55 25.28 44.00
C TYR E 529 -21.48 24.20 43.98
N GLY E 530 -21.80 23.06 44.59
CA GLY E 530 -20.87 21.96 44.60
C GLY E 530 -20.71 21.34 43.23
N GLU E 531 -21.81 20.80 42.69
CA GLU E 531 -21.70 20.01 41.48
C GLU E 531 -21.44 20.88 40.26
N LEU E 532 -21.62 22.18 40.38
CA LEU E 532 -21.27 23.06 39.27
C LEU E 532 -19.77 23.15 39.12
N ILE E 533 -19.06 23.29 40.23
CA ILE E 533 -17.62 23.46 40.18
C ILE E 533 -16.92 22.15 39.84
N LYS E 534 -17.35 21.04 40.45
CA LYS E 534 -16.77 19.75 40.13
C LYS E 534 -17.00 19.37 38.69
N GLU E 535 -17.91 20.06 38.00
CA GLU E 535 -18.14 19.85 36.58
C GLU E 535 -17.33 20.80 35.74
N VAL E 536 -17.15 22.04 36.19
CA VAL E 536 -16.44 23.00 35.37
C VAL E 536 -14.93 22.74 35.42
N GLN E 537 -14.42 22.24 36.55
CA GLN E 537 -12.99 22.03 36.65
C GLN E 537 -12.49 20.94 35.73
N ARG E 538 -13.33 19.95 35.43
CA ARG E 538 -12.94 18.88 34.53
C ARG E 538 -13.07 19.27 33.07
N ILE E 539 -13.80 20.33 32.77
CA ILE E 539 -13.98 20.75 31.39
C ILE E 539 -12.96 21.80 31.01
N VAL E 540 -12.81 22.84 31.80
CA VAL E 540 -11.83 23.91 31.54
C VAL E 540 -10.78 23.87 32.64
N PRO E 541 -9.50 23.72 32.32
CA PRO E 541 -8.46 23.78 33.34
C PRO E 541 -8.39 25.18 33.94
N LEU E 542 -7.74 25.26 35.10
CA LEU E 542 -7.68 26.56 35.79
C LEU E 542 -6.97 27.60 34.97
N GLN E 543 -5.98 27.22 34.18
CA GLN E 543 -5.36 28.23 33.33
C GLN E 543 -6.37 28.79 32.34
N ARG E 544 -7.19 27.93 31.74
CA ARG E 544 -8.09 28.39 30.70
C ARG E 544 -9.24 29.18 31.28
N MET E 545 -9.75 28.75 32.43
CA MET E 545 -10.85 29.47 33.05
C MET E 545 -10.38 30.83 33.54
N THR E 546 -9.14 30.93 33.99
CA THR E 546 -8.64 32.22 34.44
C THR E 546 -8.32 33.14 33.28
N GLU E 547 -7.81 32.59 32.19
CA GLU E 547 -7.55 33.41 31.01
C GLU E 547 -8.84 34.00 30.46
N ILE E 548 -9.99 33.54 30.96
CA ILE E 548 -11.25 34.17 30.61
C ILE E 548 -11.58 35.28 31.60
N LEU E 549 -11.52 34.97 32.90
CA LEU E 549 -11.90 35.96 33.90
C LEU E 549 -11.05 37.22 33.76
N GLN E 550 -9.83 37.10 33.26
CA GLN E 550 -9.06 38.30 32.97
C GLN E 550 -9.63 39.01 31.76
N ARG E 551 -10.17 38.28 30.80
CA ARG E 551 -10.65 38.91 29.59
C ARG E 551 -12.00 39.58 29.80
N LEU E 552 -12.78 39.13 30.78
CA LEU E 552 -13.99 39.88 31.11
C LEU E 552 -13.63 41.17 31.80
N VAL E 553 -12.98 41.08 32.95
CA VAL E 553 -12.65 42.28 33.71
C VAL E 553 -11.80 43.24 32.92
N GLY E 554 -11.28 42.80 31.77
CA GLY E 554 -10.61 43.74 30.89
C GLY E 554 -11.57 44.71 30.23
N GLU E 555 -12.76 44.23 29.87
CA GLU E 555 -13.78 45.09 29.27
C GLU E 555 -14.67 45.73 30.32
N ASP E 556 -14.27 45.71 31.57
CA ASP E 556 -15.03 46.23 32.71
C ASP E 556 -16.32 45.47 32.97
N ILE E 557 -16.55 44.37 32.26
CA ILE E 557 -17.60 43.44 32.64
C ILE E 557 -17.33 42.94 34.05
N SER E 558 -18.38 42.65 34.79
CA SER E 558 -18.28 42.31 36.20
C SER E 558 -18.34 40.80 36.39
N ILE E 559 -17.27 40.22 36.90
CA ILE E 559 -17.26 38.82 37.28
C ILE E 559 -18.39 38.50 38.24
N ARG E 560 -18.81 39.48 39.03
CA ARG E 560 -19.60 39.29 40.24
C ARG E 560 -20.61 38.15 40.13
N ASN E 561 -21.33 38.10 39.01
CA ASN E 561 -22.30 37.05 38.76
C ASN E 561 -21.56 35.77 38.41
N MET E 562 -21.09 35.08 39.45
CA MET E 562 -20.15 33.99 39.19
C MET E 562 -20.86 32.71 38.77
N ARG E 563 -22.15 32.58 39.03
CA ARG E 563 -22.84 31.38 38.60
C ARG E 563 -22.99 31.35 37.09
N SER E 564 -23.71 32.32 36.53
CA SER E 564 -23.99 32.28 35.10
C SER E 564 -22.75 32.50 34.26
N ILE E 565 -21.60 32.70 34.88
CA ILE E 565 -20.34 32.62 34.14
C ILE E 565 -19.86 31.19 34.09
N LEU E 566 -20.24 30.38 35.08
CA LEU E 566 -19.85 28.98 35.04
C LEU E 566 -20.84 28.13 34.26
N GLU E 567 -22.13 28.46 34.33
CA GLU E 567 -23.08 27.81 33.44
C GLU E 567 -22.65 27.94 31.99
N ALA E 568 -22.33 29.16 31.57
CA ALA E 568 -21.86 29.36 30.21
C ALA E 568 -20.43 28.89 30.03
N MET E 569 -19.73 28.60 31.12
CA MET E 569 -18.40 28.00 30.99
C MET E 569 -18.51 26.53 30.67
N VAL E 570 -19.41 25.84 31.37
CA VAL E 570 -19.63 24.42 31.12
C VAL E 570 -20.19 24.21 29.73
N GLU E 571 -21.20 25.01 29.37
CA GLU E 571 -21.89 24.82 28.11
C GLU E 571 -20.94 24.92 26.93
N TRP E 572 -20.11 25.95 26.90
CA TRP E 572 -19.30 26.22 25.73
C TRP E 572 -17.87 25.70 25.84
N GLY E 573 -17.41 25.33 27.03
CA GLY E 573 -16.05 24.86 27.16
C GLY E 573 -15.76 23.56 26.45
N GLN E 574 -16.81 22.89 26.00
CA GLN E 574 -16.69 21.65 25.25
C GLN E 574 -16.72 21.88 23.75
N LYS E 575 -17.50 22.85 23.29
CA LYS E 575 -17.61 23.11 21.86
C LYS E 575 -16.50 24.03 21.39
N GLU E 576 -16.33 25.18 22.04
CA GLU E 576 -15.34 26.16 21.60
C GLU E 576 -14.04 25.98 22.38
N LYS E 577 -12.93 26.26 21.71
CA LYS E 577 -11.61 26.10 22.31
C LYS E 577 -10.71 27.32 22.19
N ASP E 578 -10.96 28.22 21.26
CA ASP E 578 -10.21 29.47 21.20
C ASP E 578 -10.75 30.41 22.25
N VAL E 579 -9.87 30.86 23.15
CA VAL E 579 -10.32 31.65 24.30
C VAL E 579 -11.13 32.84 23.85
N VAL E 580 -10.68 33.54 22.80
CA VAL E 580 -11.36 34.76 22.39
C VAL E 580 -12.77 34.45 21.91
N GLN E 581 -12.97 33.29 21.30
CA GLN E 581 -14.33 32.90 20.97
C GLN E 581 -15.12 32.53 22.21
N LEU E 582 -14.52 31.73 23.09
CA LEU E 582 -15.21 31.30 24.29
C LEU E 582 -15.66 32.50 25.11
N THR E 583 -14.84 33.55 25.19
CA THR E 583 -15.27 34.68 26.00
C THR E 583 -16.36 35.48 25.31
N GLU E 584 -16.41 35.45 23.99
CA GLU E 584 -17.53 36.12 23.31
C GLU E 584 -18.81 35.33 23.49
N TYR E 585 -18.71 34.03 23.70
CA TYR E 585 -19.90 33.27 24.04
C TYR E 585 -20.28 33.49 25.50
N ILE E 586 -19.30 33.76 26.36
CA ILE E 586 -19.62 33.91 27.78
C ILE E 586 -20.20 35.28 28.06
N ARG E 587 -19.71 36.33 27.39
CA ARG E 587 -20.37 37.62 27.49
C ARG E 587 -21.82 37.53 27.07
N SER E 588 -22.11 36.72 26.06
CA SER E 588 -23.48 36.51 25.60
C SER E 588 -24.35 35.81 26.62
N SER E 589 -23.78 35.36 27.74
CA SER E 589 -24.59 34.81 28.81
C SER E 589 -24.99 35.86 29.83
N LEU E 590 -24.31 37.01 29.85
CA LEU E 590 -24.69 38.13 30.70
C LEU E 590 -25.54 39.14 29.94
N LYS E 591 -26.37 38.67 29.01
CA LYS E 591 -27.14 39.54 28.14
C LYS E 591 -27.82 40.64 28.93
N ARG E 592 -28.75 40.27 29.79
CA ARG E 592 -29.56 41.30 30.43
C ARG E 592 -28.78 42.04 31.50
N TYR E 593 -27.50 41.79 31.64
CA TYR E 593 -26.68 42.67 32.46
C TYR E 593 -26.15 43.82 31.65
N ILE E 594 -25.53 43.52 30.51
CA ILE E 594 -24.93 44.57 29.69
C ILE E 594 -25.97 45.60 29.27
N CYS E 595 -27.13 45.13 28.83
CA CYS E 595 -28.25 46.03 28.56
C CYS E 595 -28.48 47.03 29.67
N TYR E 596 -28.09 46.69 30.89
CA TYR E 596 -28.23 47.60 32.01
C TYR E 596 -26.95 48.36 32.31
N LYS E 597 -25.81 47.92 31.82
CA LYS E 597 -24.61 48.69 32.07
C LYS E 597 -24.42 49.81 31.07
N TYR E 598 -24.82 49.60 29.82
CA TYR E 598 -24.53 50.61 28.80
C TYR E 598 -25.74 51.43 28.43
N ALA E 599 -26.92 50.84 28.43
CA ALA E 599 -28.15 51.53 28.06
C ALA E 599 -29.05 51.60 29.28
N ASN E 600 -28.83 52.61 30.13
CA ASN E 600 -29.63 52.74 31.33
C ASN E 600 -31.05 53.22 31.05
N GLY E 601 -31.28 53.93 29.95
CA GLY E 601 -32.60 54.42 29.65
C GLY E 601 -33.56 53.32 29.26
N ASN E 602 -34.69 53.74 28.71
CA ASN E 602 -35.76 52.81 28.38
C ASN E 602 -35.43 52.00 27.13
N ASN E 603 -34.48 51.08 27.26
CA ASN E 603 -34.16 50.14 26.18
C ASN E 603 -33.73 50.86 24.91
N ILE E 604 -33.12 52.03 25.06
CA ILE E 604 -32.59 52.77 23.92
C ILE E 604 -31.10 52.95 24.13
N LEU E 605 -30.32 52.67 23.09
CA LEU E 605 -28.86 52.61 23.18
C LEU E 605 -28.26 53.38 22.01
N PRO E 606 -27.46 54.40 22.25
CA PRO E 606 -26.88 55.18 21.15
C PRO E 606 -25.65 54.48 20.60
N ALA E 607 -25.78 53.91 19.41
CA ALA E 607 -24.76 53.03 18.86
C ALA E 607 -24.00 53.71 17.74
N TYR E 608 -22.99 53.01 17.26
CA TYR E 608 -22.12 53.47 16.19
C TYR E 608 -21.85 52.34 15.22
N LEU E 609 -22.91 51.71 14.73
CA LEU E 609 -22.80 50.49 13.94
C LEU E 609 -21.70 50.57 12.88
N PHE E 610 -21.06 49.43 12.65
CA PHE E 610 -20.06 49.27 11.60
C PHE E 610 -20.74 48.79 10.33
N ASP E 611 -20.60 49.55 9.25
CA ASP E 611 -21.21 49.10 8.01
C ASP E 611 -20.47 47.89 7.47
N GLN E 612 -21.24 46.94 6.94
CA GLN E 612 -20.77 45.58 6.72
C GLN E 612 -19.45 45.51 5.97
N GLU E 613 -19.17 46.50 5.13
CA GLU E 613 -17.94 46.46 4.33
C GLU E 613 -16.72 46.41 5.22
N VAL E 614 -16.76 47.06 6.39
CA VAL E 614 -15.60 47.08 7.27
C VAL E 614 -15.52 45.82 8.10
N GLU E 615 -16.64 45.38 8.68
CA GLU E 615 -16.63 44.16 9.47
C GLU E 615 -16.16 42.96 8.68
N GLU E 616 -15.96 43.09 7.37
CA GLU E 616 -15.40 42.03 6.56
C GLU E 616 -13.93 42.23 6.26
N LYS E 617 -13.47 43.48 6.17
CA LYS E 617 -12.04 43.71 6.09
C LYS E 617 -11.33 43.21 7.33
N ILE E 618 -11.95 43.35 8.50
CA ILE E 618 -11.29 42.93 9.73
C ILE E 618 -11.40 41.43 9.92
N ARG E 619 -12.49 40.82 9.49
CA ARG E 619 -12.60 39.37 9.64
C ARG E 619 -11.68 38.61 8.73
N SER E 620 -10.95 39.29 7.85
CA SER E 620 -10.02 38.64 6.95
C SER E 620 -8.57 38.79 7.39
N GLY E 621 -8.34 39.23 8.61
CA GLY E 621 -6.98 39.44 9.09
C GLY E 621 -6.71 38.84 10.45
N VAL E 622 -7.27 37.67 10.72
CA VAL E 622 -7.27 37.13 12.08
C VAL E 622 -6.02 36.31 12.38
N ARG E 623 -5.51 35.52 11.44
CA ARG E 623 -4.22 34.84 11.57
C ARG E 623 -4.18 33.95 12.82
N GLN E 624 -4.99 32.91 12.82
CA GLN E 624 -5.10 32.00 13.96
C GLN E 624 -3.90 31.04 13.95
N THR E 625 -2.79 31.47 14.53
CA THR E 625 -1.53 30.74 14.39
C THR E 625 -1.03 30.14 15.70
N SER E 626 -0.75 30.97 16.70
CA SER E 626 0.01 30.52 17.88
C SER E 626 -0.73 30.90 19.15
N ALA E 627 -2.03 30.60 19.18
CA ALA E 627 -2.89 30.96 20.31
C ALA E 627 -2.85 32.47 20.58
N GLY E 628 -2.57 33.26 19.55
CA GLY E 628 -2.62 34.70 19.66
C GLY E 628 -3.68 35.31 18.76
N SER E 629 -3.92 34.67 17.61
CA SER E 629 -4.91 35.11 16.64
C SER E 629 -4.82 36.61 16.40
N TYR E 630 -3.62 37.15 16.38
CA TYR E 630 -3.44 38.59 16.27
C TYR E 630 -4.11 39.13 15.03
N LEU E 631 -4.74 40.29 15.15
CA LEU E 631 -5.23 41.01 13.99
C LEU E 631 -4.04 41.64 13.31
N ALA E 632 -3.68 41.14 12.14
CA ALA E 632 -2.54 41.66 11.39
C ALA E 632 -3.03 42.01 9.98
N LEU E 633 -3.41 43.27 9.79
CA LEU E 633 -3.82 43.72 8.45
C LEU E 633 -2.66 44.40 7.72
N ASP E 634 -2.25 45.56 8.21
CA ASP E 634 -1.15 46.35 7.69
C ASP E 634 -1.04 47.57 8.60
N PRO E 635 0.16 48.03 8.93
CA PRO E 635 0.30 49.37 9.52
C PRO E 635 -0.28 50.47 8.66
N ALA E 636 -0.62 50.19 7.41
CA ALA E 636 -1.24 51.19 6.55
C ALA E 636 -2.73 50.98 6.37
N VAL E 637 -3.26 49.81 6.73
CA VAL E 637 -4.70 49.61 6.74
C VAL E 637 -5.29 49.97 8.08
N THR E 638 -4.60 49.61 9.17
CA THR E 638 -5.05 50.01 10.49
C THR E 638 -5.29 51.50 10.56
N GLU E 639 -4.42 52.30 9.95
CA GLU E 639 -4.65 53.73 9.93
C GLU E 639 -5.76 54.11 8.99
N SER E 640 -6.08 53.26 8.02
CA SER E 640 -7.21 53.54 7.14
C SER E 640 -8.53 53.37 7.87
N LEU E 641 -8.70 52.25 8.57
CA LEU E 641 -9.91 52.06 9.35
C LEU E 641 -9.98 53.04 10.50
N LEU E 642 -8.90 53.13 11.28
CA LEU E 642 -8.90 54.02 12.43
C LEU E 642 -9.11 55.46 12.02
N GLU E 643 -8.95 55.78 10.74
CA GLU E 643 -9.29 57.12 10.28
C GLU E 643 -10.78 57.22 9.98
N GLN E 644 -11.34 56.22 9.31
CA GLN E 644 -12.78 56.23 9.06
C GLN E 644 -13.57 56.28 10.35
N VAL E 645 -13.08 55.62 11.39
CA VAL E 645 -13.70 55.76 12.70
C VAL E 645 -13.60 57.21 13.16
N ARG E 646 -12.37 57.69 13.31
CA ARG E 646 -12.14 59.05 13.80
C ARG E 646 -12.85 60.08 12.96
N LYS E 647 -13.23 59.74 11.72
CA LYS E 647 -13.91 60.70 10.87
C LYS E 647 -15.39 60.83 11.19
N THR E 648 -15.99 59.80 11.77
CA THR E 648 -17.41 59.84 12.13
C THR E 648 -17.62 60.03 13.62
N ILE E 649 -16.99 59.19 14.45
CA ILE E 649 -17.10 59.33 15.89
C ILE E 649 -16.60 60.70 16.34
N GLY E 650 -15.65 61.27 15.62
CA GLY E 650 -15.11 62.55 16.02
C GLY E 650 -14.20 62.38 17.22
N ASP E 651 -14.50 63.08 18.31
CA ASP E 651 -13.71 62.98 19.54
C ASP E 651 -14.50 62.46 20.73
N LEU E 652 -15.83 62.48 20.66
CA LEU E 652 -16.73 62.00 21.72
C LEU E 652 -16.44 62.63 23.06
N SER E 653 -15.58 63.64 23.11
CA SER E 653 -15.36 64.34 24.37
C SER E 653 -16.54 65.23 24.67
N GLN E 654 -17.05 65.93 23.65
CA GLN E 654 -18.28 66.68 23.80
C GLN E 654 -19.50 65.77 23.66
N ILE E 655 -19.38 64.68 22.90
CA ILE E 655 -20.52 63.80 22.70
C ILE E 655 -20.91 63.21 24.04
N GLN E 656 -22.10 63.55 24.51
CA GLN E 656 -22.58 63.12 25.81
C GLN E 656 -23.32 61.80 25.68
N SER E 657 -23.73 61.26 26.83
CA SER E 657 -24.58 60.09 27.00
C SER E 657 -23.82 58.78 26.80
N LYS E 658 -22.50 58.79 26.73
CA LYS E 658 -21.71 57.57 26.70
C LYS E 658 -22.15 56.62 25.60
N PRO E 659 -21.87 56.91 24.33
CA PRO E 659 -22.26 56.00 23.26
C PRO E 659 -21.39 54.75 23.28
N VAL E 660 -21.82 53.74 22.52
CA VAL E 660 -21.10 52.48 22.42
C VAL E 660 -21.02 52.06 20.97
N LEU E 661 -19.87 51.53 20.58
CA LEU E 661 -19.71 50.95 19.27
C LEU E 661 -20.33 49.56 19.28
N ILE E 662 -20.89 49.15 18.15
CA ILE E 662 -21.59 47.87 18.07
C ILE E 662 -21.13 47.16 16.82
N VAL E 663 -20.44 46.05 16.99
CA VAL E 663 -19.87 45.30 15.88
C VAL E 663 -20.23 43.84 16.07
N SER E 664 -20.13 43.07 14.98
CA SER E 664 -20.45 41.66 15.04
C SER E 664 -19.65 40.97 16.13
N MET E 665 -20.11 39.78 16.51
CA MET E 665 -19.55 39.14 17.69
C MET E 665 -18.13 38.64 17.45
N ASP E 666 -17.91 37.93 16.36
CA ASP E 666 -16.66 37.21 16.17
C ASP E 666 -15.44 38.11 16.03
N ILE E 667 -15.61 39.42 15.93
CA ILE E 667 -14.47 40.31 15.88
C ILE E 667 -14.61 41.40 16.93
N ARG E 668 -15.55 41.22 17.85
CA ARG E 668 -15.75 42.23 18.88
C ARG E 668 -14.47 42.51 19.63
N ARG E 669 -13.57 41.53 19.68
CA ARG E 669 -12.33 41.74 20.42
C ARG E 669 -11.34 42.55 19.60
N TYR E 670 -11.07 42.12 18.38
CA TYR E 670 -10.00 42.74 17.61
C TYR E 670 -10.29 44.20 17.33
N VAL E 671 -11.56 44.56 17.17
CA VAL E 671 -11.91 45.96 17.07
C VAL E 671 -11.58 46.68 18.37
N ARG E 672 -11.80 46.01 19.50
CA ARG E 672 -11.59 46.66 20.78
C ARG E 672 -10.13 47.01 20.97
N LYS E 673 -9.25 46.03 20.83
CA LYS E 673 -7.83 46.33 21.02
C LYS E 673 -7.25 47.15 19.88
N LEU E 674 -8.03 47.40 18.82
CA LEU E 674 -7.58 48.28 17.76
C LEU E 674 -7.73 49.74 18.15
N ILE E 675 -8.97 50.18 18.41
CA ILE E 675 -9.21 51.55 18.82
C ILE E 675 -8.88 51.79 20.28
N GLU E 676 -8.37 50.78 21.00
CA GLU E 676 -8.06 50.94 22.41
C GLU E 676 -7.09 52.08 22.67
N SER E 677 -6.29 52.45 21.68
CA SER E 677 -5.37 53.56 21.86
C SER E 677 -6.11 54.88 21.86
N GLU E 678 -6.88 55.14 20.82
CA GLU E 678 -7.49 56.46 20.66
C GLU E 678 -8.73 56.62 21.51
N TYR E 679 -9.71 55.75 21.34
CA TYR E 679 -11.00 55.86 22.01
C TYR E 679 -11.04 54.85 23.13
N TYR E 680 -10.65 55.27 24.33
CA TYR E 680 -10.59 54.36 25.45
C TYR E 680 -11.92 54.19 26.16
N GLY E 681 -12.71 55.25 26.24
CA GLY E 681 -13.97 55.17 26.94
C GLY E 681 -15.13 54.85 26.02
N LEU E 682 -14.83 54.21 24.88
CA LEU E 682 -15.84 53.82 23.90
C LEU E 682 -15.98 52.31 23.95
N PRO E 683 -16.88 51.78 24.76
CA PRO E 683 -17.02 50.33 24.86
C PRO E 683 -17.52 49.76 23.55
N VAL E 684 -17.20 48.50 23.32
CA VAL E 684 -17.63 47.79 22.13
C VAL E 684 -18.53 46.64 22.55
N LEU E 685 -19.65 46.48 21.85
CA LEU E 685 -20.59 45.41 22.12
C LEU E 685 -20.67 44.47 20.94
N SER E 686 -21.60 43.54 21.03
CA SER E 686 -21.89 42.64 19.93
C SER E 686 -23.36 42.78 19.56
N TYR E 687 -23.75 42.12 18.48
CA TYR E 687 -25.17 42.01 18.23
C TYR E 687 -25.80 41.00 19.15
N GLN E 688 -25.01 40.03 19.60
CA GLN E 688 -25.54 38.94 20.40
C GLN E 688 -25.72 39.37 21.85
N GLU E 689 -24.71 40.04 22.41
CA GLU E 689 -24.82 40.55 23.77
C GLU E 689 -26.02 41.44 23.93
N LEU E 690 -26.47 42.08 22.85
CA LEU E 690 -27.65 42.93 22.92
C LEU E 690 -28.88 42.05 23.09
N THR E 691 -29.37 41.96 24.31
CA THR E 691 -30.66 41.34 24.53
C THR E 691 -31.68 41.99 23.63
N GLN E 692 -32.58 41.18 23.11
CA GLN E 692 -33.66 41.74 22.32
C GLN E 692 -34.44 42.73 23.17
N GLN E 693 -35.33 43.47 22.52
CA GLN E 693 -36.08 44.54 23.17
C GLN E 693 -35.15 45.67 23.59
N ILE E 694 -34.17 45.98 22.73
CA ILE E 694 -33.30 47.14 22.90
C ILE E 694 -33.37 47.95 21.62
N ASN E 695 -33.71 49.22 21.75
CA ASN E 695 -33.83 50.10 20.58
C ASN E 695 -32.48 50.73 20.31
N ILE E 696 -31.68 50.07 19.49
CA ILE E 696 -30.44 50.66 19.03
C ILE E 696 -30.76 51.90 18.23
N GLN E 697 -30.25 53.04 18.67
CA GLN E 697 -30.46 54.30 17.97
C GLN E 697 -29.17 54.73 17.30
N PRO E 698 -28.90 54.24 16.09
CA PRO E 698 -27.58 54.44 15.49
C PRO E 698 -27.25 55.91 15.32
N LEU E 699 -26.17 56.35 15.97
CA LEU E 699 -25.72 57.72 15.80
C LEU E 699 -25.16 57.92 14.40
N GLY E 700 -24.29 57.03 13.95
CA GLY E 700 -23.78 57.12 12.60
C GLY E 700 -22.97 55.90 12.20
N ARG E 701 -23.28 55.32 11.05
CA ARG E 701 -22.63 54.09 10.63
C ARG E 701 -21.24 54.39 10.11
N VAL E 702 -20.26 53.56 10.50
CA VAL E 702 -18.87 53.74 10.09
C VAL E 702 -18.70 53.10 8.71
N CYS E 703 -18.71 53.92 7.67
CA CYS E 703 -18.59 53.42 6.31
C CYS E 703 -17.12 53.07 6.06
N LEU E 704 -16.77 52.84 4.80
CA LEU E 704 -15.38 52.64 4.45
C LEU E 704 -14.93 53.78 3.57
N LEU F 361 46.08 7.42 57.95
CA LEU F 361 45.83 8.18 56.74
C LEU F 361 44.89 7.44 55.81
N GLY F 362 44.45 6.27 56.26
CA GLY F 362 43.50 5.48 55.52
C GLY F 362 42.11 6.07 55.43
N GLU F 363 41.87 7.21 56.07
CA GLU F 363 40.59 7.90 55.91
C GLU F 363 40.40 8.27 54.45
N GLN F 364 39.20 7.97 53.93
CA GLN F 364 39.04 7.89 52.47
C GLN F 364 39.36 9.21 51.78
N GLU F 365 38.48 10.21 51.86
CA GLU F 365 38.94 11.55 51.48
C GLU F 365 38.29 12.71 52.24
N ALA F 366 37.13 12.47 52.84
CA ALA F 366 36.41 13.50 53.62
C ALA F 366 36.10 14.72 52.75
N PHE F 367 35.22 14.50 51.79
CA PHE F 367 34.73 15.55 50.89
C PHE F 367 34.41 16.83 51.65
N ALA F 368 34.85 17.96 51.11
CA ALA F 368 34.63 19.26 51.71
C ALA F 368 34.00 20.20 50.68
N MET F 369 32.84 20.75 51.01
CA MET F 369 32.08 21.55 50.05
C MET F 369 32.81 22.84 49.72
N THR F 370 32.74 23.24 48.45
CA THR F 370 33.27 24.53 48.05
C THR F 370 32.38 25.65 48.57
N VAL F 371 32.98 26.81 48.79
CA VAL F 371 32.23 27.94 49.33
C VAL F 371 31.61 28.72 48.17
N PRO F 372 30.34 29.07 48.27
CA PRO F 372 29.69 29.76 47.15
C PRO F 372 30.30 31.11 46.86
N LEU F 373 30.39 31.96 47.86
CA LEU F 373 31.04 33.26 47.72
C LEU F 373 32.04 33.40 48.85
N LEU F 374 33.13 34.09 48.58
CA LEU F 374 34.19 34.21 49.57
C LEU F 374 34.90 35.54 49.39
N ILE F 375 35.13 36.22 50.49
CA ILE F 375 35.93 37.44 50.50
C ILE F 375 37.18 37.15 51.28
N ASP F 376 38.32 37.31 50.64
CA ASP F 376 39.61 37.14 51.29
C ASP F 376 40.33 38.48 51.24
N VAL F 377 40.36 39.17 52.37
CA VAL F 377 41.14 40.39 52.49
C VAL F 377 42.34 40.05 53.36
N ASP F 378 43.29 40.98 53.44
CA ASP F 378 44.52 40.69 54.16
C ASP F 378 44.26 40.66 55.66
N SER F 379 45.29 40.27 56.39
CA SER F 379 45.29 40.44 57.84
C SER F 379 45.63 41.90 58.14
N SER F 380 45.97 42.20 59.38
CA SER F 380 46.33 43.54 59.84
C SER F 380 45.12 44.46 59.87
N GLN F 381 43.99 43.99 59.35
CA GLN F 381 42.72 44.69 59.49
C GLN F 381 41.68 43.85 60.21
N GLN F 382 41.98 42.57 60.47
CA GLN F 382 40.99 41.67 61.06
C GLN F 382 40.38 42.24 62.33
N GLU F 383 41.05 43.20 62.95
CA GLU F 383 40.49 43.97 64.04
C GLU F 383 40.57 45.46 63.78
N ALA F 384 41.36 45.89 62.80
CA ALA F 384 41.47 47.30 62.45
C ALA F 384 40.41 47.75 61.48
N LEU F 385 40.03 46.91 60.50
CA LEU F 385 38.98 47.40 59.62
C LEU F 385 37.65 47.27 60.32
N GLU F 386 37.06 46.07 60.37
CA GLU F 386 36.37 45.44 61.50
C GLU F 386 35.61 46.39 62.42
N ALA F 387 35.49 47.65 62.05
CA ALA F 387 34.97 48.65 62.97
C ALA F 387 34.09 49.67 62.31
N ILE F 388 33.81 49.55 61.01
CA ILE F 388 32.70 50.34 60.49
C ILE F 388 31.47 49.48 60.69
N ALA F 389 31.30 48.44 59.89
CA ALA F 389 30.69 47.22 60.37
C ALA F 389 31.47 46.01 59.89
N LEU F 390 31.59 45.89 58.56
CA LEU F 390 32.20 44.76 57.87
C LEU F 390 31.59 43.43 58.28
N ASN F 391 30.49 43.48 59.02
CA ASN F 391 29.57 42.37 59.13
C ASN F 391 28.14 42.86 59.06
N ASP F 392 27.91 44.16 59.11
CA ASP F 392 26.64 44.78 58.82
C ASP F 392 26.74 45.78 57.69
N GLU F 393 27.89 45.86 57.02
CA GLU F 393 27.99 46.62 55.79
C GLU F 393 27.98 45.71 54.58
N LEU F 394 28.23 44.42 54.78
CA LEU F 394 28.02 43.45 53.73
C LEU F 394 26.59 42.98 53.72
N VAL F 395 26.08 42.53 54.87
CA VAL F 395 24.70 42.06 54.92
C VAL F 395 23.73 43.17 54.55
N ARG F 396 24.14 44.43 54.70
CA ARG F 396 23.28 45.52 54.26
C ARG F 396 23.28 45.63 52.75
N VAL F 397 24.44 45.50 52.12
CA VAL F 397 24.47 45.63 50.66
C VAL F 397 24.07 44.33 50.01
N ARG F 398 24.06 43.22 50.75
CA ARG F 398 23.52 42.00 50.17
C ARG F 398 22.00 42.05 50.13
N ARG F 399 21.38 42.44 51.24
CA ARG F 399 19.93 42.62 51.24
C ARG F 399 19.51 43.72 50.30
N ALA F 400 20.17 44.87 50.37
CA ALA F 400 19.78 45.98 49.52
C ALA F 400 19.94 45.62 48.05
N LEU F 401 20.81 44.66 47.77
CA LEU F 401 20.94 44.19 46.39
C LEU F 401 19.97 43.07 46.10
N TYR F 402 19.53 42.35 47.12
CA TYR F 402 18.52 41.33 46.90
C TYR F 402 17.20 41.97 46.53
N LEU F 403 16.76 42.97 47.29
CA LEU F 403 15.53 43.68 46.97
C LEU F 403 15.60 44.39 45.63
N ASP F 404 16.74 44.38 44.97
CA ASP F 404 16.83 45.00 43.67
C ASP F 404 16.68 43.97 42.56
N LEU F 405 17.41 42.88 42.64
CA LEU F 405 17.39 41.81 41.66
C LEU F 405 16.42 40.69 42.03
N GLY F 406 16.44 40.25 43.27
CA GLY F 406 15.58 39.18 43.70
C GLY F 406 16.25 37.85 43.85
N VAL F 407 17.48 37.71 43.40
CA VAL F 407 18.20 36.44 43.49
C VAL F 407 18.42 36.10 44.96
N PRO F 408 18.20 34.88 45.38
CA PRO F 408 18.50 34.53 46.77
C PRO F 408 19.99 34.28 46.95
N PHE F 409 20.73 35.37 47.17
CA PHE F 409 22.17 35.31 47.20
C PHE F 409 22.66 34.40 48.32
N PRO F 410 23.87 33.88 48.21
CA PRO F 410 24.36 32.96 49.23
C PRO F 410 25.01 33.68 50.38
N GLY F 411 25.58 32.93 51.32
CA GLY F 411 26.20 33.54 52.48
C GLY F 411 27.62 33.92 52.18
N ILE F 412 27.97 35.18 52.44
CA ILE F 412 29.30 35.68 52.15
C ILE F 412 30.21 35.32 53.32
N HIS F 413 31.06 34.34 53.13
CA HIS F 413 32.09 34.07 54.12
C HIS F 413 33.15 35.16 54.06
N LEU F 414 33.61 35.58 55.22
CA LEU F 414 34.62 36.62 55.34
C LEU F 414 35.83 36.04 56.07
N ARG F 415 36.96 35.99 55.39
CA ARG F 415 38.17 35.43 55.95
C ARG F 415 39.30 36.44 55.82
N PHE F 416 39.91 36.77 56.95
CA PHE F 416 41.10 37.61 56.98
C PHE F 416 42.31 36.70 56.85
N ASN F 417 42.92 36.70 55.68
CA ASN F 417 44.10 35.89 55.40
C ASN F 417 45.35 36.72 55.63
N GLU F 418 46.38 36.08 56.15
CA GLU F 418 47.67 36.72 56.30
C GLU F 418 48.61 36.44 55.14
N GLY F 419 48.30 35.43 54.32
CA GLY F 419 49.20 35.03 53.27
C GLY F 419 49.44 36.11 52.22
N MET F 420 48.50 37.04 52.08
CA MET F 420 48.63 38.09 51.09
C MET F 420 49.34 39.29 51.71
N GLY F 421 49.31 40.43 51.03
CA GLY F 421 49.99 41.62 51.50
C GLY F 421 49.25 42.30 52.63
N GLU F 422 49.19 43.64 52.59
CA GLU F 422 48.49 44.39 53.62
C GLU F 422 47.35 45.24 53.07
N GLY F 423 47.29 45.48 51.77
CA GLY F 423 46.17 46.17 51.19
C GLY F 423 45.47 45.36 50.12
N GLU F 424 45.81 44.08 50.03
CA GLU F 424 45.25 43.20 49.03
C GLU F 424 43.89 42.68 49.49
N TYR F 425 43.04 42.33 48.53
CA TYR F 425 41.77 41.68 48.81
C TYR F 425 41.26 41.06 47.53
N LEU F 426 40.78 39.83 47.62
CA LEU F 426 40.22 39.13 46.47
C LEU F 426 38.85 38.63 46.84
N ILE F 427 37.92 38.74 45.90
CA ILE F 427 36.55 38.28 46.07
C ILE F 427 36.39 37.09 45.16
N SER F 428 36.29 35.91 45.74
CA SER F 428 36.36 34.67 44.97
C SER F 428 35.00 34.01 44.93
N LEU F 429 34.42 33.91 43.73
CA LEU F 429 33.26 33.07 43.52
C LEU F 429 33.71 31.63 43.35
N GLN F 430 33.42 30.78 44.33
CA GLN F 430 33.69 29.36 44.21
C GLN F 430 35.16 29.11 43.88
N GLU F 431 36.03 29.74 44.67
CA GLU F 431 37.47 29.50 44.65
C GLU F 431 38.12 29.89 43.33
N VAL F 432 37.66 30.97 42.71
CA VAL F 432 38.41 31.58 41.61
C VAL F 432 38.30 33.09 41.71
N PRO F 433 39.35 33.78 42.17
CA PRO F 433 39.25 35.22 42.42
C PRO F 433 38.74 35.98 41.21
N VAL F 434 37.58 36.61 41.39
CA VAL F 434 36.90 37.26 40.27
C VAL F 434 37.12 38.77 40.27
N ALA F 435 37.45 39.37 41.40
CA ALA F 435 37.79 40.79 41.42
C ALA F 435 38.76 41.01 42.55
N ARG F 436 40.05 40.98 42.25
CA ARG F 436 41.07 41.20 43.25
C ARG F 436 41.44 42.67 43.26
N GLY F 437 42.14 43.06 44.32
CA GLY F 437 42.56 44.45 44.43
C GLY F 437 43.54 44.63 45.56
N GLU F 438 44.50 45.52 45.36
CA GLU F 438 45.41 45.96 46.41
C GLU F 438 44.96 47.37 46.77
N LEU F 439 44.11 47.47 47.77
CA LEU F 439 43.56 48.77 48.14
C LEU F 439 44.70 49.62 48.70
N LYS F 440 45.20 50.56 47.88
CA LYS F 440 46.24 51.46 48.35
C LYS F 440 45.70 52.50 49.32
N ALA F 441 44.44 52.34 49.72
CA ALA F 441 43.92 52.92 50.93
C ALA F 441 44.42 52.11 52.11
N GLY F 442 45.43 51.26 51.86
CA GLY F 442 46.02 50.39 52.85
C GLY F 442 46.13 51.03 54.21
N TYR F 443 46.80 52.18 54.30
CA TYR F 443 46.84 52.86 55.60
C TYR F 443 45.57 53.69 55.80
N LEU F 444 45.42 54.78 55.05
CA LEU F 444 44.19 55.54 54.90
C LEU F 444 44.34 56.45 53.70
N LEU F 445 43.72 56.11 52.58
CA LEU F 445 43.89 56.90 51.38
C LEU F 445 42.56 56.98 50.62
N VAL F 446 41.49 57.30 51.34
CA VAL F 446 40.13 57.23 50.84
C VAL F 446 40.06 57.75 49.41
N ARG F 447 39.58 56.91 48.49
CA ARG F 447 39.76 57.16 47.06
C ARG F 447 38.77 58.21 46.58
N GLU F 448 38.83 58.49 45.28
CA GLU F 448 37.91 59.40 44.63
C GLU F 448 37.54 58.83 43.27
N SER F 449 36.24 58.72 43.02
CA SER F 449 35.72 58.05 41.83
C SER F 449 35.61 58.95 40.62
N VAL F 450 35.26 60.21 40.81
CA VAL F 450 35.04 61.13 39.69
C VAL F 450 36.24 62.07 39.64
N SER F 451 37.40 61.55 40.06
CA SER F 451 38.65 62.29 40.00
C SER F 451 38.85 62.91 38.62
N GLN F 452 39.33 64.15 38.60
CA GLN F 452 39.40 64.95 37.39
C GLN F 452 40.44 66.02 37.63
N LEU F 453 40.57 66.97 36.71
CA LEU F 453 41.38 68.14 37.00
C LEU F 453 40.79 68.97 38.12
N GLU F 454 39.55 68.68 38.53
CA GLU F 454 38.98 69.33 39.70
C GLU F 454 39.76 69.00 40.96
N LEU F 455 40.32 67.79 41.02
CA LEU F 455 41.27 67.47 42.08
C LEU F 455 42.65 68.09 41.84
N LEU F 456 42.83 68.77 40.72
CA LEU F 456 43.95 69.70 40.58
C LEU F 456 43.52 71.12 40.89
N GLY F 457 42.28 71.49 40.55
CA GLY F 457 41.73 72.72 41.08
C GLY F 457 41.56 72.66 42.58
N ILE F 458 41.17 71.49 43.08
CA ILE F 458 41.19 71.20 44.52
C ILE F 458 42.48 70.43 44.72
N PRO F 459 43.61 71.12 44.98
CA PRO F 459 44.91 70.63 44.52
C PRO F 459 45.48 69.45 45.28
N TYR F 460 44.72 68.82 46.18
CA TYR F 460 45.31 67.85 47.09
C TYR F 460 45.89 66.67 46.32
N GLU F 461 47.07 66.23 46.76
CA GLU F 461 47.87 65.28 46.00
C GLU F 461 47.08 64.02 45.68
N LYS F 462 47.44 63.38 44.58
CA LYS F 462 46.71 62.25 44.05
C LYS F 462 47.54 60.98 44.11
N GLY F 463 46.87 59.86 43.84
CA GLY F 463 47.53 58.59 43.61
C GLY F 463 46.90 57.90 42.42
N GLU F 464 47.69 57.60 41.40
CA GLU F 464 47.11 57.15 40.14
C GLU F 464 46.76 55.67 40.17
N HIS F 465 45.64 55.35 39.52
CA HIS F 465 45.19 53.98 39.32
C HIS F 465 44.02 54.01 38.34
N LEU F 466 43.60 52.83 37.92
CA LEU F 466 42.43 52.64 37.08
C LEU F 466 41.52 51.59 37.71
N LEU F 467 41.26 51.76 39.00
CA LEU F 467 40.31 50.94 39.74
C LEU F 467 39.01 51.02 38.92
N PRO F 468 38.23 49.94 38.83
CA PRO F 468 37.55 49.66 37.56
C PRO F 468 36.68 50.74 36.95
N ASP F 469 35.61 51.16 37.62
CA ASP F 469 34.49 51.73 36.89
C ASP F 469 34.63 53.20 36.56
N GLN F 470 35.18 54.02 37.44
CA GLN F 470 35.43 55.41 37.15
C GLN F 470 36.87 55.73 37.51
N GLU F 471 37.37 56.86 37.03
CA GLU F 471 38.77 57.17 37.25
C GLU F 471 39.04 57.35 38.74
N THR F 472 39.81 56.43 39.30
CA THR F 472 40.09 56.40 40.72
C THR F 472 41.40 57.11 41.02
N PHE F 473 41.33 58.13 41.86
CA PHE F 473 42.51 58.76 42.39
C PHE F 473 42.33 58.91 43.89
N TRP F 474 43.43 58.83 44.61
CA TRP F 474 43.39 58.68 46.06
C TRP F 474 43.92 59.92 46.75
N VAL F 475 43.28 60.29 47.86
CA VAL F 475 43.71 61.37 48.72
C VAL F 475 43.66 60.88 50.15
N SER F 476 44.39 61.57 51.02
CA SER F 476 44.50 61.12 52.41
C SER F 476 43.33 61.64 53.23
N VAL F 477 43.40 61.44 54.54
CA VAL F 477 42.26 61.71 55.41
C VAL F 477 42.26 63.12 55.99
N GLU F 478 43.39 63.83 55.93
CA GLU F 478 43.37 65.27 56.16
C GLU F 478 42.85 65.98 54.91
N TYR F 479 43.17 65.44 53.73
CA TYR F 479 42.65 65.99 52.49
C TYR F 479 41.16 65.71 52.36
N GLU F 480 40.66 64.69 53.04
CA GLU F 480 39.24 64.35 52.95
C GLU F 480 38.36 65.48 53.44
N GLU F 481 38.73 66.10 54.56
CA GLU F 481 37.90 67.15 55.16
C GLU F 481 37.60 68.26 54.16
N ARG F 482 38.61 68.62 53.35
CA ARG F 482 38.44 69.72 52.42
C ARG F 482 37.78 69.28 51.12
N LEU F 483 38.07 68.07 50.64
CA LEU F 483 37.42 67.60 49.43
C LEU F 483 35.98 67.17 49.68
N GLU F 484 35.65 66.75 50.90
CA GLU F 484 34.24 66.52 51.20
C GLU F 484 33.47 67.82 51.26
N LYS F 485 34.14 68.92 51.57
CA LYS F 485 33.54 70.23 51.35
C LYS F 485 33.28 70.47 49.88
N SER F 486 34.23 70.08 49.03
CA SER F 486 34.13 70.25 47.59
C SER F 486 33.17 69.26 46.95
N GLN F 487 32.67 68.28 47.70
CA GLN F 487 31.61 67.37 47.25
C GLN F 487 31.96 66.53 46.02
N LEU F 488 32.92 65.61 46.18
CA LEU F 488 33.11 64.55 45.21
C LEU F 488 32.95 63.19 45.92
N GLU F 489 33.05 62.11 45.16
CA GLU F 489 32.68 60.81 45.68
C GLU F 489 33.79 60.19 46.53
N PHE F 490 33.47 59.91 47.79
CA PHE F 490 34.38 59.32 48.76
C PHE F 490 34.02 57.87 49.01
N PHE F 491 35.02 57.01 49.01
CA PHE F 491 34.83 55.60 49.29
C PHE F 491 35.70 55.22 50.48
N SER F 492 35.07 54.98 51.61
CA SER F 492 35.78 54.51 52.78
C SER F 492 36.26 53.09 52.56
N HIS F 493 36.83 52.49 53.60
CA HIS F 493 37.29 51.12 53.46
C HIS F 493 36.15 50.13 53.37
N SER F 494 34.99 50.46 53.91
CA SER F 494 33.82 49.66 53.59
C SER F 494 33.40 49.86 52.14
N GLN F 495 33.20 51.10 51.75
CA GLN F 495 32.56 51.38 50.46
C GLN F 495 33.47 51.01 49.29
N VAL F 496 34.77 50.92 49.52
CA VAL F 496 35.63 50.43 48.45
C VAL F 496 35.50 48.93 48.32
N LEU F 497 35.18 48.26 49.43
CA LEU F 497 35.05 46.83 49.41
C LEU F 497 33.69 46.42 48.86
N THR F 498 32.61 46.83 49.53
CA THR F 498 31.29 46.42 49.10
C THR F 498 30.98 46.84 47.67
N TRP F 499 31.54 47.94 47.20
CA TRP F 499 31.22 48.38 45.86
C TRP F 499 31.55 47.29 44.85
N HIS F 500 32.77 46.74 44.90
CA HIS F 500 33.07 45.62 44.03
C HIS F 500 32.14 44.45 44.30
N LEU F 501 31.81 44.19 45.56
CA LEU F 501 30.84 43.15 45.84
C LEU F 501 29.53 43.44 45.13
N SER F 502 28.91 44.58 45.45
CA SER F 502 27.64 44.93 44.80
C SER F 502 27.80 45.07 43.30
N HIS F 503 29.04 45.00 42.81
CA HIS F 503 29.24 44.89 41.37
C HIS F 503 29.51 43.46 40.95
N VAL F 504 30.03 42.63 41.86
CA VAL F 504 30.26 41.24 41.51
C VAL F 504 28.94 40.49 41.42
N LEU F 505 28.05 40.71 42.38
CA LEU F 505 26.76 40.05 42.33
C LEU F 505 25.96 40.49 41.12
N ARG F 506 25.89 41.79 40.89
CA ARG F 506 25.05 42.26 39.80
C ARG F 506 25.53 41.76 38.45
N GLU F 507 26.77 41.31 38.34
CA GLU F 507 27.26 40.80 37.07
C GLU F 507 27.38 39.29 37.03
N TYR F 508 27.40 38.63 38.18
CA TYR F 508 27.45 37.18 38.24
C TYR F 508 26.20 36.64 38.91
N ALA F 509 25.08 37.31 38.70
CA ALA F 509 23.80 36.84 39.19
C ALA F 509 23.20 35.77 38.30
N GLU F 510 23.84 35.42 37.20
CA GLU F 510 23.42 34.26 36.45
C GLU F 510 23.92 32.96 37.06
N ASP F 511 24.76 33.03 38.08
CA ASP F 511 25.39 31.85 38.64
C ASP F 511 24.83 31.49 40.00
N PHE F 512 23.97 32.34 40.57
CA PHE F 512 23.35 32.04 41.85
C PHE F 512 21.91 31.60 41.71
N ILE F 513 21.40 31.49 40.49
CA ILE F 513 20.05 30.97 40.32
C ILE F 513 20.14 29.61 39.66
N GLY F 514 20.26 28.57 40.47
CA GLY F 514 20.31 27.21 39.98
C GLY F 514 19.08 26.45 40.43
N ILE F 515 18.93 25.26 39.86
CA ILE F 515 17.76 24.44 40.15
C ILE F 515 17.57 24.27 41.65
N GLN F 516 18.64 24.45 42.41
CA GLN F 516 18.49 24.37 43.85
C GLN F 516 18.00 25.68 44.43
N GLU F 517 18.12 26.78 43.68
CA GLU F 517 17.73 28.06 44.25
C GLU F 517 16.32 28.46 43.83
N THR F 518 15.86 28.05 42.64
CA THR F 518 14.47 28.31 42.32
C THR F 518 13.55 27.43 43.14
N ARG F 519 13.94 26.17 43.35
CA ARG F 519 13.14 25.32 44.23
C ARG F 519 13.13 25.87 45.64
N TYR F 520 13.98 26.84 45.93
CA TYR F 520 13.85 27.56 47.19
C TYR F 520 12.73 28.60 47.10
N LEU F 521 12.61 29.25 45.94
CA LEU F 521 11.52 30.21 45.76
C LEU F 521 10.18 29.49 45.66
N LEU F 522 10.11 28.44 44.86
CA LEU F 522 8.87 27.69 44.71
C LEU F 522 8.51 26.90 45.95
N GLU F 523 9.34 26.92 46.98
CA GLU F 523 8.89 26.42 48.27
C GLU F 523 8.52 27.57 49.19
N GLN F 524 9.30 28.65 49.17
CA GLN F 524 8.98 29.79 50.00
C GLN F 524 7.68 30.44 49.59
N MET F 525 7.18 30.19 48.39
CA MET F 525 5.92 30.74 47.93
C MET F 525 4.77 29.76 48.03
N GLU F 526 5.02 28.55 48.50
CA GLU F 526 3.94 27.57 48.62
C GLU F 526 2.80 28.12 49.46
N GLY F 527 3.12 28.76 50.58
CA GLY F 527 2.11 29.31 51.45
C GLY F 527 1.24 30.33 50.76
N GLY F 528 1.85 31.38 50.22
CA GLY F 528 1.11 32.41 49.53
C GLY F 528 0.32 31.89 48.36
N TYR F 529 1.00 31.38 47.34
CA TYR F 529 0.36 30.96 46.11
C TYR F 529 0.49 29.44 45.99
N GLY F 530 -0.46 28.73 46.58
CA GLY F 530 -0.46 27.29 46.49
C GLY F 530 -0.78 26.80 45.10
N GLU F 531 -1.97 27.13 44.62
CA GLU F 531 -2.44 26.53 43.38
C GLU F 531 -1.73 27.10 42.17
N LEU F 532 -1.02 28.21 42.34
CA LEU F 532 -0.22 28.74 41.24
C LEU F 532 0.97 27.86 40.99
N ILE F 533 1.65 27.44 42.05
CA ILE F 533 2.86 26.65 41.91
C ILE F 533 2.53 25.23 41.49
N LYS F 534 1.52 24.62 42.10
CA LYS F 534 1.13 23.27 41.71
C LYS F 534 0.65 23.22 40.27
N GLU F 535 0.37 24.38 39.67
CA GLU F 535 0.01 24.46 38.26
C GLU F 535 1.22 24.71 37.39
N VAL F 536 2.16 25.53 37.86
CA VAL F 536 3.31 25.86 37.03
C VAL F 536 4.29 24.70 36.96
N GLN F 537 4.40 23.92 38.04
CA GLN F 537 5.37 22.84 38.05
C GLN F 537 5.02 21.74 37.06
N ARG F 538 3.74 21.53 36.79
CA ARG F 538 3.33 20.52 35.84
C ARG F 538 3.42 21.00 34.40
N ILE F 539 3.53 22.30 34.18
CA ILE F 539 3.62 22.83 32.83
C ILE F 539 5.06 23.01 32.40
N VAL F 540 5.87 23.66 33.22
CA VAL F 540 7.29 23.86 32.92
C VAL F 540 8.11 23.10 33.95
N PRO F 541 8.97 22.19 33.54
CA PRO F 541 9.85 21.51 34.48
C PRO F 541 10.83 22.49 35.11
N LEU F 542 11.42 22.08 36.24
CA LEU F 542 12.32 22.97 36.96
C LEU F 542 13.50 23.38 36.12
N GLN F 543 13.98 22.51 35.25
CA GLN F 543 15.08 22.94 34.39
C GLN F 543 14.63 24.08 33.49
N ARG F 544 13.43 23.97 32.93
CA ARG F 544 13.01 24.97 31.96
C ARG F 544 12.64 26.28 32.64
N MET F 545 12.02 26.20 33.80
CA MET F 545 11.66 27.42 34.52
C MET F 545 12.91 28.13 35.01
N THR F 546 13.94 27.38 35.38
CA THR F 546 15.16 28.03 35.83
C THR F 546 15.95 28.60 34.68
N GLU F 547 15.96 27.91 33.54
CA GLU F 547 16.65 28.46 32.37
C GLU F 547 16.01 29.77 31.93
N ILE F 548 14.85 30.12 32.49
CA ILE F 548 14.28 31.43 32.25
C ILE F 548 14.77 32.42 33.28
N LEU F 549 14.67 32.07 34.57
CA LEU F 549 15.05 33.00 35.61
C LEU F 549 16.49 33.45 35.46
N GLN F 550 17.34 32.60 34.87
CA GLN F 550 18.68 33.05 34.56
C GLN F 550 18.66 34.04 33.41
N ARG F 551 17.74 33.88 32.48
CA ARG F 551 17.74 34.76 31.32
C ARG F 551 17.13 36.11 31.62
N LEU F 552 16.29 36.21 32.66
CA LEU F 552 15.84 37.52 33.08
C LEU F 552 16.98 38.25 33.78
N VAL F 553 17.46 37.69 34.89
CA VAL F 553 18.50 38.35 35.66
C VAL F 553 19.74 38.59 34.83
N GLY F 554 19.83 38.00 33.65
CA GLY F 554 20.91 38.35 32.75
C GLY F 554 20.77 39.75 32.18
N GLU F 555 19.54 40.17 31.89
CA GLU F 555 19.29 41.51 31.38
C GLU F 555 19.04 42.51 32.51
N ASP F 556 19.39 42.15 33.73
CA ASP F 556 19.18 42.97 34.93
C ASP F 556 17.71 43.18 35.25
N ILE F 557 16.80 42.53 34.53
CA ILE F 557 15.41 42.47 34.96
C ILE F 557 15.35 41.83 36.33
N SER F 558 14.37 42.22 37.12
CA SER F 558 14.29 41.80 38.51
C SER F 558 13.28 40.68 38.66
N ILE F 559 13.75 39.51 39.09
CA ILE F 559 12.87 38.40 39.43
C ILE F 559 11.83 38.82 40.45
N ARG F 560 12.16 39.79 41.30
CA ARG F 560 11.47 40.07 42.55
C ARG F 560 9.98 39.84 42.47
N ASN F 561 9.35 40.33 41.41
CA ASN F 561 7.91 40.17 41.19
C ASN F 561 7.66 38.73 40.76
N MET F 562 7.62 37.84 41.74
CA MET F 562 7.62 36.42 41.39
C MET F 562 6.25 35.92 40.99
N ARG F 563 5.19 36.63 41.33
CA ARG F 563 3.87 36.17 40.91
C ARG F 563 3.68 36.34 39.41
N SER F 564 3.74 37.57 38.93
CA SER F 564 3.44 37.81 37.51
C SER F 564 4.50 37.24 36.60
N ILE F 565 5.54 36.62 37.15
CA ILE F 565 6.43 35.81 36.33
C ILE F 565 5.89 34.41 36.21
N LEU F 566 5.10 33.97 37.19
CA LEU F 566 4.52 32.65 37.10
C LEU F 566 3.19 32.68 36.36
N GLU F 567 2.40 33.75 36.52
CA GLU F 567 1.22 33.92 35.68
C GLU F 567 1.59 33.83 34.21
N ALA F 568 2.61 34.59 33.80
CA ALA F 568 3.05 34.54 32.42
C ALA F 568 3.83 33.28 32.13
N MET F 569 4.22 32.54 33.16
CA MET F 569 4.85 31.25 32.93
C MET F 569 3.82 30.20 32.58
N VAL F 570 2.71 30.19 33.31
CA VAL F 570 1.62 29.26 33.04
C VAL F 570 1.01 29.56 31.68
N GLU F 571 0.74 30.82 31.42
CA GLU F 571 0.04 31.21 30.20
C GLU F 571 0.79 30.75 28.96
N TRP F 572 2.10 31.02 28.91
CA TRP F 572 2.86 30.77 27.69
C TRP F 572 3.61 29.46 27.69
N GLY F 573 3.77 28.82 28.84
CA GLY F 573 4.52 27.57 28.85
C GLY F 573 3.88 26.44 28.09
N GLN F 574 2.64 26.62 27.70
CA GLN F 574 1.90 25.64 26.91
C GLN F 574 1.98 25.93 25.42
N LYS F 575 1.99 27.20 25.04
CA LYS F 575 2.02 27.56 23.63
C LYS F 575 3.44 27.60 23.11
N GLU F 576 4.33 28.33 23.78
CA GLU F 576 5.70 28.47 23.31
C GLU F 576 6.62 27.46 23.99
N LYS F 577 7.63 27.01 23.26
CA LYS F 577 8.55 26.01 23.76
C LYS F 577 10.02 26.37 23.61
N ASP F 578 10.38 27.29 22.73
CA ASP F 578 11.75 27.77 22.65
C ASP F 578 11.97 28.77 23.76
N VAL F 579 12.96 28.50 24.62
CA VAL F 579 13.17 29.31 25.80
C VAL F 579 13.30 30.78 25.45
N VAL F 580 14.04 31.09 24.40
CA VAL F 580 14.30 32.49 24.06
C VAL F 580 13.01 33.18 23.67
N GLN F 581 12.08 32.46 23.05
CA GLN F 581 10.77 33.05 22.80
C GLN F 581 9.98 33.18 24.08
N LEU F 582 9.96 32.14 24.89
CA LEU F 582 9.20 32.17 26.12
C LEU F 582 9.65 33.32 27.01
N THR F 583 10.95 33.60 27.06
CA THR F 583 11.36 34.69 27.93
C THR F 583 11.02 36.04 27.33
N GLU F 584 10.92 36.14 26.02
CA GLU F 584 10.47 37.40 25.44
C GLU F 584 8.99 37.61 25.68
N TYR F 585 8.23 36.53 25.84
CA TYR F 585 6.85 36.68 26.25
C TYR F 585 6.74 37.00 27.73
N ILE F 586 7.69 36.53 28.53
CA ILE F 586 7.60 36.76 29.97
C ILE F 586 8.05 38.16 30.33
N ARG F 587 9.07 38.69 29.65
CA ARG F 587 9.39 40.10 29.84
C ARG F 587 8.20 40.98 29.51
N SER F 588 7.43 40.62 28.50
CA SER F 588 6.22 41.35 28.13
C SER F 588 5.15 41.30 29.18
N SER F 589 5.33 40.53 30.25
CA SER F 589 4.40 40.55 31.36
C SER F 589 4.80 41.55 32.44
N LEU F 590 6.05 41.99 32.44
CA LEU F 590 6.50 43.03 33.34
C LEU F 590 6.48 44.41 32.67
N LYS F 591 5.51 44.63 31.78
CA LYS F 591 5.45 45.85 30.99
C LYS F 591 5.66 47.08 31.86
N ARG F 592 4.73 47.34 32.77
CA ARG F 592 4.80 48.60 33.49
C ARG F 592 5.90 48.60 34.53
N TYR F 593 6.73 47.57 34.57
CA TYR F 593 7.94 47.66 35.37
C TYR F 593 9.06 48.28 34.55
N ILE F 594 9.31 47.73 33.36
CA ILE F 594 10.42 48.20 32.53
C ILE F 594 10.26 49.67 32.21
N CYS F 595 9.05 50.10 31.84
CA CYS F 595 8.76 51.52 31.67
C CYS F 595 9.27 52.35 32.82
N TYR F 596 9.38 51.77 34.01
CA TYR F 596 9.90 52.48 35.15
C TYR F 596 11.37 52.23 35.40
N LYS F 597 11.95 51.20 34.81
CA LYS F 597 13.38 51.00 35.00
C LYS F 597 14.21 51.80 34.02
N TYR F 598 13.73 51.98 32.80
CA TYR F 598 14.56 52.64 31.79
C TYR F 598 14.14 54.07 31.52
N ALA F 599 12.86 54.36 31.58
CA ALA F 599 12.35 55.70 31.33
C ALA F 599 11.75 56.25 32.61
N ASN F 600 12.59 56.83 33.46
CA ASN F 600 12.10 57.37 34.72
C ASN F 600 11.31 58.66 34.54
N GLY F 601 11.56 59.42 33.49
CA GLY F 601 10.85 60.65 33.28
C GLY F 601 9.39 60.45 32.93
N ASN F 602 8.76 61.52 32.47
CA ASN F 602 7.33 61.52 32.18
C ASN F 602 7.03 60.76 30.90
N ASN F 603 7.18 59.45 30.93
CA ASN F 603 6.78 58.59 29.82
C ASN F 603 7.53 58.94 28.53
N ILE F 604 8.76 59.45 28.67
CA ILE F 604 9.59 59.75 27.53
C ILE F 604 10.87 58.92 27.63
N LEU F 605 11.25 58.28 26.53
CA LEU F 605 12.33 57.30 26.54
C LEU F 605 13.25 57.58 25.35
N PRO F 606 14.52 57.85 25.56
CA PRO F 606 15.43 58.13 24.45
C PRO F 606 15.91 56.85 23.79
N ALA F 607 15.40 56.57 22.61
CA ALA F 607 15.60 55.28 21.97
C ALA F 607 16.58 55.39 20.81
N TYR F 608 16.89 54.24 20.24
CA TYR F 608 17.83 54.10 19.14
C TYR F 608 17.27 53.14 18.11
N LEU F 609 16.03 53.36 17.67
CA LEU F 609 15.31 52.41 16.84
C LEU F 609 16.17 51.84 15.72
N PHE F 610 15.92 50.56 15.41
CA PHE F 610 16.55 49.86 14.31
C PHE F 610 15.68 50.01 13.06
N ASP F 611 16.24 50.59 12.00
CA ASP F 611 15.44 50.70 10.78
C ASP F 611 15.21 49.34 10.17
N GLN F 612 14.00 49.13 9.66
CA GLN F 612 13.48 47.81 9.37
C GLN F 612 14.43 46.96 8.55
N GLU F 613 15.25 47.60 7.71
CA GLU F 613 16.13 46.84 6.83
C GLU F 613 17.07 45.95 7.63
N VAL F 614 17.49 46.41 8.81
CA VAL F 614 18.43 45.62 9.62
C VAL F 614 17.71 44.55 10.40
N GLU F 615 16.59 44.89 11.04
CA GLU F 615 15.83 43.90 11.80
C GLU F 615 15.41 42.72 10.95
N GLU F 616 15.59 42.78 9.64
CA GLU F 616 15.32 41.66 8.76
C GLU F 616 16.57 40.90 8.37
N LYS F 617 17.72 41.58 8.28
CA LYS F 617 18.96 40.85 8.11
C LYS F 617 19.22 39.92 9.28
N ILE F 618 18.89 40.35 10.49
CA ILE F 618 19.16 39.53 11.66
C ILE F 618 18.12 38.44 11.82
N ARG F 619 16.87 38.69 11.44
CA ARG F 619 15.87 37.64 11.57
C ARG F 619 16.06 36.52 10.57
N SER F 620 17.03 36.64 9.66
CA SER F 620 17.29 35.61 8.68
C SER F 620 18.51 34.77 9.03
N GLY F 621 19.02 34.87 10.25
CA GLY F 621 20.21 34.14 10.64
C GLY F 621 20.07 33.43 11.96
N VAL F 622 18.90 32.86 12.24
CA VAL F 622 18.61 32.36 13.57
C VAL F 622 19.05 30.92 13.77
N ARG F 623 18.90 30.05 12.77
CA ARG F 623 19.46 28.69 12.80
C ARG F 623 18.97 27.90 14.02
N GLN F 624 17.68 27.62 14.04
CA GLN F 624 17.06 26.91 15.17
C GLN F 624 17.35 25.42 15.05
N THR F 625 18.50 25.00 15.55
CA THR F 625 18.99 23.65 15.32
C THR F 625 19.05 22.78 16.57
N SER F 626 19.82 23.18 17.58
CA SER F 626 20.15 22.27 18.67
C SER F 626 19.87 22.95 20.01
N ALA F 627 18.69 23.55 20.13
CA ALA F 627 18.29 24.30 21.31
C ALA F 627 19.30 25.41 21.63
N GLY F 628 19.98 25.91 20.60
CA GLY F 628 20.88 27.04 20.76
C GLY F 628 20.42 28.24 19.95
N SER F 629 19.79 27.98 18.80
CA SER F 629 19.28 29.01 17.91
C SER F 629 20.29 30.13 17.70
N TYR F 630 21.56 29.77 17.62
CA TYR F 630 22.62 30.77 17.54
C TYR F 630 22.40 31.69 16.35
N LEU F 631 22.67 32.97 16.56
CA LEU F 631 22.71 33.91 15.45
C LEU F 631 24.02 33.69 14.71
N ALA F 632 23.93 33.15 13.51
CA ALA F 632 25.11 32.87 12.70
C ALA F 632 24.92 33.53 11.34
N LEU F 633 25.42 34.75 11.20
CA LEU F 633 25.35 35.45 9.91
C LEU F 633 26.65 35.28 9.13
N ASP F 634 27.72 35.89 9.62
CA ASP F 634 29.06 35.82 9.05
C ASP F 634 29.95 36.63 9.98
N PRO F 635 31.19 36.19 10.24
CA PRO F 635 32.16 37.10 10.86
C PRO F 635 32.40 38.36 10.08
N ALA F 636 31.92 38.45 8.84
CA ALA F 636 32.05 39.66 8.05
C ALA F 636 30.76 40.46 7.97
N VAL F 637 29.62 39.88 8.32
CA VAL F 637 28.39 40.64 8.43
C VAL F 637 28.22 41.22 9.82
N THR F 638 28.55 40.42 10.84
CA THR F 638 28.50 40.93 12.21
C THR F 638 29.29 42.23 12.34
N GLU F 639 30.43 42.32 11.68
CA GLU F 639 31.18 43.57 11.72
C GLU F 639 30.54 44.64 10.87
N SER F 640 29.71 44.24 9.90
CA SER F 640 28.99 45.23 9.10
C SER F 640 27.91 45.90 9.92
N LEU F 641 27.07 45.11 10.59
CA LEU F 641 26.04 45.68 11.45
C LEU F 641 26.67 46.40 12.63
N LEU F 642 27.57 45.73 13.33
CA LEU F 642 28.18 46.33 14.51
C LEU F 642 28.94 47.61 14.15
N GLU F 643 29.22 47.83 12.87
CA GLU F 643 29.79 49.11 12.48
C GLU F 643 28.72 50.16 12.29
N GLN F 644 27.62 49.79 11.62
CA GLN F 644 26.52 50.73 11.47
C GLN F 644 25.99 51.19 12.81
N VAL F 645 25.97 50.30 13.80
CA VAL F 645 25.63 50.72 15.15
C VAL F 645 26.65 51.73 15.65
N ARG F 646 27.90 51.31 15.73
CA ARG F 646 28.96 52.18 16.23
C ARG F 646 29.06 53.49 15.47
N LYS F 647 28.51 53.54 14.26
CA LYS F 647 28.56 54.76 13.47
C LYS F 647 27.53 55.79 13.91
N THR F 648 26.42 55.34 14.50
CA THR F 648 25.37 56.26 14.95
C THR F 648 25.38 56.43 16.46
N ILE F 649 25.36 55.34 17.21
CA ILE F 649 25.42 55.42 18.67
C ILE F 649 26.68 56.12 19.11
N GLY F 650 27.76 56.01 18.35
CA GLY F 650 29.00 56.61 18.76
C GLY F 650 29.63 55.83 19.88
N ASP F 651 29.89 56.49 21.00
CA ASP F 651 30.47 55.82 22.17
C ASP F 651 29.57 55.85 23.40
N LEU F 652 28.56 56.73 23.42
CA LEU F 652 27.60 56.86 24.52
C LEU F 652 28.28 57.07 25.86
N SER F 653 29.59 57.29 25.88
CA SER F 653 30.24 57.60 27.14
C SER F 653 29.92 59.04 27.54
N GLN F 654 29.94 59.96 26.58
CA GLN F 654 29.47 61.31 26.83
C GLN F 654 27.96 61.39 26.75
N ILE F 655 27.34 60.53 25.95
CA ILE F 655 25.88 60.59 25.81
C ILE F 655 25.25 60.30 27.15
N GLN F 656 24.57 61.30 27.72
CA GLN F 656 23.97 61.18 29.02
C GLN F 656 22.54 60.65 28.91
N SER F 657 21.94 60.43 30.07
CA SER F 657 20.53 60.05 30.26
C SER F 657 20.27 58.59 29.98
N LYS F 658 21.29 57.75 29.82
CA LYS F 658 21.11 56.31 29.70
C LYS F 658 20.13 55.94 28.60
N PRO F 659 20.49 56.05 27.33
CA PRO F 659 19.56 55.68 26.27
C PRO F 659 19.43 54.17 26.19
N VAL F 660 18.44 53.73 25.43
CA VAL F 660 18.18 52.30 25.25
C VAL F 660 17.92 52.01 23.79
N LEU F 661 18.45 50.90 23.31
CA LEU F 661 18.15 50.43 21.97
C LEU F 661 16.79 49.76 21.98
N ILE F 662 16.06 49.87 20.88
CA ILE F 662 14.70 49.36 20.81
C ILE F 662 14.55 48.60 19.52
N VAL F 663 14.39 47.29 19.61
CA VAL F 663 14.31 46.43 18.44
C VAL F 663 13.09 45.53 18.62
N SER F 664 12.65 44.94 17.50
CA SER F 664 11.50 44.06 17.54
C SER F 664 11.71 42.94 18.55
N MET F 665 10.60 42.29 18.92
CA MET F 665 10.65 41.37 20.05
C MET F 665 11.43 40.11 19.71
N ASP F 666 11.10 39.49 18.58
CA ASP F 666 11.60 38.15 18.29
C ASP F 666 13.10 38.07 18.09
N ILE F 667 13.80 39.19 18.04
CA ILE F 667 15.25 39.15 17.94
C ILE F 667 15.87 40.01 19.03
N ARG F 668 15.07 40.41 20.01
CA ARG F 668 15.60 41.25 21.07
C ARG F 668 16.78 40.60 21.74
N ARG F 669 16.85 39.27 21.70
CA ARG F 669 17.96 38.60 22.36
C ARG F 669 19.21 38.63 21.50
N TYR F 670 19.10 38.21 20.25
CA TYR F 670 20.28 38.05 19.43
C TYR F 670 21.00 39.37 19.22
N VAL F 671 20.24 40.47 19.15
CA VAL F 671 20.87 41.78 19.11
C VAL F 671 21.62 42.04 20.41
N ARG F 672 21.06 41.59 21.53
CA ARG F 672 21.69 41.87 22.81
C ARG F 672 23.04 41.19 22.92
N LYS F 673 23.09 39.88 22.69
CA LYS F 673 24.36 39.20 22.78
C LYS F 673 25.30 39.54 21.63
N LEU F 674 24.82 40.30 20.64
CA LEU F 674 25.70 40.75 19.57
C LEU F 674 26.53 41.94 20.02
N ILE F 675 25.87 43.05 20.37
CA ILE F 675 26.58 44.23 20.84
C ILE F 675 27.04 44.11 22.28
N GLU F 676 26.80 42.98 22.93
CA GLU F 676 27.19 42.79 24.32
C GLU F 676 28.68 43.04 24.55
N SER F 677 29.50 42.87 23.52
CA SER F 677 30.92 43.12 23.67
C SER F 677 31.20 44.62 23.76
N GLU F 678 30.73 45.38 22.78
CA GLU F 678 31.11 46.78 22.69
C GLU F 678 30.29 47.64 23.63
N TYR F 679 28.97 47.60 23.50
CA TYR F 679 28.08 48.47 24.26
C TYR F 679 27.43 47.65 25.36
N TYR F 680 28.04 47.65 26.53
CA TYR F 680 27.54 46.84 27.62
C TYR F 680 26.44 47.52 28.41
N GLY F 681 26.51 48.83 28.57
CA GLY F 681 25.52 49.52 29.35
C GLY F 681 24.40 50.08 28.50
N LEU F 682 24.18 49.46 27.33
CA LEU F 682 23.12 49.87 26.41
C LEU F 682 22.04 48.80 26.43
N PRO F 683 21.04 48.91 27.29
CA PRO F 683 20.01 47.88 27.35
C PRO F 683 19.22 47.85 26.06
N VAL F 684 18.64 46.69 25.78
CA VAL F 684 17.82 46.50 24.59
C VAL F 684 16.41 46.16 25.04
N LEU F 685 15.43 46.79 24.41
CA LEU F 685 14.03 46.57 24.73
C LEU F 685 13.33 45.97 23.52
N SER F 686 12.02 45.84 23.64
CA SER F 686 11.18 45.41 22.54
C SER F 686 10.13 46.47 22.28
N TYR F 687 9.38 46.29 21.20
CA TYR F 687 8.21 47.13 21.04
C TYR F 687 7.11 46.69 21.98
N GLN F 688 7.10 45.42 22.35
CA GLN F 688 6.03 44.88 23.15
C GLN F 688 6.22 45.22 24.62
N GLU F 689 7.44 45.06 25.13
CA GLU F 689 7.72 45.42 26.50
C GLU F 689 7.38 46.87 26.78
N LEU F 690 7.41 47.71 25.75
CA LEU F 690 7.05 49.11 25.91
C LEU F 690 5.55 49.21 26.14
N THR F 691 5.16 49.38 27.40
CA THR F 691 3.77 49.70 27.68
C THR F 691 3.38 50.92 26.87
N GLN F 692 2.15 50.90 26.38
CA GLN F 692 1.66 52.07 25.69
C GLN F 692 1.73 53.27 26.62
N GLN F 693 1.50 54.45 26.05
CA GLN F 693 1.62 55.72 26.78
C GLN F 693 3.08 55.96 27.17
N ILE F 694 3.99 55.63 26.26
CA ILE F 694 5.40 55.94 26.39
C ILE F 694 5.82 56.70 25.14
N ASN F 695 6.40 57.88 25.33
CA ASN F 695 6.82 58.71 24.21
C ASN F 695 8.26 58.35 23.86
N ILE F 696 8.42 57.38 22.97
CA ILE F 696 9.74 57.07 22.45
C ILE F 696 10.26 58.29 21.70
N GLN F 697 11.39 58.80 22.13
CA GLN F 697 12.01 59.95 21.49
C GLN F 697 13.25 59.50 20.74
N PRO F 698 13.11 59.03 19.51
CA PRO F 698 14.23 58.38 18.82
C PRO F 698 15.42 59.30 18.67
N LEU F 699 16.55 58.91 19.27
CA LEU F 699 17.77 59.68 19.10
C LEU F 699 18.28 59.58 17.68
N GLY F 700 18.36 58.37 17.15
CA GLY F 700 18.76 58.20 15.77
C GLY F 700 18.59 56.78 15.27
N ARG F 701 17.94 56.60 14.14
CA ARG F 701 17.64 55.26 13.65
C ARG F 701 18.88 54.64 13.04
N VAL F 702 19.11 53.37 13.33
CA VAL F 702 20.29 52.64 12.84
C VAL F 702 19.96 52.13 11.43
N CYS F 703 20.44 52.83 10.42
CA CYS F 703 20.17 52.45 9.04
C CYS F 703 21.05 51.27 8.68
N LEU F 704 21.13 50.95 7.40
CA LEU F 704 22.05 49.93 6.95
C LEU F 704 23.12 50.57 6.07
N LEU G 361 42.20 -27.42 54.97
CA LEU G 361 42.45 -26.60 53.79
C LEU G 361 41.21 -26.53 52.93
N GLY G 362 40.15 -27.17 53.37
CA GLY G 362 38.89 -27.13 52.67
C GLY G 362 38.20 -25.78 52.69
N GLU G 363 38.76 -24.79 53.37
CA GLU G 363 38.22 -23.45 53.32
C GLU G 363 38.24 -22.94 51.88
N GLN G 364 37.12 -22.38 51.43
CA GLN G 364 36.90 -22.25 49.99
C GLN G 364 37.96 -21.39 49.32
N GLU G 365 37.93 -20.06 49.48
CA GLU G 365 39.11 -19.30 49.11
C GLU G 365 39.37 -18.05 49.94
N ALA G 366 38.36 -17.53 50.62
CA ALA G 366 38.49 -16.34 51.46
C ALA G 366 39.01 -15.14 50.66
N PHE G 367 38.15 -14.68 49.75
CA PHE G 367 38.42 -13.50 48.91
C PHE G 367 39.01 -12.37 49.72
N ALA G 368 40.05 -11.75 49.18
CA ALA G 368 40.73 -10.64 49.83
C ALA G 368 40.81 -9.46 48.87
N MET G 369 40.28 -8.32 49.29
CA MET G 369 40.18 -7.16 48.41
C MET G 369 41.54 -6.61 48.06
N THR G 370 41.70 -6.18 46.82
CA THR G 370 42.92 -5.50 46.42
C THR G 370 42.97 -4.10 47.02
N VAL G 371 44.19 -3.60 47.23
CA VAL G 371 44.35 -2.28 47.85
C VAL G 371 44.33 -1.22 46.76
N PRO G 372 43.58 -0.15 46.94
CA PRO G 372 43.48 0.87 45.89
C PRO G 372 44.81 1.52 45.59
N LEU G 373 45.45 2.06 46.61
CA LEU G 373 46.76 2.66 46.46
C LEU G 373 47.67 2.06 47.53
N LEU G 374 48.93 1.91 47.20
CA LEU G 374 49.86 1.27 48.12
C LEU G 374 51.24 1.85 47.92
N ILE G 375 51.91 2.17 49.03
CA ILE G 375 53.29 2.58 49.01
C ILE G 375 54.11 1.52 49.70
N ASP G 376 55.06 0.95 48.98
CA ASP G 376 55.96 -0.03 49.55
C ASP G 376 57.36 0.54 49.48
N VAL G 377 57.87 0.98 50.62
CA VAL G 377 59.25 1.42 50.72
C VAL G 377 60.00 0.34 51.49
N ASP G 378 61.31 0.44 51.53
CA ASP G 378 62.11 -0.59 52.16
C ASP G 378 61.94 -0.56 53.67
N SER G 379 62.51 -1.55 54.33
CA SER G 379 62.68 -1.52 55.77
C SER G 379 63.87 -0.62 56.08
N SER G 380 64.36 -0.70 57.32
CA SER G 380 65.52 0.07 57.78
C SER G 380 65.18 1.55 57.91
N GLN G 381 63.99 1.94 57.46
CA GLN G 381 63.47 3.27 57.72
C GLN G 381 62.16 3.24 58.46
N GLN G 382 61.57 2.07 58.68
CA GLN G 382 60.26 1.95 59.31
C GLN G 382 60.20 2.70 60.63
N GLU G 383 61.35 2.97 61.22
CA GLU G 383 61.45 3.85 62.37
C GLU G 383 62.46 4.97 62.16
N ALA G 384 63.30 4.86 61.14
CA ALA G 384 64.28 5.89 60.82
C ALA G 384 63.71 6.97 59.93
N LEU G 385 62.86 6.63 58.95
CA LEU G 385 62.32 7.73 58.15
C LEU G 385 61.24 8.44 58.96
N GLU G 386 60.02 7.89 59.00
CA GLU G 386 59.14 7.76 60.16
C GLU G 386 59.19 8.92 61.16
N ALA G 387 59.88 9.99 60.83
CA ALA G 387 60.16 11.03 61.81
C ALA G 387 60.11 12.42 61.23
N ILE G 388 59.76 12.59 59.95
CA ILE G 388 59.41 13.93 59.53
C ILE G 388 57.92 14.05 59.79
N ALA G 389 57.10 13.40 58.97
CA ALA G 389 55.86 12.82 59.46
C ALA G 389 55.69 11.42 58.90
N LEU G 390 55.64 11.33 57.57
CA LEU G 390 55.36 10.12 56.80
C LEU G 390 54.06 9.46 57.22
N ASN G 391 53.28 10.15 58.03
CA ASN G 391 51.86 9.88 58.18
C ASN G 391 51.07 11.17 58.21
N ASP G 392 51.73 12.31 58.33
CA ASP G 392 51.13 13.62 58.14
C ASP G 392 51.81 14.39 57.02
N GLU G 393 52.72 13.76 56.28
CA GLU G 393 53.25 14.37 55.07
C GLU G 393 52.61 13.75 53.83
N LEU G 394 51.99 12.58 53.99
CA LEU G 394 51.17 12.04 52.92
C LEU G 394 49.75 12.59 52.99
N VAL G 395 49.13 12.49 54.17
CA VAL G 395 47.77 13.00 54.31
C VAL G 395 47.72 14.49 54.03
N ARG G 396 48.83 15.19 54.18
CA ARG G 396 48.86 16.61 53.83
C ARG G 396 48.87 16.79 52.32
N VAL G 397 49.67 15.99 51.61
CA VAL G 397 49.72 16.16 50.17
C VAL G 397 48.55 15.46 49.51
N ARG G 398 47.87 14.57 50.21
CA ARG G 398 46.65 14.01 49.64
C ARG G 398 45.51 15.01 49.72
N ARG G 399 45.33 15.64 50.87
CA ARG G 399 44.32 16.69 50.97
C ARG G 399 44.67 17.87 50.08
N ALA G 400 45.91 18.34 50.15
CA ALA G 400 46.31 19.49 49.35
C ALA G 400 46.15 19.20 47.87
N LEU G 401 46.18 17.92 47.50
CA LEU G 401 45.94 17.57 46.11
C LEU G 401 44.46 17.36 45.85
N TYR G 402 43.70 17.01 46.89
CA TYR G 402 42.26 16.88 46.70
C TYR G 402 41.64 18.23 46.44
N LEU G 403 41.97 19.24 47.26
CA LEU G 403 41.46 20.58 47.04
C LEU G 403 41.93 21.17 45.72
N ASP G 404 42.78 20.47 44.98
CA ASP G 404 43.20 20.98 43.68
C ASP G 404 42.38 20.37 42.57
N LEU G 405 42.25 19.04 42.58
CA LEU G 405 41.51 18.29 41.57
C LEU G 405 40.08 18.04 41.97
N GLY G 406 39.85 17.59 43.19
CA GLY G 406 38.52 17.30 43.66
C GLY G 406 38.19 15.83 43.72
N VAL G 407 39.03 14.98 43.18
CA VAL G 407 38.78 13.54 43.19
C VAL G 407 38.78 13.04 44.63
N PRO G 408 37.84 12.22 45.04
CA PRO G 408 37.90 11.67 46.40
C PRO G 408 38.89 10.52 46.47
N PHE G 409 40.16 10.87 46.67
CA PHE G 409 41.24 9.91 46.59
C PHE G 409 41.07 8.83 47.66
N PRO G 410 41.67 7.68 47.45
CA PRO G 410 41.49 6.58 48.40
C PRO G 410 42.50 6.65 49.54
N GLY G 411 42.48 5.65 50.42
CA GLY G 411 43.39 5.65 51.55
C GLY G 411 44.72 5.06 51.16
N ILE G 412 45.79 5.79 51.43
CA ILE G 412 47.13 5.35 51.07
C ILE G 412 47.65 4.42 52.16
N HIS G 413 47.66 3.13 51.88
CA HIS G 413 48.31 2.21 52.79
C HIS G 413 49.83 2.38 52.69
N LEU G 414 50.49 2.33 53.84
CA LEU G 414 51.93 2.48 53.90
C LEU G 414 52.51 1.23 54.54
N ARG G 415 53.34 0.51 53.78
CA ARG G 415 53.93 -0.74 54.24
C ARG G 415 55.43 -0.66 54.06
N PHE G 416 56.16 -0.86 55.15
CA PHE G 416 57.61 -0.98 55.12
C PHE G 416 57.95 -2.44 54.90
N ASN G 417 58.38 -2.76 53.69
CA ASN G 417 58.76 -4.11 53.30
C ASN G 417 60.26 -4.29 53.47
N GLU G 418 60.66 -5.47 53.91
CA GLU G 418 62.07 -5.79 53.99
C GLU G 418 62.57 -6.54 52.76
N GLY G 419 61.66 -7.06 51.93
CA GLY G 419 62.07 -7.88 50.80
C GLY G 419 62.89 -7.13 49.79
N MET G 420 62.75 -5.81 49.73
CA MET G 420 63.50 -5.02 48.76
C MET G 420 64.83 -4.59 49.36
N GLY G 421 65.51 -3.65 48.71
CA GLY G 421 66.81 -3.20 49.16
C GLY G 421 66.72 -2.27 50.35
N GLU G 422 67.52 -1.21 50.36
CA GLU G 422 67.50 -0.24 51.44
C GLU G 422 67.14 1.17 51.01
N GLY G 423 67.21 1.47 49.72
CA GLY G 423 66.77 2.75 49.23
C GLY G 423 65.67 2.64 48.19
N GLU G 424 65.11 1.44 48.05
CA GLU G 424 64.07 1.19 47.06
C GLU G 424 62.72 1.62 47.60
N TYR G 425 61.81 1.95 46.69
CA TYR G 425 60.43 2.24 47.05
C TYR G 425 59.60 2.18 45.77
N LEU G 426 58.45 1.52 45.87
CA LEU G 426 57.53 1.41 44.75
C LEU G 426 56.16 1.88 45.19
N ILE G 427 55.49 2.62 44.31
CA ILE G 427 54.16 3.12 44.57
C ILE G 427 53.24 2.37 43.65
N SER G 428 52.42 1.48 44.19
CA SER G 428 51.66 0.53 43.40
C SER G 428 50.19 0.90 43.42
N LEU G 429 49.64 1.25 42.27
CA LEU G 429 48.20 1.37 42.12
C LEU G 429 47.63 -0.02 41.88
N GLN G 430 46.90 -0.54 42.85
CA GLN G 430 46.19 -1.81 42.67
C GLN G 430 47.15 -2.91 42.25
N GLU G 431 48.25 -3.02 42.99
CA GLU G 431 49.20 -4.12 42.87
C GLU G 431 49.90 -4.15 41.52
N VAL G 432 50.22 -2.99 40.96
CA VAL G 432 51.14 -2.93 39.82
C VAL G 432 52.03 -1.70 39.96
N PRO G 433 53.29 -1.87 40.37
CA PRO G 433 54.14 -0.72 40.67
C PRO G 433 54.19 0.27 39.52
N VAL G 434 53.70 1.48 39.79
CA VAL G 434 53.56 2.48 38.74
C VAL G 434 54.69 3.51 38.76
N ALA G 435 55.37 3.68 39.88
CA ALA G 435 56.54 4.55 39.92
C ALA G 435 57.47 4.04 40.99
N ARG G 436 58.43 3.21 40.60
CA ARG G 436 59.40 2.67 41.53
C ARG G 436 60.61 3.56 41.56
N GLY G 437 61.44 3.36 42.57
CA GLY G 437 62.65 4.14 42.69
C GLY G 437 63.56 3.59 43.76
N GLU G 438 64.86 3.69 43.52
CA GLU G 438 65.87 3.38 44.51
C GLU G 438 66.45 4.72 44.93
N LEU G 439 65.89 5.28 46.00
CA LEU G 439 66.31 6.60 46.44
C LEU G 439 67.75 6.50 46.93
N LYS G 440 68.70 6.95 46.12
CA LYS G 440 70.10 6.96 46.54
C LYS G 440 70.38 8.04 47.57
N ALA G 441 69.32 8.69 48.05
CA ALA G 441 69.34 9.40 49.31
C ALA G 441 69.25 8.36 50.43
N GLY G 442 69.47 7.10 50.08
CA GLY G 442 69.41 5.99 51.01
C GLY G 442 69.95 6.32 52.38
N TYR G 443 71.20 6.78 52.46
CA TYR G 443 71.71 7.19 53.76
C TYR G 443 71.28 8.62 54.08
N LEU G 444 71.83 9.61 53.36
CA LEU G 444 71.36 10.98 53.31
C LEU G 444 72.02 11.65 52.12
N LEU G 445 71.28 11.86 51.04
CA LEU G 445 71.87 12.45 49.86
C LEU G 445 70.88 13.39 49.20
N VAL G 446 70.28 14.28 49.99
CA VAL G 446 69.16 15.12 49.58
C VAL G 446 69.39 15.66 48.17
N ARG G 447 68.46 15.37 47.27
CA ARG G 447 68.71 15.54 45.84
C ARG G 447 68.60 17.00 45.45
N GLU G 448 68.77 17.27 44.16
CA GLU G 448 68.63 18.59 43.59
C GLU G 448 67.94 18.48 42.25
N SER G 449 66.85 19.24 42.08
CA SER G 449 65.98 19.12 40.92
C SER G 449 66.44 19.96 39.74
N VAL G 450 66.98 21.15 39.99
CA VAL G 450 67.35 22.06 38.92
C VAL G 450 68.87 22.02 38.80
N SER G 451 69.44 20.86 39.13
CA SER G 451 70.88 20.64 39.00
C SER G 451 71.38 21.08 37.62
N GLN G 452 72.54 21.73 37.62
CA GLN G 452 73.05 22.37 36.43
C GLN G 452 74.55 22.52 36.62
N LEU G 453 75.22 23.23 35.71
CA LEU G 453 76.60 23.59 35.98
C LEU G 453 76.72 24.53 37.16
N GLU G 454 75.60 25.07 37.64
CA GLU G 454 75.62 25.86 38.86
C GLU G 454 76.05 25.03 40.05
N LEU G 455 75.71 23.74 40.06
CA LEU G 455 76.28 22.83 41.04
C LEU G 455 77.72 22.45 40.72
N LEU G 456 78.25 22.92 39.60
CA LEU G 456 79.71 22.93 39.42
C LEU G 456 80.29 24.29 39.79
N GLY G 457 79.57 25.37 39.55
CA GLY G 457 79.94 26.64 40.15
C GLY G 457 79.83 26.60 41.66
N ILE G 458 78.81 25.92 42.15
CA ILE G 458 78.67 25.59 43.56
C ILE G 458 79.19 24.16 43.67
N PRO G 459 80.51 23.97 43.87
CA PRO G 459 81.18 22.79 43.30
C PRO G 459 80.88 21.47 43.99
N TYR G 460 79.94 21.40 44.93
CA TYR G 460 79.81 20.23 45.77
C TYR G 460 79.48 19.00 44.93
N GLU G 461 80.11 17.88 45.28
CA GLU G 461 80.09 16.70 44.44
C GLU G 461 78.67 16.25 44.15
N LYS G 462 78.50 15.60 43.00
CA LYS G 462 77.19 15.22 42.49
C LYS G 462 77.03 13.72 42.46
N GLY G 463 75.79 13.29 42.21
CA GLY G 463 75.47 11.91 41.90
C GLY G 463 74.50 11.86 40.74
N GLU G 464 74.88 11.20 39.66
CA GLU G 464 74.12 11.30 38.43
C GLU G 464 72.90 10.39 38.46
N HIS G 465 71.81 10.89 37.88
CA HIS G 465 70.58 10.12 37.66
C HIS G 465 69.67 10.96 36.77
N LEU G 466 68.57 10.34 36.34
CA LEU G 466 67.52 11.00 35.58
C LEU G 466 66.18 10.74 36.24
N LEU G 467 66.13 10.95 37.56
CA LEU G 467 64.90 10.86 38.33
C LEU G 467 63.93 11.81 37.61
N PRO G 468 62.64 11.48 37.54
CA PRO G 468 61.88 11.78 36.32
C PRO G 468 61.89 13.21 35.80
N ASP G 469 61.35 14.17 36.56
CA ASP G 469 60.83 15.37 35.91
C ASP G 469 61.87 16.42 35.60
N GLN G 470 62.84 16.64 36.48
CA GLN G 470 63.92 17.58 36.19
C GLN G 470 65.23 16.88 36.48
N GLU G 471 66.32 17.46 35.99
CA GLU G 471 67.61 16.80 36.12
C GLU G 471 67.98 16.68 37.58
N THR G 472 68.01 15.44 38.07
CA THR G 472 68.25 15.14 39.47
C THR G 472 69.72 14.84 39.71
N PHE G 473 70.34 15.62 40.58
CA PHE G 473 71.68 15.32 41.03
C PHE G 473 71.69 15.45 42.54
N TRP G 474 72.51 14.65 43.19
CA TRP G 474 72.43 14.46 44.63
C TRP G 474 73.66 15.04 45.32
N VAL G 475 73.43 15.66 46.48
CA VAL G 475 74.49 16.17 47.33
C VAL G 475 74.19 15.72 48.75
N SER G 476 75.22 15.73 49.59
CA SER G 476 75.07 15.23 50.95
C SER G 476 74.53 16.33 51.87
N VAL G 477 74.50 16.05 53.16
CA VAL G 477 73.83 16.92 54.12
C VAL G 477 74.76 17.96 54.73
N GLU G 478 76.08 17.79 54.61
CA GLU G 478 76.98 18.91 54.87
C GLU G 478 77.00 19.85 53.69
N TYR G 479 76.85 19.31 52.48
CA TYR G 479 76.76 20.14 51.28
C TYR G 479 75.44 20.90 51.25
N GLU G 480 74.42 20.38 51.94
CA GLU G 480 73.11 21.02 51.93
C GLU G 480 73.18 22.43 52.51
N GLU G 481 73.90 22.60 53.62
CA GLU G 481 73.94 23.90 54.30
C GLU G 481 74.39 25.00 53.35
N ARG G 482 75.36 24.69 52.49
CA ARG G 482 75.90 25.71 51.60
C ARG G 482 75.07 25.86 50.33
N LEU G 483 74.51 24.79 49.81
CA LEU G 483 73.66 24.91 48.63
C LEU G 483 72.29 25.48 48.97
N GLU G 484 71.81 25.30 50.20
CA GLU G 484 70.58 25.99 50.58
C GLU G 484 70.82 27.48 50.73
N LYS G 485 72.06 27.88 51.02
CA LYS G 485 72.42 29.28 50.89
C LYS G 485 72.33 29.72 49.43
N SER G 486 72.78 28.87 48.52
CA SER G 486 72.75 29.16 47.09
C SER G 486 71.36 29.05 46.49
N GLN G 487 70.38 28.56 47.24
CA GLN G 487 68.98 28.57 46.84
C GLN G 487 68.66 27.78 45.58
N LEU G 488 68.82 26.46 45.64
CA LEU G 488 68.24 25.57 44.64
C LEU G 488 67.29 24.58 45.32
N GLU G 489 66.64 23.74 44.52
CA GLU G 489 65.55 22.92 45.04
C GLU G 489 66.04 21.70 45.79
N PHE G 490 65.65 21.61 47.06
CA PHE G 490 66.01 20.51 47.95
C PHE G 490 64.81 19.62 48.19
N PHE G 491 65.04 18.31 48.10
CA PHE G 491 64.01 17.33 48.35
C PHE G 491 64.47 16.41 49.47
N SER G 492 63.88 16.56 50.64
CA SER G 492 64.17 15.67 51.74
C SER G 492 63.61 14.29 51.44
N HIS G 493 63.71 13.40 52.43
CA HIS G 493 63.19 12.05 52.23
C HIS G 493 61.67 12.02 52.19
N SER G 494 61.01 12.99 52.82
CA SER G 494 59.59 13.14 52.56
C SER G 494 59.33 13.65 51.15
N GLN G 495 59.96 14.76 50.79
CA GLN G 495 59.61 15.46 49.57
C GLN G 495 60.03 14.68 48.33
N VAL G 496 60.97 13.75 48.46
CA VAL G 496 61.29 12.90 47.32
C VAL G 496 60.22 11.84 47.17
N LEU G 497 59.60 11.46 48.27
CA LEU G 497 58.57 10.44 48.23
C LEU G 497 57.24 11.02 47.76
N THR G 498 56.71 11.98 48.51
CA THR G 498 55.40 12.54 48.16
C THR G 498 55.39 13.14 46.77
N TRP G 499 56.51 13.67 46.29
CA TRP G 499 56.49 14.29 44.98
C TRP G 499 56.03 13.31 43.93
N HIS G 500 56.60 12.10 43.89
CA HIS G 500 56.09 11.11 42.96
C HIS G 500 54.63 10.78 43.26
N LEU G 501 54.27 10.72 44.53
CA LEU G 501 52.87 10.51 44.86
C LEU G 501 52.02 11.61 44.25
N SER G 502 52.27 12.87 44.64
CA SER G 502 51.51 13.97 44.09
C SER G 502 51.66 14.08 42.58
N HIS G 503 52.55 13.27 42.00
CA HIS G 503 52.59 13.15 40.55
C HIS G 503 51.86 11.91 40.08
N VAL G 504 51.77 10.89 40.92
CA VAL G 504 51.04 9.68 40.53
C VAL G 504 49.55 9.95 40.51
N LEU G 505 49.04 10.63 41.53
CA LEU G 505 47.62 10.94 41.55
C LEU G 505 47.24 11.87 40.41
N ARG G 506 48.01 12.93 40.22
CA ARG G 506 47.63 13.89 39.20
C ARG G 506 47.63 13.29 37.81
N GLU G 507 48.29 12.15 37.61
CA GLU G 507 48.30 11.54 36.30
C GLU G 507 47.43 10.29 36.21
N TYR G 508 47.06 9.71 37.33
CA TYR G 508 46.17 8.56 37.35
C TYR G 508 44.88 8.89 38.09
N ALA G 509 44.45 10.15 37.97
CA ALA G 509 43.18 10.55 38.54
C ALA G 509 42.00 10.17 37.67
N GLU G 510 42.24 9.56 36.51
CA GLU G 510 41.15 8.99 35.76
C GLU G 510 40.73 7.63 36.30
N ASP G 511 41.45 7.09 37.25
CA ASP G 511 41.20 5.75 37.75
C ASP G 511 40.58 5.75 39.14
N PHE G 512 40.48 6.90 39.78
CA PHE G 512 39.87 6.99 41.09
C PHE G 512 38.47 7.56 41.04
N ILE G 513 37.97 7.89 39.86
CA ILE G 513 36.59 8.35 39.77
C ILE G 513 35.78 7.29 39.06
N GLY G 514 35.23 6.36 39.83
CA GLY G 514 34.38 5.32 39.31
C GLY G 514 32.96 5.48 39.82
N ILE G 515 32.07 4.71 39.23
CA ILE G 515 30.66 4.80 39.58
C ILE G 515 30.47 4.69 41.08
N GLN G 516 31.42 4.11 41.78
CA GLN G 516 31.31 4.04 43.22
C GLN G 516 31.79 5.33 43.87
N GLU G 517 32.55 6.15 43.13
CA GLU G 517 33.09 7.35 43.76
C GLU G 517 32.26 8.58 43.44
N THR G 518 31.60 8.62 42.29
CA THR G 518 30.68 9.73 42.07
C THR G 518 29.43 9.58 42.93
N ARG G 519 28.93 8.36 43.08
CA ARG G 519 27.81 8.16 43.98
C ARG G 519 28.20 8.50 45.41
N TYR G 520 29.49 8.69 45.67
CA TYR G 520 29.90 9.24 46.95
C TYR G 520 29.70 10.76 46.96
N LEU G 521 29.98 11.41 45.84
CA LEU G 521 29.74 12.85 45.74
C LEU G 521 28.26 13.16 45.73
N LEU G 522 27.50 12.44 44.90
CA LEU G 522 26.07 12.67 44.82
C LEU G 522 25.33 12.21 46.05
N GLU G 523 26.02 11.63 47.02
CA GLU G 523 25.40 11.44 48.33
C GLU G 523 25.88 12.50 49.31
N GLN G 524 27.16 12.84 49.25
CA GLN G 524 27.69 13.87 50.13
C GLN G 524 27.07 15.23 49.84
N MET G 525 26.48 15.42 48.66
CA MET G 525 25.86 16.68 48.31
C MET G 525 24.35 16.66 48.46
N GLU G 526 23.78 15.53 48.88
CA GLU G 526 22.33 15.46 49.04
C GLU G 526 21.84 16.55 49.98
N GLY G 527 22.53 16.76 51.09
CA GLY G 527 22.15 17.78 52.05
C GLY G 527 22.09 19.16 51.43
N GLY G 528 23.21 19.61 50.88
CA GLY G 528 23.28 20.93 50.27
C GLY G 528 22.30 21.11 49.14
N TYR G 529 22.46 20.34 48.08
CA TYR G 529 21.65 20.49 46.87
C TYR G 529 20.79 19.25 46.70
N GLY G 530 19.62 19.28 47.33
CA GLY G 530 18.70 18.17 47.22
C GLY G 530 18.09 18.10 45.84
N GLU G 531 17.36 19.13 45.45
CA GLU G 531 16.58 19.05 44.23
C GLU G 531 17.45 19.12 42.99
N LEU G 532 18.71 19.51 43.14
CA LEU G 532 19.62 19.48 42.00
C LEU G 532 19.97 18.05 41.64
N ILE G 533 20.25 17.24 42.64
CA ILE G 533 20.68 15.86 42.41
C ILE G 533 19.51 15.00 41.97
N LYS G 534 18.36 15.14 42.63
CA LYS G 534 17.19 14.37 42.23
C LYS G 534 16.73 14.74 40.82
N GLU G 535 17.24 15.84 40.27
CA GLU G 535 16.96 16.21 38.90
C GLU G 535 18.02 15.70 37.96
N VAL G 536 19.28 15.70 38.38
CA VAL G 536 20.35 15.28 37.48
C VAL G 536 20.36 13.77 37.32
N GLN G 537 19.98 13.03 38.36
CA GLN G 537 20.03 11.58 38.28
C GLN G 537 19.03 11.02 37.29
N ARG G 538 17.91 11.70 37.10
CA ARG G 538 16.91 11.23 36.15
C ARG G 538 17.24 11.63 34.72
N ILE G 539 18.14 12.58 34.53
CA ILE G 539 18.50 13.01 33.19
C ILE G 539 19.71 12.26 32.68
N VAL G 540 20.78 12.20 33.46
CA VAL G 540 21.99 11.47 33.07
C VAL G 540 22.16 10.30 34.02
N PRO G 541 22.24 9.07 33.52
CA PRO G 541 22.51 7.94 34.39
C PRO G 541 23.90 8.02 34.98
N LEU G 542 24.13 7.26 36.05
CA LEU G 542 25.42 7.34 36.73
C LEU G 542 26.56 6.95 35.81
N GLN G 543 26.35 6.02 34.90
CA GLN G 543 27.42 5.72 33.98
C GLN G 543 27.79 6.93 33.15
N ARG G 544 26.78 7.65 32.66
CA ARG G 544 27.05 8.75 31.75
C ARG G 544 27.63 9.94 32.49
N MET G 545 27.14 10.21 33.69
CA MET G 545 27.67 11.32 34.45
C MET G 545 29.10 11.05 34.88
N THR G 546 29.42 9.80 35.16
CA THR G 546 30.79 9.49 35.55
C THR G 546 31.73 9.50 34.36
N GLU G 547 31.26 9.04 33.20
CA GLU G 547 32.09 9.10 32.01
C GLU G 547 32.43 10.54 31.64
N ILE G 548 31.78 11.50 32.29
CA ILE G 548 32.17 12.89 32.12
C ILE G 548 33.21 13.28 33.14
N LEU G 549 32.95 12.99 34.42
CA LEU G 549 33.88 13.40 35.46
C LEU G 549 35.27 12.82 35.22
N GLN G 550 35.36 11.68 34.56
CA GLN G 550 36.66 11.19 34.17
C GLN G 550 37.25 12.03 33.06
N ARG G 551 36.40 12.57 32.17
CA ARG G 551 36.91 13.31 31.04
C ARG G 551 37.33 14.72 31.43
N LEU G 552 36.77 15.26 32.51
CA LEU G 552 37.29 16.53 33.00
C LEU G 552 38.65 16.32 33.64
N VAL G 553 38.70 15.51 34.70
CA VAL G 553 39.94 15.31 35.42
C VAL G 553 41.04 14.76 34.51
N GLY G 554 40.68 14.32 33.31
CA GLY G 554 41.69 13.97 32.34
C GLY G 554 42.46 15.17 31.83
N GLU G 555 41.79 16.29 31.63
CA GLU G 555 42.42 17.51 31.17
C GLU G 555 42.91 18.36 32.33
N ASP G 556 43.00 17.80 33.53
CA ASP G 556 43.39 18.48 34.76
C ASP G 556 42.41 19.56 35.19
N ILE G 557 41.27 19.68 34.51
CA ILE G 557 40.19 20.49 35.03
C ILE G 557 39.77 19.94 36.38
N SER G 558 39.30 20.82 37.26
CA SER G 558 39.02 20.47 38.64
C SER G 558 37.53 20.23 38.82
N ILE G 559 37.16 19.00 39.19
CA ILE G 559 35.78 18.70 39.56
C ILE G 559 35.29 19.61 40.66
N ARG G 560 36.20 20.09 41.51
CA ARG G 560 35.89 20.67 42.81
C ARG G 560 34.59 21.46 42.83
N ASN G 561 34.38 22.29 41.82
CA ASN G 561 33.16 23.09 41.69
C ASN G 561 32.04 22.17 41.25
N MET G 562 31.47 21.44 42.21
CA MET G 562 30.56 20.38 41.82
C MET G 562 29.17 20.89 41.49
N ARG G 563 28.81 22.09 41.92
CA ARG G 563 27.50 22.61 41.59
C ARG G 563 27.41 22.94 40.11
N SER G 564 28.22 23.89 39.65
CA SER G 564 28.09 24.35 38.28
C SER G 564 28.52 23.30 37.27
N ILE G 565 28.93 22.13 37.74
CA ILE G 565 29.08 21.00 36.83
C ILE G 565 27.75 20.27 36.72
N LEU G 566 26.92 20.37 37.74
CA LEU G 566 25.60 19.73 37.65
C LEU G 566 24.58 20.65 37.01
N GLU G 567 24.67 21.95 37.24
CA GLU G 567 23.84 22.89 36.49
C GLU G 567 24.02 22.68 35.00
N ALA G 568 25.26 22.65 34.54
CA ALA G 568 25.52 22.41 33.13
C ALA G 568 25.31 20.96 32.75
N MET G 569 25.17 20.08 33.74
CA MET G 569 24.82 18.69 33.42
C MET G 569 23.35 18.58 33.13
N VAL G 570 22.52 19.23 33.93
CA VAL G 570 21.07 19.22 33.71
C VAL G 570 20.74 19.92 32.40
N GLU G 571 21.34 21.08 32.19
CA GLU G 571 21.01 21.90 31.03
C GLU G 571 21.25 21.15 29.74
N TRP G 572 22.41 20.53 29.60
CA TRP G 572 22.80 19.94 28.33
C TRP G 572 22.55 18.44 28.24
N GLY G 573 22.30 17.77 29.36
CA GLY G 573 22.08 16.34 29.30
C GLY G 573 20.84 15.93 28.55
N GLN G 574 19.98 16.88 28.23
CA GLN G 574 18.76 16.64 27.47
C GLN G 574 18.95 16.91 26.00
N LYS G 575 19.75 17.91 25.65
CA LYS G 575 19.97 18.26 24.26
C LYS G 575 21.07 17.42 23.64
N GLU G 576 22.24 17.36 24.26
CA GLU G 576 23.37 16.63 23.70
C GLU G 576 23.44 15.24 24.29
N LYS G 577 23.91 14.28 23.49
CA LYS G 577 24.00 12.89 23.91
C LYS G 577 25.36 12.26 23.66
N ASP G 578 26.18 12.78 22.77
CA ASP G 578 27.54 12.29 22.62
C ASP G 578 28.39 12.85 23.74
N VAL G 579 29.02 11.96 24.52
CA VAL G 579 29.73 12.38 25.72
C VAL G 579 30.75 13.45 25.38
N VAL G 580 31.49 13.27 24.30
CA VAL G 580 32.57 14.21 23.99
C VAL G 580 32.00 15.58 23.70
N GLN G 581 30.81 15.66 23.12
CA GLN G 581 30.17 16.96 22.96
C GLN G 581 29.69 17.49 24.31
N LEU G 582 29.03 16.64 25.09
CA LEU G 582 28.51 17.08 26.36
C LEU G 582 29.62 17.62 27.26
N THR G 583 30.80 17.01 27.23
CA THR G 583 31.85 17.52 28.09
C THR G 583 32.42 18.82 27.56
N GLU G 584 32.36 19.05 26.25
CA GLU G 584 32.80 20.34 25.74
C GLU G 584 31.80 21.43 26.09
N TYR G 585 30.54 21.06 26.27
CA TYR G 585 29.59 22.04 26.78
C TYR G 585 29.77 22.25 28.27
N ILE G 586 30.22 21.24 28.99
CA ILE G 586 30.36 21.38 30.44
C ILE G 586 31.60 22.16 30.81
N ARG G 587 32.70 21.96 30.08
CA ARG G 587 33.86 22.83 30.28
C ARG G 587 33.50 24.28 30.06
N SER G 588 32.63 24.55 29.08
CA SER G 588 32.16 25.90 28.82
C SER G 588 31.35 26.48 29.94
N SER G 589 31.02 25.71 30.97
CA SER G 589 30.36 26.25 32.15
C SER G 589 31.34 26.69 33.21
N LEU G 590 32.58 26.24 33.14
CA LEU G 590 33.64 26.69 34.04
C LEU G 590 34.46 27.79 33.41
N LYS G 591 33.83 28.65 32.60
CA LYS G 591 34.54 29.68 31.84
C LYS G 591 35.51 30.44 32.72
N ARG G 592 35.00 31.17 33.70
CA ARG G 592 35.88 32.04 34.45
C ARG G 592 36.76 31.28 35.41
N TYR G 593 36.76 29.96 35.36
CA TYR G 593 37.77 29.21 36.08
C TYR G 593 38.99 29.02 35.21
N ILE G 594 38.79 28.51 33.99
CA ILE G 594 39.91 28.23 33.10
C ILE G 594 40.72 29.48 32.83
N CYS G 595 40.06 30.59 32.56
CA CYS G 595 40.73 31.88 32.43
C CYS G 595 41.69 32.13 33.58
N TYR G 596 41.44 31.53 34.74
CA TYR G 596 42.35 31.68 35.86
C TYR G 596 43.33 30.53 36.00
N LYS G 597 43.08 29.41 35.35
CA LYS G 597 44.06 28.34 35.43
C LYS G 597 45.18 28.50 34.43
N TYR G 598 44.89 29.02 33.24
CA TYR G 598 45.91 29.05 32.20
C TYR G 598 46.49 30.43 31.99
N ALA G 599 45.69 31.48 32.15
CA ALA G 599 46.15 32.84 31.97
C ALA G 599 46.09 33.57 33.30
N ASN G 600 47.12 33.42 34.10
CA ASN G 600 47.14 34.07 35.40
C ASN G 600 47.35 35.57 35.33
N GLY G 601 47.98 36.07 34.26
CA GLY G 601 48.22 37.49 34.14
C GLY G 601 46.96 38.28 33.89
N ASN G 602 47.15 39.53 33.50
CA ASN G 602 46.03 40.44 33.31
C ASN G 602 45.28 40.15 32.03
N ASN G 603 44.55 39.04 32.02
CA ASN G 603 43.65 38.70 30.91
C ASN G 603 44.41 38.57 29.59
N ILE G 604 45.67 38.17 29.66
CA ILE G 604 46.48 37.95 28.46
C ILE G 604 46.93 36.50 28.47
N LEU G 605 46.78 35.83 27.33
CA LEU G 605 46.98 34.39 27.23
C LEU G 605 47.82 34.10 25.99
N PRO G 606 48.98 33.48 26.13
CA PRO G 606 49.81 33.20 24.96
C PRO G 606 49.35 31.95 24.24
N ALA G 607 48.73 32.13 23.08
CA ALA G 607 48.04 31.05 22.40
C ALA G 607 48.83 30.58 21.18
N TYR G 608 48.31 29.53 20.56
CA TYR G 608 48.90 28.91 19.40
C TYR G 608 47.83 28.58 18.38
N LEU G 609 47.00 29.57 18.04
CA LEU G 609 45.81 29.34 17.24
C LEU G 609 46.06 28.42 16.04
N PHE G 610 45.05 27.62 15.72
CA PHE G 610 45.04 26.76 14.55
C PHE G 610 44.42 27.51 13.38
N ASP G 611 45.18 27.65 12.29
CA ASP G 611 44.60 28.34 11.14
C ASP G 611 43.53 27.47 10.51
N GLN G 612 42.45 28.11 10.07
CA GLN G 612 41.19 27.45 9.78
C GLN G 612 41.35 26.25 8.87
N GLU G 613 42.36 26.27 7.99
CA GLU G 613 42.52 25.17 7.04
C GLU G 613 42.71 23.83 7.76
N VAL G 614 43.36 23.85 8.92
CA VAL G 614 43.61 22.60 9.63
C VAL G 614 42.40 22.19 10.44
N GLU G 615 41.79 23.12 11.16
CA GLU G 615 40.60 22.79 11.94
C GLU G 615 39.49 22.20 11.09
N GLU G 616 39.62 22.22 9.77
CA GLU G 616 38.66 21.59 8.89
C GLU G 616 39.13 20.23 8.39
N LYS G 617 40.44 20.03 8.25
CA LYS G 617 40.91 18.69 7.98
C LYS G 617 40.57 17.74 9.10
N ILE G 618 40.63 18.20 10.34
CA ILE G 618 40.35 17.32 11.47
C ILE G 618 38.87 17.13 11.67
N ARG G 619 38.06 18.14 11.38
CA ARG G 619 36.62 17.98 11.55
C ARG G 619 36.02 17.05 10.51
N SER G 620 36.80 16.59 9.55
CA SER G 620 36.31 15.68 8.52
C SER G 620 36.73 14.24 8.76
N GLY G 621 37.24 13.92 9.95
CA GLY G 621 37.69 12.58 10.23
C GLY G 621 37.17 12.02 11.54
N VAL G 622 35.92 12.32 11.88
CA VAL G 622 35.43 12.04 13.23
C VAL G 622 34.85 10.63 13.36
N ARG G 623 34.15 10.12 12.35
CA ARG G 623 33.71 8.73 12.30
C ARG G 623 32.87 8.35 13.53
N GLN G 624 31.69 8.95 13.62
CA GLN G 624 30.81 8.73 14.77
C GLN G 624 30.08 7.40 14.59
N THR G 625 30.71 6.32 15.02
CA THR G 625 30.22 4.98 14.70
C THR G 625 29.75 4.20 15.94
N SER G 626 30.63 3.95 16.90
CA SER G 626 30.35 2.97 17.95
C SER G 626 30.61 3.59 19.31
N ALA G 627 30.09 4.79 19.52
CA ALA G 627 30.31 5.55 20.75
C ALA G 627 31.80 5.74 21.02
N GLY G 628 32.61 5.76 19.98
CA GLY G 628 34.02 6.06 20.09
C GLY G 628 34.41 7.31 19.34
N SER G 629 33.72 7.59 18.24
CA SER G 629 33.96 8.77 17.41
C SER G 629 35.44 8.99 17.17
N TYR G 630 36.19 7.91 16.99
CA TYR G 630 37.63 8.01 16.87
C TYR G 630 38.02 8.93 15.72
N LEU G 631 39.05 9.74 15.95
CA LEU G 631 39.64 10.50 14.85
C LEU G 631 40.48 9.55 14.03
N ALA G 632 40.02 9.26 12.81
CA ALA G 632 40.72 8.34 11.92
C ALA G 632 40.94 9.07 10.59
N LEU G 633 42.11 9.70 10.45
CA LEU G 633 42.45 10.36 9.19
C LEU G 633 43.32 9.45 8.32
N ASP G 634 44.54 9.21 8.76
CA ASP G 634 45.50 8.33 8.10
C ASP G 634 46.75 8.33 8.98
N PRO G 635 47.43 7.19 9.14
CA PRO G 635 48.77 7.23 9.73
C PRO G 635 49.74 8.10 8.96
N ALA G 636 49.38 8.55 7.76
CA ALA G 636 50.22 9.46 7.00
C ALA G 636 49.75 10.89 7.02
N VAL G 637 48.51 11.15 7.44
CA VAL G 637 48.05 12.52 7.64
C VAL G 637 48.33 12.97 9.06
N THR G 638 48.12 12.10 10.03
CA THR G 638 48.46 12.43 11.41
C THR G 638 49.89 12.91 11.53
N GLU G 639 50.81 12.30 10.80
CA GLU G 639 52.19 12.77 10.82
C GLU G 639 52.33 14.07 10.03
N SER G 640 51.42 14.35 9.11
CA SER G 640 51.47 15.62 8.40
C SER G 640 51.09 16.77 9.31
N LEU G 641 49.96 16.65 10.01
CA LEU G 641 49.57 17.69 10.95
C LEU G 641 50.56 17.77 12.10
N LEU G 642 50.84 16.64 12.73
CA LEU G 642 51.75 16.64 13.87
C LEU G 642 53.13 17.16 13.50
N GLU G 643 53.43 17.23 12.21
CA GLU G 643 54.68 17.87 11.81
C GLU G 643 54.51 19.38 11.72
N GLN G 644 53.40 19.84 11.12
CA GLN G 644 53.15 21.27 11.07
C GLN G 644 53.08 21.88 12.46
N VAL G 645 52.54 21.14 13.42
CA VAL G 645 52.60 21.59 14.80
C VAL G 645 54.05 21.70 15.25
N ARG G 646 54.75 20.57 15.24
CA ARG G 646 56.14 20.53 15.69
C ARG G 646 57.01 21.52 14.96
N LYS G 647 56.59 21.99 13.80
CA LYS G 647 57.38 22.94 13.03
C LYS G 647 57.24 24.36 13.57
N THR G 648 56.14 24.69 14.21
CA THR G 648 55.93 26.03 14.76
C THR G 648 56.11 26.07 16.26
N ILE G 649 55.42 25.18 16.99
CA ILE G 649 55.56 25.13 18.44
C ILE G 649 57.00 24.83 18.83
N GLY G 650 57.73 24.11 17.99
CA GLY G 650 59.09 23.75 18.32
C GLY G 650 59.11 22.67 19.38
N ASP G 651 59.76 22.95 20.51
CA ASP G 651 59.83 22.00 21.60
C ASP G 651 59.20 22.51 22.89
N LEU G 652 58.99 23.82 23.00
CA LEU G 652 58.36 24.47 24.17
C LEU G 652 59.07 24.11 25.48
N SER G 653 60.22 23.45 25.41
CA SER G 653 60.98 23.20 26.63
C SER G 653 61.65 24.48 27.09
N GLN G 654 62.22 25.23 26.14
CA GLN G 654 62.73 26.55 26.47
C GLN G 654 61.62 27.59 26.49
N ILE G 655 60.56 27.37 25.72
CA ILE G 655 59.48 28.35 25.67
C ILE G 655 58.85 28.44 27.05
N GLN G 656 58.99 29.61 27.67
CA GLN G 656 58.50 29.82 29.02
C GLN G 656 57.06 30.32 29.00
N SER G 657 56.49 30.47 30.18
CA SER G 657 55.18 31.05 30.47
C SER G 657 54.02 30.12 30.16
N LYS G 658 54.28 28.83 29.91
CA LYS G 658 53.21 27.85 29.76
C LYS G 658 52.18 28.26 28.72
N PRO G 659 52.48 28.19 27.44
CA PRO G 659 51.50 28.56 26.43
C PRO G 659 50.44 27.49 26.31
N VAL G 660 49.36 27.82 25.62
CA VAL G 660 48.25 26.91 25.42
C VAL G 660 47.81 26.94 23.97
N LEU G 661 47.48 25.79 23.43
CA LEU G 661 46.91 25.70 22.10
C LEU G 661 45.43 26.05 22.19
N ILE G 662 44.91 26.66 21.14
CA ILE G 662 43.53 27.14 21.15
C ILE G 662 42.88 26.73 19.84
N VAL G 663 41.92 25.83 19.92
CA VAL G 663 41.27 25.29 18.74
C VAL G 663 39.78 25.35 18.97
N SER G 664 39.01 25.26 17.88
CA SER G 664 37.57 25.30 17.97
C SER G 664 37.05 24.25 18.94
N MET G 665 35.81 24.42 19.36
CA MET G 665 35.29 23.61 20.46
C MET G 665 35.06 22.18 20.04
N ASP G 666 34.38 21.97 18.92
CA ASP G 666 33.89 20.65 18.56
C ASP G 666 34.99 19.65 18.25
N ILE G 667 36.25 20.06 18.19
CA ILE G 667 37.33 19.12 17.98
C ILE G 667 38.39 19.31 19.05
N ARG G 668 38.07 20.07 20.09
CA ARG G 668 39.05 20.31 21.14
C ARG G 668 39.57 19.02 21.71
N ARG G 669 38.77 17.96 21.63
CA ARG G 669 39.21 16.70 22.20
C ARG G 669 40.17 15.98 21.26
N TYR G 670 39.77 15.80 20.00
CA TYR G 670 40.56 14.97 19.10
C TYR G 670 41.93 15.56 18.88
N VAL G 671 42.05 16.88 18.88
CA VAL G 671 43.37 17.49 18.84
C VAL G 671 44.16 17.13 20.09
N ARG G 672 43.49 17.07 21.23
CA ARG G 672 44.20 16.81 22.48
C ARG G 672 44.80 15.41 22.47
N LYS G 673 43.99 14.40 22.20
CA LYS G 673 44.55 13.05 22.20
C LYS G 673 45.43 12.80 21.00
N LEU G 674 45.52 13.74 20.06
CA LEU G 674 46.44 13.60 18.95
C LEU G 674 47.86 13.96 19.37
N ILE G 675 48.07 15.21 19.79
CA ILE G 675 49.39 15.64 20.24
C ILE G 675 49.71 15.17 21.64
N GLU G 676 48.83 14.39 22.27
CA GLU G 676 49.06 13.92 23.63
C GLU G 676 50.37 13.15 23.76
N SER G 677 50.86 12.57 22.68
CA SER G 677 52.11 11.85 22.73
C SER G 677 53.29 12.81 22.84
N GLU G 678 53.38 13.76 21.92
CA GLU G 678 54.56 14.60 21.85
C GLU G 678 54.52 15.73 22.86
N TYR G 679 53.47 16.54 22.82
CA TYR G 679 53.37 17.72 23.66
C TYR G 679 52.39 17.44 24.78
N TYR G 680 52.90 16.98 25.91
CA TYR G 680 52.04 16.59 27.01
C TYR G 680 51.64 17.77 27.88
N GLY G 681 52.55 18.73 28.08
CA GLY G 681 52.25 19.85 28.94
C GLY G 681 51.71 21.03 28.18
N LEU G 682 51.12 20.78 27.01
CA LEU G 682 50.53 21.82 26.18
C LEU G 682 49.02 21.68 26.25
N PRO G 683 48.35 22.35 27.17
CA PRO G 683 46.90 22.20 27.27
C PRO G 683 46.23 22.77 26.04
N VAL G 684 45.03 22.27 25.76
CA VAL G 684 44.23 22.71 24.63
C VAL G 684 42.96 23.33 25.17
N LEU G 685 42.58 24.48 24.62
CA LEU G 685 41.36 25.17 25.02
C LEU G 685 40.41 25.23 23.85
N SER G 686 39.32 25.95 24.06
CA SER G 686 38.37 26.23 23.01
C SER G 686 38.24 27.73 22.85
N TYR G 687 37.49 28.14 21.83
CA TYR G 687 37.12 29.54 21.76
C TYR G 687 36.03 29.85 22.76
N GLN G 688 35.23 28.85 23.10
CA GLN G 688 34.08 29.05 23.96
C GLN G 688 34.50 29.11 25.42
N GLU G 689 35.35 28.18 25.84
CA GLU G 689 35.85 28.19 27.21
C GLU G 689 36.53 29.50 27.53
N LEU G 690 37.05 30.20 26.52
CA LEU G 690 37.66 31.49 26.75
C LEU G 690 36.58 32.50 27.08
N THR G 691 36.44 32.80 28.37
CA THR G 691 35.59 33.92 28.75
C THR G 691 36.04 35.15 28.01
N GLN G 692 35.07 35.95 27.60
CA GLN G 692 35.41 37.20 26.97
C GLN G 692 36.26 38.03 27.93
N GLN G 693 36.82 39.12 27.41
CA GLN G 693 37.75 39.96 28.16
C GLN G 693 39.04 39.20 28.45
N ILE G 694 39.49 38.42 27.48
CA ILE G 694 40.78 37.76 27.52
C ILE G 694 41.55 38.15 26.27
N ASN G 695 42.75 38.69 26.45
CA ASN G 695 43.56 39.12 25.31
C ASN G 695 44.42 37.96 24.87
N ILE G 696 43.90 37.17 23.95
CA ILE G 696 44.70 36.13 23.32
C ILE G 696 45.84 36.77 22.57
N GLN G 697 47.06 36.42 22.94
CA GLN G 697 48.25 36.96 22.29
C GLN G 697 48.89 35.86 21.45
N PRO G 698 48.43 35.67 20.21
CA PRO G 698 48.86 34.50 19.43
C PRO G 698 50.36 34.47 19.23
N LEU G 699 51.00 33.41 19.74
CA LEU G 699 52.42 33.24 19.51
C LEU G 699 52.70 32.93 18.06
N GLY G 700 51.97 31.98 17.49
CA GLY G 700 52.12 31.67 16.07
C GLY G 700 51.06 30.72 15.56
N ARG G 701 50.39 31.07 14.46
CA ARG G 701 49.31 30.27 13.96
C ARG G 701 49.85 29.03 13.26
N VAL G 702 49.22 27.89 13.50
CA VAL G 702 49.63 26.62 12.90
C VAL G 702 49.01 26.53 11.52
N CYS G 703 49.79 26.82 10.50
CA CYS G 703 49.29 26.78 9.13
C CYS G 703 49.20 25.34 8.68
N LEU G 704 49.02 25.12 7.38
CA LEU G 704 49.06 23.77 6.84
C LEU G 704 50.25 23.66 5.91
N LEU H 361 16.54 -51.41 51.20
CA LEU H 361 17.23 -50.87 50.03
C LEU H 361 16.31 -49.96 49.24
N GLY H 362 15.08 -49.81 49.74
CA GLY H 362 14.13 -48.91 49.13
C GLY H 362 14.46 -47.45 49.23
N GLU H 363 15.55 -47.09 49.91
CA GLU H 363 16.00 -45.70 49.93
C GLU H 363 16.29 -45.25 48.51
N GLN H 364 15.78 -44.07 48.14
CA GLN H 364 15.66 -43.73 46.73
C GLN H 364 17.00 -43.71 46.01
N GLU H 365 17.82 -42.69 46.21
CA GLU H 365 19.22 -42.84 45.78
C GLU H 365 20.25 -42.10 46.63
N ALA H 366 19.83 -41.10 47.39
CA ALA H 366 20.72 -40.33 48.25
C ALA H 366 21.86 -39.68 47.46
N PHE H 367 21.47 -38.72 46.61
CA PHE H 367 22.40 -37.94 45.80
C PHE H 367 23.61 -37.50 46.60
N ALA H 368 24.79 -37.65 46.01
CA ALA H 368 26.04 -37.29 46.65
C ALA H 368 26.84 -36.37 45.72
N MET H 369 27.18 -35.19 46.21
CA MET H 369 27.81 -34.18 45.37
C MET H 369 29.20 -34.61 44.95
N THR H 370 29.56 -34.31 43.70
CA THR H 370 30.92 -34.53 43.25
C THR H 370 31.87 -33.53 43.89
N VAL H 371 33.12 -33.95 44.03
CA VAL H 371 34.12 -33.08 44.67
C VAL H 371 34.75 -32.18 43.62
N PRO H 372 34.86 -30.90 43.88
CA PRO H 372 35.41 -29.98 42.87
C PRO H 372 36.84 -30.31 42.50
N LEU H 373 37.72 -30.38 43.49
CA LEU H 373 39.11 -30.75 43.28
C LEU H 373 39.44 -31.85 44.25
N LEU H 374 40.31 -32.76 43.84
CA LEU H 374 40.63 -33.90 44.68
C LEU H 374 42.06 -34.33 44.41
N ILE H 375 42.80 -34.58 45.48
CA ILE H 375 44.13 -35.14 45.38
C ILE H 375 44.08 -36.53 45.98
N ASP H 376 44.43 -37.52 45.19
CA ASP H 376 44.51 -38.90 45.68
C ASP H 376 45.95 -39.35 45.52
N VAL H 377 46.66 -39.42 46.65
CA VAL H 377 48.00 -39.97 46.67
C VAL H 377 47.91 -41.32 47.36
N ASP H 378 48.98 -42.09 47.32
CA ASP H 378 48.93 -43.43 47.86
C ASP H 378 48.88 -43.39 49.38
N SER H 379 48.70 -44.56 49.98
CA SER H 379 48.89 -44.73 51.40
C SER H 379 50.39 -44.84 51.66
N SER H 380 50.76 -45.29 52.86
CA SER H 380 52.15 -45.46 53.26
C SER H 380 52.85 -44.11 53.46
N GLN H 381 52.18 -43.03 53.10
CA GLN H 381 52.64 -41.69 53.42
C GLN H 381 51.64 -40.92 54.26
N GLN H 382 50.44 -41.46 54.47
CA GLN H 382 49.39 -40.75 55.19
C GLN H 382 49.86 -40.23 56.53
N GLU H 383 50.94 -40.79 57.06
CA GLU H 383 51.62 -40.27 58.22
C GLU H 383 53.09 -40.03 57.96
N ALA H 384 53.63 -40.58 56.88
CA ALA H 384 55.04 -40.41 56.54
C ALA H 384 55.27 -39.15 55.72
N LEU H 385 54.37 -38.81 54.79
CA LEU H 385 54.64 -37.57 54.07
C LEU H 385 54.29 -36.39 54.95
N GLU H 386 53.00 -36.03 55.06
CA GLU H 386 52.29 -35.64 56.27
C GLU H 386 53.09 -34.85 57.30
N ALA H 387 54.32 -34.46 56.95
CA ALA H 387 55.22 -33.90 57.95
C ALA H 387 56.07 -32.76 57.40
N ILE H 388 55.87 -32.33 56.17
CA ILE H 388 56.43 -31.05 55.79
C ILE H 388 55.38 -30.03 56.17
N ALA H 389 54.31 -29.93 55.39
CA ALA H 389 53.01 -29.63 55.94
C ALA H 389 51.95 -30.54 55.35
N LEU H 390 51.82 -30.50 54.02
CA LEU H 390 50.80 -31.20 53.24
C LEU H 390 49.40 -30.90 53.72
N ASN H 391 49.27 -29.92 54.60
CA ASN H 391 48.02 -29.23 54.84
C ASN H 391 48.23 -27.75 54.96
N ASP H 392 49.48 -27.29 55.05
CA ASP H 392 49.85 -25.90 54.94
C ASP H 392 50.84 -25.67 53.81
N GLU H 393 51.10 -26.69 53.00
CA GLU H 393 51.85 -26.48 51.77
C GLU H 393 50.93 -26.47 50.56
N LEU H 394 49.72 -26.99 50.72
CA LEU H 394 48.70 -26.80 49.70
C LEU H 394 47.98 -25.48 49.88
N VAL H 395 47.47 -25.23 51.09
CA VAL H 395 46.76 -23.98 51.33
C VAL H 395 47.67 -22.78 51.09
N ARG H 396 48.99 -22.97 51.19
CA ARG H 396 49.90 -21.89 50.88
C ARG H 396 49.98 -21.65 49.39
N VAL H 397 50.05 -22.73 48.61
CA VAL H 397 50.16 -22.54 47.16
C VAL H 397 48.79 -22.29 46.56
N ARG H 398 47.72 -22.58 47.28
CA ARG H 398 46.41 -22.20 46.77
C ARG H 398 46.19 -20.70 46.95
N ARG H 399 46.48 -20.18 48.14
CA ARG H 399 46.39 -18.73 48.33
C ARG H 399 47.39 -18.00 47.46
N ALA H 400 48.65 -18.43 47.45
CA ALA H 400 49.66 -17.75 46.67
C ALA H 400 49.30 -17.78 45.19
N LEU H 401 48.50 -18.75 44.78
CA LEU H 401 48.04 -18.78 43.40
C LEU H 401 46.76 -17.98 43.24
N TYR H 402 45.98 -17.83 44.30
CA TYR H 402 44.80 -16.99 44.21
C TYR H 402 45.18 -15.54 44.03
N LEU H 403 46.11 -15.04 44.85
CA LEU H 403 46.57 -13.68 44.70
C LEU H 403 47.27 -13.44 43.37
N ASP H 404 47.44 -14.47 42.56
CA ASP H 404 48.06 -14.27 41.26
C ASP H 404 47.00 -14.14 40.18
N LEU H 405 46.05 -15.07 40.16
CA LEU H 405 44.97 -15.10 39.18
C LEU H 405 43.71 -14.41 39.66
N GLY H 406 43.30 -14.68 40.90
CA GLY H 406 42.11 -14.09 41.43
C GLY H 406 40.91 -15.00 41.48
N VAL H 407 41.00 -16.16 40.86
CA VAL H 407 39.87 -17.11 40.85
C VAL H 407 39.60 -17.57 42.27
N PRO H 408 38.37 -17.64 42.71
CA PRO H 408 38.10 -18.17 44.05
C PRO H 408 38.12 -19.70 44.02
N PHE H 409 39.33 -20.25 44.14
CA PHE H 409 39.53 -21.67 43.97
C PHE H 409 38.75 -22.46 45.01
N PRO H 410 38.45 -23.72 44.73
CA PRO H 410 37.64 -24.50 45.67
C PRO H 410 38.50 -25.16 46.73
N GLY H 411 37.87 -25.98 47.58
CA GLY H 411 38.60 -26.63 48.66
C GLY H 411 39.23 -27.91 48.16
N ILE H 412 40.53 -28.05 48.37
CA ILE H 412 41.26 -29.22 47.92
C ILE H 412 41.08 -30.33 48.95
N HIS H 413 40.25 -31.32 48.63
CA HIS H 413 40.20 -32.49 49.47
C HIS H 413 41.45 -33.32 49.27
N LEU H 414 41.98 -33.86 50.37
CA LEU H 414 43.18 -34.68 50.35
C LEU H 414 42.83 -36.05 50.91
N ARG H 415 42.98 -37.07 50.08
CA ARG H 415 42.65 -38.43 50.47
C ARG H 415 43.84 -39.33 50.19
N PHE H 416 44.30 -40.02 51.22
CA PHE H 416 45.34 -41.03 51.10
C PHE H 416 44.66 -42.35 50.80
N ASN H 417 44.75 -42.79 49.56
CA ASN H 417 44.15 -44.05 49.12
C ASN H 417 45.19 -45.16 49.18
N GLU H 418 44.75 -46.34 49.55
CA GLU H 418 45.63 -47.51 49.53
C GLU H 418 45.50 -48.31 48.26
N GLY H 419 44.43 -48.08 47.48
CA GLY H 419 44.18 -48.89 46.30
C GLY H 419 45.27 -48.78 45.24
N MET H 420 46.01 -47.68 45.24
CA MET H 420 47.05 -47.49 44.25
C MET H 420 48.37 -48.06 44.77
N GLY H 421 49.46 -47.73 44.10
CA GLY H 421 50.77 -48.24 44.49
C GLY H 421 51.34 -47.55 45.71
N GLU H 422 52.63 -47.25 45.69
CA GLU H 422 53.27 -46.56 46.81
C GLU H 422 53.88 -45.22 46.43
N GLY H 423 54.09 -44.95 45.15
CA GLY H 423 54.56 -43.66 44.73
C GLY H 423 53.62 -42.97 43.76
N GLU H 424 52.42 -43.53 43.62
CA GLU H 424 51.43 -42.99 42.70
C GLU H 424 50.68 -41.83 43.34
N TYR H 425 50.17 -40.94 42.50
CA TYR H 425 49.32 -39.86 42.95
C TYR H 425 48.60 -39.30 41.74
N LEU H 426 47.30 -39.06 41.88
CA LEU H 426 46.50 -38.49 40.82
C LEU H 426 45.75 -37.28 41.37
N ILE H 427 45.69 -36.24 40.56
CA ILE H 427 45.00 -35.01 40.92
C ILE H 427 43.78 -34.94 40.03
N SER H 428 42.60 -35.13 40.61
CA SER H 428 41.39 -35.32 39.84
C SER H 428 40.50 -34.10 39.97
N LEU H 429 40.27 -33.40 38.86
CA LEU H 429 39.23 -32.38 38.81
C LEU H 429 37.90 -33.06 38.57
N GLN H 430 37.03 -33.06 39.57
CA GLN H 430 35.67 -33.56 39.40
C GLN H 430 35.69 -35.00 38.88
N GLU H 431 36.47 -35.83 39.54
CA GLU H 431 36.49 -37.27 39.33
C GLU H 431 36.97 -37.67 37.94
N VAL H 432 37.94 -36.94 37.39
CA VAL H 432 38.65 -37.41 36.21
C VAL H 432 40.12 -37.05 36.32
N PRO H 433 40.99 -38.00 36.64
CA PRO H 433 42.39 -37.69 36.92
C PRO H 433 43.03 -36.89 35.80
N VAL H 434 43.44 -35.67 36.13
CA VAL H 434 43.95 -34.75 35.13
C VAL H 434 45.47 -34.68 35.09
N ALA H 435 46.14 -35.06 36.18
CA ALA H 435 47.60 -35.14 36.16
C ALA H 435 48.01 -36.20 37.15
N ARG H 436 48.19 -37.42 36.68
CA ARG H 436 48.62 -38.51 37.54
C ARG H 436 50.13 -38.61 37.50
N GLY H 437 50.66 -39.36 38.45
CA GLY H 437 52.10 -39.54 38.51
C GLY H 437 52.48 -40.62 39.50
N GLU H 438 53.52 -41.36 39.17
CA GLU H 438 54.13 -42.31 40.10
C GLU H 438 55.44 -41.67 40.53
N LEU H 439 55.41 -40.95 41.64
CA LEU H 439 56.60 -40.24 42.08
C LEU H 439 57.65 -41.28 42.49
N LYS H 440 58.65 -41.48 41.62
CA LYS H 440 59.74 -42.40 41.95
C LYS H 440 60.67 -41.82 42.98
N ALA H 441 60.29 -40.67 43.55
CA ALA H 441 60.80 -40.22 44.83
C ALA H 441 60.10 -41.03 45.92
N GLY H 442 59.45 -42.11 45.53
CA GLY H 442 58.72 -42.99 46.42
C GLY H 442 59.39 -43.16 47.76
N TYR H 443 60.64 -43.62 47.77
CA TYR H 443 61.34 -43.71 49.05
C TYR H 443 61.94 -42.36 49.43
N LEU H 444 62.97 -41.91 48.71
CA LEU H 444 63.49 -40.56 48.74
C LEU H 444 64.39 -40.38 47.53
N LEU H 445 63.92 -39.69 46.50
CA LEU H 445 64.72 -39.55 45.30
C LEU H 445 64.53 -38.14 44.73
N VAL H 446 64.68 -37.13 45.59
CA VAL H 446 64.36 -35.75 45.28
C VAL H 446 64.83 -35.39 43.87
N ARG H 447 63.90 -34.96 43.02
CA ARG H 447 64.15 -34.90 41.59
C ARG H 447 65.00 -33.68 41.25
N GLU H 448 65.26 -33.51 39.96
CA GLU H 448 65.98 -32.36 39.44
C GLU H 448 65.34 -31.92 38.14
N SER H 449 64.99 -30.63 38.06
CA SER H 449 64.21 -30.09 36.96
C SER H 449 65.06 -29.66 35.78
N VAL H 450 66.25 -29.11 36.03
CA VAL H 450 67.09 -28.58 34.96
C VAL H 450 68.22 -29.58 34.75
N SER H 451 67.92 -30.86 34.99
CA SER H 451 68.88 -31.94 34.76
C SER H 451 69.50 -31.84 33.38
N GLN H 452 70.80 -32.09 33.31
CA GLN H 452 71.58 -31.84 32.11
C GLN H 452 72.82 -32.70 32.21
N LEU H 453 73.76 -32.52 31.28
CA LEU H 453 75.06 -33.16 31.46
C LEU H 453 75.79 -32.58 32.67
N GLU H 454 75.30 -31.47 33.23
CA GLU H 454 75.86 -30.96 34.47
C GLU H 454 75.69 -31.95 35.60
N LEU H 455 74.60 -32.72 35.60
CA LEU H 455 74.48 -33.85 36.51
C LEU H 455 75.33 -35.04 36.09
N LEU H 456 76.02 -34.95 34.95
CA LEU H 456 77.12 -35.86 34.67
C LEU H 456 78.46 -35.23 35.05
N GLY H 457 78.59 -33.92 34.89
CA GLY H 457 79.71 -33.22 35.49
C GLY H 457 79.65 -33.27 37.00
N ILE H 458 78.44 -33.18 37.55
CA ILE H 458 78.18 -33.43 38.96
C ILE H 458 77.66 -34.86 38.99
N PRO H 459 78.55 -35.86 39.09
CA PRO H 459 78.29 -37.16 38.45
C PRO H 459 77.23 -38.03 39.12
N TYR H 460 76.50 -37.53 40.11
CA TYR H 460 75.66 -38.40 40.93
C TYR H 460 74.59 -39.08 40.08
N GLU H 461 74.37 -40.36 40.35
CA GLU H 461 73.57 -41.20 39.47
C GLU H 461 72.18 -40.61 39.27
N LYS H 462 71.60 -40.93 38.11
CA LYS H 462 70.35 -40.35 37.69
C LYS H 462 69.25 -41.40 37.62
N GLY H 463 68.02 -40.91 37.44
CA GLY H 463 66.89 -41.75 37.11
C GLY H 463 66.07 -41.09 36.02
N GLU H 464 65.90 -41.78 34.90
CA GLU H 464 65.33 -41.12 33.72
C GLU H 464 63.82 -41.05 33.80
N HIS H 465 63.28 -39.92 33.31
CA HIS H 465 61.85 -39.72 33.16
C HIS H 465 61.66 -38.44 32.35
N LEU H 466 60.41 -38.17 31.98
CA LEU H 466 60.01 -36.95 31.30
C LEU H 466 58.82 -36.34 32.05
N LEU H 467 58.97 -36.23 33.36
CA LEU H 467 58.00 -35.55 34.21
C LEU H 467 57.83 -34.17 33.59
N PRO H 468 56.64 -33.59 33.60
CA PRO H 468 56.21 -32.80 32.43
C PRO H 468 57.11 -31.67 31.95
N ASP H 469 57.35 -30.64 32.76
CA ASP H 469 57.70 -29.35 32.20
C ASP H 469 59.16 -29.17 31.84
N GLN H 470 60.07 -29.69 32.66
CA GLN H 470 61.49 -29.64 32.35
C GLN H 470 62.06 -31.04 32.51
N GLU H 471 63.25 -31.26 31.97
CA GLU H 471 63.81 -32.60 32.00
C GLU H 471 64.07 -33.03 33.43
N THR H 472 63.31 -34.02 33.88
CA THR H 472 63.35 -34.50 35.26
C THR H 472 64.28 -35.69 35.38
N PHE H 473 65.29 -35.54 36.23
CA PHE H 473 66.14 -36.66 36.60
C PHE H 473 66.28 -36.66 38.10
N TRP H 474 66.40 -37.84 38.67
CA TRP H 474 66.27 -38.02 40.11
C TRP H 474 67.60 -38.41 40.73
N VAL H 475 67.87 -37.86 41.92
CA VAL H 475 69.04 -38.20 42.72
C VAL H 475 68.57 -38.44 44.14
N SER H 476 69.38 -39.15 44.91
CA SER H 476 68.99 -39.53 46.26
C SER H 476 69.31 -38.40 47.24
N VAL H 477 69.15 -38.68 48.53
CA VAL H 477 69.23 -37.64 49.54
C VAL H 477 70.63 -37.47 50.13
N GLU H 478 71.52 -38.44 49.92
CA GLU H 478 72.94 -38.19 50.15
C GLU H 478 73.52 -37.39 49.00
N TYR H 479 73.03 -37.64 47.79
CA TYR H 479 73.45 -36.86 46.63
C TYR H 479 72.92 -35.44 46.70
N GLU H 480 71.84 -35.23 47.44
CA GLU H 480 71.24 -33.90 47.54
C GLU H 480 72.22 -32.90 48.15
N GLU H 481 72.92 -33.30 49.22
CA GLU H 481 73.80 -32.39 49.93
C GLU H 481 74.82 -31.77 48.97
N ARG H 482 75.34 -32.57 48.04
CA ARG H 482 76.37 -32.08 47.16
C ARG H 482 75.80 -31.34 45.95
N LEU H 483 74.67 -31.78 45.43
CA LEU H 483 74.06 -31.06 44.32
C LEU H 483 73.38 -29.77 44.76
N GLU H 484 72.93 -29.69 46.01
CA GLU H 484 72.45 -28.39 46.50
C GLU H 484 73.60 -27.42 46.66
N LYS H 485 74.82 -27.92 46.88
CA LYS H 485 75.99 -27.07 46.77
C LYS H 485 76.15 -26.57 45.34
N SER H 486 75.92 -27.47 44.37
CA SER H 486 76.04 -27.13 42.96
C SER H 486 74.89 -26.29 42.44
N GLN H 487 73.84 -26.09 43.25
CA GLN H 487 72.77 -25.16 42.94
C GLN H 487 71.97 -25.48 41.68
N LEU H 488 71.24 -26.58 41.69
CA LEU H 488 70.20 -26.84 40.71
C LEU H 488 68.86 -27.03 41.42
N GLU H 489 67.80 -27.21 40.64
CA GLU H 489 66.46 -27.16 41.21
C GLU H 489 66.07 -28.46 41.89
N PHE H 490 65.75 -28.36 43.18
CA PHE H 490 65.35 -29.49 44.01
C PHE H 490 63.87 -29.43 44.30
N PHE H 491 63.20 -30.57 44.16
CA PHE H 491 61.79 -30.67 44.46
C PHE H 491 61.59 -31.75 45.51
N SER H 492 61.26 -31.33 46.72
CA SER H 492 60.95 -32.26 47.78
C SER H 492 59.63 -32.95 47.48
N HIS H 493 59.16 -33.76 48.43
CA HIS H 493 57.89 -34.43 48.22
C HIS H 493 56.71 -33.49 48.28
N SER H 494 56.84 -32.37 48.97
CA SER H 494 55.84 -31.32 48.81
C SER H 494 55.93 -30.68 47.44
N GLN H 495 57.12 -30.21 47.07
CA GLN H 495 57.25 -29.36 45.89
C GLN H 495 57.03 -30.16 44.61
N VAL H 496 57.16 -31.48 44.66
CA VAL H 496 56.83 -32.25 43.48
C VAL H 496 55.32 -32.38 43.36
N LEU H 497 54.63 -32.35 44.50
CA LEU H 497 53.18 -32.46 44.49
C LEU H 497 52.54 -31.14 44.12
N THR H 498 52.77 -30.11 44.93
CA THR H 498 52.12 -28.83 44.68
C THR H 498 52.45 -28.26 43.31
N TRP H 499 53.63 -28.55 42.79
CA TRP H 499 53.97 -27.97 41.50
C TRP H 499 52.95 -28.36 40.45
N HIS H 500 52.63 -29.65 40.33
CA HIS H 500 51.55 -30.03 39.42
C HIS H 500 50.24 -29.36 39.80
N LEU H 501 49.96 -29.26 41.09
CA LEU H 501 48.77 -28.54 41.50
C LEU H 501 48.81 -27.11 40.98
N SER H 502 49.82 -26.35 41.38
CA SER H 502 49.93 -24.97 40.92
C SER H 502 50.07 -24.90 39.40
N HIS H 503 50.21 -26.05 38.75
CA HIS H 503 50.12 -26.06 37.30
C HIS H 503 48.74 -26.52 36.84
N VAL H 504 48.04 -27.31 37.66
CA VAL H 504 46.70 -27.73 37.28
C VAL H 504 45.73 -26.57 37.36
N LEU H 505 45.80 -25.79 38.43
CA LEU H 505 44.92 -24.64 38.56
C LEU H 505 45.20 -23.63 37.47
N ARG H 506 46.46 -23.28 37.26
CA ARG H 506 46.76 -22.24 36.30
C ARG H 506 46.32 -22.61 34.89
N GLU H 507 46.09 -23.89 34.61
CA GLU H 507 45.66 -24.28 33.28
C GLU H 507 44.19 -24.67 33.22
N TYR H 508 43.57 -24.96 34.34
CA TYR H 508 42.14 -25.27 34.40
C TYR H 508 41.40 -24.23 35.22
N ALA H 509 41.86 -23.00 35.17
CA ALA H 509 41.18 -21.91 35.83
C ALA H 509 40.01 -21.39 35.02
N GLU H 510 39.75 -21.93 33.84
CA GLU H 510 38.53 -21.62 33.15
C GLU H 510 37.35 -22.43 33.67
N ASP H 511 37.59 -23.38 34.57
CA ASP H 511 36.55 -24.27 35.04
C ASP H 511 36.12 -23.97 36.46
N PHE H 512 36.81 -23.06 37.14
CA PHE H 512 36.43 -22.69 38.49
C PHE H 512 35.73 -21.35 38.55
N ILE H 513 35.52 -20.70 37.41
CA ILE H 513 34.76 -19.45 37.42
C ILE H 513 33.43 -19.70 36.74
N GLY H 514 32.44 -20.11 37.52
CA GLY H 514 31.10 -20.33 37.02
C GLY H 514 30.14 -19.32 37.64
N ILE H 515 28.93 -19.32 37.08
CA ILE H 515 27.93 -18.37 37.52
C ILE H 515 27.76 -18.42 39.02
N GLN H 516 28.13 -19.53 39.64
CA GLN H 516 28.05 -19.59 41.10
C GLN H 516 29.27 -18.96 41.74
N GLU H 517 30.35 -18.76 40.99
CA GLU H 517 31.55 -18.24 41.61
C GLU H 517 31.69 -16.74 41.38
N THR H 518 31.18 -16.21 40.27
CA THR H 518 31.19 -14.76 40.14
C THR H 518 30.17 -14.14 41.07
N ARG H 519 29.00 -14.76 41.22
CA ARG H 519 28.05 -14.25 42.20
C ARG H 519 28.61 -14.33 43.60
N TYR H 520 29.73 -15.03 43.78
CA TYR H 520 30.43 -14.95 45.04
C TYR H 520 31.25 -13.66 45.11
N LEU H 521 31.85 -13.27 43.99
CA LEU H 521 32.59 -12.01 43.96
C LEU H 521 31.65 -10.82 44.05
N LEU H 522 30.59 -10.83 43.26
CA LEU H 522 29.63 -9.73 43.27
C LEU H 522 28.81 -9.69 44.54
N GLU H 523 29.00 -10.64 45.45
CA GLU H 523 28.45 -10.48 46.78
C GLU H 523 29.51 -10.03 47.76
N GLN H 524 30.72 -10.59 47.63
CA GLN H 524 31.80 -10.19 48.50
C GLN H 524 32.20 -8.74 48.28
N MET H 525 31.84 -8.14 47.16
CA MET H 525 32.16 -6.75 46.88
C MET H 525 31.00 -5.82 47.13
N GLU H 526 29.85 -6.34 47.55
CA GLU H 526 28.70 -5.48 47.81
C GLU H 526 29.05 -4.38 48.80
N GLY H 527 29.76 -4.74 49.87
CA GLY H 527 30.14 -3.77 50.88
C GLY H 527 30.97 -2.65 50.31
N GLY H 528 32.11 -2.98 49.71
CA GLY H 528 32.98 -1.99 49.13
C GLY H 528 32.30 -1.14 48.07
N TYR H 529 31.90 -1.77 46.97
CA TYR H 529 31.35 -1.05 45.83
C TYR H 529 29.89 -1.43 45.68
N GLY H 530 29.03 -0.71 46.39
CA GLY H 530 27.61 -0.97 46.30
C GLY H 530 27.04 -0.54 44.97
N GLU H 531 27.14 0.75 44.65
CA GLU H 531 26.45 1.26 43.48
C GLU H 531 27.11 0.83 42.19
N LEU H 532 28.34 0.32 42.27
CA LEU H 532 28.98 -0.21 41.08
C LEU H 532 28.32 -1.51 40.66
N ILE H 533 28.05 -2.37 41.61
CA ILE H 533 27.49 -3.69 41.31
C ILE H 533 26.02 -3.57 40.92
N LYS H 534 25.25 -2.77 41.66
CA LYS H 534 23.85 -2.58 41.32
C LYS H 534 23.69 -1.92 39.96
N GLU H 535 24.76 -1.36 39.41
CA GLU H 535 24.75 -0.81 38.06
C GLU H 535 25.21 -1.83 37.04
N VAL H 536 26.19 -2.67 37.38
CA VAL H 536 26.69 -3.60 36.40
C VAL H 536 25.73 -4.76 36.20
N GLN H 537 25.00 -5.15 37.24
CA GLN H 537 24.11 -6.29 37.11
C GLN H 537 22.95 -6.01 36.17
N ARG H 538 22.51 -4.76 36.08
CA ARG H 538 21.42 -4.42 35.18
C ARG H 538 21.89 -4.23 33.75
N ILE H 539 23.18 -4.07 33.53
CA ILE H 539 23.69 -3.88 32.18
C ILE H 539 24.12 -5.20 31.56
N VAL H 540 24.92 -5.98 32.26
CA VAL H 540 25.36 -7.28 31.78
C VAL H 540 24.78 -8.37 32.68
N PRO H 541 24.03 -9.32 32.15
CA PRO H 541 23.53 -10.42 32.96
C PRO H 541 24.68 -11.27 33.47
N LEU H 542 24.41 -12.08 34.49
CA LEU H 542 25.46 -12.89 35.09
C LEU H 542 26.05 -13.86 34.10
N GLN H 543 25.26 -14.37 33.17
CA GLN H 543 25.87 -15.24 32.17
C GLN H 543 26.89 -14.48 31.35
N ARG H 544 26.57 -13.26 30.95
CA ARG H 544 27.46 -12.52 30.05
C ARG H 544 28.69 -12.04 30.78
N MET H 545 28.53 -11.60 32.02
CA MET H 545 29.67 -11.13 32.79
C MET H 545 30.60 -12.28 33.12
N THR H 546 30.05 -13.47 33.33
CA THR H 546 30.91 -14.61 33.63
C THR H 546 31.59 -15.12 32.37
N GLU H 547 30.91 -15.10 31.24
CA GLU H 547 31.54 -15.51 29.99
C GLU H 547 32.71 -14.60 29.65
N ILE H 548 32.86 -13.48 30.36
CA ILE H 548 34.05 -12.65 30.21
C ILE H 548 35.13 -13.09 31.18
N LEU H 549 34.78 -13.23 32.46
CA LEU H 549 35.78 -13.58 33.45
C LEU H 549 36.47 -14.89 33.10
N GLN H 550 35.78 -15.78 32.40
CA GLN H 550 36.47 -16.97 31.91
C GLN H 550 37.41 -16.63 30.78
N ARG H 551 37.08 -15.62 29.98
CA ARG H 551 37.91 -15.31 28.84
C ARG H 551 39.14 -14.52 29.23
N LEU H 552 39.11 -13.82 30.37
CA LEU H 552 40.33 -13.21 30.86
C LEU H 552 41.26 -14.27 31.41
N VAL H 553 40.82 -15.00 32.43
CA VAL H 553 41.66 -15.99 33.06
C VAL H 553 42.11 -17.05 32.08
N GLY H 554 41.52 -17.09 30.88
CA GLY H 554 42.04 -17.95 29.85
C GLY H 554 43.38 -17.49 29.32
N GLU H 555 43.57 -16.18 29.19
CA GLU H 555 44.84 -15.62 28.73
C GLU H 555 45.79 -15.36 29.89
N ASP H 556 45.53 -15.92 31.05
CA ASP H 556 46.31 -15.74 32.27
C ASP H 556 46.27 -14.30 32.79
N ILE H 557 45.45 -13.44 32.20
CA ILE H 557 45.16 -12.16 32.81
C ILE H 557 44.53 -12.40 34.17
N SER H 558 44.76 -11.47 35.10
CA SER H 558 44.36 -11.66 36.48
C SER H 558 43.08 -10.89 36.76
N ILE H 559 42.02 -11.62 37.11
CA ILE H 559 40.78 -11.01 37.56
C ILE H 559 41.02 -10.06 38.72
N ARG H 560 42.05 -10.32 39.52
CA ARG H 560 42.23 -9.77 40.85
C ARG H 560 41.74 -8.33 40.98
N ASN H 561 42.09 -7.49 40.01
CA ASN H 561 41.66 -6.10 39.99
C ASN H 561 40.20 -6.05 39.59
N MET H 562 39.33 -6.30 40.56
CA MET H 562 37.94 -6.51 40.20
C MET H 562 37.18 -5.21 39.99
N ARG H 563 37.70 -4.09 40.48
CA ARG H 563 37.00 -2.83 40.24
C ARG H 563 37.11 -2.43 38.78
N SER H 564 38.33 -2.19 38.30
CA SER H 564 38.49 -1.66 36.95
C SER H 564 38.10 -2.68 35.89
N ILE H 565 37.68 -3.88 36.29
CA ILE H 565 37.03 -4.78 35.35
C ILE H 565 35.55 -4.48 35.29
N LEU H 566 35.00 -3.93 36.37
CA LEU H 566 33.59 -3.57 36.35
C LEU H 566 33.37 -2.18 35.80
N GLU H 567 34.29 -1.24 36.07
CA GLU H 567 34.23 0.05 35.40
C GLU H 567 34.19 -0.13 33.90
N ALA H 568 35.10 -0.92 33.36
CA ALA H 568 35.11 -1.18 31.93
C ALA H 568 34.00 -2.13 31.53
N MET H 569 33.35 -2.78 32.49
CA MET H 569 32.20 -3.60 32.16
C MET H 569 30.97 -2.72 31.95
N VAL H 570 30.78 -1.75 32.83
CA VAL H 570 29.67 -0.82 32.70
C VAL H 570 29.82 0.03 31.44
N GLU H 571 31.02 0.54 31.23
CA GLU H 571 31.25 1.46 30.11
C GLU H 571 30.92 0.81 28.79
N TRP H 572 31.41 -0.41 28.56
CA TRP H 572 31.28 -1.02 27.24
C TRP H 572 30.13 -2.00 27.13
N GLY H 573 29.54 -2.43 28.24
CA GLY H 573 28.45 -3.38 28.15
C GLY H 573 27.21 -2.86 27.48
N GLN H 574 27.15 -1.55 27.25
CA GLN H 574 26.05 -0.91 26.57
C GLN H 574 26.31 -0.73 25.09
N LYS H 575 27.56 -0.46 24.71
CA LYS H 575 27.90 -0.24 23.32
C LYS H 575 28.19 -1.55 22.61
N GLU H 576 29.07 -2.38 23.15
CA GLU H 576 29.45 -3.62 22.50
C GLU H 576 28.63 -4.78 23.04
N LYS H 577 28.35 -5.75 22.18
CA LYS H 577 27.53 -6.90 22.55
C LYS H 577 28.15 -8.25 22.20
N ASP H 578 29.10 -8.31 21.28
CA ASP H 578 29.82 -9.55 21.02
C ASP H 578 30.86 -9.75 22.10
N VAL H 579 30.78 -10.87 22.81
CA VAL H 579 31.64 -11.08 23.97
C VAL H 579 33.10 -10.90 23.61
N VAL H 580 33.52 -11.44 22.46
CA VAL H 580 34.93 -11.38 22.11
C VAL H 580 35.38 -9.95 21.90
N GLN H 581 34.49 -9.09 21.40
CA GLN H 581 34.83 -7.68 21.33
C GLN H 581 34.86 -7.04 22.71
N LEU H 582 33.84 -7.32 23.51
CA LEU H 582 33.75 -6.74 24.84
C LEU H 582 34.97 -7.10 25.66
N THR H 583 35.49 -8.32 25.53
CA THR H 583 36.65 -8.65 26.35
C THR H 583 37.91 -7.99 25.82
N GLU H 584 37.96 -7.69 24.53
CA GLU H 584 39.11 -6.96 24.02
C GLU H 584 39.06 -5.50 24.47
N TYR H 585 37.87 -4.98 24.72
CA TYR H 585 37.78 -3.67 25.31
C TYR H 585 38.10 -3.71 26.80
N ILE H 586 37.82 -4.82 27.46
CA ILE H 586 38.05 -4.89 28.90
C ILE H 586 39.53 -5.12 29.21
N ARG H 587 40.21 -5.93 28.40
CA ARG H 587 41.66 -6.02 28.54
C ARG H 587 42.31 -4.65 28.39
N SER H 588 41.80 -3.84 27.48
CA SER H 588 42.29 -2.48 27.29
C SER H 588 42.08 -1.59 28.48
N SER H 589 41.37 -2.03 29.51
CA SER H 589 41.24 -1.28 30.74
C SER H 589 42.31 -1.63 31.75
N LEU H 590 42.97 -2.77 31.58
CA LEU H 590 44.09 -3.15 32.43
C LEU H 590 45.42 -2.80 31.78
N LYS H 591 45.46 -1.69 31.03
CA LYS H 591 46.64 -1.31 30.26
C LYS H 591 47.90 -1.41 31.09
N ARG H 592 48.01 -0.58 32.13
CA ARG H 592 49.27 -0.52 32.85
C ARG H 592 49.48 -1.72 33.72
N TYR H 593 48.62 -2.73 33.64
CA TYR H 593 48.95 -4.01 34.26
C TYR H 593 49.74 -4.88 33.30
N ILE H 594 49.21 -5.05 32.09
CA ILE H 594 49.86 -5.93 31.13
C ILE H 594 51.28 -5.48 30.84
N CYS H 595 51.46 -4.18 30.64
CA CYS H 595 52.81 -3.61 30.52
C CYS H 595 53.74 -4.11 31.60
N TYR H 596 53.21 -4.50 32.75
CA TYR H 596 54.03 -5.03 33.82
C TYR H 596 54.05 -6.53 33.86
N LYS H 597 53.12 -7.20 33.19
CA LYS H 597 53.18 -8.65 33.18
C LYS H 597 54.11 -9.18 32.11
N TYR H 598 54.18 -8.52 30.96
CA TYR H 598 54.94 -9.08 29.86
C TYR H 598 56.28 -8.39 29.66
N ALA H 599 56.34 -7.08 29.89
CA ALA H 599 57.56 -6.32 29.71
C ALA H 599 58.03 -5.80 31.06
N ASN H 600 58.75 -6.63 31.81
CA ASN H 600 59.21 -6.23 33.12
C ASN H 600 60.34 -5.21 33.07
N GLY H 601 61.12 -5.17 31.98
CA GLY H 601 62.21 -4.23 31.89
C GLY H 601 61.73 -2.80 31.74
N ASN H 602 62.67 -1.93 31.37
CA ASN H 602 62.40 -0.51 31.28
C ASN H 602 61.59 -0.17 30.04
N ASN H 603 60.31 -0.55 30.04
CA ASN H 603 59.38 -0.17 28.99
C ASN H 603 59.84 -0.67 27.63
N ILE H 604 60.56 -1.78 27.59
CA ILE H 604 60.99 -2.40 26.35
C ILE H 604 60.39 -3.80 26.28
N LEU H 605 59.82 -4.14 25.14
CA LEU H 605 59.05 -5.36 24.98
C LEU H 605 59.46 -6.04 23.69
N PRO H 606 59.94 -7.26 23.73
CA PRO H 606 60.37 -7.95 22.50
C PRO H 606 59.19 -8.56 21.78
N ALA H 607 58.80 -7.95 20.66
CA ALA H 607 57.56 -8.29 19.99
C ALA H 607 57.82 -9.07 18.72
N TYR H 608 56.73 -9.51 18.11
CA TYR H 608 56.75 -10.29 16.88
C TYR H 608 55.67 -9.79 15.93
N LEU H 609 55.67 -8.49 15.68
CA LEU H 609 54.59 -7.84 14.95
C LEU H 609 54.15 -8.63 13.72
N PHE H 610 52.85 -8.57 13.43
CA PHE H 610 52.26 -9.15 12.24
C PHE H 610 52.24 -8.12 11.13
N ASP H 611 52.86 -8.41 10.01
CA ASP H 611 52.82 -7.45 8.91
C ASP H 611 51.42 -7.39 8.33
N GLN H 612 51.00 -6.18 7.99
CA GLN H 612 49.60 -5.86 7.76
C GLN H 612 48.93 -6.82 6.80
N GLU H 613 49.67 -7.40 5.87
CA GLU H 613 49.06 -8.28 4.88
C GLU H 613 48.37 -9.46 5.54
N VAL H 614 48.92 -9.95 6.66
CA VAL H 614 48.34 -11.11 7.32
C VAL H 614 47.17 -10.71 8.19
N GLU H 615 47.31 -9.64 8.98
CA GLU H 615 46.21 -9.18 9.82
C GLU H 615 44.97 -8.86 9.03
N GLU H 616 45.05 -8.86 7.70
CA GLU H 616 43.86 -8.67 6.86
C GLU H 616 43.34 -9.97 6.30
N LYS H 617 44.21 -10.96 6.06
CA LYS H 617 43.70 -12.28 5.72
C LYS H 617 42.86 -12.85 6.84
N ILE H 618 43.25 -12.62 8.09
CA ILE H 618 42.51 -13.19 9.21
C ILE H 618 41.24 -12.39 9.50
N ARG H 619 41.27 -11.08 9.29
CA ARG H 619 40.07 -10.31 9.55
C ARG H 619 38.98 -10.55 8.52
N SER H 620 39.25 -11.36 7.49
CA SER H 620 38.26 -11.67 6.48
C SER H 620 37.67 -13.05 6.65
N GLY H 621 37.88 -13.69 7.80
CA GLY H 621 37.37 -15.03 8.02
C GLY H 621 36.66 -15.21 9.34
N VAL H 622 35.91 -14.20 9.77
CA VAL H 622 35.39 -14.19 11.13
C VAL H 622 34.05 -14.91 11.25
N ARG H 623 33.15 -14.78 10.28
CA ARG H 623 31.92 -15.58 10.22
C ARG H 623 31.08 -15.40 11.49
N GLN H 624 30.56 -14.19 11.69
CA GLN H 624 29.78 -13.87 12.88
C GLN H 624 28.37 -14.40 12.71
N THR H 625 28.16 -15.68 13.06
CA THR H 625 26.91 -16.35 12.75
C THR H 625 26.10 -16.73 13.98
N SER H 626 26.64 -17.55 14.87
CA SER H 626 25.83 -18.19 15.91
C SER H 626 26.47 -17.97 17.27
N ALA H 627 26.85 -16.73 17.55
CA ALA H 627 27.55 -16.36 18.79
C ALA H 627 28.82 -17.19 18.96
N GLY H 628 29.41 -17.63 17.87
CA GLY H 628 30.69 -18.32 17.90
C GLY H 628 31.77 -17.55 17.17
N SER H 629 31.38 -16.82 16.11
CA SER H 629 32.29 -16.02 15.31
C SER H 629 33.56 -16.78 14.97
N TYR H 630 33.44 -18.08 14.71
CA TYR H 630 34.61 -18.93 14.50
C TYR H 630 35.46 -18.39 13.37
N LEU H 631 36.76 -18.44 13.54
CA LEU H 631 37.68 -18.17 12.44
C LEU H 631 37.68 -19.39 11.53
N ALA H 632 37.11 -19.23 10.34
CA ALA H 632 37.03 -20.32 9.37
C ALA H 632 37.62 -19.82 8.06
N LEU H 633 38.92 -20.09 7.87
CA LEU H 633 39.56 -19.72 6.60
C LEU H 633 39.62 -20.91 5.65
N ASP H 634 40.41 -21.91 5.99
CA ASP H 634 40.57 -23.14 5.25
C ASP H 634 41.54 -24.00 6.05
N PRO H 635 41.34 -25.31 6.14
CA PRO H 635 42.40 -26.19 6.63
C PRO H 635 43.68 -26.09 5.82
N ALA H 636 43.66 -25.44 4.67
CA ALA H 636 44.86 -25.24 3.87
C ALA H 636 45.43 -23.83 3.97
N VAL H 637 44.66 -22.88 4.48
CA VAL H 637 45.19 -21.54 4.75
C VAL H 637 45.74 -21.46 6.15
N THR H 638 45.04 -22.07 7.12
CA THR H 638 45.55 -22.12 8.48
C THR H 638 46.97 -22.67 8.51
N GLU H 639 47.25 -23.68 7.71
CA GLU H 639 48.62 -24.20 7.66
C GLU H 639 49.54 -23.25 6.90
N SER H 640 48.99 -22.39 6.05
CA SER H 640 49.82 -21.41 5.37
C SER H 640 50.30 -20.34 6.33
N LEU H 641 49.38 -19.76 7.10
CA LEU H 641 49.77 -18.77 8.10
C LEU H 641 50.61 -19.41 9.18
N LEU H 642 50.14 -20.51 9.76
CA LEU H 642 50.86 -21.15 10.84
C LEU H 642 52.24 -21.61 10.39
N GLU H 643 52.48 -21.67 9.09
CA GLU H 643 53.84 -21.95 8.63
C GLU H 643 54.67 -20.68 8.59
N GLN H 644 54.10 -19.59 8.08
CA GLN H 644 54.83 -18.33 8.08
C GLN H 644 55.21 -17.91 9.49
N VAL H 645 54.36 -18.19 10.46
CA VAL H 645 54.73 -17.96 11.86
C VAL H 645 55.91 -18.84 12.21
N ARG H 646 55.73 -20.16 12.12
CA ARG H 646 56.77 -21.10 12.48
C ARG H 646 58.07 -20.86 11.72
N LYS H 647 58.01 -20.14 10.59
CA LYS H 647 59.20 -19.87 9.82
C LYS H 647 60.02 -18.74 10.39
N THR H 648 59.41 -17.81 11.12
CA THR H 648 60.12 -16.70 11.72
C THR H 648 60.33 -16.87 13.21
N ILE H 649 59.27 -17.16 13.96
CA ILE H 649 59.39 -17.39 15.39
C ILE H 649 60.31 -18.56 15.67
N GLY H 650 60.37 -19.53 14.77
CA GLY H 650 61.19 -20.69 15.00
C GLY H 650 60.55 -21.59 16.02
N ASP H 651 61.27 -21.88 17.11
CA ASP H 651 60.75 -22.71 18.17
C ASP H 651 60.63 -22.00 19.52
N LEU H 652 61.31 -20.88 19.69
CA LEU H 652 61.29 -20.06 20.90
C LEU H 652 61.65 -20.85 22.15
N SER H 653 62.10 -22.09 21.99
CA SER H 653 62.54 -22.85 23.15
C SER H 653 63.90 -22.32 23.60
N GLN H 654 64.79 -22.06 22.64
CA GLN H 654 66.04 -21.40 22.97
C GLN H 654 65.86 -19.90 23.10
N ILE H 655 64.88 -19.33 22.39
CA ILE H 655 64.68 -17.88 22.44
C ILE H 655 64.30 -17.50 23.86
N GLN H 656 65.17 -16.74 24.51
CA GLN H 656 64.99 -16.35 25.89
C GLN H 656 64.20 -15.04 25.97
N SER H 657 63.90 -14.64 27.20
CA SER H 657 63.28 -13.37 27.58
C SER H 657 61.78 -13.33 27.32
N LYS H 658 61.15 -14.46 27.02
CA LYS H 658 59.69 -14.53 26.92
C LYS H 658 59.13 -13.48 25.96
N PRO H 659 59.28 -13.64 24.65
CA PRO H 659 58.74 -12.67 23.72
C PRO H 659 57.23 -12.79 23.65
N VAL H 660 56.60 -11.81 23.03
CA VAL H 660 55.15 -11.79 22.88
C VAL H 660 54.79 -11.38 21.46
N LEU H 661 53.78 -12.04 20.91
CA LEU H 661 53.25 -11.65 19.62
C LEU H 661 52.34 -10.44 19.82
N ILE H 662 52.30 -9.57 18.83
CA ILE H 662 51.54 -8.32 18.94
C ILE H 662 50.75 -8.13 17.67
N VAL H 663 49.44 -8.22 17.78
CA VAL H 663 48.56 -8.14 16.63
C VAL H 663 47.46 -7.15 16.96
N SER H 664 46.78 -6.66 15.91
CA SER H 664 45.71 -5.70 16.10
C SER H 664 44.67 -6.24 17.07
N MET H 665 43.84 -5.34 17.58
CA MET H 665 42.96 -5.70 18.69
C MET H 665 41.85 -6.63 18.23
N ASP H 666 41.16 -6.27 17.15
CA ASP H 666 39.92 -6.96 16.79
C ASP H 666 40.10 -8.41 16.39
N ILE H 667 41.34 -8.88 16.25
CA ILE H 667 41.55 -10.30 15.94
C ILE H 667 42.52 -10.89 16.95
N ARG H 668 42.80 -10.17 18.03
CA ARG H 668 43.74 -10.68 19.03
C ARG H 668 43.31 -12.04 19.52
N ARG H 669 42.02 -12.34 19.47
CA ARG H 669 41.57 -13.62 19.97
C ARG H 669 41.81 -14.73 18.94
N TYR H 670 41.35 -14.52 17.72
CA TYR H 670 41.39 -15.61 16.74
C TYR H 670 42.82 -16.02 16.44
N VAL H 671 43.76 -15.09 16.48
CA VAL H 671 45.16 -15.46 16.37
C VAL H 671 45.57 -16.32 17.55
N ARG H 672 45.05 -16.00 18.73
CA ARG H 672 45.46 -16.74 19.92
C ARG H 672 45.04 -18.19 19.84
N LYS H 673 43.75 -18.44 19.59
CA LYS H 673 43.31 -19.83 19.51
C LYS H 673 43.78 -20.51 18.25
N LEU H 674 44.43 -19.78 17.33
CA LEU H 674 45.01 -20.42 16.16
C LEU H 674 46.34 -21.07 16.50
N ILE H 675 47.32 -20.28 16.94
CA ILE H 675 48.62 -20.82 17.31
C ILE H 675 48.61 -21.48 18.68
N GLU H 676 47.46 -21.55 19.35
CA GLU H 676 47.38 -22.14 20.67
C GLU H 676 47.89 -23.57 20.70
N SER H 677 47.84 -24.26 19.56
CA SER H 677 48.35 -25.64 19.52
C SER H 677 49.87 -25.64 19.58
N GLU H 678 50.51 -24.92 18.68
CA GLU H 678 51.96 -25.04 18.55
C GLU H 678 52.69 -24.19 19.60
N TYR H 679 52.41 -22.91 19.65
CA TYR H 679 53.12 -21.98 20.53
C TYR H 679 52.22 -21.65 21.69
N TYR H 680 52.34 -22.40 22.78
CA TYR H 680 51.47 -22.21 23.92
C TYR H 680 51.96 -21.12 24.85
N GLY H 681 53.27 -20.98 25.02
CA GLY H 681 53.79 -19.98 25.93
C GLY H 681 54.11 -18.68 25.24
N LEU H 682 53.46 -18.42 24.11
CA LEU H 682 53.65 -17.20 23.34
C LEU H 682 52.41 -16.34 23.50
N PRO H 683 52.35 -15.46 24.48
CA PRO H 683 51.16 -14.65 24.68
C PRO H 683 50.96 -13.70 23.51
N VAL H 684 49.72 -13.30 23.31
CA VAL H 684 49.36 -12.38 22.25
C VAL H 684 48.79 -11.13 22.88
N LEU H 685 49.22 -9.97 22.39
CA LEU H 685 48.75 -8.69 22.88
C LEU H 685 48.02 -7.95 21.78
N SER H 686 47.66 -6.72 22.08
CA SER H 686 47.07 -5.83 21.11
C SER H 686 47.92 -4.58 21.00
N TYR H 687 47.58 -3.73 20.03
CA TYR H 687 48.20 -2.42 20.04
C TYR H 687 47.60 -1.55 21.11
N GLN H 688 46.35 -1.83 21.47
CA GLN H 688 45.63 -0.98 22.41
C GLN H 688 46.04 -1.30 23.84
N GLU H 689 46.10 -2.59 24.18
CA GLU H 689 46.53 -2.99 25.51
C GLU H 689 47.91 -2.44 25.83
N LEU H 690 48.72 -2.18 24.81
CA LEU H 690 50.03 -1.59 25.03
C LEU H 690 49.87 -0.15 25.47
N THR H 691 50.00 0.09 26.76
CA THR H 691 50.06 1.46 27.24
C THR H 691 51.17 2.18 26.49
N GLN H 692 50.93 3.43 26.18
CA GLN H 692 51.99 4.22 25.56
C GLN H 692 53.20 4.24 26.49
N GLN H 693 54.31 4.75 25.96
CA GLN H 693 55.59 4.76 26.67
C GLN H 693 56.09 3.33 26.86
N ILE H 694 55.91 2.50 25.83
CA ILE H 694 56.48 1.17 25.78
C ILE H 694 57.27 1.05 24.49
N ASN H 695 58.54 0.69 24.60
CA ASN H 695 59.40 0.57 23.43
C ASN H 695 59.31 -0.84 22.90
N ILE H 696 58.36 -1.05 21.99
CA ILE H 696 58.28 -2.33 21.28
C ILE H 696 59.56 -2.51 20.47
N GLN H 697 60.27 -3.59 20.76
CA GLN H 697 61.51 -3.89 20.05
C GLN H 697 61.27 -5.09 19.13
N PRO H 698 60.76 -4.86 17.92
CA PRO H 698 60.31 -5.98 17.09
C PRO H 698 61.43 -6.95 16.79
N LEU H 699 61.25 -8.20 17.22
CA LEU H 699 62.22 -9.23 16.90
C LEU H 699 62.19 -9.57 15.41
N GLY H 700 61.00 -9.79 14.86
CA GLY H 700 60.87 -10.01 13.44
C GLY H 700 59.44 -10.04 12.97
N ARG H 701 59.12 -9.28 11.93
CA ARG H 701 57.75 -9.16 11.47
C ARG H 701 57.35 -10.41 10.70
N VAL H 702 56.14 -10.89 10.96
CA VAL H 702 55.63 -12.10 10.30
C VAL H 702 55.04 -11.68 8.95
N CYS H 703 55.80 -11.89 7.89
CA CYS H 703 55.36 -11.51 6.56
C CYS H 703 54.34 -12.53 6.07
N LEU H 704 54.02 -12.49 4.78
CA LEU H 704 53.16 -13.52 4.21
C LEU H 704 53.97 -14.32 3.20
N LEU I 361 -18.52 -53.30 48.50
CA LEU I 361 -17.69 -53.25 47.31
C LEU I 361 -17.84 -51.91 46.62
N GLY I 362 -18.66 -51.05 47.19
CA GLY I 362 -18.85 -49.71 46.67
C GLY I 362 -17.64 -48.81 46.79
N GLU I 363 -16.55 -49.28 47.40
CA GLU I 363 -15.33 -48.50 47.44
C GLU I 363 -14.85 -48.25 46.01
N GLN I 364 -14.50 -46.99 45.72
CA GLN I 364 -14.44 -46.56 44.33
C GLN I 364 -13.41 -47.35 43.53
N GLU I 365 -12.11 -47.10 43.69
CA GLU I 365 -11.16 -48.09 43.17
C GLU I 365 -9.86 -48.23 43.96
N ALA I 366 -9.52 -47.24 44.78
CA ALA I 366 -8.31 -47.28 45.60
C ALA I 366 -7.05 -47.45 44.74
N PHE I 367 -6.77 -46.42 43.96
CA PHE I 367 -5.59 -46.36 43.10
C PHE I 367 -4.34 -46.85 43.84
N ALA I 368 -3.56 -47.68 43.17
CA ALA I 368 -2.34 -48.23 43.72
C ALA I 368 -1.18 -47.98 42.77
N MET I 369 -0.14 -47.32 43.27
CA MET I 369 0.96 -46.89 42.42
C MET I 369 1.75 -48.08 41.90
N THR I 370 2.17 -48.00 40.64
CA THR I 370 3.06 -49.02 40.08
C THR I 370 4.45 -48.89 40.68
N VAL I 371 5.16 -50.01 40.74
CA VAL I 371 6.48 -50.03 41.33
C VAL I 371 7.51 -49.67 40.26
N PRO I 372 8.44 -48.78 40.56
CA PRO I 372 9.40 -48.36 39.54
C PRO I 372 10.28 -49.50 39.07
N LEU I 373 10.93 -50.18 40.00
CA LEU I 373 11.75 -51.33 39.67
C LEU I 373 11.34 -52.45 40.60
N LEU I 374 11.41 -53.68 40.11
CA LEU I 374 10.96 -54.81 40.89
C LEU I 374 11.77 -56.04 40.51
N ILE I 375 12.21 -56.78 41.52
CA ILE I 375 12.87 -58.05 41.32
C ILE I 375 11.97 -59.12 41.88
N ASP I 376 11.57 -60.05 41.05
CA ASP I 376 10.77 -61.19 41.47
C ASP I 376 11.59 -62.44 41.22
N VAL I 377 12.12 -63.01 42.29
CA VAL I 377 12.80 -64.30 42.21
C VAL I 377 11.88 -65.31 42.87
N ASP I 378 12.21 -66.59 42.73
CA ASP I 378 11.33 -67.63 43.24
C ASP I 378 11.37 -67.66 44.76
N SER I 379 10.50 -68.48 45.32
CA SER I 379 10.58 -68.83 46.73
C SER I 379 11.68 -69.87 46.89
N SER I 380 11.71 -70.53 48.04
CA SER I 380 12.69 -71.58 48.35
C SER I 380 14.08 -71.00 48.54
N GLN I 381 14.25 -69.73 48.25
CA GLN I 381 15.47 -69.01 48.58
C GLN I 381 15.23 -67.84 49.51
N GLN I 382 13.96 -67.50 49.78
CA GLN I 382 13.64 -66.33 50.59
C GLN I 382 14.38 -66.32 51.91
N GLU I 383 14.87 -67.47 52.35
CA GLU I 383 15.77 -67.58 53.48
C GLU I 383 17.04 -68.32 53.13
N ALA I 384 17.06 -69.02 52.00
CA ALA I 384 18.24 -69.76 51.57
C ALA I 384 19.20 -68.89 50.77
N LEU I 385 18.70 -67.99 49.91
CA LEU I 385 19.67 -67.17 49.20
C LEU I 385 20.20 -66.10 50.14
N GLU I 386 19.44 -65.01 50.36
CA GLU I 386 19.18 -64.33 51.62
C GLU I 386 20.34 -64.31 52.61
N ALA I 387 21.51 -64.76 52.20
CA ALA I 387 22.60 -64.97 53.14
C ALA I 387 23.96 -64.60 52.58
N ILE I 388 24.04 -64.06 51.37
CA ILE I 388 25.28 -63.42 50.99
C ILE I 388 25.14 -61.98 51.47
N ALA I 389 24.36 -61.18 50.75
CA ALA I 389 23.57 -60.14 51.41
C ALA I 389 22.15 -60.15 50.86
N LEU I 390 22.04 -59.95 49.54
CA LEU I 390 20.78 -59.78 48.82
C LEU I 390 19.91 -58.68 49.40
N ASN I 391 20.46 -57.91 50.32
CA ASN I 391 19.95 -56.60 50.64
C ASN I 391 21.08 -55.60 50.80
N ASP I 392 22.33 -56.06 50.83
CA ASP I 392 23.49 -55.21 50.73
C ASP I 392 24.36 -55.59 49.54
N GLU I 393 23.89 -56.49 48.68
CA GLU I 393 24.56 -56.74 47.41
C GLU I 393 23.82 -56.06 46.27
N LEU I 394 22.56 -55.68 46.50
CA LEU I 394 21.86 -54.84 45.55
C LEU I 394 22.16 -53.37 45.82
N VAL I 395 21.98 -52.93 47.07
CA VAL I 395 22.24 -51.54 47.38
C VAL I 395 23.70 -51.18 47.13
N ARG I 396 24.58 -52.18 47.13
CA ARG I 396 25.97 -51.90 46.79
C ARG I 396 26.13 -51.68 45.30
N VAL I 397 25.48 -52.50 44.49
CA VAL I 397 25.63 -52.33 43.04
C VAL I 397 24.72 -51.23 42.54
N ARG I 398 23.73 -50.81 43.33
CA ARG I 398 22.96 -49.64 42.92
C ARG I 398 23.76 -48.37 43.15
N ARG I 399 24.36 -48.23 44.33
CA ARG I 399 25.21 -47.08 44.57
C ARG I 399 26.42 -47.10 43.65
N ALA I 400 27.11 -48.23 43.55
CA ALA I 400 28.29 -48.30 42.72
C ALA I 400 27.95 -48.01 41.27
N LEU I 401 26.70 -48.21 40.89
CA LEU I 401 26.28 -47.85 39.54
C LEU I 401 25.80 -46.41 39.49
N TYR I 402 25.35 -45.87 40.60
CA TYR I 402 24.97 -44.47 40.62
C TYR I 402 26.19 -43.58 40.45
N LEU I 403 27.25 -43.84 41.22
CA LEU I 403 28.48 -43.08 41.08
C LEU I 403 29.11 -43.25 39.71
N ASP I 404 28.56 -44.11 38.86
CA ASP I 404 29.12 -44.26 37.53
C ASP I 404 28.35 -43.42 36.53
N LEU I 405 27.02 -43.53 36.54
CA LEU I 405 26.15 -42.79 35.64
C LEU I 405 25.64 -41.50 36.22
N GLY I 406 25.19 -41.52 37.47
CA GLY I 406 24.67 -40.33 38.10
C GLY I 406 23.17 -40.28 38.21
N VAL I 407 22.47 -41.18 37.55
CA VAL I 407 21.00 -41.20 37.59
C VAL I 407 20.54 -41.47 39.01
N PRO I 408 19.57 -40.76 39.52
CA PRO I 408 19.07 -41.09 40.87
C PRO I 408 18.12 -42.27 40.80
N PHE I 409 18.68 -43.47 40.82
CA PHE I 409 17.93 -44.69 40.60
C PHE I 409 16.85 -44.85 41.67
N PRO I 410 15.81 -45.61 41.37
CA PRO I 410 14.72 -45.76 42.34
C PRO I 410 14.99 -46.88 43.31
N GLY I 411 14.02 -47.15 44.19
CA GLY I 411 14.19 -48.20 45.18
C GLY I 411 13.83 -49.54 44.62
N ILE I 412 14.75 -50.49 44.74
CA ILE I 412 14.54 -51.83 44.20
C ILE I 412 13.74 -52.63 45.22
N HIS I 413 12.46 -52.84 44.93
CA HIS I 413 11.68 -53.77 45.73
C HIS I 413 12.11 -55.20 45.43
N LEU I 414 12.21 -56.01 46.47
CA LEU I 414 12.61 -57.39 46.35
C LEU I 414 11.48 -58.26 46.89
N ARG I 415 10.91 -59.09 46.02
CA ARG I 415 9.79 -59.96 46.40
C ARG I 415 10.13 -61.39 46.02
N PHE I 416 10.07 -62.27 47.00
CA PHE I 416 10.22 -63.70 46.78
C PHE I 416 8.84 -64.26 46.49
N ASN I 417 8.58 -64.58 45.23
CA ASN I 417 7.31 -65.14 44.79
C ASN I 417 7.40 -66.65 44.75
N GLU I 418 6.32 -67.31 45.12
CA GLU I 418 6.25 -68.75 45.00
C GLU I 418 5.58 -69.20 43.71
N GLY I 419 4.89 -68.30 43.02
CA GLY I 419 4.14 -68.69 41.85
C GLY I 419 5.00 -69.22 40.72
N MET I 420 6.28 -68.85 40.70
CA MET I 420 7.17 -69.31 39.65
C MET I 420 7.82 -70.62 40.06
N GLY I 421 8.87 -71.03 39.33
CA GLY I 421 9.55 -72.27 39.62
C GLY I 421 10.46 -72.18 40.82
N GLU I 422 11.65 -72.77 40.71
CA GLU I 422 12.61 -72.73 41.80
C GLU I 422 13.93 -72.07 41.43
N GLY I 423 14.21 -71.91 40.14
CA GLY I 423 15.40 -71.19 39.73
C GLY I 423 15.07 -70.00 38.85
N GLU I 424 13.79 -69.65 38.76
CA GLU I 424 13.35 -68.55 37.93
C GLU I 424 13.54 -67.22 38.65
N TYR I 425 13.70 -66.16 37.87
CA TYR I 425 13.75 -64.82 38.40
C TYR I 425 13.51 -63.84 37.27
N LEU I 426 12.67 -62.85 37.51
CA LEU I 426 12.39 -61.82 36.52
C LEU I 426 12.62 -60.47 37.15
N ILE I 427 13.21 -59.57 36.37
CA ILE I 427 13.48 -58.21 36.81
C ILE I 427 12.55 -57.31 36.01
N SER I 428 11.54 -56.75 36.66
CA SER I 428 10.47 -56.07 35.96
C SER I 428 10.57 -54.57 36.20
N LEU I 429 10.81 -53.82 35.12
CA LEU I 429 10.67 -52.38 35.17
C LEU I 429 9.20 -52.03 35.00
N GLN I 430 8.57 -51.55 36.06
CA GLN I 430 7.19 -51.05 35.97
C GLN I 430 6.27 -52.12 35.40
N GLU I 431 6.35 -53.31 35.99
CA GLU I 431 5.44 -54.41 35.74
C GLU I 431 5.52 -54.93 34.30
N VAL I 432 6.70 -54.96 33.71
CA VAL I 432 6.91 -55.69 32.46
C VAL I 432 8.28 -56.36 32.50
N PRO I 433 8.33 -57.67 32.73
CA PRO I 433 9.62 -58.34 32.91
C PRO I 433 10.59 -58.06 31.78
N VAL I 434 11.69 -57.41 32.12
CA VAL I 434 12.65 -56.96 31.11
C VAL I 434 13.85 -57.88 30.98
N ALA I 435 14.16 -58.66 32.00
CA ALA I 435 15.22 -59.66 31.89
C ALA I 435 14.90 -60.80 32.82
N ARG I 436 14.25 -61.83 32.30
CA ARG I 436 13.90 -62.99 33.09
C ARG I 436 15.00 -64.03 32.96
N GLY I 437 14.96 -65.00 33.85
CA GLY I 437 15.93 -66.06 33.81
C GLY I 437 15.57 -67.19 34.74
N GLU I 438 15.89 -68.40 34.33
CA GLU I 438 15.78 -69.58 35.18
C GLU I 438 17.21 -69.96 35.53
N LEU I 439 17.68 -69.46 36.66
CA LEU I 439 19.06 -69.70 37.05
C LEU I 439 19.22 -71.19 37.35
N LYS I 440 19.82 -71.93 36.41
CA LYS I 440 20.08 -73.35 36.64
C LYS I 440 21.21 -73.56 37.63
N ALA I 441 21.67 -72.48 38.25
CA ALA I 441 22.39 -72.54 39.51
C ALA I 441 21.37 -72.78 40.62
N GLY I 442 20.16 -73.18 40.24
CA GLY I 442 19.07 -73.43 41.16
C GLY I 442 19.52 -74.08 42.45
N TYR I 443 20.19 -75.23 42.36
CA TYR I 443 20.71 -75.83 43.58
C TYR I 443 22.05 -75.20 43.96
N LEU I 444 23.09 -75.48 43.19
CA LEU I 444 24.37 -74.76 43.22
C LEU I 444 25.13 -75.12 41.96
N LEU I 445 25.18 -74.23 40.99
CA LEU I 445 25.85 -74.55 39.73
C LEU I 445 26.59 -73.32 39.22
N VAL I 446 27.37 -72.69 40.10
CA VAL I 446 28.00 -71.40 39.84
C VAL I 446 28.54 -71.34 38.42
N ARG I 447 28.09 -70.36 37.65
CA ARG I 447 28.27 -70.38 36.20
C ARG I 447 29.68 -69.96 35.84
N GLU I 448 29.95 -69.91 34.54
CA GLU I 448 31.22 -69.46 34.00
C GLU I 448 30.96 -68.63 32.76
N SER I 449 31.51 -67.42 32.75
CA SER I 449 31.23 -66.43 31.72
C SER I 449 32.12 -66.58 30.49
N VAL I 450 33.39 -66.92 30.68
CA VAL I 450 34.33 -66.98 29.57
C VAL I 450 34.56 -68.45 29.26
N SER I 451 33.52 -69.27 29.48
CA SER I 451 33.57 -70.69 29.16
C SER I 451 34.05 -70.91 27.74
N GLN I 452 34.89 -71.94 27.58
CA GLN I 452 35.60 -72.16 26.33
C GLN I 452 36.01 -73.62 26.33
N LEU I 453 36.81 -74.02 25.34
CA LEU I 453 37.41 -75.35 25.42
C LEU I 453 38.38 -75.46 26.59
N GLU I 454 38.72 -74.33 27.21
CA GLU I 454 39.53 -74.37 28.43
C GLU I 454 38.80 -75.10 29.54
N LEU I 455 37.47 -74.99 29.59
CA LEU I 455 36.69 -75.84 30.48
C LEU I 455 36.57 -77.27 29.96
N LEU I 456 37.11 -77.56 28.78
CA LEU I 456 37.37 -78.94 28.40
C LEU I 456 38.81 -79.34 28.72
N GLY I 457 39.75 -78.40 28.58
CA GLY I 457 41.08 -78.63 29.13
C GLY I 457 41.04 -78.72 30.64
N ILE I 458 40.19 -77.92 31.26
CA ILE I 458 39.88 -78.04 32.68
C ILE I 458 38.57 -78.80 32.70
N PRO I 459 38.61 -80.13 32.72
CA PRO I 459 37.56 -80.93 32.06
C PRO I 459 36.21 -80.97 32.78
N TYR I 460 36.00 -80.18 33.83
CA TYR I 460 34.83 -80.38 34.67
C TYR I 460 33.55 -80.14 33.88
N GLU I 461 32.57 -81.01 34.13
CA GLU I 461 31.38 -81.08 33.28
C GLU I 461 30.68 -79.74 33.19
N LYS I 462 30.00 -79.54 32.07
CA LYS I 462 29.39 -78.26 31.74
C LYS I 462 27.87 -78.37 31.72
N GLY I 463 27.24 -77.20 31.64
CA GLY I 463 25.82 -77.09 31.36
C GLY I 463 25.58 -76.00 30.35
N GLU I 464 24.97 -76.34 29.22
CA GLU I 464 24.92 -75.40 28.10
C GLU I 464 23.80 -74.38 28.28
N HIS I 465 24.09 -73.16 27.86
CA HIS I 465 23.13 -72.06 27.81
C HIS I 465 23.78 -70.91 27.06
N LEU I 466 22.97 -69.89 26.77
CA LEU I 466 23.43 -68.65 26.16
C LEU I 466 22.94 -67.47 27.00
N LEU I 467 23.15 -67.57 28.31
CA LEU I 467 22.88 -66.49 29.24
C LEU I 467 23.62 -65.27 28.66
N PRO I 468 23.08 -64.07 28.76
CA PRO I 468 23.21 -63.11 27.66
C PRO I 468 24.61 -62.80 27.15
N ASP I 469 25.48 -62.21 27.97
CA ASP I 469 26.55 -61.41 27.42
C ASP I 469 27.77 -62.18 26.98
N GLN I 470 28.17 -63.21 27.71
CA GLN I 470 29.28 -64.05 27.31
C GLN I 470 28.82 -65.51 27.39
N GLU I 471 29.57 -66.40 26.77
CA GLU I 471 29.16 -67.79 26.72
C GLU I 471 29.12 -68.37 28.12
N THR I 472 27.92 -68.67 28.60
CA THR I 472 27.69 -69.15 29.95
C THR I 472 27.66 -70.67 29.98
N PHE I 473 28.55 -71.26 30.76
CA PHE I 473 28.50 -72.68 31.04
C PHE I 473 28.66 -72.86 32.53
N TRP I 474 28.01 -73.89 33.06
CA TRP I 474 27.84 -74.04 34.49
C TRP I 474 28.63 -75.22 35.01
N VAL I 475 29.23 -75.05 36.20
CA VAL I 475 29.93 -76.11 36.91
C VAL I 475 29.46 -76.09 38.35
N SER I 476 29.67 -77.20 39.05
CA SER I 476 29.16 -77.33 40.41
C SER I 476 30.16 -76.72 41.39
N VAL I 477 29.91 -76.92 42.69
CA VAL I 477 30.67 -76.23 43.72
C VAL I 477 31.87 -77.04 44.21
N GLU I 478 31.93 -78.34 43.92
CA GLU I 478 33.19 -79.06 44.06
C GLU I 478 34.10 -78.76 42.89
N TYR I 479 33.52 -78.55 41.71
CA TYR I 479 34.30 -78.14 40.55
C TYR I 479 34.82 -76.72 40.69
N GLU I 480 34.14 -75.91 41.51
CA GLU I 480 34.55 -74.52 41.69
C GLU I 480 35.95 -74.41 42.26
N GLU I 481 36.26 -75.24 43.27
CA GLU I 481 37.56 -75.14 43.94
C GLU I 481 38.70 -75.26 42.94
N ARG I 482 38.55 -76.15 41.95
CA ARG I 482 39.64 -76.37 41.02
C ARG I 482 39.63 -75.37 39.87
N LEU I 483 38.45 -74.94 39.42
CA LEU I 483 38.41 -73.93 38.37
C LEU I 483 38.74 -72.54 38.89
N GLU I 484 38.49 -72.26 40.17
CA GLU I 484 38.96 -71.01 40.73
C GLU I 484 40.48 -70.99 40.84
N LYS I 485 41.09 -72.17 40.96
CA LYS I 485 42.53 -72.25 40.80
C LYS I 485 42.92 -71.89 39.38
N SER I 486 42.15 -72.36 38.40
CA SER I 486 42.40 -72.10 36.99
C SER I 486 42.04 -70.67 36.57
N GLN I 487 41.40 -69.91 37.46
CA GLN I 487 41.16 -68.48 37.25
C GLN I 487 40.30 -68.15 36.03
N LEU I 488 39.03 -68.54 36.06
CA LEU I 488 38.03 -68.01 35.14
C LEU I 488 36.92 -67.34 35.94
N GLU I 489 35.95 -66.75 35.22
CA GLU I 489 34.98 -65.89 35.88
C GLU I 489 33.87 -66.68 36.56
N PHE I 490 33.72 -66.49 37.87
CA PHE I 490 32.72 -67.15 38.69
C PHE I 490 31.64 -66.17 39.08
N PHE I 491 30.40 -66.62 38.95
CA PHE I 491 29.25 -65.82 39.34
C PHE I 491 28.45 -66.58 40.38
N SER I 492 28.50 -66.13 41.61
CA SER I 492 27.69 -66.71 42.66
C SER I 492 26.24 -66.38 42.43
N HIS I 493 25.39 -66.76 43.39
CA HIS I 493 23.97 -66.46 43.25
C HIS I 493 23.68 -64.98 43.41
N SER I 494 24.52 -64.25 44.13
CA SER I 494 24.42 -62.80 44.06
C SER I 494 24.86 -62.28 42.71
N GLN I 495 26.06 -62.65 42.27
CA GLN I 495 26.66 -62.02 41.11
C GLN I 495 25.94 -62.39 39.83
N VAL I 496 25.20 -63.50 39.83
CA VAL I 496 24.41 -63.81 38.64
C VAL I 496 23.16 -62.93 38.63
N LEU I 497 22.69 -62.54 39.81
CA LEU I 497 21.51 -61.71 39.89
C LEU I 497 21.84 -60.26 39.61
N THR I 498 22.71 -59.66 40.42
CA THR I 498 23.02 -58.24 40.27
C THR I 498 23.59 -57.93 38.89
N TRP I 499 24.30 -58.88 38.28
CA TRP I 499 24.89 -58.57 36.99
C TRP I 499 23.82 -58.14 36.00
N HIS I 500 22.74 -58.92 35.87
CA HIS I 500 21.65 -58.48 35.02
C HIS I 500 21.08 -57.15 35.51
N LEU I 501 20.96 -56.97 36.81
CA LEU I 501 20.53 -55.68 37.32
C LEU I 501 21.45 -54.58 36.84
N SER I 502 22.73 -54.66 37.20
CA SER I 502 23.69 -53.65 36.76
C SER I 502 23.79 -53.59 35.25
N HIS I 503 23.14 -54.51 34.55
CA HIS I 503 23.01 -54.37 33.11
C HIS I 503 21.65 -53.82 32.73
N VAL I 504 20.63 -54.02 33.57
CA VAL I 504 19.32 -53.47 33.26
C VAL I 504 19.33 -51.96 33.45
N LEU I 505 19.91 -51.49 34.54
CA LEU I 505 19.97 -50.05 34.76
C LEU I 505 20.80 -49.37 33.68
N ARG I 506 21.98 -49.90 33.40
CA ARG I 506 22.84 -49.22 32.44
C ARG I 506 22.22 -49.14 31.06
N GLU I 507 21.22 -49.96 30.76
CA GLU I 507 20.59 -49.91 29.45
C GLU I 507 19.21 -49.26 29.47
N TYR I 508 18.59 -49.16 30.63
CA TYR I 508 17.31 -48.50 30.76
C TYR I 508 17.43 -47.28 31.67
N ALA I 509 18.57 -46.62 31.63
CA ALA I 509 18.76 -45.39 32.36
C ALA I 509 18.17 -44.19 31.65
N GLU I 510 17.59 -44.38 30.47
CA GLU I 510 16.81 -43.30 29.87
C GLU I 510 15.41 -43.21 30.45
N ASP I 511 15.03 -44.14 31.30
CA ASP I 511 13.67 -44.21 31.81
C ASP I 511 13.58 -43.78 33.27
N PHE I 512 14.71 -43.57 33.93
CA PHE I 512 14.72 -43.13 35.31
C PHE I 512 15.04 -41.66 35.45
N ILE I 513 15.25 -40.95 34.35
CA ILE I 513 15.46 -39.51 34.44
C ILE I 513 14.26 -38.82 33.85
N GLY I 514 13.26 -38.55 34.68
CA GLY I 514 12.08 -37.82 34.27
C GLY I 514 12.00 -36.48 34.97
N ILE I 515 11.07 -35.67 34.50
CA ILE I 515 10.93 -34.33 35.04
C ILE I 515 10.81 -34.36 36.54
N GLN I 516 10.41 -35.49 37.10
CA GLN I 516 10.35 -35.58 38.55
C GLN I 516 11.72 -35.91 39.13
N GLU I 517 12.63 -36.41 38.32
CA GLU I 517 13.93 -36.81 38.87
C GLU I 517 14.98 -35.74 38.68
N THR I 518 14.89 -34.93 37.62
CA THR I 518 15.82 -33.81 37.53
C THR I 518 15.46 -32.74 38.55
N ARG I 519 14.18 -32.48 38.76
CA ARG I 519 13.80 -31.55 39.81
C ARG I 519 14.23 -32.06 41.17
N TYR I 520 14.64 -33.32 41.25
CA TYR I 520 15.29 -33.78 42.47
C TYR I 520 16.74 -33.33 42.52
N LEU I 521 17.42 -33.33 41.37
CA LEU I 521 18.79 -32.84 41.32
C LEU I 521 18.83 -31.33 41.51
N LEU I 522 17.98 -30.61 40.79
CA LEU I 522 17.95 -29.16 40.90
C LEU I 522 17.39 -28.69 42.22
N GLU I 523 16.95 -29.59 43.09
CA GLU I 523 16.68 -29.20 44.46
C GLU I 523 17.83 -29.60 45.37
N GLN I 524 18.39 -30.79 45.15
CA GLN I 524 19.51 -31.23 45.95
C GLN I 524 20.73 -30.36 45.75
N MET I 525 20.79 -29.60 44.67
CA MET I 525 21.92 -28.72 44.41
C MET I 525 21.63 -27.27 44.76
N GLU I 526 20.43 -26.96 45.24
CA GLU I 526 20.11 -25.60 45.61
C GLU I 526 21.12 -25.05 46.60
N GLY I 527 21.47 -25.84 47.61
CA GLY I 527 22.42 -25.40 48.62
C GLY I 527 23.75 -25.03 48.03
N GLY I 528 24.38 -25.97 47.34
CA GLY I 528 25.68 -25.72 46.74
C GLY I 528 25.67 -24.58 45.75
N TYR I 529 24.92 -24.72 44.66
CA TYR I 529 24.92 -23.76 43.58
C TYR I 529 23.54 -23.10 43.52
N GLY I 530 23.37 -22.04 44.31
CA GLY I 530 22.12 -21.33 44.30
C GLY I 530 21.91 -20.57 43.02
N GLU I 531 22.80 -19.61 42.74
CA GLU I 531 22.55 -18.70 41.63
C GLU I 531 22.74 -19.38 40.29
N LEU I 532 23.36 -20.56 40.27
CA LEU I 532 23.48 -21.30 39.02
C LEU I 532 22.13 -21.84 38.61
N ILE I 533 21.39 -22.40 39.56
CA ILE I 533 20.11 -23.03 39.26
C ILE I 533 19.04 -21.97 38.97
N LYS I 534 18.99 -20.91 39.78
CA LYS I 534 18.03 -19.86 39.54
C LYS I 534 18.28 -19.16 38.21
N GLU I 535 19.44 -19.39 37.60
CA GLU I 535 19.75 -18.87 36.28
C GLU I 535 19.40 -19.87 35.20
N VAL I 536 19.64 -21.15 35.46
CA VAL I 536 19.39 -22.15 34.42
C VAL I 536 17.91 -22.40 34.24
N GLN I 537 17.13 -22.29 35.33
CA GLN I 537 15.71 -22.60 35.22
C GLN I 537 14.97 -21.59 34.37
N ARG I 538 15.43 -20.34 34.34
CA ARG I 538 14.79 -19.32 33.53
C ARG I 538 15.20 -19.39 32.08
N ILE I 539 16.30 -20.07 31.77
CA ILE I 539 16.77 -20.16 30.40
C ILE I 539 16.23 -21.41 29.72
N VAL I 540 16.37 -22.56 30.34
CA VAL I 540 15.86 -23.82 29.79
C VAL I 540 14.75 -24.33 30.70
N PRO I 541 13.54 -24.55 30.19
CA PRO I 541 12.49 -25.13 31.01
C PRO I 541 12.84 -26.56 31.41
N LEU I 542 12.14 -27.05 32.43
CA LEU I 542 12.45 -28.39 32.93
C LEU I 542 12.26 -29.45 31.88
N GLN I 543 11.29 -29.28 30.99
CA GLN I 543 11.16 -30.27 29.92
C GLN I 543 12.41 -30.29 29.06
N ARG I 544 12.94 -29.12 28.71
CA ARG I 544 14.05 -29.06 27.78
C ARG I 544 15.33 -29.53 28.44
N MET I 545 15.53 -29.15 29.70
CA MET I 545 16.73 -29.58 30.40
C MET I 545 16.72 -31.07 30.63
N THR I 546 15.55 -31.66 30.85
CA THR I 546 15.49 -33.09 31.05
C THR I 546 15.64 -33.85 29.74
N GLU I 547 15.09 -33.31 28.66
CA GLU I 547 15.28 -33.96 27.37
C GLU I 547 16.74 -33.98 26.97
N ILE I 548 17.59 -33.26 27.70
CA ILE I 548 19.02 -33.38 27.49
C ILE I 548 19.61 -34.47 28.37
N LEU I 549 19.31 -34.43 29.67
CA LEU I 549 19.88 -35.40 30.58
C LEU I 549 19.55 -36.82 30.16
N GLN I 550 18.43 -37.02 29.47
CA GLN I 550 18.18 -38.34 28.91
C GLN I 550 19.09 -38.61 27.73
N ARG I 551 19.44 -37.57 26.98
CA ARG I 551 20.25 -37.79 25.79
C ARG I 551 21.71 -38.00 26.13
N LEU I 552 22.17 -37.51 27.28
CA LEU I 552 23.52 -37.85 27.71
C LEU I 552 23.57 -39.30 28.16
N VAL I 553 22.79 -39.63 29.19
CA VAL I 553 22.83 -40.98 29.73
C VAL I 553 22.46 -42.01 28.68
N GLY I 554 21.94 -41.58 27.54
CA GLY I 554 21.76 -42.51 26.45
C GLY I 554 23.06 -42.98 25.84
N GLU I 555 24.05 -42.09 25.74
CA GLU I 555 25.35 -42.44 25.21
C GLU I 555 26.30 -42.92 26.31
N ASP I 556 25.78 -43.26 27.47
CA ASP I 556 26.54 -43.69 28.64
C ASP I 556 27.43 -42.61 29.20
N ILE I 557 27.35 -41.38 28.69
CA ILE I 557 27.97 -40.25 29.36
C ILE I 557 27.37 -40.13 30.75
N SER I 558 28.16 -39.62 31.68
CA SER I 558 27.79 -39.60 33.09
C SER I 558 27.30 -38.21 33.47
N ILE I 559 26.04 -38.12 33.87
CA ILE I 559 25.50 -36.88 34.42
C ILE I 559 26.33 -36.39 35.59
N ARG I 560 26.98 -37.29 36.31
CA ARG I 560 27.52 -37.07 37.64
C ARG I 560 28.06 -35.66 37.84
N ASN I 561 28.83 -35.17 36.87
CA ASN I 561 29.40 -33.83 36.92
C ASN I 561 28.30 -32.83 36.62
N MET I 562 27.49 -32.53 37.64
CA MET I 562 26.28 -31.78 37.37
C MET I 562 26.53 -30.29 37.25
N ARG I 563 27.66 -29.79 37.73
CA ARG I 563 27.93 -28.37 37.57
C ARG I 563 28.22 -28.03 36.12
N SER I 564 29.29 -28.59 35.57
CA SER I 564 29.70 -28.21 34.22
C SER I 564 28.72 -28.68 33.17
N ILE I 565 27.65 -29.35 33.56
CA ILE I 565 26.54 -29.56 32.64
C ILE I 565 25.59 -28.38 32.69
N LEU I 566 25.56 -27.68 33.82
CA LEU I 566 24.70 -26.51 33.90
C LEU I 566 25.42 -25.27 33.41
N GLU I 567 26.72 -25.15 33.64
CA GLU I 567 27.48 -24.07 33.02
C GLU I 567 27.29 -24.09 31.51
N ALA I 568 27.46 -25.25 30.89
CA ALA I 568 27.25 -25.36 29.46
C ALA I 568 25.78 -25.36 29.10
N MET I 569 24.90 -25.49 30.09
CA MET I 569 23.48 -25.37 29.82
C MET I 569 23.09 -23.90 29.72
N VAL I 570 23.60 -23.09 30.63
CA VAL I 570 23.34 -21.66 30.61
C VAL I 570 23.95 -21.04 29.36
N GLU I 571 25.20 -21.38 29.08
CA GLU I 571 25.92 -20.76 27.98
C GLU I 571 25.20 -20.96 26.66
N TRP I 572 24.79 -22.18 26.37
CA TRP I 572 24.27 -22.49 25.05
C TRP I 572 22.74 -22.50 24.98
N GLY I 573 22.06 -22.52 26.12
CA GLY I 573 20.61 -22.56 26.07
C GLY I 573 19.97 -21.32 25.50
N GLN I 574 20.75 -20.27 25.32
CA GLN I 574 20.30 -19.02 24.73
C GLN I 574 20.56 -18.97 23.23
N LYS I 575 21.68 -19.52 22.79
CA LYS I 575 22.04 -19.48 21.38
C LYS I 575 21.40 -20.62 20.62
N GLU I 576 21.56 -21.86 21.08
CA GLU I 576 21.02 -23.01 20.37
C GLU I 576 19.67 -23.41 20.93
N LYS I 577 18.81 -23.93 20.06
CA LYS I 577 17.46 -24.31 20.45
C LYS I 577 17.06 -25.71 20.03
N ASP I 578 17.72 -26.31 19.04
CA ASP I 578 17.46 -27.70 18.70
C ASP I 578 18.18 -28.58 19.70
N VAL I 579 17.43 -29.45 20.38
CA VAL I 579 17.98 -30.23 21.47
C VAL I 579 19.22 -31.00 21.01
N VAL I 580 19.15 -31.61 19.84
CA VAL I 580 20.26 -32.44 19.39
C VAL I 580 21.51 -31.61 19.19
N GLN I 581 21.36 -30.36 18.78
CA GLN I 581 22.52 -29.49 18.73
C GLN I 581 22.99 -29.11 20.12
N LEU I 582 22.06 -28.72 20.98
CA LEU I 582 22.42 -28.30 22.31
C LEU I 582 23.15 -29.41 23.05
N THR I 583 22.76 -30.66 22.86
CA THR I 583 23.46 -31.71 23.58
C THR I 583 24.83 -31.97 22.98
N GLU I 584 25.02 -31.70 21.70
CA GLU I 584 26.36 -31.84 21.14
C GLU I 584 27.26 -30.71 21.63
N TYR I 585 26.69 -29.57 21.98
CA TYR I 585 27.49 -28.54 22.61
C TYR I 585 27.75 -28.87 24.07
N ILE I 586 26.85 -29.60 24.71
CA ILE I 586 27.03 -29.89 26.13
C ILE I 586 28.03 -31.02 26.34
N ARG I 587 28.01 -32.02 25.46
CA ARG I 587 29.07 -33.03 25.51
C ARG I 587 30.43 -32.39 25.35
N SER I 588 30.54 -31.37 24.51
CA SER I 588 31.78 -30.65 24.31
C SER I 588 32.22 -29.89 25.54
N SER I 589 31.42 -29.85 26.60
CA SER I 589 31.85 -29.26 27.86
C SER I 589 32.48 -30.29 28.79
N LEU I 590 32.26 -31.57 28.54
CA LEU I 590 32.90 -32.63 29.30
C LEU I 590 34.13 -33.16 28.57
N LYS I 591 34.83 -32.29 27.86
CA LYS I 591 35.96 -32.70 27.02
C LYS I 591 36.90 -33.64 27.77
N ARG I 592 37.54 -33.13 28.81
CA ARG I 592 38.56 -33.93 29.44
C ARG I 592 37.99 -35.06 30.27
N TYR I 593 36.69 -35.28 30.22
CA TYR I 593 36.14 -36.50 30.78
C TYR I 593 36.15 -37.61 29.75
N ILE I 594 35.60 -37.33 28.57
CA ILE I 594 35.50 -38.36 27.54
C ILE I 594 36.86 -38.90 27.17
N CYS I 595 37.84 -38.01 26.99
CA CYS I 595 39.22 -38.43 26.79
C CYS I 595 39.66 -39.48 27.80
N TYR I 596 39.04 -39.50 28.97
CA TYR I 596 39.37 -40.50 29.97
C TYR I 596 38.42 -41.67 29.96
N LYS I 597 37.25 -41.55 29.34
CA LYS I 597 36.37 -42.70 29.29
C LYS I 597 36.71 -43.63 28.15
N TYR I 598 37.15 -43.09 27.01
CA TYR I 598 37.34 -43.94 25.84
C TYR I 598 38.81 -44.24 25.57
N ALA I 599 39.69 -43.30 25.84
CA ALA I 599 41.11 -43.48 25.60
C ALA I 599 41.84 -43.46 26.93
N ASN I 600 41.89 -44.61 27.60
CA ASN I 600 42.56 -44.69 28.89
C ASN I 600 44.07 -44.62 28.79
N GLY I 601 44.65 -45.01 27.66
CA GLY I 601 46.09 -44.98 27.52
C GLY I 601 46.64 -43.56 27.44
N ASN I 602 47.90 -43.48 27.05
CA ASN I 602 48.61 -42.21 27.01
C ASN I 602 48.16 -41.35 25.83
N ASN I 603 46.93 -40.83 25.92
CA ASN I 603 46.42 -39.88 24.93
C ASN I 603 46.41 -40.46 23.52
N ILE I 604 46.25 -41.77 23.42
CA ILE I 604 46.15 -42.44 22.12
C ILE I 604 44.79 -43.13 22.06
N LEU I 605 44.09 -42.95 20.95
CA LEU I 605 42.71 -43.39 20.80
C LEU I 605 42.55 -44.09 19.47
N PRO I 606 42.14 -45.34 19.44
CA PRO I 606 41.98 -46.06 18.17
C PRO I 606 40.66 -45.72 17.52
N ALA I 607 40.71 -44.94 16.44
CA ALA I 607 39.53 -44.37 15.85
C ALA I 607 39.18 -45.05 14.54
N TYR I 608 38.04 -44.64 13.99
CA TYR I 608 37.52 -45.18 12.75
C TYR I 608 36.99 -44.06 11.88
N LEU I 609 37.80 -43.03 11.67
CA LEU I 609 37.36 -41.80 11.03
C LEU I 609 36.49 -42.05 9.81
N PHE I 610 35.51 -41.15 9.62
CA PHE I 610 34.65 -41.14 8.45
C PHE I 610 35.25 -40.26 7.38
N ASP I 611 35.51 -40.82 6.20
CA ASP I 611 36.06 -39.98 5.14
C ASP I 611 35.00 -39.00 4.65
N GLN I 612 35.45 -37.78 4.38
CA GLN I 612 34.56 -36.63 4.25
C GLN I 612 33.40 -36.89 3.31
N GLU I 613 33.57 -37.74 2.31
CA GLU I 613 32.50 -37.96 1.34
C GLU I 613 31.24 -38.48 2.02
N VAL I 614 31.39 -39.27 3.08
CA VAL I 614 30.22 -39.83 3.75
C VAL I 614 29.60 -38.83 4.71
N GLU I 615 30.43 -38.16 5.51
CA GLU I 615 29.91 -37.16 6.44
C GLU I 615 29.12 -36.06 5.74
N GLU I 616 29.14 -36.02 4.41
CA GLU I 616 28.33 -35.08 3.66
C GLU I 616 27.08 -35.71 3.10
N LYS I 617 27.11 -36.99 2.78
CA LYS I 617 25.86 -37.66 2.44
C LYS I 617 24.88 -37.65 3.59
N ILE I 618 25.38 -37.79 4.81
CA ILE I 618 24.47 -37.82 5.96
C ILE I 618 24.03 -36.43 6.36
N ARG I 619 24.88 -35.42 6.19
CA ARG I 619 24.47 -34.07 6.55
C ARG I 619 23.43 -33.52 5.59
N SER I 620 23.09 -34.24 4.53
CA SER I 620 22.10 -33.78 3.58
C SER I 620 20.76 -34.48 3.75
N GLY I 621 20.56 -35.17 4.85
CA GLY I 621 19.32 -35.89 5.07
C GLY I 621 18.71 -35.66 6.43
N VAL I 622 18.79 -34.44 6.93
CA VAL I 622 18.45 -34.18 8.33
C VAL I 622 16.96 -33.89 8.53
N ARG I 623 16.32 -33.15 7.61
CA ARG I 623 14.86 -32.97 7.62
C ARG I 623 14.36 -32.38 8.95
N GLN I 624 14.76 -31.14 9.21
CA GLN I 624 14.41 -30.47 10.46
C GLN I 624 12.97 -29.96 10.38
N THR I 625 12.01 -30.83 10.69
CA THR I 625 10.61 -30.54 10.45
C THR I 625 9.77 -30.38 11.72
N SER I 626 9.70 -31.42 12.55
CA SER I 626 8.71 -31.45 13.62
C SER I 626 9.38 -31.79 14.95
N ALA I 627 10.48 -31.09 15.24
CA ALA I 627 11.29 -31.34 16.43
C ALA I 627 11.74 -32.80 16.50
N GLY I 628 11.88 -33.45 15.34
CA GLY I 628 12.42 -34.78 15.29
C GLY I 628 13.71 -34.84 14.50
N SER I 629 13.84 -33.97 13.49
CA SER I 629 15.03 -33.89 12.66
C SER I 629 15.51 -35.26 12.21
N TYR I 630 14.57 -36.15 11.93
CA TYR I 630 14.92 -37.53 11.61
C TYR I 630 15.88 -37.58 10.43
N LEU I 631 16.86 -38.48 10.52
CA LEU I 631 17.70 -38.78 9.37
C LEU I 631 16.88 -39.65 8.43
N ALA I 632 16.50 -39.09 7.29
CA ALA I 632 15.71 -39.82 6.30
C ALA I 632 16.45 -39.74 4.96
N LEU I 633 17.26 -40.74 4.67
CA LEU I 633 17.95 -40.79 3.38
C LEU I 633 17.20 -41.67 2.39
N ASP I 634 17.18 -42.97 2.66
CA ASP I 634 16.48 -43.98 1.86
C ASP I 634 16.70 -45.31 2.58
N PRO I 635 15.71 -46.19 2.64
CA PRO I 635 15.99 -47.57 3.03
C PRO I 635 17.01 -48.26 2.15
N ALA I 636 17.37 -47.67 1.01
CA ALA I 636 18.39 -48.24 0.15
C ALA I 636 19.72 -47.52 0.25
N VAL I 637 19.76 -46.32 0.83
CA VAL I 637 21.03 -45.67 1.10
C VAL I 637 21.55 -46.04 2.47
N THR I 638 20.67 -46.13 3.47
CA THR I 638 21.07 -46.58 4.78
C THR I 638 21.81 -47.91 4.71
N GLU I 639 21.35 -48.82 3.86
CA GLU I 639 22.06 -50.07 3.70
C GLU I 639 23.36 -49.89 2.90
N SER I 640 23.45 -48.82 2.12
CA SER I 640 24.70 -48.56 1.41
C SER I 640 25.78 -48.11 2.37
N LEU I 641 25.47 -47.12 3.22
CA LEU I 641 26.44 -46.68 4.21
C LEU I 641 26.72 -47.77 5.22
N LEU I 642 25.66 -48.35 5.80
CA LEU I 642 25.84 -49.37 6.81
C LEU I 642 26.59 -50.57 6.26
N GLU I 643 26.69 -50.70 4.94
CA GLU I 643 27.54 -51.74 4.39
C GLU I 643 28.99 -51.30 4.33
N GLN I 644 29.24 -50.07 3.89
CA GLN I 644 30.60 -49.56 3.87
C GLN I 644 31.21 -49.57 5.27
N VAL I 645 30.41 -49.30 6.28
CA VAL I 645 30.88 -49.46 7.65
C VAL I 645 31.25 -50.92 7.90
N ARG I 646 30.26 -51.80 7.79
CA ARG I 646 30.47 -53.21 8.05
C ARG I 646 31.59 -53.80 7.21
N LYS I 647 31.95 -53.14 6.11
CA LYS I 647 33.02 -53.64 5.27
C LYS I 647 34.41 -53.34 5.81
N THR I 648 34.54 -52.29 6.61
CA THR I 648 35.83 -51.93 7.19
C THR I 648 35.93 -52.29 8.66
N ILE I 649 34.95 -51.87 9.47
CA ILE I 649 34.95 -52.21 10.88
C ILE I 649 34.91 -53.72 11.07
N GLY I 650 34.31 -54.44 10.14
CA GLY I 650 34.20 -55.87 10.28
C GLY I 650 33.17 -56.22 11.32
N ASP I 651 33.57 -56.98 12.35
CA ASP I 651 32.67 -57.35 13.42
C ASP I 651 33.08 -56.81 14.79
N LEU I 652 34.33 -56.40 14.94
CA LEU I 652 34.88 -55.84 16.17
C LEU I 652 34.68 -56.75 17.37
N SER I 653 34.23 -57.98 17.15
CA SER I 653 34.13 -58.92 18.26
C SER I 653 35.52 -59.41 18.63
N GLN I 654 36.35 -59.72 17.63
CA GLN I 654 37.74 -60.03 17.89
C GLN I 654 38.56 -58.77 18.07
N ILE I 655 38.16 -57.67 17.44
CA ILE I 655 38.92 -56.43 17.54
C ILE I 655 38.93 -55.99 19.00
N GLN I 656 40.11 -56.00 19.60
CA GLN I 656 40.25 -55.67 21.01
C GLN I 656 40.50 -54.16 21.17
N SER I 657 40.57 -53.75 22.44
CA SER I 657 40.91 -52.41 22.89
C SER I 657 39.78 -51.40 22.74
N LYS I 658 38.56 -51.84 22.44
CA LYS I 658 37.40 -50.96 22.44
C LYS I 658 37.61 -49.73 21.56
N PRO I 659 37.58 -49.88 20.23
CA PRO I 659 37.75 -48.72 19.36
C PRO I 659 36.50 -47.85 19.40
N VAL I 660 36.63 -46.65 18.85
CA VAL I 660 35.53 -45.70 18.80
C VAL I 660 35.47 -45.07 17.41
N LEU I 661 34.26 -44.88 16.92
CA LEU I 661 34.05 -44.17 15.68
C LEU I 661 34.14 -42.68 15.97
N ILE I 662 34.63 -41.91 15.01
CA ILE I 662 34.86 -40.48 15.20
C ILE I 662 34.32 -39.75 14.00
N VAL I 663 33.26 -38.99 14.19
CA VAL I 663 32.60 -38.29 13.10
C VAL I 663 32.41 -36.85 13.53
N SER I 664 32.16 -35.98 12.55
CA SER I 664 31.95 -34.57 12.83
C SER I 664 30.85 -34.38 13.86
N MET I 665 30.81 -33.19 14.45
CA MET I 665 29.93 -32.98 15.60
C MET I 665 28.47 -32.96 15.19
N ASP I 666 28.14 -32.17 14.18
CA ASP I 666 26.74 -31.88 13.88
C ASP I 666 25.94 -33.09 13.42
N ILE I 667 26.57 -34.23 13.19
CA ILE I 667 25.82 -35.43 12.83
C ILE I 667 26.22 -36.57 13.75
N ARG I 668 26.93 -36.26 14.83
CA ARG I 668 27.35 -37.32 15.75
C ARG I 668 26.17 -38.12 16.23
N ARG I 669 24.99 -37.52 16.25
CA ARG I 669 23.84 -38.25 16.75
C ARG I 669 23.29 -39.19 15.68
N TYR I 670 23.02 -38.66 14.49
CA TYR I 670 22.33 -39.46 13.48
C TYR I 670 23.14 -40.67 13.08
N VAL I 671 24.46 -40.55 13.08
CA VAL I 671 25.30 -41.73 12.87
C VAL I 671 25.10 -42.72 13.99
N ARG I 672 24.94 -42.23 15.22
CA ARG I 672 24.83 -43.13 16.35
C ARG I 672 23.57 -43.96 16.26
N LYS I 673 22.42 -43.32 16.09
CA LYS I 673 21.19 -44.10 16.00
C LYS I 673 21.06 -44.85 14.69
N LEU I 674 21.99 -44.64 13.76
CA LEU I 674 22.01 -45.42 12.53
C LEU I 674 22.61 -46.80 12.76
N ILE I 675 23.89 -46.84 13.16
CA ILE I 675 24.55 -48.10 13.43
C ILE I 675 24.16 -48.69 14.77
N GLU I 676 23.27 -48.05 15.51
CA GLU I 676 22.87 -48.54 16.82
C GLU I 676 22.34 -49.97 16.77
N SER I 677 21.83 -50.40 15.62
CA SER I 677 21.33 -51.77 15.51
C SER I 677 22.49 -52.75 15.47
N GLU I 678 23.43 -52.55 14.55
CA GLU I 678 24.46 -53.54 14.32
C GLU I 678 25.59 -53.44 15.34
N TYR I 679 26.19 -52.27 15.44
CA TYR I 679 27.36 -52.07 16.30
C TYR I 679 26.92 -51.32 17.53
N TYR I 680 26.58 -52.05 18.58
CA TYR I 680 26.07 -51.42 19.78
C TYR I 680 27.18 -50.96 20.71
N GLY I 681 28.28 -51.68 20.80
CA GLY I 681 29.35 -51.32 21.70
C GLY I 681 30.40 -50.48 21.03
N LEU I 682 30.03 -49.80 19.95
CA LEU I 682 30.94 -48.92 19.21
C LEU I 682 30.53 -47.48 19.47
N PRO I 683 31.09 -46.84 20.48
CA PRO I 683 30.70 -45.46 20.78
C PRO I 683 31.11 -44.54 19.65
N VAL I 684 30.40 -43.42 19.54
CA VAL I 684 30.69 -42.42 18.53
C VAL I 684 31.08 -41.13 19.23
N LEU I 685 32.13 -40.49 18.76
CA LEU I 685 32.61 -39.24 19.31
C LEU I 685 32.48 -38.14 18.28
N SER I 686 33.01 -36.98 18.64
CA SER I 686 33.10 -35.86 17.73
C SER I 686 34.54 -35.44 17.60
N TYR I 687 34.79 -34.51 16.69
CA TYR I 687 36.11 -33.90 16.69
C TYR I 687 36.23 -32.91 17.82
N GLN I 688 35.11 -32.35 18.26
CA GLN I 688 35.14 -31.31 19.27
C GLN I 688 35.29 -31.90 20.66
N GLU I 689 34.53 -32.96 20.95
CA GLU I 689 34.64 -33.62 22.24
C GLU I 689 36.06 -34.09 22.48
N LEU I 690 36.82 -34.35 21.42
CA LEU I 690 38.21 -34.75 21.57
C LEU I 690 39.02 -33.57 22.05
N THR I 691 39.31 -33.54 23.34
CA THR I 691 40.27 -32.57 23.85
C THR I 691 41.54 -32.68 23.05
N GLN I 692 42.16 -31.54 22.79
CA GLN I 692 43.44 -31.57 22.13
C GLN I 692 44.42 -32.39 22.97
N GLN I 693 45.59 -32.66 22.39
CA GLN I 693 46.59 -33.53 23.02
C GLN I 693 46.06 -34.96 23.13
N ILE I 694 45.36 -35.40 22.09
CA ILE I 694 44.94 -36.79 21.96
C ILE I 694 45.43 -37.30 20.62
N ASN I 695 46.18 -38.39 20.63
CA ASN I 695 46.73 -38.96 19.40
C ASN I 695 45.73 -39.95 18.84
N ILE I 696 44.84 -39.45 17.99
CA ILE I 696 43.95 -40.33 17.25
C ILE I 696 44.77 -41.24 16.37
N GLN I 697 44.64 -42.54 16.57
CA GLN I 697 45.37 -43.51 15.77
C GLN I 697 44.39 -44.22 14.84
N PRO I 698 44.11 -43.64 13.67
CA PRO I 698 43.01 -44.16 12.84
C PRO I 698 43.24 -45.60 12.43
N LEU I 699 42.32 -46.47 12.84
CA LEU I 699 42.39 -47.86 12.42
C LEU I 699 42.11 -48.00 10.93
N GLY I 700 41.03 -47.38 10.46
CA GLY I 700 40.74 -47.38 9.04
C GLY I 700 39.61 -46.45 8.67
N ARG I 701 39.83 -45.60 7.68
CA ARG I 701 38.83 -44.61 7.31
C ARG I 701 37.70 -45.26 6.54
N VAL I 702 36.46 -44.87 6.86
CA VAL I 702 35.28 -45.43 6.21
C VAL I 702 35.05 -44.65 4.92
N CYS I 703 35.46 -45.23 3.79
CA CYS I 703 35.33 -44.56 2.51
C CYS I 703 33.88 -44.67 2.06
N LEU I 704 33.61 -44.35 0.80
CA LEU I 704 32.28 -44.55 0.26
C LEU I 704 32.35 -45.63 -0.83
N LEU J 361 25.31 -42.54 -55.55
CA LEU J 361 24.49 -42.79 -54.38
C LEU J 361 24.46 -41.56 -53.49
N GLY J 362 25.15 -40.51 -53.93
CA GLY J 362 25.15 -39.25 -53.21
C GLY J 362 23.83 -38.52 -53.21
N GLU J 363 22.81 -39.04 -53.90
CA GLU J 363 21.48 -38.45 -53.83
C GLU J 363 21.00 -38.48 -52.39
N GLN J 364 20.47 -37.33 -51.92
CA GLN J 364 20.37 -37.13 -50.48
C GLN J 364 19.48 -38.16 -49.81
N GLU J 365 18.15 -38.08 -49.96
CA GLU J 365 17.35 -39.25 -49.59
C GLU J 365 16.08 -39.45 -50.42
N ALA J 366 15.59 -38.41 -51.07
CA ALA J 366 14.39 -38.50 -51.91
C ALA J 366 13.18 -38.97 -51.10
N PHE J 367 12.76 -38.11 -50.18
CA PHE J 367 11.58 -38.34 -49.34
C PHE J 367 10.42 -38.88 -50.15
N ALA J 368 9.76 -39.91 -49.61
CA ALA J 368 8.63 -40.55 -50.26
C ALA J 368 7.45 -40.61 -49.29
N MET J 369 6.32 -40.02 -49.70
CA MET J 369 5.18 -39.88 -48.81
C MET J 369 4.59 -41.23 -48.46
N THR J 370 4.16 -41.39 -47.22
CA THR J 370 3.43 -42.60 -46.82
C THR J 370 2.04 -42.58 -47.41
N VAL J 371 1.49 -43.78 -47.64
CA VAL J 371 0.17 -43.89 -48.24
C VAL J 371 -0.89 -43.84 -47.14
N PRO J 372 -1.92 -43.06 -47.31
CA PRO J 372 -2.93 -42.93 -46.25
C PRO J 372 -3.63 -44.23 -45.95
N LEU J 373 -4.21 -44.85 -46.98
CA LEU J 373 -4.85 -46.14 -46.84
C LEU J 373 -4.29 -47.05 -47.92
N LEU J 374 -4.19 -48.33 -47.61
CA LEU J 374 -3.58 -49.27 -48.54
C LEU J 374 -4.22 -50.63 -48.36
N ILE J 375 -4.56 -51.27 -49.47
CA ILE J 375 -5.03 -52.64 -49.46
C ILE J 375 -4.00 -53.48 -50.17
N ASP J 376 -3.46 -54.46 -49.47
CA ASP J 376 -2.51 -55.39 -50.05
C ASP J 376 -3.14 -56.78 -49.99
N VAL J 377 -3.60 -57.25 -51.14
CA VAL J 377 -4.08 -58.62 -51.25
C VAL J 377 -3.04 -59.39 -52.03
N ASP J 378 -3.19 -60.71 -52.09
CA ASP J 378 -2.18 -61.53 -52.73
C ASP J 378 -2.24 -61.34 -54.25
N SER J 379 -1.26 -61.93 -54.92
CA SER J 379 -1.32 -62.09 -56.36
C SER J 379 -2.25 -63.25 -56.67
N SER J 380 -2.20 -63.73 -57.91
CA SER J 380 -3.02 -64.85 -58.38
C SER J 380 -4.49 -64.45 -58.51
N GLN J 381 -4.83 -63.25 -58.03
CA GLN J 381 -6.14 -62.69 -58.27
C GLN J 381 -6.08 -61.37 -59.00
N GLN J 382 -4.87 -60.82 -59.22
CA GLN J 382 -4.73 -59.51 -59.84
C GLN J 382 -5.48 -59.40 -61.16
N GLU J 383 -5.81 -60.55 -61.76
CA GLU J 383 -6.69 -60.60 -62.90
C GLU J 383 -7.84 -61.57 -62.69
N ALA J 384 -7.76 -62.42 -61.67
CA ALA J 384 -8.81 -63.36 -61.36
C ALA J 384 -9.88 -62.77 -60.44
N LEU J 385 -9.50 -61.94 -59.47
CA LEU J 385 -10.56 -61.38 -58.65
C LEU J 385 -11.24 -60.26 -59.44
N GLU J 386 -10.65 -59.07 -59.47
CA GLU J 386 -10.50 -58.18 -60.63
C GLU J 386 -11.67 -58.17 -61.62
N ALA J 387 -12.76 -58.83 -61.29
CA ALA J 387 -13.81 -59.06 -62.26
C ALA J 387 -15.20 -58.97 -61.67
N ILE J 388 -15.34 -58.63 -60.39
CA ILE J 388 -16.66 -58.23 -59.94
C ILE J 388 -16.73 -56.74 -60.19
N ALA J 389 -16.06 -55.94 -59.37
CA ALA J 389 -15.43 -54.72 -59.85
C ALA J 389 -14.03 -54.60 -59.30
N LEU J 390 -13.93 -54.59 -57.97
CA LEU J 390 -12.70 -54.35 -57.21
C LEU J 390 -11.99 -53.07 -57.62
N ASN J 391 -12.66 -52.25 -58.42
CA ASN J 391 -12.34 -50.85 -58.55
C ASN J 391 -13.59 -50.01 -58.57
N ASP J 392 -14.77 -50.63 -58.68
CA ASP J 392 -16.04 -49.98 -58.47
C ASP J 392 -16.84 -50.65 -57.36
N GLU J 393 -16.24 -51.59 -56.63
CA GLU J 393 -16.85 -52.11 -55.41
C GLU J 393 -16.20 -51.50 -54.18
N LEU J 394 -15.01 -50.93 -54.34
CA LEU J 394 -14.43 -50.14 -53.26
C LEU J 394 -14.93 -48.70 -53.32
N VAL J 395 -14.82 -48.07 -54.49
CA VAL J 395 -15.28 -46.69 -54.60
C VAL J 395 -16.77 -46.59 -54.31
N ARG J 396 -17.51 -47.68 -54.47
CA ARG J 396 -18.92 -47.66 -54.11
C ARG J 396 -19.09 -47.69 -52.60
N VAL J 397 -18.32 -48.51 -51.91
CA VAL J 397 -18.47 -48.58 -50.47
C VAL J 397 -17.73 -47.44 -49.79
N ARG J 398 -16.82 -46.78 -50.50
CA ARG J 398 -16.21 -45.58 -49.93
C ARG J 398 -17.17 -44.41 -49.97
N ARG J 399 -17.80 -44.19 -51.13
CA ARG J 399 -18.82 -43.15 -51.20
C ARG J 399 -20.01 -43.48 -50.31
N ALA J 400 -20.52 -44.70 -50.39
CA ALA J 400 -21.68 -45.05 -49.58
C ALA J 400 -21.37 -44.92 -48.10
N LEU J 401 -20.09 -45.01 -47.74
CA LEU J 401 -19.72 -44.79 -46.35
C LEU J 401 -19.44 -43.32 -46.08
N TYR J 402 -19.08 -42.57 -47.11
CA TYR J 402 -18.90 -41.14 -46.92
C TYR J 402 -20.24 -40.47 -46.63
N LEU J 403 -21.25 -40.75 -47.45
CA LEU J 403 -22.57 -40.20 -47.20
C LEU J 403 -23.17 -40.66 -45.88
N ASP J 404 -22.50 -41.55 -45.17
CA ASP J 404 -23.01 -41.97 -43.87
C ASP J 404 -22.35 -41.18 -42.75
N LEU J 405 -21.03 -41.10 -42.77
CA LEU J 405 -20.25 -40.39 -41.75
C LEU J 405 -19.93 -38.96 -42.14
N GLY J 406 -19.51 -38.74 -43.37
CA GLY J 406 -19.16 -37.42 -43.83
C GLY J 406 -17.69 -37.14 -43.90
N VAL J 407 -16.85 -38.02 -43.37
CA VAL J 407 -15.41 -37.82 -43.39
C VAL J 407 -14.93 -37.82 -44.84
N PRO J 408 -14.07 -36.91 -45.24
CA PRO J 408 -13.54 -36.96 -46.60
C PRO J 408 -12.43 -38.00 -46.70
N PHE J 409 -12.82 -39.25 -46.91
CA PHE J 409 -11.89 -40.36 -46.85
C PHE J 409 -10.82 -40.22 -47.92
N PRO J 410 -9.68 -40.86 -47.73
CA PRO J 410 -8.60 -40.71 -48.69
C PRO J 410 -8.71 -41.71 -49.83
N GLY J 411 -7.71 -41.72 -50.73
CA GLY J 411 -7.76 -42.61 -51.87
C GLY J 411 -7.21 -43.97 -51.50
N ILE J 412 -7.98 -45.01 -51.76
CA ILE J 412 -7.59 -46.37 -51.43
C ILE J 412 -6.69 -46.89 -52.53
N HIS J 413 -5.39 -46.96 -52.27
CA HIS J 413 -4.50 -47.64 -53.19
C HIS J 413 -4.72 -49.14 -53.11
N LEU J 414 -4.72 -49.79 -54.25
CA LEU J 414 -4.91 -51.23 -54.34
C LEU J 414 -3.68 -51.84 -54.99
N ARG J 415 -2.99 -52.70 -54.25
CA ARG J 415 -1.77 -53.34 -54.72
C ARG J 415 -1.90 -54.84 -54.57
N PHE J 416 -1.73 -55.55 -55.66
CA PHE J 416 -1.67 -57.01 -55.65
C PHE J 416 -0.22 -57.40 -55.44
N ASN J 417 0.09 -57.86 -54.23
CA ASN J 417 1.44 -58.30 -53.87
C ASN J 417 1.56 -59.79 -54.05
N GLU J 418 2.72 -60.23 -54.51
CA GLU J 418 2.99 -61.66 -54.60
C GLU J 418 3.72 -62.19 -53.38
N GLY J 419 4.30 -61.31 -52.56
CA GLY J 419 5.10 -61.76 -51.44
C GLY J 419 4.33 -62.56 -50.42
N MET J 420 3.02 -62.38 -50.35
CA MET J 420 2.22 -63.11 -49.39
C MET J 420 1.74 -64.42 -50.00
N GLY J 421 0.78 -65.07 -49.34
CA GLY J 421 0.27 -66.35 -49.81
C GLY J 421 -0.66 -66.22 -50.99
N GLU J 422 -1.75 -66.98 -51.00
CA GLU J 422 -2.73 -66.91 -52.08
C GLU J 422 -4.11 -66.50 -51.62
N GLY J 423 -4.41 -66.58 -50.33
CA GLY J 423 -5.67 -66.09 -49.82
C GLY J 423 -5.51 -65.01 -48.78
N GLU J 424 -4.30 -64.50 -48.63
CA GLU J 424 -4.00 -63.48 -47.64
C GLU J 424 -4.38 -62.12 -48.17
N TYR J 425 -4.68 -61.20 -47.24
CA TYR J 425 -4.92 -59.81 -47.57
C TYR J 425 -4.82 -59.00 -46.29
N LEU J 426 -4.13 -57.87 -46.39
CA LEU J 426 -3.97 -56.97 -45.25
C LEU J 426 -4.39 -55.58 -45.67
N ILE J 427 -5.10 -54.90 -44.80
CA ILE J 427 -5.56 -53.54 -45.02
C ILE J 427 -4.76 -52.64 -44.10
N SER J 428 -3.85 -51.86 -44.65
CA SER J 428 -2.87 -51.15 -43.85
C SER J 428 -3.19 -49.66 -43.85
N LEU J 429 -3.51 -49.11 -42.70
CA LEU J 429 -3.57 -47.67 -42.53
C LEU J 429 -2.16 -47.15 -42.29
N GLN J 430 -1.62 -46.43 -43.27
CA GLN J 430 -0.33 -45.77 -43.08
C GLN J 430 0.74 -46.78 -42.68
N GLU J 431 0.81 -47.86 -43.43
CA GLU J 431 1.87 -48.85 -43.33
C GLU J 431 1.89 -49.58 -41.99
N VAL J 432 0.72 -49.86 -41.42
CA VAL J 432 0.64 -50.79 -40.30
C VAL J 432 -0.63 -51.63 -40.43
N PRO J 433 -0.50 -52.88 -40.87
CA PRO J 433 -1.69 -53.70 -41.16
C PRO J 433 -2.67 -53.72 -40.00
N VAL J 434 -3.86 -53.19 -40.26
CA VAL J 434 -4.85 -53.03 -39.20
C VAL J 434 -5.91 -54.12 -39.22
N ALA J 435 -6.12 -54.78 -40.35
CA ALA J 435 -7.04 -55.91 -40.38
C ALA J 435 -6.56 -56.85 -41.48
N ARG J 436 -5.77 -57.85 -41.10
CA ARG J 436 -5.27 -58.82 -42.05
C ARG J 436 -6.20 -60.00 -42.08
N GLY J 437 -6.04 -60.83 -43.11
CA GLY J 437 -6.86 -62.01 -43.23
C GLY J 437 -6.36 -62.92 -44.31
N GLU J 438 -6.49 -64.22 -44.08
CA GLU J 438 -6.22 -65.23 -45.10
C GLU J 438 -7.60 -65.75 -45.51
N LEU J 439 -8.15 -65.17 -46.57
CA LEU J 439 -9.49 -65.54 -47.00
C LEU J 439 -9.43 -66.97 -47.52
N LYS J 440 -9.92 -67.92 -46.70
CA LYS J 440 -9.98 -69.31 -47.14
C LYS J 440 -11.08 -69.53 -48.16
N ALA J 441 -11.69 -68.45 -48.62
CA ALA J 441 -12.40 -68.43 -49.88
C ALA J 441 -11.39 -68.36 -51.00
N GLY J 442 -10.12 -68.63 -50.67
CA GLY J 442 -9.01 -68.60 -51.61
C GLY J 442 -9.38 -69.11 -52.98
N TYR J 443 -9.88 -70.35 -53.07
CA TYR J 443 -10.32 -70.83 -54.37
C TYR J 443 -11.74 -70.34 -54.67
N LEU J 444 -12.74 -70.87 -53.96
CA LEU J 444 -14.09 -70.34 -53.89
C LEU J 444 -14.78 -70.99 -52.70
N LEU J 445 -14.95 -70.26 -51.61
CA LEU J 445 -15.55 -70.85 -50.43
C LEU J 445 -16.45 -69.82 -49.75
N VAL J 446 -17.32 -69.19 -50.54
CA VAL J 446 -18.12 -68.05 -50.09
C VAL J 446 -18.66 -68.27 -48.68
N ARG J 447 -18.33 -67.36 -47.78
CA ARG J 447 -18.49 -67.62 -46.35
C ARG J 447 -19.95 -67.46 -45.94
N GLU J 448 -20.21 -67.64 -44.66
CA GLU J 448 -21.53 -67.45 -44.08
C GLU J 448 -21.37 -66.78 -42.72
N SER J 449 -22.09 -65.68 -42.54
CA SER J 449 -21.94 -64.82 -41.36
C SER J 449 -22.79 -65.26 -40.18
N VAL J 450 -23.99 -65.75 -40.43
CA VAL J 450 -24.91 -66.11 -39.36
C VAL J 450 -24.92 -67.62 -39.27
N SER J 451 -23.79 -68.24 -39.59
CA SER J 451 -23.61 -69.69 -39.48
C SER J 451 -24.06 -70.18 -38.12
N GLN J 452 -24.74 -71.32 -38.12
CA GLN J 452 -25.40 -71.83 -36.93
C GLN J 452 -25.61 -73.32 -37.13
N LEU J 453 -26.33 -73.97 -36.23
CA LEU J 453 -26.74 -75.34 -36.50
C LEU J 453 -27.70 -75.41 -37.69
N GLU J 454 -28.20 -74.26 -38.14
CA GLU J 454 -29.01 -74.24 -39.36
C GLU J 454 -28.19 -74.68 -40.56
N LEU J 455 -26.90 -74.39 -40.57
CA LEU J 455 -26.00 -74.98 -41.57
C LEU J 455 -25.68 -76.43 -41.27
N LEU J 456 -26.16 -76.98 -40.15
CA LEU J 456 -26.23 -78.41 -39.98
C LEU J 456 -27.59 -78.95 -40.35
N GLY J 457 -28.65 -78.20 -40.09
CA GLY J 457 -29.94 -78.52 -40.68
C GLY J 457 -29.91 -78.39 -42.19
N ILE J 458 -29.19 -77.38 -42.69
CA ILE J 458 -28.88 -77.25 -44.10
C ILE J 458 -27.47 -77.82 -44.22
N PRO J 459 -27.32 -79.13 -44.44
CA PRO J 459 -26.16 -79.86 -43.89
C PRO J 459 -24.84 -79.60 -44.59
N TYR J 460 -24.75 -78.65 -45.51
CA TYR J 460 -23.57 -78.54 -46.36
C TYR J 460 -22.33 -78.26 -45.53
N GLU J 461 -21.24 -78.93 -45.89
CA GLU J 461 -20.05 -78.97 -45.06
C GLU J 461 -19.55 -77.56 -44.75
N LYS J 462 -18.88 -77.43 -43.61
CA LYS J 462 -18.46 -76.14 -43.10
C LYS J 462 -16.94 -76.04 -43.07
N GLY J 463 -16.47 -74.82 -42.81
CA GLY J 463 -15.08 -74.56 -42.52
C GLY J 463 -14.98 -73.60 -41.35
N GLU J 464 -14.32 -74.01 -40.27
CA GLU J 464 -14.39 -73.25 -39.04
C GLU J 464 -13.44 -72.07 -39.06
N HIS J 465 -13.89 -70.96 -38.46
CA HIS J 465 -13.08 -69.78 -38.24
C HIS J 465 -13.88 -68.84 -37.34
N LEU J 466 -13.22 -67.77 -36.89
CA LEU J 466 -13.84 -66.70 -36.11
C LEU J 466 -13.52 -65.37 -36.77
N LEU J 467 -13.74 -65.30 -38.08
CA LEU J 467 -13.62 -64.06 -38.83
C LEU J 467 -14.53 -63.06 -38.11
N PRO J 468 -14.16 -61.79 -38.02
CA PRO J 468 -14.42 -61.04 -36.79
C PRO J 468 -15.84 -61.00 -36.26
N ASP J 469 -16.79 -60.42 -37.00
CA ASP J 469 -17.96 -59.86 -36.33
C ASP J 469 -19.06 -60.86 -36.03
N GLN J 470 -19.31 -61.82 -36.91
CA GLN J 470 -20.28 -62.87 -36.64
C GLN J 470 -19.63 -64.21 -36.94
N GLU J 471 -20.26 -65.27 -36.46
CA GLU J 471 -19.63 -66.58 -36.61
C GLU J 471 -19.53 -66.95 -38.08
N THR J 472 -18.30 -67.01 -38.58
CA THR J 472 -18.03 -67.25 -39.99
C THR J 472 -17.78 -68.72 -40.23
N PHE J 473 -18.59 -69.31 -41.10
CA PHE J 473 -18.34 -70.66 -41.58
C PHE J 473 -18.50 -70.64 -43.09
N TRP J 474 -17.72 -71.48 -43.75
CA TRP J 474 -17.53 -71.39 -45.19
C TRP J 474 -18.16 -72.59 -45.89
N VAL J 475 -18.79 -72.33 -47.04
CA VAL J 475 -19.34 -73.36 -47.89
C VAL J 475 -18.90 -73.07 -49.32
N SER J 476 -18.95 -74.08 -50.17
CA SER J 476 -18.46 -73.94 -51.52
C SER J 476 -19.54 -73.34 -52.43
N VAL J 477 -19.26 -73.31 -53.73
CA VAL J 477 -20.13 -72.59 -54.67
C VAL J 477 -21.21 -73.48 -55.29
N GLU J 478 -21.07 -74.80 -55.18
CA GLU J 478 -22.23 -75.66 -55.44
C GLU J 478 -23.17 -75.67 -54.25
N TYR J 479 -22.61 -75.55 -53.05
CA TYR J 479 -23.43 -75.44 -51.84
C TYR J 479 -24.14 -74.09 -51.79
N GLU J 480 -23.59 -73.08 -52.46
CA GLU J 480 -24.18 -71.76 -52.45
C GLU J 480 -25.59 -71.76 -53.02
N GLU J 481 -25.80 -72.47 -54.13
CA GLU J 481 -27.10 -72.46 -54.79
C GLU J 481 -28.21 -72.88 -53.84
N ARG J 482 -27.93 -73.87 -52.99
CA ARG J 482 -28.95 -74.38 -52.10
C ARG J 482 -29.08 -73.56 -50.82
N LEU J 483 -27.97 -73.04 -50.30
CA LEU J 483 -28.05 -72.21 -49.12
C LEU J 483 -28.58 -70.81 -49.43
N GLU J 484 -28.39 -70.33 -50.66
CA GLU J 484 -29.04 -69.07 -51.02
C GLU J 484 -30.54 -69.26 -51.16
N LYS J 485 -30.98 -70.48 -51.45
CA LYS J 485 -32.40 -70.79 -51.31
C LYS J 485 -32.82 -70.69 -49.85
N SER J 486 -31.98 -71.19 -48.95
CA SER J 486 -32.26 -71.16 -47.52
C SER J 486 -32.09 -69.78 -46.90
N GLN J 487 -31.57 -68.82 -47.66
CA GLN J 487 -31.53 -67.41 -47.24
C GLN J 487 -30.71 -67.15 -45.98
N LEU J 488 -29.40 -67.34 -46.05
CA LEU J 488 -28.48 -66.81 -45.05
C LEU J 488 -27.48 -65.90 -45.73
N GLU J 489 -26.61 -65.29 -44.94
CA GLU J 489 -25.77 -64.21 -45.44
C GLU J 489 -24.56 -64.73 -46.21
N PHE J 490 -24.47 -64.33 -47.48
CA PHE J 490 -23.39 -64.72 -48.38
C PHE J 490 -22.45 -63.56 -48.62
N PHE J 491 -21.15 -63.83 -48.54
CA PHE J 491 -20.14 -62.83 -48.79
C PHE J 491 -19.25 -63.32 -49.92
N SER J 492 -19.38 -62.70 -51.09
CA SER J 492 -18.51 -63.01 -52.21
C SER J 492 -17.10 -62.52 -51.91
N HIS J 493 -16.23 -62.62 -52.91
CA HIS J 493 -14.86 -62.16 -52.71
C HIS J 493 -14.78 -60.64 -52.66
N SER J 494 -15.73 -59.94 -53.26
CA SER J 494 -15.83 -58.51 -52.99
C SER J 494 -16.32 -58.26 -51.57
N GLN J 495 -17.45 -58.86 -51.21
CA GLN J 495 -18.12 -58.49 -49.97
C GLN J 495 -17.34 -58.94 -48.75
N VAL J 496 -16.46 -59.92 -48.90
CA VAL J 496 -15.61 -60.28 -47.77
C VAL J 496 -14.51 -59.25 -47.62
N LEU J 497 -14.11 -58.63 -48.72
CA LEU J 497 -13.05 -57.64 -48.67
C LEU J 497 -13.59 -56.30 -48.18
N THR J 498 -14.53 -55.72 -48.91
CA THR J 498 -15.04 -54.40 -48.54
C THR J 498 -15.64 -54.38 -47.16
N TRP J 499 -16.20 -55.50 -46.69
CA TRP J 499 -16.81 -55.46 -45.38
C TRP J 499 -15.80 -55.04 -44.31
N HIS J 500 -14.62 -55.67 -44.30
CA HIS J 500 -13.60 -55.20 -43.37
C HIS J 500 -13.22 -53.75 -43.65
N LEU J 501 -13.15 -53.37 -44.93
CA LEU J 501 -12.90 -51.98 -45.24
C LEU J 501 -13.97 -51.10 -44.61
N SER J 502 -15.22 -51.30 -44.98
CA SER J 502 -16.31 -50.51 -44.42
C SER J 502 -16.41 -50.68 -42.91
N HIS J 503 -15.62 -51.60 -42.35
CA HIS J 503 -15.49 -51.65 -40.91
C HIS J 503 -14.22 -50.97 -40.44
N VAL J 504 -13.20 -50.91 -41.29
CA VAL J 504 -11.97 -50.23 -40.89
C VAL J 504 -12.18 -48.73 -40.85
N LEU J 505 -12.85 -48.18 -41.87
CA LEU J 505 -13.11 -46.75 -41.88
C LEU J 505 -14.02 -46.36 -40.72
N ARG J 506 -15.11 -47.09 -40.52
CA ARG J 506 -16.05 -46.69 -39.49
C ARG J 506 -15.43 -46.72 -38.11
N GLU J 507 -14.32 -47.42 -37.93
CA GLU J 507 -13.70 -47.48 -36.62
C GLU J 507 -12.43 -46.65 -36.53
N TYR J 508 -11.82 -46.29 -37.66
CA TYR J 508 -10.65 -45.43 -37.67
C TYR J 508 -10.94 -44.13 -38.40
N ALA J 509 -12.17 -43.66 -38.27
CA ALA J 509 -12.55 -42.37 -38.81
C ALA J 509 -12.12 -41.21 -37.93
N GLU J 510 -11.51 -41.48 -36.78
CA GLU J 510 -10.89 -40.42 -36.02
C GLU J 510 -9.52 -40.04 -36.57
N ASP J 511 -9.01 -40.79 -37.54
CA ASP J 511 -7.66 -40.57 -38.05
C ASP J 511 -7.65 -39.94 -39.42
N PHE J 512 -8.80 -39.79 -40.05
CA PHE J 512 -8.88 -39.16 -41.36
C PHE J 512 -9.41 -37.75 -41.29
N ILE J 513 -9.71 -37.24 -40.10
CA ILE J 513 -10.12 -35.85 -39.98
C ILE J 513 -9.02 -35.08 -39.29
N GLY J 514 -8.08 -34.56 -40.06
CA GLY J 514 -7.01 -33.75 -39.53
C GLY J 514 -7.13 -32.32 -40.03
N ILE J 515 -6.31 -31.46 -39.44
CA ILE J 515 -6.37 -30.05 -39.77
C ILE J 515 -6.26 -29.85 -41.26
N GLN J 516 -5.71 -30.81 -41.98
CA GLN J 516 -5.66 -30.68 -43.43
C GLN J 516 -6.97 -31.11 -44.07
N GLU J 517 -7.81 -31.85 -43.33
CA GLU J 517 -9.03 -32.34 -43.95
C GLU J 517 -10.22 -31.47 -43.62
N THR J 518 -10.23 -30.82 -42.45
CA THR J 518 -11.31 -29.86 -42.22
C THR J 518 -11.12 -28.62 -43.05
N ARG J 519 -9.88 -28.16 -43.21
CA ARG J 519 -9.65 -27.04 -44.11
C ARG J 519 -10.01 -27.40 -45.54
N TYR J 520 -10.25 -28.68 -45.80
CA TYR J 520 -10.84 -29.04 -47.09
C TYR J 520 -12.34 -28.79 -47.08
N LEU J 521 -13.00 -29.06 -45.96
CA LEU J 521 -14.42 -28.78 -45.85
C LEU J 521 -14.68 -27.28 -45.82
N LEU J 522 -13.92 -26.56 -44.99
CA LEU J 522 -14.10 -25.12 -44.89
C LEU J 522 -13.63 -24.38 -46.12
N GLU J 523 -13.08 -25.08 -47.10
CA GLU J 523 -12.88 -24.46 -48.40
C GLU J 523 -13.97 -24.89 -49.37
N GLN J 524 -14.35 -26.15 -49.34
CA GLN J 524 -15.40 -26.63 -50.21
C GLN J 524 -16.73 -25.98 -49.90
N MET J 525 -16.90 -25.39 -48.71
CA MET J 525 -18.13 -24.73 -48.34
C MET J 525 -18.06 -23.22 -48.47
N GLU J 526 -16.92 -22.69 -48.90
CA GLU J 526 -16.79 -21.25 -49.05
C GLU J 526 -17.87 -20.70 -49.96
N GLY J 527 -18.12 -21.37 -51.09
CA GLY J 527 -19.13 -20.93 -52.02
C GLY J 527 -20.51 -20.85 -51.40
N GLY J 528 -20.99 -21.95 -50.86
CA GLY J 528 -22.29 -21.98 -50.24
C GLY J 528 -22.44 -21.01 -49.10
N TYR J 529 -21.66 -21.21 -48.04
CA TYR J 529 -21.78 -20.41 -46.82
C TYR J 529 -20.51 -19.59 -46.66
N GLY J 530 -20.50 -18.42 -47.27
CA GLY J 530 -19.36 -17.55 -47.15
C GLY J 530 -19.24 -16.95 -45.78
N GLU J 531 -20.26 -16.18 -45.37
CA GLU J 531 -20.13 -15.42 -44.14
C GLU J 531 -20.22 -16.30 -42.90
N LEU J 532 -20.66 -17.55 -43.06
CA LEU J 532 -20.65 -18.47 -41.94
C LEU J 532 -19.24 -18.87 -41.60
N ILE J 533 -18.44 -19.17 -42.62
CA ILE J 533 -17.09 -19.65 -42.39
C ILE J 533 -16.18 -18.52 -41.94
N LYS J 534 -16.28 -17.36 -42.59
CA LYS J 534 -15.47 -16.22 -42.18
C LYS J 534 -15.80 -15.77 -40.77
N GLU J 535 -16.92 -16.23 -40.22
CA GLU J 535 -17.27 -15.96 -38.84
C GLU J 535 -16.79 -17.06 -37.91
N VAL J 536 -16.84 -18.31 -38.35
CA VAL J 536 -16.44 -19.40 -37.46
C VAL J 536 -14.94 -19.46 -37.32
N GLN J 537 -14.20 -19.10 -38.36
CA GLN J 537 -12.74 -19.20 -38.30
C GLN J 537 -12.15 -18.23 -37.30
N ARG J 538 -12.77 -17.08 -37.09
CA ARG J 538 -12.28 -16.12 -36.13
C ARG J 538 -12.67 -16.45 -34.71
N ILE J 539 -13.65 -17.32 -34.51
CA ILE J 539 -14.09 -17.68 -33.18
C ILE J 539 -13.38 -18.91 -32.68
N VAL J 540 -13.35 -19.98 -33.47
CA VAL J 540 -12.67 -21.21 -33.10
C VAL J 540 -11.50 -21.43 -34.07
N PRO J 541 -10.28 -21.55 -33.58
CA PRO J 541 -9.16 -21.85 -34.47
C PRO J 541 -9.30 -23.23 -35.07
N LEU J 542 -8.56 -23.48 -36.15
CA LEU J 542 -8.68 -24.75 -36.83
C LEU J 542 -8.33 -25.92 -35.94
N GLN J 543 -7.39 -25.75 -35.03
CA GLN J 543 -7.11 -26.85 -34.12
C GLN J 543 -8.33 -27.17 -33.29
N ARG J 544 -9.01 -26.15 -32.77
CA ARG J 544 -10.12 -26.39 -31.86
C ARG J 544 -11.33 -26.92 -32.60
N MET J 545 -11.59 -26.41 -33.78
CA MET J 545 -12.73 -26.89 -34.55
C MET J 545 -12.51 -28.32 -35.00
N THR J 546 -11.27 -28.69 -35.29
CA THR J 546 -11.01 -30.06 -35.70
C THR J 546 -11.05 -31.01 -34.51
N GLU J 547 -10.57 -30.57 -33.35
CA GLU J 547 -10.64 -31.41 -32.18
C GLU J 547 -12.08 -31.70 -31.79
N ILE J 548 -13.03 -31.01 -32.43
CA ILE J 548 -14.44 -31.35 -32.26
C ILE J 548 -14.87 -32.37 -33.29
N LEU J 549 -14.59 -32.10 -34.56
CA LEU J 549 -15.03 -33.00 -35.61
C LEU J 549 -14.51 -34.41 -35.39
N GLN J 550 -13.36 -34.55 -34.74
CA GLN J 550 -12.92 -35.89 -34.37
C GLN J 550 -13.77 -36.45 -33.24
N ARG J 551 -14.26 -35.59 -32.35
CA ARG J 551 -15.02 -36.09 -31.22
C ARG J 551 -16.44 -36.45 -31.60
N LEU J 552 -16.97 -35.87 -32.67
CA LEU J 552 -18.25 -36.33 -33.16
C LEU J 552 -18.11 -37.69 -33.82
N VAL J 553 -17.31 -37.76 -34.89
CA VAL J 553 -17.16 -39.01 -35.62
C VAL J 553 -16.64 -40.11 -34.72
N GLY J 554 -16.18 -39.79 -33.53
CA GLY J 554 -15.85 -40.83 -32.57
C GLY J 554 -17.07 -41.56 -32.06
N GLU J 555 -18.17 -40.85 -31.83
CA GLU J 555 -19.41 -41.45 -31.39
C GLU J 555 -20.29 -41.90 -32.54
N ASP J 556 -19.73 -41.97 -33.75
CA ASP J 556 -20.44 -42.34 -34.97
C ASP J 556 -21.49 -41.32 -35.37
N ILE J 557 -21.57 -40.18 -34.69
CA ILE J 557 -22.34 -39.06 -35.19
C ILE J 557 -21.79 -38.66 -36.54
N SER J 558 -22.66 -38.13 -37.41
CA SER J 558 -22.31 -37.85 -38.79
C SER J 558 -22.02 -36.37 -38.95
N ILE J 559 -20.78 -36.05 -39.32
CA ILE J 559 -20.43 -34.68 -39.68
C ILE J 559 -21.33 -34.13 -40.77
N ARG J 560 -21.85 -35.02 -41.62
CA ARG J 560 -22.43 -34.68 -42.91
C ARG J 560 -23.16 -33.35 -42.91
N ASN J 561 -23.99 -33.12 -41.90
CA ASN J 561 -24.74 -31.88 -41.75
C ASN J 561 -23.79 -30.79 -41.31
N MET J 562 -23.05 -30.23 -42.25
CA MET J 562 -21.94 -29.37 -41.87
C MET J 562 -22.40 -27.97 -41.53
N ARG J 563 -23.60 -27.56 -41.94
CA ARG J 563 -24.06 -26.23 -41.58
C ARG J 563 -24.38 -26.15 -40.10
N SER J 564 -25.35 -26.94 -39.65
CA SER J 564 -25.80 -26.81 -38.27
C SER J 564 -24.74 -27.28 -37.28
N ILE J 565 -23.59 -27.73 -37.76
CA ILE J 565 -22.47 -27.92 -36.86
C ILE J 565 -21.69 -26.62 -36.74
N LEU J 566 -21.77 -25.77 -37.76
CA LEU J 566 -21.09 -24.49 -37.65
C LEU J 566 -21.96 -23.44 -36.99
N GLU J 567 -23.27 -23.47 -37.21
CA GLU J 567 -24.17 -22.62 -36.45
C GLU J 567 -23.95 -22.83 -34.96
N ALA J 568 -23.96 -24.08 -34.51
CA ALA J 568 -23.73 -24.36 -33.11
C ALA J 568 -22.27 -24.21 -32.74
N MET J 569 -21.39 -24.07 -33.73
CA MET J 569 -19.99 -23.79 -33.43
C MET J 569 -19.82 -22.32 -33.11
N VAL J 570 -20.44 -21.46 -33.91
CA VAL J 570 -20.38 -20.02 -33.67
C VAL J 570 -21.07 -19.68 -32.36
N GLU J 571 -22.25 -20.24 -32.14
CA GLU J 571 -23.04 -19.89 -30.97
C GLU J 571 -22.28 -20.17 -29.68
N TRP J 572 -21.70 -21.37 -29.56
CA TRP J 572 -21.12 -21.78 -28.31
C TRP J 572 -19.61 -21.59 -28.22
N GLY J 573 -18.94 -21.34 -29.34
CA GLY J 573 -17.50 -21.18 -29.29
C GLY J 573 -17.04 -19.96 -28.54
N GLN J 574 -17.96 -19.07 -28.21
CA GLN J 574 -17.67 -17.88 -27.44
C GLN J 574 -17.93 -18.07 -25.95
N LYS J 575 -18.96 -18.84 -25.60
CA LYS J 575 -19.30 -19.06 -24.22
C LYS J 575 -18.49 -20.20 -23.62
N GLU J 576 -18.49 -21.36 -24.26
CA GLU J 576 -17.80 -22.51 -23.72
C GLU J 576 -16.40 -22.64 -24.31
N LYS J 577 -15.47 -23.15 -23.52
CA LYS J 577 -14.08 -23.28 -23.95
C LYS J 577 -13.49 -24.66 -23.73
N ASP J 578 -14.05 -25.48 -22.84
CA ASP J 578 -13.60 -26.85 -22.71
C ASP J 578 -14.19 -27.67 -23.83
N VAL J 579 -13.32 -28.32 -24.63
CA VAL J 579 -13.79 -29.00 -25.83
C VAL J 579 -14.89 -29.99 -25.50
N VAL J 580 -14.73 -30.75 -24.42
CA VAL J 580 -15.70 -31.79 -24.11
C VAL J 580 -17.07 -31.18 -23.81
N GLN J 581 -17.08 -29.99 -23.22
CA GLN J 581 -18.36 -29.31 -23.05
C GLN J 581 -18.88 -28.80 -24.37
N LEU J 582 -18.03 -28.16 -25.15
CA LEU J 582 -18.45 -27.62 -26.43
C LEU J 582 -19.03 -28.70 -27.32
N THR J 583 -18.46 -29.89 -27.31
CA THR J 583 -19.02 -30.91 -28.18
C THR J 583 -20.33 -31.45 -27.64
N GLU J 584 -20.55 -31.40 -26.34
CA GLU J 584 -21.85 -31.80 -25.83
C GLU J 584 -22.90 -30.75 -26.14
N TYR J 585 -22.50 -29.50 -26.32
CA TYR J 585 -23.44 -28.52 -26.81
C TYR J 585 -23.68 -28.66 -28.30
N ILE J 586 -22.69 -29.15 -29.04
CA ILE J 586 -22.84 -29.26 -30.48
C ILE J 586 -23.67 -30.47 -30.85
N ARG J 587 -23.50 -31.58 -30.14
CA ARG J 587 -24.41 -32.71 -30.35
C ARG J 587 -25.85 -32.29 -30.11
N SER J 588 -26.09 -31.43 -29.12
CA SER J 588 -27.41 -30.92 -28.85
C SER J 588 -27.97 -30.07 -29.96
N SER J 589 -27.19 -29.76 -30.98
CA SER J 589 -27.72 -29.08 -32.14
C SER J 589 -28.20 -30.02 -33.22
N LEU J 590 -27.80 -31.28 -33.17
CA LEU J 590 -28.29 -32.31 -34.07
C LEU J 590 -29.43 -33.11 -33.44
N LYS J 591 -30.24 -32.45 -32.61
CA LYS J 591 -31.29 -33.13 -31.85
C LYS J 591 -32.09 -34.07 -32.74
N ARG J 592 -32.81 -33.52 -33.70
CA ARG J 592 -33.73 -34.35 -34.46
C ARG J 592 -33.00 -35.25 -35.43
N TYR J 593 -31.68 -35.29 -35.40
CA TYR J 593 -30.98 -36.33 -36.14
C TYR J 593 -30.81 -37.57 -35.28
N ILE J 594 -30.31 -37.39 -34.06
CA ILE J 594 -30.04 -38.53 -33.19
C ILE J 594 -31.32 -39.31 -32.92
N CYS J 595 -32.41 -38.60 -32.62
CA CYS J 595 -33.72 -39.24 -32.50
C CYS J 595 -34.01 -40.18 -33.65
N TYR J 596 -33.42 -39.94 -34.82
CA TYR J 596 -33.60 -40.82 -35.95
C TYR J 596 -32.50 -41.83 -36.11
N LYS J 597 -31.36 -41.64 -35.46
CA LYS J 597 -30.33 -42.66 -35.57
C LYS J 597 -30.51 -43.78 -34.57
N TYR J 598 -31.01 -43.48 -33.37
CA TYR J 598 -31.08 -44.51 -32.35
C TYR J 598 -32.48 -45.04 -32.13
N ALA J 599 -33.49 -44.21 -32.27
CA ALA J 599 -34.87 -44.62 -32.08
C ALA J 599 -35.60 -44.51 -33.40
N ASN J 600 -35.50 -45.55 -34.22
CA ASN J 600 -36.16 -45.52 -35.52
C ASN J 600 -37.67 -45.68 -35.44
N GLY J 601 -38.18 -46.31 -34.38
CA GLY J 601 -39.61 -46.50 -34.24
C GLY J 601 -40.34 -45.21 -33.96
N ASN J 602 -41.61 -45.36 -33.57
CA ASN J 602 -42.48 -44.22 -33.35
C ASN J 602 -42.14 -43.49 -32.08
N ASN J 603 -41.01 -42.80 -32.06
CA ASN J 603 -40.63 -41.93 -30.95
C ASN J 603 -40.52 -42.70 -29.63
N ILE J 604 -40.17 -43.98 -29.72
CA ILE J 604 -39.96 -44.81 -28.54
C ILE J 604 -38.52 -45.31 -28.56
N LEU J 605 -37.84 -45.19 -27.42
CA LEU J 605 -36.41 -45.45 -27.34
C LEU J 605 -36.14 -46.31 -26.11
N PRO J 606 -35.56 -47.48 -26.26
CA PRO J 606 -35.30 -48.36 -25.12
C PRO J 606 -34.02 -47.93 -24.40
N ALA J 607 -34.18 -47.33 -23.23
CA ALA J 607 -33.07 -46.68 -22.55
C ALA J 607 -32.62 -47.50 -21.34
N TYR J 608 -31.54 -47.02 -20.74
CA TYR J 608 -30.93 -47.65 -19.58
C TYR J 608 -30.56 -46.60 -18.55
N LEU J 609 -31.51 -45.74 -18.19
CA LEU J 609 -31.24 -44.56 -17.37
C LEU J 609 -30.32 -44.86 -16.20
N PHE J 610 -29.48 -43.88 -15.88
CA PHE J 610 -28.61 -43.92 -14.71
C PHE J 610 -29.33 -43.30 -13.53
N ASP J 611 -29.49 -44.05 -12.44
CA ASP J 611 -30.14 -43.46 -11.27
C ASP J 611 -29.23 -42.43 -10.63
N GLN J 612 -29.84 -41.34 -10.19
CA GLN J 612 -29.12 -40.10 -9.90
C GLN J 612 -27.92 -40.32 -8.99
N GLU J 613 -27.96 -41.33 -8.13
CA GLU J 613 -26.87 -41.54 -7.18
C GLU J 613 -25.55 -41.77 -7.91
N VAL J 614 -25.60 -42.41 -9.08
CA VAL J 614 -24.37 -42.70 -9.81
C VAL J 614 -23.91 -41.49 -10.61
N GLU J 615 -24.83 -40.83 -11.32
CA GLU J 615 -24.46 -39.64 -12.08
C GLU J 615 -23.83 -38.57 -11.23
N GLU J 616 -23.85 -38.72 -9.91
CA GLU J 616 -23.16 -37.80 -9.03
C GLU J 616 -21.82 -38.31 -8.55
N LYS J 617 -21.67 -39.62 -8.42
CA LYS J 617 -20.34 -40.15 -8.15
C LYS J 617 -19.38 -39.83 -9.28
N ILE J 618 -19.87 -39.86 -10.53
CA ILE J 618 -18.98 -39.60 -11.66
C ILE J 618 -18.75 -38.13 -11.84
N ARG J 619 -19.73 -37.28 -11.53
CA ARG J 619 -19.51 -35.85 -11.70
C ARG J 619 -18.55 -35.29 -10.65
N SER J 620 -18.11 -36.10 -9.70
CA SER J 620 -17.18 -35.66 -8.68
C SER J 620 -15.76 -36.12 -8.93
N GLY J 621 -15.47 -36.62 -10.13
CA GLY J 621 -14.14 -37.12 -10.43
C GLY J 621 -13.58 -36.61 -11.74
N VAL J 622 -13.83 -35.35 -12.07
CA VAL J 622 -13.55 -34.84 -13.41
C VAL J 622 -12.13 -34.32 -13.55
N ARG J 623 -11.58 -33.65 -12.53
CA ARG J 623 -10.17 -33.26 -12.50
C ARG J 623 -9.77 -32.43 -13.71
N GLN J 624 -10.33 -31.23 -13.80
CA GLN J 624 -10.10 -30.34 -14.93
C GLN J 624 -8.75 -29.65 -14.75
N THR J 625 -7.67 -30.32 -15.19
CA THR J 625 -6.32 -29.87 -14.89
C THR J 625 -5.54 -29.43 -16.11
N SER J 626 -5.32 -30.30 -17.09
CA SER J 626 -4.35 -30.05 -18.15
C SER J 626 -4.98 -30.27 -19.51
N ALA J 627 -6.16 -29.70 -19.70
CA ALA J 627 -6.94 -29.88 -20.93
C ALA J 627 -7.19 -31.37 -21.22
N GLY J 628 -7.22 -32.19 -20.17
CA GLY J 628 -7.57 -33.58 -20.31
C GLY J 628 -8.84 -33.93 -19.55
N SER J 629 -9.08 -33.24 -18.44
CA SER J 629 -10.25 -33.45 -17.61
C SER J 629 -10.53 -34.93 -17.37
N TYR J 630 -9.47 -35.72 -17.20
CA TYR J 630 -9.63 -37.15 -17.10
C TYR J 630 -10.56 -37.52 -15.96
N LEU J 631 -11.40 -38.51 -16.18
CA LEU J 631 -12.17 -39.10 -15.09
C LEU J 631 -11.24 -39.97 -14.28
N ALA J 632 -10.93 -39.54 -13.06
CA ALA J 632 -10.04 -40.29 -12.18
C ALA J 632 -10.75 -40.50 -10.86
N LEU J 633 -11.42 -41.64 -10.73
CA LEU J 633 -12.09 -41.98 -9.47
C LEU J 633 -11.20 -42.88 -8.61
N ASP J 634 -11.01 -44.11 -9.06
CA ASP J 634 -10.17 -45.11 -8.42
C ASP J 634 -10.21 -46.34 -9.31
N PRO J 635 -9.10 -47.06 -9.49
CA PRO J 635 -9.19 -48.39 -10.10
C PRO J 635 -10.08 -49.34 -9.33
N ALA J 636 -10.51 -48.97 -8.12
CA ALA J 636 -11.44 -49.80 -7.36
C ALA J 636 -12.87 -49.27 -7.36
N VAL J 637 -13.07 -48.02 -7.76
CA VAL J 637 -14.43 -47.51 -7.95
C VAL J 637 -14.90 -47.76 -9.37
N THR J 638 -14.02 -47.57 -10.35
CA THR J 638 -14.38 -47.88 -11.73
C THR J 638 -14.92 -49.29 -11.86
N GLU J 639 -14.33 -50.24 -11.15
CA GLU J 639 -14.87 -51.59 -11.18
C GLU J 639 -16.15 -51.72 -10.38
N SER J 640 -16.39 -50.79 -9.45
CA SER J 640 -17.65 -50.81 -8.71
C SER J 640 -18.81 -50.38 -9.62
N LEU J 641 -18.64 -49.25 -10.30
CA LEU J 641 -19.67 -48.81 -11.24
C LEU J 641 -19.80 -49.77 -12.40
N LEU J 642 -18.69 -50.11 -13.04
CA LEU J 642 -18.73 -50.99 -14.19
C LEU J 642 -19.30 -52.35 -13.83
N GLU J 643 -19.37 -52.67 -12.54
CA GLU J 643 -20.05 -53.90 -12.16
C GLU J 643 -21.54 -53.67 -12.05
N GLN J 644 -21.96 -52.56 -11.44
CA GLN J 644 -23.39 -52.26 -11.36
C GLN J 644 -24.00 -52.16 -12.74
N VAL J 645 -23.25 -51.62 -13.71
CA VAL J 645 -23.72 -51.65 -15.08
C VAL J 645 -23.87 -53.09 -15.55
N ARG J 646 -22.78 -53.84 -15.56
CA ARG J 646 -22.78 -55.21 -16.02
C ARG J 646 -23.80 -56.06 -15.29
N LYS J 647 -24.25 -55.63 -14.12
CA LYS J 647 -25.23 -56.40 -13.36
C LYS J 647 -26.64 -56.21 -13.87
N THR J 648 -26.93 -55.09 -14.51
CA THR J 648 -28.27 -54.83 -15.04
C THR J 648 -28.32 -54.98 -16.55
N ILE J 649 -27.43 -54.32 -17.28
CA ILE J 649 -27.38 -54.45 -18.73
C ILE J 649 -27.15 -55.89 -19.13
N GLY J 650 -26.44 -56.65 -18.30
CA GLY J 650 -26.13 -58.01 -18.65
C GLY J 650 -25.07 -58.06 -19.73
N ASP J 651 -25.37 -58.71 -20.86
CA ASP J 651 -24.44 -58.78 -21.96
C ASP J 651 -24.94 -58.13 -23.23
N LEU J 652 -26.24 -57.86 -23.34
CA LEU J 652 -26.87 -57.22 -24.49
C LEU J 652 -26.56 -57.92 -25.81
N SER J 653 -25.94 -59.08 -25.75
CA SER J 653 -25.72 -59.83 -26.98
C SER J 653 -27.02 -60.46 -27.45
N GLN J 654 -27.78 -61.01 -26.50
CA GLN J 654 -29.13 -61.48 -26.82
C GLN J 654 -30.13 -60.33 -26.82
N ILE J 655 -29.87 -59.28 -26.04
CA ILE J 655 -30.80 -58.17 -25.97
C ILE J 655 -30.89 -57.52 -27.34
N GLN J 656 -32.06 -57.61 -27.96
CA GLN J 656 -32.27 -57.10 -29.30
C GLN J 656 -32.72 -55.64 -29.25
N SER J 657 -32.85 -55.06 -30.43
CA SER J 657 -33.40 -53.72 -30.69
C SER J 657 -32.41 -52.61 -30.39
N LYS J 658 -31.14 -52.90 -30.15
CA LYS J 658 -30.11 -51.88 -30.01
C LYS J 658 -30.48 -50.85 -28.95
N PRO J 659 -30.42 -51.16 -27.67
CA PRO J 659 -30.74 -50.18 -26.64
C PRO J 659 -29.63 -49.15 -26.53
N VAL J 660 -29.92 -48.08 -25.81
CA VAL J 660 -28.96 -47.00 -25.61
C VAL J 660 -28.98 -46.57 -24.16
N LEU J 661 -27.80 -46.30 -23.62
CA LEU J 661 -27.68 -45.74 -22.29
C LEU J 661 -27.98 -44.26 -22.35
N ILE J 662 -28.56 -43.71 -21.30
CA ILE J 662 -28.99 -42.32 -21.29
C ILE J 662 -28.55 -41.71 -19.98
N VAL J 663 -27.61 -40.78 -20.05
CA VAL J 663 -27.04 -40.16 -18.87
C VAL J 663 -27.05 -38.66 -19.08
N SER J 664 -26.92 -37.91 -17.99
CA SER J 664 -26.92 -36.47 -18.05
C SER J 664 -25.86 -35.98 -19.03
N MET J 665 -25.99 -34.72 -19.44
CA MET J 665 -25.17 -34.22 -20.54
C MET J 665 -23.72 -34.05 -20.13
N ASP J 666 -23.48 -33.39 -18.99
CA ASP J 666 -22.14 -32.95 -18.65
C ASP J 666 -21.18 -34.09 -18.37
N ILE J 667 -21.64 -35.33 -18.31
CA ILE J 667 -20.73 -36.45 -18.12
C ILE J 667 -20.97 -37.49 -19.19
N ARG J 668 -21.73 -37.13 -20.22
CA ARG J 668 -22.01 -38.09 -21.29
C ARG J 668 -20.74 -38.65 -21.88
N ARG J 669 -19.65 -37.89 -21.80
CA ARG J 669 -18.41 -38.37 -22.37
C ARG J 669 -17.72 -39.35 -21.46
N TYR J 670 -17.52 -38.98 -20.20
CA TYR J 670 -16.71 -39.81 -19.31
C TYR J 670 -17.33 -41.17 -19.09
N VAL J 671 -18.66 -41.24 -19.09
CA VAL J 671 -19.33 -42.53 -19.06
C VAL J 671 -19.00 -43.32 -20.32
N ARG J 672 -18.93 -42.64 -21.46
CA ARG J 672 -18.70 -43.34 -22.71
C ARG J 672 -17.34 -44.00 -22.73
N LYS J 673 -16.29 -43.23 -22.45
CA LYS J 673 -14.96 -43.82 -22.46
C LYS J 673 -14.73 -44.73 -21.27
N LEU J 674 -15.66 -44.81 -20.34
CA LEU J 674 -15.54 -45.74 -19.23
C LEU J 674 -15.96 -47.14 -19.67
N ILE J 675 -17.22 -47.30 -20.07
CA ILE J 675 -17.70 -48.60 -20.54
C ILE J 675 -17.24 -48.93 -21.95
N GLU J 676 -16.45 -48.06 -22.57
CA GLU J 676 -16.01 -48.30 -23.95
C GLU J 676 -15.28 -49.63 -24.09
N SER J 677 -14.70 -50.15 -23.02
CA SER J 677 -14.03 -51.43 -23.09
C SER J 677 -15.03 -52.56 -23.22
N GLU J 678 -15.97 -52.63 -22.27
CA GLU J 678 -16.85 -53.79 -22.21
C GLU J 678 -17.99 -53.69 -23.22
N TYR J 679 -18.77 -52.62 -23.15
CA TYR J 679 -19.95 -52.46 -23.98
C TYR J 679 -19.64 -51.48 -25.09
N TYR J 680 -19.20 -52.00 -26.23
CA TYR J 680 -18.81 -51.13 -27.33
C TYR J 680 -19.97 -50.69 -28.18
N GLY J 681 -20.95 -51.55 -28.38
CA GLY J 681 -22.08 -51.21 -29.23
C GLY J 681 -23.23 -50.64 -28.46
N LEU J 682 -22.95 -50.07 -27.28
CA LEU J 682 -23.96 -49.45 -26.44
C LEU J 682 -23.77 -47.94 -26.48
N PRO J 683 -24.42 -47.24 -27.40
CA PRO J 683 -24.23 -45.80 -27.48
C PRO J 683 -24.76 -45.12 -26.24
N VAL J 684 -24.21 -43.94 -25.96
CA VAL J 684 -24.62 -43.15 -24.82
C VAL J 684 -25.19 -41.84 -25.34
N LEU J 685 -26.32 -41.43 -24.78
CA LEU J 685 -26.98 -40.18 -25.16
C LEU J 685 -27.00 -39.24 -23.98
N SER J 686 -27.68 -38.13 -24.16
CA SER J 686 -27.91 -37.17 -23.10
C SER J 686 -29.41 -36.99 -22.92
N TYR J 687 -29.78 -36.25 -21.89
CA TYR J 687 -31.17 -35.83 -21.81
C TYR J 687 -31.44 -34.71 -22.80
N GLN J 688 -30.41 -33.95 -23.13
CA GLN J 688 -30.60 -32.78 -23.97
C GLN J 688 -30.67 -33.19 -25.44
N GLU J 689 -29.77 -34.06 -25.87
CA GLU J 689 -29.81 -34.55 -27.24
C GLU J 689 -31.16 -35.17 -27.57
N LEU J 690 -31.86 -35.68 -26.56
CA LEU J 690 -33.17 -36.25 -26.79
C LEU J 690 -34.15 -35.13 -27.10
N THR J 691 -34.46 -34.96 -28.38
CA THR J 691 -35.54 -34.06 -28.75
C THR J 691 -36.78 -34.47 -27.99
N GLN J 692 -37.55 -33.47 -27.57
CA GLN J 692 -38.81 -33.79 -26.93
C GLN J 692 -39.67 -34.60 -27.89
N GLN J 693 -40.78 -35.12 -27.37
CA GLN J 693 -41.65 -36.01 -28.12
C GLN J 693 -40.94 -37.33 -28.44
N ILE J 694 -40.18 -37.82 -27.48
CA ILE J 694 -39.56 -39.14 -27.53
C ILE J 694 -39.97 -39.89 -26.29
N ASN J 695 -40.55 -41.07 -26.47
CA ASN J 695 -41.00 -41.88 -25.35
C ASN J 695 -39.87 -42.79 -24.92
N ILE J 696 -39.05 -42.30 -24.00
CA ILE J 696 -38.03 -43.15 -23.40
C ILE J 696 -38.71 -44.28 -22.65
N GLN J 697 -38.40 -45.51 -23.03
CA GLN J 697 -38.97 -46.68 -22.39
C GLN J 697 -37.91 -47.36 -21.57
N PRO J 698 -37.68 -46.93 -20.33
CA PRO J 698 -36.52 -47.41 -19.57
C PRO J 698 -36.54 -48.91 -19.38
N LEU J 699 -35.51 -49.57 -19.91
CA LEU J 699 -35.39 -51.01 -19.70
C LEU J 699 -35.07 -51.31 -18.24
N GLY J 700 -34.09 -50.62 -17.67
CA GLY J 700 -33.78 -50.80 -16.27
C GLY J 700 -32.78 -49.78 -15.74
N ARG J 701 -33.11 -49.12 -14.65
CA ARG J 701 -32.26 -48.06 -14.13
C ARG J 701 -31.04 -48.66 -13.45
N VAL J 702 -29.88 -48.06 -13.69
CA VAL J 702 -28.62 -48.54 -13.11
C VAL J 702 -28.49 -47.92 -11.73
N CYS J 703 -28.80 -48.71 -10.70
CA CYS J 703 -28.75 -48.24 -9.33
C CYS J 703 -27.29 -48.20 -8.89
N LEU J 704 -27.06 -48.03 -7.60
CA LEU J 704 -25.70 -48.13 -7.08
C LEU J 704 -25.62 -49.34 -6.15
N LEU K 361 50.28 -18.00 -51.82
CA LEU K 361 49.73 -18.68 -50.65
C LEU K 361 48.86 -17.73 -49.86
N GLY K 362 48.75 -16.50 -50.34
CA GLY K 362 47.89 -15.51 -49.70
C GLY K 362 46.42 -15.79 -49.79
N GLU K 363 46.01 -16.86 -50.48
CA GLU K 363 44.61 -17.26 -50.50
C GLU K 363 44.15 -17.55 -49.07
N GLN K 364 43.00 -16.99 -48.69
CA GLN K 364 42.69 -16.87 -47.28
C GLN K 364 42.62 -18.21 -46.56
N GLU K 365 41.55 -19.00 -46.76
CA GLU K 365 41.66 -20.40 -46.35
C GLU K 365 40.88 -21.40 -47.20
N ALA K 366 39.89 -20.93 -47.95
CA ALA K 366 39.07 -21.79 -48.81
C ALA K 366 38.39 -22.91 -48.01
N PHE K 367 37.46 -22.49 -47.16
CA PHE K 367 36.65 -23.40 -46.35
C PHE K 367 36.15 -24.59 -47.16
N ALA K 368 36.27 -25.77 -46.58
CA ALA K 368 35.85 -27.00 -47.22
C ALA K 368 34.92 -27.77 -46.29
N MET K 369 33.72 -28.06 -46.78
CA MET K 369 32.69 -28.66 -45.93
C MET K 369 33.07 -30.07 -45.52
N THR K 370 32.76 -30.43 -44.29
CA THR K 370 32.94 -31.80 -43.84
C THR K 370 31.90 -32.70 -44.48
N VAL K 371 32.26 -33.98 -44.64
CA VAL K 371 31.35 -34.93 -45.29
C VAL K 371 30.44 -35.54 -44.22
N PRO K 372 29.15 -35.60 -44.47
CA PRO K 372 28.23 -36.12 -43.46
C PRO K 372 28.50 -37.57 -43.11
N LEU K 373 28.53 -38.44 -44.12
CA LEU K 373 28.85 -39.84 -43.91
C LEU K 373 29.93 -40.21 -44.91
N LEU K 374 30.81 -41.11 -44.51
CA LEU K 374 31.93 -41.47 -45.36
C LEU K 374 32.31 -42.91 -45.11
N ILE K 375 32.52 -43.65 -46.19
CA ILE K 375 33.03 -45.01 -46.11
C ILE K 375 34.41 -45.01 -46.72
N ASP K 376 35.39 -45.40 -45.95
CA ASP K 376 36.76 -45.53 -46.43
C ASP K 376 37.16 -46.99 -46.31
N VAL K 377 37.19 -47.69 -47.44
CA VAL K 377 37.69 -49.05 -47.48
C VAL K 377 39.04 -48.99 -48.17
N ASP K 378 39.76 -50.10 -48.15
CA ASP K 378 41.11 -50.09 -48.70
C ASP K 378 41.05 -50.03 -50.23
N SER K 379 42.23 -49.88 -50.82
CA SER K 379 42.37 -50.08 -52.26
C SER K 379 42.41 -51.58 -52.52
N SER K 380 42.84 -51.95 -53.73
CA SER K 380 42.96 -53.34 -54.15
C SER K 380 41.59 -53.98 -54.35
N GLN K 381 40.54 -53.27 -53.96
CA GLN K 381 39.17 -53.68 -54.28
C GLN K 381 38.44 -52.64 -55.10
N GLN K 382 39.03 -51.47 -55.31
CA GLN K 382 38.34 -50.39 -56.00
C GLN K 382 37.79 -50.82 -57.35
N GLU K 383 38.30 -51.92 -57.89
CA GLU K 383 37.75 -52.57 -59.05
C GLU K 383 37.45 -54.03 -58.82
N ALA K 384 37.99 -54.60 -57.75
CA ALA K 384 37.78 -56.00 -57.41
C ALA K 384 36.51 -56.19 -56.57
N LEU K 385 36.21 -55.30 -55.64
CA LEU K 385 34.98 -55.52 -54.90
C LEU K 385 33.80 -55.12 -55.78
N GLU K 386 33.49 -53.82 -55.87
CA GLU K 386 33.12 -53.07 -57.07
C GLU K 386 32.29 -53.85 -58.10
N ALA K 387 31.85 -55.05 -57.76
CA ALA K 387 31.25 -55.92 -58.75
C ALA K 387 30.09 -56.73 -58.21
N ILE K 388 29.68 -56.52 -56.97
CA ILE K 388 28.37 -57.05 -56.59
C ILE K 388 27.39 -55.95 -56.94
N ALA K 389 27.35 -54.89 -56.15
CA ALA K 389 27.09 -53.56 -56.68
C ALA K 389 28.05 -52.55 -56.09
N LEU K 390 28.02 -52.43 -54.77
CA LEU K 390 28.76 -51.45 -53.98
C LEU K 390 28.51 -50.03 -54.45
N ASN K 391 27.53 -49.86 -55.32
CA ASN K 391 26.89 -48.57 -55.53
C ASN K 391 25.39 -48.74 -55.65
N ASP K 392 24.90 -49.96 -55.75
CA ASP K 392 23.48 -50.28 -55.63
C ASP K 392 23.23 -51.27 -54.51
N GLU K 393 24.24 -51.58 -53.71
CA GLU K 393 24.03 -52.34 -52.47
C GLU K 393 24.06 -51.42 -51.26
N LEU K 394 24.62 -50.23 -51.42
CA LEU K 394 24.48 -49.22 -50.38
C LEU K 394 23.19 -48.44 -50.55
N VAL K 395 22.93 -47.92 -51.74
CA VAL K 395 21.72 -47.15 -51.97
C VAL K 395 20.49 -48.02 -51.73
N ARG K 396 20.63 -49.34 -51.85
CA ARG K 396 19.51 -50.22 -51.54
C ARG K 396 19.29 -50.31 -50.03
N VAL K 397 20.36 -50.43 -49.26
CA VAL K 397 20.20 -50.53 -47.82
C VAL K 397 19.99 -49.17 -47.21
N ARG K 398 20.32 -48.09 -47.91
CA ARG K 398 19.99 -46.78 -47.40
C ARG K 398 18.51 -46.50 -47.56
N ARG K 399 17.96 -46.76 -48.74
CA ARG K 399 16.52 -46.61 -48.93
C ARG K 399 15.75 -47.59 -48.04
N ALA K 400 16.15 -48.86 -48.06
CA ALA K 400 15.43 -49.85 -47.27
C ALA K 400 15.49 -49.52 -45.80
N LEU K 401 16.49 -48.75 -45.39
CA LEU K 401 16.54 -48.31 -44.01
C LEU K 401 15.80 -47.00 -43.82
N TYR K 402 15.67 -46.22 -44.88
CA TYR K 402 14.88 -44.99 -44.77
C TYR K 402 13.41 -45.32 -44.57
N LEU K 403 12.88 -46.22 -45.41
CA LEU K 403 11.49 -46.64 -45.25
C LEU K 403 11.24 -47.34 -43.93
N ASP K 404 12.27 -47.56 -43.12
CA ASP K 404 12.05 -48.18 -41.82
C ASP K 404 11.98 -47.12 -40.74
N LEU K 405 12.95 -46.21 -40.72
CA LEU K 405 13.02 -45.14 -39.72
C LEU K 405 12.38 -43.85 -40.19
N GLY K 406 12.65 -43.44 -41.41
CA GLY K 406 12.10 -42.22 -41.94
C GLY K 406 13.06 -41.06 -41.98
N VAL K 407 14.23 -41.19 -41.38
CA VAL K 407 15.21 -40.11 -41.36
C VAL K 407 15.67 -39.84 -42.78
N PRO K 408 15.78 -38.61 -43.21
CA PRO K 408 16.31 -38.35 -44.55
C PRO K 408 17.84 -38.43 -44.55
N PHE K 409 18.34 -39.66 -44.69
CA PHE K 409 19.75 -39.91 -44.53
C PHE K 409 20.57 -39.15 -45.57
N PRO K 410 21.83 -38.91 -45.30
CA PRO K 410 22.64 -38.11 -46.24
C PRO K 410 23.26 -38.98 -47.31
N GLY K 411 24.08 -38.39 -48.16
CA GLY K 411 24.70 -39.13 -49.24
C GLY K 411 25.97 -39.80 -48.77
N ILE K 412 26.05 -41.11 -49.00
CA ILE K 412 27.20 -41.89 -48.56
C ILE K 412 28.30 -41.74 -49.60
N HIS K 413 29.32 -40.96 -49.29
CA HIS K 413 30.50 -40.94 -50.13
C HIS K 413 31.27 -42.22 -49.96
N LEU K 414 31.79 -42.76 -51.06
CA LEU K 414 32.55 -43.99 -51.06
C LEU K 414 33.93 -43.69 -51.63
N ARG K 415 34.96 -43.88 -50.81
CA ARG K 415 36.33 -43.61 -51.20
C ARG K 415 37.18 -44.83 -50.95
N PHE K 416 37.84 -45.31 -52.00
CA PHE K 416 38.81 -46.39 -51.88
C PHE K 416 40.17 -45.75 -51.60
N ASN K 417 40.62 -45.87 -50.35
CA ASN K 417 41.89 -45.33 -49.93
C ASN K 417 42.95 -46.41 -50.01
N GLU K 418 44.16 -46.01 -50.39
CA GLU K 418 45.29 -46.94 -50.38
C GLU K 418 46.11 -46.84 -49.11
N GLY K 419 45.93 -45.77 -48.32
CA GLY K 419 46.76 -45.57 -47.15
C GLY K 419 46.62 -46.66 -46.11
N MET K 420 45.49 -47.36 -46.10
CA MET K 420 45.26 -48.40 -45.12
C MET K 420 45.78 -49.73 -45.66
N GLY K 421 45.41 -50.83 -45.00
CA GLY K 421 45.87 -52.14 -45.40
C GLY K 421 45.15 -52.67 -46.61
N GLU K 422 44.79 -53.96 -46.60
CA GLU K 422 44.08 -54.55 -47.72
C GLU K 422 42.73 -55.12 -47.34
N GLY K 423 42.46 -55.33 -46.05
CA GLY K 423 41.15 -55.76 -45.62
C GLY K 423 40.51 -54.80 -44.65
N GLU K 424 41.11 -53.62 -44.49
CA GLU K 424 40.62 -52.62 -43.56
C GLU K 424 39.48 -51.82 -44.19
N TYR K 425 38.62 -51.29 -43.33
CA TYR K 425 37.57 -50.39 -43.76
C TYR K 425 37.04 -49.67 -42.54
N LEU K 426 36.86 -48.35 -42.67
CA LEU K 426 36.32 -47.54 -41.59
C LEU K 426 35.14 -46.75 -42.12
N ILE K 427 34.11 -46.65 -41.31
CA ILE K 427 32.89 -45.92 -41.64
C ILE K 427 32.89 -44.70 -40.75
N SER K 428 33.12 -43.53 -41.32
CA SER K 428 33.36 -42.33 -40.53
C SER K 428 32.17 -41.39 -40.65
N LEU K 429 31.50 -41.14 -39.54
CA LEU K 429 30.51 -40.07 -39.47
C LEU K 429 31.24 -38.77 -39.22
N GLN K 430 31.27 -37.89 -40.21
CA GLN K 430 31.83 -36.55 -40.03
C GLN K 430 33.26 -36.63 -39.53
N GLU K 431 34.06 -37.44 -40.21
CA GLU K 431 35.50 -37.50 -40.01
C GLU K 431 35.89 -38.02 -38.62
N VAL K 432 35.13 -38.97 -38.08
CA VAL K 432 35.59 -39.70 -36.90
C VAL K 432 35.16 -41.16 -37.03
N PRO K 433 36.08 -42.05 -37.37
CA PRO K 433 35.72 -43.44 -37.64
C PRO K 433 34.90 -44.06 -36.52
N VAL K 434 33.67 -44.42 -36.85
CA VAL K 434 32.73 -44.91 -35.84
C VAL K 434 32.62 -46.42 -35.83
N ALA K 435 32.95 -47.10 -36.92
CA ALA K 435 32.98 -48.56 -36.91
C ALA K 435 34.01 -49.00 -37.92
N ARG K 436 35.22 -49.24 -37.46
CA ARG K 436 36.30 -49.69 -38.32
C ARG K 436 36.34 -51.21 -38.31
N GLY K 437 37.05 -51.76 -39.28
CA GLY K 437 37.19 -53.20 -39.35
C GLY K 437 38.24 -53.61 -40.35
N GLU K 438 38.94 -54.68 -40.04
CA GLU K 438 39.86 -55.32 -40.98
C GLU K 438 39.16 -56.60 -41.41
N LEU K 439 38.44 -56.54 -42.52
CA LEU K 439 37.68 -57.69 -42.97
C LEU K 439 38.67 -58.78 -43.39
N LYS K 440 38.85 -59.79 -42.54
CA LYS K 440 39.72 -60.91 -42.88
C LYS K 440 39.08 -61.81 -43.92
N ALA K 441 37.96 -61.38 -44.47
CA ALA K 441 37.48 -61.86 -45.75
C ALA K 441 38.29 -61.19 -46.84
N GLY K 442 39.41 -60.57 -46.45
CA GLY K 442 40.31 -59.87 -47.35
C GLY K 442 40.44 -60.53 -48.69
N TYR K 443 40.85 -61.81 -48.72
CA TYR K 443 40.90 -62.50 -50.01
C TYR K 443 39.53 -63.04 -50.38
N LEU K 444 39.05 -64.06 -49.67
CA LEU K 444 37.67 -64.52 -49.69
C LEU K 444 37.48 -65.43 -48.48
N LEU K 445 36.81 -64.94 -47.45
CA LEU K 445 36.64 -65.75 -46.25
C LEU K 445 35.25 -65.52 -45.67
N VAL K 446 34.23 -65.61 -46.52
CA VAL K 446 32.86 -65.24 -46.18
C VAL K 446 32.50 -65.71 -44.78
N ARG K 447 32.11 -64.78 -43.93
CA ARG K 447 32.06 -65.04 -42.49
C ARG K 447 30.81 -65.84 -42.14
N GLU K 448 30.64 -66.11 -40.86
CA GLU K 448 29.46 -66.79 -40.34
C GLU K 448 29.07 -66.14 -39.02
N SER K 449 27.80 -65.74 -38.93
CA SER K 449 27.29 -64.96 -37.81
C SER K 449 26.84 -65.81 -36.64
N VAL K 450 26.24 -66.96 -36.89
CA VAL K 450 25.70 -67.79 -35.83
C VAL K 450 26.66 -68.97 -35.64
N SER K 451 27.93 -68.72 -35.89
CA SER K 451 28.98 -69.72 -35.68
C SER K 451 28.87 -70.34 -34.30
N GLN K 452 29.07 -71.66 -34.25
CA GLN K 452 28.81 -72.43 -33.05
C GLN K 452 29.62 -73.70 -33.16
N LEU K 453 29.41 -74.65 -32.25
CA LEU K 453 29.99 -75.97 -32.45
C LEU K 453 29.37 -76.67 -33.66
N GLU K 454 28.29 -76.12 -34.20
CA GLU K 454 27.74 -76.65 -35.44
C GLU K 454 28.73 -76.52 -36.59
N LEU K 455 29.54 -75.45 -36.58
CA LEU K 455 30.66 -75.37 -37.50
C LEU K 455 31.82 -76.26 -37.10
N LEU K 456 31.72 -76.96 -35.96
CA LEU K 456 32.58 -78.10 -35.70
C LEU K 456 31.90 -79.40 -36.08
N GLY K 457 30.58 -79.50 -35.90
CA GLY K 457 29.84 -80.58 -36.51
C GLY K 457 29.88 -80.50 -38.03
N ILE K 458 29.83 -79.29 -38.57
CA ILE K 458 30.08 -79.03 -39.98
C ILE K 458 31.53 -78.56 -40.01
N PRO K 459 32.49 -79.48 -40.14
CA PRO K 459 33.80 -79.28 -39.50
C PRO K 459 34.70 -78.25 -40.17
N TYR K 460 34.23 -77.49 -41.15
CA TYR K 460 35.13 -76.67 -41.96
C TYR K 460 35.84 -75.65 -41.11
N GLU K 461 37.14 -75.47 -41.40
CA GLU K 461 38.01 -74.71 -40.52
C GLU K 461 37.48 -73.30 -40.29
N LYS K 462 37.84 -72.74 -39.14
CA LYS K 462 37.30 -71.47 -38.69
C LYS K 462 38.39 -70.41 -38.63
N GLY K 463 37.95 -69.17 -38.43
CA GLY K 463 38.84 -68.07 -38.11
C GLY K 463 38.23 -67.24 -37.00
N GLU K 464 38.92 -67.11 -35.87
CA GLU K 464 38.30 -66.52 -34.70
C GLU K 464 38.29 -65.01 -34.76
N HIS K 465 37.19 -64.44 -34.25
CA HIS K 465 37.03 -63.00 -34.08
C HIS K 465 35.77 -62.77 -33.27
N LEU K 466 35.56 -61.52 -32.87
CA LEU K 466 34.36 -61.07 -32.18
C LEU K 466 33.78 -59.86 -32.91
N LEU K 467 33.66 -59.98 -34.24
CA LEU K 467 33.01 -58.98 -35.06
C LEU K 467 31.63 -58.77 -34.43
N PRO K 468 31.10 -57.56 -34.41
CA PRO K 468 30.34 -57.11 -33.24
C PRO K 468 29.19 -57.98 -32.76
N ASP K 469 28.14 -58.16 -33.57
CA ASP K 469 26.84 -58.47 -32.98
C ASP K 469 26.62 -59.92 -32.65
N GLN K 470 27.09 -60.85 -33.47
CA GLN K 470 26.99 -62.27 -33.17
C GLN K 470 28.37 -62.88 -33.36
N GLU K 471 28.54 -64.09 -32.84
CA GLU K 471 29.86 -64.70 -32.88
C GLU K 471 30.27 -64.96 -34.32
N THR K 472 31.29 -64.24 -34.77
CA THR K 472 31.75 -64.28 -36.15
C THR K 472 32.89 -65.26 -36.30
N PHE K 473 32.70 -66.26 -37.15
CA PHE K 473 33.79 -67.14 -37.54
C PHE K 473 33.77 -67.26 -39.05
N TRP K 474 34.93 -67.43 -39.63
CA TRP K 474 35.11 -67.29 -41.06
C TRP K 474 35.44 -68.63 -41.70
N VAL K 475 34.88 -68.86 -42.88
CA VAL K 475 35.16 -70.03 -43.69
C VAL K 475 35.41 -69.56 -45.11
N SER K 476 36.07 -70.40 -45.89
CA SER K 476 36.46 -70.00 -47.24
C SER K 476 35.31 -70.28 -48.22
N VAL K 477 35.59 -70.11 -49.51
CA VAL K 477 34.53 -70.14 -50.52
C VAL K 477 34.30 -71.53 -51.12
N GLU K 478 35.24 -72.46 -50.92
CA GLU K 478 34.93 -73.86 -51.17
C GLU K 478 34.12 -74.43 -50.00
N TYR K 479 34.40 -73.95 -48.80
CA TYR K 479 33.62 -74.35 -47.63
C TYR K 479 32.21 -73.78 -47.69
N GLU K 480 32.04 -72.68 -48.41
CA GLU K 480 30.74 -72.03 -48.50
C GLU K 480 29.70 -72.96 -49.11
N GLU K 481 30.06 -73.66 -50.19
CA GLU K 481 29.11 -74.51 -50.88
C GLU K 481 28.46 -75.52 -49.94
N ARG K 482 29.24 -76.07 -49.03
CA ARG K 482 28.72 -77.10 -48.14
C ARG K 482 28.02 -76.51 -46.93
N LEU K 483 28.51 -75.39 -46.40
CA LEU K 483 27.82 -74.76 -45.27
C LEU K 483 26.55 -74.04 -45.69
N GLU K 484 26.47 -73.58 -46.95
CA GLU K 484 25.20 -73.04 -47.41
C GLU K 484 24.17 -74.15 -47.58
N LYS K 485 24.64 -75.38 -47.82
CA LYS K 485 23.74 -76.52 -47.70
C LYS K 485 23.25 -76.67 -46.27
N SER K 486 24.15 -76.50 -45.30
CA SER K 486 23.83 -76.61 -43.89
C SER K 486 23.04 -75.43 -43.36
N GLN K 487 22.86 -74.37 -44.15
CA GLN K 487 21.98 -73.26 -43.83
C GLN K 487 22.34 -72.50 -42.57
N LEU K 488 23.48 -71.81 -42.58
CA LEU K 488 23.79 -70.78 -41.58
C LEU K 488 24.02 -69.45 -42.29
N GLU K 489 24.25 -68.40 -41.50
CA GLU K 489 24.24 -67.06 -42.05
C GLU K 489 25.55 -66.71 -42.74
N PHE K 490 25.45 -66.37 -44.03
CA PHE K 490 26.59 -66.01 -44.87
C PHE K 490 26.58 -64.52 -45.15
N PHE K 491 27.73 -63.90 -45.01
CA PHE K 491 27.90 -62.49 -45.29
C PHE K 491 28.97 -62.32 -46.36
N SER K 492 28.55 -61.97 -47.57
CA SER K 492 29.49 -61.68 -48.63
C SER K 492 30.23 -60.39 -48.31
N HIS K 493 31.04 -59.95 -49.28
CA HIS K 493 31.77 -58.70 -49.07
C HIS K 493 30.87 -57.49 -49.11
N SER K 494 29.74 -57.57 -49.79
CA SER K 494 28.73 -56.53 -49.61
C SER K 494 28.10 -56.61 -48.23
N GLN K 495 27.59 -57.78 -47.87
CA GLN K 495 26.76 -57.90 -46.68
C GLN K 495 27.57 -57.72 -45.40
N VAL K 496 28.87 -57.90 -45.46
CA VAL K 496 29.67 -57.60 -44.28
C VAL K 496 29.85 -56.11 -44.16
N LEU K 497 29.84 -55.41 -45.29
CA LEU K 497 30.01 -53.96 -45.27
C LEU K 497 28.72 -53.26 -44.88
N THR K 498 27.67 -53.45 -45.68
CA THR K 498 26.42 -52.75 -45.41
C THR K 498 25.85 -53.08 -44.05
N TRP K 499 26.10 -54.27 -43.54
CA TRP K 499 25.53 -54.60 -42.25
C TRP K 499 25.96 -53.61 -41.18
N HIS K 500 27.26 -53.33 -41.09
CA HIS K 500 27.69 -52.29 -40.17
C HIS K 500 27.07 -50.95 -40.52
N LEU K 501 26.97 -50.65 -41.81
CA LEU K 501 26.29 -49.42 -42.21
C LEU K 501 24.86 -49.41 -41.66
N SER K 502 24.06 -50.39 -42.07
CA SER K 502 22.68 -50.46 -41.59
C SER K 502 22.62 -50.60 -40.09
N HIS K 503 23.76 -50.80 -39.44
CA HIS K 503 23.80 -50.72 -37.99
C HIS K 503 24.32 -49.37 -37.53
N VAL K 504 25.11 -48.69 -38.34
CA VAL K 504 25.60 -47.37 -37.95
C VAL K 504 24.47 -46.36 -38.01
N LEU K 505 23.68 -46.39 -39.09
CA LEU K 505 22.56 -45.46 -39.20
C LEU K 505 21.55 -45.71 -38.10
N ARG K 506 21.16 -46.96 -37.89
CA ARG K 506 20.12 -47.22 -36.93
C ARG K 506 20.52 -46.81 -35.52
N GLU K 507 21.81 -46.64 -35.25
CA GLU K 507 22.23 -46.23 -33.92
C GLU K 507 22.67 -44.78 -33.85
N TYR K 508 22.98 -44.16 -34.97
CA TYR K 508 23.34 -42.75 -35.01
C TYR K 508 22.33 -41.96 -35.82
N ALA K 509 21.07 -42.37 -35.76
CA ALA K 509 20.01 -41.64 -36.41
C ALA K 509 19.54 -40.46 -35.58
N GLU K 510 20.09 -40.24 -34.40
CA GLU K 510 19.84 -39.01 -33.70
C GLU K 510 20.69 -37.86 -34.21
N ASP K 511 21.62 -38.13 -35.12
CA ASP K 511 22.55 -37.12 -35.59
C ASP K 511 22.25 -36.66 -37.01
N PHE K 512 21.31 -37.31 -37.69
CA PHE K 512 20.93 -36.91 -39.02
C PHE K 512 19.62 -36.16 -39.06
N ILE K 513 18.99 -35.93 -37.92
CA ILE K 513 17.78 -35.12 -37.91
C ILE K 513 18.09 -33.81 -37.23
N GLY K 514 18.53 -32.82 -38.00
CA GLY K 514 18.80 -31.50 -37.50
C GLY K 514 17.83 -30.50 -38.08
N ILE K 515 17.87 -29.30 -37.52
CA ILE K 515 16.95 -28.26 -37.95
C ILE K 515 17.00 -28.07 -39.44
N GLN K 516 18.09 -28.48 -40.08
CA GLN K 516 18.14 -28.40 -41.52
C GLN K 516 17.45 -29.58 -42.18
N GLU K 517 17.23 -30.65 -41.44
CA GLU K 517 16.64 -31.84 -42.05
C GLU K 517 15.15 -31.91 -41.83
N THR K 518 14.65 -31.39 -40.70
CA THR K 518 13.20 -31.34 -40.56
C THR K 518 12.61 -30.30 -41.47
N ARG K 519 13.28 -29.15 -41.62
CA ARG K 519 12.79 -28.17 -42.58
C ARG K 519 12.84 -28.72 -43.99
N TYR K 520 13.50 -29.86 -44.19
CA TYR K 520 13.38 -30.55 -45.46
C TYR K 520 12.06 -31.32 -45.52
N LEU K 521 11.65 -31.92 -44.40
CA LEU K 521 10.37 -32.61 -44.36
C LEU K 521 9.22 -31.62 -44.43
N LEU K 522 9.27 -30.57 -43.62
CA LEU K 522 8.21 -29.57 -43.62
C LEU K 522 8.19 -28.74 -44.90
N GLU K 523 9.12 -28.95 -45.80
CA GLU K 523 8.96 -28.39 -47.13
C GLU K 523 8.46 -29.43 -48.11
N GLN K 524 8.98 -30.65 -48.01
CA GLN K 524 8.53 -31.72 -48.88
C GLN K 524 7.07 -32.07 -48.66
N MET K 525 6.50 -31.69 -47.52
CA MET K 525 5.10 -31.96 -47.23
C MET K 525 4.21 -30.75 -47.45
N GLU K 526 4.77 -29.62 -47.88
CA GLU K 526 3.95 -28.44 -48.11
C GLU K 526 2.84 -28.74 -49.10
N GLY K 527 3.15 -29.45 -50.18
CA GLY K 527 2.16 -29.79 -51.19
C GLY K 527 1.01 -30.58 -50.61
N GLY K 528 1.31 -31.73 -50.02
CA GLY K 528 0.28 -32.57 -49.45
C GLY K 528 -0.52 -31.87 -48.37
N TYR K 529 0.13 -31.50 -47.27
CA TYR K 529 -0.55 -30.94 -46.12
C TYR K 529 -0.12 -29.49 -45.97
N GLY K 530 -0.81 -28.60 -46.65
CA GLY K 530 -0.50 -27.19 -46.56
C GLY K 530 -0.89 -26.62 -45.21
N GLU K 531 -2.18 -26.67 -44.89
CA GLU K 531 -2.66 -25.97 -43.70
C GLU K 531 -2.24 -26.66 -42.43
N LEU K 532 -1.78 -27.91 -42.52
CA LEU K 532 -1.26 -28.57 -41.34
C LEU K 532 0.07 -27.97 -40.92
N ILE K 533 0.93 -27.72 -41.89
CA ILE K 533 2.27 -27.22 -41.58
C ILE K 533 2.21 -25.75 -41.19
N LYS K 534 1.44 -24.95 -41.92
CA LYS K 534 1.30 -23.54 -41.55
C LYS K 534 0.66 -23.36 -40.18
N GLU K 535 0.07 -24.43 -39.64
CA GLU K 535 -0.47 -24.40 -38.29
C GLU K 535 0.54 -24.91 -37.28
N VAL K 536 1.33 -25.92 -37.64
CA VAL K 536 2.26 -26.47 -36.67
C VAL K 536 3.46 -25.55 -36.47
N GLN K 537 3.87 -24.83 -37.51
CA GLN K 537 5.04 -23.98 -37.39
C GLN K 537 4.81 -22.82 -36.44
N ARG K 538 3.58 -22.34 -36.33
CA ARG K 538 3.28 -21.25 -35.41
C ARG K 538 3.10 -21.71 -33.98
N ILE K 539 2.88 -23.00 -33.78
CA ILE K 539 2.69 -23.52 -32.43
C ILE K 539 4.00 -24.00 -31.83
N VAL K 540 4.73 -24.83 -32.55
CA VAL K 540 6.03 -25.32 -32.08
C VAL K 540 7.12 -24.78 -32.98
N PRO K 541 8.10 -24.07 -32.45
CA PRO K 541 9.22 -23.60 -33.27
C PRO K 541 10.03 -24.77 -33.79
N LEU K 542 10.83 -24.52 -34.83
CA LEU K 542 11.59 -25.60 -35.43
C LEU K 542 12.55 -26.25 -34.46
N GLN K 543 13.10 -25.48 -33.52
CA GLN K 543 13.96 -26.12 -32.55
C GLN K 543 13.17 -27.13 -31.73
N ARG K 544 11.96 -26.76 -31.31
CA ARG K 544 11.20 -27.63 -30.42
C ARG K 544 10.66 -28.84 -31.16
N MET K 545 10.22 -28.64 -32.39
CA MET K 545 9.70 -29.76 -33.15
C MET K 545 10.81 -30.73 -33.50
N THR K 546 12.02 -30.23 -33.73
CA THR K 546 13.12 -31.13 -34.04
C THR K 546 13.62 -31.84 -32.80
N GLU K 547 13.63 -31.17 -31.66
CA GLU K 547 14.02 -31.83 -30.43
C GLU K 547 13.08 -32.96 -30.08
N ILE K 548 11.95 -33.06 -30.78
CA ILE K 548 11.08 -34.22 -30.64
C ILE K 548 11.47 -35.30 -31.62
N LEU K 549 11.60 -34.95 -32.90
CA LEU K 549 11.90 -35.96 -33.90
C LEU K 549 13.19 -36.70 -33.56
N GLN K 550 14.12 -36.05 -32.87
CA GLN K 550 15.29 -36.78 -32.40
C GLN K 550 14.91 -37.73 -31.28
N ARG K 551 13.93 -37.36 -30.46
CA ARG K 551 13.59 -38.19 -29.32
C ARG K 551 12.76 -39.40 -29.72
N LEU K 552 12.05 -39.32 -30.85
CA LEU K 552 11.39 -40.51 -31.35
C LEU K 552 12.41 -41.47 -31.91
N VAL K 553 13.15 -41.05 -32.94
CA VAL K 553 14.10 -41.93 -33.59
C VAL K 553 15.15 -42.43 -32.61
N GLY K 554 15.22 -41.84 -31.42
CA GLY K 554 16.07 -42.41 -30.39
C GLY K 554 15.56 -43.74 -29.87
N GLU K 555 14.25 -43.88 -29.73
CA GLU K 555 13.65 -45.12 -29.29
C GLU K 555 13.34 -46.06 -30.44
N ASP K 556 13.90 -45.81 -31.61
CA ASP K 556 13.67 -46.57 -32.84
C ASP K 556 12.24 -46.47 -33.35
N ILE K 557 11.41 -45.63 -32.74
CA ILE K 557 10.13 -45.28 -33.33
C ILE K 557 10.38 -44.65 -34.69
N SER K 558 9.45 -44.83 -35.61
CA SER K 558 9.64 -44.43 -36.99
C SER K 558 8.91 -43.11 -37.24
N ILE K 559 9.68 -42.08 -37.60
CA ILE K 559 9.11 -40.82 -38.02
C ILE K 559 8.14 -41.01 -39.19
N ARG K 560 8.35 -42.04 -39.99
CA ARG K 560 7.78 -42.19 -41.32
C ARG K 560 6.37 -41.63 -41.42
N ASN K 561 5.53 -41.97 -40.46
CA ASN K 561 4.15 -41.49 -40.42
C ASN K 561 4.16 -40.03 -40.01
N MET K 562 4.44 -39.16 -40.97
CA MET K 562 4.70 -37.78 -40.61
C MET K 562 3.43 -36.98 -40.38
N ARG K 563 2.29 -37.45 -40.86
CA ARG K 563 1.05 -36.71 -40.60
C ARG K 563 0.66 -36.81 -39.14
N SER K 564 0.38 -38.02 -38.66
CA SER K 564 -0.13 -38.17 -37.31
C SER K 564 0.91 -37.84 -36.25
N ILE K 565 2.11 -37.46 -36.67
CA ILE K 565 3.04 -36.86 -35.73
C ILE K 565 2.81 -35.36 -35.66
N LEU K 566 2.27 -34.78 -36.73
CA LEU K 566 1.97 -33.36 -36.69
C LEU K 566 0.58 -33.09 -36.12
N GLU K 567 -0.39 -33.97 -36.39
CA GLU K 567 -1.67 -33.87 -35.71
C GLU K 567 -1.47 -33.84 -34.21
N ALA K 568 -0.72 -34.80 -33.69
CA ALA K 568 -0.44 -34.83 -32.25
C ALA K 568 0.55 -33.76 -31.85
N MET K 569 1.22 -33.13 -32.81
CA MET K 569 2.08 -32.01 -32.48
C MET K 569 1.25 -30.75 -32.26
N VAL K 570 0.27 -30.52 -33.13
CA VAL K 570 -0.60 -29.37 -32.97
C VAL K 570 -1.44 -29.50 -31.71
N GLU K 571 -2.01 -30.69 -31.50
CA GLU K 571 -2.91 -30.89 -30.38
C GLU K 571 -2.24 -30.59 -29.05
N TRP K 572 -1.04 -31.13 -28.84
CA TRP K 572 -0.42 -31.04 -27.54
C TRP K 572 0.61 -29.93 -27.42
N GLY K 573 1.05 -29.34 -28.53
CA GLY K 573 2.04 -28.29 -28.44
C GLY K 573 1.57 -27.04 -27.75
N GLN K 574 0.27 -26.94 -27.51
CA GLN K 574 -0.32 -25.81 -26.81
C GLN K 574 -0.50 -26.08 -25.33
N LYS K 575 -0.82 -27.33 -24.97
CA LYS K 575 -1.03 -27.67 -23.57
C LYS K 575 0.27 -28.02 -22.87
N GLU K 576 1.06 -28.92 -23.44
CA GLU K 576 2.29 -29.35 -22.80
C GLU K 576 3.48 -28.57 -23.35
N LYS K 577 4.47 -28.34 -22.48
CA LYS K 577 5.65 -27.56 -22.86
C LYS K 577 6.97 -28.23 -22.54
N ASP K 578 7.01 -29.19 -21.61
CA ASP K 578 8.22 -29.96 -21.38
C ASP K 578 8.37 -31.00 -22.47
N VAL K 579 9.48 -30.96 -23.18
CA VAL K 579 9.65 -31.81 -24.35
C VAL K 579 9.41 -33.27 -24.00
N VAL K 580 9.94 -33.73 -22.87
CA VAL K 580 9.84 -35.13 -22.53
C VAL K 580 8.39 -35.53 -22.31
N GLN K 581 7.58 -34.61 -21.80
CA GLN K 581 6.15 -34.90 -21.71
C GLN K 581 5.51 -34.88 -23.09
N LEU K 582 5.82 -33.87 -23.88
CA LEU K 582 5.22 -33.75 -25.20
C LEU K 582 5.53 -34.98 -26.05
N THR K 583 6.73 -35.54 -25.93
CA THR K 583 7.02 -36.70 -26.76
C THR K 583 6.32 -37.94 -26.23
N GLU K 584 6.02 -37.99 -24.93
CA GLU K 584 5.24 -39.13 -24.44
C GLU K 584 3.79 -39.01 -24.86
N TYR K 585 3.32 -37.79 -25.10
CA TYR K 585 1.99 -37.66 -25.69
C TYR K 585 2.01 -37.96 -27.17
N ILE K 586 3.13 -37.71 -27.84
CA ILE K 586 3.17 -37.94 -29.28
C ILE K 586 3.34 -39.42 -29.60
N ARG K 587 4.13 -40.14 -28.82
CA ARG K 587 4.17 -41.59 -28.98
C ARG K 587 2.79 -42.19 -28.81
N SER K 588 1.99 -41.66 -27.90
CA SER K 588 0.62 -42.10 -27.70
C SER K 588 -0.27 -41.84 -28.88
N SER K 589 0.19 -41.13 -29.89
CA SER K 589 -0.57 -40.97 -31.11
C SER K 589 -0.26 -42.04 -32.14
N LEU K 590 0.85 -42.75 -32.00
CA LEU K 590 1.18 -43.88 -32.85
C LEU K 590 0.78 -45.20 -32.20
N LYS K 591 -0.32 -45.19 -31.45
CA LYS K 591 -0.74 -46.37 -30.70
C LYS K 591 -0.70 -47.63 -31.54
N ARG K 592 -1.54 -47.69 -32.56
CA ARG K 592 -1.65 -48.94 -33.30
C ARG K 592 -0.46 -49.19 -34.19
N TYR K 593 0.58 -48.37 -34.10
CA TYR K 593 1.83 -48.75 -34.74
C TYR K 593 2.69 -49.57 -33.80
N ILE K 594 2.89 -49.07 -32.59
CA ILE K 594 3.76 -49.75 -31.63
C ILE K 594 3.25 -51.16 -31.35
N CYS K 595 1.94 -51.30 -31.14
CA CYS K 595 1.33 -52.62 -31.02
C CYS K 595 1.78 -53.56 -32.11
N TYR K 596 2.17 -53.04 -33.27
CA TYR K 596 2.67 -53.86 -34.36
C TYR K 596 4.17 -53.94 -34.41
N LYS K 597 4.88 -53.04 -33.73
CA LYS K 597 6.33 -53.16 -33.75
C LYS K 597 6.82 -54.12 -32.68
N TYR K 598 6.17 -54.17 -31.52
CA TYR K 598 6.71 -54.97 -30.44
C TYR K 598 5.97 -56.28 -30.24
N ALA K 599 4.66 -56.29 -30.46
CA ALA K 599 3.86 -57.48 -30.29
C ALA K 599 3.31 -57.91 -31.64
N ASN K 600 4.10 -58.66 -32.39
CA ASN K 600 3.67 -59.10 -33.71
C ASN K 600 2.61 -60.18 -33.66
N GLY K 601 2.55 -60.96 -32.58
CA GLY K 601 1.57 -62.02 -32.48
C GLY K 601 0.16 -61.49 -32.31
N ASN K 602 -0.74 -62.41 -31.96
CA ASN K 602 -2.15 -62.09 -31.85
C ASN K 602 -2.44 -61.27 -30.60
N ASN K 603 -2.02 -60.01 -30.59
CA ASN K 603 -2.35 -59.08 -29.53
C ASN K 603 -1.86 -59.56 -28.16
N ILE K 604 -0.77 -60.32 -28.15
CA ILE K 604 -0.16 -60.78 -26.92
C ILE K 604 1.26 -60.25 -26.87
N LEU K 605 1.63 -59.70 -25.71
CA LEU K 605 2.89 -58.97 -25.56
C LEU K 605 3.56 -59.42 -24.27
N PRO K 606 4.76 -59.95 -24.33
CA PRO K 606 5.44 -60.42 -23.12
C PRO K 606 6.10 -59.26 -22.38
N ALA K 607 5.52 -58.86 -21.27
CA ALA K 607 5.91 -57.64 -20.59
C ALA K 607 6.70 -57.94 -19.33
N TYR K 608 7.18 -56.87 -18.71
CA TYR K 608 7.97 -56.94 -17.49
C TYR K 608 7.52 -55.86 -16.52
N LEU K 609 6.22 -55.80 -16.25
CA LEU K 609 5.62 -54.71 -15.50
C LEU K 609 6.44 -54.31 -14.29
N PHE K 610 6.43 -53.01 -14.00
CA PHE K 610 7.05 -52.45 -12.80
C PHE K 610 6.02 -52.40 -11.68
N ASP K 611 6.30 -53.04 -10.56
CA ASP K 611 5.35 -52.98 -9.46
C ASP K 611 5.35 -51.58 -8.86
N GLN K 612 4.16 -51.13 -8.50
CA GLN K 612 3.90 -49.71 -8.27
C GLN K 612 4.90 -49.08 -7.31
N GLU K 613 5.45 -49.86 -6.39
CA GLU K 613 6.37 -49.29 -5.40
C GLU K 613 7.57 -48.64 -6.06
N VAL K 614 8.02 -49.20 -7.18
CA VAL K 614 9.20 -48.65 -7.85
C VAL K 614 8.83 -47.46 -8.72
N GLU K 615 7.75 -47.56 -9.49
CA GLU K 615 7.32 -46.44 -10.32
C GLU K 615 7.07 -45.18 -9.51
N GLU K 616 7.07 -45.27 -8.19
CA GLU K 616 6.93 -44.10 -7.34
C GLU K 616 8.26 -43.62 -6.79
N LYS K 617 9.21 -44.53 -6.57
CA LYS K 617 10.55 -44.08 -6.23
C LYS K 617 11.15 -43.25 -7.34
N ILE K 618 10.89 -43.62 -8.60
CA ILE K 618 11.48 -42.89 -9.72
C ILE K 618 10.72 -41.60 -9.98
N ARG K 619 9.41 -41.57 -9.77
CA ARG K 619 8.68 -40.34 -10.01
C ARG K 619 8.99 -39.27 -8.98
N SER K 620 9.78 -39.58 -7.96
CA SER K 620 10.14 -38.62 -6.93
C SER K 620 11.55 -38.07 -7.12
N GLY K 621 12.17 -38.30 -8.27
CA GLY K 621 13.52 -37.83 -8.49
C GLY K 621 13.71 -37.13 -9.81
N VAL K 622 12.74 -36.33 -10.23
CA VAL K 622 12.72 -35.80 -11.58
C VAL K 622 13.50 -34.48 -11.70
N ARG K 623 13.41 -33.59 -10.72
CA ARG K 623 14.25 -32.39 -10.66
C ARG K 623 14.11 -31.53 -11.92
N GLN K 624 12.90 -30.97 -12.10
CA GLN K 624 12.61 -30.17 -13.28
C GLN K 624 13.19 -28.77 -13.10
N THR K 625 14.47 -28.62 -13.46
CA THR K 625 15.20 -27.39 -13.15
C THR K 625 15.60 -26.58 -14.37
N SER K 626 16.39 -27.15 -15.27
CA SER K 626 17.04 -26.36 -16.31
C SER K 626 16.80 -26.97 -17.68
N ALA K 627 15.53 -27.31 -17.94
CA ALA K 627 15.14 -27.97 -19.18
C ALA K 627 15.92 -29.27 -19.39
N GLY K 628 16.34 -29.89 -18.29
CA GLY K 628 16.97 -31.19 -18.35
C GLY K 628 16.17 -32.25 -17.61
N SER K 629 15.48 -31.85 -16.55
CA SER K 629 14.65 -32.73 -15.75
C SER K 629 15.35 -34.04 -15.44
N TYR K 630 16.66 -33.96 -15.19
CA TYR K 630 17.46 -35.17 -14.99
C TYR K 630 16.90 -36.01 -13.85
N LEU K 631 16.90 -37.31 -14.04
CA LEU K 631 16.60 -38.23 -12.95
C LEU K 631 17.83 -38.28 -12.04
N ALA K 632 17.71 -37.72 -10.85
CA ALA K 632 18.81 -37.69 -9.89
C ALA K 632 18.30 -38.27 -8.59
N LEU K 633 18.52 -39.58 -8.40
CA LEU K 633 18.13 -40.22 -7.14
C LEU K 633 19.33 -40.33 -6.20
N ASP K 634 20.30 -41.16 -6.57
CA ASP K 634 21.53 -41.36 -5.83
C ASP K 634 22.35 -42.36 -6.65
N PRO K 635 23.66 -42.21 -6.75
CA PRO K 635 24.49 -43.31 -7.26
C PRO K 635 24.36 -44.58 -6.46
N ALA K 636 23.71 -44.55 -5.30
CA ALA K 636 23.48 -45.75 -4.52
C ALA K 636 22.05 -46.26 -4.61
N VAL K 637 21.12 -45.45 -5.09
CA VAL K 637 19.77 -45.93 -5.35
C VAL K 637 19.65 -46.46 -6.77
N THR K 638 20.27 -45.78 -7.73
CA THR K 638 20.29 -46.28 -9.09
C THR K 638 20.78 -47.72 -9.15
N GLU K 639 21.79 -48.05 -8.36
CA GLU K 639 22.26 -49.43 -8.32
C GLU K 639 21.29 -50.32 -7.56
N SER K 640 20.45 -49.74 -6.70
CA SER K 640 19.45 -50.55 -6.01
C SER K 640 18.35 -50.98 -6.98
N LEU K 641 17.80 -50.03 -7.73
CA LEU K 641 16.79 -50.38 -8.72
C LEU K 641 17.38 -51.23 -9.82
N LEU K 642 18.49 -50.79 -10.40
CA LEU K 642 19.10 -51.53 -11.49
C LEU K 642 19.51 -52.92 -11.07
N GLU K 643 19.58 -53.18 -9.77
CA GLU K 643 19.81 -54.54 -9.33
C GLU K 643 18.51 -55.33 -9.28
N GLN K 644 17.44 -54.73 -8.76
CA GLN K 644 16.15 -55.42 -8.74
C GLN K 644 15.71 -55.76 -10.15
N VAL K 645 16.01 -54.90 -11.13
CA VAL K 645 15.76 -55.26 -12.51
C VAL K 645 16.59 -56.47 -12.89
N ARG K 646 17.91 -56.34 -12.81
CA ARG K 646 18.80 -57.42 -13.19
C ARG K 646 18.52 -58.71 -12.43
N LYS K 647 17.83 -58.62 -11.31
CA LYS K 647 17.52 -59.82 -10.54
C LYS K 647 16.35 -60.59 -11.11
N THR K 648 15.44 -59.93 -11.83
CA THR K 648 14.29 -60.60 -12.42
C THR K 648 14.44 -60.81 -13.92
N ILE K 649 14.76 -59.74 -14.66
CA ILE K 649 14.98 -59.86 -16.09
C ILE K 649 16.10 -60.82 -16.38
N GLY K 650 17.08 -60.93 -15.49
CA GLY K 650 18.21 -61.79 -15.74
C GLY K 650 19.12 -61.17 -16.78
N ASP K 651 19.38 -61.89 -17.87
CA ASP K 651 20.22 -61.39 -18.94
C ASP K 651 19.50 -61.24 -20.26
N LEU K 652 18.34 -61.88 -20.43
CA LEU K 652 17.52 -61.81 -21.64
C LEU K 652 18.29 -62.18 -22.90
N SER K 653 19.52 -62.68 -22.75
CA SER K 653 20.24 -63.15 -23.92
C SER K 653 19.67 -64.47 -24.39
N GLN K 654 19.38 -65.36 -23.43
CA GLN K 654 18.67 -66.59 -23.76
C GLN K 654 17.17 -66.35 -23.87
N ILE K 655 16.64 -65.36 -23.15
CA ILE K 655 15.21 -65.10 -23.19
C ILE K 655 14.83 -64.70 -24.61
N GLN K 656 14.03 -65.53 -25.25
CA GLN K 656 13.64 -65.31 -26.62
C GLN K 656 12.35 -64.48 -26.69
N SER K 657 11.96 -64.15 -27.91
CA SER K 657 10.71 -63.48 -28.28
C SER K 657 10.72 -61.98 -28.01
N LYS K 658 11.88 -61.39 -27.71
CA LYS K 658 12.01 -59.94 -27.59
C LYS K 658 10.99 -59.35 -26.62
N PRO K 659 11.15 -59.52 -25.32
CA PRO K 659 10.21 -58.95 -24.37
C PRO K 659 10.40 -57.44 -24.28
N VAL K 660 9.44 -56.79 -23.65
CA VAL K 660 9.47 -55.34 -23.49
C VAL K 660 9.10 -54.98 -22.06
N LEU K 661 9.79 -54.00 -21.51
CA LEU K 661 9.44 -53.46 -20.21
C LEU K 661 8.26 -52.51 -20.38
N ILE K 662 7.40 -52.45 -19.39
CA ILE K 662 6.18 -51.65 -19.48
C ILE K 662 6.04 -50.86 -18.20
N VAL K 663 6.17 -49.54 -18.30
CA VAL K 663 6.14 -48.67 -17.14
C VAL K 663 5.19 -47.53 -17.45
N SER K 664 4.74 -46.85 -16.40
CA SER K 664 3.82 -45.73 -16.56
C SER K 664 4.38 -44.71 -17.53
N MET K 665 3.51 -43.84 -18.03
CA MET K 665 3.90 -42.97 -19.13
C MET K 665 4.87 -41.89 -18.67
N ASP K 666 4.55 -41.20 -17.59
CA ASP K 666 5.28 -40.00 -17.22
C ASP K 666 6.72 -40.24 -16.83
N ILE K 667 7.16 -41.49 -16.71
CA ILE K 667 8.56 -41.77 -16.42
C ILE K 667 9.11 -42.74 -17.44
N ARG K 668 8.38 -42.98 -18.52
CA ARG K 668 8.84 -43.93 -19.52
C ARG K 668 10.21 -43.55 -20.03
N ARG K 669 10.55 -42.28 -19.96
CA ARG K 669 11.85 -41.87 -20.47
C ARG K 669 12.95 -42.16 -19.46
N TYR K 670 12.78 -41.70 -18.22
CA TYR K 670 13.87 -41.79 -17.26
C TYR K 670 14.24 -43.23 -16.98
N VAL K 671 13.26 -44.14 -17.02
CA VAL K 671 13.59 -45.56 -16.92
C VAL K 671 14.41 -45.98 -18.11
N ARG K 672 14.11 -45.45 -19.29
CA ARG K 672 14.82 -45.88 -20.48
C ARG K 672 16.29 -45.51 -20.42
N LYS K 673 16.58 -44.24 -20.15
CA LYS K 673 17.98 -43.85 -20.09
C LYS K 673 18.66 -44.36 -18.83
N LEU K 674 17.93 -44.98 -17.92
CA LEU K 674 18.54 -45.60 -16.75
C LEU K 674 19.14 -46.95 -17.11
N ILE K 675 18.30 -47.90 -17.55
CA ILE K 675 18.79 -49.21 -17.95
C ILE K 675 19.44 -49.21 -19.32
N GLU K 676 19.55 -48.06 -19.98
CA GLU K 676 20.13 -47.99 -21.31
C GLU K 676 21.55 -48.55 -21.35
N SER K 677 22.25 -48.54 -20.22
CA SER K 677 23.60 -49.11 -20.19
C SER K 677 23.55 -50.62 -20.27
N GLU K 678 22.81 -51.24 -19.37
CA GLU K 678 22.87 -52.70 -19.25
C GLU K 678 22.00 -53.38 -20.30
N TYR K 679 20.72 -53.06 -20.34
CA TYR K 679 19.76 -53.71 -21.21
C TYR K 679 19.46 -52.79 -22.37
N TYR K 680 20.19 -52.94 -23.45
CA TYR K 680 20.02 -52.05 -24.59
C TYR K 680 18.90 -52.49 -25.52
N GLY K 681 18.71 -53.79 -25.69
CA GLY K 681 17.69 -54.27 -26.59
C GLY K 681 16.38 -54.55 -25.90
N LEU K 682 16.15 -53.90 -24.76
CA LEU K 682 14.93 -54.04 -23.99
C LEU K 682 14.12 -52.76 -24.12
N PRO K 683 13.23 -52.67 -25.10
CA PRO K 683 12.47 -51.45 -25.27
C PRO K 683 11.54 -51.22 -24.09
N VAL K 684 11.19 -49.96 -23.87
CA VAL K 684 10.29 -49.58 -22.80
C VAL K 684 9.05 -48.96 -23.42
N LEU K 685 7.89 -49.35 -22.92
CA LEU K 685 6.62 -48.83 -23.41
C LEU K 685 5.92 -48.09 -22.29
N SER K 686 4.70 -47.67 -22.58
CA SER K 686 3.84 -47.06 -21.59
C SER K 686 2.56 -47.87 -21.46
N TYR K 687 1.74 -47.51 -20.50
CA TYR K 687 0.40 -48.07 -20.49
C TYR K 687 -0.45 -47.42 -21.56
N GLN K 688 -0.14 -46.19 -21.90
CA GLN K 688 -0.95 -45.42 -22.83
C GLN K 688 -0.66 -45.83 -24.26
N GLU K 689 0.61 -45.94 -24.61
CA GLU K 689 0.98 -46.38 -25.96
C GLU K 689 0.38 -47.72 -26.28
N LEU K 690 0.10 -48.54 -25.26
CA LEU K 690 -0.54 -49.82 -25.50
C LEU K 690 -1.98 -49.60 -25.91
N THR K 691 -2.23 -49.70 -27.21
CA THR K 691 -3.61 -49.72 -27.68
C THR K 691 -4.36 -50.80 -26.93
N GLN K 692 -5.61 -50.52 -26.60
CA GLN K 692 -6.42 -51.55 -25.98
C GLN K 692 -6.50 -52.75 -26.92
N GLN K 693 -7.05 -53.84 -26.40
CA GLN K 693 -7.10 -55.11 -27.13
C GLN K 693 -5.70 -55.67 -27.33
N ILE K 694 -4.86 -55.53 -26.31
CA ILE K 694 -3.54 -56.15 -26.27
C ILE K 694 -3.45 -56.96 -24.99
N ASN K 695 -3.14 -58.24 -25.13
CA ASN K 695 -3.05 -59.12 -23.96
C ASN K 695 -1.62 -59.08 -23.44
N ILE K 696 -1.36 -58.15 -22.52
CA ILE K 696 -0.09 -58.13 -21.83
C ILE K 696 0.06 -59.41 -21.03
N GLN K 697 1.10 -60.17 -21.34
CA GLN K 697 1.37 -61.42 -20.64
C GLN K 697 2.58 -61.23 -19.74
N PRO K 698 2.38 -60.73 -18.52
CA PRO K 698 3.53 -60.33 -17.69
C PRO K 698 4.46 -61.48 -17.41
N LEU K 699 5.71 -61.35 -17.85
CA LEU K 699 6.70 -62.37 -17.55
C LEU K 699 7.05 -62.37 -16.06
N GLY K 700 7.33 -61.19 -15.51
CA GLY K 700 7.57 -61.08 -14.08
C GLY K 700 7.65 -59.66 -13.60
N ARG K 701 6.91 -59.32 -12.56
CA ARG K 701 6.84 -57.95 -12.08
C ARG K 701 8.12 -57.60 -11.32
N VAL K 702 8.65 -56.41 -11.57
CA VAL K 702 9.88 -55.96 -10.91
C VAL K 702 9.50 -55.36 -9.56
N CYS K 703 9.69 -56.13 -8.50
CA CYS K 703 9.33 -55.69 -7.17
C CYS K 703 10.40 -54.71 -6.68
N LEU K 704 10.39 -54.40 -5.39
CA LEU K 704 11.45 -53.60 -4.82
C LEU K 704 12.22 -54.45 -3.81
N LEU L 361 53.52 16.93 -48.84
CA LEU L 361 53.45 16.09 -47.65
C LEU L 361 52.13 16.30 -46.94
N GLY L 362 51.29 17.14 -47.51
CA GLY L 362 49.97 17.38 -46.97
C GLY L 362 49.01 16.21 -47.09
N GLU L 363 49.44 15.11 -47.71
CA GLU L 363 48.61 13.91 -47.75
C GLU L 363 48.36 13.43 -46.33
N GLN L 364 47.09 13.13 -46.03
CA GLN L 364 46.68 13.06 -44.63
C GLN L 364 47.44 12.01 -43.84
N GLU L 365 47.14 10.72 -44.02
CA GLU L 365 48.09 9.73 -43.52
C GLU L 365 48.17 8.43 -44.33
N ALA L 366 47.16 8.13 -45.13
CA ALA L 366 47.14 6.93 -45.97
C ALA L 366 47.29 5.66 -45.12
N PHE L 367 46.24 5.41 -44.33
CA PHE L 367 46.14 4.22 -43.49
C PHE L 367 46.58 2.97 -44.24
N ALA L 368 47.38 2.14 -43.58
CA ALA L 368 47.89 0.91 -44.16
C ALA L 368 47.60 -0.25 -43.21
N MET L 369 46.90 -1.25 -43.71
CA MET L 369 46.43 -2.35 -42.87
C MET L 369 47.61 -3.18 -42.36
N THR L 370 47.51 -3.62 -41.11
CA THR L 370 48.50 -4.54 -40.57
C THR L 370 48.32 -5.92 -41.18
N VAL L 371 49.41 -6.67 -41.25
CA VAL L 371 49.37 -7.99 -41.86
C VAL L 371 48.98 -9.02 -40.80
N PRO L 372 48.06 -9.90 -41.08
CA PRO L 372 47.61 -10.86 -40.07
C PRO L 372 48.71 -11.79 -39.61
N LEU L 373 49.36 -12.46 -40.56
CA LEU L 373 50.48 -13.33 -40.26
C LEU L 373 51.62 -12.94 -41.20
N LEU L 374 52.84 -13.07 -40.71
CA LEU L 374 53.99 -12.65 -41.49
C LEU L 374 55.18 -13.52 -41.14
N ILE L 375 55.89 -13.97 -42.16
CA ILE L 375 57.14 -14.68 -41.98
C ILE L 375 58.24 -13.82 -42.54
N ASP L 376 59.19 -13.46 -41.71
CA ASP L 376 60.35 -12.70 -42.14
C ASP L 376 61.58 -13.56 -41.91
N VAL L 377 62.13 -14.11 -42.99
CA VAL L 377 63.38 -14.83 -42.92
C VAL L 377 64.42 -13.95 -43.58
N ASP L 378 65.69 -14.33 -43.46
CA ASP L 378 66.75 -13.48 -43.96
C ASP L 378 66.78 -13.51 -45.48
N SER L 379 67.62 -12.67 -46.06
CA SER L 379 67.95 -12.76 -47.47
C SER L 379 68.96 -13.89 -47.64
N SER L 380 69.61 -13.93 -48.80
CA SER L 380 70.61 -14.94 -49.13
C SER L 380 69.99 -16.32 -49.33
N GLN L 381 68.69 -16.44 -49.02
CA GLN L 381 67.94 -17.64 -49.36
C GLN L 381 66.76 -17.33 -50.27
N GLN L 382 66.47 -16.06 -50.54
CA GLN L 382 65.30 -15.68 -51.32
C GLN L 382 65.25 -16.41 -52.66
N GLU L 383 66.38 -16.93 -53.10
CA GLU L 383 66.44 -17.82 -54.24
C GLU L 383 67.13 -19.13 -53.92
N ALA L 384 67.85 -19.19 -52.80
CA ALA L 384 68.54 -20.40 -52.38
C ALA L 384 67.64 -21.33 -51.58
N LEU L 385 66.78 -20.81 -50.71
CA LEU L 385 65.93 -21.74 -50.00
C LEU L 385 64.83 -22.22 -50.95
N GLU L 386 63.77 -21.42 -51.13
CA GLU L 386 63.09 -21.12 -52.39
C GLU L 386 63.01 -22.28 -53.39
N ALA L 387 63.41 -23.47 -53.00
CA ALA L 387 63.58 -24.55 -53.94
C ALA L 387 63.17 -25.90 -53.40
N ILE L 388 62.64 -25.97 -52.18
CA ILE L 388 61.95 -27.19 -51.82
C ILE L 388 60.51 -26.99 -52.27
N ALA L 389 59.76 -26.19 -51.54
CA ALA L 389 58.74 -25.35 -52.18
C ALA L 389 58.80 -23.94 -51.62
N LEU L 390 58.61 -23.84 -50.31
CA LEU L 390 58.50 -22.58 -49.56
C LEU L 390 57.43 -21.66 -50.13
N ASN L 391 56.64 -22.18 -51.04
CA ASN L 391 55.33 -21.62 -51.35
C ASN L 391 54.29 -22.70 -51.51
N ASP L 392 54.71 -23.97 -51.55
CA ASP L 392 53.82 -25.11 -51.46
C ASP L 392 54.18 -25.99 -50.28
N GLU L 393 55.10 -25.57 -49.42
CA GLU L 393 55.33 -26.26 -48.16
C GLU L 393 54.70 -25.50 -47.01
N LEU L 394 54.37 -24.22 -47.22
CA LEU L 394 53.55 -23.51 -46.25
C LEU L 394 52.07 -23.74 -46.52
N VAL L 395 51.63 -23.54 -47.75
CA VAL L 395 50.22 -23.74 -48.06
C VAL L 395 49.81 -25.19 -47.81
N ARG L 396 50.77 -26.11 -47.83
CA ARG L 396 50.45 -27.49 -47.51
C ARG L 396 50.24 -27.66 -46.01
N VAL L 397 51.08 -27.04 -45.20
CA VAL L 397 50.92 -27.19 -43.76
C VAL L 397 49.86 -26.25 -43.23
N ARG L 398 49.47 -25.24 -44.01
CA ARG L 398 48.35 -24.43 -43.59
C ARG L 398 47.04 -25.17 -43.81
N ARG L 399 46.87 -25.76 -45.00
CA ARG L 399 45.68 -26.56 -45.23
C ARG L 399 45.66 -27.79 -44.32
N ALA L 400 46.77 -28.51 -44.25
CA ALA L 400 46.80 -29.71 -43.42
C ALA L 400 46.53 -29.37 -41.96
N LEU L 401 46.79 -28.12 -41.57
CA LEU L 401 46.45 -27.72 -40.22
C LEU L 401 45.05 -27.18 -40.15
N TYR L 402 44.50 -26.69 -41.26
CA TYR L 402 43.12 -26.26 -41.26
C TYR L 402 42.19 -27.45 -41.09
N LEU L 403 42.40 -28.50 -41.88
CA LEU L 403 41.59 -29.71 -41.73
C LEU L 403 41.75 -30.36 -40.37
N ASP L 404 42.65 -29.86 -39.53
CA ASP L 404 42.78 -30.43 -38.20
C ASP L 404 41.97 -29.64 -37.19
N LEU L 405 42.13 -28.32 -37.20
CA LEU L 405 41.45 -27.42 -36.27
C LEU L 405 40.16 -26.86 -36.84
N GLY L 406 40.19 -26.41 -38.08
CA GLY L 406 39.02 -25.83 -38.71
C GLY L 406 39.02 -24.33 -38.79
N VAL L 407 39.96 -23.67 -38.13
CA VAL L 407 40.02 -22.20 -38.16
C VAL L 407 40.30 -21.74 -39.58
N PRO L 408 39.62 -20.74 -40.08
CA PRO L 408 39.96 -20.23 -41.41
C PRO L 408 41.19 -19.32 -41.36
N PHE L 409 42.36 -19.94 -41.40
CA PHE L 409 43.61 -19.23 -41.17
C PHE L 409 43.80 -18.15 -42.23
N PRO L 410 44.60 -17.14 -41.94
CA PRO L 410 44.78 -16.05 -42.89
C PRO L 410 45.88 -16.35 -43.89
N GLY L 411 46.19 -15.38 -44.76
CA GLY L 411 47.21 -15.59 -45.77
C GLY L 411 48.58 -15.29 -45.21
N ILE L 412 49.49 -16.25 -45.35
CA ILE L 412 50.84 -16.09 -44.82
C ILE L 412 51.67 -15.30 -45.83
N HIS L 413 51.93 -14.04 -45.53
CA HIS L 413 52.87 -13.29 -46.34
C HIS L 413 54.28 -13.78 -46.06
N LEU L 414 55.08 -13.89 -47.10
CA LEU L 414 56.46 -14.34 -47.00
C LEU L 414 57.36 -13.26 -47.54
N ARG L 415 58.22 -12.72 -46.67
CA ARG L 415 59.12 -11.64 -47.04
C ARG L 415 60.53 -12.03 -46.67
N PHE L 416 61.42 -12.00 -47.66
CA PHE L 416 62.85 -12.20 -47.45
C PHE L 416 63.46 -10.83 -47.17
N ASN L 417 63.79 -10.61 -45.90
CA ASN L 417 64.40 -9.36 -45.47
C ASN L 417 65.91 -9.51 -45.44
N GLU L 418 66.61 -8.45 -45.81
CA GLU L 418 68.06 -8.43 -45.70
C GLU L 418 68.54 -7.80 -44.41
N GLY L 419 67.67 -7.08 -43.71
CA GLY L 419 68.09 -6.36 -42.52
C GLY L 419 68.61 -7.25 -41.42
N MET L 420 68.19 -8.51 -41.40
CA MET L 420 68.62 -9.43 -40.36
C MET L 420 69.90 -10.13 -40.80
N GLY L 421 70.28 -11.19 -40.08
CA GLY L 421 71.50 -11.91 -40.37
C GLY L 421 71.36 -12.82 -41.58
N GLU L 422 71.90 -14.03 -41.50
CA GLU L 422 71.82 -14.98 -42.60
C GLU L 422 71.11 -16.27 -42.23
N GLY L 423 70.95 -16.56 -40.94
CA GLY L 423 70.19 -17.73 -40.53
C GLY L 423 69.02 -17.36 -39.64
N GLU L 424 68.72 -16.07 -39.54
CA GLU L 424 67.65 -15.60 -38.69
C GLU L 424 66.31 -15.73 -39.41
N TYR L 425 65.25 -15.85 -38.62
CA TYR L 425 63.89 -15.85 -39.14
C TYR L 425 62.94 -15.58 -37.98
N LEU L 426 61.98 -14.70 -38.21
CA LEU L 426 60.98 -14.38 -37.20
C LEU L 426 59.60 -14.56 -37.82
N ILE L 427 58.69 -15.12 -37.05
CA ILE L 427 57.31 -15.34 -37.47
C ILE L 427 56.47 -14.38 -36.66
N SER L 428 55.94 -13.35 -37.29
CA SER L 428 55.30 -12.26 -36.58
C SER L 428 53.80 -12.30 -36.79
N LEU L 429 53.06 -12.51 -35.73
CA LEU L 429 51.61 -12.32 -35.76
C LEU L 429 51.32 -10.84 -35.57
N GLN L 430 50.85 -10.18 -36.62
CA GLN L 430 50.41 -8.79 -36.50
C GLN L 430 51.53 -7.91 -35.95
N GLU L 431 52.70 -8.04 -36.55
CA GLU L 431 53.84 -7.17 -36.30
C GLU L 431 54.37 -7.28 -34.87
N VAL L 432 54.36 -8.48 -34.29
CA VAL L 432 55.10 -8.71 -33.05
C VAL L 432 55.71 -10.11 -33.09
N PRO L 433 57.01 -10.21 -33.35
CA PRO L 433 57.63 -11.53 -33.55
C PRO L 433 57.33 -12.48 -32.42
N VAL L 434 56.63 -13.57 -32.77
CA VAL L 434 56.16 -14.50 -31.76
C VAL L 434 57.04 -15.74 -31.65
N ALA L 435 57.80 -16.08 -32.68
CA ALA L 435 58.74 -17.18 -32.58
C ALA L 435 59.89 -16.89 -33.53
N ARG L 436 60.94 -16.29 -33.01
CA ARG L 436 62.11 -15.97 -33.81
C ARG L 436 63.11 -17.10 -33.69
N GLY L 437 64.08 -17.10 -34.60
CA GLY L 437 65.10 -18.12 -34.57
C GLY L 437 66.23 -17.78 -35.51
N GLU L 438 67.44 -18.15 -35.11
CA GLU L 438 68.61 -18.08 -35.98
C GLU L 438 68.93 -19.52 -36.34
N LEU L 439 68.40 -19.96 -37.48
CA LEU L 439 68.58 -21.35 -37.87
C LEU L 439 70.06 -21.56 -38.20
N LYS L 440 70.79 -22.20 -37.27
CA LYS L 440 72.20 -22.51 -37.51
C LYS L 440 72.36 -23.64 -38.50
N ALA L 441 71.25 -24.05 -39.13
CA ALA L 441 71.27 -24.76 -40.39
C ALA L 441 71.54 -23.74 -41.49
N GLY L 442 71.99 -22.55 -41.10
CA GLY L 442 72.28 -21.47 -42.02
C GLY L 442 72.90 -21.93 -43.31
N TYR L 443 74.02 -22.64 -43.24
CA TYR L 443 74.60 -23.18 -44.47
C TYR L 443 73.91 -24.48 -44.86
N LEU L 444 74.15 -25.54 -44.11
CA LEU L 444 73.38 -26.79 -44.13
C LEU L 444 73.73 -27.58 -42.88
N LEU L 445 72.84 -27.60 -41.91
CA LEU L 445 73.15 -28.28 -40.66
C LEU L 445 71.89 -28.99 -40.15
N VAL L 446 71.23 -29.74 -41.03
CA VAL L 446 69.91 -30.32 -40.76
C VAL L 446 69.85 -30.88 -39.34
N ARG L 447 68.90 -30.38 -38.55
CA ARG L 447 68.93 -30.58 -37.12
C ARG L 447 68.45 -31.98 -36.76
N GLU L 448 68.41 -32.27 -35.47
CA GLU L 448 67.91 -33.52 -34.94
C GLU L 448 67.10 -33.24 -33.69
N SER L 449 65.87 -33.75 -33.66
CA SER L 449 64.91 -33.45 -32.61
C SER L 449 65.02 -34.35 -31.40
N VAL L 450 65.33 -35.62 -31.60
CA VAL L 450 65.36 -36.57 -30.50
C VAL L 450 66.83 -36.85 -30.20
N SER L 451 67.67 -35.86 -30.43
CA SER L 451 69.09 -35.95 -30.12
C SER L 451 69.31 -36.46 -28.71
N GLN L 452 70.30 -37.34 -28.57
CA GLN L 452 70.51 -38.07 -27.33
C GLN L 452 71.96 -38.53 -27.33
N LEU L 453 72.33 -39.36 -26.37
CA LEU L 453 73.64 -40.00 -26.46
C LEU L 453 73.70 -40.98 -27.63
N GLU L 454 72.55 -41.26 -28.26
CA GLU L 454 72.56 -42.06 -29.48
C GLU L 454 73.30 -41.35 -30.60
N LEU L 455 73.24 -40.01 -30.63
CA LEU L 455 74.11 -39.25 -31.52
C LEU L 455 75.55 -39.19 -31.02
N LEU L 456 75.83 -39.76 -29.85
CA LEU L 456 77.20 -40.07 -29.48
C LEU L 456 77.54 -41.52 -29.80
N GLY L 457 76.57 -42.43 -29.66
CA GLY L 457 76.74 -43.76 -30.23
C GLY L 457 76.82 -43.71 -31.74
N ILE L 458 76.04 -42.83 -32.36
CA ILE L 458 76.16 -42.51 -33.77
C ILE L 458 76.98 -41.22 -33.79
N PRO L 459 78.31 -41.31 -33.82
CA PRO L 459 79.15 -40.30 -33.16
C PRO L 459 79.23 -38.95 -33.85
N TYR L 460 78.45 -38.70 -34.89
CA TYR L 460 78.67 -37.53 -35.73
C TYR L 460 78.50 -36.24 -34.93
N GLU L 461 79.40 -35.30 -35.18
CA GLU L 461 79.53 -34.12 -34.33
C GLU L 461 78.21 -33.38 -34.20
N LYS L 462 78.05 -32.70 -33.08
CA LYS L 462 76.80 -32.05 -32.73
C LYS L 462 76.95 -30.54 -32.70
N GLY L 463 75.81 -29.86 -32.60
CA GLY L 463 75.77 -28.43 -32.32
C GLY L 463 74.70 -28.16 -31.29
N GLU L 464 75.07 -27.57 -30.15
CA GLU L 464 74.15 -27.50 -29.03
C GLU L 464 73.16 -26.35 -29.20
N HIS L 465 71.93 -26.60 -28.76
CA HIS L 465 70.88 -25.59 -28.69
C HIS L 465 69.71 -26.20 -27.94
N LEU L 466 68.73 -25.36 -27.63
CA LEU L 466 67.47 -25.77 -27.01
C LEU L 466 66.31 -25.23 -27.83
N LEU L 467 66.38 -25.44 -29.15
CA LEU L 467 65.30 -25.11 -30.06
C LEU L 467 64.07 -25.81 -29.49
N PRO L 468 62.88 -25.22 -29.57
CA PRO L 468 61.93 -25.33 -28.45
C PRO L 468 61.57 -26.72 -27.96
N ASP L 469 60.94 -27.56 -28.79
CA ASP L 469 60.10 -28.61 -28.23
C ASP L 469 60.83 -29.86 -27.81
N GLN L 470 61.83 -30.29 -28.56
CA GLN L 470 62.65 -31.43 -28.16
C GLN L 470 64.11 -31.03 -28.26
N GLU L 471 64.98 -31.83 -27.65
CA GLU L 471 66.39 -31.46 -27.61
C GLU L 471 66.95 -31.44 -29.03
N THR L 472 67.30 -30.24 -29.49
CA THR L 472 67.78 -30.02 -30.85
C THR L 472 69.29 -30.04 -30.89
N PHE L 473 69.83 -30.95 -31.69
CA PHE L 473 71.27 -30.94 -31.98
C PHE L 473 71.42 -31.09 -33.48
N TRP L 474 72.47 -30.49 -34.01
CA TRP L 474 72.61 -30.31 -35.44
C TRP L 474 73.76 -31.14 -35.98
N VAL L 475 73.56 -31.71 -37.16
CA VAL L 475 74.58 -32.45 -37.88
C VAL L 475 74.56 -31.98 -39.32
N SER L 476 75.66 -32.22 -40.03
CA SER L 476 75.79 -31.70 -41.38
C SER L 476 75.14 -32.68 -42.38
N VAL L 477 75.34 -32.41 -43.66
CA VAL L 477 74.61 -33.13 -44.71
C VAL L 477 75.37 -34.36 -45.21
N GLU L 478 76.67 -34.46 -44.94
CA GLU L 478 77.34 -35.75 -45.10
C GLU L 478 77.01 -36.67 -43.93
N TYR L 479 76.83 -36.09 -42.74
CA TYR L 479 76.41 -36.86 -41.58
C TYR L 479 74.97 -37.33 -41.73
N GLU L 480 74.17 -36.61 -42.52
CA GLU L 480 72.77 -36.96 -42.69
C GLU L 480 72.60 -38.35 -43.28
N GLU L 481 73.41 -38.69 -44.29
CA GLU L 481 73.26 -39.97 -44.97
C GLU L 481 73.35 -41.13 -43.99
N ARG L 482 74.25 -41.02 -43.01
CA ARG L 482 74.44 -42.12 -42.08
C ARG L 482 73.44 -42.09 -40.93
N LEU L 483 73.07 -40.90 -40.46
CA LEU L 483 72.07 -40.83 -39.41
C LEU L 483 70.66 -41.10 -39.91
N GLU L 484 70.39 -40.82 -41.20
CA GLU L 484 69.10 -41.25 -41.73
C GLU L 484 69.04 -42.76 -41.87
N LYS L 485 70.18 -43.42 -42.01
CA LYS L 485 70.21 -44.87 -41.85
C LYS L 485 69.84 -45.25 -40.43
N SER L 486 70.36 -44.50 -39.45
CA SER L 486 70.09 -44.76 -38.04
C SER L 486 68.69 -44.35 -37.61
N GLN L 487 67.94 -43.68 -38.48
CA GLN L 487 66.53 -43.38 -38.26
C GLN L 487 66.24 -42.52 -37.03
N LEU L 488 66.67 -41.27 -37.05
CA LEU L 488 66.19 -40.26 -36.11
C LEU L 488 65.56 -39.11 -36.89
N GLU L 489 65.02 -38.14 -36.17
CA GLU L 489 64.18 -37.12 -36.81
C GLU L 489 65.02 -36.03 -37.48
N PHE L 490 64.82 -35.88 -38.79
CA PHE L 490 65.50 -34.89 -39.60
C PHE L 490 64.57 -33.76 -39.98
N PHE L 491 65.06 -32.54 -39.84
CA PHE L 491 64.29 -31.36 -40.21
C PHE L 491 65.09 -30.57 -41.25
N SER L 492 64.62 -30.61 -42.49
CA SER L 492 65.23 -29.82 -43.53
C SER L 492 64.95 -28.34 -43.28
N HIS L 493 65.35 -27.50 -44.24
CA HIS L 493 65.10 -26.08 -44.08
C HIS L 493 63.64 -25.72 -44.24
N SER L 494 62.87 -26.54 -44.95
CA SER L 494 61.43 -26.37 -44.87
C SER L 494 60.90 -26.80 -43.51
N GLN L 495 61.23 -28.02 -43.09
CA GLN L 495 60.58 -28.61 -41.93
C GLN L 495 61.00 -27.92 -40.64
N VAL L 496 62.13 -27.22 -40.64
CA VAL L 496 62.48 -26.45 -39.46
C VAL L 496 61.65 -25.18 -39.43
N LEU L 497 61.26 -24.68 -40.60
CA LEU L 497 60.48 -23.46 -40.66
C LEU L 497 59.02 -23.75 -40.36
N THR L 498 58.38 -24.58 -41.19
CA THR L 498 56.96 -24.84 -41.01
C THR L 498 56.65 -25.41 -39.65
N TRP L 499 57.56 -26.16 -39.05
CA TRP L 499 57.24 -26.74 -37.75
C TRP L 499 56.86 -25.67 -36.75
N HIS L 500 57.68 -24.63 -36.63
CA HIS L 500 57.29 -23.53 -35.75
C HIS L 500 55.99 -22.90 -36.22
N LEU L 501 55.79 -22.77 -37.53
CA LEU L 501 54.52 -22.28 -38.03
C LEU L 501 53.39 -23.17 -37.54
N SER L 502 53.41 -24.45 -37.91
CA SER L 502 52.38 -25.37 -37.47
C SER L 502 52.32 -25.48 -35.97
N HIS L 503 53.27 -24.87 -35.27
CA HIS L 503 53.15 -24.75 -33.83
C HIS L 503 52.65 -23.37 -33.43
N VAL L 504 52.89 -22.36 -34.26
CA VAL L 504 52.39 -21.02 -33.94
C VAL L 504 50.89 -20.97 -34.10
N LEU L 505 50.38 -21.53 -35.20
CA LEU L 505 48.93 -21.54 -35.41
C LEU L 505 48.24 -22.34 -34.32
N ARG L 506 48.73 -23.55 -34.05
CA ARG L 506 48.02 -24.39 -33.10
C ARG L 506 47.98 -23.78 -31.72
N GLU L 507 48.84 -22.82 -31.42
CA GLU L 507 48.82 -22.20 -30.11
C GLU L 507 48.23 -20.80 -30.11
N TYR L 508 48.14 -20.16 -31.26
CA TYR L 508 47.52 -18.85 -31.38
C TYR L 508 46.30 -18.91 -32.27
N ALA L 509 45.60 -20.03 -32.23
CA ALA L 509 44.35 -20.17 -32.96
C ALA L 509 43.18 -19.54 -32.23
N GLU L 510 43.39 -18.98 -31.04
CA GLU L 510 42.36 -18.18 -30.43
C GLU L 510 42.31 -16.76 -30.99
N ASP L 511 43.26 -16.40 -31.84
CA ASP L 511 43.36 -15.05 -32.35
C ASP L 511 42.93 -14.92 -33.79
N PHE L 512 42.67 -16.04 -34.47
CA PHE L 512 42.22 -16.02 -35.84
C PHE L 512 40.74 -16.28 -35.97
N ILE L 513 40.03 -16.47 -34.87
CA ILE L 513 38.58 -16.63 -34.96
C ILE L 513 37.93 -15.41 -34.34
N GLY L 514 37.70 -14.40 -35.17
CA GLY L 514 37.03 -13.19 -34.74
C GLY L 514 35.68 -13.06 -35.42
N ILE L 515 34.91 -12.10 -34.94
CA ILE L 515 33.57 -11.89 -35.46
C ILE L 515 33.59 -11.76 -36.96
N GLN L 516 34.73 -11.40 -37.53
CA GLN L 516 34.81 -11.33 -38.98
C GLN L 516 35.08 -12.71 -39.58
N GLU L 517 35.55 -13.65 -38.77
CA GLU L 517 35.90 -14.95 -39.33
C GLU L 517 34.79 -15.97 -39.15
N THR L 518 34.00 -15.86 -38.08
CA THR L 518 32.84 -16.74 -37.99
C THR L 518 31.77 -16.34 -38.99
N ARG L 519 31.57 -15.04 -39.18
CA ARG L 519 30.64 -14.62 -40.22
C ARG L 519 31.12 -15.06 -41.60
N TYR L 520 32.36 -15.52 -41.69
CA TYR L 520 32.79 -16.16 -42.92
C TYR L 520 32.28 -17.59 -42.97
N LEU L 521 32.27 -18.28 -41.84
CA LEU L 521 31.73 -19.63 -41.79
C LEU L 521 30.22 -19.62 -41.97
N LEU L 522 29.53 -18.74 -41.23
CA LEU L 522 28.09 -18.66 -41.33
C LEU L 522 27.62 -18.07 -42.64
N GLU L 523 28.53 -17.66 -43.51
CA GLU L 523 28.13 -17.36 -44.88
C GLU L 523 28.49 -18.52 -45.80
N GLN L 524 29.66 -19.13 -45.60
CA GLN L 524 30.05 -20.25 -46.42
C GLN L 524 29.13 -21.44 -46.23
N MET L 525 28.38 -21.48 -45.14
CA MET L 525 27.46 -22.58 -44.88
C MET L 525 26.02 -22.24 -45.21
N GLU L 526 25.77 -21.02 -45.68
CA GLU L 526 24.40 -20.64 -46.02
C GLU L 526 23.80 -21.63 -47.03
N GLY L 527 24.57 -21.99 -48.05
CA GLY L 527 24.09 -22.92 -49.05
C GLY L 527 23.67 -24.24 -48.47
N GLY L 528 24.59 -24.91 -47.80
CA GLY L 528 24.30 -26.19 -47.21
C GLY L 528 23.17 -26.16 -46.20
N TYR L 529 23.36 -25.42 -45.12
CA TYR L 529 22.39 -25.40 -44.03
C TYR L 529 21.79 -24.00 -43.95
N GLY L 530 20.74 -23.77 -44.71
CA GLY L 530 20.08 -22.49 -44.70
C GLY L 530 19.33 -22.27 -43.41
N GLU L 531 18.35 -23.12 -43.13
CA GLU L 531 17.46 -22.86 -42.00
C GLU L 531 18.14 -23.10 -40.67
N LEU L 532 19.29 -23.75 -40.67
CA LEU L 532 20.03 -23.91 -39.42
C LEU L 532 20.63 -22.58 -39.01
N ILE L 533 21.21 -21.86 -39.96
CA ILE L 533 21.89 -20.61 -39.64
C ILE L 533 20.88 -19.51 -39.35
N LYS L 534 19.81 -19.41 -40.15
CA LYS L 534 18.80 -18.40 -39.88
C LYS L 534 18.11 -18.65 -38.55
N GLU L 535 18.29 -19.81 -37.96
CA GLU L 535 17.77 -20.11 -36.63
C GLU L 535 18.79 -19.82 -35.55
N VAL L 536 20.07 -20.10 -35.82
CA VAL L 536 21.08 -19.90 -34.79
C VAL L 536 21.39 -18.42 -34.61
N GLN L 537 21.31 -17.63 -35.68
CA GLN L 537 21.66 -16.23 -35.57
C GLN L 537 20.69 -15.46 -34.71
N ARG L 538 19.43 -15.87 -34.66
CA ARG L 538 18.44 -15.20 -33.84
C ARG L 538 18.50 -15.63 -32.39
N ILE L 539 19.15 -16.76 -32.11
CA ILE L 539 19.24 -17.24 -30.73
C ILE L 539 20.51 -16.76 -30.06
N VAL L 540 21.65 -16.93 -30.70
CA VAL L 540 22.92 -16.47 -30.16
C VAL L 540 23.47 -15.38 -31.06
N PRO L 541 23.75 -14.19 -30.54
CA PRO L 541 24.36 -13.14 -31.36
C PRO L 541 25.76 -13.55 -31.77
N LEU L 542 26.28 -12.86 -32.79
CA LEU L 542 27.59 -13.21 -33.30
C LEU L 542 28.67 -13.07 -32.26
N GLN L 543 28.56 -12.11 -31.35
CA GLN L 543 29.55 -12.02 -30.31
C GLN L 543 29.53 -13.28 -29.45
N ARG L 544 28.35 -13.76 -29.10
CA ARG L 544 28.26 -14.89 -28.18
C ARG L 544 28.66 -16.18 -28.86
N MET L 545 28.28 -16.35 -30.12
CA MET L 545 28.64 -17.56 -30.82
C MET L 545 30.15 -17.61 -31.07
N THR L 546 30.76 -16.46 -31.29
CA THR L 546 32.20 -16.44 -31.50
C THR L 546 32.96 -16.64 -30.19
N GLU L 547 32.45 -16.08 -29.10
CA GLU L 547 33.10 -16.30 -27.82
C GLU L 547 33.07 -17.77 -27.44
N ILE L 548 32.32 -18.58 -28.17
CA ILE L 548 32.38 -20.02 -27.98
C ILE L 548 33.43 -20.64 -28.88
N LEU L 549 33.40 -20.32 -30.16
CA LEU L 549 34.34 -20.92 -31.09
C LEU L 549 35.78 -20.67 -30.67
N GLN L 550 36.03 -19.56 -29.99
CA GLN L 550 37.36 -19.35 -29.44
C GLN L 550 37.60 -20.28 -28.26
N ARG L 551 36.56 -20.60 -27.51
CA ARG L 551 36.75 -21.44 -26.32
C ARG L 551 36.90 -22.90 -26.68
N LEU L 552 36.39 -23.32 -27.83
CA LEU L 552 36.68 -24.68 -28.27
C LEU L 552 38.12 -24.78 -28.74
N VAL L 553 38.47 -24.01 -29.77
CA VAL L 553 39.81 -24.09 -30.32
C VAL L 553 40.87 -23.78 -29.28
N GLY L 554 40.47 -23.25 -28.13
CA GLY L 554 41.41 -23.11 -27.03
C GLY L 554 41.84 -24.44 -26.45
N GLU L 555 40.91 -25.39 -26.34
CA GLU L 555 41.21 -26.71 -25.84
C GLU L 555 41.65 -27.67 -26.94
N ASP L 556 42.00 -27.14 -28.11
CA ASP L 556 42.38 -27.91 -29.29
C ASP L 556 41.26 -28.76 -29.84
N ILE L 557 40.05 -28.63 -29.33
CA ILE L 557 38.89 -29.20 -29.99
C ILE L 557 38.77 -28.59 -31.38
N SER L 558 38.23 -29.35 -32.31
CA SER L 558 38.21 -28.96 -33.71
C SER L 558 36.83 -28.42 -34.07
N ILE L 559 36.79 -27.16 -34.47
CA ILE L 559 35.57 -26.56 -34.99
C ILE L 559 35.03 -27.36 -36.16
N ARG L 560 35.91 -28.04 -36.89
CA ARG L 560 35.65 -28.55 -38.23
C ARG L 560 34.22 -29.04 -38.42
N ASN L 561 33.72 -29.80 -37.46
CA ASN L 561 32.35 -30.32 -37.50
C ASN L 561 31.41 -29.18 -37.19
N MET L 562 31.13 -28.37 -38.19
CA MET L 562 30.42 -27.12 -37.91
C MET L 562 28.92 -27.32 -37.76
N ARG L 563 28.38 -28.42 -38.26
CA ARG L 563 26.94 -28.63 -38.09
C ARG L 563 26.61 -28.93 -36.64
N SER L 564 27.13 -30.02 -36.09
CA SER L 564 26.75 -30.43 -34.75
C SER L 564 27.26 -29.48 -33.69
N ILE L 565 27.97 -28.43 -34.09
CA ILE L 565 28.23 -27.34 -33.16
C ILE L 565 27.09 -26.35 -33.19
N LEU L 566 26.39 -26.27 -34.31
CA LEU L 566 25.24 -25.38 -34.38
C LEU L 566 23.97 -26.05 -33.88
N GLU L 567 23.81 -27.34 -34.11
CA GLU L 567 22.71 -28.06 -33.49
C GLU L 567 22.75 -27.88 -31.98
N ALA L 568 23.91 -28.11 -31.38
CA ALA L 568 24.03 -27.92 -29.94
C ALA L 568 24.09 -26.46 -29.57
N MET L 569 24.25 -25.57 -30.55
CA MET L 569 24.19 -24.14 -30.26
C MET L 569 22.73 -23.71 -30.14
N VAL L 570 21.90 -24.17 -31.06
CA VAL L 570 20.48 -23.86 -31.01
C VAL L 570 19.84 -24.46 -29.78
N GLU L 571 20.15 -25.72 -29.50
CA GLU L 571 19.50 -26.43 -28.41
C GLU L 571 19.74 -25.73 -27.08
N TRP L 572 20.98 -25.37 -26.79
CA TRP L 572 21.33 -24.87 -25.48
C TRP L 572 21.39 -23.35 -25.40
N GLY L 573 21.43 -22.65 -26.53
CA GLY L 573 21.52 -21.21 -26.47
C GLY L 573 20.31 -20.52 -25.88
N GLN L 574 19.23 -21.27 -25.69
CA GLN L 574 18.02 -20.77 -25.08
C GLN L 574 17.96 -21.05 -23.60
N LYS L 575 18.47 -22.19 -23.17
CA LYS L 575 18.44 -22.56 -21.76
C LYS L 575 19.61 -21.97 -21.00
N GLU L 576 20.83 -22.18 -21.48
CA GLU L 576 22.01 -21.70 -20.77
C GLU L 576 22.46 -20.35 -21.33
N LYS L 577 23.01 -19.52 -20.45
CA LYS L 577 23.44 -18.18 -20.84
C LYS L 577 24.86 -17.84 -20.42
N ASP L 578 25.45 -18.53 -19.44
CA ASP L 578 26.84 -18.33 -19.11
C ASP L 578 27.70 -19.06 -20.14
N VAL L 579 28.58 -18.34 -20.81
CA VAL L 579 29.34 -18.93 -21.92
C VAL L 579 30.06 -20.18 -21.48
N VAL L 580 30.67 -20.15 -20.31
CA VAL L 580 31.47 -21.29 -19.88
C VAL L 580 30.60 -22.52 -19.68
N GLN L 581 29.35 -22.32 -19.26
CA GLN L 581 28.43 -23.46 -19.20
C GLN L 581 28.03 -23.89 -20.59
N LEU L 582 27.67 -22.94 -21.44
CA LEU L 582 27.23 -23.26 -22.78
C LEU L 582 28.29 -24.04 -23.54
N THR L 583 29.56 -23.69 -23.35
CA THR L 583 30.58 -24.43 -24.08
C THR L 583 30.80 -25.80 -23.51
N GLU L 584 30.53 -26.00 -22.22
CA GLU L 584 30.62 -27.35 -21.68
C GLU L 584 29.46 -28.20 -22.15
N TYR L 585 28.34 -27.58 -22.49
CA TYR L 585 27.27 -28.34 -23.13
C TYR L 585 27.57 -28.61 -24.59
N ILE L 586 28.33 -27.73 -25.24
CA ILE L 586 28.60 -27.91 -26.65
C ILE L 586 29.69 -28.94 -26.87
N ARG L 587 30.71 -28.96 -26.02
CA ARG L 587 31.67 -30.07 -26.08
C ARG L 587 30.97 -31.40 -25.93
N SER L 588 29.97 -31.48 -25.07
CA SER L 588 29.19 -32.70 -24.89
C SER L 588 28.42 -33.10 -26.11
N SER L 589 28.39 -32.28 -27.16
CA SER L 589 27.77 -32.68 -28.41
C SER L 589 28.77 -33.34 -29.36
N LEU L 590 30.07 -33.16 -29.13
CA LEU L 590 31.10 -33.84 -29.89
C LEU L 590 31.58 -35.09 -29.18
N LYS L 591 30.69 -35.78 -28.46
CA LYS L 591 31.06 -36.92 -27.65
C LYS L 591 31.95 -37.89 -28.41
N ARG L 592 31.42 -38.49 -29.45
CA ARG L 592 32.18 -39.55 -30.11
C ARG L 592 33.32 -39.01 -30.94
N TYR L 593 33.59 -37.71 -30.87
CA TYR L 593 34.82 -37.21 -31.45
C TYR L 593 35.94 -37.27 -30.42
N ILE L 594 35.70 -36.72 -29.23
CA ILE L 594 36.73 -36.66 -28.22
C ILE L 594 37.22 -38.06 -27.86
N CYS L 595 36.30 -39.01 -27.68
CA CYS L 595 36.66 -40.40 -27.50
C CYS L 595 37.68 -40.87 -28.52
N TYR L 596 37.72 -40.25 -29.70
CA TYR L 596 38.69 -40.60 -30.71
C TYR L 596 39.91 -39.69 -30.70
N LYS L 597 39.83 -38.53 -30.06
CA LYS L 597 41.02 -37.70 -30.02
C LYS L 597 41.94 -38.08 -28.88
N TYR L 598 41.40 -38.50 -27.74
CA TYR L 598 42.25 -38.74 -26.59
C TYR L 598 42.50 -40.22 -26.33
N ALA L 599 41.52 -41.07 -26.60
CA ALA L 599 41.65 -42.50 -26.38
C ALA L 599 41.59 -43.21 -27.72
N ASN L 600 42.73 -43.30 -28.39
CA ASN L 600 42.78 -43.95 -29.69
C ASN L 600 42.65 -45.46 -29.61
N GLY L 601 43.02 -46.07 -28.48
CA GLY L 601 42.94 -47.51 -28.35
C GLY L 601 41.51 -48.00 -28.26
N ASN L 602 41.39 -49.26 -27.88
CA ASN L 602 40.08 -49.92 -27.84
C ASN L 602 39.26 -49.45 -26.66
N ASN L 603 38.78 -48.21 -26.71
CA ASN L 603 37.85 -47.67 -25.72
C ASN L 603 38.45 -47.70 -24.31
N ILE L 604 39.77 -47.58 -24.22
CA ILE L 604 40.45 -47.51 -22.94
C ILE L 604 41.19 -46.19 -22.87
N LEU L 605 41.05 -45.49 -21.74
CA LEU L 605 41.55 -44.13 -21.60
C LEU L 605 42.26 -44.00 -20.26
N PRO L 606 43.53 -43.64 -20.24
CA PRO L 606 44.27 -43.53 -18.98
C PRO L 606 43.98 -42.20 -18.30
N ALA L 607 43.21 -42.24 -17.23
CA ALA L 607 42.69 -41.03 -16.62
C ALA L 607 43.40 -40.72 -15.31
N TYR L 608 43.03 -39.57 -14.76
CA TYR L 608 43.60 -39.08 -13.51
C TYR L 608 42.50 -38.52 -12.63
N LEU L 609 41.45 -39.30 -12.40
CA LEU L 609 40.24 -38.82 -11.75
C LEU L 609 40.53 -37.95 -10.53
N PHE L 610 39.68 -36.96 -10.33
CA PHE L 610 39.72 -36.10 -9.15
C PHE L 610 38.82 -36.68 -8.07
N ASP L 611 39.38 -36.98 -6.90
CA ASP L 611 38.53 -37.49 -5.85
C ASP L 611 37.60 -36.41 -5.34
N GLN L 612 36.36 -36.81 -5.04
CA GLN L 612 35.25 -35.88 -4.91
C GLN L 612 35.55 -34.74 -3.96
N GLU L 613 36.42 -34.96 -2.97
CA GLU L 613 36.68 -33.91 -1.99
C GLU L 613 37.24 -32.66 -2.65
N VAL L 614 38.02 -32.83 -3.73
CA VAL L 614 38.62 -31.67 -4.39
C VAL L 614 37.62 -31.01 -5.33
N GLU L 615 36.92 -31.81 -6.14
CA GLU L 615 35.93 -31.24 -7.05
C GLU L 615 34.88 -30.41 -6.34
N GLU L 616 34.84 -30.45 -5.02
CA GLU L 616 33.94 -29.61 -4.25
C GLU L 616 34.62 -28.37 -3.68
N LYS L 617 35.91 -28.46 -3.37
CA LYS L 617 36.63 -27.25 -3.02
C LYS L 617 36.63 -26.26 -4.16
N ILE L 618 36.75 -26.75 -5.40
CA ILE L 618 36.80 -25.84 -6.54
C ILE L 618 35.43 -25.34 -6.91
N ARG L 619 34.39 -26.14 -6.75
CA ARG L 619 33.06 -25.68 -7.09
C ARG L 619 32.55 -24.64 -6.12
N SER L 620 33.29 -24.34 -5.06
CA SER L 620 32.88 -23.34 -4.09
C SER L 620 33.62 -22.02 -4.25
N GLY L 621 34.32 -21.83 -5.36
CA GLY L 621 35.09 -20.62 -5.57
C GLY L 621 34.86 -19.99 -6.93
N VAL L 622 33.63 -20.01 -7.43
CA VAL L 622 33.38 -19.65 -8.82
C VAL L 622 33.13 -18.15 -9.00
N ARG L 623 32.44 -17.49 -8.07
CA ARG L 623 32.31 -16.04 -8.07
C ARG L 623 31.72 -15.50 -9.39
N GLN L 624 30.47 -15.85 -9.63
CA GLN L 624 29.80 -15.45 -10.88
C GLN L 624 29.35 -14.00 -10.77
N THR L 625 30.25 -13.07 -11.09
CA THR L 625 30.02 -11.66 -10.83
C THR L 625 29.88 -10.81 -12.09
N SER L 626 30.92 -10.77 -12.93
CA SER L 626 30.98 -9.77 -14.00
C SER L 626 31.27 -10.45 -15.33
N ALA L 627 30.54 -11.51 -15.61
CA ALA L 627 30.75 -12.31 -16.82
C ALA L 627 32.17 -12.82 -16.92
N GLY L 628 32.83 -13.00 -15.77
CA GLY L 628 34.14 -13.59 -15.72
C GLY L 628 34.16 -14.89 -14.94
N SER L 629 33.29 -15.00 -13.94
CA SER L 629 33.17 -16.19 -13.11
C SER L 629 34.53 -16.73 -12.69
N TYR L 630 35.46 -15.82 -12.39
CA TYR L 630 36.83 -16.23 -12.09
C TYR L 630 36.86 -17.20 -10.93
N LEU L 631 37.71 -18.21 -11.04
CA LEU L 631 37.99 -19.07 -9.90
C LEU L 631 38.90 -18.30 -8.95
N ALA L 632 38.37 -17.90 -7.80
CA ALA L 632 39.14 -17.15 -6.81
C ALA L 632 39.03 -17.89 -5.48
N LEU L 633 40.02 -18.75 -5.21
CA LEU L 633 40.04 -19.45 -3.93
C LEU L 633 40.97 -18.74 -2.94
N ASP L 634 42.26 -18.77 -3.22
CA ASP L 634 43.30 -18.12 -2.43
C ASP L 634 44.61 -18.39 -3.15
N PRO L 635 45.53 -17.42 -3.21
CA PRO L 635 46.90 -17.75 -3.63
C PRO L 635 47.56 -18.80 -2.76
N ALA L 636 46.96 -19.16 -1.62
CA ALA L 636 47.50 -20.21 -0.77
C ALA L 636 46.73 -21.51 -0.88
N VAL L 637 45.53 -21.50 -1.44
CA VAL L 637 44.82 -22.75 -1.72
C VAL L 637 45.17 -23.26 -3.10
N THR L 638 45.27 -22.37 -4.08
CA THR L 638 45.70 -22.78 -5.41
C THR L 638 46.99 -23.56 -5.36
N GLU L 639 47.93 -23.16 -4.51
CA GLU L 639 49.17 -23.91 -4.37
C GLU L 639 48.94 -25.20 -3.58
N SER L 640 47.87 -25.27 -2.79
CA SER L 640 47.56 -26.50 -2.09
C SER L 640 47.06 -27.57 -3.06
N LEU L 641 46.09 -27.21 -3.89
CA LEU L 641 45.60 -28.16 -4.89
C LEU L 641 46.67 -28.46 -5.92
N LEU L 642 47.28 -27.43 -6.48
CA LEU L 642 48.29 -27.63 -7.50
C LEU L 642 49.46 -28.43 -6.98
N GLU L 643 49.60 -28.55 -5.65
CA GLU L 643 50.61 -29.44 -5.12
C GLU L 643 50.12 -30.87 -5.07
N GLN L 644 48.88 -31.08 -4.62
CA GLN L 644 48.32 -32.43 -4.61
C GLN L 644 48.30 -33.02 -6.00
N VAL L 645 48.05 -32.19 -7.02
CA VAL L 645 48.18 -32.67 -8.39
C VAL L 645 49.62 -33.08 -8.66
N ARG L 646 50.54 -32.13 -8.55
CA ARG L 646 51.94 -32.39 -8.82
C ARG L 646 52.48 -33.54 -8.00
N LYS L 647 51.82 -33.89 -6.90
CA LYS L 647 52.30 -34.98 -6.07
C LYS L 647 51.94 -36.35 -6.63
N THR L 648 50.87 -36.45 -7.42
CA THR L 648 50.46 -37.71 -8.00
C THR L 648 50.81 -37.80 -9.48
N ILE L 649 50.41 -36.81 -10.27
CA ILE L 649 50.75 -36.80 -11.69
C ILE L 649 52.25 -36.82 -11.88
N GLY L 650 53.01 -36.26 -10.95
CA GLY L 650 54.43 -36.20 -11.11
C GLY L 650 54.82 -35.17 -12.15
N ASP L 651 55.54 -35.60 -13.19
CA ASP L 651 55.93 -34.70 -14.25
C ASP L 651 55.38 -35.07 -15.61
N LEU L 652 54.91 -36.31 -15.77
CA LEU L 652 54.32 -36.83 -17.01
C LEU L 652 55.23 -36.65 -18.22
N SER L 653 56.48 -36.25 -18.00
CA SER L 653 57.41 -36.17 -19.11
C SER L 653 57.84 -37.57 -19.51
N GLN L 654 58.13 -38.42 -18.51
CA GLN L 654 58.39 -39.82 -18.78
C GLN L 654 57.09 -40.60 -18.96
N ILE L 655 56.01 -40.16 -18.32
CA ILE L 655 54.74 -40.87 -18.43
C ILE L 655 54.29 -40.85 -19.86
N GLN L 656 54.26 -42.02 -20.49
CA GLN L 656 53.90 -42.14 -21.89
C GLN L 656 52.39 -42.33 -22.05
N SER L 657 51.96 -42.37 -23.30
CA SER L 657 50.60 -42.66 -23.74
C SER L 657 49.64 -41.49 -23.58
N LYS L 658 50.13 -40.29 -23.28
CA LYS L 658 49.30 -39.09 -23.26
C LYS L 658 48.07 -39.26 -22.35
N PRO L 659 48.22 -39.26 -21.04
CA PRO L 659 47.07 -39.39 -20.16
C PRO L 659 46.25 -38.11 -20.17
N VAL L 660 45.05 -38.21 -19.61
CA VAL L 660 44.14 -37.07 -19.54
C VAL L 660 43.52 -36.99 -18.16
N LEU L 661 43.39 -35.77 -17.64
CA LEU L 661 42.69 -35.56 -16.40
C LEU L 661 41.20 -35.59 -16.67
N ILE L 662 40.42 -36.06 -15.70
CA ILE L 662 38.99 -36.22 -15.89
C ILE L 662 38.29 -35.68 -14.67
N VAL L 663 37.56 -34.59 -14.85
CA VAL L 663 36.91 -33.91 -13.75
C VAL L 663 35.47 -33.65 -14.16
N SER L 664 34.61 -33.39 -13.18
CA SER L 664 33.21 -33.13 -13.44
C SER L 664 33.06 -32.00 -14.46
N MET L 665 31.86 -31.91 -15.03
CA MET L 665 31.67 -31.02 -16.17
C MET L 665 31.71 -29.57 -15.76
N ASP L 666 30.95 -29.20 -14.73
CA ASP L 666 30.72 -27.80 -14.42
C ASP L 666 31.95 -27.05 -13.97
N ILE L 667 33.07 -27.73 -13.75
CA ILE L 667 34.30 -27.03 -13.39
C ILE L 667 35.42 -27.46 -14.33
N ARG L 668 35.07 -28.15 -15.42
CA ARG L 668 36.10 -28.61 -16.34
C ARG L 668 36.95 -27.45 -16.83
N ARG L 669 36.40 -26.25 -16.83
CA ARG L 669 37.17 -25.11 -17.32
C ARG L 669 38.13 -24.61 -16.26
N TYR L 670 37.62 -24.34 -15.05
CA TYR L 670 38.45 -23.68 -14.06
C TYR L 670 39.64 -24.54 -13.67
N VAL L 671 39.47 -25.86 -13.67
CA VAL L 671 40.61 -26.75 -13.48
C VAL L 671 41.60 -26.57 -14.62
N ARG L 672 41.11 -26.39 -15.84
CA ARG L 672 42.00 -26.29 -16.97
C ARG L 672 42.89 -25.06 -16.88
N LYS L 673 42.29 -23.89 -16.69
CA LYS L 673 43.11 -22.70 -16.60
C LYS L 673 43.87 -22.62 -15.29
N LEU L 674 43.64 -23.55 -14.38
CA LEU L 674 44.44 -23.59 -13.15
C LEU L 674 45.78 -24.26 -13.40
N ILE L 675 45.77 -25.53 -13.80
CA ILE L 675 47.01 -26.23 -14.10
C ILE L 675 47.60 -25.86 -15.45
N GLU L 676 46.99 -24.93 -16.16
CA GLU L 676 47.49 -24.53 -17.48
C GLU L 676 48.93 -24.06 -17.43
N SER L 677 49.39 -23.57 -16.30
CA SER L 677 50.77 -23.14 -16.18
C SER L 677 51.72 -24.33 -16.17
N GLU L 678 51.49 -25.27 -15.24
CA GLU L 678 52.45 -26.33 -15.03
C GLU L 678 52.29 -27.45 -16.07
N TYR L 679 51.09 -28.02 -16.16
CA TYR L 679 50.84 -29.16 -17.02
C TYR L 679 50.10 -28.69 -18.26
N TYR L 680 50.83 -28.37 -19.30
CA TYR L 680 50.21 -27.81 -20.50
C TYR L 680 49.69 -28.90 -21.43
N GLY L 681 50.38 -30.02 -21.53
CA GLY L 681 49.97 -31.07 -22.43
C GLY L 681 49.09 -32.10 -21.76
N LEU L 682 48.43 -31.71 -20.68
CA LEU L 682 47.53 -32.59 -19.94
C LEU L 682 46.10 -32.13 -20.18
N PRO L 683 45.43 -32.66 -21.20
CA PRO L 683 44.07 -32.20 -21.47
C PRO L 683 43.14 -32.60 -20.34
N VAL L 684 42.06 -31.84 -20.21
CA VAL L 684 41.05 -32.10 -19.20
C VAL L 684 39.75 -32.43 -19.90
N LEU L 685 39.07 -33.47 -19.42
CA LEU L 685 37.80 -33.89 -19.98
C LEU L 685 36.70 -33.74 -18.94
N SER L 686 35.53 -34.21 -19.28
CA SER L 686 34.42 -34.26 -18.36
C SER L 686 33.94 -35.70 -18.24
N TYR L 687 33.01 -35.92 -17.33
CA TYR L 687 32.34 -37.21 -17.32
C TYR L 687 31.34 -37.29 -18.46
N GLN L 688 30.82 -36.15 -18.87
CA GLN L 688 29.77 -36.12 -19.88
C GLN L 688 30.35 -36.28 -21.27
N GLU L 689 31.43 -35.55 -21.56
CA GLU L 689 32.07 -35.69 -22.86
C GLU L 689 32.49 -37.13 -23.12
N LEU L 690 32.73 -37.90 -22.07
CA LEU L 690 33.08 -39.29 -22.24
C LEU L 690 31.86 -40.06 -22.71
N THR L 691 31.80 -40.34 -24.02
CA THR L 691 30.80 -41.25 -24.51
C THR L 691 30.86 -42.54 -23.73
N GLN L 692 29.70 -43.11 -23.46
CA GLN L 692 29.70 -44.40 -22.81
C GLN L 692 30.47 -45.40 -23.67
N GLN L 693 30.71 -46.58 -23.10
CA GLN L 693 31.52 -47.61 -23.74
C GLN L 693 32.97 -47.14 -23.86
N ILE L 694 33.45 -46.48 -22.83
CA ILE L 694 34.86 -46.10 -22.70
C ILE L 694 35.35 -46.63 -21.37
N ASN L 695 36.42 -47.41 -21.40
CA ASN L 695 36.98 -47.99 -20.19
C ASN L 695 38.02 -47.04 -19.62
N ILE L 696 37.55 -46.14 -18.76
CA ILE L 696 38.47 -45.28 -18.03
C ILE L 696 39.36 -46.15 -17.15
N GLN L 697 40.66 -46.07 -17.37
CA GLN L 697 41.61 -46.84 -16.59
C GLN L 697 42.36 -45.90 -15.65
N PRO L 698 41.81 -45.60 -14.47
CA PRO L 698 42.37 -44.54 -13.64
C PRO L 698 43.81 -44.82 -13.24
N LEU L 699 44.71 -43.93 -13.66
CA LEU L 699 46.10 -44.07 -13.26
C LEU L 699 46.26 -43.80 -11.77
N GLY L 700 45.68 -42.71 -11.28
CA GLY L 700 45.71 -42.43 -9.86
C GLY L 700 44.84 -41.26 -9.47
N ARG L 701 43.98 -41.45 -8.47
CA ARG L 701 43.02 -40.43 -8.09
C ARG L 701 43.73 -39.32 -7.30
N VAL L 702 43.39 -38.08 -7.61
CA VAL L 702 44.00 -36.92 -6.94
C VAL L 702 43.24 -36.67 -5.65
N CYS L 703 43.81 -37.12 -4.54
CA CYS L 703 43.17 -36.97 -3.24
C CYS L 703 43.33 -35.53 -2.79
N LEU L 704 43.03 -35.25 -1.52
CA LEU L 704 43.29 -33.94 -0.97
C LEU L 704 44.35 -34.07 0.11
N LEU M 361 33.54 45.91 -48.00
CA LEU M 361 33.95 45.25 -46.77
C LEU M 361 32.76 44.58 -46.11
N GLY M 362 31.61 44.69 -46.76
CA GLY M 362 30.41 44.03 -46.28
C GLY M 362 30.43 42.52 -46.36
N GLU M 363 31.49 41.93 -46.90
CA GLU M 363 31.64 40.48 -46.89
C GLU M 363 31.64 39.99 -45.45
N GLN M 364 30.84 38.95 -45.17
CA GLN M 364 30.47 38.68 -43.78
C GLN M 364 31.68 38.38 -42.91
N GLU M 365 32.29 37.19 -43.01
CA GLU M 365 33.61 37.04 -42.42
C GLU M 365 34.56 36.08 -43.14
N ALA M 366 34.02 35.18 -43.95
CA ALA M 366 34.83 34.22 -44.71
C ALA M 366 35.70 33.37 -43.78
N PHE M 367 35.01 32.53 -43.01
CA PHE M 367 35.63 31.57 -42.10
C PHE M 367 36.82 30.87 -42.74
N ALA M 368 37.91 30.78 -42.01
CA ALA M 368 39.13 30.14 -42.49
C ALA M 368 39.58 29.09 -41.48
N MET M 369 39.71 27.85 -41.95
CA MET M 369 39.99 26.74 -41.05
C MET M 369 41.39 26.86 -40.44
N THR M 370 41.52 26.51 -39.17
CA THR M 370 42.82 26.44 -38.54
C THR M 370 43.62 25.25 -39.07
N VAL M 371 44.93 25.38 -39.06
CA VAL M 371 45.79 24.31 -39.57
C VAL M 371 46.07 23.31 -38.46
N PRO M 372 45.94 22.03 -38.72
CA PRO M 372 46.14 21.03 -37.67
C PRO M 372 47.55 21.04 -37.12
N LEU M 373 48.53 20.91 -37.99
CA LEU M 373 49.93 20.98 -37.60
C LEU M 373 50.62 21.97 -38.51
N LEU M 374 51.61 22.67 -37.99
CA LEU M 374 52.27 23.70 -38.76
C LEU M 374 53.71 23.82 -38.31
N ILE M 375 54.62 23.89 -39.27
CA ILE M 375 56.03 24.15 -38.99
C ILE M 375 56.35 25.51 -39.58
N ASP M 376 56.81 26.41 -38.74
CA ASP M 376 57.24 27.73 -39.19
C ASP M 376 58.71 27.86 -38.85
N VAL M 377 59.55 27.75 -39.87
CA VAL M 377 60.97 28.00 -39.72
C VAL M 377 61.26 29.34 -40.40
N ASP M 378 62.46 29.85 -40.21
CA ASP M 378 62.77 31.17 -40.74
C ASP M 378 62.90 31.12 -42.25
N SER M 379 63.06 32.30 -42.85
CA SER M 379 63.45 32.40 -44.23
C SER M 379 64.96 32.17 -44.31
N SER M 380 65.57 32.52 -45.43
CA SER M 380 67.01 32.38 -45.67
C SER M 380 67.41 30.92 -45.79
N GLN M 381 66.48 30.01 -45.53
CA GLN M 381 66.69 28.60 -45.82
C GLN M 381 65.66 28.05 -46.78
N GLN M 382 64.63 28.83 -47.14
CA GLN M 382 63.55 28.35 -47.99
C GLN M 382 64.06 27.73 -49.27
N GLU M 383 65.30 28.03 -49.64
CA GLU M 383 65.99 27.35 -50.72
C GLU M 383 67.34 26.81 -50.29
N ALA M 384 67.85 27.25 -49.14
CA ALA M 384 69.12 26.78 -48.62
C ALA M 384 68.97 25.51 -47.80
N LEU M 385 67.90 25.38 -46.99
CA LEU M 385 67.81 24.13 -46.26
C LEU M 385 67.33 23.04 -47.19
N GLU M 386 66.02 22.97 -47.48
CA GLU M 386 65.39 22.73 -48.77
C GLU M 386 66.13 21.76 -49.69
N ALA M 387 67.18 21.12 -49.21
CA ALA M 387 68.06 20.37 -50.09
C ALA M 387 68.56 19.08 -49.47
N ILE M 388 68.12 18.72 -48.26
CA ILE M 388 68.35 17.35 -47.84
C ILE M 388 67.15 16.58 -48.36
N ALA M 389 66.00 16.73 -47.72
CA ALA M 389 64.74 16.70 -48.43
C ALA M 389 63.85 17.84 -47.97
N LEU M 390 63.55 17.84 -46.66
CA LEU M 390 62.62 18.76 -46.01
C LEU M 390 61.25 18.75 -46.66
N ASN M 391 61.02 17.82 -47.58
CA ASN M 391 59.68 17.41 -47.97
C ASN M 391 59.59 15.91 -48.08
N ASP M 392 60.72 15.20 -48.04
CA ASP M 392 60.76 13.77 -47.90
C ASP M 392 61.52 13.34 -46.65
N GLU M 393 61.90 14.28 -45.79
CA GLU M 393 62.43 13.94 -44.48
C GLU M 393 61.38 14.14 -43.41
N LEU M 394 60.33 14.90 -43.71
CA LEU M 394 59.18 14.96 -42.82
C LEU M 394 58.22 13.83 -43.11
N VAL M 395 57.82 13.67 -44.38
CA VAL M 395 56.89 12.60 -44.72
C VAL M 395 57.49 11.24 -44.39
N ARG M 396 58.82 11.14 -44.32
CA ARG M 396 59.43 9.88 -43.91
C ARG M 396 59.27 9.66 -42.42
N VAL M 397 59.47 10.70 -41.62
CA VAL M 397 59.35 10.52 -40.19
C VAL M 397 57.89 10.57 -39.76
N ARG M 398 57.02 11.08 -40.60
CA ARG M 398 55.60 10.99 -40.27
C ARG M 398 55.08 9.58 -40.50
N ARG M 399 55.40 8.99 -41.64
CA ARG M 399 55.03 7.60 -41.87
C ARG M 399 55.73 6.68 -40.88
N ALA M 400 57.04 6.84 -40.73
CA ALA M 400 57.77 5.96 -39.82
C ALA M 400 57.24 6.09 -38.40
N LEU M 401 56.63 7.22 -38.08
CA LEU M 401 56.02 7.35 -36.77
C LEU M 401 54.58 6.86 -36.78
N TYR M 402 53.94 6.86 -37.94
CA TYR M 402 52.60 6.31 -38.01
C TYR M 402 52.63 4.81 -37.79
N LEU M 403 53.52 4.11 -38.51
CA LEU M 403 53.66 2.67 -38.31
C LEU M 403 54.11 2.31 -36.91
N ASP M 404 54.41 3.29 -36.08
CA ASP M 404 54.80 2.98 -34.70
C ASP M 404 53.60 3.10 -33.78
N LEU M 405 52.88 4.21 -33.86
CA LEU M 405 51.73 4.49 -33.02
C LEU M 405 50.41 4.08 -33.67
N GLY M 406 50.23 4.41 -34.93
CA GLY M 406 49.01 4.08 -35.63
C GLY M 406 48.06 5.24 -35.81
N VAL M 407 48.31 6.36 -35.17
CA VAL M 407 47.43 7.52 -35.28
C VAL M 407 47.44 8.02 -36.72
N PRO M 408 46.32 8.34 -37.31
CA PRO M 408 46.34 8.91 -38.66
C PRO M 408 46.69 10.39 -38.62
N PHE M 409 47.99 10.67 -38.58
CA PHE M 409 48.48 12.02 -38.36
C PHE M 409 48.02 12.94 -39.48
N PRO M 410 47.97 14.23 -39.23
CA PRO M 410 47.47 15.16 -40.24
C PRO M 410 48.58 15.61 -41.18
N GLY M 411 48.25 16.53 -42.10
CA GLY M 411 49.23 16.99 -43.06
C GLY M 411 50.06 18.11 -42.47
N ILE M 412 51.37 17.96 -42.51
CA ILE M 412 52.28 18.96 -41.96
C ILE M 412 52.48 20.06 -42.98
N HIS M 413 51.85 21.20 -42.76
CA HIS M 413 52.15 22.36 -43.59
C HIS M 413 53.52 22.90 -43.23
N LEU M 414 54.28 23.29 -44.24
CA LEU M 414 55.62 23.83 -44.05
C LEU M 414 55.66 25.23 -44.63
N ARG M 415 55.91 26.22 -43.78
CA ARG M 415 55.93 27.62 -44.18
C ARG M 415 57.25 28.23 -43.74
N PHE M 416 57.97 28.79 -44.70
CA PHE M 416 59.18 29.56 -44.44
C PHE M 416 58.77 31.00 -44.21
N ASN M 417 58.80 31.43 -42.96
CA ASN M 417 58.43 32.78 -42.58
C ASN M 417 59.68 33.64 -42.49
N GLU M 418 59.56 34.89 -42.90
CA GLU M 418 60.67 35.84 -42.76
C GLU M 418 60.55 36.67 -41.48
N GLY M 419 59.37 36.68 -40.86
CA GLY M 419 59.15 37.55 -39.72
C GLY M 419 60.04 37.22 -38.53
N MET M 420 60.53 35.99 -38.45
CA MET M 420 61.37 35.58 -37.34
C MET M 420 62.83 35.85 -37.68
N GLY M 421 63.75 35.30 -36.89
CA GLY M 421 65.17 35.51 -37.10
C GLY M 421 65.71 34.70 -38.25
N GLU M 422 66.91 34.13 -38.07
CA GLU M 422 67.51 33.31 -39.10
C GLU M 422 67.77 31.87 -38.67
N GLY M 423 67.74 31.58 -37.38
CA GLY M 423 67.88 30.21 -36.93
C GLY M 423 66.69 29.77 -36.09
N GLU M 424 65.63 30.56 -36.09
CA GLU M 424 64.44 30.27 -35.31
C GLU M 424 63.56 29.29 -36.05
N TYR M 425 62.76 28.55 -35.29
CA TYR M 425 61.75 27.66 -35.87
C TYR M 425 60.78 27.29 -34.76
N LEU M 426 59.50 27.34 -35.07
CA LEU M 426 58.46 26.97 -34.13
C LEU M 426 57.55 25.94 -34.78
N ILE M 427 57.16 24.95 -34.00
CA ILE M 427 56.28 23.89 -34.46
C ILE M 427 54.95 24.10 -33.74
N SER M 428 53.94 24.54 -34.46
CA SER M 428 52.71 24.99 -33.84
C SER M 428 51.60 23.99 -34.10
N LEU M 429 51.08 23.38 -33.04
CA LEU M 429 49.85 22.61 -33.13
C LEU M 429 48.68 23.56 -33.05
N GLN M 430 47.96 23.73 -34.15
CA GLN M 430 46.73 24.51 -34.15
C GLN M 430 46.99 25.92 -33.62
N GLU M 431 48.02 26.56 -34.15
CA GLU M 431 48.32 27.96 -33.92
C GLU M 431 48.70 28.26 -32.47
N VAL M 432 49.41 27.35 -31.82
CA VAL M 432 50.05 27.68 -30.55
C VAL M 432 51.41 27.00 -30.49
N PRO M 433 52.49 27.74 -30.68
CA PRO M 433 53.82 27.13 -30.78
C PRO M 433 54.13 26.22 -29.61
N VAL M 434 54.31 24.94 -29.90
CA VAL M 434 54.46 23.94 -28.86
C VAL M 434 55.92 23.55 -28.63
N ALA M 435 56.79 23.76 -29.62
CA ALA M 435 58.22 23.52 -29.41
C ALA M 435 58.98 24.45 -30.33
N ARG M 436 59.36 25.61 -29.82
CA ARG M 436 60.11 26.57 -30.60
C ARG M 436 61.59 26.34 -30.37
N GLY M 437 62.39 26.94 -31.24
CA GLY M 437 63.82 26.82 -31.12
C GLY M 437 64.54 27.77 -32.04
N GLU M 438 65.67 28.27 -31.58
CA GLU M 438 66.58 29.05 -32.40
C GLU M 438 67.77 28.14 -32.66
N LEU M 439 67.72 27.44 -33.79
CA LEU M 439 68.79 26.48 -34.09
C LEU M 439 70.07 27.26 -34.34
N LYS M 440 70.97 27.26 -33.35
CA LYS M 440 72.27 27.91 -33.53
C LYS M 440 73.17 27.12 -34.45
N ALA M 441 72.64 26.08 -35.08
CA ALA M 441 73.19 25.52 -36.29
C ALA M 441 72.82 26.43 -37.45
N GLY M 442 72.37 27.64 -37.12
CA GLY M 442 71.97 28.63 -38.09
C GLY M 442 72.82 28.65 -39.34
N TYR M 443 74.13 28.83 -39.18
CA TYR M 443 75.00 28.74 -40.36
C TYR M 443 75.33 27.29 -40.68
N LEU M 444 76.15 26.65 -39.85
CA LEU M 444 76.35 25.21 -39.82
C LEU M 444 77.04 24.86 -38.51
N LEU M 445 76.30 24.29 -37.57
CA LEU M 445 76.89 24.00 -36.27
C LEU M 445 76.34 22.68 -35.75
N VAL M 446 76.37 21.65 -36.60
CA VAL M 446 75.72 20.37 -36.35
C VAL M 446 75.93 19.93 -34.90
N ARG M 447 74.83 19.72 -34.18
CA ARG M 447 74.88 19.63 -32.73
C ARG M 447 75.39 18.27 -32.30
N GLU M 448 75.44 18.06 -30.99
CA GLU M 448 75.83 16.79 -30.40
C GLU M 448 74.94 16.52 -29.19
N SER M 449 74.32 15.34 -29.18
CA SER M 449 73.32 14.99 -28.20
C SER M 449 73.91 14.41 -26.92
N VAL M 450 74.95 13.61 -27.03
CA VAL M 450 75.52 12.93 -25.87
C VAL M 450 76.81 13.66 -25.50
N SER M 451 76.83 14.96 -25.76
CA SER M 451 77.96 15.82 -25.41
C SER M 451 78.36 15.60 -23.95
N GLN M 452 79.67 15.57 -23.72
CA GLN M 452 80.21 15.17 -22.43
C GLN M 452 81.63 15.75 -22.37
N LEU M 453 82.37 15.37 -21.33
CA LEU M 453 83.79 15.71 -21.34
C LEU M 453 84.53 14.97 -22.45
N GLU M 454 83.88 14.01 -23.08
CA GLU M 454 84.47 13.35 -24.25
C GLU M 454 84.66 14.35 -25.38
N LEU M 455 83.77 15.34 -25.50
CA LEU M 455 84.01 16.45 -26.41
C LEU M 455 85.04 17.44 -25.87
N LEU M 456 85.54 17.22 -24.65
CA LEU M 456 86.77 17.86 -24.22
C LEU M 456 87.98 16.95 -24.44
N GLY M 457 87.80 15.64 -24.27
CA GLY M 457 88.81 14.72 -24.75
C GLY M 457 88.95 14.77 -26.26
N ILE M 458 87.83 14.92 -26.95
CA ILE M 458 87.80 15.21 -28.38
C ILE M 458 87.62 16.71 -28.45
N PRO M 459 88.71 17.50 -28.43
CA PRO M 459 88.66 18.83 -27.81
C PRO M 459 87.90 19.90 -28.60
N TYR M 460 87.22 19.56 -29.68
CA TYR M 460 86.70 20.58 -30.58
C TYR M 460 85.69 21.48 -29.86
N GLU M 461 85.80 22.78 -30.14
CA GLU M 461 85.09 23.78 -29.36
C GLU M 461 83.59 23.51 -29.34
N LYS M 462 82.96 23.96 -28.26
CA LYS M 462 81.55 23.67 -28.00
C LYS M 462 80.71 24.94 -28.07
N GLY M 463 79.40 24.73 -28.04
CA GLY M 463 78.44 25.80 -27.85
C GLY M 463 77.37 25.35 -26.88
N GLU M 464 77.20 26.07 -25.78
CA GLU M 464 76.38 25.57 -24.69
C GLU M 464 74.90 25.81 -24.96
N HIS M 465 74.08 24.85 -24.55
CA HIS M 465 72.63 24.95 -24.59
C HIS M 465 72.07 23.75 -23.83
N LEU M 466 70.75 23.78 -23.61
CA LEU M 466 70.01 22.67 -23.01
C LEU M 466 68.83 22.32 -23.91
N LEU M 467 69.11 22.17 -25.20
CA LEU M 467 68.13 21.71 -26.17
C LEU M 467 67.59 20.39 -25.59
N PRO M 468 66.31 20.09 -25.76
CA PRO M 468 65.58 19.42 -24.67
C PRO M 468 66.16 18.14 -24.09
N ASP M 469 66.26 17.07 -24.88
CA ASP M 469 66.25 15.74 -24.29
C ASP M 469 67.58 15.26 -23.77
N GLN M 470 68.68 15.56 -24.45
CA GLN M 470 70.01 15.21 -23.96
C GLN M 470 70.88 16.45 -24.03
N GLU M 471 72.01 16.41 -23.35
CA GLU M 471 72.85 17.60 -23.29
C GLU M 471 73.37 17.95 -24.67
N THR M 472 72.90 19.08 -25.20
CA THR M 472 73.22 19.50 -26.55
C THR M 472 74.40 20.46 -26.54
N PHE M 473 75.45 20.08 -27.26
CA PHE M 473 76.55 20.99 -27.50
C PHE M 473 76.88 20.94 -28.98
N TRP M 474 77.33 22.06 -29.51
CA TRP M 474 77.41 22.25 -30.95
C TRP M 474 78.86 22.33 -31.39
N VAL M 475 79.16 21.72 -32.54
CA VAL M 475 80.47 21.79 -33.19
C VAL M 475 80.24 22.11 -34.66
N SER M 476 81.28 22.61 -35.31
CA SER M 476 81.15 23.05 -36.69
C SER M 476 81.34 21.87 -37.63
N VAL M 477 81.41 22.15 -38.93
CA VAL M 477 81.38 21.11 -39.94
C VAL M 477 82.77 20.63 -40.35
N GLU M 478 83.82 21.39 -40.02
CA GLU M 478 85.17 20.83 -40.07
C GLU M 478 85.42 19.95 -38.87
N TYR M 479 84.84 20.31 -37.72
CA TYR M 479 84.94 19.48 -36.54
C TYR M 479 84.12 18.20 -36.69
N GLU M 480 83.12 18.22 -37.56
CA GLU M 480 82.27 17.04 -37.76
C GLU M 480 83.08 15.86 -38.25
N GLU M 481 83.97 16.08 -39.22
CA GLU M 481 84.72 14.98 -39.81
C GLU M 481 85.46 14.17 -38.76
N ARG M 482 86.01 14.86 -37.76
CA ARG M 482 86.80 14.17 -36.75
C ARG M 482 85.93 13.59 -35.64
N LEU M 483 84.86 14.27 -35.26
CA LEU M 483 83.98 13.72 -34.24
C LEU M 483 83.11 12.59 -34.79
N GLU M 484 82.81 12.59 -36.09
CA GLU M 484 82.13 11.43 -36.65
C GLU M 484 83.05 10.22 -36.68
N LYS M 485 84.35 10.45 -36.74
CA LYS M 485 85.29 9.36 -36.49
C LYS M 485 85.16 8.87 -35.06
N SER M 486 85.01 9.80 -34.11
CA SER M 486 84.88 9.47 -32.70
C SER M 486 83.50 8.90 -32.34
N GLN M 487 82.57 8.92 -33.28
CA GLN M 487 81.28 8.24 -33.12
C GLN M 487 80.43 8.75 -31.96
N LEU M 488 79.96 9.99 -32.05
CA LEU M 488 78.89 10.48 -31.21
C LEU M 488 77.72 10.93 -32.08
N GLU M 489 76.63 11.35 -31.43
CA GLU M 489 75.38 11.59 -32.17
C GLU M 489 75.38 12.94 -32.87
N PHE M 490 75.22 12.89 -34.20
CA PHE M 490 75.17 14.06 -35.05
C PHE M 490 73.75 14.32 -35.53
N PHE M 491 73.34 15.58 -35.46
CA PHE M 491 72.03 15.99 -35.92
C PHE M 491 72.21 17.06 -36.98
N SER M 492 71.95 16.70 -38.23
CA SER M 492 71.98 17.68 -39.30
C SER M 492 70.82 18.64 -39.16
N HIS M 493 70.66 19.50 -40.15
CA HIS M 493 69.55 20.45 -40.10
C HIS M 493 68.20 19.78 -40.32
N SER M 494 68.18 18.64 -41.00
CA SER M 494 66.96 17.84 -40.98
C SER M 494 66.74 17.21 -39.62
N GLN M 495 67.74 16.50 -39.11
CA GLN M 495 67.54 15.67 -37.93
C GLN M 495 67.34 16.50 -36.69
N VAL M 496 67.76 17.77 -36.70
CA VAL M 496 67.45 18.61 -35.56
C VAL M 496 66.01 19.06 -35.63
N LEU M 497 65.47 19.16 -36.84
CA LEU M 497 64.10 19.59 -37.01
C LEU M 497 63.14 18.44 -36.75
N THR M 498 63.24 17.38 -37.54
CA THR M 498 62.29 16.27 -37.39
C THR M 498 62.32 15.66 -36.00
N TRP M 499 63.47 15.69 -35.32
CA TRP M 499 63.51 15.08 -34.01
C TRP M 499 62.47 15.68 -33.09
N HIS M 500 62.42 17.02 -33.01
CA HIS M 500 61.35 17.63 -32.22
C HIS M 500 59.99 17.26 -32.77
N LEU M 501 59.85 17.21 -34.09
CA LEU M 501 58.59 16.75 -34.65
C LEU M 501 58.26 15.36 -34.15
N SER M 502 59.12 14.39 -34.44
CA SER M 502 58.88 13.03 -33.98
C SER M 502 58.80 12.95 -32.46
N HIS M 503 59.10 14.04 -31.78
CA HIS M 503 58.83 14.10 -30.36
C HIS M 503 57.55 14.86 -30.06
N VAL M 504 57.13 15.76 -30.96
CA VAL M 504 55.89 16.47 -30.74
C VAL M 504 54.70 15.54 -30.96
N LEU M 505 54.74 14.76 -32.03
CA LEU M 505 53.65 13.82 -32.28
C LEU M 505 53.57 12.78 -31.18
N ARG M 506 54.69 12.18 -30.81
CA ARG M 506 54.63 11.11 -29.83
C ARG M 506 54.11 11.59 -28.49
N GLU M 507 54.13 12.89 -28.23
CA GLU M 507 53.63 13.39 -26.96
C GLU M 507 52.29 14.07 -27.06
N TYR M 508 51.88 14.48 -28.26
CA TYR M 508 50.58 15.10 -28.48
C TYR M 508 49.74 14.23 -29.42
N ALA M 509 49.92 12.92 -29.33
CA ALA M 509 49.10 12.00 -30.07
C ALA M 509 47.75 11.76 -29.43
N GLU M 510 47.48 12.36 -28.28
CA GLU M 510 46.13 12.33 -27.75
C GLU M 510 45.24 13.36 -28.40
N ASP M 511 45.78 14.23 -29.25
CA ASP M 511 45.03 15.32 -29.84
C ASP M 511 44.73 15.09 -31.30
N PHE M 512 45.28 14.06 -31.91
CA PHE M 512 45.01 13.74 -33.30
C PHE M 512 44.04 12.59 -33.46
N ILE M 513 43.56 12.02 -32.37
CA ILE M 513 42.56 10.97 -32.50
C ILE M 513 41.23 11.51 -31.99
N GLY M 514 40.45 12.12 -32.88
CA GLY M 514 39.15 12.62 -32.55
C GLY M 514 38.08 11.85 -33.29
N ILE M 515 36.85 12.10 -32.89
CA ILE M 515 35.72 11.38 -33.47
C ILE M 515 35.75 11.45 -34.97
N GLN M 516 36.43 12.44 -35.53
CA GLN M 516 36.56 12.51 -36.97
C GLN M 516 37.68 11.61 -37.48
N GLU M 517 38.58 11.21 -36.60
CA GLU M 517 39.72 10.42 -37.06
C GLU M 517 39.50 8.93 -36.85
N THR M 518 38.75 8.53 -35.82
CA THR M 518 38.42 7.12 -35.71
C THR M 518 37.41 6.72 -36.76
N ARG M 519 36.44 7.58 -37.06
CA ARG M 519 35.54 7.28 -38.14
C ARG M 519 36.27 7.21 -39.47
N TYR M 520 37.52 7.66 -39.50
CA TYR M 520 38.35 7.40 -40.67
C TYR M 520 38.87 5.97 -40.65
N LEU M 521 39.23 5.47 -39.47
CA LEU M 521 39.66 4.08 -39.35
C LEU M 521 38.50 3.12 -39.58
N LEU M 522 37.38 3.38 -38.92
CA LEU M 522 36.23 2.51 -39.07
C LEU M 522 35.57 2.63 -40.45
N GLU M 523 36.07 3.50 -41.31
CA GLU M 523 35.67 3.44 -42.70
C GLU M 523 36.74 2.76 -43.53
N GLN M 524 38.00 3.05 -43.26
CA GLN M 524 39.09 2.40 -43.98
C GLN M 524 39.12 0.91 -43.74
N MET M 525 38.51 0.42 -42.68
CA MET M 525 38.48 -1.00 -42.38
C MET M 525 37.18 -1.67 -42.78
N GLU M 526 36.23 -0.91 -43.34
CA GLU M 526 34.97 -1.50 -43.75
C GLU M 526 35.21 -2.66 -44.71
N GLY M 527 36.09 -2.49 -45.68
CA GLY M 527 36.39 -3.53 -46.65
C GLY M 527 36.87 -4.81 -45.99
N GLY M 528 37.96 -4.71 -45.25
CA GLY M 528 38.52 -5.87 -44.58
C GLY M 528 37.56 -6.52 -43.62
N TYR M 529 37.17 -5.81 -42.57
CA TYR M 529 36.33 -6.38 -41.52
C TYR M 529 34.97 -5.69 -41.56
N GLY M 530 34.08 -6.21 -42.38
CA GLY M 530 32.75 -5.66 -42.46
C GLY M 530 31.94 -5.93 -41.21
N GLU M 531 31.72 -7.20 -40.91
CA GLU M 531 30.79 -7.54 -39.84
C GLU M 531 31.37 -7.24 -38.47
N LEU M 532 32.67 -7.02 -38.39
CA LEU M 532 33.26 -6.62 -37.12
C LEU M 532 32.85 -5.21 -36.75
N ILE M 533 32.90 -4.31 -37.74
CA ILE M 533 32.59 -2.91 -37.48
C ILE M 533 31.10 -2.69 -37.29
N LYS M 534 30.28 -3.32 -38.13
CA LYS M 534 28.84 -3.20 -37.96
C LYS M 534 28.37 -3.79 -36.65
N GLU M 535 29.21 -4.55 -35.97
CA GLU M 535 28.91 -5.08 -34.65
C GLU M 535 29.45 -4.16 -33.56
N VAL M 536 30.61 -3.57 -33.77
CA VAL M 536 31.19 -2.74 -32.71
C VAL M 536 30.48 -1.40 -32.61
N GLN M 537 29.99 -0.88 -33.74
CA GLN M 537 29.36 0.43 -33.71
C GLN M 537 28.06 0.42 -32.93
N ARG M 538 27.35 -0.70 -32.91
CA ARG M 538 26.11 -0.80 -32.16
C ARG M 538 26.34 -1.05 -30.68
N ILE M 539 27.53 -1.49 -30.30
CA ILE M 539 27.81 -1.77 -28.90
C ILE M 539 28.44 -0.56 -28.22
N VAL M 540 29.48 0.01 -28.80
CA VAL M 540 30.12 1.20 -28.25
C VAL M 540 29.90 2.36 -29.20
N PRO M 541 29.31 3.46 -28.75
CA PRO M 541 29.17 4.63 -29.61
C PRO M 541 30.53 5.21 -29.95
N LEU M 542 30.56 6.04 -31.00
CA LEU M 542 31.83 6.60 -31.44
C LEU M 542 32.50 7.44 -30.37
N GLN M 543 31.73 8.11 -29.53
CA GLN M 543 32.37 8.85 -28.46
C GLN M 543 33.10 7.90 -27.53
N ARG M 544 32.47 6.78 -27.19
CA ARG M 544 33.07 5.89 -26.20
C ARG M 544 34.24 5.13 -26.78
N MET M 545 34.14 4.72 -28.04
CA MET M 545 35.25 4.01 -28.65
C MET M 545 36.44 4.92 -28.84
N THR M 546 36.19 6.20 -29.12
CA THR M 546 37.30 7.12 -29.28
C THR M 546 37.92 7.49 -27.95
N GLU M 547 37.10 7.63 -26.91
CA GLU M 547 37.66 7.91 -25.59
C GLU M 547 38.55 6.78 -25.11
N ILE M 548 38.54 5.65 -25.81
CA ILE M 548 39.49 4.59 -25.53
C ILE M 548 40.75 4.76 -26.35
N LEU M 549 40.61 4.96 -27.65
CA LEU M 549 41.78 5.07 -28.51
C LEU M 549 42.68 6.20 -28.06
N GLN M 550 42.13 7.23 -27.44
CA GLN M 550 42.97 8.25 -26.86
C GLN M 550 43.67 7.72 -25.62
N ARG M 551 43.03 6.83 -24.88
CA ARG M 551 43.64 6.35 -23.64
C ARG M 551 44.70 5.31 -23.90
N LEU M 552 44.66 4.62 -25.03
CA LEU M 552 45.77 3.76 -25.38
C LEU M 552 46.97 4.60 -25.79
N VAL M 553 46.83 5.37 -26.86
CA VAL M 553 47.95 6.16 -27.36
C VAL M 553 48.48 7.11 -26.30
N GLY M 554 47.76 7.28 -25.20
CA GLY M 554 48.33 8.03 -24.08
C GLY M 554 49.46 7.30 -23.41
N GLU M 555 49.34 5.98 -23.27
CA GLU M 555 50.39 5.17 -22.67
C GLU M 555 51.41 4.69 -23.69
N ASP M 556 51.42 5.28 -24.88
CA ASP M 556 52.28 4.91 -26.00
C ASP M 556 52.00 3.52 -26.53
N ILE M 557 50.94 2.86 -26.06
CA ILE M 557 50.47 1.65 -26.72
C ILE M 557 50.09 2.01 -28.15
N SER M 558 50.23 1.06 -29.05
CA SER M 558 50.05 1.30 -30.47
C SER M 558 48.67 0.83 -30.91
N ILE M 559 47.86 1.77 -31.39
CA ILE M 559 46.58 1.42 -31.99
C ILE M 559 46.75 0.42 -33.12
N ARG M 560 47.90 0.44 -33.78
CA ARG M 560 48.12 -0.15 -35.09
C ARG M 560 47.36 -1.44 -35.30
N ASN M 561 47.39 -2.32 -34.31
CA ASN M 561 46.67 -3.60 -34.36
C ASN M 561 45.19 -3.33 -34.16
N MET M 562 44.53 -2.90 -35.22
CA MET M 562 43.19 -2.39 -35.04
C MET M 562 42.14 -3.50 -34.94
N ARG M 563 42.46 -4.71 -35.38
CA ARG M 563 41.49 -5.78 -35.24
C ARG M 563 41.32 -6.19 -33.79
N SER M 564 42.39 -6.67 -33.15
CA SER M 564 42.26 -7.20 -31.81
C SER M 564 41.97 -6.11 -30.79
N ILE M 565 41.88 -4.85 -31.23
CA ILE M 565 41.33 -3.82 -30.36
C ILE M 565 39.81 -3.79 -30.50
N LEU M 566 39.30 -4.22 -31.65
CA LEU M 566 37.85 -4.27 -31.80
C LEU M 566 37.27 -5.58 -31.31
N GLU M 567 38.00 -6.69 -31.47
CA GLU M 567 37.57 -7.94 -30.84
C GLU M 567 37.38 -7.72 -29.34
N ALA M 568 38.37 -7.14 -28.68
CA ALA M 568 38.25 -6.87 -27.25
C ALA M 568 37.33 -5.70 -26.99
N MET M 569 36.97 -4.94 -28.01
CA MET M 569 35.98 -3.89 -27.82
C MET M 569 34.59 -4.48 -27.78
N VAL M 570 34.30 -5.40 -28.69
CA VAL M 570 33.00 -6.06 -28.71
C VAL M 570 32.82 -6.89 -27.46
N GLU M 571 33.84 -7.66 -27.09
CA GLU M 571 33.72 -8.59 -25.98
C GLU M 571 33.36 -7.86 -24.70
N TRP M 572 34.08 -6.78 -24.38
CA TRP M 572 33.93 -6.14 -23.09
C TRP M 572 33.01 -4.93 -23.11
N GLY M 573 32.66 -4.40 -24.29
CA GLY M 573 31.80 -3.23 -24.32
C GLY M 573 30.41 -3.47 -23.81
N GLN M 574 30.04 -4.73 -23.62
CA GLN M 574 28.75 -5.10 -23.08
C GLN M 574 28.78 -5.31 -21.58
N LYS M 575 29.88 -5.85 -21.06
CA LYS M 575 29.99 -6.11 -19.63
C LYS M 575 30.46 -4.89 -18.88
N GLU M 576 31.56 -4.27 -19.30
CA GLU M 576 32.12 -3.13 -18.58
C GLU M 576 31.64 -1.83 -19.21
N LYS M 577 31.47 -0.81 -18.38
CA LYS M 577 30.98 0.48 -18.82
C LYS M 577 31.82 1.66 -18.39
N ASP M 578 32.64 1.53 -17.34
CA ASP M 578 33.56 2.59 -16.98
C ASP M 578 34.76 2.54 -17.93
N VAL M 579 35.02 3.65 -18.61
CA VAL M 579 36.04 3.66 -19.66
C VAL M 579 37.36 3.16 -19.12
N VAL M 580 37.74 3.61 -17.93
CA VAL M 580 39.06 3.26 -17.40
C VAL M 580 39.16 1.76 -17.16
N GLN M 581 38.05 1.13 -16.78
CA GLN M 581 38.06 -0.33 -16.68
C GLN M 581 38.13 -0.96 -18.06
N LEU M 582 37.29 -0.48 -18.98
CA LEU M 582 37.25 -1.06 -20.31
C LEU M 582 38.62 -0.99 -20.98
N THR M 583 39.36 0.10 -20.77
CA THR M 583 40.66 0.17 -21.43
C THR M 583 41.66 -0.74 -20.75
N GLU M 584 41.49 -1.03 -19.46
CA GLU M 584 42.39 -2.00 -18.84
C GLU M 584 42.07 -3.40 -19.29
N TYR M 585 40.84 -3.65 -19.70
CA TYR M 585 40.55 -4.94 -20.33
C TYR M 585 41.05 -4.99 -21.75
N ILE M 586 41.11 -3.84 -22.43
CA ILE M 586 41.52 -3.84 -23.82
C ILE M 586 43.03 -3.94 -23.94
N ARG M 587 43.78 -3.29 -23.05
CA ARG M 587 45.22 -3.53 -23.02
C ARG M 587 45.53 -4.99 -22.80
N SER M 588 44.74 -5.66 -21.97
CA SER M 588 44.91 -7.09 -21.74
C SER M 588 44.66 -7.94 -22.96
N SER M 589 44.19 -7.35 -24.05
CA SER M 589 44.07 -8.09 -25.30
C SER M 589 45.30 -7.99 -26.17
N LEU M 590 46.17 -7.02 -25.91
CA LEU M 590 47.44 -6.90 -26.59
C LEU M 590 48.57 -7.52 -25.78
N LYS M 591 48.27 -8.59 -25.05
CA LYS M 591 49.24 -9.21 -24.16
C LYS M 591 50.58 -9.41 -24.82
N ARG M 592 50.64 -10.25 -25.84
CA ARG M 592 51.93 -10.58 -26.40
C ARG M 592 52.52 -9.47 -27.23
N TYR M 593 51.88 -8.30 -27.23
CA TYR M 593 52.55 -7.14 -27.80
C TYR M 593 53.38 -6.44 -26.74
N ILE M 594 52.77 -6.15 -25.59
CA ILE M 594 53.46 -5.41 -24.55
C ILE M 594 54.69 -6.15 -24.09
N CYS M 595 54.59 -7.47 -23.88
CA CYS M 595 55.75 -8.30 -23.59
C CYS M 595 56.89 -8.03 -24.55
N TYR M 596 56.60 -7.56 -25.76
CA TYR M 596 57.64 -7.23 -26.70
C TYR M 596 57.99 -5.76 -26.72
N LYS M 597 57.15 -4.90 -26.16
CA LYS M 597 57.52 -3.50 -26.14
C LYS M 597 58.41 -3.17 -24.94
N TYR M 598 58.18 -3.81 -23.80
CA TYR M 598 58.90 -3.42 -22.60
C TYR M 598 60.02 -4.39 -22.24
N ALA M 599 59.83 -5.67 -22.49
CA ALA M 599 60.83 -6.68 -22.17
C ALA M 599 61.33 -7.30 -23.46
N ASN M 600 62.31 -6.66 -24.09
CA ASN M 600 62.84 -7.17 -25.35
C ASN M 600 63.70 -8.41 -25.16
N GLY M 601 64.30 -8.60 -24.00
CA GLY M 601 65.14 -9.76 -23.77
C GLY M 601 64.36 -11.04 -23.70
N ASN M 602 65.04 -12.08 -23.24
CA ASN M 602 64.45 -13.42 -23.20
C ASN M 602 63.44 -13.55 -22.08
N ASN M 603 62.29 -12.90 -22.24
CA ASN M 603 61.17 -13.07 -21.32
C ASN M 603 61.54 -12.66 -19.89
N ILE M 604 62.48 -11.72 -19.76
CA ILE M 604 62.87 -11.20 -18.46
C ILE M 604 62.59 -9.71 -18.44
N LEU M 605 61.97 -9.24 -17.38
CA LEU M 605 61.46 -7.86 -17.30
C LEU M 605 61.85 -7.28 -15.95
N PRO M 606 62.59 -6.19 -15.91
CA PRO M 606 63.00 -5.59 -14.64
C PRO M 606 61.89 -4.73 -14.06
N ALA M 607 61.24 -5.22 -13.02
CA ALA M 607 60.03 -4.62 -12.51
C ALA M 607 60.29 -3.90 -11.19
N TYR M 608 59.25 -3.22 -10.71
CA TYR M 608 59.28 -2.45 -9.49
C TYR M 608 58.02 -2.70 -8.69
N LEU M 609 57.70 -3.97 -8.45
CA LEU M 609 56.42 -4.35 -7.87
C LEU M 609 56.02 -3.47 -6.70
N PHE M 610 54.72 -3.24 -6.59
CA PHE M 610 54.11 -2.53 -5.47
C PHE M 610 53.72 -3.52 -4.39
N ASP M 611 54.25 -3.35 -3.18
CA ASP M 611 53.87 -4.26 -2.11
C ASP M 611 52.42 -4.02 -1.71
N GLN M 612 51.72 -5.10 -1.44
CA GLN M 612 50.26 -5.10 -1.40
C GLN M 612 49.70 -4.00 -0.52
N GLU M 613 50.43 -3.59 0.51
CA GLU M 613 49.90 -2.59 1.43
C GLU M 613 49.58 -1.29 0.71
N VAL M 614 50.35 -0.96 -0.33
CA VAL M 614 50.12 0.30 -1.04
C VAL M 614 49.01 0.14 -2.06
N GLU M 615 49.02 -0.94 -2.84
CA GLU M 615 47.96 -1.16 -3.81
C GLU M 615 46.59 -1.18 -3.19
N GLU M 616 46.49 -1.19 -1.87
CA GLU M 616 45.21 -1.11 -1.19
C GLU M 616 44.90 0.28 -0.68
N LYS M 617 45.93 1.06 -0.33
CA LYS M 617 45.69 2.46 -0.02
C LYS M 617 45.13 3.19 -1.23
N ILE M 618 45.62 2.86 -2.43
CA ILE M 618 45.16 3.56 -3.63
C ILE M 618 43.81 3.05 -4.08
N ARG M 619 43.52 1.77 -3.90
CA ARG M 619 42.22 1.27 -4.31
C ARG M 619 41.09 1.77 -3.43
N SER M 620 41.39 2.50 -2.36
CA SER M 620 40.38 3.03 -1.47
C SER M 620 40.12 4.52 -1.69
N GLY M 621 40.61 5.07 -2.79
CA GLY M 621 40.44 6.49 -3.05
C GLY M 621 39.95 6.80 -4.45
N VAL M 622 39.07 5.97 -4.99
CA VAL M 622 38.73 6.05 -6.41
C VAL M 622 37.60 7.04 -6.70
N ARG M 623 36.58 7.12 -5.84
CA ARG M 623 35.55 8.17 -5.93
C ARG M 623 34.86 8.17 -7.30
N GLN M 624 34.12 7.09 -7.57
CA GLN M 624 33.45 6.92 -8.86
C GLN M 624 32.17 7.75 -8.85
N THR M 625 32.30 9.03 -9.20
CA THR M 625 31.19 9.98 -9.05
C THR M 625 30.63 10.51 -10.37
N SER M 626 31.45 11.18 -11.17
CA SER M 626 30.93 11.95 -12.29
C SER M 626 31.68 11.58 -13.56
N ALA M 627 31.81 10.29 -13.81
CA ALA M 627 32.56 9.77 -14.95
C ALA M 627 34.00 10.30 -14.97
N GLY M 628 34.53 10.61 -13.79
CA GLY M 628 35.92 11.00 -13.66
C GLY M 628 36.71 10.04 -12.80
N SER M 629 36.04 9.43 -11.82
CA SER M 629 36.65 8.45 -10.92
C SER M 629 38.00 8.93 -10.42
N TYR M 630 38.13 10.23 -10.15
CA TYR M 630 39.41 10.79 -9.78
C TYR M 630 39.98 10.10 -8.56
N LEU M 631 41.29 9.87 -8.56
CA LEU M 631 41.98 9.42 -7.37
C LEU M 631 42.11 10.62 -6.44
N ALA M 632 41.38 10.61 -5.34
CA ALA M 632 41.42 11.70 -4.37
C ALA M 632 41.73 11.11 -3.01
N LEU M 633 43.01 11.09 -2.65
CA LEU M 633 43.40 10.61 -1.32
C LEU M 633 43.57 11.77 -0.35
N ASP M 634 44.61 12.58 -0.57
CA ASP M 634 44.93 13.76 0.20
C ASP M 634 46.17 14.37 -0.46
N PRO M 635 46.26 15.70 -0.55
CA PRO M 635 47.55 16.31 -0.90
C PRO M 635 48.67 15.95 0.06
N ALA M 636 48.36 15.34 1.19
CA ALA M 636 49.37 14.89 2.14
C ALA M 636 49.63 13.40 2.09
N VAL M 637 48.74 12.62 1.48
CA VAL M 637 49.00 11.21 1.26
C VAL M 637 49.69 10.98 -0.07
N THR M 638 49.27 11.71 -1.11
CA THR M 638 49.96 11.63 -2.39
C THR M 638 51.45 11.86 -2.25
N GLU M 639 51.84 12.80 -1.40
CA GLU M 639 53.27 13.00 -1.16
C GLU M 639 53.86 11.90 -0.31
N SER M 640 53.03 11.19 0.45
CA SER M 640 53.54 10.06 1.22
C SER M 640 53.89 8.90 0.31
N LEU M 641 52.97 8.52 -0.58
CA LEU M 641 53.27 7.46 -1.53
C LEU M 641 54.36 7.88 -2.50
N LEU M 642 54.20 9.05 -3.10
CA LEU M 642 55.18 9.51 -4.08
C LEU M 642 56.55 9.66 -3.46
N GLU M 643 56.64 9.69 -2.13
CA GLU M 643 57.95 9.68 -1.51
C GLU M 643 58.48 8.25 -1.38
N GLN M 644 57.63 7.32 -0.96
CA GLN M 644 58.06 5.93 -0.89
C GLN M 644 58.51 5.42 -2.24
N VAL M 645 57.87 5.86 -3.31
CA VAL M 645 58.35 5.55 -4.65
C VAL M 645 59.75 6.15 -4.84
N ARG M 646 59.84 7.46 -4.75
CA ARG M 646 61.10 8.16 -4.97
C ARG M 646 62.20 7.65 -4.05
N LYS M 647 61.84 6.99 -2.95
CA LYS M 647 62.84 6.47 -2.04
C LYS M 647 63.47 5.18 -2.53
N THR M 648 62.77 4.40 -3.34
CA THR M 648 63.29 3.15 -3.86
C THR M 648 63.72 3.26 -5.31
N ILE M 649 62.84 3.75 -6.17
CA ILE M 649 63.19 3.93 -7.58
C ILE M 649 64.37 4.87 -7.72
N GLY M 650 64.52 5.81 -6.81
CA GLY M 650 65.60 6.77 -6.92
C GLY M 650 65.30 7.77 -8.00
N ASP M 651 66.20 7.88 -8.99
CA ASP M 651 66.00 8.80 -10.10
C ASP M 651 65.90 8.10 -11.45
N LEU M 652 66.34 6.85 -11.55
CA LEU M 652 66.31 6.05 -12.77
C LEU M 652 66.97 6.74 -13.95
N SER M 653 67.65 7.85 -13.72
CA SER M 653 68.40 8.47 -14.80
C SER M 653 69.65 7.67 -15.09
N GLN M 654 70.34 7.22 -14.04
CA GLN M 654 71.45 6.30 -14.21
C GLN M 654 70.97 4.87 -14.38
N ILE M 655 69.80 4.54 -13.80
CA ILE M 655 69.31 3.17 -13.90
C ILE M 655 69.04 2.86 -15.36
N GLN M 656 69.80 1.92 -15.90
CA GLN M 656 69.70 1.56 -17.30
C GLN M 656 68.68 0.45 -17.50
N SER M 657 68.45 0.11 -18.77
CA SER M 657 67.62 -1.00 -19.24
C SER M 657 66.13 -0.71 -19.17
N LYS M 658 65.71 0.53 -18.94
CA LYS M 658 64.31 0.91 -19.01
C LYS M 658 63.42 0.02 -18.15
N PRO M 659 63.45 0.17 -16.83
CA PRO M 659 62.58 -0.66 -15.99
C PRO M 659 61.14 -0.20 -16.11
N VAL M 660 60.24 -1.02 -15.59
CA VAL M 660 58.81 -0.73 -15.62
C VAL M 660 58.20 -1.02 -14.27
N LEU M 661 57.29 -0.16 -13.83
CA LEU M 661 56.53 -0.41 -12.63
C LEU M 661 55.42 -1.39 -12.95
N ILE M 662 55.07 -2.22 -11.98
CA ILE M 662 54.08 -3.28 -12.21
C ILE M 662 53.11 -3.27 -11.05
N VAL M 663 51.87 -2.90 -11.32
CA VAL M 663 50.86 -2.78 -10.29
C VAL M 663 49.62 -3.51 -10.77
N SER M 664 48.73 -3.82 -9.83
CA SER M 664 47.50 -4.53 -10.16
C SER M 664 46.74 -3.80 -11.25
N MET M 665 45.81 -4.51 -11.87
CA MET M 665 45.17 -3.97 -13.08
C MET M 665 44.23 -2.82 -12.75
N ASP M 666 43.36 -3.00 -11.78
CA ASP M 666 42.26 -2.07 -11.56
C ASP M 666 42.70 -0.68 -11.12
N ILE M 667 43.99 -0.48 -10.82
CA ILE M 667 44.46 0.85 -10.47
C ILE M 667 45.66 1.21 -11.34
N ARG M 668 45.90 0.43 -12.39
CA ARG M 668 47.04 0.71 -13.24
C ARG M 668 46.98 2.13 -13.77
N ARG M 669 45.80 2.69 -13.88
CA ARG M 669 45.69 4.04 -14.40
C ARG M 669 46.04 5.07 -13.35
N TYR M 670 45.39 5.00 -12.19
CA TYR M 670 45.55 6.06 -11.20
C TYR M 670 46.98 6.17 -10.71
N VAL M 671 47.69 5.04 -10.65
CA VAL M 671 49.12 5.11 -10.36
C VAL M 671 49.84 5.85 -11.47
N ARG M 672 49.42 5.63 -12.72
CA ARG M 672 50.13 6.24 -13.83
C ARG M 672 50.02 7.76 -13.79
N LYS M 673 48.81 8.28 -13.69
CA LYS M 673 48.67 9.73 -13.65
C LYS M 673 49.11 10.31 -12.32
N LEU M 674 49.46 9.47 -11.35
CA LEU M 674 50.02 9.98 -10.10
C LEU M 674 51.50 10.33 -10.26
N ILE M 675 52.32 9.33 -10.59
CA ILE M 675 53.74 9.58 -10.80
C ILE M 675 54.05 10.21 -12.14
N GLU M 676 53.03 10.51 -12.94
CA GLU M 676 53.25 11.09 -14.27
C GLU M 676 54.05 12.38 -14.20
N SER M 677 54.02 13.08 -13.07
CA SER M 677 54.80 14.31 -12.94
C SER M 677 56.28 14.00 -12.81
N GLU M 678 56.64 13.16 -11.85
CA GLU M 678 58.05 12.95 -11.54
C GLU M 678 58.70 11.97 -12.49
N TYR M 679 58.16 10.76 -12.60
CA TYR M 679 58.75 9.70 -13.39
C TYR M 679 57.96 9.55 -14.68
N TYR M 680 58.38 10.24 -15.72
CA TYR M 680 57.64 10.24 -16.97
C TYR M 680 57.99 9.05 -17.84
N GLY M 681 59.25 8.63 -17.85
CA GLY M 681 59.65 7.52 -18.70
C GLY M 681 59.60 6.19 -17.99
N LEU M 682 58.77 6.10 -16.95
CA LEU M 682 58.59 4.87 -16.19
C LEU M 682 57.22 4.30 -16.51
N PRO M 683 57.10 3.43 -17.52
CA PRO M 683 55.79 2.91 -17.86
C PRO M 683 55.26 2.04 -16.74
N VAL M 684 53.93 1.93 -16.70
CA VAL M 684 53.26 1.12 -15.70
C VAL M 684 52.51 0.00 -16.43
N LEU M 685 52.62 -1.21 -15.90
CA LEU M 685 51.95 -2.37 -16.47
C LEU M 685 50.95 -2.91 -15.48
N SER M 686 50.37 -4.04 -15.84
CA SER M 686 49.49 -4.77 -14.95
C SER M 686 50.03 -6.18 -14.75
N TYR M 687 49.40 -6.92 -13.86
CA TYR M 687 49.72 -8.33 -13.80
C TYR M 687 49.06 -9.06 -14.96
N GLN M 688 47.96 -8.53 -15.46
CA GLN M 688 47.21 -9.21 -16.50
C GLN M 688 47.85 -9.00 -17.86
N GLU M 689 48.24 -7.76 -18.16
CA GLU M 689 48.90 -7.49 -19.42
C GLU M 689 50.15 -8.33 -19.58
N LEU M 690 50.76 -8.74 -18.47
CA LEU M 690 51.93 -9.60 -18.54
C LEU M 690 51.51 -10.98 -19.00
N THR M 691 51.73 -11.26 -20.29
CA THR M 691 51.57 -12.62 -20.77
C THR M 691 52.41 -13.54 -19.89
N GLN M 692 51.86 -14.72 -19.62
CA GLN M 692 52.63 -15.70 -18.89
C GLN M 692 53.92 -15.99 -19.66
N GLN M 693 54.81 -16.73 -19.01
CA GLN M 693 56.14 -17.02 -19.56
C GLN M 693 56.96 -15.74 -19.66
N ILE M 694 56.83 -14.87 -18.65
CA ILE M 694 57.66 -13.69 -18.50
C ILE M 694 58.30 -13.74 -17.12
N ASN M 695 59.62 -13.66 -17.07
CA ASN M 695 60.33 -13.73 -15.81
C ASN M 695 60.48 -12.31 -15.26
N ILE M 696 59.50 -11.89 -14.47
CA ILE M 696 59.61 -10.62 -13.77
C ILE M 696 60.78 -10.69 -12.81
N GLN M 697 61.74 -9.81 -12.98
CA GLN M 697 62.91 -9.76 -12.12
C GLN M 697 62.82 -8.54 -11.23
N PRO M 698 62.13 -8.63 -10.10
CA PRO M 698 61.83 -7.43 -9.31
C PRO M 698 63.09 -6.72 -8.85
N LEU M 699 63.24 -5.46 -9.29
CA LEU M 699 64.36 -4.67 -8.83
C LEU M 699 64.21 -4.32 -7.36
N GLY M 700 63.05 -3.83 -6.97
CA GLY M 700 62.79 -3.57 -5.57
C GLY M 700 61.34 -3.23 -5.27
N ARG M 701 60.75 -3.89 -4.30
CA ARG M 701 59.34 -3.70 -4.02
C ARG M 701 59.12 -2.38 -3.28
N VAL M 702 58.08 -1.65 -3.67
CA VAL M 702 57.77 -0.36 -3.07
C VAL M 702 56.94 -0.61 -1.82
N CYS M 703 57.58 -0.56 -0.67
CA CYS M 703 56.91 -0.82 0.60
C CYS M 703 56.08 0.41 0.97
N LEU M 704 55.60 0.46 2.19
CA LEU M 704 54.93 1.65 2.67
C LEU M 704 55.76 2.27 3.80
N LEU N 361 -0.33 55.37 -49.71
CA LEU N 361 0.32 55.15 -48.42
C LEU N 361 -0.21 53.91 -47.76
N GLY N 362 -1.11 53.22 -48.45
CA GLY N 362 -1.65 51.97 -47.98
C GLY N 362 -0.67 50.83 -47.96
N GLU N 363 0.56 51.03 -48.43
CA GLU N 363 1.59 50.01 -48.31
C GLU N 363 1.82 49.68 -46.84
N GLN N 364 1.85 48.38 -46.53
CA GLN N 364 1.64 47.98 -45.14
C GLN N 364 2.70 48.53 -44.20
N GLU N 365 3.93 48.01 -44.22
CA GLU N 365 5.00 48.77 -43.57
C GLU N 365 6.38 48.62 -44.19
N ALA N 366 6.61 47.56 -44.96
CA ALA N 366 7.89 47.33 -45.63
C ALA N 366 9.04 47.24 -44.62
N PHE N 367 8.99 46.18 -43.82
CA PHE N 367 10.02 45.87 -42.83
C PHE N 367 11.42 46.07 -43.39
N ALA N 368 12.26 46.73 -42.62
CA ALA N 368 13.65 46.99 -43.01
C ALA N 368 14.59 46.52 -41.92
N MET N 369 15.52 45.63 -42.30
CA MET N 369 16.38 44.99 -41.32
C MET N 369 17.33 45.99 -40.68
N THR N 370 17.58 45.83 -39.39
CA THR N 370 18.57 46.64 -38.71
C THR N 370 19.97 46.21 -39.13
N VAL N 371 20.91 47.16 -39.08
CA VAL N 371 22.27 46.88 -39.51
C VAL N 371 23.06 46.32 -38.32
N PRO N 372 23.79 45.25 -38.50
CA PRO N 372 24.51 44.64 -37.38
C PRO N 372 25.55 45.56 -36.78
N LEU N 373 26.45 46.07 -37.62
CA LEU N 373 27.45 47.03 -37.18
C LEU N 373 27.41 48.20 -38.14
N LEU N 374 27.68 49.39 -37.62
CA LEU N 374 27.58 50.58 -38.43
C LEU N 374 28.59 51.61 -37.94
N ILE N 375 29.30 52.22 -38.88
CA ILE N 375 30.19 53.33 -38.58
C ILE N 375 29.61 54.55 -39.24
N ASP N 376 29.33 55.57 -38.44
CA ASP N 376 28.85 56.84 -38.95
C ASP N 376 29.88 57.89 -38.58
N VAL N 377 30.66 58.32 -39.57
CA VAL N 377 31.58 59.43 -39.38
C VAL N 377 30.99 60.61 -40.13
N ASP N 378 31.57 61.79 -39.95
CA ASP N 378 31.01 62.98 -40.54
C ASP N 378 31.24 62.99 -42.04
N SER N 379 30.65 63.97 -42.71
CA SER N 379 30.99 64.26 -44.09
C SER N 379 32.29 65.06 -44.08
N SER N 380 32.61 65.68 -45.22
CA SER N 380 33.82 66.48 -45.39
C SER N 380 35.07 65.62 -45.42
N GLN N 381 34.92 64.32 -45.12
CA GLN N 381 35.99 63.37 -45.30
C GLN N 381 35.62 62.26 -46.26
N GLN N 382 34.36 62.20 -46.71
CA GLN N 382 33.88 61.11 -47.55
C GLN N 382 34.77 60.92 -48.78
N GLU N 383 35.54 61.94 -49.13
CA GLU N 383 36.58 61.83 -50.14
C GLU N 383 37.93 62.29 -49.63
N ALA N 384 37.96 62.98 -48.50
CA ALA N 384 39.21 63.45 -47.91
C ALA N 384 39.84 62.41 -47.00
N LEU N 385 39.06 61.65 -46.23
CA LEU N 385 39.73 60.66 -45.42
C LEU N 385 40.12 59.49 -46.31
N GLU N 386 39.18 58.58 -46.62
CA GLU N 386 38.95 57.95 -47.92
C GLU N 386 40.19 57.66 -48.76
N ALA N 387 41.37 57.86 -48.20
CA ALA N 387 42.58 57.82 -48.99
C ALA N 387 43.75 57.16 -48.27
N ILE N 388 43.56 56.64 -47.07
CA ILE N 388 44.58 55.76 -46.55
C ILE N 388 44.19 54.38 -47.05
N ALA N 389 43.17 53.77 -46.46
CA ALA N 389 42.27 52.92 -47.21
C ALA N 389 40.81 53.23 -46.85
N LEU N 390 40.50 53.08 -45.57
CA LEU N 390 39.16 53.20 -45.00
C LEU N 390 38.15 52.31 -45.71
N ASN N 391 38.64 51.43 -46.55
CA ASN N 391 37.90 50.25 -46.96
C ASN N 391 38.80 49.03 -46.99
N ASP N 392 40.11 49.21 -46.85
CA ASP N 392 41.05 48.14 -46.62
C ASP N 392 41.82 48.33 -45.33
N GLU N 393 41.45 49.32 -44.52
CA GLU N 393 41.99 49.43 -43.17
C GLU N 393 40.98 48.95 -42.14
N LEU N 394 39.71 48.85 -42.54
CA LEU N 394 38.74 48.19 -41.68
C LEU N 394 38.73 46.69 -41.94
N VAL N 395 38.62 46.28 -43.20
CA VAL N 395 38.61 44.85 -43.50
C VAL N 395 39.92 44.20 -43.07
N ARG N 396 40.99 44.98 -42.95
CA ARG N 396 42.24 44.41 -42.45
C ARG N 396 42.15 44.18 -40.95
N VAL N 397 41.59 45.13 -40.21
CA VAL N 397 41.51 44.96 -38.77
C VAL N 397 40.34 44.08 -38.39
N ARG N 398 39.39 43.88 -39.30
CA ARG N 398 38.34 42.92 -39.02
C ARG N 398 38.86 41.50 -39.16
N ARG N 399 39.56 41.22 -40.26
CA ARG N 399 40.18 39.90 -40.41
C ARG N 399 41.23 39.67 -39.34
N ALA N 400 42.13 40.63 -39.15
CA ALA N 400 43.19 40.46 -38.16
C ALA N 400 42.62 40.26 -36.78
N LEU N 401 41.39 40.74 -36.55
CA LEU N 401 40.75 40.49 -35.26
C LEU N 401 39.96 39.19 -35.29
N TYR N 402 39.55 38.75 -36.47
CA TYR N 402 38.88 37.46 -36.55
C TYR N 402 39.85 36.34 -36.24
N LEU N 403 41.02 36.35 -36.88
CA LEU N 403 42.03 35.34 -36.58
C LEU N 403 42.52 35.39 -35.15
N ASP N 404 42.06 36.36 -34.37
CA ASP N 404 42.47 36.40 -32.97
C ASP N 404 41.41 35.77 -32.09
N LEU N 405 40.15 36.15 -32.27
CA LEU N 405 39.03 35.65 -31.48
C LEU N 405 38.34 34.48 -32.15
N GLY N 406 38.06 34.57 -33.44
CA GLY N 406 37.39 33.52 -34.15
C GLY N 406 35.93 33.79 -34.44
N VAL N 407 35.37 34.84 -33.87
CA VAL N 407 33.95 35.16 -34.08
C VAL N 407 33.75 35.51 -35.55
N PRO N 408 32.72 35.03 -36.19
CA PRO N 408 32.47 35.44 -37.58
C PRO N 408 31.79 36.79 -37.62
N PHE N 409 32.61 37.85 -37.56
CA PHE N 409 32.10 39.19 -37.41
C PHE N 409 31.24 39.58 -38.61
N PRO N 410 30.35 40.54 -38.44
CA PRO N 410 29.45 40.91 -39.52
C PRO N 410 30.07 41.93 -40.45
N GLY N 411 29.30 42.40 -41.43
CA GLY N 411 29.83 43.37 -42.39
C GLY N 411 29.70 44.77 -41.85
N ILE N 412 30.80 45.49 -41.85
CA ILE N 412 30.82 46.85 -41.31
C ILE N 412 30.34 47.80 -42.41
N HIS N 413 29.12 48.29 -42.28
CA HIS N 413 28.67 49.34 -43.17
C HIS N 413 29.35 50.64 -42.79
N LEU N 414 29.75 51.40 -43.80
CA LEU N 414 30.42 52.68 -43.61
C LEU N 414 29.59 53.76 -44.28
N ARG N 415 29.11 54.70 -43.48
CA ARG N 415 28.26 55.78 -43.97
C ARG N 415 28.85 57.10 -43.53
N PHE N 416 29.10 57.97 -44.50
CA PHE N 416 29.53 59.33 -44.24
C PHE N 416 28.28 60.20 -44.13
N ASN N 417 27.94 60.58 -42.90
CA ASN N 417 26.76 61.39 -42.63
C ASN N 417 27.18 62.85 -42.55
N GLU N 418 26.32 63.73 -43.05
CA GLU N 418 26.55 65.16 -42.92
C GLU N 418 25.84 65.75 -41.72
N GLY N 419 24.89 65.03 -41.13
CA GLY N 419 24.09 65.59 -40.05
C GLY N 419 24.91 65.94 -38.82
N MET N 420 26.06 65.30 -38.64
CA MET N 420 26.88 65.57 -37.47
C MET N 420 27.87 66.70 -37.80
N GLY N 421 28.86 66.88 -36.93
CA GLY N 421 29.82 67.95 -37.10
C GLY N 421 30.85 67.65 -38.18
N GLU N 422 32.12 67.97 -37.93
CA GLU N 422 33.17 67.71 -38.89
C GLU N 422 34.26 66.78 -38.36
N GLY N 423 34.34 66.58 -37.04
CA GLY N 423 35.27 65.63 -36.50
C GLY N 423 34.60 64.55 -35.69
N GLU N 424 33.28 64.49 -35.77
CA GLU N 424 32.51 63.52 -35.00
C GLU N 424 32.49 62.18 -35.72
N TYR N 425 32.31 61.11 -34.95
CA TYR N 425 32.13 59.78 -35.49
C TYR N 425 31.56 58.90 -34.39
N LEU N 426 30.56 58.10 -34.76
CA LEU N 426 29.93 57.18 -33.82
C LEU N 426 29.94 55.80 -34.43
N ILE N 427 30.22 54.80 -33.61
CA ILE N 427 30.25 53.41 -34.02
C ILE N 427 29.05 52.75 -33.37
N SER N 428 28.04 52.41 -34.14
CA SER N 428 26.76 51.98 -33.59
C SER N 428 26.56 50.50 -33.82
N LEU N 429 26.50 49.73 -32.75
CA LEU N 429 26.05 48.35 -32.83
C LEU N 429 24.54 48.33 -32.85
N GLN N 430 23.95 47.97 -33.99
CA GLN N 430 22.50 47.79 -34.07
C GLN N 430 21.77 49.05 -33.62
N GLU N 431 22.19 50.18 -34.18
CA GLU N 431 21.51 51.46 -34.02
C GLU N 431 21.51 51.97 -32.58
N VAL N 432 22.60 51.75 -31.85
CA VAL N 432 22.79 52.44 -30.58
C VAL N 432 24.27 52.80 -30.42
N PRO N 433 24.64 54.06 -30.64
CA PRO N 433 26.05 54.43 -30.65
C PRO N 433 26.79 53.96 -29.40
N VAL N 434 27.76 53.09 -29.61
CA VAL N 434 28.45 52.45 -28.49
C VAL N 434 29.80 53.10 -28.21
N ALA N 435 30.40 53.78 -29.16
CA ALA N 435 31.63 54.51 -28.90
C ALA N 435 31.69 55.69 -29.86
N ARG N 436 31.20 56.84 -29.41
CA ARG N 436 31.22 58.04 -30.22
C ARG N 436 32.48 58.82 -29.94
N GLY N 437 32.77 59.77 -30.82
CA GLY N 437 33.94 60.59 -30.64
C GLY N 437 33.95 61.75 -31.59
N GLU N 438 34.47 62.88 -31.12
CA GLU N 438 34.72 64.04 -31.97
C GLU N 438 36.24 64.09 -32.13
N LEU N 439 36.72 63.48 -33.20
CA LEU N 439 38.17 63.42 -33.41
C LEU N 439 38.67 64.84 -33.67
N LYS N 440 39.31 65.44 -32.65
CA LYS N 440 39.89 66.76 -32.83
C LYS N 440 41.15 66.72 -33.66
N ALA N 441 41.45 65.55 -34.24
CA ALA N 441 42.31 65.44 -35.39
C ALA N 441 41.52 65.88 -36.61
N GLY N 442 40.38 66.53 -36.38
CA GLY N 442 39.50 67.00 -37.43
C GLY N 442 40.24 67.53 -38.64
N TYR N 443 41.11 68.51 -38.46
CA TYR N 443 41.91 68.97 -39.59
C TYR N 443 43.11 68.04 -39.82
N LEU N 444 44.09 68.10 -38.91
CA LEU N 444 45.17 67.14 -38.78
C LEU N 444 45.82 67.34 -37.43
N LEU N 445 45.56 66.46 -36.48
CA LEU N 445 46.12 66.65 -35.15
C LEU N 445 46.51 65.30 -34.57
N VAL N 446 47.24 64.50 -35.35
CA VAL N 446 47.54 63.11 -35.03
C VAL N 446 47.87 62.96 -33.55
N ARG N 447 47.12 62.11 -32.85
CA ARG N 447 47.12 62.11 -31.40
C ARG N 447 48.35 61.40 -30.87
N GLU N 448 48.44 61.31 -29.55
CA GLU N 448 49.51 60.61 -28.87
C GLU N 448 48.92 59.86 -27.68
N SER N 449 49.20 58.56 -27.61
CA SER N 449 48.58 57.68 -26.63
C SER N 449 49.31 57.64 -25.30
N VAL N 450 50.65 57.70 -25.32
CA VAL N 450 51.43 57.57 -24.11
C VAL N 450 51.93 58.96 -23.74
N SER N 451 51.13 59.97 -24.09
CA SER N 451 51.43 61.36 -23.75
C SER N 451 51.77 61.49 -22.28
N GLN N 452 52.78 62.31 -22.00
CA GLN N 452 53.36 62.40 -20.67
C GLN N 452 54.08 63.74 -20.58
N LEU N 453 54.82 63.97 -19.51
CA LEU N 453 55.70 65.13 -19.49
C LEU N 453 56.80 65.01 -20.52
N GLU N 454 56.97 63.82 -21.12
CA GLU N 454 57.91 63.68 -22.22
C GLU N 454 57.50 64.52 -23.41
N LEU N 455 56.20 64.71 -23.62
CA LEU N 455 55.74 65.69 -24.60
C LEU N 455 55.86 67.12 -24.08
N LEU N 456 56.30 67.31 -22.84
CA LEU N 456 56.80 68.61 -22.41
C LEU N 456 58.32 68.67 -22.52
N GLY N 457 59.01 67.56 -22.28
CA GLY N 457 60.42 67.48 -22.66
C GLY N 457 60.59 67.57 -24.17
N ILE N 458 59.67 66.95 -24.91
CA ILE N 458 59.57 67.12 -26.35
C ILE N 458 58.46 68.15 -26.53
N PRO N 459 58.80 69.44 -26.52
CA PRO N 459 57.87 70.46 -25.99
C PRO N 459 56.67 70.77 -26.85
N TYR N 460 56.43 70.04 -27.93
CA TYR N 460 55.44 70.46 -28.92
C TYR N 460 54.05 70.53 -28.30
N GLU N 461 53.32 71.59 -28.66
CA GLU N 461 52.08 71.92 -27.97
C GLU N 461 51.10 70.77 -27.97
N LYS N 462 50.26 70.73 -26.96
CA LYS N 462 49.36 69.62 -26.72
C LYS N 462 47.90 70.04 -26.89
N GLY N 463 47.02 69.05 -26.90
CA GLY N 463 45.59 69.25 -26.82
C GLY N 463 45.00 68.26 -25.85
N GLU N 464 44.34 68.74 -24.80
CA GLU N 464 43.94 67.85 -23.72
C GLU N 464 42.67 67.09 -24.05
N HIS N 465 42.63 65.83 -23.61
CA HIS N 465 41.45 64.98 -23.69
C HIS N 465 41.74 63.72 -22.89
N LEU N 466 40.71 62.91 -22.71
CA LEU N 466 40.80 61.60 -22.07
C LEU N 466 40.17 60.54 -22.98
N LEU N 467 40.57 60.58 -24.25
CA LEU N 467 40.18 59.56 -25.22
C LEU N 467 40.57 58.23 -24.58
N PRO N 468 39.79 57.17 -24.76
CA PRO N 468 39.58 56.22 -23.66
C PRO N 468 40.81 55.62 -22.99
N ASP N 469 41.61 54.85 -23.70
CA ASP N 469 42.41 53.84 -23.02
C ASP N 469 43.71 54.34 -22.43
N GLN N 470 44.41 55.25 -23.09
CA GLN N 470 45.61 55.84 -22.53
C GLN N 470 45.49 57.35 -22.66
N GLU N 471 46.34 58.07 -21.93
CA GLU N 471 46.23 59.51 -21.92
C GLU N 471 46.49 60.07 -23.31
N THR N 472 45.46 60.63 -23.93
CA THR N 472 45.51 61.12 -25.29
C THR N 472 45.81 62.61 -25.30
N PHE N 473 46.89 62.98 -25.96
CA PHE N 473 47.18 64.37 -26.22
C PHE N 473 47.57 64.50 -27.68
N TRP N 474 47.24 65.63 -28.27
CA TRP N 474 47.29 65.79 -29.71
C TRP N 474 48.37 66.77 -30.11
N VAL N 475 49.05 66.46 -31.21
CA VAL N 475 50.06 67.34 -31.81
C VAL N 475 49.78 67.39 -33.30
N SER N 476 50.30 68.43 -33.95
CA SER N 476 50.02 68.64 -35.36
C SER N 476 50.98 67.82 -36.23
N VAL N 477 50.94 68.04 -37.53
CA VAL N 477 51.65 67.20 -38.48
C VAL N 477 53.05 67.72 -38.80
N GLU N 478 53.35 68.99 -38.49
CA GLU N 478 54.74 69.41 -38.46
C GLU N 478 55.42 68.93 -37.19
N TYR N 479 54.67 68.87 -36.09
CA TYR N 479 55.19 68.32 -34.85
C TYR N 479 55.40 66.82 -34.95
N GLU N 480 54.67 66.16 -35.85
CA GLU N 480 54.78 64.72 -35.99
C GLU N 480 56.19 64.30 -36.40
N GLU N 481 56.80 65.02 -37.33
CA GLU N 481 58.11 64.64 -37.84
C GLU N 481 59.12 64.53 -36.71
N ARG N 482 59.05 65.44 -35.74
CA ARG N 482 60.02 65.43 -34.66
C ARG N 482 59.66 64.47 -33.55
N LEU N 483 58.37 64.31 -33.25
CA LEU N 483 57.98 63.35 -32.23
C LEU N 483 58.06 61.92 -32.72
N GLU N 484 57.92 61.69 -34.03
CA GLU N 484 58.17 60.35 -34.53
C GLU N 484 59.65 60.01 -34.46
N LYS N 485 60.51 61.02 -34.49
CA LYS N 485 61.92 60.79 -34.14
C LYS N 485 62.03 60.37 -32.68
N SER N 486 61.27 61.01 -31.80
CA SER N 486 61.27 60.72 -30.38
C SER N 486 60.57 59.41 -30.04
N GLN N 487 59.89 58.79 -31.00
CA GLN N 487 59.33 57.46 -30.85
C GLN N 487 58.27 57.33 -29.76
N LEU N 488 57.13 57.98 -29.94
CA LEU N 488 55.92 57.69 -29.15
C LEU N 488 54.80 57.27 -30.09
N GLU N 489 53.65 56.91 -29.52
CA GLU N 489 52.60 56.27 -30.30
C GLU N 489 51.79 57.28 -31.09
N PHE N 490 51.78 57.11 -32.42
CA PHE N 490 51.06 57.96 -33.35
C PHE N 490 49.84 57.23 -33.89
N PHE N 491 48.71 57.93 -33.91
CA PHE N 491 47.48 57.40 -34.44
C PHE N 491 46.99 58.30 -35.56
N SER N 492 47.11 57.83 -36.80
CA SER N 492 46.59 58.56 -37.93
C SER N 492 45.06 58.56 -37.89
N HIS N 493 44.46 59.10 -38.94
CA HIS N 493 43.00 59.11 -38.98
C HIS N 493 42.41 57.72 -39.21
N SER N 494 43.16 56.82 -39.82
CA SER N 494 42.75 55.43 -39.79
C SER N 494 42.88 54.84 -38.40
N GLN N 495 44.07 54.95 -37.81
CA GLN N 495 44.37 54.22 -36.59
C GLN N 495 43.59 54.76 -35.39
N VAL N 496 43.12 56.00 -35.47
CA VAL N 496 42.26 56.48 -34.40
C VAL N 496 40.88 55.90 -34.56
N LEU N 497 40.48 55.60 -35.78
CA LEU N 497 39.16 55.04 -36.02
C LEU N 497 39.14 53.56 -35.72
N THR N 498 39.95 52.78 -36.44
CA THR N 498 39.92 51.34 -36.25
C THR N 498 40.24 50.93 -34.83
N TRP N 499 41.05 51.71 -34.12
CA TRP N 499 41.39 51.30 -32.77
C TRP N 499 40.14 51.13 -31.92
N HIS N 500 39.25 52.12 -31.92
CA HIS N 500 37.99 51.92 -31.22
C HIS N 500 37.21 50.75 -31.79
N LEU N 501 37.23 50.58 -33.11
CA LEU N 501 36.60 49.41 -33.69
C LEU N 501 37.19 48.14 -33.10
N SER N 502 38.48 47.94 -33.29
CA SER N 502 39.14 46.76 -32.76
C SER N 502 39.04 46.69 -31.25
N HIS N 503 38.52 47.74 -30.62
CA HIS N 503 38.18 47.65 -29.21
C HIS N 503 36.70 47.41 -29.02
N VAL N 504 35.87 47.82 -29.97
CA VAL N 504 34.43 47.57 -29.84
C VAL N 504 34.14 46.10 -30.04
N LEU N 505 34.73 45.49 -31.06
CA LEU N 505 34.51 44.07 -31.29
C LEU N 505 35.03 43.24 -30.13
N ARG N 506 36.25 43.51 -29.68
CA ARG N 506 36.83 42.68 -28.64
C ARG N 506 36.04 42.75 -27.35
N GLU N 507 35.20 43.76 -27.17
CA GLU N 507 34.42 43.87 -25.95
C GLU N 507 32.96 43.54 -26.16
N TYR N 508 32.47 43.55 -27.39
CA TYR N 508 31.09 43.19 -27.69
C TYR N 508 31.06 41.96 -28.59
N ALA N 509 32.02 41.07 -28.41
CA ALA N 509 32.03 39.82 -29.13
C ALA N 509 31.11 38.78 -28.51
N GLU N 510 30.44 39.10 -27.41
CA GLU N 510 29.39 38.24 -26.93
C GLU N 510 28.09 38.43 -27.67
N ASP N 511 28.01 39.43 -28.56
CA ASP N 511 26.79 39.76 -29.24
C ASP N 511 26.79 39.35 -30.70
N PHE N 512 27.91 38.89 -31.22
CA PHE N 512 27.99 38.44 -32.59
C PHE N 512 28.01 36.93 -32.70
N ILE N 513 27.92 36.21 -31.60
CA ILE N 513 27.83 34.76 -31.69
C ILE N 513 26.43 34.35 -31.26
N GLY N 514 25.51 34.29 -32.22
CA GLY N 514 24.17 33.85 -31.97
C GLY N 514 23.90 32.54 -32.68
N ILE N 515 22.75 31.96 -32.35
CA ILE N 515 22.38 30.67 -32.92
C ILE N 515 22.47 30.70 -34.42
N GLN N 516 22.40 31.88 -35.02
CA GLN N 516 22.55 31.97 -36.46
C GLN N 516 24.01 31.98 -36.86
N GLU N 517 24.91 32.28 -35.93
CA GLU N 517 26.31 32.39 -36.30
C GLU N 517 27.08 31.12 -36.00
N THR N 518 26.68 30.36 -34.98
CA THR N 518 27.32 29.07 -34.79
C THR N 518 26.89 28.09 -35.84
N ARG N 519 25.61 28.12 -36.23
CA ARG N 519 25.17 27.27 -37.32
C ARG N 519 25.87 27.66 -38.62
N TYR N 520 26.55 28.80 -38.63
CA TYR N 520 27.43 29.09 -39.75
C TYR N 520 28.73 28.34 -39.62
N LEU N 521 29.25 28.22 -38.40
CA LEU N 521 30.46 27.43 -38.18
C LEU N 521 30.20 25.95 -38.39
N LEU N 522 29.13 25.44 -37.78
CA LEU N 522 28.82 24.03 -37.92
C LEU N 522 28.33 23.67 -39.31
N GLU N 523 28.21 24.63 -40.20
CA GLU N 523 28.04 24.28 -41.61
C GLU N 523 29.34 24.42 -42.36
N GLN N 524 30.11 25.46 -42.06
CA GLN N 524 31.40 25.64 -42.71
C GLN N 524 32.37 24.54 -42.37
N MET N 525 32.13 23.80 -41.30
CA MET N 525 33.00 22.69 -40.92
C MET N 525 32.46 21.33 -41.31
N GLU N 526 31.29 21.29 -41.95
CA GLU N 526 30.72 20.02 -42.37
C GLU N 526 31.71 19.25 -43.24
N GLY N 527 32.34 19.93 -44.19
CA GLY N 527 33.29 19.28 -45.07
C GLY N 527 34.44 18.64 -44.32
N GLY N 528 35.17 19.43 -43.55
CA GLY N 528 36.29 18.92 -42.79
C GLY N 528 35.90 17.82 -41.82
N TYR N 529 35.07 18.14 -40.84
CA TYR N 529 34.72 17.21 -39.78
C TYR N 529 33.24 16.87 -39.91
N GLY N 530 32.94 15.87 -40.71
CA GLY N 530 31.58 15.44 -40.88
C GLY N 530 31.05 14.76 -39.65
N GLU N 531 31.67 13.64 -39.27
CA GLU N 531 31.10 12.82 -38.21
C GLU N 531 31.26 13.45 -36.85
N LEU N 532 32.11 14.46 -36.74
CA LEU N 532 32.23 15.18 -35.48
C LEU N 532 30.99 16.01 -35.22
N ILE N 533 30.51 16.70 -36.26
CA ILE N 533 29.37 17.59 -36.10
C ILE N 533 28.08 16.80 -35.97
N LYS N 534 27.90 15.77 -36.80
CA LYS N 534 26.70 14.95 -36.68
C LYS N 534 26.63 14.24 -35.35
N GLU N 535 27.73 14.21 -34.60
CA GLU N 535 27.75 13.65 -33.26
C GLU N 535 27.50 14.72 -32.22
N VAL N 536 28.03 15.92 -32.41
CA VAL N 536 27.87 16.95 -31.40
C VAL N 536 26.47 17.53 -31.42
N GLN N 537 25.84 17.58 -32.58
CA GLN N 537 24.51 18.19 -32.66
C GLN N 537 23.47 17.37 -31.93
N ARG N 538 23.64 16.05 -31.86
CA ARG N 538 22.70 15.21 -31.14
C ARG N 538 22.94 15.20 -29.64
N ILE N 539 24.11 15.64 -29.20
CA ILE N 539 24.40 15.65 -27.78
C ILE N 539 24.07 16.99 -27.16
N VAL N 540 24.53 18.08 -27.74
CA VAL N 540 24.24 19.42 -27.24
C VAL N 540 23.39 20.15 -28.27
N PRO N 541 22.21 20.63 -27.91
CA PRO N 541 21.41 21.41 -28.85
C PRO N 541 22.11 22.72 -29.18
N LEU N 542 21.67 23.34 -30.28
CA LEU N 542 22.33 24.57 -30.71
C LEU N 542 22.23 25.66 -29.67
N GLN N 543 21.15 25.73 -28.91
CA GLN N 543 21.10 26.73 -27.87
C GLN N 543 22.20 26.49 -26.86
N ARG N 544 22.41 25.24 -26.47
CA ARG N 544 23.37 24.96 -25.40
C ARG N 544 24.80 25.12 -25.89
N MET N 545 25.06 24.70 -27.12
CA MET N 545 26.40 24.84 -27.65
C MET N 545 26.75 26.31 -27.86
N THR N 546 25.77 27.13 -28.23
CA THR N 546 26.04 28.54 -28.41
C THR N 546 26.19 29.26 -27.08
N GLU N 547 25.41 28.87 -26.08
CA GLU N 547 25.56 29.48 -24.77
C GLU N 547 26.93 29.18 -24.19
N ILE N 548 27.69 28.30 -24.82
CA ILE N 548 29.09 28.10 -24.43
C ILE N 548 29.99 29.02 -25.22
N LEU N 549 29.85 29.03 -26.54
CA LEU N 549 30.74 29.85 -27.36
C LEU N 549 30.68 31.31 -26.95
N GLN N 550 29.54 31.76 -26.42
CA GLN N 550 29.51 33.11 -25.88
C GLN N 550 30.30 33.18 -24.59
N ARG N 551 30.33 32.11 -23.81
CA ARG N 551 31.01 32.16 -22.52
C ARG N 551 32.51 32.04 -22.68
N LEU N 552 32.99 31.45 -23.76
CA LEU N 552 34.42 31.49 -24.02
C LEU N 552 34.84 32.88 -24.44
N VAL N 553 34.30 33.37 -25.56
CA VAL N 553 34.69 34.67 -26.07
C VAL N 553 34.43 35.77 -25.06
N GLY N 554 33.69 35.48 -24.00
CA GLY N 554 33.57 36.44 -22.92
C GLY N 554 34.86 36.62 -22.16
N GLU N 555 35.61 35.54 -21.94
CA GLU N 555 36.88 35.61 -21.26
C GLU N 555 38.04 35.86 -22.21
N ASP N 556 37.75 36.29 -23.43
CA ASP N 556 38.72 36.53 -24.49
C ASP N 556 39.44 35.26 -24.95
N ILE N 557 39.02 34.10 -24.47
CA ILE N 557 39.46 32.85 -25.07
C ILE N 557 39.03 32.83 -26.53
N SER N 558 39.81 32.16 -27.36
CA SER N 558 39.61 32.20 -28.80
C SER N 558 38.89 30.94 -29.25
N ILE N 559 37.70 31.12 -29.82
CA ILE N 559 36.98 30.03 -30.44
C ILE N 559 37.82 29.35 -31.51
N ARG N 560 38.74 30.08 -32.12
CA ARG N 560 39.37 29.72 -33.38
C ARG N 560 39.62 28.24 -33.52
N ASN N 561 40.14 27.61 -32.48
CA ASN N 561 40.40 26.17 -32.47
C ASN N 561 39.09 25.44 -32.33
N MET N 562 38.38 25.31 -33.44
CA MET N 562 37.00 24.83 -33.35
C MET N 562 36.91 23.33 -33.21
N ARG N 563 37.95 22.59 -33.56
CA ARG N 563 37.89 21.14 -33.38
C ARG N 563 37.91 20.78 -31.91
N SER N 564 39.00 21.10 -31.21
CA SER N 564 39.15 20.66 -29.84
C SER N 564 38.16 21.34 -28.90
N ILE N 565 37.32 22.22 -29.43
CA ILE N 565 36.19 22.68 -28.65
C ILE N 565 35.02 21.74 -28.84
N LEU N 566 34.97 21.05 -29.97
CA LEU N 566 33.90 20.08 -30.17
C LEU N 566 34.26 18.71 -29.61
N GLU N 567 35.52 18.32 -29.68
CA GLU N 567 35.95 17.12 -28.98
C GLU N 567 35.58 17.19 -27.51
N ALA N 568 35.91 18.29 -26.86
CA ALA N 568 35.55 18.46 -25.46
C ALA N 568 34.09 18.79 -25.29
N MET N 569 33.39 19.10 -26.38
CA MET N 569 31.95 19.28 -26.29
C MET N 569 31.25 17.94 -26.26
N VAL N 570 31.68 17.02 -27.12
CA VAL N 570 31.11 15.69 -27.13
C VAL N 570 31.42 14.96 -25.84
N GLU N 571 32.67 15.03 -25.39
CA GLU N 571 33.10 14.28 -24.22
C GLU N 571 32.27 14.65 -23.00
N TRP N 572 32.11 15.94 -22.73
CA TRP N 572 31.49 16.38 -21.50
C TRP N 572 30.02 16.71 -21.63
N GLY N 573 29.50 16.86 -22.84
CA GLY N 573 28.10 17.21 -22.98
C GLY N 573 27.13 16.15 -22.51
N GLN N 574 27.66 14.95 -22.23
CA GLN N 574 26.86 13.85 -21.72
C GLN N 574 26.92 13.76 -20.21
N LYS N 575 28.07 14.06 -19.62
CA LYS N 575 28.23 13.97 -18.18
C LYS N 575 27.75 15.23 -17.48
N GLU N 576 28.24 16.39 -17.91
CA GLU N 576 27.88 17.64 -17.26
C GLU N 576 26.74 18.32 -17.98
N LYS N 577 25.90 19.02 -17.21
CA LYS N 577 24.72 19.68 -17.77
C LYS N 577 24.59 21.14 -17.38
N ASP N 578 25.23 21.60 -16.30
CA ASP N 578 25.24 23.01 -15.98
C ASP N 578 26.25 23.72 -16.87
N VAL N 579 25.79 24.71 -17.63
CA VAL N 579 26.64 25.34 -18.63
C VAL N 579 27.94 25.82 -18.02
N VAL N 580 27.86 26.45 -16.85
CA VAL N 580 29.05 27.03 -16.25
C VAL N 580 30.07 25.95 -15.91
N GLN N 581 29.61 24.77 -15.53
CA GLN N 581 30.53 23.66 -15.34
C GLN N 581 31.07 23.17 -16.67
N LEU N 582 30.19 22.99 -17.64
CA LEU N 582 30.62 22.48 -18.94
C LEU N 582 31.66 23.39 -19.57
N THR N 583 31.53 24.71 -19.40
CA THR N 583 32.52 25.57 -20.02
C THR N 583 33.83 25.54 -19.25
N GLU N 584 33.80 25.24 -17.95
CA GLU N 584 35.05 25.10 -17.24
C GLU N 584 35.74 23.79 -17.61
N TYR N 585 34.99 22.81 -18.04
CA TYR N 585 35.62 21.62 -18.59
C TYR N 585 36.13 21.86 -20.00
N ILE N 586 35.49 22.75 -20.75
CA ILE N 586 35.92 22.97 -22.12
C ILE N 586 37.15 23.87 -22.18
N ARG N 587 37.24 24.87 -21.31
CA ARG N 587 38.48 25.62 -21.21
C ARG N 587 39.65 24.69 -20.89
N SER N 588 39.42 23.69 -20.05
CA SER N 588 40.44 22.71 -19.72
C SER N 588 40.87 21.87 -20.89
N SER N 589 40.21 21.99 -22.04
CA SER N 589 40.67 21.31 -23.23
C SER N 589 41.61 22.16 -24.06
N LEU N 590 41.63 23.46 -23.84
CA LEU N 590 42.59 24.35 -24.48
C LEU N 590 43.79 24.62 -23.60
N LYS N 591 44.20 23.62 -22.82
CA LYS N 591 45.27 23.79 -21.85
C LYS N 591 46.47 24.48 -22.45
N ARG N 592 47.12 23.84 -23.41
CA ARG N 592 48.37 24.40 -23.91
C ARG N 592 48.16 25.61 -24.79
N TYR N 593 46.93 26.11 -24.89
CA TYR N 593 46.74 27.40 -25.50
C TYR N 593 46.85 28.50 -24.46
N ILE N 594 46.12 28.37 -23.37
CA ILE N 594 46.11 29.40 -22.34
C ILE N 594 47.51 29.64 -21.79
N CYS N 595 48.24 28.56 -21.51
CA CYS N 595 49.65 28.68 -21.13
C CYS N 595 50.42 29.59 -22.06
N TYR N 596 49.98 29.72 -23.30
CA TYR N 596 50.63 30.62 -24.24
C TYR N 596 49.96 31.97 -24.34
N LYS N 597 48.73 32.12 -23.86
CA LYS N 597 48.12 33.43 -23.91
C LYS N 597 48.50 34.28 -22.71
N TYR N 598 48.67 33.68 -21.54
CA TYR N 598 48.89 34.48 -20.35
C TYR N 598 50.34 34.45 -19.89
N ALA N 599 51.03 33.34 -20.06
CA ALA N 599 52.42 33.22 -19.65
C ALA N 599 53.29 33.02 -20.87
N ASN N 600 53.67 34.12 -21.51
CA ASN N 600 54.48 34.04 -22.71
C ASN N 600 55.92 33.64 -22.43
N GLY N 601 56.43 33.91 -21.22
CA GLY N 601 57.80 33.58 -20.90
C GLY N 601 58.02 32.08 -20.77
N ASN N 602 59.18 31.73 -20.22
CA ASN N 602 59.57 30.33 -20.12
C ASN N 602 58.80 29.61 -19.02
N ASN N 603 57.52 29.36 -19.26
CA ASN N 603 56.70 28.55 -18.37
C ASN N 603 56.63 29.14 -16.96
N ILE N 604 56.74 30.47 -16.85
CA ILE N 604 56.62 31.16 -15.58
C ILE N 604 55.46 32.13 -15.68
N LEU N 605 54.59 32.12 -14.66
CA LEU N 605 53.34 32.85 -14.69
C LEU N 605 53.16 33.58 -13.37
N PRO N 606 53.04 34.90 -13.37
CA PRO N 606 52.88 35.65 -12.13
C PRO N 606 51.45 35.62 -11.64
N ALA N 607 51.19 34.86 -10.59
CA ALA N 607 49.84 34.55 -10.16
C ALA N 607 49.49 35.32 -8.90
N TYR N 608 48.24 35.18 -8.50
CA TYR N 608 47.69 35.83 -7.32
C TYR N 608 46.81 34.85 -6.55
N LEU N 609 47.36 33.68 -6.24
CA LEU N 609 46.60 32.58 -5.67
C LEU N 609 45.64 33.03 -4.58
N PHE N 610 44.49 32.37 -4.53
CA PHE N 610 43.49 32.57 -3.48
C PHE N 610 43.77 31.59 -2.35
N ASP N 611 43.98 32.09 -1.14
CA ASP N 611 44.20 31.18 -0.04
C ASP N 611 42.90 30.45 0.31
N GLN N 612 43.04 29.17 0.63
CA GLN N 612 41.92 28.24 0.61
C GLN N 612 40.72 28.75 1.40
N GLU N 613 40.95 29.56 2.43
CA GLU N 613 39.84 30.02 3.26
C GLU N 613 38.81 30.79 2.45
N VAL N 614 39.26 31.51 1.42
CA VAL N 614 38.34 32.31 0.63
C VAL N 614 37.65 31.44 -0.43
N GLU N 615 38.40 30.60 -1.12
CA GLU N 615 37.79 29.72 -2.12
C GLU N 615 36.71 28.85 -1.54
N GLU N 616 36.55 28.81 -0.23
CA GLU N 616 35.47 28.08 0.40
C GLU N 616 34.32 28.97 0.81
N LYS N 617 34.58 30.23 1.15
CA LYS N 617 33.48 31.15 1.35
C LYS N 617 32.68 31.33 0.08
N ILE N 618 33.34 31.34 -1.08
CA ILE N 618 32.62 31.56 -2.33
C ILE N 618 31.93 30.29 -2.79
N ARG N 619 32.52 29.12 -2.54
CA ARG N 619 31.88 27.90 -2.96
C ARG N 619 30.63 27.58 -2.15
N SER N 620 30.33 28.37 -1.13
CA SER N 620 29.14 28.16 -0.31
C SER N 620 28.02 29.12 -0.64
N GLY N 621 28.11 29.83 -1.76
CA GLY N 621 27.10 30.79 -2.11
C GLY N 621 26.62 30.68 -3.54
N VAL N 622 26.50 29.47 -4.05
CA VAL N 622 26.29 29.27 -5.48
C VAL N 622 24.81 29.30 -5.87
N ARG N 623 23.92 28.73 -5.05
CA ARG N 623 22.48 28.87 -5.25
C ARG N 623 22.03 28.39 -6.64
N GLN N 624 22.17 27.08 -6.86
CA GLN N 624 21.85 26.49 -8.16
C GLN N 624 20.33 26.31 -8.25
N THR N 625 19.64 27.36 -8.68
CA THR N 625 18.18 27.39 -8.62
C THR N 625 17.50 27.40 -9.99
N SER N 626 17.75 28.41 -10.81
CA SER N 626 16.94 28.64 -11.99
C SER N 626 17.82 28.80 -13.21
N ALA N 627 18.78 27.89 -13.37
CA ALA N 627 19.76 27.94 -14.45
C ALA N 627 20.52 29.26 -14.45
N GLY N 628 20.65 29.88 -13.28
CA GLY N 628 21.45 31.07 -13.12
C GLY N 628 22.62 30.85 -12.18
N SER N 629 22.43 29.99 -11.19
CA SER N 629 23.46 29.66 -10.20
C SER N 629 24.17 30.90 -9.69
N TYR N 630 23.42 31.99 -9.51
CA TYR N 630 24.01 33.26 -9.14
C TYR N 630 24.80 33.12 -7.84
N LEU N 631 25.95 33.78 -7.80
CA LEU N 631 26.69 33.91 -6.55
C LEU N 631 25.97 34.94 -5.69
N ALA N 632 25.34 34.50 -4.62
CA ALA N 632 24.61 35.40 -3.72
C ALA N 632 25.12 35.17 -2.32
N LEU N 633 26.11 35.99 -1.91
CA LEU N 633 26.62 35.90 -0.54
C LEU N 633 25.95 36.95 0.36
N ASP N 634 26.25 38.21 0.10
CA ASP N 634 25.69 39.35 0.82
C ASP N 634 26.29 40.59 0.16
N PRO N 635 25.52 41.66 -0.02
CA PRO N 635 26.14 42.95 -0.35
C PRO N 635 27.16 43.42 0.66
N ALA N 636 27.24 42.78 1.82
CA ALA N 636 28.24 43.12 2.82
C ALA N 636 29.40 42.13 2.87
N VAL N 637 29.25 40.95 2.30
CA VAL N 637 30.37 40.03 2.17
C VAL N 637 31.13 40.26 0.88
N THR N 638 30.41 40.52 -0.21
CA THR N 638 31.07 40.86 -1.46
C THR N 638 32.06 41.99 -1.28
N GLU N 639 31.71 42.99 -0.48
CA GLU N 639 32.65 44.07 -0.22
C GLU N 639 33.75 43.62 0.73
N SER N 640 33.52 42.57 1.51
CA SER N 640 34.57 42.05 2.37
C SER N 640 35.65 41.36 1.54
N LEU N 641 35.25 40.45 0.65
CA LEU N 641 36.22 39.81 -0.23
C LEU N 641 36.85 40.80 -1.18
N LEU N 642 36.02 41.58 -1.87
CA LEU N 642 36.54 42.53 -2.83
C LEU N 642 37.46 43.55 -2.18
N GLU N 643 37.42 43.66 -0.86
CA GLU N 643 38.39 44.51 -0.19
C GLU N 643 39.70 43.77 0.05
N GLN N 644 39.62 42.50 0.49
CA GLN N 644 40.83 41.72 0.68
C GLN N 644 41.59 41.58 -0.62
N VAL N 645 40.88 41.48 -1.75
CA VAL N 645 41.55 41.51 -3.03
C VAL N 645 42.25 42.85 -3.22
N ARG N 646 41.46 43.93 -3.22
CA ARG N 646 42.00 45.25 -3.43
C ARG N 646 43.11 45.60 -2.45
N LYS N 647 43.19 44.89 -1.33
CA LYS N 647 44.22 45.17 -0.35
C LYS N 647 45.57 44.57 -0.72
N THR N 648 45.57 43.50 -1.51
CA THR N 648 46.82 42.86 -1.93
C THR N 648 47.17 43.16 -3.37
N ILE N 649 46.24 42.96 -4.30
CA ILE N 649 46.48 43.28 -5.70
C ILE N 649 46.80 44.76 -5.86
N GLY N 650 46.26 45.60 -5.00
CA GLY N 650 46.47 47.02 -5.14
C GLY N 650 45.68 47.57 -6.30
N ASP N 651 46.37 48.20 -7.26
CA ASP N 651 45.71 48.74 -8.43
C ASP N 651 46.16 48.12 -9.73
N LEU N 652 47.30 47.43 -9.74
CA LEU N 652 47.87 46.75 -10.91
C LEU N 652 48.02 47.67 -12.11
N SER N 653 47.82 48.97 -11.92
CA SER N 653 48.07 49.90 -13.02
C SER N 653 49.57 50.07 -13.22
N GLN N 654 50.30 50.21 -12.11
CA GLN N 654 51.75 50.20 -12.18
C GLN N 654 52.30 48.79 -12.27
N ILE N 655 51.59 47.81 -11.72
CA ILE N 655 52.08 46.44 -11.75
C ILE N 655 52.17 45.99 -13.19
N GLN N 656 53.39 45.73 -13.65
CA GLN N 656 53.64 45.36 -15.02
C GLN N 656 53.58 43.84 -15.19
N SER N 657 53.70 43.40 -16.43
CA SER N 657 53.81 42.00 -16.86
C SER N 657 52.48 41.27 -16.87
N LYS N 658 51.35 41.98 -16.72
CA LYS N 658 50.03 41.36 -16.87
C LYS N 658 49.86 40.13 -15.98
N PRO N 659 49.70 40.30 -14.68
CA PRO N 659 49.51 39.13 -13.81
C PRO N 659 48.12 38.56 -14.00
N VAL N 660 47.92 37.37 -13.46
CA VAL N 660 46.63 36.68 -13.57
C VAL N 660 46.26 36.09 -12.21
N LEU N 661 44.99 36.19 -11.87
CA LEU N 661 44.48 35.54 -10.67
C LEU N 661 44.27 34.07 -10.97
N ILE N 662 44.47 33.23 -9.97
CA ILE N 662 44.41 31.79 -10.15
C ILE N 662 43.58 31.20 -9.03
N VAL N 663 42.41 30.68 -9.37
CA VAL N 663 41.48 30.16 -8.39
C VAL N 663 41.04 28.78 -8.85
N SER N 664 40.49 28.00 -7.92
CA SER N 664 40.02 26.67 -8.24
C SER N 664 39.04 26.71 -9.41
N MET N 665 38.81 25.54 -10.01
CA MET N 665 38.07 25.52 -11.27
C MET N 665 36.59 25.82 -11.05
N ASP N 666 35.97 25.14 -10.10
CA ASP N 666 34.52 25.16 -9.98
C ASP N 666 33.95 26.52 -9.61
N ILE N 667 34.78 27.50 -9.28
CA ILE N 667 34.27 28.84 -9.00
C ILE N 667 35.01 29.85 -9.86
N ARG N 668 35.77 29.38 -10.84
CA ARG N 668 36.53 30.30 -11.67
C ARG N 668 35.62 31.35 -12.30
N ARG N 669 34.35 31.01 -12.48
CA ARG N 669 33.45 31.97 -13.10
C ARG N 669 32.98 33.01 -12.10
N TYR N 670 32.46 32.57 -10.95
CA TYR N 670 31.83 33.51 -10.04
C TYR N 670 32.84 34.53 -9.51
N VAL N 671 34.09 34.12 -9.35
CA VAL N 671 35.12 35.09 -9.02
C VAL N 671 35.28 36.10 -10.15
N ARG N 672 35.18 35.62 -11.39
CA ARG N 672 35.41 36.52 -12.51
C ARG N 672 34.35 37.61 -12.57
N LYS N 673 33.08 37.23 -12.55
CA LYS N 673 32.05 38.26 -12.61
C LYS N 673 31.93 39.03 -11.31
N LEU N 674 32.68 38.64 -10.28
CA LEU N 674 32.68 39.41 -9.04
C LEU N 674 33.61 40.62 -9.18
N ILE N 675 34.89 40.38 -9.41
CA ILE N 675 35.85 41.47 -9.58
C ILE N 675 35.77 42.11 -10.96
N GLU N 676 34.85 41.68 -11.81
CA GLU N 676 34.74 42.22 -13.16
C GLU N 676 34.53 43.73 -13.15
N SER N 677 33.98 44.28 -12.07
CA SER N 677 33.79 45.71 -11.99
C SER N 677 35.12 46.43 -11.80
N GLU N 678 35.86 46.04 -10.77
CA GLU N 678 37.05 46.79 -10.40
C GLU N 678 38.24 46.43 -11.27
N TYR N 679 38.60 45.16 -11.31
CA TYR N 679 39.79 44.70 -12.01
C TYR N 679 39.36 44.04 -13.31
N TYR N 680 39.31 44.82 -14.38
CA TYR N 680 38.83 44.30 -15.65
C TYR N 680 39.92 43.59 -16.44
N GLY N 681 41.15 44.07 -16.37
CA GLY N 681 42.22 43.46 -17.13
C GLY N 681 42.98 42.42 -16.35
N LEU N 682 42.34 41.85 -15.33
CA LEU N 682 42.93 40.82 -14.50
C LEU N 682 42.27 39.49 -14.83
N PRO N 683 42.79 38.73 -15.77
CA PRO N 683 42.15 37.46 -16.13
C PRO N 683 42.21 36.49 -14.98
N VAL N 684 41.27 35.56 -14.97
CA VAL N 684 41.20 34.53 -13.95
C VAL N 684 41.39 33.18 -14.62
N LEU N 685 42.21 32.33 -14.02
CA LEU N 685 42.48 31.00 -14.53
C LEU N 685 41.99 29.96 -13.55
N SER N 686 42.28 28.72 -13.85
CA SER N 686 42.02 27.61 -12.95
C SER N 686 43.31 26.90 -12.64
N TYR N 687 43.24 25.95 -11.72
CA TYR N 687 44.38 25.06 -11.56
C TYR N 687 44.43 24.06 -12.69
N GLN N 688 43.28 23.75 -13.26
CA GLN N 688 43.20 22.71 -14.28
C GLN N 688 43.65 23.24 -15.62
N GLU N 689 43.18 24.43 -16.00
CA GLU N 689 43.59 25.03 -17.26
C GLU N 689 45.10 25.18 -17.31
N LEU N 690 45.76 25.29 -16.16
CA LEU N 690 47.20 25.37 -16.13
C LEU N 690 47.80 24.03 -16.52
N THR N 691 48.24 23.93 -17.77
CA THR N 691 49.02 22.77 -18.17
C THR N 691 50.17 22.61 -17.21
N GLN N 692 50.49 21.37 -16.88
CA GLN N 692 51.66 21.13 -16.06
C GLN N 692 52.89 21.71 -16.77
N GLN N 693 54.01 21.74 -16.04
CA GLN N 693 55.23 22.35 -16.53
C GLN N 693 55.06 23.85 -16.68
N ILE N 694 54.34 24.46 -15.74
CA ILE N 694 54.22 25.91 -15.63
C ILE N 694 54.64 26.31 -14.23
N ASN N 695 55.61 27.23 -14.15
CA ASN N 695 56.11 27.67 -12.86
C ASN N 695 55.28 28.87 -12.41
N ILE N 696 54.20 28.58 -11.67
CA ILE N 696 53.43 29.64 -11.05
C ILE N 696 54.31 30.36 -10.05
N GLN N 697 54.50 31.65 -10.25
CA GLN N 697 55.31 32.46 -9.36
C GLN N 697 54.40 33.37 -8.55
N PRO N 698 53.85 32.89 -7.43
CA PRO N 698 52.79 33.64 -6.73
C PRO N 698 53.28 35.01 -6.29
N LEU N 699 52.63 36.05 -6.80
CA LEU N 699 52.95 37.40 -6.36
C LEU N 699 52.52 37.61 -4.91
N GLY N 700 51.28 37.25 -4.59
CA GLY N 700 50.82 37.33 -3.22
C GLY N 700 49.48 36.68 -3.00
N ARG N 701 49.38 35.81 -2.00
CA ARG N 701 48.16 35.06 -1.78
C ARG N 701 47.10 35.96 -1.14
N VAL N 702 45.86 35.84 -1.62
CA VAL N 702 44.76 36.64 -1.10
C VAL N 702 44.20 35.95 0.13
N CYS N 703 44.59 36.44 1.30
CA CYS N 703 44.15 35.84 2.56
C CYS N 703 42.70 36.27 2.81
N LEU N 704 42.22 36.03 4.03
CA LEU N 704 40.91 36.52 4.40
C LEU N 704 41.07 37.56 5.51
N LEU O 361 -32.24 40.89 -53.16
CA LEU O 361 -31.69 41.18 -51.85
C LEU O 361 -31.34 39.89 -51.13
N GLY O 362 -31.56 38.77 -51.80
CA GLY O 362 -31.19 37.48 -51.27
C GLY O 362 -29.71 37.24 -51.13
N GLU O 363 -28.86 38.17 -51.57
CA GLU O 363 -27.43 38.04 -51.36
C GLU O 363 -27.15 37.98 -49.86
N GLN O 364 -26.32 37.01 -49.46
CA GLN O 364 -26.30 36.60 -48.06
C GLN O 364 -25.91 37.74 -47.13
N GLU O 365 -24.64 38.13 -47.06
CA GLU O 365 -24.34 39.41 -46.42
C GLU O 365 -23.14 40.16 -46.99
N ALA O 366 -22.25 39.47 -47.70
CA ALA O 366 -21.07 40.09 -48.30
C ALA O 366 -20.20 40.79 -47.24
N PHE O 367 -19.62 39.97 -46.38
CA PHE O 367 -18.70 40.42 -45.33
C PHE O 367 -17.71 41.45 -45.86
N ALA O 368 -17.53 42.52 -45.10
CA ALA O 368 -16.62 43.60 -45.47
C ALA O 368 -15.65 43.87 -44.32
N MET O 369 -14.36 43.78 -44.60
CA MET O 369 -13.35 43.85 -43.56
C MET O 369 -13.30 45.25 -42.96
N THR O 370 -13.10 45.32 -41.65
CA THR O 370 -12.90 46.61 -40.99
C THR O 370 -11.53 47.16 -41.34
N VAL O 371 -11.42 48.48 -41.32
CA VAL O 371 -10.15 49.14 -41.68
C VAL O 371 -9.28 49.24 -40.43
N PRO O 372 -8.02 48.89 -40.52
CA PRO O 372 -7.15 48.91 -39.34
C PRO O 372 -6.99 50.31 -38.77
N LEU O 373 -6.57 51.24 -39.60
CA LEU O 373 -6.44 52.63 -39.19
C LEU O 373 -7.15 53.48 -40.22
N LEU O 374 -7.74 54.58 -39.78
CA LEU O 374 -8.53 55.41 -40.66
C LEU O 374 -8.44 56.85 -40.21
N ILE O 375 -8.22 57.75 -41.16
CA ILE O 375 -8.26 59.18 -40.90
C ILE O 375 -9.44 59.74 -41.66
N ASP O 376 -10.36 60.35 -40.94
CA ASP O 376 -11.50 61.01 -41.54
C ASP O 376 -11.41 62.48 -41.21
N VAL O 377 -11.02 63.28 -42.20
CA VAL O 377 -11.04 64.72 -42.05
C VAL O 377 -12.19 65.24 -42.89
N ASP O 378 -12.51 66.52 -42.76
CA ASP O 378 -13.66 67.06 -43.46
C ASP O 378 -13.38 67.17 -44.95
N SER O 379 -14.42 67.52 -45.69
CA SER O 379 -14.26 67.93 -47.07
C SER O 379 -13.76 69.36 -47.07
N SER O 380 -13.84 70.02 -48.24
CA SER O 380 -13.42 71.40 -48.42
C SER O 380 -11.90 71.54 -48.35
N GLN O 381 -11.21 70.46 -47.97
CA GLN O 381 -9.77 70.41 -48.06
C GLN O 381 -9.28 69.29 -48.96
N GLN O 382 -10.18 68.43 -49.44
CA GLN O 382 -9.79 67.27 -50.23
C GLN O 382 -8.91 67.66 -51.41
N GLU O 383 -8.94 68.92 -51.80
CA GLU O 383 -8.00 69.47 -52.77
C GLU O 383 -7.30 70.70 -52.24
N ALA O 384 -7.79 71.29 -51.16
CA ALA O 384 -7.17 72.46 -50.56
C ALA O 384 -6.09 72.10 -49.56
N LEU O 385 -6.26 71.03 -48.77
CA LEU O 385 -5.15 70.72 -47.87
C LEU O 385 -4.05 70.05 -48.67
N GLU O 386 -4.17 68.74 -48.95
CA GLU O 386 -3.87 68.07 -50.22
C GLU O 386 -2.67 68.63 -51.00
N ALA O 387 -1.93 69.54 -50.41
CA ALA O 387 -0.92 70.27 -51.15
C ALA O 387 0.34 70.54 -50.36
N ILE O 388 0.44 70.05 -49.13
CA ILE O 388 1.76 70.04 -48.52
C ILE O 388 2.39 68.71 -48.94
N ALA O 389 1.94 67.61 -48.35
CA ALA O 389 1.84 66.36 -49.08
C ALA O 389 0.51 65.68 -48.79
N LEU O 390 0.28 65.41 -47.51
CA LEU O 390 -0.87 64.65 -47.00
C LEU O 390 -1.02 63.30 -47.68
N ASN O 391 -0.03 62.91 -48.45
CA ASN O 391 0.19 61.52 -48.80
C ASN O 391 1.65 61.16 -48.73
N ASP O 392 2.53 62.14 -48.56
CA ASP O 392 3.92 61.93 -48.22
C ASP O 392 4.30 62.60 -46.92
N GLU O 393 3.34 63.15 -46.20
CA GLU O 393 3.58 63.62 -44.83
C GLU O 393 3.05 62.63 -43.81
N LEU O 394 2.16 61.74 -44.24
CA LEU O 394 1.78 60.62 -43.38
C LEU O 394 2.75 59.46 -43.54
N VAL O 395 3.00 59.04 -44.77
CA VAL O 395 3.93 57.94 -44.99
C VAL O 395 5.32 58.28 -44.46
N ARG O 396 5.65 59.57 -44.37
CA ARG O 396 6.93 59.95 -43.78
C ARG O 396 6.91 59.76 -42.27
N VAL O 397 5.82 60.15 -41.62
CA VAL O 397 5.78 60.02 -40.17
C VAL O 397 5.41 58.59 -39.79
N ARG O 398 4.87 57.80 -40.70
CA ARG O 398 4.66 56.40 -40.40
C ARG O 398 5.98 55.64 -40.43
N ARG O 399 6.76 55.84 -41.48
CA ARG O 399 8.09 55.23 -41.53
C ARG O 399 8.98 55.76 -40.41
N ALA O 400 9.03 57.07 -40.25
CA ALA O 400 9.89 57.64 -39.22
C ALA O 400 9.49 57.15 -37.84
N LEU O 401 8.23 56.76 -37.69
CA LEU O 401 7.80 56.19 -36.41
C LEU O 401 8.03 54.68 -36.38
N TYR O 402 8.08 54.04 -37.55
CA TYR O 402 8.39 52.62 -37.57
C TYR O 402 9.83 52.39 -37.15
N LEU O 403 10.77 53.14 -37.75
CA LEU O 403 12.16 53.02 -37.35
C LEU O 403 12.41 53.41 -35.92
N ASP O 404 11.39 53.88 -35.21
CA ASP O 404 11.57 54.21 -33.80
C ASP O 404 11.12 53.07 -32.92
N LEU O 405 9.92 52.56 -33.17
CA LEU O 405 9.33 51.47 -32.39
C LEU O 405 9.58 50.12 -33.00
N GLY O 406 9.40 49.98 -34.30
CA GLY O 406 9.59 48.72 -34.97
C GLY O 406 8.33 47.98 -35.32
N VAL O 407 7.19 48.44 -34.83
CA VAL O 407 5.91 47.77 -35.12
C VAL O 407 5.63 47.87 -36.61
N PRO O 408 5.20 46.81 -37.26
CA PRO O 408 4.83 46.93 -38.67
C PRO O 408 3.44 47.54 -38.83
N PHE O 409 3.40 48.87 -38.81
CA PHE O 409 2.14 49.59 -38.76
C PHE O 409 1.31 49.30 -40.01
N PRO O 410 0.01 49.48 -39.93
CA PRO O 410 -0.84 49.15 -41.07
C PRO O 410 -0.96 50.30 -42.04
N GLY O 411 -1.78 50.14 -43.07
CA GLY O 411 -1.93 51.20 -44.07
C GLY O 411 -2.96 52.20 -43.63
N ILE O 412 -2.58 53.47 -43.63
CA ILE O 412 -3.46 54.54 -43.19
C ILE O 412 -4.36 54.93 -44.36
N HIS O 413 -5.62 54.52 -44.30
CA HIS O 413 -6.57 55.02 -45.27
C HIS O 413 -6.91 56.47 -44.96
N LEU O 414 -7.02 57.28 -46.00
CA LEU O 414 -7.33 58.69 -45.87
C LEU O 414 -8.61 58.97 -46.63
N ARG O 415 -9.65 59.40 -45.91
CA ARG O 415 -10.95 59.67 -46.51
C ARG O 415 -11.37 61.08 -46.13
N PHE O 416 -11.65 61.88 -47.15
CA PHE O 416 -12.23 63.21 -46.95
C PHE O 416 -13.74 63.07 -46.94
N ASN O 417 -14.33 63.17 -45.76
CA ASN O 417 -15.76 63.07 -45.57
C ASN O 417 -16.37 64.45 -45.58
N GLU O 418 -17.56 64.56 -46.16
CA GLU O 418 -18.31 65.81 -46.11
C GLU O 418 -19.31 65.85 -44.98
N GLY O 419 -19.62 64.70 -44.38
CA GLY O 419 -20.66 64.65 -43.36
C GLY O 419 -20.34 65.47 -42.13
N MET O 420 -19.07 65.72 -41.87
CA MET O 420 -18.68 66.49 -40.71
C MET O 420 -18.63 67.97 -41.06
N GLY O 421 -18.03 68.78 -40.18
CA GLY O 421 -17.97 70.21 -40.39
C GLY O 421 -16.92 70.60 -41.41
N GLU O 422 -16.17 71.67 -41.13
CA GLU O 422 -15.12 72.12 -42.04
C GLU O 422 -13.73 72.12 -41.41
N GLY O 423 -13.64 72.06 -40.09
CA GLY O 423 -12.34 71.94 -39.45
C GLY O 423 -12.23 70.70 -38.59
N GLU O 424 -13.20 69.80 -38.71
CA GLU O 424 -13.23 68.58 -37.93
C GLU O 424 -12.34 67.52 -38.55
N TYR O 425 -11.85 66.61 -37.71
CA TYR O 425 -11.10 65.46 -38.17
C TYR O 425 -11.05 64.45 -37.05
N LEU O 426 -11.29 63.19 -37.38
CA LEU O 426 -11.24 62.11 -36.41
C LEU O 426 -10.31 61.03 -36.93
N ILE O 427 -9.51 60.47 -36.04
CA ILE O 427 -8.58 59.40 -36.36
C ILE O 427 -9.12 58.16 -35.70
N SER O 428 -9.62 57.23 -36.49
CA SER O 428 -10.37 56.10 -35.95
C SER O 428 -9.56 54.82 -36.11
N LEU O 429 -9.19 54.22 -34.98
CA LEU O 429 -8.65 52.87 -34.99
C LEU O 429 -9.79 51.88 -35.06
N GLN O 430 -9.94 51.21 -36.19
CA GLN O 430 -10.92 50.14 -36.31
C GLN O 430 -12.32 50.64 -35.96
N GLU O 431 -12.69 51.77 -36.57
CA GLU O 431 -14.03 52.32 -36.53
C GLU O 431 -14.46 52.75 -35.13
N VAL O 432 -13.54 53.30 -34.34
CA VAL O 432 -13.91 53.98 -33.11
C VAL O 432 -13.01 55.20 -32.94
N PRO O 433 -13.51 56.40 -33.21
CA PRO O 433 -12.67 57.60 -33.20
C PRO O 433 -11.89 57.74 -31.90
N VAL O 434 -10.57 57.69 -32.02
CA VAL O 434 -9.72 57.68 -30.85
C VAL O 434 -9.10 59.04 -30.55
N ALA O 435 -9.01 59.93 -31.53
CA ALA O 435 -8.56 61.28 -31.27
C ALA O 435 -9.21 62.19 -32.30
N ARG O 436 -10.34 62.78 -31.95
CA ARG O 436 -11.04 63.68 -32.83
C ARG O 436 -10.59 65.10 -32.56
N GLY O 437 -10.90 66.00 -33.49
CA GLY O 437 -10.54 67.38 -33.32
C GLY O 437 -11.23 68.25 -34.35
N GLU O 438 -11.57 69.46 -33.93
CA GLU O 438 -12.06 70.49 -34.84
C GLU O 438 -10.92 71.49 -34.95
N LEU O 439 -10.09 71.32 -35.97
CA LEU O 439 -8.93 72.18 -36.12
C LEU O 439 -9.42 73.59 -36.46
N LYS O 440 -9.39 74.48 -35.46
CA LYS O 440 -9.78 75.86 -35.71
C LYS O 440 -8.73 76.61 -36.49
N ALA O 441 -7.72 75.89 -36.98
CA ALA O 441 -6.90 76.33 -38.10
C ALA O 441 -7.70 76.12 -39.37
N GLY O 442 -9.02 75.90 -39.22
CA GLY O 442 -9.92 75.68 -40.33
C GLY O 442 -9.61 76.51 -41.55
N TYR O 443 -9.57 77.84 -41.39
CA TYR O 443 -9.17 78.66 -42.53
C TYR O 443 -7.65 78.72 -42.65
N LEU O 444 -7.00 79.41 -41.72
CA LEU O 444 -5.56 79.36 -41.50
C LEU O 444 -5.27 79.98 -40.13
N LEU O 445 -4.99 79.17 -39.14
CA LEU O 445 -4.77 79.70 -37.81
C LEU O 445 -3.65 78.93 -37.12
N VAL O 446 -2.52 78.77 -37.83
CA VAL O 446 -1.44 77.89 -37.41
C VAL O 446 -1.18 78.03 -35.91
N ARG O 447 -1.25 76.93 -35.20
CA ARG O 447 -1.35 76.97 -33.74
C ARG O 447 0.01 77.22 -33.12
N GLU O 448 0.04 77.25 -31.80
CA GLU O 448 1.27 77.41 -31.03
C GLU O 448 1.21 76.50 -29.82
N SER O 449 2.24 75.68 -29.66
CA SER O 449 2.28 74.63 -28.64
C SER O 449 2.77 75.11 -27.29
N VAL O 450 3.75 76.01 -27.27
CA VAL O 450 4.36 76.44 -26.03
C VAL O 450 3.82 77.84 -25.75
N SER O 451 2.59 78.10 -26.18
CA SER O 451 1.91 79.36 -25.92
C SER O 451 2.00 79.72 -24.44
N GLN O 452 2.24 81.01 -24.18
CA GLN O 452 2.53 81.48 -22.85
C GLN O 452 2.22 82.98 -22.82
N LEU O 453 2.57 83.65 -21.74
CA LEU O 453 2.50 85.11 -21.77
C LEU O 453 3.50 85.70 -22.76
N GLU O 454 4.42 84.88 -23.27
CA GLU O 454 5.31 85.34 -24.32
C GLU O 454 4.53 85.70 -25.58
N LEU O 455 3.43 85.00 -25.84
CA LEU O 455 2.50 85.42 -26.89
C LEU O 455 1.66 86.62 -26.47
N LEU O 456 1.80 87.08 -25.23
CA LEU O 456 1.33 88.41 -24.86
C LEU O 456 2.46 89.43 -24.93
N GLY O 457 3.68 89.02 -24.60
CA GLY O 457 4.82 89.85 -24.92
C GLY O 457 5.01 89.99 -26.42
N ILE O 458 4.75 88.91 -27.15
CA ILE O 458 4.67 88.92 -28.60
C ILE O 458 3.17 89.01 -28.89
N PRO O 459 2.60 90.21 -28.95
CA PRO O 459 1.21 90.41 -28.52
C PRO O 459 0.14 89.86 -29.45
N TYR O 460 0.50 89.11 -30.49
CA TYR O 460 -0.47 88.77 -31.52
C TYR O 460 -1.62 87.96 -30.96
N GLU O 461 -2.83 88.29 -31.41
CA GLU O 461 -4.04 87.78 -30.78
C GLU O 461 -4.05 86.25 -30.74
N LYS O 462 -4.75 85.72 -29.76
CA LYS O 462 -4.74 84.29 -29.48
C LYS O 462 -6.12 83.69 -29.73
N GLY O 463 -6.15 82.35 -29.70
CA GLY O 463 -7.39 81.60 -29.68
C GLY O 463 -7.28 80.48 -28.67
N GLU O 464 -8.16 80.46 -27.67
CA GLU O 464 -7.97 79.55 -26.55
C GLU O 464 -8.44 78.14 -26.88
N HIS O 465 -7.70 77.17 -26.36
CA HIS O 465 -8.05 75.75 -26.43
C HIS O 465 -7.08 74.99 -25.53
N LEU O 466 -7.37 73.71 -25.34
CA LEU O 466 -6.51 72.78 -24.61
C LEU O 466 -6.26 71.55 -25.47
N LEU O 467 -5.88 71.79 -26.73
CA LEU O 467 -5.48 70.74 -27.64
C LEU O 467 -4.37 69.98 -26.91
N PRO O 468 -4.27 68.67 -27.04
CA PRO O 468 -3.90 67.84 -25.89
C PRO O 468 -2.62 68.17 -25.14
N ASP O 469 -1.46 68.08 -25.78
CA ASP O 469 -0.25 67.83 -25.01
C ASP O 469 0.38 69.06 -24.40
N GLN O 470 0.39 70.20 -25.10
CA GLN O 470 0.89 71.44 -24.54
C GLN O 470 -0.15 72.52 -24.77
N GLU O 471 -0.01 73.63 -24.07
CA GLU O 471 -1.02 74.66 -24.15
C GLU O 471 -1.08 75.23 -25.56
N THR O 472 -2.19 74.97 -26.25
CA THR O 472 -2.37 75.35 -27.64
C THR O 472 -3.09 76.67 -27.74
N PHE O 473 -2.44 77.64 -28.38
CA PHE O 473 -3.09 78.89 -28.72
C PHE O 473 -2.78 79.19 -30.17
N TRP O 474 -3.72 79.83 -30.84
CA TRP O 474 -3.69 79.94 -32.29
C TRP O 474 -3.45 81.38 -32.71
N VAL O 475 -2.65 81.55 -33.77
CA VAL O 475 -2.41 82.84 -34.38
C VAL O 475 -2.55 82.66 -35.88
N SER O 476 -2.77 83.78 -36.58
CA SER O 476 -3.03 83.72 -38.01
C SER O 476 -1.71 83.68 -38.79
N VAL O 477 -1.81 83.79 -40.11
CA VAL O 477 -0.65 83.57 -40.98
C VAL O 477 0.11 84.86 -41.29
N GLU O 478 -0.48 86.04 -41.04
CA GLU O 478 0.31 87.25 -41.00
C GLU O 478 1.05 87.35 -39.68
N TYR O 479 0.44 86.86 -38.61
CA TYR O 479 1.10 86.80 -37.31
C TYR O 479 2.23 85.78 -37.31
N GLU O 480 2.15 84.79 -38.18
CA GLU O 480 3.17 83.74 -38.24
C GLU O 480 4.54 84.31 -38.56
N GLU O 481 4.61 85.24 -39.53
CA GLU O 481 5.90 85.77 -39.96
C GLU O 481 6.67 86.36 -38.79
N ARG O 482 5.96 87.03 -37.88
CA ARG O 482 6.64 87.69 -36.77
C ARG O 482 6.91 86.74 -35.61
N LEU O 483 6.00 85.81 -35.35
CA LEU O 483 6.24 84.85 -34.28
C LEU O 483 7.25 83.79 -34.67
N GLU O 484 7.38 83.48 -35.98
CA GLU O 484 8.47 82.60 -36.38
C GLU O 484 9.80 83.29 -36.24
N LYS O 485 9.83 84.62 -36.30
CA LYS O 485 11.02 85.35 -35.89
C LYS O 485 11.28 85.14 -34.41
N SER O 486 10.23 85.17 -33.60
CA SER O 486 10.33 84.99 -32.15
C SER O 486 10.58 83.54 -31.76
N GLN O 487 10.53 82.61 -32.70
CA GLN O 487 10.94 81.23 -32.48
C GLN O 487 10.14 80.49 -31.42
N LEU O 488 8.85 80.24 -31.68
CA LEU O 488 8.07 79.28 -30.92
C LEU O 488 7.54 78.21 -31.86
N GLU O 489 6.85 77.22 -31.31
CA GLU O 489 6.50 76.03 -32.08
C GLU O 489 5.28 76.26 -32.97
N PHE O 490 5.48 76.07 -34.27
CA PHE O 490 4.44 76.24 -35.28
C PHE O 490 4.00 74.90 -35.82
N PHE O 491 2.70 74.71 -35.92
CA PHE O 491 2.13 73.49 -36.46
C PHE O 491 1.26 73.85 -37.65
N SER O 492 1.72 73.52 -38.85
CA SER O 492 0.93 73.72 -40.05
C SER O 492 -0.23 72.75 -40.05
N HIS O 493 -0.97 72.73 -41.16
CA HIS O 493 -2.09 71.81 -41.25
C HIS O 493 -1.65 70.37 -41.40
N SER O 494 -0.45 70.14 -41.93
CA SER O 494 0.11 68.80 -41.82
C SER O 494 0.49 68.48 -40.39
N GLN O 495 1.29 69.34 -39.77
CA GLN O 495 1.92 69.00 -38.50
C GLN O 495 0.89 68.96 -37.37
N VAL O 496 -0.26 69.60 -37.54
CA VAL O 496 -1.30 69.46 -36.53
C VAL O 496 -1.97 68.11 -36.70
N LEU O 497 -2.00 67.59 -37.92
CA LEU O 497 -2.65 66.32 -38.17
C LEU O 497 -1.74 65.17 -37.76
N THR O 498 -0.57 65.07 -38.40
CA THR O 498 0.32 63.95 -38.12
C THR O 498 0.72 63.88 -36.67
N TRP O 499 0.80 65.02 -35.98
CA TRP O 499 1.24 64.95 -34.60
C TRP O 499 0.33 64.05 -33.78
N HIS O 500 -0.98 64.24 -33.88
CA HIS O 500 -1.88 63.30 -33.22
C HIS O 500 -1.69 61.89 -33.72
N LEU O 501 -1.47 61.73 -35.03
CA LEU O 501 -1.18 60.41 -35.55
C LEU O 501 0.05 59.84 -34.87
N SER O 502 1.18 60.50 -35.00
CA SER O 502 2.41 60.03 -34.37
C SER O 502 2.26 59.95 -32.87
N HIS O 503 1.16 60.45 -32.32
CA HIS O 503 0.85 60.21 -30.93
C HIS O 503 -0.15 59.07 -30.77
N VAL O 504 -0.97 58.83 -31.77
CA VAL O 504 -1.92 57.72 -31.68
C VAL O 504 -1.20 56.39 -31.79
N LEU O 505 -0.27 56.29 -32.75
CA LEU O 505 0.47 55.05 -32.89
C LEU O 505 1.33 54.78 -31.66
N ARG O 506 2.05 55.78 -31.20
CA ARG O 506 2.96 55.53 -30.09
C ARG O 506 2.22 55.11 -28.83
N GLU O 507 0.92 55.38 -28.74
CA GLU O 507 0.16 54.98 -27.56
C GLU O 507 -0.73 53.78 -27.79
N TYR O 508 -1.04 53.45 -29.03
CA TYR O 508 -1.83 52.28 -29.35
C TYR O 508 -1.01 51.29 -30.17
N ALA O 509 0.28 51.23 -29.91
CA ALA O 509 1.14 50.26 -30.54
C ALA O 509 1.05 48.89 -29.89
N GLU O 510 0.25 48.74 -28.84
CA GLU O 510 -0.03 47.41 -28.34
C GLU O 510 -1.11 46.71 -29.13
N ASP O 511 -1.73 47.40 -30.08
CA ASP O 511 -2.85 46.85 -30.83
C ASP O 511 -2.49 46.49 -32.26
N PHE O 512 -1.29 46.85 -32.71
CA PHE O 512 -0.85 46.51 -34.04
C PHE O 512 0.12 45.37 -34.06
N ILE O 513 0.45 44.78 -32.91
CA ILE O 513 1.31 43.61 -32.91
C ILE O 513 0.47 42.42 -32.51
N GLY O 514 -0.13 41.75 -33.49
CA GLY O 514 -0.90 40.56 -33.25
C GLY O 514 -0.23 39.37 -33.89
N ILE O 515 -0.75 38.19 -33.56
CA ILE O 515 -0.18 36.96 -34.06
C ILE O 515 -0.04 36.99 -35.55
N GLN O 516 -0.81 37.83 -36.23
CA GLN O 516 -0.64 37.96 -37.66
C GLN O 516 0.49 38.89 -38.02
N GLU O 517 0.93 39.72 -37.08
CA GLU O 517 1.96 40.69 -37.41
C GLU O 517 3.34 40.21 -37.01
N THR O 518 3.45 39.41 -35.95
CA THR O 518 4.76 38.84 -35.65
C THR O 518 5.12 37.77 -36.66
N ARG O 519 4.15 36.96 -37.08
CA ARG O 519 4.43 36.00 -38.13
C ARG O 519 4.79 36.71 -39.43
N TYR O 520 4.60 38.03 -39.49
CA TYR O 520 5.15 38.78 -40.60
C TYR O 520 6.63 39.03 -40.38
N LEU O 521 7.03 39.30 -39.13
CA LEU O 521 8.44 39.50 -38.83
C LEU O 521 9.21 38.18 -38.94
N LEU O 522 8.67 37.13 -38.34
CA LEU O 522 9.32 35.83 -38.40
C LEU O 522 9.28 35.20 -39.78
N GLU O 523 8.64 35.84 -40.74
CA GLU O 523 8.82 35.43 -42.13
C GLU O 523 9.78 36.36 -42.84
N GLN O 524 9.69 37.65 -42.58
CA GLN O 524 10.60 38.59 -43.20
C GLN O 524 12.03 38.37 -42.76
N MET O 525 12.25 37.68 -41.65
CA MET O 525 13.59 37.40 -41.16
C MET O 525 14.07 36.00 -41.49
N GLU O 526 13.23 35.20 -42.17
CA GLU O 526 13.65 33.85 -42.51
C GLU O 526 14.95 33.87 -43.30
N GLY O 527 15.07 34.76 -44.27
CA GLY O 527 16.27 34.86 -45.07
C GLY O 527 17.50 35.11 -44.25
N GLY O 528 17.50 36.22 -43.51
CA GLY O 528 18.65 36.56 -42.68
C GLY O 528 18.98 35.50 -41.66
N TYR O 529 18.07 35.24 -40.73
CA TYR O 529 18.34 34.33 -39.62
C TYR O 529 17.42 33.12 -39.77
N GLY O 530 17.89 32.13 -40.52
CA GLY O 530 17.13 30.93 -40.71
C GLY O 530 17.08 30.10 -39.45
N GLU O 531 18.24 29.65 -38.98
CA GLU O 531 18.25 28.68 -37.89
C GLU O 531 17.88 29.31 -36.57
N LEU O 532 17.88 30.64 -36.50
CA LEU O 532 17.42 31.29 -35.27
C LEU O 532 15.92 31.15 -35.12
N ILE O 533 15.19 31.35 -36.21
CA ILE O 533 13.74 31.30 -36.15
C ILE O 533 13.24 29.87 -36.02
N LYS O 534 13.82 28.94 -36.78
CA LYS O 534 13.42 27.54 -36.65
C LYS O 534 13.73 26.99 -35.27
N GLU O 535 14.53 27.69 -34.50
CA GLU O 535 14.82 27.32 -33.12
C GLU O 535 13.87 28.01 -32.15
N VAL O 536 13.53 29.26 -32.41
CA VAL O 536 12.68 29.98 -31.47
C VAL O 536 11.24 29.52 -31.57
N GLN O 537 10.79 29.13 -32.76
CA GLN O 537 9.40 28.74 -32.93
C GLN O 537 9.07 27.47 -32.17
N ARG O 538 10.04 26.57 -32.01
CA ARG O 538 9.81 25.34 -31.27
C ARG O 538 9.90 25.52 -29.77
N ILE O 539 10.48 26.62 -29.32
CA ILE O 539 10.61 26.86 -27.89
C ILE O 539 9.46 27.69 -27.37
N VAL O 540 9.16 28.80 -28.01
CA VAL O 540 8.04 29.67 -27.61
C VAL O 540 7.00 29.65 -28.71
N PRO O 541 5.76 29.27 -28.42
CA PRO O 541 4.71 29.34 -29.44
C PRO O 541 4.43 30.78 -29.83
N LEU O 542 3.77 30.95 -30.98
CA LEU O 542 3.51 32.29 -31.46
C LEU O 542 2.68 33.10 -30.50
N GLN O 543 1.76 32.47 -29.78
CA GLN O 543 1.02 33.24 -28.81
C GLN O 543 1.94 33.80 -27.75
N ARG O 544 2.88 32.98 -27.27
CA ARG O 544 3.71 33.41 -26.16
C ARG O 544 4.74 34.43 -26.61
N MET O 545 5.29 34.24 -27.80
CA MET O 545 6.27 35.20 -28.29
C MET O 545 5.61 36.54 -28.58
N THR O 546 4.37 36.53 -29.04
CA THR O 546 3.68 37.79 -29.30
C THR O 546 3.26 38.47 -28.02
N GLU O 547 2.83 37.70 -27.02
CA GLU O 547 2.47 38.30 -25.75
C GLU O 547 3.67 38.98 -25.10
N ILE O 548 4.86 38.75 -25.65
CA ILE O 548 6.04 39.51 -25.20
C ILE O 548 6.20 40.78 -26.02
N LEU O 549 6.17 40.66 -27.34
CA LEU O 549 6.39 41.82 -28.18
C LEU O 549 5.37 42.92 -27.87
N GLN O 550 4.19 42.56 -27.41
CA GLN O 550 3.26 43.58 -26.95
C GLN O 550 3.74 44.19 -25.64
N ARG O 551 4.39 43.40 -24.80
CA ARG O 551 4.79 43.91 -23.50
C ARG O 551 6.03 44.78 -23.59
N LEU O 552 6.85 44.60 -24.62
CA LEU O 552 7.94 45.54 -24.83
C LEU O 552 7.40 46.87 -25.33
N VAL O 553 6.75 46.86 -26.49
CA VAL O 553 6.26 48.09 -27.07
C VAL O 553 5.28 48.80 -26.14
N GLY O 554 4.83 48.13 -25.09
CA GLY O 554 4.06 48.82 -24.08
C GLY O 554 4.88 49.81 -23.29
N GLU O 555 6.12 49.47 -22.97
CA GLU O 555 7.02 50.36 -22.26
C GLU O 555 7.80 51.26 -23.18
N ASP O 556 7.40 51.37 -24.44
CA ASP O 556 8.06 52.15 -25.48
C ASP O 556 9.44 51.63 -25.83
N ILE O 557 9.83 50.47 -25.29
CA ILE O 557 11.00 49.77 -25.79
C ILE O 557 10.79 49.45 -27.26
N SER O 558 11.86 49.41 -28.02
CA SER O 558 11.79 49.27 -29.47
C SER O 558 12.06 47.83 -29.86
N ILE O 559 11.08 47.19 -30.48
CA ILE O 559 11.27 45.87 -31.05
C ILE O 559 12.41 45.86 -32.04
N ARG O 560 12.69 46.99 -32.67
CA ARG O 560 13.49 47.09 -33.88
C ARG O 560 14.64 46.10 -33.93
N ASN O 561 15.36 45.98 -32.83
CA ASN O 561 16.49 45.06 -32.72
C ASN O 561 15.93 43.65 -32.58
N MET O 562 15.55 43.06 -33.70
CA MET O 562 14.79 41.83 -33.62
C MET O 562 15.66 40.61 -33.39
N ARG O 563 16.96 40.70 -33.65
CA ARG O 563 17.82 39.55 -33.39
C ARG O 563 17.98 39.33 -31.89
N SER O 564 18.55 40.30 -31.18
CA SER O 564 18.87 40.09 -29.78
C SER O 564 17.62 40.00 -28.92
N ILE O 565 16.43 40.13 -29.53
CA ILE O 565 15.21 39.78 -28.82
C ILE O 565 14.94 38.29 -28.99
N LEU O 566 15.42 37.71 -30.07
CA LEU O 566 15.22 36.27 -30.25
C LEU O 566 16.34 35.47 -29.59
N GLU O 567 17.57 35.98 -29.58
CA GLU O 567 18.61 35.34 -28.80
C GLU O 567 18.18 35.21 -27.35
N ALA O 568 17.69 36.29 -26.76
CA ALA O 568 17.21 36.23 -25.38
C ALA O 568 15.88 35.54 -25.28
N MET O 569 15.21 35.31 -26.42
CA MET O 569 13.98 34.53 -26.39
C MET O 569 14.30 33.04 -26.29
N VAL O 570 15.26 32.59 -27.08
CA VAL O 570 15.69 31.20 -27.03
C VAL O 570 16.30 30.88 -25.68
N GLU O 571 17.18 31.75 -25.20
CA GLU O 571 17.91 31.48 -23.97
C GLU O 571 16.96 31.26 -22.80
N TRP O 572 15.99 32.16 -22.63
CA TRP O 572 15.16 32.14 -21.44
C TRP O 572 13.82 31.45 -21.64
N GLY O 573 13.41 31.19 -22.88
CA GLY O 573 12.13 30.55 -23.08
C GLY O 573 12.03 29.14 -22.58
N GLN O 574 13.17 28.56 -22.21
CA GLN O 574 13.24 27.22 -21.65
C GLN O 574 13.25 27.23 -20.14
N LYS O 575 13.89 28.22 -19.54
CA LYS O 575 13.97 28.29 -18.09
C LYS O 575 12.75 28.98 -17.49
N GLU O 576 12.41 30.17 -17.97
CA GLU O 576 11.30 30.92 -17.41
C GLU O 576 10.04 30.67 -18.21
N LYS O 577 8.90 30.69 -17.52
CA LYS O 577 7.61 30.45 -18.16
C LYS O 577 6.54 31.49 -17.87
N ASP O 578 6.68 32.27 -16.80
CA ASP O 578 5.76 33.38 -16.57
C ASP O 578 6.15 34.53 -17.48
N VAL O 579 5.21 34.98 -18.31
CA VAL O 579 5.53 35.99 -19.32
C VAL O 579 6.17 37.20 -18.69
N VAL O 580 5.64 37.67 -17.57
CA VAL O 580 6.14 38.90 -16.97
C VAL O 580 7.59 38.73 -16.53
N GLN O 581 7.96 37.53 -16.10
CA GLN O 581 9.37 37.28 -15.80
C GLN O 581 10.18 37.21 -17.08
N LEU O 582 9.69 36.49 -18.06
CA LEU O 582 10.42 36.33 -19.31
C LEU O 582 10.68 37.68 -19.96
N THR O 583 9.73 38.61 -19.89
CA THR O 583 9.99 39.89 -20.52
C THR O 583 10.96 40.73 -19.71
N GLU O 584 11.03 40.52 -18.39
CA GLU O 584 12.05 41.23 -17.63
C GLU O 584 13.43 40.67 -17.90
N TYR O 585 13.50 39.40 -18.29
CA TYR O 585 14.79 38.88 -18.74
C TYR O 585 15.13 39.36 -20.14
N ILE O 586 14.12 39.61 -20.97
CA ILE O 586 14.39 40.02 -22.33
C ILE O 586 14.76 41.48 -22.41
N ARG O 587 14.14 42.33 -21.61
CA ARG O 587 14.61 43.71 -21.52
C ARG O 587 16.07 43.77 -21.09
N SER O 588 16.48 42.87 -20.20
CA SER O 588 17.86 42.79 -19.77
C SER O 588 18.80 42.37 -20.87
N SER O 589 18.30 42.01 -22.05
CA SER O 589 19.17 41.75 -23.18
C SER O 589 19.41 42.98 -24.03
N LEU O 590 18.58 44.00 -23.89
CA LEU O 590 18.78 45.27 -24.56
C LEU O 590 19.49 46.28 -23.66
N LYS O 591 20.38 45.80 -22.79
CA LYS O 591 21.03 46.64 -21.81
C LYS O 591 21.54 47.92 -22.41
N ARG O 592 22.52 47.82 -23.31
CA ARG O 592 23.15 49.03 -23.80
C ARG O 592 22.27 49.80 -24.76
N TYR O 593 21.04 49.39 -24.93
CA TYR O 593 20.10 50.26 -25.63
C TYR O 593 19.41 51.20 -24.66
N ILE O 594 18.86 50.66 -23.58
CA ILE O 594 18.13 51.47 -22.63
C ILE O 594 19.01 52.56 -22.05
N CYS O 595 20.24 52.21 -21.68
CA CYS O 595 21.22 53.21 -21.26
C CYS O 595 21.30 54.38 -22.21
N TYR O 596 20.95 54.16 -23.48
CA TYR O 596 20.94 55.25 -24.45
C TYR O 596 19.57 55.85 -24.66
N LYS O 597 18.51 55.18 -24.23
CA LYS O 597 17.20 55.81 -24.39
C LYS O 597 16.88 56.74 -23.23
N TYR O 598 17.31 56.41 -22.02
CA TYR O 598 16.89 57.20 -20.88
C TYR O 598 17.98 58.14 -20.37
N ALA O 599 19.24 57.71 -20.44
CA ALA O 599 20.35 58.51 -19.98
C ALA O 599 21.22 58.88 -21.16
N ASN O 600 20.86 59.96 -21.85
CA ASN O 600 21.61 60.38 -23.02
C ASN O 600 22.96 61.00 -22.66
N GLY O 601 23.10 61.57 -21.46
CA GLY O 601 24.33 62.20 -21.07
C GLY O 601 25.44 61.20 -20.83
N ASN O 602 26.52 61.68 -20.23
CA ASN O 602 27.70 60.87 -20.02
C ASN O 602 27.51 59.85 -18.91
N ASN O 603 26.69 58.83 -19.17
CA ASN O 603 26.52 57.71 -18.26
C ASN O 603 26.00 58.16 -16.89
N ILE O 604 25.24 59.25 -16.87
CA ILE O 604 24.62 59.73 -15.65
C ILE O 604 23.11 59.73 -15.85
N LEU O 605 22.39 59.20 -14.86
CA LEU O 605 20.96 58.95 -14.98
C LEU O 605 20.26 59.45 -13.71
N PRO O 606 19.33 60.38 -13.81
CA PRO O 606 18.65 60.89 -12.62
C PRO O 606 17.54 59.96 -12.18
N ALA O 607 17.76 59.24 -11.09
CA ALA O 607 16.89 58.16 -10.69
C ALA O 607 16.04 58.55 -9.48
N TYR O 608 15.15 57.65 -9.13
CA TYR O 608 14.22 57.84 -8.01
C TYR O 608 14.14 56.55 -7.20
N LEU O 609 15.28 56.01 -6.80
CA LEU O 609 15.35 54.68 -6.20
C LEU O 609 14.26 54.46 -5.17
N PHE O 610 13.79 53.21 -5.11
CA PHE O 610 12.84 52.76 -4.11
C PHE O 610 13.58 52.20 -2.91
N ASP O 611 13.35 52.76 -1.73
CA ASP O 611 14.03 52.23 -0.56
C ASP O 611 13.47 50.86 -0.22
N GLN O 612 14.38 49.97 0.19
CA GLN O 612 14.10 48.54 0.20
C GLN O 612 12.81 48.18 0.91
N GLU O 613 12.40 48.98 1.89
CA GLU O 613 11.21 48.65 2.65
C GLU O 613 9.98 48.55 1.76
N VAL O 614 9.92 49.37 0.71
CA VAL O 614 8.77 49.36 -0.17
C VAL O 614 8.86 48.23 -1.19
N GLU O 615 10.02 48.04 -1.80
CA GLU O 615 10.18 46.97 -2.76
C GLU O 615 9.88 45.61 -2.17
N GLU O 616 9.69 45.52 -0.86
CA GLU O 616 9.28 44.28 -0.22
C GLU O 616 7.80 44.23 0.09
N LYS O 617 7.19 45.38 0.36
CA LYS O 617 5.73 45.39 0.46
C LYS O 617 5.08 44.97 -0.84
N ILE O 618 5.66 45.38 -1.98
CA ILE O 618 5.06 45.04 -3.26
C ILE O 618 5.37 43.62 -3.67
N ARG O 619 6.55 43.11 -3.32
CA ARG O 619 6.86 41.74 -3.69
C ARG O 619 6.05 40.72 -2.90
N SER O 620 5.25 41.16 -1.94
CA SER O 620 4.43 40.27 -1.14
C SER O 620 2.96 40.28 -1.58
N GLY O 621 2.66 40.85 -2.73
CA GLY O 621 1.29 40.93 -3.18
C GLY O 621 1.09 40.50 -4.61
N VAL O 622 1.81 39.47 -5.05
CA VAL O 622 1.87 39.14 -6.47
C VAL O 622 0.74 38.21 -6.91
N ARG O 623 0.36 37.23 -6.09
CA ARG O 623 -0.82 36.40 -6.34
C ARG O 623 -0.75 35.71 -7.71
N GLN O 624 0.20 34.80 -7.84
CA GLN O 624 0.42 34.09 -9.11
C GLN O 624 -0.62 32.98 -9.24
N THR O 625 -1.80 33.33 -9.76
CA THR O 625 -2.94 32.42 -9.75
C THR O 625 -3.37 31.96 -11.14
N SER O 626 -3.77 32.87 -12.01
CA SER O 626 -4.47 32.49 -13.24
C SER O 626 -3.81 33.15 -14.45
N ALA O 627 -2.48 33.05 -14.51
CA ALA O 627 -1.69 33.68 -15.55
C ALA O 627 -1.94 35.19 -15.61
N GLY O 628 -2.32 35.78 -14.47
CA GLY O 628 -2.47 37.21 -14.37
C GLY O 628 -1.50 37.83 -13.39
N SER O 629 -1.16 37.07 -12.34
CA SER O 629 -0.23 37.51 -11.30
C SER O 629 -0.52 38.92 -10.85
N TYR O 630 -1.79 39.28 -10.76
CA TYR O 630 -2.18 40.65 -10.45
C TYR O 630 -1.57 41.09 -9.12
N LEU O 631 -1.11 42.33 -9.08
CA LEU O 631 -0.71 42.93 -7.82
C LEU O 631 -1.98 43.30 -7.06
N ALA O 632 -2.25 42.58 -5.98
CA ALA O 632 -3.44 42.82 -5.17
C ALA O 632 -3.00 43.02 -3.73
N LEU O 633 -2.80 44.28 -3.35
CA LEU O 633 -2.44 44.59 -1.96
C LEU O 633 -3.68 44.98 -1.16
N ASP O 634 -4.24 46.14 -1.48
CA ASP O 634 -5.44 46.68 -0.86
C ASP O 634 -5.73 48.00 -1.57
N PRO O 635 -6.99 48.32 -1.85
CA PRO O 635 -7.32 49.69 -2.25
C PRO O 635 -6.89 50.73 -1.23
N ALA O 636 -6.50 50.33 -0.02
CA ALA O 636 -6.02 51.26 0.98
C ALA O 636 -4.51 51.24 1.14
N VAL O 637 -3.83 50.22 0.63
CA VAL O 637 -2.37 50.23 0.61
C VAL O 637 -1.85 50.86 -0.67
N THR O 638 -2.50 50.56 -1.80
CA THR O 638 -2.12 51.22 -3.05
C THR O 638 -2.10 52.72 -2.91
N GLU O 639 -3.06 53.29 -2.19
CA GLU O 639 -3.04 54.72 -1.96
C GLU O 639 -1.97 55.12 -0.95
N SER O 640 -1.53 54.17 -0.12
CA SER O 640 -0.45 54.49 0.81
C SER O 640 0.88 54.62 0.06
N LEU O 641 1.20 53.64 -0.78
CA LEU O 641 2.41 53.74 -1.58
C LEU O 641 2.33 54.87 -2.57
N LEU O 642 1.24 54.93 -3.34
CA LEU O 642 1.11 55.96 -4.34
C LEU O 642 1.11 57.35 -3.73
N GLU O 643 0.92 57.45 -2.42
CA GLU O 643 1.08 58.75 -1.77
C GLU O 643 2.54 59.01 -1.44
N GLN O 644 3.25 58.01 -0.92
CA GLN O 644 4.67 58.18 -0.64
C GLN O 644 5.43 58.53 -1.91
N VAL O 645 5.03 57.97 -3.04
CA VAL O 645 5.61 58.38 -4.31
C VAL O 645 5.30 59.85 -4.56
N ARG O 646 4.02 60.18 -4.65
CA ARG O 646 3.59 61.54 -4.93
C ARG O 646 4.16 62.54 -3.93
N LYS O 647 4.60 62.08 -2.77
CA LYS O 647 5.15 62.98 -1.78
C LYS O 647 6.59 63.37 -2.06
N THR O 648 7.34 62.53 -2.78
CA THR O 648 8.72 62.82 -3.12
C THR O 648 8.89 63.25 -4.56
N ILE O 649 8.37 62.46 -5.51
CA ILE O 649 8.44 62.82 -6.91
C ILE O 649 7.76 64.15 -7.16
N GLY O 650 6.74 64.48 -6.37
CA GLY O 650 6.02 65.70 -6.60
C GLY O 650 5.14 65.59 -7.82
N ASP O 651 5.32 66.49 -8.79
CA ASP O 651 4.54 66.44 -10.02
C ASP O 651 5.39 66.22 -11.26
N LEU O 652 6.70 66.43 -11.18
CA LEU O 652 7.65 66.23 -12.28
C LEU O 652 7.25 67.01 -13.54
N SER O 653 6.25 67.88 -13.44
CA SER O 653 5.92 68.71 -14.59
C SER O 653 6.98 69.80 -14.74
N GLN O 654 7.38 70.40 -13.62
CA GLN O 654 8.50 71.33 -13.65
C GLN O 654 9.83 70.59 -13.63
N ILE O 655 9.87 69.40 -13.04
CA ILE O 655 11.13 68.67 -12.97
C ILE O 655 11.59 68.33 -14.37
N GLN O 656 12.71 68.91 -14.77
CA GLN O 656 13.24 68.74 -16.11
C GLN O 656 14.16 67.53 -16.17
N SER O 657 14.63 67.25 -17.38
CA SER O 657 15.63 66.23 -17.71
C SER O 657 15.07 64.82 -17.72
N LYS O 658 13.75 64.63 -17.66
CA LYS O 658 13.14 63.31 -17.82
C LYS O 658 13.73 62.29 -16.85
N PRO O 659 13.42 62.35 -15.57
CA PRO O 659 13.95 61.36 -14.63
C PRO O 659 13.26 60.01 -14.84
N VAL O 660 13.83 58.98 -14.23
CA VAL O 660 13.30 57.64 -14.33
C VAL O 660 13.29 57.00 -12.95
N LEU O 661 12.23 56.25 -12.65
CA LEU O 661 12.17 55.46 -11.44
C LEU O 661 12.98 54.20 -11.65
N ILE O 662 13.60 53.70 -10.58
CA ILE O 662 14.48 52.55 -10.68
C ILE O 662 14.14 51.60 -9.55
N VAL O 663 13.60 50.45 -9.90
CA VAL O 663 13.15 49.48 -8.92
C VAL O 663 13.72 48.13 -9.30
N SER O 664 13.73 47.19 -8.35
CA SER O 664 14.25 45.86 -8.60
C SER O 664 13.54 45.23 -9.80
N MET O 665 14.15 44.19 -10.33
CA MET O 665 13.69 43.65 -11.61
C MET O 665 12.36 42.94 -11.46
N ASP O 666 12.25 42.05 -10.48
CA ASP O 666 11.12 41.14 -10.41
C ASP O 666 9.78 41.82 -10.16
N ILE O 667 9.77 43.12 -9.86
CA ILE O 667 8.51 43.82 -9.69
C ILE O 667 8.48 45.06 -10.58
N ARG O 668 9.44 45.15 -11.51
CA ARG O 668 9.48 46.32 -12.37
C ARG O 668 8.16 46.52 -13.09
N ARG O 669 7.41 45.45 -13.29
CA ARG O 669 6.15 45.59 -14.00
C ARG O 669 5.06 46.12 -13.09
N TYR O 670 4.86 45.48 -11.93
CA TYR O 670 3.72 45.83 -11.10
C TYR O 670 3.81 47.25 -10.61
N VAL O 671 5.02 47.76 -10.38
CA VAL O 671 5.17 49.18 -10.08
C VAL O 671 4.73 50.02 -11.26
N ARG O 672 5.04 49.56 -12.47
CA ARG O 672 4.71 50.35 -13.64
C ARG O 672 3.22 50.51 -13.81
N LYS O 673 2.48 49.41 -13.81
CA LYS O 673 1.04 49.53 -13.97
C LYS O 673 0.37 50.09 -12.72
N LEU O 674 1.12 50.29 -11.65
CA LEU O 674 0.54 50.94 -10.46
C LEU O 674 0.49 52.44 -10.65
N ILE O 675 1.65 53.07 -10.81
CA ILE O 675 1.70 54.52 -11.03
C ILE O 675 1.33 54.93 -12.44
N GLU O 676 0.95 53.98 -13.30
CA GLU O 676 0.60 54.28 -14.68
C GLU O 676 -0.51 55.31 -14.78
N SER O 677 -1.36 55.41 -13.75
CA SER O 677 -2.43 56.39 -13.77
C SER O 677 -1.88 57.79 -13.58
N GLU O 678 -1.13 58.00 -12.51
CA GLU O 678 -0.72 59.35 -12.14
C GLU O 678 0.48 59.81 -12.95
N TYR O 679 1.57 59.07 -12.90
CA TYR O 679 2.82 59.46 -13.54
C TYR O 679 3.00 58.64 -14.79
N TYR O 680 2.54 59.17 -15.91
CA TYR O 680 2.59 58.43 -17.16
C TYR O 680 3.93 58.55 -17.87
N GLY O 681 4.57 59.72 -17.78
CA GLY O 681 5.82 59.92 -18.47
C GLY O 681 7.01 59.63 -17.59
N LEU O 682 6.82 58.80 -16.57
CA LEU O 682 7.88 58.41 -15.66
C LEU O 682 8.24 56.96 -15.92
N PRO O 683 9.19 56.68 -16.79
CA PRO O 683 9.53 55.30 -17.09
C PRO O 683 10.12 54.62 -15.87
N VAL O 684 9.99 53.30 -15.84
CA VAL O 684 10.52 52.49 -14.75
C VAL O 684 11.58 51.57 -15.33
N LEU O 685 12.71 51.45 -14.65
CA LEU O 685 13.79 50.59 -15.07
C LEU O 685 14.01 49.51 -14.03
N SER O 686 15.06 48.73 -14.24
CA SER O 686 15.49 47.74 -13.29
C SER O 686 16.92 48.03 -12.88
N TYR O 687 17.41 47.28 -11.91
CA TYR O 687 18.84 47.34 -11.65
C TYR O 687 19.60 46.56 -12.71
N GLN O 688 18.95 45.57 -13.30
CA GLN O 688 19.63 44.70 -14.26
C GLN O 688 19.72 45.35 -15.62
N GLU O 689 18.62 45.96 -16.08
CA GLU O 689 18.64 46.65 -17.35
C GLU O 689 19.70 47.73 -17.37
N LEU O 690 20.07 48.25 -16.21
CA LEU O 690 21.12 49.25 -16.14
C LEU O 690 22.45 48.59 -16.42
N THR O 691 22.95 48.76 -17.65
CA THR O 691 24.30 48.36 -17.93
C THR O 691 25.23 49.01 -16.94
N GLN O 692 26.25 48.26 -16.52
CA GLN O 692 27.24 48.85 -15.65
C GLN O 692 27.86 50.07 -16.35
N GLN O 693 28.65 50.82 -15.59
CA GLN O 693 29.23 52.07 -16.07
C GLN O 693 28.15 53.10 -16.33
N ILE O 694 27.15 53.14 -15.45
CA ILE O 694 26.12 54.17 -15.44
C ILE O 694 26.10 54.79 -14.06
N ASN O 695 26.24 56.11 -14.00
CA ASN O 695 26.26 56.81 -12.72
C ASN O 695 24.83 57.21 -12.37
N ILE O 696 24.14 56.32 -11.67
CA ILE O 696 22.83 56.66 -11.14
C ILE O 696 22.98 57.80 -10.16
N GLN O 697 22.31 58.91 -10.44
CA GLN O 697 22.36 60.07 -9.57
C GLN O 697 21.02 60.21 -8.85
N PRO O 698 20.84 59.53 -7.72
CA PRO O 698 19.51 59.44 -7.11
C PRO O 698 18.97 60.81 -6.74
N LEU O 699 17.84 61.18 -7.34
CA LEU O 699 17.20 62.44 -6.97
C LEU O 699 16.64 62.36 -5.56
N GLY O 700 15.90 61.30 -5.25
CA GLY O 700 15.40 61.11 -3.91
C GLY O 700 14.77 59.75 -3.70
N ARG O 701 15.18 59.05 -2.65
CA ARG O 701 14.70 57.69 -2.42
C ARG O 701 13.28 57.72 -1.87
N VAL O 702 12.44 56.83 -2.39
CA VAL O 702 11.04 56.76 -1.96
C VAL O 702 10.98 55.91 -0.70
N CYS O 703 10.88 56.56 0.45
CA CYS O 703 10.84 55.85 1.72
C CYS O 703 9.45 55.26 1.90
N LEU O 704 9.14 54.80 3.11
CA LEU O 704 7.80 54.36 3.41
C LEU O 704 7.20 55.29 4.45
N LEU P 361 -47.25 9.24 -56.73
CA LEU P 361 -47.11 9.85 -55.41
C LEU P 361 -46.06 9.10 -54.60
N GLY P 362 -45.48 8.09 -55.21
CA GLY P 362 -44.41 7.35 -54.58
C GLY P 362 -43.12 8.11 -54.38
N GLU P 363 -43.04 9.35 -54.86
CA GLU P 363 -41.89 10.18 -54.59
C GLU P 363 -41.72 10.36 -53.08
N GLN P 364 -40.49 10.15 -52.59
CA GLN P 364 -40.31 9.89 -51.17
C GLN P 364 -40.80 11.03 -50.30
N GLU P 365 -40.07 12.16 -50.21
CA GLU P 365 -40.70 13.34 -49.65
C GLU P 365 -40.22 14.67 -50.22
N ALA P 366 -39.05 14.70 -50.85
CA ALA P 366 -38.51 15.91 -51.45
C ALA P 366 -38.35 17.04 -50.42
N PHE P 367 -37.44 16.80 -49.48
CA PHE P 367 -37.09 17.77 -48.44
C PHE P 367 -36.96 19.17 -49.00
N ALA P 368 -37.55 20.14 -48.30
CA ALA P 368 -37.52 21.54 -48.71
C ALA P 368 -37.03 22.39 -47.55
N MET P 369 -35.96 23.14 -47.79
CA MET P 369 -35.30 23.89 -46.72
C MET P 369 -36.20 25.00 -46.20
N THR P 370 -36.18 25.22 -44.90
CA THR P 370 -36.88 26.35 -44.32
C THR P 370 -36.15 27.65 -44.65
N VAL P 371 -36.91 28.74 -44.71
CA VAL P 371 -36.34 30.02 -45.06
C VAL P 371 -35.82 30.70 -43.81
N PRO P 372 -34.62 31.24 -43.83
CA PRO P 372 -34.05 31.84 -42.62
C PRO P 372 -34.86 33.04 -42.13
N LEU P 373 -35.07 34.00 -43.01
CA LEU P 373 -35.88 35.16 -42.70
C LEU P 373 -36.91 35.32 -43.80
N LEU P 374 -38.08 35.81 -43.45
CA LEU P 374 -39.16 35.92 -44.41
C LEU P 374 -40.04 37.10 -44.05
N ILE P 375 -40.38 37.90 -45.05
CA ILE P 375 -41.34 38.97 -44.88
C ILE P 375 -42.56 38.63 -45.71
N ASP P 376 -43.70 38.52 -45.07
CA ASP P 376 -44.96 38.28 -45.75
C ASP P 376 -45.85 39.49 -45.51
N VAL P 377 -45.99 40.32 -46.53
CA VAL P 377 -46.93 41.42 -46.47
C VAL P 377 -48.09 41.05 -47.39
N ASP P 378 -49.16 41.84 -47.35
CA ASP P 378 -50.34 41.49 -48.11
C ASP P 378 -50.10 41.72 -49.59
N SER P 379 -51.07 41.29 -50.40
CA SER P 379 -51.12 41.68 -51.80
C SER P 379 -51.65 43.09 -51.88
N SER P 380 -52.04 43.52 -53.08
CA SER P 380 -52.60 44.84 -53.34
C SER P 380 -51.52 45.92 -53.23
N GLN P 381 -50.33 45.55 -52.76
CA GLN P 381 -49.18 46.43 -52.80
C GLN P 381 -48.04 45.86 -53.60
N GLN P 382 -48.15 44.61 -54.06
CA GLN P 382 -47.06 43.94 -54.76
C GLN P 382 -46.55 44.77 -55.94
N GLU P 383 -47.35 45.72 -56.40
CA GLU P 383 -46.93 46.70 -57.37
C GLU P 383 -47.20 48.12 -56.91
N ALA P 384 -48.03 48.28 -55.88
CA ALA P 384 -48.34 49.59 -55.33
C ALA P 384 -47.33 50.04 -54.28
N LEU P 385 -46.84 49.14 -53.43
CA LEU P 385 -45.85 49.62 -52.48
C LEU P 385 -44.52 49.80 -53.19
N GLU P 386 -43.77 48.70 -53.39
CA GLU P 386 -43.02 48.36 -54.60
C GLU P 386 -42.40 49.51 -55.37
N ALA P 387 -42.46 50.72 -54.82
CA ALA P 387 -42.10 51.90 -55.58
C ALA P 387 -41.36 52.93 -54.76
N ILE P 388 -41.05 52.66 -53.50
CA ILE P 388 -40.07 53.52 -52.85
C ILE P 388 -38.72 52.89 -53.17
N ALA P 389 -38.40 51.77 -52.51
CA ALA P 389 -37.63 50.72 -53.16
C ALA P 389 -38.24 49.37 -52.88
N LEU P 390 -38.32 49.04 -51.59
CA LEU P 390 -38.76 47.74 -51.07
C LEU P 390 -37.97 46.58 -51.66
N ASN P 391 -36.90 46.90 -52.38
CA ASN P 391 -35.83 45.95 -52.63
C ASN P 391 -34.48 46.62 -52.48
N ASP P 392 -34.43 47.94 -52.35
CA ASP P 392 -33.26 48.68 -51.95
C ASP P 392 -33.49 49.47 -50.69
N GLU P 393 -34.63 49.30 -50.03
CA GLU P 393 -34.82 49.86 -48.69
C GLU P 393 -34.67 48.78 -47.63
N LEU P 394 -34.75 47.52 -48.03
CA LEU P 394 -34.40 46.44 -47.11
C LEU P 394 -32.90 46.17 -47.17
N VAL P 395 -32.35 45.98 -48.36
CA VAL P 395 -30.91 45.72 -48.48
C VAL P 395 -30.11 46.89 -47.92
N ARG P 396 -30.70 48.08 -47.90
CA ARG P 396 -29.99 49.20 -47.30
C ARG P 396 -29.99 49.10 -45.78
N VAL P 397 -31.12 48.71 -45.19
CA VAL P 397 -31.15 48.63 -43.74
C VAL P 397 -30.56 47.32 -43.28
N ARG P 398 -30.40 46.33 -44.16
CA ARG P 398 -29.69 45.13 -43.77
C ARG P 398 -28.20 45.39 -43.71
N ARG P 399 -27.65 46.02 -44.75
CA ARG P 399 -26.24 46.39 -44.70
C ARG P 399 -25.97 47.39 -43.59
N ALA P 400 -26.77 48.45 -43.52
CA ALA P 400 -26.55 49.46 -42.49
C ALA P 400 -26.64 48.87 -41.11
N LEU P 401 -27.36 47.77 -40.97
CA LEU P 401 -27.41 47.10 -39.69
C LEU P 401 -26.28 46.09 -39.54
N TYR P 402 -25.76 45.59 -40.66
CA TYR P 402 -24.61 44.70 -40.58
C TYR P 402 -23.39 45.46 -40.10
N LEU P 403 -23.10 46.61 -40.71
CA LEU P 403 -21.98 47.42 -40.27
C LEU P 403 -22.14 47.92 -38.85
N ASP P 404 -23.27 47.66 -38.21
CA ASP P 404 -23.43 48.07 -36.82
C ASP P 404 -23.11 46.92 -35.88
N LEU P 405 -23.69 45.75 -36.13
CA LEU P 405 -23.50 44.57 -35.31
C LEU P 405 -22.40 43.66 -35.82
N GLY P 406 -22.37 43.40 -37.12
CA GLY P 406 -21.37 42.55 -37.70
C GLY P 406 -21.85 41.16 -38.04
N VAL P 407 -23.05 40.80 -37.62
CA VAL P 407 -23.58 39.46 -37.91
C VAL P 407 -23.77 39.31 -39.41
N PRO P 408 -23.38 38.21 -40.00
CA PRO P 408 -23.64 38.02 -41.43
C PRO P 408 -25.08 37.60 -41.67
N PHE P 409 -25.97 38.59 -41.74
CA PHE P 409 -27.39 38.33 -41.78
C PHE P 409 -27.76 37.54 -43.03
N PRO P 410 -28.88 36.85 -43.01
CA PRO P 410 -29.25 36.02 -44.15
C PRO P 410 -30.01 36.81 -45.20
N GLY P 411 -30.47 36.13 -46.25
CA GLY P 411 -31.19 36.81 -47.32
C GLY P 411 -32.65 36.94 -46.98
N ILE P 412 -33.15 38.16 -47.04
CA ILE P 412 -34.55 38.43 -46.71
C ILE P 412 -35.40 38.11 -47.92
N HIS P 413 -36.12 36.99 -47.89
CA HIS P 413 -37.10 36.74 -48.92
C HIS P 413 -38.30 37.65 -48.71
N LEU P 414 -38.84 38.17 -49.80
CA LEU P 414 -39.99 39.06 -49.78
C LEU P 414 -41.10 38.43 -50.59
N ARG P 415 -42.22 38.12 -49.94
CA ARG P 415 -43.35 37.48 -50.59
C ARG P 415 -44.59 38.30 -50.32
N PHE P 416 -45.26 38.70 -51.39
CA PHE P 416 -46.55 39.36 -51.31
C PHE P 416 -47.62 38.28 -51.34
N ASN P 417 -48.22 38.02 -50.18
CA ASN P 417 -49.26 37.02 -50.04
C ASN P 417 -50.62 37.70 -50.16
N GLU P 418 -51.56 37.00 -50.79
CA GLU P 418 -52.93 37.48 -50.85
C GLU P 418 -53.80 36.89 -49.75
N GLY P 419 -53.35 35.83 -49.09
CA GLY P 419 -54.18 35.16 -48.10
C GLY P 419 -54.55 36.04 -46.92
N MET P 420 -53.74 37.05 -46.63
CA MET P 420 -54.01 37.93 -45.50
C MET P 420 -54.90 39.08 -45.96
N GLY P 421 -55.02 40.11 -45.11
CA GLY P 421 -55.86 41.24 -45.40
C GLY P 421 -55.24 42.19 -46.41
N GLU P 422 -55.36 43.50 -46.18
CA GLU P 422 -54.78 44.48 -47.08
C GLU P 422 -53.76 45.38 -46.41
N GLY P 423 -53.74 45.44 -45.08
CA GLY P 423 -52.71 46.20 -44.39
C GLY P 423 -51.90 45.34 -43.46
N GLU P 424 -52.05 44.02 -43.55
CA GLU P 424 -51.35 43.09 -42.69
C GLU P 424 -49.94 42.84 -43.21
N TYR P 425 -49.06 42.48 -42.30
CA TYR P 425 -47.71 42.06 -42.66
C TYR P 425 -47.10 41.34 -41.46
N LEU P 426 -46.45 40.22 -41.73
CA LEU P 426 -45.80 39.45 -40.69
C LEU P 426 -44.36 39.20 -41.11
N ILE P 427 -43.45 39.31 -40.16
CA ILE P 427 -42.03 39.07 -40.38
C ILE P 427 -41.70 37.78 -39.65
N SER P 428 -41.44 36.73 -40.40
CA SER P 428 -41.32 35.40 -39.82
C SER P 428 -39.88 34.94 -39.85
N LEU P 429 -39.29 34.74 -38.69
CA LEU P 429 -38.00 34.05 -38.59
C LEU P 429 -38.26 32.56 -38.63
N GLN P 430 -37.87 31.91 -39.72
CA GLN P 430 -37.93 30.46 -39.80
C GLN P 430 -39.35 29.97 -39.54
N GLU P 431 -40.30 30.58 -40.24
CA GLU P 431 -41.69 30.13 -40.27
C GLU P 431 -42.38 30.24 -38.91
N VAL P 432 -42.08 31.27 -38.13
CA VAL P 432 -42.89 31.60 -36.97
C VAL P 432 -42.99 33.11 -36.83
N PRO P 433 -44.11 33.70 -37.21
CA PRO P 433 -44.24 35.16 -37.25
C PRO P 433 -43.82 35.80 -35.94
N VAL P 434 -42.76 36.60 -36.01
CA VAL P 434 -42.18 37.18 -34.81
C VAL P 434 -42.60 38.62 -34.58
N ALA P 435 -43.03 39.33 -35.61
CA ALA P 435 -43.56 40.67 -35.43
C ALA P 435 -44.56 40.92 -36.53
N ARG P 436 -45.84 40.67 -36.25
CA ARG P 436 -46.89 40.88 -37.22
C ARG P 436 -47.46 42.27 -37.02
N GLY P 437 -48.22 42.72 -38.02
CA GLY P 437 -48.83 44.03 -37.93
C GLY P 437 -49.84 44.23 -39.03
N GLU P 438 -50.91 44.94 -38.71
CA GLU P 438 -51.88 45.40 -39.70
C GLU P 438 -51.64 46.89 -39.84
N LEU P 439 -50.81 47.26 -40.81
CA LEU P 439 -50.47 48.67 -40.98
C LEU P 439 -51.72 49.42 -41.42
N LYS P 440 -52.33 50.15 -40.48
CA LYS P 440 -53.50 50.96 -40.83
C LYS P 440 -53.11 52.19 -41.63
N ALA P 441 -51.84 52.26 -42.03
CA ALA P 441 -51.43 53.09 -43.14
C ALA P 441 -51.83 52.38 -44.44
N GLY P 442 -52.69 51.38 -44.31
CA GLY P 442 -53.17 50.59 -45.43
C GLY P 442 -53.39 51.39 -46.69
N TYR P 443 -54.20 52.44 -46.61
CA TYR P 443 -54.36 53.30 -47.80
C TYR P 443 -53.22 54.31 -47.86
N LEU P 444 -53.22 55.29 -46.96
CA LEU P 444 -52.11 56.18 -46.69
C LEU P 444 -52.37 56.88 -45.37
N LEU P 445 -51.70 56.46 -44.31
CA LEU P 445 -51.96 57.06 -43.00
C LEU P 445 -50.66 57.19 -42.23
N VAL P 446 -49.64 57.77 -42.89
CA VAL P 446 -48.27 57.81 -42.37
C VAL P 446 -48.26 58.12 -40.89
N ARG P 447 -47.67 57.24 -40.10
CA ARG P 447 -47.87 57.25 -38.66
C ARG P 447 -47.03 58.34 -38.01
N GLU P 448 -47.11 58.42 -36.69
CA GLU P 448 -46.32 59.35 -35.90
C GLU P 448 -45.86 58.64 -34.63
N SER P 449 -44.55 58.68 -34.38
CA SER P 449 -43.94 57.93 -33.30
C SER P 449 -43.95 58.65 -31.97
N VAL P 450 -43.77 59.96 -31.98
CA VAL P 450 -43.67 60.73 -30.74
C VAL P 450 -44.99 61.47 -30.56
N SER P 451 -46.07 60.86 -31.05
CA SER P 451 -47.41 61.41 -30.90
C SER P 451 -47.68 61.78 -29.45
N GLN P 452 -48.33 62.92 -29.26
CA GLN P 452 -48.50 63.52 -27.95
C GLN P 452 -49.69 64.46 -28.04
N LEU P 453 -49.92 65.24 -26.98
CA LEU P 453 -50.90 66.31 -27.11
C LEU P 453 -50.45 67.37 -28.10
N GLU P 454 -49.18 67.32 -28.53
CA GLU P 454 -48.72 68.21 -29.58
C GLU P 454 -49.47 67.95 -30.88
N LEU P 455 -49.85 66.70 -31.14
CA LEU P 455 -50.76 66.41 -32.24
C LEU P 455 -52.20 66.79 -31.92
N LEU P 456 -52.47 67.27 -30.71
CA LEU P 456 -53.69 68.00 -30.45
C LEU P 456 -53.48 69.50 -30.55
N GLY P 457 -52.30 69.99 -30.15
CA GLY P 457 -51.93 71.35 -30.49
C GLY P 457 -51.78 71.53 -31.98
N ILE P 458 -51.24 70.51 -32.65
CA ILE P 458 -51.22 70.43 -34.10
C ILE P 458 -52.40 69.53 -34.44
N PRO P 459 -53.60 70.08 -34.60
CA PRO P 459 -54.83 69.36 -34.23
C PRO P 459 -55.24 68.22 -35.16
N TYR P 460 -54.41 67.85 -36.13
CA TYR P 460 -54.87 66.95 -37.18
C TYR P 460 -55.26 65.60 -36.60
N GLU P 461 -56.37 65.07 -37.11
CA GLU P 461 -57.02 63.91 -36.49
C GLU P 461 -56.06 62.74 -36.36
N LYS P 462 -56.32 61.91 -35.36
CA LYS P 462 -55.43 60.82 -35.00
C LYS P 462 -56.07 59.47 -35.25
N GLY P 463 -55.26 58.43 -35.14
CA GLY P 463 -55.73 57.06 -35.11
C GLY P 463 -54.99 56.30 -34.03
N GLU P 464 -55.72 55.75 -33.07
CA GLU P 464 -55.08 55.20 -31.88
C GLU P 464 -54.51 53.82 -32.13
N HIS P 465 -53.36 53.55 -31.52
CA HIS P 465 -52.72 52.25 -31.51
C HIS P 465 -51.55 52.31 -30.53
N LEU P 466 -50.97 51.13 -30.27
CA LEU P 466 -49.77 51.00 -29.45
C LEU P 466 -48.73 50.19 -30.22
N LEU P 467 -48.51 50.58 -31.48
CA LEU P 467 -47.47 50.01 -32.31
C LEU P 467 -46.18 50.16 -31.49
N PRO P 468 -45.26 49.20 -31.54
CA PRO P 468 -44.52 48.83 -30.33
C PRO P 468 -43.81 49.94 -29.56
N ASP P 469 -42.81 50.59 -30.15
CA ASP P 469 -41.78 51.20 -29.32
C ASP P 469 -42.12 52.57 -28.77
N GLN P 470 -42.79 53.42 -29.54
CA GLN P 470 -43.23 54.71 -29.05
C GLN P 470 -44.71 54.86 -29.38
N GLU P 471 -45.35 55.84 -28.75
CA GLU P 471 -46.79 55.97 -28.93
C GLU P 471 -47.09 56.33 -30.38
N THR P 472 -47.74 55.40 -31.08
CA THR P 472 -48.02 55.53 -32.50
C THR P 472 -49.42 56.09 -32.71
N PHE P 473 -49.49 57.23 -33.39
CA PHE P 473 -50.77 57.76 -33.83
C PHE P 473 -50.62 58.15 -35.29
N TRP P 474 -51.71 58.01 -36.03
CA TRP P 474 -51.65 58.08 -37.48
C TRP P 474 -52.36 59.33 -37.98
N VAL P 475 -51.79 59.93 -39.02
CA VAL P 475 -52.38 61.08 -39.71
C VAL P 475 -52.28 60.80 -41.21
N SER P 476 -53.10 61.50 -41.98
CA SER P 476 -53.17 61.24 -43.41
C SER P 476 -52.09 62.04 -44.14
N VAL P 477 -52.14 62.02 -45.47
CA VAL P 477 -51.06 62.57 -46.27
C VAL P 477 -51.27 64.04 -46.65
N GLU P 478 -52.49 64.56 -46.49
CA GLU P 478 -52.67 66.01 -46.50
C GLU P 478 -52.25 66.60 -45.17
N TYR P 479 -52.47 65.86 -44.09
CA TYR P 479 -52.02 66.28 -42.76
C TYR P 479 -50.50 66.21 -42.66
N GLU P 480 -49.87 65.37 -43.48
CA GLU P 480 -48.42 65.23 -43.43
C GLU P 480 -47.70 66.53 -43.74
N GLU P 481 -48.18 67.25 -44.76
CA GLU P 481 -47.50 68.47 -45.19
C GLU P 481 -47.36 69.46 -44.03
N ARG P 482 -48.40 69.55 -43.19
CA ARG P 482 -48.37 70.52 -42.10
C ARG P 482 -47.65 69.99 -40.88
N LEU P 483 -47.77 68.70 -40.58
CA LEU P 483 -47.04 68.15 -39.45
C LEU P 483 -45.55 67.97 -39.75
N GLU P 484 -45.18 67.79 -41.01
CA GLU P 484 -43.75 67.79 -41.33
C GLU P 484 -43.18 69.19 -41.18
N LYS P 485 -44.00 70.21 -41.33
CA LYS P 485 -43.58 71.56 -40.93
C LYS P 485 -43.34 71.60 -39.43
N SER P 486 -44.23 70.97 -38.66
CA SER P 486 -44.13 70.93 -37.21
C SER P 486 -43.03 70.00 -36.70
N GLN P 487 -42.41 69.22 -37.59
CA GLN P 487 -41.23 68.43 -37.26
C GLN P 487 -41.45 67.38 -36.18
N LEU P 488 -42.26 66.36 -36.47
CA LEU P 488 -42.30 65.14 -35.68
C LEU P 488 -41.96 63.95 -36.58
N GLU P 489 -41.90 62.76 -35.97
CA GLU P 489 -41.36 61.61 -36.69
C GLU P 489 -42.38 60.98 -37.63
N PHE P 490 -42.02 60.93 -38.90
CA PHE P 490 -42.85 60.37 -39.96
C PHE P 490 -42.29 59.04 -40.42
N PHE P 491 -43.18 58.05 -40.55
CA PHE P 491 -42.80 56.74 -41.04
C PHE P 491 -43.62 56.42 -42.27
N SER P 492 -42.97 56.44 -43.42
CA SER P 492 -43.62 56.05 -44.66
C SER P 492 -43.89 54.56 -44.64
N HIS P 493 -44.37 54.04 -45.77
CA HIS P 493 -44.65 52.61 -45.84
C HIS P 493 -43.37 51.79 -45.88
N SER P 494 -42.28 52.36 -46.35
CA SER P 494 -41.00 51.70 -46.14
C SER P 494 -40.59 51.73 -44.68
N GLN P 495 -40.57 52.93 -44.09
CA GLN P 495 -39.96 53.10 -42.78
C GLN P 495 -40.80 52.44 -41.69
N VAL P 496 -42.07 52.20 -41.93
CA VAL P 496 -42.84 51.45 -40.95
C VAL P 496 -42.50 49.98 -41.05
N LEU P 497 -42.11 49.52 -42.24
CA LEU P 497 -41.77 48.13 -42.43
C LEU P 497 -40.37 47.84 -41.92
N THR P 498 -39.36 48.49 -42.51
CA THR P 498 -37.99 48.21 -42.13
C THR P 498 -37.74 48.46 -40.67
N TRP P 499 -38.44 49.40 -40.05
CA TRP P 499 -38.16 49.67 -38.65
C TRP P 499 -38.34 48.41 -37.81
N HIS P 500 -39.46 47.72 -37.96
CA HIS P 500 -39.60 46.45 -37.27
C HIS P 500 -38.51 45.47 -37.68
N LEU P 501 -38.16 45.45 -38.96
CA LEU P 501 -37.05 44.61 -39.39
C LEU P 501 -35.80 44.97 -38.63
N SER P 502 -35.34 46.21 -38.77
CA SER P 502 -34.14 46.64 -38.07
C SER P 502 -34.30 46.54 -36.57
N HIS P 503 -35.50 46.23 -36.10
CA HIS P 503 -35.67 45.89 -34.70
C HIS P 503 -35.73 44.38 -34.50
N VAL P 504 -36.14 43.63 -35.51
CA VAL P 504 -36.16 42.18 -35.38
C VAL P 504 -34.76 41.62 -35.38
N LEU P 505 -33.92 42.10 -36.30
CA LEU P 505 -32.54 41.62 -36.33
C LEU P 505 -31.80 41.99 -35.06
N ARG P 506 -31.91 43.24 -34.63
CA ARG P 506 -31.14 43.67 -33.49
C ARG P 506 -31.53 42.91 -32.23
N GLU P 507 -32.69 42.27 -32.20
CA GLU P 507 -33.10 41.53 -31.02
C GLU P 507 -33.00 40.03 -31.20
N TYR P 508 -32.94 39.54 -32.43
CA TYR P 508 -32.78 38.13 -32.70
C TYR P 508 -31.47 37.87 -33.43
N ALA P 509 -30.46 38.66 -33.12
CA ALA P 509 -29.14 38.44 -33.66
C ALA P 509 -28.38 37.34 -32.93
N GLU P 510 -28.96 36.76 -31.89
CA GLU P 510 -28.36 35.57 -31.32
C GLU P 510 -28.69 34.32 -32.10
N ASP P 511 -29.55 34.41 -33.11
CA ASP P 511 -30.00 33.26 -33.86
C ASP P 511 -29.40 33.18 -35.24
N PHE P 512 -28.69 34.21 -35.68
CA PHE P 512 -28.05 34.20 -36.97
C PHE P 512 -26.56 33.94 -36.89
N ILE P 513 -26.01 33.73 -35.70
CA ILE P 513 -24.61 33.39 -35.58
C ILE P 513 -24.51 31.94 -35.14
N GLY P 514 -24.49 31.02 -36.09
CA GLY P 514 -24.33 29.62 -35.80
C GLY P 514 -23.01 29.11 -36.35
N ILE P 515 -22.69 27.88 -35.96
CA ILE P 515 -21.42 27.29 -36.35
C ILE P 515 -21.24 27.37 -37.84
N GLN P 516 -22.32 27.49 -38.60
CA GLN P 516 -22.18 27.66 -40.03
C GLN P 516 -21.88 29.09 -40.41
N GLU P 517 -22.14 30.04 -39.50
CA GLU P 517 -21.94 31.43 -39.87
C GLU P 517 -20.60 31.96 -39.39
N THR P 518 -20.09 31.45 -38.27
CA THR P 518 -18.73 31.85 -37.90
C THR P 518 -17.71 31.23 -38.82
N ARG P 519 -17.91 29.98 -39.22
CA ARG P 519 -17.02 29.39 -40.21
C ARG P 519 -17.09 30.14 -41.53
N TYR P 520 -18.08 31.01 -41.67
CA TYR P 520 -18.06 31.92 -42.82
C TYR P 520 -17.11 33.07 -42.56
N LEU P 521 -17.06 33.57 -41.33
CA LEU P 521 -16.11 34.62 -40.99
C LEU P 521 -14.69 34.10 -40.99
N LEU P 522 -14.46 32.96 -40.34
CA LEU P 522 -13.13 32.38 -40.29
C LEU P 522 -12.67 31.84 -41.63
N GLU P 523 -13.51 31.89 -42.65
CA GLU P 523 -13.01 31.65 -44.00
C GLU P 523 -12.81 32.96 -44.74
N GLN P 524 -13.73 33.90 -44.57
CA GLN P 524 -13.59 35.19 -45.21
C GLN P 524 -12.37 35.95 -44.71
N MET P 525 -11.84 35.59 -43.56
CA MET P 525 -10.67 36.25 -43.01
C MET P 525 -9.39 35.46 -43.23
N GLU P 526 -9.47 34.31 -43.88
CA GLU P 526 -8.27 33.52 -44.13
C GLU P 526 -7.23 34.35 -44.87
N GLY P 527 -7.64 35.08 -45.89
CA GLY P 527 -6.74 35.90 -46.65
C GLY P 527 -6.01 36.91 -45.81
N GLY P 528 -6.76 37.78 -45.14
CA GLY P 528 -6.16 38.79 -44.30
C GLY P 528 -5.28 38.22 -43.20
N TYR P 529 -5.88 37.47 -42.28
CA TYR P 529 -5.17 36.98 -41.12
C TYR P 529 -5.09 35.46 -41.22
N GLY P 530 -4.06 34.98 -41.89
CA GLY P 530 -3.86 33.56 -42.02
C GLY P 530 -3.46 32.92 -40.72
N GLU P 531 -2.31 33.33 -40.18
CA GLU P 531 -1.75 32.63 -39.03
C GLU P 531 -2.53 32.93 -37.76
N LEU P 532 -3.39 33.93 -37.78
CA LEU P 532 -4.23 34.18 -36.61
C LEU P 532 -5.29 33.11 -36.50
N ILE P 533 -5.91 32.76 -37.63
CA ILE P 533 -7.00 31.80 -37.61
C ILE P 533 -6.48 30.39 -37.40
N LYS P 534 -5.39 30.02 -38.08
CA LYS P 534 -4.82 28.69 -37.88
C LYS P 534 -4.32 28.51 -36.46
N GLU P 535 -4.20 29.59 -35.70
CA GLU P 535 -3.84 29.51 -34.29
C GLU P 535 -5.07 29.47 -33.40
N VAL P 536 -6.12 30.21 -33.76
CA VAL P 536 -7.29 30.25 -32.90
C VAL P 536 -8.10 28.96 -33.02
N GLN P 537 -8.11 28.34 -34.19
CA GLN P 537 -8.92 27.15 -34.38
C GLN P 537 -8.40 25.98 -33.56
N ARG P 538 -7.10 25.92 -33.29
CA ARG P 538 -6.54 24.84 -32.49
C ARG P 538 -6.69 25.08 -31.01
N ILE P 539 -6.97 26.32 -30.60
CA ILE P 539 -7.12 26.62 -29.19
C ILE P 539 -8.57 26.54 -28.76
N VAL P 540 -9.47 27.18 -29.49
CA VAL P 540 -10.90 27.14 -29.17
C VAL P 540 -11.62 26.42 -30.31
N PRO P 541 -12.35 25.35 -30.04
CA PRO P 541 -13.13 24.70 -31.09
C PRO P 541 -14.23 25.62 -31.58
N LEU P 542 -14.77 25.29 -32.76
CA LEU P 542 -15.80 26.15 -33.34
C LEU P 542 -17.02 26.26 -32.47
N GLN P 543 -17.37 25.21 -31.74
CA GLN P 543 -18.49 25.35 -30.83
C GLN P 543 -18.21 26.40 -29.79
N ARG P 544 -17.00 26.38 -29.22
CA ARG P 544 -16.71 27.29 -28.12
C ARG P 544 -16.54 28.71 -28.60
N MET P 545 -15.92 28.89 -29.75
CA MET P 545 -15.75 30.23 -30.27
C MET P 545 -17.08 30.83 -30.67
N THR P 546 -18.00 30.01 -31.16
CA THR P 546 -19.31 30.53 -31.53
C THR P 546 -20.16 30.82 -30.30
N GLU P 547 -20.06 29.98 -29.28
CA GLU P 547 -20.80 30.25 -28.06
C GLU P 547 -20.36 31.55 -27.42
N ILE P 548 -19.27 32.13 -27.91
CA ILE P 548 -18.88 33.47 -27.48
C ILE P 548 -19.51 34.53 -28.37
N LEU P 549 -19.37 34.38 -29.67
CA LEU P 549 -19.89 35.40 -30.59
C LEU P 549 -21.38 35.60 -30.38
N GLN P 550 -22.10 34.58 -29.94
CA GLN P 550 -23.49 34.78 -29.58
C GLN P 550 -23.60 35.58 -28.30
N ARG P 551 -22.65 35.42 -27.39
CA ARG P 551 -22.76 36.11 -26.10
C ARG P 551 -22.36 37.57 -26.21
N LEU P 552 -21.55 37.92 -27.20
CA LEU P 552 -21.30 39.34 -27.43
C LEU P 552 -22.52 39.99 -28.03
N VAL P 553 -22.93 39.54 -29.22
CA VAL P 553 -24.06 40.15 -29.89
C VAL P 553 -25.32 40.10 -29.04
N GLY P 554 -25.31 39.32 -27.97
CA GLY P 554 -26.41 39.39 -27.03
C GLY P 554 -26.47 40.70 -26.27
N GLU P 555 -25.32 41.24 -25.90
CA GLU P 555 -25.24 42.51 -25.21
C GLU P 555 -25.15 43.69 -26.16
N ASP P 556 -25.45 43.47 -27.44
CA ASP P 556 -25.38 44.47 -28.50
C ASP P 556 -23.96 44.94 -28.77
N ILE P 557 -22.95 44.32 -28.15
CA ILE P 557 -21.58 44.52 -28.56
C ILE P 557 -21.44 44.09 -30.02
N SER P 558 -20.53 44.74 -30.73
CA SER P 558 -20.41 44.54 -32.17
C SER P 558 -19.25 43.60 -32.46
N ILE P 559 -19.57 42.45 -33.07
CA ILE P 559 -18.54 41.54 -33.55
C ILE P 559 -17.58 42.24 -34.50
N ARG P 560 -18.05 43.27 -35.19
CA ARG P 560 -17.41 43.82 -36.37
C ARG P 560 -15.90 43.80 -36.32
N ASN P 561 -15.34 44.21 -35.19
CA ASN P 561 -13.89 44.21 -34.98
C ASN P 561 -13.43 42.78 -34.77
N MET P 562 -13.28 42.06 -35.86
CA MET P 562 -13.08 40.63 -35.73
C MET P 562 -11.65 40.26 -35.39
N ARG P 563 -10.69 41.15 -35.61
CA ARG P 563 -9.32 40.83 -35.25
C ARG P 563 -9.15 40.80 -33.74
N SER P 564 -9.37 41.94 -33.07
CA SER P 564 -9.10 42.01 -31.65
C SER P 564 -10.07 41.17 -30.83
N ILE P 565 -11.01 40.49 -31.49
CA ILE P 565 -11.77 39.46 -30.80
C ILE P 565 -11.02 38.14 -30.88
N LEU P 566 -10.20 37.96 -31.91
CA LEU P 566 -9.43 36.74 -32.00
C LEU P 566 -8.11 36.85 -31.25
N GLU P 567 -7.49 38.03 -31.24
CA GLU P 567 -6.33 38.24 -30.38
C GLU P 567 -6.68 37.89 -28.94
N ALA P 568 -7.78 38.43 -28.44
CA ALA P 568 -8.20 38.12 -27.07
C ALA P 568 -8.80 36.73 -26.98
N MET P 569 -9.08 36.09 -28.11
CA MET P 569 -9.53 34.71 -28.07
C MET P 569 -8.34 33.78 -27.87
N VAL P 570 -7.26 34.03 -28.60
CA VAL P 570 -6.05 33.23 -28.44
C VAL P 570 -5.47 33.41 -27.06
N GLU P 571 -5.38 34.66 -26.60
CA GLU P 571 -4.74 34.95 -25.33
C GLU P 571 -5.40 34.22 -24.18
N TRP P 572 -6.73 34.29 -24.10
CA TRP P 572 -7.43 33.77 -22.95
C TRP P 572 -8.00 32.37 -23.15
N GLY P 573 -8.08 31.88 -24.38
CA GLY P 573 -8.64 30.56 -24.58
C GLY P 573 -7.84 29.44 -23.99
N GLN P 574 -6.62 29.73 -23.55
CA GLN P 574 -5.76 28.76 -22.91
C GLN P 574 -5.86 28.81 -21.39
N LYS P 575 -6.03 30.00 -20.84
CA LYS P 575 -6.11 30.16 -19.39
C LYS P 575 -7.53 29.91 -18.88
N GLU P 576 -8.51 30.60 -19.45
CA GLU P 576 -9.89 30.48 -18.98
C GLU P 576 -10.65 29.46 -19.81
N LYS P 577 -11.58 28.77 -19.15
CA LYS P 577 -12.36 27.72 -19.82
C LYS P 577 -13.87 27.85 -19.62
N ASP P 578 -14.34 28.58 -18.61
CA ASP P 578 -15.77 28.84 -18.49
C ASP P 578 -16.13 29.95 -19.45
N VAL P 579 -17.09 29.67 -20.34
CA VAL P 579 -17.42 30.62 -21.40
C VAL P 579 -17.74 31.98 -20.84
N VAL P 580 -18.52 32.03 -19.76
CA VAL P 580 -18.96 33.31 -19.23
C VAL P 580 -17.77 34.11 -18.73
N GLN P 581 -16.75 33.45 -18.20
CA GLN P 581 -15.54 34.18 -17.85
C GLN P 581 -14.79 34.60 -19.09
N LEU P 582 -14.63 33.70 -20.04
CA LEU P 582 -13.89 34.02 -21.25
C LEU P 582 -14.51 35.20 -21.98
N THR P 583 -15.83 35.31 -21.99
CA THR P 583 -16.40 36.44 -22.70
C THR P 583 -16.25 37.72 -21.92
N GLU P 584 -16.15 37.65 -20.59
CA GLU P 584 -15.87 38.87 -19.84
C GLU P 584 -14.44 39.30 -20.02
N TYR P 585 -13.54 38.38 -20.33
CA TYR P 585 -12.20 38.79 -20.70
C TYR P 585 -12.15 39.32 -22.12
N ILE P 586 -13.03 38.85 -22.99
CA ILE P 586 -12.99 39.29 -24.37
C ILE P 586 -13.63 40.67 -24.53
N ARG P 587 -14.71 40.94 -23.80
CA ARG P 587 -15.23 42.30 -23.78
C ARG P 587 -14.17 43.28 -23.32
N SER P 588 -13.34 42.88 -22.36
CA SER P 588 -12.25 43.72 -21.88
C SER P 588 -11.20 43.97 -22.92
N SER P 589 -11.27 43.35 -24.08
CA SER P 589 -10.36 43.66 -25.17
C SER P 589 -10.91 44.73 -26.09
N LEU P 590 -12.21 45.00 -26.04
CA LEU P 590 -12.82 46.07 -26.78
C LEU P 590 -12.98 47.33 -25.92
N LYS P 591 -12.04 47.56 -25.00
CA LYS P 591 -12.15 48.65 -24.05
C LYS P 591 -12.54 49.95 -24.72
N ARG P 592 -11.66 50.46 -25.58
CA ARG P 592 -11.91 51.79 -26.12
C ARG P 592 -13.01 51.79 -27.15
N TYR P 593 -13.70 50.67 -27.35
CA TYR P 593 -14.92 50.71 -28.13
C TYR P 593 -16.11 51.03 -27.24
N ILE P 594 -16.25 50.29 -26.16
CA ILE P 594 -17.41 50.47 -25.28
C ILE P 594 -17.46 51.89 -24.75
N CYS P 595 -16.32 52.43 -24.30
CA CYS P 595 -16.23 53.83 -23.93
C CYS P 595 -16.86 54.74 -24.96
N TYR P 596 -16.90 54.33 -26.21
CA TYR P 596 -17.53 55.12 -27.25
C TYR P 596 -18.96 54.71 -27.53
N LYS P 597 -19.37 53.52 -27.11
CA LYS P 597 -20.76 53.16 -27.34
C LYS P 597 -21.68 53.70 -26.26
N TYR P 598 -21.22 53.76 -25.03
CA TYR P 598 -22.13 54.13 -23.95
C TYR P 598 -21.91 55.56 -23.47
N ALA P 599 -20.68 56.03 -23.46
CA ALA P 599 -20.36 57.38 -23.01
C ALA P 599 -19.85 58.19 -24.19
N ASN P 600 -20.77 58.75 -24.96
CA ASN P 600 -20.39 59.53 -26.12
C ASN P 600 -19.77 60.89 -25.76
N GLY P 601 -20.11 61.44 -24.59
CA GLY P 601 -19.59 62.73 -24.21
C GLY P 601 -18.12 62.67 -23.88
N ASN P 602 -17.64 63.75 -23.26
CA ASN P 602 -16.22 63.90 -22.96
C ASN P 602 -15.80 63.02 -21.79
N ASN P 603 -15.76 61.71 -22.02
CA ASN P 603 -15.24 60.77 -21.04
C ASN P 603 -16.02 60.81 -19.73
N ILE P 604 -17.30 61.16 -19.80
CA ILE P 604 -18.16 61.18 -18.63
C ILE P 604 -19.30 60.19 -18.88
N LEU P 605 -19.58 59.36 -17.89
CA LEU P 605 -20.52 58.25 -18.03
C LEU P 605 -21.45 58.22 -16.83
N PRO P 606 -22.75 58.33 -17.02
CA PRO P 606 -23.68 58.32 -15.88
C PRO P 606 -23.97 56.91 -15.43
N ALA P 607 -23.41 56.53 -14.29
CA ALA P 607 -23.42 55.14 -13.84
C ALA P 607 -24.39 54.95 -12.70
N TYR P 608 -24.54 53.69 -12.31
CA TYR P 608 -25.43 53.28 -11.24
C TYR P 608 -24.75 52.25 -10.35
N LEU P 609 -23.55 52.59 -9.89
CA LEU P 609 -22.69 51.63 -9.20
C LEU P 609 -23.44 50.78 -8.18
N PHE P 610 -23.02 49.52 -8.06
CA PHE P 610 -23.52 48.59 -7.06
C PHE P 610 -22.67 48.68 -5.81
N ASP P 611 -23.30 49.00 -4.67
CA ASP P 611 -22.51 49.05 -3.45
C ASP P 611 -22.08 47.66 -3.04
N GLN P 612 -20.85 47.56 -2.55
CA GLN P 612 -20.15 46.30 -2.45
C GLN P 612 -20.96 45.20 -1.76
N GLU P 613 -21.86 45.59 -0.85
CA GLU P 613 -22.61 44.60 -0.11
C GLU P 613 -23.42 43.71 -1.03
N VAL P 614 -23.92 44.28 -2.14
CA VAL P 614 -24.75 43.50 -3.06
C VAL P 614 -23.88 42.66 -4.00
N GLU P 615 -22.83 43.25 -4.56
CA GLU P 615 -21.96 42.49 -5.44
C GLU P 615 -21.36 41.27 -4.77
N GLU P 616 -21.54 41.11 -3.47
CA GLU P 616 -21.10 39.92 -2.76
C GLU P 616 -22.23 38.95 -2.50
N LYS P 617 -23.45 39.44 -2.33
CA LYS P 617 -24.59 38.52 -2.27
C LYS P 617 -24.72 37.75 -3.57
N ILE P 618 -24.47 38.40 -4.71
CA ILE P 618 -24.63 37.72 -5.99
C ILE P 618 -23.45 36.82 -6.29
N ARG P 619 -22.25 37.18 -5.87
CA ARG P 619 -21.11 36.33 -6.13
C ARG P 619 -21.14 35.05 -5.31
N SER P 620 -22.10 34.90 -4.41
CA SER P 620 -22.20 33.71 -3.58
C SER P 620 -23.30 32.76 -4.06
N GLY P 621 -23.83 32.98 -5.26
CA GLY P 621 -24.91 32.15 -5.76
C GLY P 621 -24.68 31.66 -7.17
N VAL P 622 -23.45 31.31 -7.52
CA VAL P 622 -23.10 31.06 -8.92
C VAL P 622 -23.34 29.61 -9.33
N ARG P 623 -23.06 28.64 -8.46
CA ARG P 623 -23.43 27.23 -8.70
C ARG P 623 -22.84 26.70 -10.00
N GLN P 624 -21.51 26.61 -10.06
CA GLN P 624 -20.82 26.17 -11.26
C GLN P 624 -20.90 24.65 -11.36
N THR P 625 -21.99 24.15 -11.94
CA THR P 625 -22.27 22.72 -11.90
C THR P 625 -22.23 22.04 -13.27
N SER P 626 -23.06 22.47 -14.22
CA SER P 626 -23.26 21.70 -15.45
C SER P 626 -23.09 22.60 -16.66
N ALA P 627 -22.02 23.37 -16.67
CA ALA P 627 -21.75 24.34 -17.73
C ALA P 627 -22.90 25.33 -17.90
N GLY P 628 -23.63 25.56 -16.82
CA GLY P 628 -24.68 26.57 -16.81
C GLY P 628 -24.39 27.69 -15.83
N SER P 629 -23.71 27.36 -14.73
CA SER P 629 -23.34 28.32 -13.69
C SER P 629 -24.50 29.24 -13.33
N TYR P 630 -25.71 28.70 -13.31
CA TYR P 630 -26.90 29.51 -13.10
C TYR P 630 -26.80 30.27 -11.80
N LEU P 631 -27.24 31.52 -11.81
CA LEU P 631 -27.41 32.27 -10.59
C LEU P 631 -28.66 31.76 -9.90
N ALA P 632 -28.48 31.07 -8.78
CA ALA P 632 -29.61 30.52 -8.03
C ALA P 632 -29.49 31.00 -6.60
N LEU P 633 -30.17 32.10 -6.29
CA LEU P 633 -30.18 32.60 -4.91
C LEU P 633 -31.43 32.15 -4.17
N ASP P 634 -32.58 32.65 -4.58
CA ASP P 634 -33.89 32.32 -4.05
C ASP P 634 -34.90 33.12 -4.85
N PRO P 635 -36.06 32.56 -5.18
CA PRO P 635 -37.16 33.39 -5.69
C PRO P 635 -37.56 34.49 -4.72
N ALA P 636 -37.08 34.47 -3.48
CA ALA P 636 -37.38 35.51 -2.53
C ALA P 636 -36.22 36.47 -2.32
N VAL P 637 -35.01 36.11 -2.73
CA VAL P 637 -33.90 37.04 -2.71
C VAL P 637 -33.82 37.83 -4.01
N THR P 638 -34.05 37.16 -5.14
CA THR P 638 -34.09 37.87 -6.41
C THR P 638 -35.04 39.04 -6.37
N GLU P 639 -36.19 38.88 -5.72
CA GLU P 639 -37.11 40.00 -5.59
C GLU P 639 -36.60 41.01 -4.56
N SER P 640 -35.72 40.60 -3.66
CA SER P 640 -35.15 41.56 -2.72
C SER P 640 -34.17 42.48 -3.43
N LEU P 641 -33.24 41.91 -4.19
CA LEU P 641 -32.31 42.75 -4.95
C LEU P 641 -33.04 43.54 -6.02
N LEU P 642 -33.85 42.86 -6.82
CA LEU P 642 -34.56 43.54 -7.90
C LEU P 642 -35.47 44.62 -7.38
N GLU P 643 -35.77 44.62 -6.08
CA GLU P 643 -36.51 45.73 -5.51
C GLU P 643 -35.58 46.88 -5.15
N GLN P 644 -34.44 46.59 -4.54
CA GLN P 644 -33.49 47.63 -4.23
C GLN P 644 -33.04 48.35 -5.49
N VAL P 645 -32.91 47.63 -6.60
CA VAL P 645 -32.65 48.28 -7.87
C VAL P 645 -33.80 49.20 -8.22
N ARG P 646 -34.99 48.63 -8.38
CA ARG P 646 -36.16 49.40 -8.76
C ARG P 646 -36.43 50.55 -7.82
N LYS P 647 -35.88 50.51 -6.61
CA LYS P 647 -36.10 51.58 -5.66
C LYS P 647 -35.22 52.79 -5.92
N THR P 648 -34.06 52.61 -6.56
CA THR P 648 -33.16 53.71 -6.87
C THR P 648 -33.22 54.10 -8.33
N ILE P 649 -33.05 53.15 -9.24
CA ILE P 649 -33.13 53.43 -10.66
C ILE P 649 -34.48 54.01 -11.02
N GLY P 650 -35.52 53.63 -10.29
CA GLY P 650 -36.85 54.10 -10.61
C GLY P 650 -37.37 53.41 -11.85
N ASP P 651 -37.73 54.19 -12.87
CA ASP P 651 -38.22 53.63 -14.12
C ASP P 651 -37.35 53.95 -15.33
N LEU P 652 -36.48 54.96 -15.21
CA LEU P 652 -35.56 55.38 -16.26
C LEU P 652 -36.26 55.69 -17.57
N SER P 653 -37.59 55.72 -17.57
CA SER P 653 -38.30 56.13 -18.78
C SER P 653 -38.18 57.63 -18.97
N GLN P 654 -38.32 58.38 -17.87
CA GLN P 654 -38.06 59.81 -17.93
C GLN P 654 -36.57 60.10 -17.81
N ILE P 655 -35.82 59.23 -17.15
CA ILE P 655 -34.39 59.47 -16.98
C ILE P 655 -33.73 59.46 -18.35
N GLN P 656 -33.21 60.61 -18.75
CA GLN P 656 -32.61 60.78 -20.06
C GLN P 656 -31.12 60.44 -20.01
N SER P 657 -30.50 60.49 -21.19
CA SER P 657 -29.07 60.34 -21.42
C SER P 657 -28.59 58.90 -21.34
N LYS P 658 -29.48 57.91 -21.32
CA LYS P 658 -29.10 56.51 -21.41
C LYS P 658 -28.06 56.12 -20.37
N PRO P 659 -28.43 56.01 -19.10
CA PRO P 659 -27.45 55.62 -18.08
C PRO P 659 -27.11 54.13 -18.22
N VAL P 660 -26.05 53.73 -17.52
CA VAL P 660 -25.60 52.35 -17.56
C VAL P 660 -25.28 51.89 -16.14
N LEU P 661 -25.65 50.66 -15.85
CA LEU P 661 -25.27 50.04 -14.58
C LEU P 661 -23.83 49.58 -14.67
N ILE P 662 -23.11 49.62 -13.57
CA ILE P 662 -21.69 49.31 -13.56
C ILE P 662 -21.42 48.39 -12.38
N VAL P 663 -21.07 47.15 -12.66
CA VAL P 663 -20.86 46.15 -11.64
C VAL P 663 -19.54 45.45 -11.92
N SER P 664 -19.01 44.79 -10.91
CA SER P 664 -17.74 44.08 -11.06
C SER P 664 -17.80 43.12 -12.23
N MET P 665 -16.63 42.68 -12.68
CA MET P 665 -16.56 41.94 -13.93
C MET P 665 -17.14 40.55 -13.78
N ASP P 666 -16.72 39.82 -12.75
CA ASP P 666 -17.01 38.40 -12.67
C ASP P 666 -18.49 38.08 -12.50
N ILE P 667 -19.35 39.07 -12.29
CA ILE P 667 -20.77 38.81 -12.20
C ILE P 667 -21.51 39.72 -13.17
N ARG P 668 -20.79 40.37 -14.07
CA ARG P 668 -21.44 41.28 -15.01
C ARG P 668 -22.53 40.57 -15.78
N ARG P 669 -22.41 39.25 -15.94
CA ARG P 669 -23.42 38.54 -16.70
C ARG P 669 -24.65 38.27 -15.85
N TYR P 670 -24.47 37.69 -14.67
CA TYR P 670 -25.62 37.24 -13.90
C TYR P 670 -26.51 38.41 -13.50
N VAL P 671 -25.91 39.58 -13.27
CA VAL P 671 -26.73 40.77 -13.05
C VAL P 671 -27.52 41.10 -14.30
N ARG P 672 -26.91 40.91 -15.47
CA ARG P 672 -27.58 41.28 -16.69
C ARG P 672 -28.83 40.44 -16.92
N LYS P 673 -28.68 39.13 -16.87
CA LYS P 673 -29.86 38.29 -17.08
C LYS P 673 -30.81 38.32 -15.90
N LEU P 674 -30.44 38.98 -14.82
CA LEU P 674 -31.37 39.15 -13.69
C LEU P 674 -32.36 40.27 -13.98
N ILE P 675 -31.86 41.49 -14.15
CA ILE P 675 -32.74 42.62 -14.46
C ILE P 675 -33.18 42.66 -15.90
N GLU P 676 -32.80 41.66 -16.71
CA GLU P 676 -33.18 41.64 -18.12
C GLU P 676 -34.67 41.70 -18.32
N SER P 677 -35.46 41.27 -17.33
CA SER P 677 -36.90 41.34 -17.45
C SER P 677 -37.39 42.77 -17.34
N GLU P 678 -37.03 43.44 -16.25
CA GLU P 678 -37.60 44.75 -15.96
C GLU P 678 -36.91 45.85 -16.76
N TYR P 679 -35.60 45.97 -16.62
CA TYR P 679 -34.85 47.06 -17.24
C TYR P 679 -34.11 46.51 -18.43
N TYR P 680 -34.72 46.59 -19.60
CA TYR P 680 -34.13 46.02 -20.80
C TYR P 680 -33.13 46.96 -21.47
N GLY P 681 -33.38 48.26 -21.43
CA GLY P 681 -32.51 49.19 -22.10
C GLY P 681 -31.47 49.76 -21.15
N LEU P 682 -31.16 49.04 -20.09
CA LEU P 682 -30.16 49.44 -19.11
C LEU P 682 -28.94 48.54 -19.28
N PRO P 683 -27.98 48.91 -20.09
CA PRO P 683 -26.81 48.06 -20.29
C PRO P 683 -26.01 47.95 -19.01
N VAL P 684 -25.27 46.86 -18.90
CA VAL P 684 -24.41 46.62 -17.74
C VAL P 684 -22.98 46.56 -18.23
N LEU P 685 -22.09 47.22 -17.50
CA LEU P 685 -20.67 47.23 -17.83
C LEU P 685 -19.89 46.58 -16.71
N SER P 686 -18.58 46.65 -16.85
CA SER P 686 -17.67 46.19 -15.81
C SER P 686 -16.78 47.34 -15.37
N TYR P 687 -15.99 47.10 -14.34
CA TYR P 687 -14.95 48.07 -14.05
C TYR P 687 -13.81 47.93 -15.02
N GLN P 688 -13.63 46.73 -15.57
CA GLN P 688 -12.50 46.47 -16.44
C GLN P 688 -12.76 47.00 -17.84
N GLU P 689 -13.94 46.73 -18.37
CA GLU P 689 -14.29 47.25 -19.70
C GLU P 689 -14.16 48.76 -19.75
N LEU P 690 -14.30 49.43 -18.61
CA LEU P 690 -14.13 50.87 -18.57
C LEU P 690 -12.67 51.21 -18.75
N THR P 691 -12.32 51.62 -19.97
CA THR P 691 -10.99 52.17 -20.20
C THR P 691 -10.77 53.30 -19.21
N GLN P 692 -9.53 53.39 -18.71
CA GLN P 692 -9.21 54.50 -17.85
C GLN P 692 -9.46 55.80 -18.60
N GLN P 693 -9.39 56.91 -17.87
CA GLN P 693 -9.70 58.23 -18.40
C GLN P 693 -11.18 58.33 -18.77
N ILE P 694 -12.02 57.74 -17.92
CA ILE P 694 -13.47 57.87 -18.03
C ILE P 694 -13.98 58.36 -16.69
N ASN P 695 -14.71 59.48 -16.70
CA ASN P 695 -15.23 60.06 -15.47
C ASN P 695 -16.61 59.47 -15.20
N ILE P 696 -16.61 58.36 -14.47
CA ILE P 696 -17.87 57.79 -14.00
C ILE P 696 -18.55 58.80 -13.08
N GLN P 697 -19.76 59.21 -13.46
CA GLN P 697 -20.52 60.16 -12.67
C GLN P 697 -21.68 59.43 -12.00
N PRO P 698 -21.45 58.81 -10.84
CA PRO P 698 -22.47 57.91 -10.27
C PRO P 698 -23.78 58.64 -10.00
N LEU P 699 -24.84 58.17 -10.66
CA LEU P 699 -26.16 58.74 -10.40
C LEU P 699 -26.63 58.36 -9.00
N GLY P 700 -26.54 57.08 -8.66
CA GLY P 700 -26.89 56.66 -7.32
C GLY P 700 -26.52 55.22 -7.04
N ARG P 701 -25.84 54.97 -5.94
CA ARG P 701 -25.35 53.64 -5.63
C ARG P 701 -26.49 52.76 -5.14
N VAL P 702 -26.54 51.52 -5.62
CA VAL P 702 -27.59 50.58 -5.25
C VAL P 702 -27.19 49.92 -3.94
N CYS P 703 -27.76 50.38 -2.83
CA CYS P 703 -27.42 49.86 -1.52
C CYS P 703 -28.12 48.52 -1.35
N LEU P 704 -28.14 48.02 -0.12
CA LEU P 704 -28.91 46.81 0.16
C LEU P 704 -30.04 47.17 1.12
N LEU Q 361 -38.35 -24.76 -58.77
CA LEU Q 361 -38.71 -24.16 -57.49
C LEU Q 361 -37.50 -24.04 -56.60
N GLY Q 362 -36.35 -24.46 -57.12
CA GLY Q 362 -35.10 -24.33 -56.41
C GLY Q 362 -34.61 -22.92 -56.22
N GLU Q 363 -35.31 -21.92 -56.76
CA GLU Q 363 -34.96 -20.53 -56.51
C GLU Q 363 -35.05 -20.26 -55.01
N GLN Q 364 -34.02 -19.61 -54.47
CA GLN Q 364 -33.81 -19.66 -53.03
C GLN Q 364 -34.97 -19.07 -52.25
N GLU Q 365 -35.14 -17.74 -52.21
CA GLU Q 365 -36.42 -17.22 -51.75
C GLU Q 365 -36.86 -15.90 -52.39
N ALA Q 366 -35.93 -15.15 -52.98
CA ALA Q 366 -36.25 -13.88 -53.64
C ALA Q 366 -36.92 -12.90 -52.68
N PHE Q 367 -36.13 -12.46 -51.70
CA PHE Q 367 -36.55 -11.46 -50.72
C PHE Q 367 -37.30 -10.32 -51.35
N ALA Q 368 -38.42 -9.95 -50.74
CA ALA Q 368 -39.25 -8.86 -51.23
C ALA Q 368 -39.50 -7.86 -50.11
N MET Q 369 -39.15 -6.60 -50.36
CA MET Q 369 -39.19 -5.58 -49.33
C MET Q 369 -40.62 -5.28 -48.91
N THR Q 370 -40.84 -5.07 -47.62
CA THR Q 370 -42.14 -4.63 -47.13
C THR Q 370 -42.38 -3.19 -47.53
N VAL Q 371 -43.65 -2.84 -47.68
CA VAL Q 371 -44.01 -1.49 -48.11
C VAL Q 371 -44.14 -0.60 -46.87
N PRO Q 372 -43.55 0.58 -46.88
CA PRO Q 372 -43.59 1.44 -45.70
C PRO Q 372 -44.99 1.85 -45.33
N LEU Q 373 -45.71 2.44 -46.27
CA LEU Q 373 -47.10 2.81 -46.05
C LEU Q 373 -47.91 2.26 -47.20
N LEU Q 374 -49.15 1.88 -46.92
CA LEU Q 374 -49.98 1.25 -47.92
C LEU Q 374 -51.43 1.60 -47.67
N ILE Q 375 -52.14 1.97 -48.73
CA ILE Q 375 -53.57 2.18 -48.66
C ILE Q 375 -54.23 1.11 -49.51
N ASP Q 376 -55.08 0.32 -48.90
CA ASP Q 376 -55.84 -0.69 -49.60
C ASP Q 376 -57.31 -0.33 -49.47
N VAL Q 377 -57.89 0.19 -50.55
CA VAL Q 377 -59.32 0.44 -50.60
C VAL Q 377 -59.90 -0.61 -51.52
N ASP Q 378 -61.23 -0.69 -51.57
CA ASP Q 378 -61.86 -1.74 -52.36
C ASP Q 378 -61.72 -1.45 -53.84
N SER Q 379 -62.15 -2.41 -54.64
CA SER Q 379 -62.33 -2.20 -56.07
C SER Q 379 -63.64 -1.45 -56.25
N SER Q 380 -64.14 -1.41 -57.49
CA SER Q 380 -65.39 -0.75 -57.85
C SER Q 380 -65.25 0.76 -57.77
N GLN Q 381 -64.14 1.25 -57.24
CA GLN Q 381 -63.81 2.66 -57.30
C GLN Q 381 -62.52 2.94 -58.03
N GLN Q 382 -61.77 1.88 -58.41
CA GLN Q 382 -60.46 2.07 -59.02
C GLN Q 382 -60.52 2.99 -60.23
N GLU Q 383 -61.71 3.19 -60.79
CA GLU Q 383 -61.95 4.19 -61.81
C GLU Q 383 -63.09 5.11 -61.44
N ALA Q 384 -63.90 4.74 -60.45
CA ALA Q 384 -65.01 5.55 -60.00
C ALA Q 384 -64.59 6.57 -58.95
N LEU Q 385 -63.70 6.22 -58.03
CA LEU Q 385 -63.32 7.25 -57.07
C LEU Q 385 -62.37 8.22 -57.75
N GLU Q 386 -61.07 7.86 -57.86
CA GLU Q 386 -60.20 8.03 -59.02
C GLU Q 386 -60.41 9.30 -59.84
N ALA Q 387 -61.26 10.20 -59.37
CA ALA Q 387 -61.68 11.32 -60.18
C ALA Q 387 -61.83 12.61 -59.41
N ILE Q 388 -61.50 12.64 -58.13
CA ILE Q 388 -61.33 13.94 -57.50
C ILE Q 388 -59.88 14.31 -57.73
N ALA Q 389 -58.97 13.68 -57.00
CA ALA Q 389 -57.67 13.35 -57.55
C ALA Q 389 -57.28 11.92 -57.19
N LEU Q 390 -57.22 11.65 -55.89
CA LEU Q 390 -56.76 10.39 -55.31
C LEU Q 390 -55.38 10.00 -55.80
N ASN Q 391 -54.72 10.89 -56.50
CA ASN Q 391 -53.27 10.85 -56.66
C ASN Q 391 -52.67 12.24 -56.50
N ASP Q 392 -53.50 13.27 -56.45
CA ASP Q 392 -53.08 14.61 -56.07
C ASP Q 392 -53.85 15.11 -54.86
N GLU Q 393 -54.66 14.26 -54.23
CA GLU Q 393 -55.26 14.60 -52.95
C GLU Q 393 -54.53 13.91 -51.81
N LEU Q 394 -53.76 12.88 -52.13
CA LEU Q 394 -52.86 12.30 -51.13
C LEU Q 394 -51.53 13.05 -51.12
N VAL Q 395 -50.91 13.22 -52.28
CA VAL Q 395 -49.63 13.93 -52.33
C VAL Q 395 -49.80 15.36 -51.83
N ARG Q 396 -51.01 15.91 -51.89
CA ARG Q 396 -51.22 17.24 -51.35
C ARG Q 396 -51.26 17.19 -49.83
N VAL Q 397 -51.92 16.20 -49.25
CA VAL Q 397 -51.99 16.15 -47.80
C VAL Q 397 -50.72 15.53 -47.22
N ARG Q 398 -49.92 14.85 -48.04
CA ARG Q 398 -48.63 14.40 -47.55
C ARG Q 398 -47.66 15.55 -47.46
N ARG Q 399 -47.57 16.37 -48.52
CA ARG Q 399 -46.73 17.55 -48.45
C ARG Q 399 -47.23 18.53 -47.40
N ALA Q 400 -48.53 18.82 -47.42
CA ALA Q 400 -49.07 19.78 -46.46
C ALA Q 400 -48.87 19.30 -45.03
N LEU Q 401 -48.71 17.99 -44.85
CA LEU Q 401 -48.40 17.48 -43.52
C LEU Q 401 -46.91 17.44 -43.29
N TYR Q 402 -46.12 17.35 -44.35
CA TYR Q 402 -44.68 17.41 -44.18
C TYR Q 402 -44.25 18.79 -43.70
N LEU Q 403 -44.73 19.84 -44.38
CA LEU Q 403 -44.41 21.20 -43.95
C LEU Q 403 -44.95 21.52 -42.56
N ASP Q 404 -45.69 20.61 -41.95
CA ASP Q 404 -46.17 20.86 -40.60
C ASP Q 404 -45.26 20.21 -39.58
N LEU Q 405 -44.94 18.93 -39.78
CA LEU Q 405 -44.09 18.16 -38.87
C LEU Q 405 -42.64 18.16 -39.29
N GLY Q 406 -42.36 17.95 -40.57
CA GLY Q 406 -41.01 17.91 -41.05
C GLY Q 406 -40.47 16.53 -41.32
N VAL Q 407 -41.18 15.50 -40.92
CA VAL Q 407 -40.73 14.12 -41.14
C VAL Q 407 -40.67 13.85 -42.64
N PRO Q 408 -39.63 13.23 -43.14
CA PRO Q 408 -39.62 12.88 -44.57
C PRO Q 408 -40.44 11.63 -44.83
N PHE Q 409 -41.75 11.82 -44.99
CA PHE Q 409 -42.67 10.72 -45.07
C PHE Q 409 -42.36 9.83 -46.27
N PRO Q 410 -42.79 8.59 -46.24
CA PRO Q 410 -42.45 7.68 -47.34
C PRO Q 410 -43.47 7.77 -48.46
N GLY Q 411 -43.33 6.93 -49.48
CA GLY Q 411 -44.23 6.96 -50.61
C GLY Q 411 -45.46 6.13 -50.33
N ILE Q 412 -46.63 6.73 -50.50
CA ILE Q 412 -47.89 6.06 -50.22
C ILE Q 412 -48.26 5.23 -51.45
N HIS Q 413 -48.09 3.92 -51.36
CA HIS Q 413 -48.62 3.07 -52.40
C HIS Q 413 -50.13 3.00 -52.29
N LEU Q 414 -50.80 3.03 -53.43
CA LEU Q 414 -52.25 2.98 -53.50
C LEU Q 414 -52.65 1.76 -54.32
N ARG Q 415 -53.36 0.83 -53.68
CA ARG Q 415 -53.77 -0.41 -54.33
C ARG Q 415 -55.27 -0.57 -54.16
N PHE Q 416 -55.97 -0.72 -55.28
CA PHE Q 416 -57.38 -1.04 -55.27
C PHE Q 416 -57.51 -2.55 -55.27
N ASN Q 417 -57.89 -3.11 -54.13
CA ASN Q 417 -58.06 -4.54 -53.95
C ASN Q 417 -59.52 -4.89 -54.15
N GLU Q 418 -59.75 -6.05 -54.76
CA GLU Q 418 -61.11 -6.56 -54.90
C GLU Q 418 -61.48 -7.53 -53.80
N GLY Q 419 -60.49 -8.04 -53.05
CA GLY Q 419 -60.78 -9.05 -52.07
C GLY Q 419 -61.70 -8.59 -50.95
N MET Q 420 -61.74 -7.29 -50.70
CA MET Q 420 -62.58 -6.76 -49.64
C MET Q 420 -63.97 -6.46 -50.19
N GLY Q 421 -64.77 -5.72 -49.42
CA GLY Q 421 -66.12 -5.39 -49.82
C GLY Q 421 -66.18 -4.30 -50.87
N GLU Q 422 -67.13 -3.37 -50.72
CA GLU Q 422 -67.25 -2.27 -51.66
C GLU Q 422 -67.09 -0.90 -51.02
N GLY Q 423 -67.19 -0.80 -49.70
CA GLY Q 423 -66.93 0.45 -49.02
C GLY Q 423 -65.82 0.35 -48.00
N GLU Q 424 -65.10 -0.76 -48.02
CA GLU Q 424 -64.03 -1.01 -47.07
C GLU Q 424 -62.75 -0.32 -47.53
N TYR Q 425 -61.90 0.00 -46.57
CA TYR Q 425 -60.57 0.54 -46.85
C TYR Q 425 -59.72 0.41 -45.60
N LEU Q 426 -58.50 -0.05 -45.77
CA LEU Q 426 -57.57 -0.19 -44.66
C LEU Q 426 -56.28 0.52 -45.01
N ILE Q 427 -55.72 1.21 -44.05
CA ILE Q 427 -54.47 1.94 -44.20
C ILE Q 427 -53.44 1.19 -43.39
N SER Q 428 -52.51 0.52 -44.05
CA SER Q 428 -51.62 -0.41 -43.38
C SER Q 428 -50.21 0.16 -43.35
N LEU Q 429 -49.72 0.42 -42.14
CA LEU Q 429 -48.30 0.72 -41.96
C LEU Q 429 -47.53 -0.60 -41.92
N GLN Q 430 -46.74 -0.87 -42.95
CA GLN Q 430 -45.86 -2.03 -42.94
C GLN Q 430 -46.65 -3.31 -42.69
N GLU Q 431 -47.73 -3.47 -43.45
CA GLU Q 431 -48.51 -4.70 -43.51
C GLU Q 431 -49.20 -5.02 -42.18
N VAL Q 432 -49.67 -4.01 -41.46
CA VAL Q 432 -50.58 -4.26 -40.34
C VAL Q 432 -51.63 -3.15 -40.32
N PRO Q 433 -52.85 -3.44 -40.76
CA PRO Q 433 -53.87 -2.39 -40.90
C PRO Q 433 -54.04 -1.59 -39.62
N VAL Q 434 -53.73 -0.30 -39.71
CA VAL Q 434 -53.73 0.55 -38.52
C VAL Q 434 -55.00 1.39 -38.41
N ALA Q 435 -55.71 1.64 -39.50
CA ALA Q 435 -56.99 2.32 -39.41
C ALA Q 435 -57.84 1.84 -40.57
N ARG Q 436 -58.68 0.84 -40.32
CA ARG Q 436 -59.56 0.31 -41.33
C ARG Q 436 -60.89 1.01 -41.24
N GLY Q 437 -61.69 0.84 -42.28
CA GLY Q 437 -63.01 1.45 -42.30
C GLY Q 437 -63.84 0.93 -43.45
N GLU Q 438 -65.13 0.80 -43.21
CA GLU Q 438 -66.10 0.51 -44.26
C GLU Q 438 -66.86 1.81 -44.48
N LEU Q 439 -66.40 2.59 -45.45
CA LEU Q 439 -67.02 3.89 -45.70
C LEU Q 439 -68.42 3.65 -46.23
N LYS Q 440 -69.43 3.83 -45.36
CA LYS Q 440 -70.82 3.71 -45.80
C LYS Q 440 -71.25 4.87 -46.66
N ALA Q 441 -70.29 5.73 -47.03
CA ALA Q 441 -70.43 6.60 -48.18
C ALA Q 441 -70.20 5.77 -49.42
N GLY Q 442 -70.23 4.44 -49.27
CA GLY Q 442 -70.03 3.50 -50.35
C GLY Q 442 -70.62 3.95 -51.67
N TYR Q 443 -71.92 4.23 -51.69
CA TYR Q 443 -72.50 4.75 -52.93
C TYR Q 443 -72.27 6.26 -53.02
N LEU Q 444 -72.96 7.03 -52.19
CA LEU Q 444 -72.68 8.44 -51.93
C LEU Q 444 -73.42 8.84 -50.66
N LEU Q 445 -72.71 8.98 -49.56
CA LEU Q 445 -73.38 9.31 -48.31
C LEU Q 445 -72.52 10.28 -47.50
N VAL Q 446 -72.06 11.35 -48.16
CA VAL Q 446 -71.07 12.27 -47.60
C VAL Q 446 -71.37 12.56 -46.14
N ARG Q 447 -70.40 12.29 -45.27
CA ARG Q 447 -70.66 12.20 -43.85
C ARG Q 447 -70.75 13.60 -43.24
N GLU Q 448 -70.95 13.64 -41.94
CA GLU Q 448 -70.98 14.88 -41.18
C GLU Q 448 -70.27 14.66 -39.86
N SER Q 449 -69.31 15.54 -39.57
CA SER Q 449 -68.42 15.39 -38.42
C SER Q 449 -68.98 15.98 -37.14
N VAL Q 450 -69.70 17.09 -37.22
CA VAL Q 450 -70.18 17.78 -36.03
C VAL Q 450 -71.68 17.51 -35.94
N SER Q 451 -72.08 16.33 -36.44
CA SER Q 451 -73.47 15.90 -36.36
C SER Q 451 -74.01 16.05 -34.95
N GLN Q 452 -75.26 16.52 -34.86
CA GLN Q 452 -75.85 16.91 -33.60
C GLN Q 452 -77.36 16.86 -33.78
N LEU Q 453 -78.11 17.34 -32.79
CA LEU Q 453 -79.53 17.52 -33.02
C LEU Q 453 -79.79 18.60 -34.05
N GLU Q 454 -78.76 19.36 -34.44
CA GLU Q 454 -78.90 20.32 -35.53
C GLU Q 454 -79.23 19.60 -36.84
N LEU Q 455 -78.71 18.40 -37.02
CA LEU Q 455 -79.14 17.56 -38.14
C LEU Q 455 -80.52 16.94 -37.88
N LEU Q 456 -81.11 17.16 -36.72
CA LEU Q 456 -82.54 16.94 -36.55
C LEU Q 456 -83.32 18.23 -36.74
N GLY Q 457 -82.75 19.37 -36.33
CA GLY Q 457 -83.31 20.64 -36.74
C GLY Q 457 -83.20 20.84 -38.23
N ILE Q 458 -82.10 20.38 -38.81
CA ILE Q 458 -81.94 20.30 -40.27
C ILE Q 458 -82.25 18.84 -40.59
N PRO Q 459 -83.51 18.50 -40.81
CA PRO Q 459 -84.01 17.16 -40.44
C PRO Q 459 -83.54 16.00 -41.30
N TYR Q 460 -82.60 16.21 -42.23
CA TYR Q 460 -82.30 15.20 -43.23
C TYR Q 460 -81.79 13.93 -42.58
N GLU Q 461 -82.27 12.79 -43.09
CA GLU Q 461 -82.07 11.51 -42.43
C GLU Q 461 -80.59 11.23 -42.18
N LYS Q 462 -80.32 10.45 -41.15
CA LYS Q 462 -78.98 10.20 -40.68
C LYS Q 462 -78.59 8.74 -40.86
N GLY Q 463 -77.31 8.46 -40.66
CA GLY Q 463 -76.80 7.12 -40.56
C GLY Q 463 -75.83 7.03 -39.41
N GLU Q 464 -76.09 6.17 -38.43
CA GLU Q 464 -75.33 6.20 -37.20
C GLU Q 464 -73.99 5.49 -37.34
N HIS Q 465 -72.99 6.05 -36.68
CA HIS Q 465 -71.66 5.45 -36.56
C HIS Q 465 -70.86 6.27 -35.55
N LEU Q 466 -69.69 5.75 -35.20
CA LEU Q 466 -68.74 6.44 -34.33
C LEU Q 466 -67.37 6.47 -35.01
N LEU Q 467 -67.37 6.87 -36.29
CA LEU Q 467 -66.15 7.08 -37.04
C LEU Q 467 -65.31 8.04 -36.19
N PRO Q 468 -63.99 7.89 -36.14
CA PRO Q 468 -63.27 8.11 -34.89
C PRO Q 468 -63.48 9.43 -34.16
N ASP Q 469 -63.09 10.56 -34.76
CA ASP Q 469 -62.75 11.72 -33.94
C ASP Q 469 -63.92 12.56 -33.50
N GLN Q 470 -64.93 12.76 -34.34
CA GLN Q 470 -66.11 13.49 -33.95
C GLN Q 470 -67.32 12.65 -34.34
N GLU Q 471 -68.48 13.00 -33.78
CA GLU Q 471 -69.66 12.18 -34.02
C GLU Q 471 -70.02 12.22 -35.50
N THR Q 472 -69.88 11.08 -36.17
CA THR Q 472 -70.09 10.96 -37.60
C THR Q 472 -71.50 10.48 -37.89
N PHE Q 473 -72.23 11.29 -38.64
CA PHE Q 473 -73.52 10.86 -39.16
C PHE Q 473 -73.56 11.22 -40.64
N TRP Q 474 -74.26 10.40 -41.41
CA TRP Q 474 -74.17 10.44 -42.85
C TRP Q 474 -75.48 10.93 -43.46
N VAL Q 475 -75.35 11.73 -44.52
CA VAL Q 475 -76.48 12.22 -45.29
C VAL Q 475 -76.13 12.02 -46.76
N SER Q 476 -77.16 12.02 -47.60
CA SER Q 476 -76.94 11.74 -49.02
C SER Q 476 -76.58 13.02 -49.76
N VAL Q 477 -76.52 12.94 -51.08
CA VAL Q 477 -75.99 14.03 -51.90
C VAL Q 477 -77.06 15.01 -52.36
N GLU Q 478 -78.34 14.63 -52.29
CA GLU Q 478 -79.40 15.64 -52.40
C GLU Q 478 -79.54 16.39 -51.08
N TYR Q 479 -79.31 15.70 -49.96
CA TYR Q 479 -79.32 16.36 -48.66
C TYR Q 479 -78.13 17.28 -48.51
N GLU Q 480 -77.05 17.01 -49.24
CA GLU Q 480 -75.84 17.83 -49.13
C GLU Q 480 -76.11 19.29 -49.50
N GLU Q 481 -76.86 19.51 -50.58
CA GLU Q 481 -77.09 20.87 -51.07
C GLU Q 481 -77.69 21.74 -49.97
N ARG Q 482 -78.60 21.18 -49.18
CA ARG Q 482 -79.27 21.96 -48.16
C ARG Q 482 -78.46 22.07 -46.88
N LEU Q 483 -77.75 21.00 -46.50
CA LEU Q 483 -76.91 21.07 -45.31
C LEU Q 483 -75.65 21.88 -45.54
N GLU Q 484 -75.15 21.95 -46.78
CA GLU Q 484 -74.04 22.85 -47.05
C GLU Q 484 -74.49 24.29 -46.98
N LYS Q 485 -75.78 24.56 -47.22
CA LYS Q 485 -76.33 25.86 -46.89
C LYS Q 485 -76.29 26.09 -45.39
N SER Q 486 -76.61 25.06 -44.61
CA SER Q 486 -76.61 25.14 -43.15
C SER Q 486 -75.21 25.15 -42.56
N GLN Q 487 -74.18 24.91 -43.37
CA GLN Q 487 -72.79 25.07 -42.95
C GLN Q 487 -72.36 24.15 -41.81
N LEU Q 488 -72.32 22.85 -42.07
CA LEU Q 488 -71.61 21.91 -41.19
C LEU Q 488 -70.54 21.19 -42.00
N GLU Q 489 -69.77 20.33 -41.33
CA GLU Q 489 -68.57 19.77 -41.94
C GLU Q 489 -68.89 18.60 -42.87
N PHE Q 490 -68.50 18.77 -44.13
CA PHE Q 490 -68.71 17.77 -45.17
C PHE Q 490 -67.40 17.09 -45.53
N PHE Q 491 -67.43 15.77 -45.63
CA PHE Q 491 -66.28 14.99 -46.01
C PHE Q 491 -66.62 14.19 -47.25
N SER Q 492 -66.06 14.59 -48.39
CA SER Q 492 -66.22 13.83 -49.61
C SER Q 492 -65.48 12.51 -49.50
N HIS Q 493 -65.45 11.78 -50.62
CA HIS Q 493 -64.74 10.50 -50.60
C HIS Q 493 -63.23 10.68 -50.55
N SER Q 494 -62.72 11.82 -51.02
CA SER Q 494 -61.34 12.13 -50.72
C SER Q 494 -61.15 12.46 -49.26
N GLN Q 495 -61.92 13.41 -48.74
CA GLN Q 495 -61.66 13.97 -47.42
C GLN Q 495 -61.96 12.95 -46.32
N VAL Q 496 -62.76 11.93 -46.60
CA VAL Q 496 -62.95 10.90 -45.60
C VAL Q 496 -61.73 9.98 -45.59
N LEU Q 497 -61.07 9.86 -46.73
CA LEU Q 497 -59.91 9.00 -46.82
C LEU Q 497 -58.68 9.69 -46.25
N THR Q 498 -58.29 10.81 -46.84
CA THR Q 498 -57.08 11.49 -46.40
C THR Q 498 -57.13 11.89 -44.95
N TRP Q 499 -58.32 12.17 -44.42
CA TRP Q 499 -58.37 12.60 -43.03
C TRP Q 499 -57.76 11.55 -42.11
N HIS Q 500 -58.17 10.29 -42.26
CA HIS Q 500 -57.50 9.24 -41.49
C HIS Q 500 -56.03 9.18 -41.80
N LEU Q 501 -55.66 9.35 -43.07
CA LEU Q 501 -54.24 9.40 -43.40
C LEU Q 501 -53.56 10.51 -42.62
N SER Q 502 -53.99 11.75 -42.83
CA SER Q 502 -53.39 12.87 -42.11
C SER Q 502 -53.55 12.74 -40.62
N HIS Q 503 -54.31 11.74 -40.17
CA HIS Q 503 -54.31 11.40 -38.76
C HIS Q 503 -53.40 10.22 -38.46
N VAL Q 504 -53.18 9.35 -39.44
CA VAL Q 504 -52.29 8.22 -39.21
C VAL Q 504 -50.84 8.69 -39.13
N LEU Q 505 -50.45 9.57 -40.05
CA LEU Q 505 -49.09 10.09 -40.01
C LEU Q 505 -48.84 10.88 -38.74
N ARG Q 506 -49.74 11.79 -38.40
CA ARG Q 506 -49.50 12.63 -37.25
C ARG Q 506 -49.40 11.83 -35.96
N GLU Q 507 -49.89 10.61 -35.93
CA GLU Q 507 -49.80 9.80 -34.72
C GLU Q 507 -48.76 8.72 -34.81
N TYR Q 508 -48.32 8.34 -36.00
CA TYR Q 508 -47.28 7.35 -36.17
C TYR Q 508 -46.06 7.97 -36.84
N ALA Q 509 -45.80 9.23 -36.54
CA ALA Q 509 -44.61 9.90 -37.03
C ALA Q 509 -43.39 9.57 -36.20
N GLU Q 510 -43.52 8.78 -35.15
CA GLU Q 510 -42.35 8.25 -34.48
C GLU Q 510 -41.75 7.07 -35.20
N ASP Q 511 -42.40 6.56 -36.23
CA ASP Q 511 -41.96 5.37 -36.92
C ASP Q 511 -41.36 5.65 -38.28
N PHE Q 512 -41.44 6.89 -38.75
CA PHE Q 512 -40.85 7.26 -40.02
C PHE Q 512 -39.56 8.00 -39.87
N ILE Q 513 -39.08 8.22 -38.65
CA ILE Q 513 -37.78 8.86 -38.48
C ILE Q 513 -36.82 7.84 -37.92
N GLY Q 514 -36.16 7.11 -38.82
CA GLY Q 514 -35.16 6.14 -38.44
C GLY Q 514 -33.78 6.58 -38.90
N ILE Q 515 -32.78 5.86 -38.42
CA ILE Q 515 -31.41 6.20 -38.74
C ILE Q 515 -31.21 6.35 -40.22
N GLN Q 516 -32.08 5.73 -41.01
CA GLN Q 516 -31.97 5.90 -42.45
C GLN Q 516 -32.64 7.18 -42.91
N GLU Q 517 -33.50 7.77 -42.08
CA GLU Q 517 -34.21 8.96 -42.52
C GLU Q 517 -33.56 10.23 -42.03
N THR Q 518 -32.91 10.21 -40.87
CA THR Q 518 -32.15 11.39 -40.48
C THR Q 518 -30.91 11.54 -41.33
N ARG Q 519 -30.24 10.44 -41.66
CA ARG Q 519 -29.11 10.54 -42.56
C ARG Q 519 -29.55 11.02 -43.94
N TYR Q 520 -30.86 11.05 -44.18
CA TYR Q 520 -31.35 11.73 -45.37
C TYR Q 520 -31.37 13.24 -45.16
N LEU Q 521 -31.73 13.68 -43.95
CA LEU Q 521 -31.71 15.11 -43.65
C LEU Q 521 -30.28 15.62 -43.58
N LEU Q 522 -29.41 14.90 -42.85
CA LEU Q 522 -28.03 15.32 -42.71
C LEU Q 522 -27.24 15.16 -44.01
N GLU Q 523 -27.85 14.63 -45.05
CA GLU Q 523 -27.23 14.72 -46.36
C GLU Q 523 -27.85 15.83 -47.17
N GLN Q 524 -29.18 15.98 -47.10
CA GLN Q 524 -29.84 17.04 -47.82
C GLN Q 524 -29.43 18.41 -47.33
N MET Q 525 -28.87 18.51 -46.13
CA MET Q 525 -28.42 19.78 -45.59
C MET Q 525 -26.93 20.00 -45.71
N GLU Q 526 -26.21 19.04 -46.29
CA GLU Q 526 -24.77 19.20 -46.45
C GLU Q 526 -24.44 20.48 -47.21
N GLY Q 527 -25.17 20.75 -48.28
CA GLY Q 527 -24.94 21.93 -49.07
C GLY Q 527 -25.08 23.20 -48.27
N GLY Q 528 -26.25 23.40 -47.68
CA GLY Q 528 -26.50 24.59 -46.89
C GLY Q 528 -25.55 24.75 -45.72
N TYR Q 529 -25.58 23.81 -44.78
CA TYR Q 529 -24.80 23.91 -43.56
C TYR Q 529 -23.76 22.80 -43.56
N GLY Q 530 -22.61 23.08 -44.16
CA GLY Q 530 -21.54 22.11 -44.20
C GLY Q 530 -20.92 21.92 -42.85
N GLU Q 531 -20.34 22.98 -42.30
CA GLU Q 531 -19.54 22.84 -41.08
C GLU Q 531 -20.41 22.59 -39.87
N LEU Q 532 -21.71 22.83 -39.97
CA LEU Q 532 -22.59 22.50 -38.86
C LEU Q 532 -22.74 20.99 -38.72
N ILE Q 533 -22.91 20.30 -39.84
CA ILE Q 533 -23.13 18.87 -39.80
C ILE Q 533 -21.84 18.12 -39.48
N LYS Q 534 -20.74 18.53 -40.10
CA LYS Q 534 -19.47 17.89 -39.79
C LYS Q 534 -19.05 18.09 -38.35
N GLU Q 535 -19.71 19.03 -37.66
CA GLU Q 535 -19.48 19.24 -36.23
C GLU Q 535 -20.44 18.44 -35.39
N VAL Q 536 -21.70 18.32 -35.82
CA VAL Q 536 -22.68 17.63 -35.00
C VAL Q 536 -22.47 16.12 -35.07
N GLN Q 537 -22.00 15.61 -36.20
CA GLN Q 537 -21.85 14.16 -36.33
C GLN Q 537 -20.77 13.62 -35.42
N ARG Q 538 -19.75 14.41 -35.12
CA ARG Q 538 -18.68 13.97 -34.23
C ARG Q 538 -19.05 14.10 -32.77
N ILE Q 539 -20.08 14.87 -32.46
CA ILE Q 539 -20.49 15.06 -31.07
C ILE Q 539 -21.58 14.07 -30.69
N VAL Q 540 -22.64 13.97 -31.48
CA VAL Q 540 -23.72 13.02 -31.22
C VAL Q 540 -23.74 11.98 -32.33
N PRO Q 541 -23.63 10.70 -32.01
CA PRO Q 541 -23.75 9.68 -33.04
C PRO Q 541 -25.15 9.66 -33.63
N LEU Q 542 -25.27 9.04 -34.80
CA LEU Q 542 -26.56 9.02 -35.48
C LEU Q 542 -27.63 8.35 -34.65
N GLN Q 543 -27.27 7.33 -33.86
CA GLN Q 543 -28.30 6.74 -33.02
C GLN Q 543 -28.81 7.77 -32.02
N ARG Q 544 -27.92 8.54 -31.42
CA ARG Q 544 -28.34 9.46 -30.36
C ARG Q 544 -29.09 10.64 -30.93
N MET Q 545 -28.65 11.14 -32.07
CA MET Q 545 -29.33 12.27 -32.67
C MET Q 545 -30.71 11.86 -33.15
N THR Q 546 -30.87 10.63 -33.62
CA THR Q 546 -32.17 10.18 -34.06
C THR Q 546 -33.09 9.89 -32.90
N GLU Q 547 -32.55 9.34 -31.81
CA GLU Q 547 -33.38 9.11 -30.63
C GLU Q 547 -33.90 10.41 -30.07
N ILE Q 548 -33.41 11.55 -30.56
CA ILE Q 548 -34.00 12.84 -30.20
C ILE Q 548 -35.09 13.21 -31.17
N LEU Q 549 -34.80 13.15 -32.47
CA LEU Q 549 -35.79 13.57 -33.45
C LEU Q 549 -37.08 12.77 -33.31
N GLN Q 550 -37.00 11.54 -32.83
CA GLN Q 550 -38.22 10.82 -32.53
C GLN Q 550 -38.90 11.40 -31.31
N ARG Q 551 -38.13 11.91 -30.36
CA ARG Q 551 -38.75 12.40 -29.12
C ARG Q 551 -39.36 13.78 -29.31
N LEU Q 552 -38.89 14.55 -30.29
CA LEU Q 552 -39.59 15.78 -30.61
C LEU Q 552 -40.91 15.48 -31.29
N VAL Q 553 -40.86 14.85 -32.45
CA VAL Q 553 -42.06 14.56 -33.21
C VAL Q 553 -43.05 13.74 -32.40
N GLY Q 554 -42.63 13.18 -31.27
CA GLY Q 554 -43.58 12.55 -30.38
C GLY Q 554 -44.50 13.55 -29.71
N GLU Q 555 -43.99 14.71 -29.33
CA GLU Q 555 -44.79 15.76 -28.73
C GLU Q 555 -45.41 16.68 -29.75
N ASP Q 556 -45.42 16.30 -31.02
CA ASP Q 556 -45.92 17.08 -32.14
C ASP Q 556 -45.11 18.34 -32.39
N ILE Q 557 -43.99 18.53 -31.70
CA ILE Q 557 -43.04 19.56 -32.08
C ILE Q 557 -42.56 19.26 -33.50
N SER Q 558 -42.23 20.32 -34.22
CA SER Q 558 -41.90 20.21 -35.64
C SER Q 558 -40.41 20.22 -35.83
N ILE Q 559 -39.87 19.13 -36.37
CA ILE Q 559 -38.47 19.07 -36.76
C ILE Q 559 -38.12 20.19 -37.71
N ARG Q 560 -39.09 20.67 -38.49
CA ARG Q 560 -38.88 21.46 -39.69
C ARG Q 560 -37.70 22.41 -39.58
N ASN Q 561 -37.60 23.13 -38.46
CA ASN Q 561 -36.52 24.06 -38.20
C ASN Q 561 -35.27 23.26 -37.88
N MET Q 562 -34.61 22.77 -38.92
CA MET Q 562 -33.55 21.81 -38.69
C MET Q 562 -32.24 22.45 -38.28
N ARG Q 563 -32.06 23.74 -38.53
CA ARG Q 563 -30.83 24.38 -38.10
C ARG Q 563 -30.78 24.51 -36.59
N SER Q 564 -31.72 25.25 -36.00
CA SER Q 564 -31.66 25.53 -34.58
C SER Q 564 -31.91 24.29 -33.74
N ILE Q 565 -32.16 23.15 -34.38
CA ILE Q 565 -32.13 21.88 -33.65
C ILE Q 565 -30.71 21.35 -33.62
N LEU Q 566 -29.91 21.71 -34.61
CA LEU Q 566 -28.53 21.26 -34.60
C LEU Q 566 -27.64 22.21 -33.81
N GLU Q 567 -27.91 23.52 -33.85
CA GLU Q 567 -27.21 24.44 -32.97
C GLU Q 567 -27.35 24.00 -31.52
N ALA Q 568 -28.57 23.71 -31.10
CA ALA Q 568 -28.78 23.24 -29.73
C ALA Q 568 -28.37 21.80 -29.57
N MET Q 569 -28.10 21.10 -30.67
CA MET Q 569 -27.57 19.75 -30.55
C MET Q 569 -26.08 19.80 -30.25
N VAL Q 570 -25.36 20.67 -30.96
CA VAL Q 570 -23.94 20.83 -30.71
C VAL Q 570 -23.70 21.39 -29.32
N GLU Q 571 -24.45 22.40 -28.94
CA GLU Q 571 -24.22 23.09 -27.68
C GLU Q 571 -24.35 22.12 -26.50
N TRP Q 572 -25.41 21.33 -26.47
CA TRP Q 572 -25.70 20.52 -25.31
C TRP Q 572 -25.23 19.08 -25.44
N GLY Q 573 -24.90 18.61 -26.64
CA GLY Q 573 -24.48 17.24 -26.78
C GLY Q 573 -23.18 16.90 -26.09
N GLN Q 574 -22.47 17.91 -25.62
CA GLN Q 574 -21.22 17.74 -24.89
C GLN Q 574 -21.44 17.76 -23.40
N LYS Q 575 -22.37 18.57 -22.92
CA LYS Q 575 -22.62 18.68 -21.49
C LYS Q 575 -23.59 17.61 -21.01
N GLU Q 576 -24.73 17.48 -21.66
CA GLU Q 576 -25.74 16.52 -21.22
C GLU Q 576 -25.62 15.23 -22.01
N LYS Q 577 -25.95 14.12 -21.35
CA LYS Q 577 -25.84 12.80 -21.96
C LYS Q 577 -27.08 11.95 -21.84
N ASP Q 578 -27.98 12.22 -20.89
CA ASP Q 578 -29.25 11.52 -20.82
C ASP Q 578 -30.18 12.11 -21.87
N VAL Q 579 -30.68 11.26 -22.77
CA VAL Q 579 -31.45 11.74 -23.90
C VAL Q 579 -32.61 12.60 -23.44
N VAL Q 580 -33.31 12.17 -22.39
CA VAL Q 580 -34.51 12.88 -21.96
C VAL Q 580 -34.14 14.27 -21.47
N GLN Q 581 -32.96 14.43 -20.87
CA GLN Q 581 -32.52 15.77 -20.52
C GLN Q 581 -32.14 16.55 -21.76
N LEU Q 582 -31.36 15.93 -22.65
CA LEU Q 582 -30.92 16.61 -23.85
C LEU Q 582 -32.11 17.12 -24.67
N THR Q 583 -33.18 16.34 -24.74
CA THR Q 583 -34.30 16.82 -25.54
C THR Q 583 -35.06 17.93 -24.83
N GLU Q 584 -35.02 17.97 -23.50
CA GLU Q 584 -35.63 19.11 -22.82
C GLU Q 584 -34.79 20.36 -22.98
N TYR Q 585 -33.50 20.21 -23.20
CA TYR Q 585 -32.71 21.37 -23.56
C TYR Q 585 -32.92 21.78 -25.00
N ILE Q 586 -33.23 20.82 -25.87
CA ILE Q 586 -33.39 21.15 -27.27
C ILE Q 586 -34.74 21.79 -27.54
N ARG Q 587 -35.80 21.33 -26.87
CA ARG Q 587 -37.06 22.04 -26.96
C ARG Q 587 -36.91 23.49 -26.52
N SER Q 588 -36.09 23.74 -25.51
CA SER Q 588 -35.83 25.09 -25.05
C SER Q 588 -35.10 25.93 -26.07
N SER Q 589 -34.68 25.38 -27.19
CA SER Q 589 -34.11 26.16 -28.26
C SER Q 589 -35.15 26.61 -29.27
N LEU Q 590 -36.32 25.98 -29.28
CA LEU Q 590 -37.43 26.41 -30.11
C LEU Q 590 -38.40 27.28 -29.34
N LYS Q 591 -37.89 28.09 -28.40
CA LYS Q 591 -38.74 28.88 -27.53
C LYS Q 591 -39.82 29.61 -28.29
N ARG Q 592 -39.42 30.54 -29.14
CA ARG Q 592 -40.42 31.38 -29.77
C ARG Q 592 -41.20 30.66 -30.84
N TYR Q 593 -41.00 29.35 -30.99
CA TYR Q 593 -41.91 28.58 -31.82
C TYR Q 593 -43.08 28.09 -31.00
N ILE Q 594 -42.80 27.46 -29.86
CA ILE Q 594 -43.85 26.88 -29.05
C ILE Q 594 -44.84 27.96 -28.60
N CYS Q 595 -44.33 29.10 -28.15
CA CYS Q 595 -45.18 30.24 -27.87
C CYS Q 595 -46.17 30.52 -28.97
N TYR Q 596 -45.86 30.14 -30.21
CA TYR Q 596 -46.78 30.31 -31.30
C TYR Q 596 -47.59 29.08 -31.62
N LYS Q 597 -47.18 27.91 -31.13
CA LYS Q 597 -48.01 26.73 -31.39
C LYS Q 597 -49.12 26.59 -30.38
N TYR Q 598 -48.90 26.97 -29.13
CA TYR Q 598 -49.90 26.70 -28.11
C TYR Q 598 -50.68 27.95 -27.71
N ALA Q 599 -50.03 29.10 -27.70
CA ALA Q 599 -50.68 30.34 -27.33
C ALA Q 599 -50.73 31.26 -28.54
N ASN Q 600 -51.74 31.09 -29.37
CA ASN Q 600 -51.87 31.90 -30.57
C ASN Q 600 -52.29 33.33 -30.27
N GLY Q 601 -52.97 33.58 -29.16
CA GLY Q 601 -53.41 34.91 -28.84
C GLY Q 601 -52.27 35.83 -28.45
N ASN Q 602 -52.63 36.97 -27.89
CA ASN Q 602 -51.66 38.01 -27.55
C ASN Q 602 -50.86 37.63 -26.33
N ASN Q 603 -49.98 36.65 -26.46
CA ASN Q 603 -49.03 36.28 -25.41
C ASN Q 603 -49.76 35.87 -24.12
N ILE Q 604 -50.95 35.30 -24.26
CA ILE Q 604 -51.70 34.79 -23.13
C ILE Q 604 -51.94 33.31 -23.35
N LEU Q 605 -51.69 32.51 -22.31
CA LEU Q 605 -51.68 31.05 -22.43
C LEU Q 605 -52.46 30.48 -21.25
N PRO Q 606 -53.52 29.72 -21.49
CA PRO Q 606 -54.30 29.15 -20.39
C PRO Q 606 -53.65 27.89 -19.85
N ALA Q 607 -53.06 27.99 -18.68
CA ALA Q 607 -52.22 26.93 -18.15
C ALA Q 607 -52.91 26.19 -17.02
N TYR Q 608 -52.24 25.14 -16.56
CA TYR Q 608 -52.74 24.28 -15.50
C TYR Q 608 -51.61 23.96 -14.52
N LEU Q 609 -50.94 24.99 -14.03
CA LEU Q 609 -49.71 24.83 -13.25
C LEU Q 609 -49.82 23.73 -12.22
N PHE Q 610 -48.70 23.04 -12.00
CA PHE Q 610 -48.57 22.03 -10.97
C PHE Q 610 -48.05 22.68 -9.69
N ASP Q 611 -48.81 22.55 -8.60
CA ASP Q 611 -48.32 23.13 -7.35
C ASP Q 611 -47.13 22.34 -6.84
N GLN Q 612 -46.16 23.07 -6.30
CA GLN Q 612 -44.81 22.56 -6.11
C GLN Q 612 -44.80 21.22 -5.38
N GLU Q 613 -45.78 20.97 -4.52
CA GLU Q 613 -45.77 19.74 -3.73
C GLU Q 613 -45.79 18.51 -4.63
N VAL Q 614 -46.44 18.60 -5.79
CA VAL Q 614 -46.52 17.44 -6.68
C VAL Q 614 -45.27 17.33 -7.53
N GLU Q 615 -44.79 18.43 -8.10
CA GLU Q 615 -43.57 18.39 -8.90
C GLU Q 615 -42.39 17.85 -8.13
N GLU Q 616 -42.52 17.65 -6.83
CA GLU Q 616 -41.47 17.05 -6.04
C GLU Q 616 -41.73 15.58 -5.75
N LYS Q 617 -42.99 15.17 -5.65
CA LYS Q 617 -43.27 13.75 -5.57
C LYS Q 617 -42.80 13.03 -6.82
N ILE Q 618 -42.94 13.66 -7.99
CA ILE Q 618 -42.55 13.01 -9.23
C ILE Q 618 -41.06 13.05 -9.43
N ARG Q 619 -40.39 14.12 -8.99
CA ARG Q 619 -38.95 14.18 -9.17
C ARG Q 619 -38.21 13.22 -8.26
N SER Q 620 -38.91 12.51 -7.39
CA SER Q 620 -38.29 11.54 -6.49
C SER Q 620 -38.51 10.10 -6.95
N GLY Q 621 -38.96 9.90 -8.18
CA GLY Q 621 -39.22 8.56 -8.65
C GLY Q 621 -38.64 8.28 -10.02
N VAL Q 622 -37.46 8.80 -10.31
CA VAL Q 622 -36.93 8.79 -11.67
C VAL Q 622 -36.17 7.52 -11.99
N ARG Q 623 -35.39 6.97 -11.06
CA ARG Q 623 -34.75 5.65 -11.21
C ARG Q 623 -33.89 5.58 -12.47
N GLN Q 624 -32.81 6.36 -12.47
CA GLN Q 624 -31.91 6.44 -13.62
C GLN Q 624 -30.99 5.21 -13.62
N THR Q 625 -31.47 4.12 -14.20
CA THR Q 625 -30.78 2.83 -14.09
C THR Q 625 -30.23 2.31 -15.41
N SER Q 626 -31.07 2.08 -16.41
CA SER Q 626 -30.66 1.32 -17.58
C SER Q 626 -31.02 2.08 -18.86
N ALA Q 627 -30.67 3.37 -18.88
CA ALA Q 627 -31.01 4.25 -19.98
C ALA Q 627 -32.52 4.27 -20.25
N GLY Q 628 -33.31 4.02 -19.21
CA GLY Q 628 -34.75 4.12 -19.31
C GLY Q 628 -35.31 5.19 -18.40
N SER Q 629 -34.65 5.40 -17.25
CA SER Q 629 -35.05 6.40 -16.27
C SER Q 629 -36.55 6.37 -16.01
N TYR Q 630 -37.13 5.18 -16.00
CA TYR Q 630 -38.58 5.05 -15.88
C TYR Q 630 -39.08 5.74 -14.62
N LEU Q 631 -40.21 6.41 -14.74
CA LEU Q 631 -40.90 6.92 -13.56
C LEU Q 631 -41.58 5.74 -12.89
N ALA Q 632 -41.08 5.35 -11.73
CA ALA Q 632 -41.64 4.23 -10.97
C ALA Q 632 -41.95 4.71 -9.57
N LEU Q 633 -43.19 5.14 -9.35
CA LEU Q 633 -43.62 5.55 -8.01
C LEU Q 633 -44.33 4.42 -7.29
N ASP Q 634 -45.51 4.06 -7.77
CA ASP Q 634 -46.34 2.98 -7.25
C ASP Q 634 -47.57 2.93 -8.14
N PRO Q 635 -48.09 1.74 -8.48
CA PRO Q 635 -49.42 1.67 -9.07
C PRO Q 635 -50.50 2.27 -8.19
N ALA Q 636 -50.20 2.59 -6.94
CA ALA Q 636 -51.16 3.25 -6.06
C ALA Q 636 -50.89 4.72 -5.88
N VAL Q 637 -49.71 5.21 -6.23
CA VAL Q 637 -49.46 6.64 -6.23
C VAL Q 637 -49.80 7.26 -7.57
N THR Q 638 -49.48 6.57 -8.66
CA THR Q 638 -49.88 7.04 -9.98
C THR Q 638 -51.36 7.33 -10.04
N GLU Q 639 -52.18 6.50 -9.42
CA GLU Q 639 -53.61 6.77 -9.39
C GLU Q 639 -53.93 7.90 -8.42
N SER Q 640 -53.05 8.17 -7.46
CA SER Q 640 -53.28 9.30 -6.56
C SER Q 640 -53.08 10.62 -7.30
N LEU Q 641 -51.95 10.76 -7.99
CA LEU Q 641 -51.72 11.97 -8.78
C LEU Q 641 -52.71 12.09 -9.92
N LEU Q 642 -52.85 11.02 -10.70
CA LEU Q 642 -53.75 11.06 -11.84
C LEU Q 642 -55.18 11.32 -11.42
N GLU Q 643 -55.50 11.16 -10.14
CA GLU Q 643 -56.81 11.55 -9.67
C GLU Q 643 -56.86 13.03 -9.36
N GLN Q 644 -55.83 13.56 -8.69
CA GLN Q 644 -55.78 14.99 -8.41
C GLN Q 644 -55.81 15.79 -9.70
N VAL Q 645 -55.18 15.29 -10.76
CA VAL Q 645 -55.31 15.92 -12.05
C VAL Q 645 -56.76 15.88 -12.50
N ARG Q 646 -57.30 14.67 -12.67
CA ARG Q 646 -58.66 14.51 -13.13
C ARG Q 646 -59.66 15.24 -12.27
N LYS Q 647 -59.30 15.60 -11.05
CA LYS Q 647 -60.21 16.30 -10.18
C LYS Q 647 -60.30 17.79 -10.49
N THR Q 648 -59.25 18.37 -11.07
CA THR Q 648 -59.24 19.78 -11.41
C THR Q 648 -59.44 20.02 -12.91
N ILE Q 649 -58.63 19.36 -13.74
CA ILE Q 649 -58.78 19.49 -15.18
C ILE Q 649 -60.17 19.05 -15.62
N GLY Q 650 -60.77 18.12 -14.90
CA GLY Q 650 -62.06 17.62 -15.31
C GLY Q 650 -61.94 16.72 -16.51
N ASP Q 651 -62.64 17.06 -17.59
CA ASP Q 651 -62.58 16.28 -18.82
C ASP Q 651 -62.04 17.06 -20.00
N LEU Q 652 -62.02 18.39 -19.93
CA LEU Q 652 -61.51 19.27 -20.98
C LEU Q 652 -62.16 19.02 -22.33
N SER Q 653 -63.20 18.20 -22.37
CA SER Q 653 -63.92 18.02 -23.62
C SER Q 653 -64.77 19.24 -23.91
N GLN Q 654 -65.45 19.75 -22.87
CA GLN Q 654 -66.15 21.02 -23.01
C GLN Q 654 -65.19 22.20 -22.87
N ILE Q 655 -64.11 22.03 -22.12
CA ILE Q 655 -63.18 23.14 -21.92
C ILE Q 655 -62.58 23.52 -23.26
N GLN Q 656 -62.89 24.72 -23.72
CA GLN Q 656 -62.44 25.20 -25.01
C GLN Q 656 -61.10 25.90 -24.89
N SER Q 657 -60.56 26.29 -26.04
CA SER Q 657 -59.35 27.09 -26.21
C SER Q 657 -58.06 26.29 -26.04
N LYS Q 658 -58.13 24.96 -25.98
CA LYS Q 658 -56.93 24.13 -25.97
C LYS Q 658 -55.96 24.53 -24.86
N PRO Q 659 -56.25 24.24 -23.61
CA PRO Q 659 -55.32 24.59 -22.54
C PRO Q 659 -54.11 23.68 -22.57
N VAL Q 660 -53.09 24.06 -21.81
CA VAL Q 660 -51.85 23.28 -21.73
C VAL Q 660 -51.41 23.17 -20.29
N LEU Q 661 -50.92 22.01 -19.92
CA LEU Q 661 -50.33 21.81 -18.61
C LEU Q 661 -48.93 22.37 -18.63
N ILE Q 662 -48.48 22.91 -17.50
CA ILE Q 662 -47.18 23.56 -17.42
C ILE Q 662 -46.47 23.07 -16.18
N VAL Q 663 -45.39 22.33 -16.37
CA VAL Q 663 -44.66 21.72 -15.27
C VAL Q 663 -43.19 22.03 -15.47
N SER Q 664 -42.41 21.89 -14.40
CA SER Q 664 -40.99 22.15 -14.46
C SER Q 664 -40.34 21.34 -15.57
N MET Q 665 -39.13 21.76 -15.95
CA MET Q 665 -38.52 21.19 -17.14
C MET Q 665 -38.08 19.75 -16.93
N ASP Q 666 -37.37 19.49 -15.85
CA ASP Q 666 -36.70 18.21 -15.68
C ASP Q 666 -37.63 17.03 -15.54
N ILE Q 667 -38.93 17.25 -15.42
CA ILE Q 667 -39.88 16.13 -15.37
C ILE Q 667 -40.96 16.33 -16.41
N ARG Q 668 -40.76 17.28 -17.33
CA ARG Q 668 -41.76 17.52 -18.34
C ARG Q 668 -42.11 16.26 -19.11
N ARG Q 669 -41.16 15.32 -19.17
CA ARG Q 669 -41.42 14.10 -19.92
C ARG Q 669 -42.26 13.14 -19.10
N TYR Q 670 -41.83 12.83 -17.88
CA TYR Q 670 -42.48 11.78 -17.12
C TYR Q 670 -43.93 12.12 -16.83
N VAL Q 671 -44.24 13.41 -16.65
CA VAL Q 671 -45.63 13.80 -16.54
C VAL Q 671 -46.36 13.52 -17.83
N ARG Q 672 -45.70 13.73 -18.96
CA ARG Q 672 -46.38 13.54 -20.23
C ARG Q 672 -46.78 12.10 -20.45
N LYS Q 673 -45.84 11.18 -20.31
CA LYS Q 673 -46.18 9.78 -20.52
C LYS Q 673 -47.02 9.23 -19.36
N LEU Q 674 -47.22 10.00 -18.31
CA LEU Q 674 -48.12 9.56 -17.23
C LEU Q 674 -49.57 9.78 -17.62
N ILE Q 675 -49.96 11.04 -17.85
CA ILE Q 675 -51.33 11.34 -18.26
C ILE Q 675 -51.60 11.03 -19.72
N GLU Q 676 -50.61 10.49 -20.45
CA GLU Q 676 -50.79 10.20 -21.86
C GLU Q 676 -51.98 9.28 -22.12
N SER Q 677 -52.37 8.48 -21.14
CA SER Q 677 -53.51 7.60 -21.31
C SER Q 677 -54.81 8.39 -21.30
N GLU Q 678 -55.02 9.17 -20.25
CA GLU Q 678 -56.32 9.81 -20.06
C GLU Q 678 -56.44 11.08 -20.90
N TYR Q 679 -55.52 12.02 -20.72
CA TYR Q 679 -55.60 13.31 -21.39
C TYR Q 679 -54.59 13.33 -22.52
N TYR Q 680 -55.05 12.97 -23.71
CA TYR Q 680 -54.14 12.88 -24.85
C TYR Q 680 -53.94 14.21 -25.55
N GLY Q 681 -54.96 15.05 -25.60
CA GLY Q 681 -54.84 16.32 -26.29
C GLY Q 681 -54.47 17.44 -25.36
N LEU Q 682 -53.84 17.10 -24.23
CA LEU Q 682 -53.39 18.09 -23.26
C LEU Q 682 -51.87 18.18 -23.31
N PRO Q 683 -51.32 19.06 -24.13
CA PRO Q 683 -49.86 19.15 -24.23
C PRO Q 683 -49.26 19.62 -22.92
N VAL Q 684 -48.01 19.25 -22.71
CA VAL Q 684 -47.28 19.64 -21.52
C VAL Q 684 -46.10 20.50 -21.95
N LEU Q 685 -45.89 21.60 -21.23
CA LEU Q 685 -44.79 22.51 -21.52
C LEU Q 685 -43.84 22.54 -20.34
N SER Q 686 -42.88 23.43 -20.42
CA SER Q 686 -41.96 23.68 -19.33
C SER Q 686 -42.03 25.15 -18.95
N TYR Q 687 -41.35 25.50 -17.87
CA TYR Q 687 -41.18 26.92 -17.60
C TYR Q 687 -40.15 27.51 -18.53
N GLN Q 688 -39.22 26.70 -18.99
CA GLN Q 688 -38.13 27.20 -19.80
C GLN Q 688 -38.57 27.40 -21.24
N GLU Q 689 -39.27 26.42 -21.80
CA GLU Q 689 -39.78 26.57 -23.16
C GLU Q 689 -40.65 27.80 -23.30
N LEU Q 690 -41.25 28.26 -22.22
CA LEU Q 690 -42.04 29.48 -22.27
C LEU Q 690 -41.13 30.67 -22.43
N THR Q 691 -41.03 31.17 -23.66
CA THR Q 691 -40.36 32.43 -23.86
C THR Q 691 -40.96 33.47 -22.95
N GLN Q 692 -40.11 34.34 -22.42
CA GLN Q 692 -40.63 35.42 -21.62
C GLN Q 692 -41.60 36.24 -22.46
N GLN Q 693 -42.30 37.17 -21.79
CA GLN Q 693 -43.35 37.97 -22.43
C GLN Q 693 -44.52 37.08 -22.84
N ILE Q 694 -44.84 36.11 -22.00
CA ILE Q 694 -46.04 35.28 -22.15
C ILE Q 694 -46.83 35.37 -20.86
N ASN Q 695 -48.10 35.75 -20.98
CA ASN Q 695 -48.95 35.91 -19.81
C ASN Q 695 -49.65 34.57 -19.54
N ILE Q 696 -49.01 33.74 -18.74
CA ILE Q 696 -49.64 32.51 -18.28
C ILE Q 696 -50.86 32.87 -17.46
N GLN Q 697 -52.02 32.41 -17.89
CA GLN Q 697 -53.26 32.67 -17.19
C GLN Q 697 -53.73 31.39 -16.52
N PRO Q 698 -53.24 31.09 -15.32
CA PRO Q 698 -53.49 29.77 -14.73
C PRO Q 698 -54.98 29.49 -14.54
N LEU Q 699 -55.45 28.45 -15.21
CA LEU Q 699 -56.84 28.04 -15.03
C LEU Q 699 -57.05 27.47 -13.63
N GLY Q 700 -56.19 26.56 -13.20
CA GLY Q 700 -56.28 26.05 -11.85
C GLY Q 700 -55.10 25.18 -11.46
N ARG Q 701 -54.48 25.47 -10.33
CA ARG Q 701 -53.28 24.77 -9.92
C ARG Q 701 -53.63 23.37 -9.42
N VAL Q 702 -52.84 22.38 -9.81
CA VAL Q 702 -53.07 20.99 -9.41
C VAL Q 702 -52.43 20.78 -8.05
N CYS Q 703 -53.24 20.81 -7.00
CA CYS Q 703 -52.74 20.66 -5.64
C CYS Q 703 -52.43 19.19 -5.41
N LEU Q 704 -52.20 18.81 -4.16
CA LEU Q 704 -52.04 17.41 -3.83
C LEU Q 704 -53.21 16.98 -2.93
N LEU R 361 -9.73 -45.26 -58.31
CA LEU R 361 -10.48 -45.00 -57.09
C LEU R 361 -9.67 -44.09 -56.16
N GLY R 362 -8.50 -43.69 -56.62
CA GLY R 362 -7.67 -42.78 -55.88
C GLY R 362 -8.21 -41.38 -55.77
N GLU R 363 -9.34 -41.08 -56.40
CA GLU R 363 -9.98 -39.79 -56.23
C GLU R 363 -10.33 -39.59 -54.75
N GLN R 364 -9.98 -38.41 -54.22
CA GLN R 364 -9.88 -38.27 -52.77
C GLN R 364 -11.20 -38.54 -52.07
N GLU R 365 -12.17 -37.62 -52.13
CA GLU R 365 -13.52 -38.03 -51.74
C GLU R 365 -14.65 -37.32 -52.48
N ALA R 366 -14.38 -36.18 -53.08
CA ALA R 366 -15.39 -35.42 -53.83
C ALA R 366 -16.59 -35.06 -52.96
N PHE R 367 -16.33 -34.19 -51.99
CA PHE R 367 -17.35 -33.67 -51.07
C PHE R 367 -18.63 -33.29 -51.82
N ALA R 368 -19.76 -33.69 -51.27
CA ALA R 368 -21.06 -33.41 -51.85
C ALA R 368 -21.97 -32.77 -50.81
N MET R 369 -22.47 -31.59 -51.13
CA MET R 369 -23.23 -30.79 -50.16
C MET R 369 -24.54 -31.48 -49.81
N THR R 370 -24.93 -31.40 -48.54
CA THR R 370 -26.24 -31.89 -48.13
C THR R 370 -27.32 -30.95 -48.62
N VAL R 371 -28.51 -31.51 -48.84
CA VAL R 371 -29.62 -30.71 -49.36
C VAL R 371 -30.36 -30.07 -48.19
N PRO R 372 -30.66 -28.79 -48.27
CA PRO R 372 -31.31 -28.11 -47.14
C PRO R 372 -32.68 -28.68 -46.84
N LEU R 373 -33.55 -28.73 -47.84
CA LEU R 373 -34.87 -29.32 -47.69
C LEU R 373 -35.06 -30.30 -48.83
N LEU R 374 -35.79 -31.36 -48.56
CA LEU R 374 -35.95 -32.42 -49.55
C LEU R 374 -37.31 -33.07 -49.37
N ILE R 375 -38.01 -33.27 -50.46
CA ILE R 375 -39.26 -34.02 -50.46
C ILE R 375 -39.03 -35.28 -51.26
N ASP R 376 -39.22 -36.41 -50.63
CA ASP R 376 -39.11 -37.70 -51.29
C ASP R 376 -40.48 -38.37 -51.23
N VAL R 377 -41.18 -38.37 -52.35
CA VAL R 377 -42.43 -39.09 -52.47
C VAL R 377 -42.15 -40.31 -53.35
N ASP R 378 -43.11 -41.21 -53.43
CA ASP R 378 -42.88 -42.44 -54.16
C ASP R 378 -42.86 -42.17 -55.66
N SER R 379 -42.52 -43.21 -56.41
CA SER R 379 -42.70 -43.20 -57.85
C SER R 379 -44.17 -43.47 -58.13
N SER R 380 -44.49 -43.79 -59.38
CA SER R 380 -45.85 -44.10 -59.83
C SER R 380 -46.72 -42.85 -59.84
N GLN R 381 -46.21 -41.74 -59.32
CA GLN R 381 -46.86 -40.45 -59.44
C GLN R 381 -45.98 -39.44 -60.15
N GLN R 382 -44.72 -39.78 -60.43
CA GLN R 382 -43.79 -38.81 -61.02
C GLN R 382 -44.34 -38.17 -62.28
N GLU R 383 -45.34 -38.81 -62.90
CA GLU R 383 -46.10 -38.21 -63.98
C GLU R 383 -47.59 -38.23 -63.71
N ALA R 384 -48.04 -39.01 -62.72
CA ALA R 384 -49.45 -39.07 -62.37
C ALA R 384 -49.84 -37.99 -61.37
N LEU R 385 -48.99 -37.66 -60.39
CA LEU R 385 -49.42 -36.60 -59.50
C LEU R 385 -49.25 -35.27 -60.20
N GLU R 386 -48.03 -34.73 -60.25
CA GLU R 386 -47.38 -34.06 -61.39
C GLU R 386 -48.31 -33.25 -62.29
N ALA R 387 -49.56 -33.08 -61.91
CA ALA R 387 -50.55 -32.52 -62.82
C ALA R 387 -51.53 -31.60 -62.12
N ILE R 388 -51.38 -31.33 -60.83
CA ILE R 388 -52.12 -30.21 -60.30
C ILE R 388 -51.23 -29.01 -60.50
N ALA R 389 -50.17 -28.88 -59.70
CA ALA R 389 -48.92 -28.32 -60.19
C ALA R 389 -47.75 -29.16 -59.73
N LEU R 390 -47.61 -29.29 -58.41
CA LEU R 390 -46.50 -29.94 -57.73
C LEU R 390 -45.15 -29.38 -58.15
N ASN R 391 -45.17 -28.29 -58.88
CA ASN R 391 -44.02 -27.40 -58.99
C ASN R 391 -44.45 -25.95 -58.90
N ASP R 392 -45.76 -25.68 -58.95
CA ASP R 392 -46.32 -24.38 -58.63
C ASP R 392 -47.31 -24.45 -57.49
N GLU R 393 -47.43 -25.60 -56.84
CA GLU R 393 -48.18 -25.69 -55.60
C GLU R 393 -47.25 -25.72 -54.39
N LEU R 394 -45.98 -26.02 -54.61
CA LEU R 394 -45.00 -25.86 -53.57
C LEU R 394 -44.46 -24.44 -53.54
N VAL R 395 -44.01 -23.94 -54.70
CA VAL R 395 -43.48 -22.58 -54.75
C VAL R 395 -44.55 -21.58 -54.35
N ARG R 396 -45.82 -21.93 -54.49
CA ARG R 396 -46.88 -21.03 -54.04
C ARG R 396 -46.97 -21.04 -52.52
N VAL R 397 -46.88 -22.21 -51.91
CA VAL R 397 -46.99 -22.26 -50.46
C VAL R 397 -45.68 -21.90 -49.80
N ARG R 398 -44.58 -21.93 -50.55
CA ARG R 398 -43.33 -21.44 -49.99
C ARG R 398 -43.31 -19.93 -49.94
N ARG R 399 -43.70 -19.29 -51.04
CA ARG R 399 -43.81 -17.83 -51.03
C ARG R 399 -44.89 -17.37 -50.05
N ALA R 400 -46.08 -17.98 -50.14
CA ALA R 400 -47.17 -17.56 -49.26
C ALA R 400 -46.79 -17.76 -47.80
N LEU R 401 -45.85 -18.66 -47.53
CA LEU R 401 -45.39 -18.82 -46.16
C LEU R 401 -44.22 -17.88 -45.87
N TYR R 402 -43.49 -17.47 -46.90
CA TYR R 402 -42.43 -16.50 -46.68
C TYR R 402 -43.01 -15.16 -46.29
N LEU R 403 -44.00 -14.68 -47.04
CA LEU R 403 -44.66 -13.42 -46.70
C LEU R 403 -45.37 -13.48 -45.36
N ASP R 404 -45.40 -14.64 -44.71
CA ASP R 404 -46.01 -14.71 -43.40
C ASP R 404 -44.96 -14.60 -42.30
N LEU R 405 -43.89 -15.38 -42.40
CA LEU R 405 -42.81 -15.40 -41.43
C LEU R 405 -41.67 -14.48 -41.80
N GLY R 406 -41.23 -14.50 -43.05
CA GLY R 406 -40.14 -13.68 -43.48
C GLY R 406 -38.83 -14.40 -43.65
N VAL R 407 -38.74 -15.65 -43.21
CA VAL R 407 -37.51 -16.41 -43.32
C VAL R 407 -37.19 -16.63 -44.79
N PRO R 408 -35.95 -16.45 -45.22
CA PRO R 408 -35.64 -16.74 -46.62
C PRO R 408 -35.44 -18.25 -46.82
N PHE R 409 -36.56 -18.94 -47.03
CA PHE R 409 -36.56 -20.38 -47.07
C PHE R 409 -35.69 -20.90 -48.21
N PRO R 410 -35.22 -22.13 -48.11
CA PRO R 410 -34.32 -22.64 -49.14
C PRO R 410 -35.07 -23.26 -50.29
N GLY R 411 -34.36 -23.84 -51.25
CA GLY R 411 -35.00 -24.44 -52.41
C GLY R 411 -35.43 -25.84 -52.12
N ILE R 412 -36.71 -26.14 -52.36
CA ILE R 412 -37.26 -27.45 -52.08
C ILE R 412 -36.95 -28.36 -53.26
N HIS R 413 -35.99 -29.26 -53.08
CA HIS R 413 -35.78 -30.28 -54.09
C HIS R 413 -36.90 -31.30 -54.03
N LEU R 414 -37.35 -31.73 -55.19
CA LEU R 414 -38.43 -32.71 -55.30
C LEU R 414 -37.90 -33.92 -56.05
N ARG R 415 -37.90 -35.07 -55.37
CA ARG R 415 -37.39 -36.30 -55.96
C ARG R 415 -38.44 -37.38 -55.82
N PHE R 416 -38.81 -37.97 -56.96
CA PHE R 416 -39.70 -39.12 -56.98
C PHE R 416 -38.83 -40.37 -56.88
N ASN R 417 -38.84 -41.00 -55.71
CA ASN R 417 -38.08 -42.20 -55.45
C ASN R 417 -38.96 -43.42 -55.68
N GLU R 418 -38.36 -44.47 -56.22
CA GLU R 418 -39.06 -45.73 -56.38
C GLU R 418 -38.81 -46.69 -55.22
N GLY R 419 -37.77 -46.42 -54.42
CA GLY R 419 -37.40 -47.36 -53.37
C GLY R 419 -38.48 -47.55 -52.32
N MET R 420 -39.37 -46.58 -52.16
CA MET R 420 -40.42 -46.68 -51.16
C MET R 420 -41.64 -47.34 -51.77
N GLY R 421 -42.78 -47.27 -51.08
CA GLY R 421 -43.99 -47.90 -51.53
C GLY R 421 -44.67 -47.12 -52.65
N GLU R 422 -46.00 -47.01 -52.61
CA GLU R 422 -46.73 -46.27 -53.62
C GLU R 422 -47.52 -45.10 -53.06
N GLY R 423 -47.74 -45.05 -51.74
CA GLY R 423 -48.39 -43.90 -51.15
C GLY R 423 -47.54 -43.25 -50.09
N GLU R 424 -46.27 -43.64 -50.01
CA GLU R 424 -45.36 -43.12 -49.02
C GLU R 424 -44.79 -41.78 -49.47
N TYR R 425 -44.40 -40.96 -48.50
CA TYR R 425 -43.71 -39.71 -48.79
C TYR R 425 -43.06 -39.23 -47.50
N LEU R 426 -41.81 -38.81 -47.59
CA LEU R 426 -41.08 -38.28 -46.45
C LEU R 426 -40.52 -36.92 -46.81
N ILE R 427 -40.60 -36.01 -45.87
CA ILE R 427 -40.09 -34.65 -46.04
C ILE R 427 -38.87 -34.55 -45.14
N SER R 428 -37.69 -34.48 -45.72
CA SER R 428 -36.45 -34.61 -44.98
C SER R 428 -35.75 -33.27 -44.92
N LEU R 429 -35.61 -32.72 -43.72
CA LEU R 429 -34.72 -31.58 -43.52
C LEU R 429 -33.30 -32.10 -43.36
N GLN R 430 -32.45 -31.83 -44.35
CA GLN R 430 -31.03 -32.16 -44.23
C GLN R 430 -30.84 -33.64 -43.93
N GLU R 431 -31.51 -34.47 -44.72
CA GLU R 431 -31.32 -35.92 -44.72
C GLU R 431 -31.74 -36.56 -43.39
N VAL R 432 -32.79 -36.07 -42.75
CA VAL R 432 -33.42 -36.81 -41.66
C VAL R 432 -34.93 -36.63 -41.74
N PRO R 433 -35.65 -37.64 -42.20
CA PRO R 433 -37.09 -37.50 -42.43
C PRO R 433 -37.81 -36.96 -41.22
N VAL R 434 -38.40 -35.78 -41.38
CA VAL R 434 -39.02 -35.09 -40.26
C VAL R 434 -40.53 -35.24 -40.23
N ALA R 435 -41.16 -35.55 -41.36
CA ALA R 435 -42.59 -35.83 -41.36
C ALA R 435 -42.86 -36.78 -42.51
N ARG R 436 -42.87 -38.07 -42.22
CA ARG R 436 -43.15 -39.08 -43.23
C ARG R 436 -44.62 -39.39 -43.23
N GLY R 437 -45.07 -40.06 -44.28
CA GLY R 437 -46.46 -40.44 -44.38
C GLY R 437 -46.68 -41.40 -45.52
N GLU R 438 -47.62 -42.31 -45.31
CA GLU R 438 -48.10 -43.20 -46.37
C GLU R 438 -49.49 -42.69 -46.71
N LEU R 439 -49.57 -41.83 -47.71
CA LEU R 439 -50.86 -41.23 -48.06
C LEU R 439 -51.76 -42.33 -48.61
N LYS R 440 -52.71 -42.80 -47.80
CA LYS R 440 -53.66 -43.80 -48.27
C LYS R 440 -54.68 -43.20 -49.21
N ALA R 441 -54.47 -41.95 -49.60
CA ALA R 441 -55.05 -41.39 -50.82
C ALA R 441 -54.26 -41.93 -52.00
N GLY R 442 -53.46 -42.96 -51.76
CA GLY R 442 -52.62 -43.58 -52.76
C GLY R 442 -53.27 -43.65 -54.12
N TYR R 443 -54.45 -44.27 -54.21
CA TYR R 443 -55.15 -44.28 -55.50
C TYR R 443 -55.93 -42.98 -55.68
N LEU R 444 -57.00 -42.79 -54.92
CA LEU R 444 -57.71 -41.53 -54.75
C LEU R 444 -58.61 -41.66 -53.54
N LEU R 445 -58.23 -41.06 -52.42
CA LEU R 445 -59.03 -41.20 -51.21
C LEU R 445 -59.04 -39.89 -50.44
N VAL R 446 -59.33 -38.79 -51.15
CA VAL R 446 -59.20 -37.45 -50.64
C VAL R 446 -59.71 -37.37 -49.20
N ARG R 447 -58.84 -36.93 -48.29
CA ARG R 447 -59.08 -37.12 -46.86
C ARG R 447 -60.08 -36.08 -46.36
N GLU R 448 -60.35 -36.15 -45.06
CA GLU R 448 -61.22 -35.20 -44.39
C GLU R 448 -60.62 -34.86 -43.03
N SER R 449 -60.46 -33.57 -42.77
CA SER R 449 -59.76 -33.09 -41.58
C SER R 449 -60.65 -32.96 -40.36
N VAL R 450 -61.90 -32.55 -40.54
CA VAL R 450 -62.79 -32.30 -39.42
C VAL R 450 -63.77 -33.47 -39.36
N SER R 451 -63.30 -34.64 -39.79
CA SER R 451 -64.10 -35.87 -39.73
C SER R 451 -64.70 -36.06 -38.34
N GLN R 452 -65.96 -36.49 -38.33
CA GLN R 452 -66.74 -36.53 -37.11
C GLN R 452 -67.87 -37.53 -37.34
N LEU R 453 -68.80 -37.62 -36.41
CA LEU R 453 -70.01 -38.39 -36.70
C LEU R 453 -70.83 -37.77 -37.81
N GLU R 454 -70.49 -36.53 -38.21
CA GLU R 454 -71.14 -35.93 -39.36
C GLU R 454 -70.84 -36.71 -40.63
N LEU R 455 -69.66 -37.31 -40.72
CA LEU R 455 -69.39 -38.26 -41.79
C LEU R 455 -70.06 -39.62 -41.55
N LEU R 456 -70.75 -39.79 -40.42
CA LEU R 456 -71.71 -40.87 -40.28
C LEU R 456 -73.12 -40.38 -40.58
N GLY R 457 -73.44 -39.13 -40.22
CA GLY R 457 -74.64 -38.53 -40.74
C GLY R 457 -74.59 -38.35 -42.24
N ILE R 458 -73.42 -38.01 -42.75
CA ILE R 458 -73.14 -38.01 -44.18
C ILE R 458 -72.43 -39.34 -44.41
N PRO R 459 -73.16 -40.42 -44.67
CA PRO R 459 -72.72 -41.75 -44.22
C PRO R 459 -71.56 -42.37 -45.00
N TYR R 460 -70.91 -41.63 -45.90
CA TYR R 460 -69.97 -42.25 -46.82
C TYR R 460 -68.81 -42.89 -46.08
N GLU R 461 -68.42 -44.07 -46.52
CA GLU R 461 -67.50 -44.91 -45.77
C GLU R 461 -66.20 -44.17 -45.47
N LYS R 462 -65.57 -44.57 -44.38
CA LYS R 462 -64.40 -43.88 -43.85
C LYS R 462 -63.16 -44.77 -43.93
N GLY R 463 -62.03 -44.15 -43.66
CA GLY R 463 -60.77 -44.86 -43.46
C GLY R 463 -60.05 -44.26 -42.27
N GLU R 464 -59.77 -45.07 -41.26
CA GLU R 464 -59.29 -44.52 -40.00
C GLU R 464 -57.80 -44.22 -40.04
N HIS R 465 -57.42 -43.13 -39.39
CA HIS R 465 -56.03 -42.73 -39.20
C HIS R 465 -56.01 -41.57 -38.21
N LEU R 466 -54.80 -41.20 -37.79
CA LEU R 466 -54.57 -40.04 -36.94
C LEU R 466 -53.49 -39.16 -37.58
N LEU R 467 -53.66 -38.89 -38.87
CA LEU R 467 -52.80 -37.97 -39.59
C LEU R 467 -52.83 -36.67 -38.78
N PRO R 468 -51.72 -35.94 -38.68
CA PRO R 468 -51.40 -35.28 -37.42
C PRO R 468 -52.45 -34.37 -36.79
N ASP R 469 -52.84 -33.28 -37.45
CA ASP R 469 -53.35 -32.14 -36.70
C ASP R 469 -54.83 -32.23 -36.35
N GLN R 470 -55.67 -32.74 -37.23
CA GLN R 470 -57.07 -32.94 -36.92
C GLN R 470 -57.44 -34.37 -37.30
N GLU R 471 -58.59 -34.82 -36.82
CA GLU R 471 -58.95 -36.21 -37.03
C GLU R 471 -59.16 -36.46 -38.53
N THR R 472 -58.28 -37.26 -39.10
CA THR R 472 -58.26 -37.53 -40.54
C THR R 472 -59.03 -38.81 -40.83
N PHE R 473 -60.05 -38.69 -41.66
CA PHE R 473 -60.74 -39.84 -42.20
C PHE R 473 -60.90 -39.65 -43.69
N TRP R 474 -60.86 -40.73 -44.43
CA TRP R 474 -60.72 -40.68 -45.87
C TRP R 474 -61.99 -41.16 -46.55
N VAL R 475 -62.34 -40.49 -47.65
CA VAL R 475 -63.46 -40.88 -48.50
C VAL R 475 -62.98 -40.84 -49.94
N SER R 476 -63.70 -41.54 -50.81
CA SER R 476 -63.28 -41.65 -52.20
C SER R 476 -63.75 -40.45 -53.01
N VAL R 477 -63.57 -40.51 -54.32
CA VAL R 477 -63.80 -39.35 -55.18
C VAL R 477 -65.22 -39.30 -55.75
N GLU R 478 -65.97 -40.41 -55.69
CA GLU R 478 -67.41 -40.32 -55.90
C GLU R 478 -68.09 -39.79 -54.64
N TYR R 479 -67.55 -40.15 -53.47
CA TYR R 479 -68.06 -39.61 -52.22
C TYR R 479 -67.74 -38.13 -52.08
N GLU R 480 -66.69 -37.66 -52.76
CA GLU R 480 -66.30 -36.26 -52.68
C GLU R 480 -67.41 -35.34 -53.15
N GLU R 481 -68.05 -35.67 -54.26
CA GLU R 481 -69.06 -34.79 -54.83
C GLU R 481 -70.16 -34.47 -53.82
N ARG R 482 -70.54 -35.46 -53.02
CA ARG R 482 -71.64 -35.25 -52.08
C ARG R 482 -71.16 -34.63 -50.78
N LEU R 483 -69.95 -34.97 -50.31
CA LEU R 483 -69.44 -34.35 -49.10
C LEU R 483 -68.96 -32.92 -49.35
N GLU R 484 -68.54 -32.59 -50.57
CA GLU R 484 -68.25 -31.20 -50.86
C GLU R 484 -69.53 -30.37 -50.89
N LYS R 485 -70.66 -31.00 -51.19
CA LYS R 485 -71.94 -30.35 -50.97
C LYS R 485 -72.15 -30.09 -49.48
N SER R 486 -71.80 -31.07 -48.64
CA SER R 486 -71.94 -30.97 -47.21
C SER R 486 -70.90 -30.06 -46.56
N GLN R 487 -69.91 -29.59 -47.32
CA GLN R 487 -68.98 -28.57 -46.87
C GLN R 487 -68.14 -28.97 -45.66
N LEU R 488 -67.25 -29.95 -45.83
CA LEU R 488 -66.18 -30.20 -44.88
C LEU R 488 -64.83 -30.09 -45.60
N GLU R 489 -63.75 -30.23 -44.85
CA GLU R 489 -62.43 -29.92 -45.38
C GLU R 489 -61.87 -31.04 -46.24
N PHE R 490 -61.59 -30.71 -47.50
CA PHE R 490 -61.04 -31.63 -48.48
C PHE R 490 -59.58 -31.32 -48.75
N PHE R 491 -58.76 -32.37 -48.77
CA PHE R 491 -57.35 -32.23 -49.07
C PHE R 491 -57.02 -33.11 -50.26
N SER R 492 -56.76 -32.47 -51.40
CA SER R 492 -56.34 -33.19 -52.58
C SER R 492 -54.93 -33.72 -52.36
N HIS R 493 -54.36 -34.31 -53.42
CA HIS R 493 -53.01 -34.82 -53.30
C HIS R 493 -51.97 -33.73 -53.21
N SER R 494 -52.26 -32.55 -53.73
CA SER R 494 -51.42 -31.41 -53.41
C SER R 494 -51.58 -31.00 -51.96
N GLN R 495 -52.82 -30.75 -51.55
CA GLN R 495 -53.06 -30.11 -50.26
C GLN R 495 -52.72 -31.04 -49.10
N VAL R 496 -52.66 -32.35 -49.34
CA VAL R 496 -52.21 -33.23 -48.28
C VAL R 496 -50.71 -33.16 -48.17
N LEU R 497 -50.04 -32.87 -49.28
CA LEU R 497 -48.59 -32.78 -49.27
C LEU R 497 -48.12 -31.45 -48.71
N THR R 498 -48.50 -30.35 -49.36
CA THR R 498 -48.03 -29.05 -48.93
C THR R 498 -48.43 -28.74 -47.50
N TRP R 499 -49.55 -29.26 -47.03
CA TRP R 499 -49.96 -28.93 -45.67
C TRP R 499 -48.88 -29.32 -44.67
N HIS R 500 -48.38 -30.55 -44.76
CA HIS R 500 -47.26 -30.90 -43.90
C HIS R 500 -46.06 -30.02 -44.15
N LEU R 501 -45.80 -29.69 -45.42
CA LEU R 501 -44.72 -28.75 -45.71
C LEU R 501 -44.96 -27.44 -44.99
N SER R 502 -46.06 -26.77 -45.29
CA SER R 502 -46.37 -25.51 -44.63
C SER R 502 -46.50 -25.68 -43.12
N HIS R 503 -46.47 -26.91 -42.63
CA HIS R 503 -46.35 -27.12 -41.20
C HIS R 503 -44.93 -27.45 -40.80
N VAL R 504 -44.14 -28.00 -41.72
CA VAL R 504 -42.74 -28.28 -41.39
C VAL R 504 -41.95 -27.00 -41.30
N LEU R 505 -42.14 -26.09 -42.25
CA LEU R 505 -41.42 -24.83 -42.20
C LEU R 505 -41.83 -24.03 -40.97
N ARG R 506 -43.12 -23.90 -40.72
CA ARG R 506 -43.55 -23.05 -39.62
C ARG R 506 -43.05 -23.57 -38.29
N GLU R 507 -42.64 -24.83 -38.20
CA GLU R 507 -42.15 -25.35 -36.94
C GLU R 507 -40.64 -25.52 -36.91
N TYR R 508 -39.99 -25.56 -38.06
CA TYR R 508 -38.54 -25.66 -38.14
C TYR R 508 -37.96 -24.42 -38.80
N ALA R 509 -38.60 -23.29 -38.58
CA ALA R 509 -38.07 -22.03 -39.06
C ALA R 509 -36.97 -21.47 -38.18
N GLU R 510 -36.64 -22.14 -37.09
CA GLU R 510 -35.45 -21.77 -36.34
C GLU R 510 -34.19 -22.32 -36.97
N ASP R 511 -34.30 -23.14 -38.00
CA ASP R 511 -33.15 -23.81 -38.59
C ASP R 511 -32.78 -23.24 -39.93
N PHE R 512 -33.59 -22.35 -40.49
CA PHE R 512 -33.30 -21.74 -41.76
C PHE R 512 -32.79 -20.32 -41.62
N ILE R 513 -32.65 -19.82 -40.40
CA ILE R 513 -32.08 -18.50 -40.22
C ILE R 513 -30.72 -18.65 -39.57
N GLY R 514 -29.68 -18.80 -40.40
CA GLY R 514 -28.33 -18.90 -39.92
C GLY R 514 -27.53 -17.70 -40.38
N ILE R 515 -26.32 -17.60 -39.81
CA ILE R 515 -25.46 -16.46 -40.10
C ILE R 515 -25.30 -16.27 -41.59
N GLN R 516 -25.53 -17.32 -42.37
CA GLN R 516 -25.46 -17.17 -43.81
C GLN R 516 -26.75 -16.61 -44.37
N GLU R 517 -27.84 -16.70 -43.61
CA GLU R 517 -29.12 -16.25 -44.16
C GLU R 517 -29.46 -14.84 -43.72
N THR R 518 -29.02 -14.41 -42.54
CA THR R 518 -29.22 -13.01 -42.20
C THR R 518 -28.30 -12.12 -43.02
N ARG R 519 -27.07 -12.54 -43.25
CA ARG R 519 -26.21 -11.77 -44.13
C ARG R 519 -26.77 -11.73 -45.54
N TYR R 520 -27.77 -12.54 -45.82
CA TYR R 520 -28.50 -12.37 -47.07
C TYR R 520 -29.48 -11.22 -46.96
N LEU R 521 -30.13 -11.08 -45.80
CA LEU R 521 -31.03 -9.95 -45.59
C LEU R 521 -30.27 -8.64 -45.50
N LEU R 522 -29.20 -8.63 -44.70
CA LEU R 522 -28.41 -7.41 -44.55
C LEU R 522 -27.62 -7.07 -45.80
N GLU R 523 -27.67 -7.90 -46.84
CA GLU R 523 -27.18 -7.46 -48.12
C GLU R 523 -28.31 -7.03 -49.03
N GLN R 524 -29.42 -7.77 -49.00
CA GLN R 524 -30.56 -7.40 -49.81
C GLN R 524 -31.16 -6.07 -49.40
N MET R 525 -30.87 -5.60 -48.18
CA MET R 525 -31.38 -4.32 -47.72
C MET R 525 -30.35 -3.21 -47.81
N GLU R 526 -29.15 -3.50 -48.30
CA GLU R 526 -28.14 -2.46 -48.42
C GLU R 526 -28.65 -1.29 -49.24
N GLY R 527 -29.31 -1.58 -50.36
CA GLY R 527 -29.83 -0.54 -51.22
C GLY R 527 -30.81 0.36 -50.51
N GLY R 528 -31.87 -0.21 -49.96
CA GLY R 528 -32.87 0.57 -49.26
C GLY R 528 -32.31 1.32 -48.09
N TYR R 529 -31.81 0.62 -47.08
CA TYR R 529 -31.35 1.23 -45.84
C TYR R 529 -29.84 1.04 -45.75
N GLY R 530 -29.10 1.97 -46.32
CA GLY R 530 -27.67 1.90 -46.27
C GLY R 530 -27.15 2.20 -44.88
N GLU R 531 -27.42 3.40 -44.38
CA GLU R 531 -26.79 3.83 -43.13
C GLU R 531 -27.38 3.13 -41.93
N LEU R 532 -28.52 2.47 -42.09
CA LEU R 532 -29.07 1.69 -40.99
C LEU R 532 -28.23 0.45 -40.76
N ILE R 533 -27.85 -0.23 -41.83
CA ILE R 533 -27.11 -1.47 -41.71
C ILE R 533 -25.67 -1.22 -41.30
N LYS R 534 -25.02 -0.21 -41.91
CA LYS R 534 -23.67 0.12 -41.52
C LYS R 534 -23.58 0.59 -40.08
N GLU R 535 -24.72 0.91 -39.47
CA GLU R 535 -24.77 1.25 -38.06
C GLU R 535 -25.06 0.04 -37.19
N VAL R 536 -25.92 -0.86 -37.67
CA VAL R 536 -26.29 -2.00 -36.84
C VAL R 536 -25.17 -3.02 -36.80
N GLN R 537 -24.40 -3.15 -37.88
CA GLN R 537 -23.35 -4.16 -37.91
C GLN R 537 -22.24 -3.86 -36.93
N ARG R 538 -21.98 -2.59 -36.64
CA ARG R 538 -20.94 -2.24 -35.70
C ARG R 538 -21.40 -2.32 -34.26
N ILE R 539 -22.71 -2.38 -34.03
CA ILE R 539 -23.23 -2.46 -32.67
C ILE R 539 -23.45 -3.90 -32.26
N VAL R 540 -24.15 -4.67 -33.07
CA VAL R 540 -24.41 -6.09 -32.79
C VAL R 540 -23.69 -6.92 -33.83
N PRO R 541 -22.80 -7.84 -33.43
CA PRO R 541 -22.17 -8.73 -34.39
C PRO R 541 -23.19 -9.65 -35.03
N LEU R 542 -22.81 -10.25 -36.16
CA LEU R 542 -23.75 -11.11 -36.88
C LEU R 542 -24.19 -12.28 -36.04
N GLN R 543 -23.34 -12.81 -35.19
CA GLN R 543 -23.80 -13.88 -34.33
C GLN R 543 -24.91 -13.41 -33.42
N ARG R 544 -24.76 -12.23 -32.85
CA ARG R 544 -25.73 -11.77 -31.86
C ARG R 544 -27.02 -11.34 -32.53
N MET R 545 -26.93 -10.71 -33.69
CA MET R 545 -28.14 -10.30 -34.38
C MET R 545 -28.91 -11.51 -34.88
N THR R 546 -28.20 -12.57 -35.26
CA THR R 546 -28.89 -13.77 -35.73
C THR R 546 -29.49 -14.54 -34.57
N GLU R 547 -28.80 -14.58 -33.43
CA GLU R 547 -29.35 -15.26 -32.27
C GLU R 547 -30.63 -14.58 -31.81
N ILE R 548 -30.94 -13.41 -32.35
CA ILE R 548 -32.23 -12.78 -32.09
C ILE R 548 -33.26 -13.23 -33.13
N LEU R 549 -32.91 -13.12 -34.41
CA LEU R 549 -33.86 -13.46 -35.45
C LEU R 549 -34.36 -14.88 -35.30
N GLN R 550 -33.55 -15.77 -34.74
CA GLN R 550 -34.04 -17.10 -34.43
C GLN R 550 -35.02 -17.05 -33.27
N ARG R 551 -34.82 -16.14 -32.33
CA ARG R 551 -35.68 -16.12 -31.16
C ARG R 551 -37.01 -15.46 -31.45
N LEU R 552 -37.08 -14.60 -32.47
CA LEU R 552 -38.39 -14.11 -32.88
C LEU R 552 -39.16 -15.20 -33.59
N VAL R 553 -38.63 -15.70 -34.71
CA VAL R 553 -39.34 -16.69 -35.48
C VAL R 553 -39.63 -17.95 -34.65
N GLY R 554 -39.02 -18.06 -33.47
CA GLY R 554 -39.41 -19.13 -32.58
C GLY R 554 -40.79 -18.94 -32.00
N GLU R 555 -41.16 -17.70 -31.69
CA GLU R 555 -42.49 -17.40 -31.18
C GLU R 555 -43.48 -17.11 -32.27
N ASP R 556 -43.16 -17.45 -33.51
CA ASP R 556 -43.97 -17.20 -34.70
C ASP R 556 -44.14 -15.72 -35.01
N ILE R 557 -43.44 -14.85 -34.28
CA ILE R 557 -43.34 -13.47 -34.70
C ILE R 557 -42.70 -13.41 -36.08
N SER R 558 -43.06 -12.41 -36.87
CA SER R 558 -42.65 -12.33 -38.25
C SER R 558 -41.49 -11.37 -38.40
N ILE R 559 -40.35 -11.89 -38.85
CA ILE R 559 -39.22 -11.04 -39.19
C ILE R 559 -39.60 -9.98 -40.21
N ARG R 560 -40.59 -10.26 -41.04
CA ARG R 560 -40.86 -9.55 -42.29
C ARG R 560 -40.57 -8.06 -42.19
N ASN R 561 -41.02 -7.43 -41.12
CA ASN R 561 -40.79 -6.01 -40.89
C ASN R 561 -39.34 -5.81 -40.48
N MET R 562 -38.46 -5.79 -41.47
CA MET R 562 -37.05 -5.86 -41.13
C MET R 562 -36.48 -4.51 -40.72
N ARG R 563 -37.16 -3.41 -41.04
CA ARG R 563 -36.65 -2.12 -40.62
C ARG R 563 -36.79 -1.94 -39.11
N SER R 564 -38.02 -1.96 -38.62
CA SER R 564 -38.23 -1.66 -37.21
C SER R 564 -37.70 -2.75 -36.30
N ILE R 565 -37.13 -3.81 -36.87
CA ILE R 565 -36.35 -4.73 -36.06
C ILE R 565 -34.92 -4.24 -35.96
N LEU R 566 -34.46 -3.47 -36.94
CA LEU R 566 -33.12 -2.93 -36.85
C LEU R 566 -33.09 -1.61 -36.10
N GLU R 567 -34.13 -0.78 -36.24
CA GLU R 567 -34.24 0.39 -35.40
C GLU R 567 -34.15 0.00 -33.93
N ALA R 568 -34.96 -0.98 -33.52
CA ALA R 568 -34.90 -1.44 -32.15
C ALA R 568 -33.68 -2.28 -31.87
N MET R 569 -32.94 -2.67 -32.91
CA MET R 569 -31.69 -3.36 -32.69
C MET R 569 -30.59 -2.37 -32.35
N VAL R 570 -30.55 -1.26 -33.08
CA VAL R 570 -29.57 -0.22 -32.80
C VAL R 570 -29.84 0.40 -31.44
N GLU R 571 -31.09 0.72 -31.16
CA GLU R 571 -31.44 1.41 -29.93
C GLU R 571 -30.99 0.63 -28.71
N TRP R 572 -31.31 -0.65 -28.66
CA TRP R 572 -31.08 -1.43 -27.45
C TRP R 572 -29.81 -2.24 -27.47
N GLY R 573 -29.17 -2.41 -28.62
CA GLY R 573 -27.96 -3.21 -28.67
C GLY R 573 -26.80 -2.62 -27.91
N GLN R 574 -26.92 -1.37 -27.49
CA GLN R 574 -25.91 -0.69 -26.71
C GLN R 574 -26.19 -0.77 -25.22
N LYS R 575 -27.45 -0.72 -24.83
CA LYS R 575 -27.80 -0.76 -23.42
C LYS R 575 -27.90 -2.19 -22.91
N GLU R 576 -28.66 -3.04 -23.58
CA GLU R 576 -28.85 -4.40 -23.11
C GLU R 576 -27.88 -5.35 -23.81
N LYS R 577 -27.47 -6.38 -23.10
CA LYS R 577 -26.51 -7.35 -23.62
C LYS R 577 -26.92 -8.80 -23.48
N ASP R 578 -27.85 -9.13 -22.59
CA ASP R 578 -28.37 -10.48 -22.51
C ASP R 578 -29.40 -10.66 -23.62
N VAL R 579 -29.17 -11.65 -24.48
CA VAL R 579 -30.01 -11.81 -25.67
C VAL R 579 -31.48 -11.88 -25.30
N VAL R 580 -31.81 -12.63 -24.25
CA VAL R 580 -33.20 -12.83 -23.91
C VAL R 580 -33.85 -11.51 -23.49
N GLN R 581 -33.08 -10.62 -22.87
CA GLN R 581 -33.61 -9.30 -22.60
C GLN R 581 -33.74 -8.49 -23.87
N LEU R 582 -32.69 -8.50 -24.69
CA LEU R 582 -32.71 -7.73 -25.92
C LEU R 582 -33.89 -8.12 -26.81
N THR R 583 -34.22 -9.41 -26.85
CA THR R 583 -35.33 -9.79 -27.72
C THR R 583 -36.66 -9.40 -27.11
N GLU R 584 -36.74 -9.29 -25.79
CA GLU R 584 -37.99 -8.80 -25.20
C GLU R 584 -38.14 -7.31 -25.42
N TYR R 585 -37.02 -6.60 -25.59
CA TYR R 585 -37.14 -5.21 -25.99
C TYR R 585 -37.46 -5.07 -27.46
N ILE R 586 -37.03 -6.03 -28.27
CA ILE R 586 -37.27 -5.92 -29.70
C ILE R 586 -38.70 -6.31 -30.06
N ARG R 587 -39.26 -7.31 -29.38
CA ARG R 587 -40.68 -7.58 -29.56
C ARG R 587 -41.51 -6.36 -29.21
N SER R 588 -41.11 -5.62 -28.19
CA SER R 588 -41.79 -4.39 -27.81
C SER R 588 -41.71 -3.31 -28.85
N SER R 589 -40.96 -3.50 -29.93
CA SER R 589 -40.94 -2.56 -31.03
C SER R 589 -41.97 -2.91 -32.10
N LEU R 590 -42.46 -4.14 -32.10
CA LEU R 590 -43.54 -4.55 -33.01
C LEU R 590 -44.90 -4.48 -32.32
N LYS R 591 -45.07 -3.51 -31.42
CA LYS R 591 -46.28 -3.42 -30.62
C LYS R 591 -47.53 -3.57 -31.47
N ARG R 592 -47.76 -2.61 -32.38
CA ARG R 592 -49.03 -2.63 -33.09
C ARG R 592 -49.08 -3.72 -34.14
N TYR R 593 -48.09 -4.60 -34.19
CA TYR R 593 -48.25 -5.79 -34.99
C TYR R 593 -48.88 -6.90 -34.18
N ILE R 594 -48.33 -7.17 -33.00
CA ILE R 594 -48.83 -8.27 -32.18
C ILE R 594 -50.30 -8.06 -31.84
N CYS R 595 -50.67 -6.84 -31.45
CA CYS R 595 -52.08 -6.50 -31.26
C CYS R 595 -52.95 -6.96 -32.42
N TYR R 596 -52.38 -7.09 -33.61
CA TYR R 596 -53.12 -7.56 -34.75
C TYR R 596 -52.93 -9.04 -35.01
N LYS R 597 -51.92 -9.66 -34.44
CA LYS R 597 -51.78 -11.10 -34.64
C LYS R 597 -52.60 -11.90 -33.66
N TYR R 598 -52.75 -11.43 -32.42
CA TYR R 598 -53.43 -12.24 -31.43
C TYR R 598 -54.84 -11.77 -31.13
N ALA R 599 -55.08 -10.48 -31.18
CA ALA R 599 -56.40 -9.92 -30.91
C ALA R 599 -56.94 -9.29 -32.18
N ASN R 600 -57.55 -10.09 -33.03
CA ASN R 600 -58.09 -9.58 -34.28
C ASN R 600 -59.34 -8.74 -34.09
N GLY R 601 -60.10 -8.96 -33.02
CA GLY R 601 -61.32 -8.21 -32.80
C GLY R 601 -61.04 -6.77 -32.44
N ASN R 602 -62.09 -6.10 -31.97
CA ASN R 602 -62.02 -4.67 -31.67
C ASN R 602 -61.25 -4.41 -30.39
N ASN R 603 -59.94 -4.61 -30.43
CA ASN R 603 -59.04 -4.26 -29.32
C ASN R 603 -59.42 -5.01 -28.05
N ILE R 604 -59.97 -6.20 -28.18
CA ILE R 604 -60.30 -7.04 -27.04
C ILE R 604 -59.52 -8.35 -27.18
N LEU R 605 -58.89 -8.76 -26.08
CA LEU R 605 -57.95 -9.88 -26.10
C LEU R 605 -58.25 -10.80 -24.92
N PRO R 606 -58.56 -12.05 -25.14
CA PRO R 606 -58.88 -12.96 -24.04
C PRO R 606 -57.61 -13.50 -23.39
N ALA R 607 -57.29 -13.01 -22.21
CA ALA R 607 -56.01 -13.26 -21.58
C ALA R 607 -56.15 -14.25 -20.43
N TYR R 608 -55.00 -14.61 -19.88
CA TYR R 608 -54.90 -15.56 -18.78
C TYR R 608 -53.89 -15.05 -17.76
N LEU R 609 -54.07 -13.82 -17.31
CA LEU R 609 -53.08 -13.14 -16.49
C LEU R 609 -52.52 -14.03 -15.38
N PHE R 610 -51.25 -13.83 -15.09
CA PHE R 610 -50.55 -14.49 -13.98
C PHE R 610 -50.67 -13.63 -12.74
N ASP R 611 -51.24 -14.18 -11.67
CA ASP R 611 -51.32 -13.39 -10.45
C ASP R 611 -49.94 -13.22 -9.84
N GLN R 612 -49.69 -12.01 -9.33
CA GLN R 612 -48.34 -11.55 -9.05
C GLN R 612 -47.53 -12.53 -8.24
N GLU R 613 -48.17 -13.34 -7.40
CA GLU R 613 -47.44 -14.25 -6.54
C GLU R 613 -46.60 -15.23 -7.36
N VAL R 614 -47.08 -15.62 -8.54
CA VAL R 614 -46.35 -16.58 -9.36
C VAL R 614 -45.26 -15.89 -10.15
N GLU R 615 -45.56 -14.75 -10.77
CA GLU R 615 -44.55 -14.04 -11.53
C GLU R 615 -43.34 -13.66 -10.69
N GLU R 616 -43.40 -13.86 -9.38
CA GLU R 616 -42.26 -13.63 -8.52
C GLU R 616 -41.54 -14.91 -8.14
N LYS R 617 -42.26 -16.03 -8.06
CA LYS R 617 -41.58 -17.30 -7.90
C LYS R 617 -40.68 -17.59 -9.09
N ILE R 618 -41.10 -17.23 -10.29
CA ILE R 618 -40.31 -17.52 -11.48
C ILE R 618 -39.18 -16.53 -11.63
N ARG R 619 -39.38 -15.28 -11.24
CA ARG R 619 -38.30 -14.31 -11.37
C ARG R 619 -37.17 -14.55 -10.38
N SER R 620 -37.32 -15.52 -9.48
CA SER R 620 -36.28 -15.84 -8.52
C SER R 620 -35.51 -17.08 -8.88
N GLY R 621 -35.64 -17.58 -10.11
CA GLY R 621 -34.95 -18.79 -10.51
C GLY R 621 -34.25 -18.67 -11.83
N VAL R 622 -33.64 -17.52 -12.11
CA VAL R 622 -33.15 -17.23 -13.45
C VAL R 622 -31.72 -17.73 -13.68
N ARG R 623 -30.84 -17.63 -12.67
CA ARG R 623 -29.51 -18.23 -12.72
C ARG R 623 -28.70 -17.77 -13.95
N GLN R 624 -28.38 -16.48 -13.96
CA GLN R 624 -27.65 -15.88 -15.09
C GLN R 624 -26.17 -16.23 -14.98
N THR R 625 -25.81 -17.40 -15.51
CA THR R 625 -24.47 -17.94 -15.28
C THR R 625 -23.61 -18.02 -16.54
N SER R 626 -24.05 -18.77 -17.56
CA SER R 626 -23.18 -19.12 -18.67
C SER R 626 -23.86 -18.80 -19.99
N ALA R 627 -24.41 -17.60 -20.09
CA ALA R 627 -25.15 -17.17 -21.27
C ALA R 627 -26.31 -18.12 -21.58
N GLY R 628 -26.81 -18.80 -20.56
CA GLY R 628 -27.99 -19.64 -20.71
C GLY R 628 -29.16 -19.15 -19.88
N SER R 629 -28.86 -18.54 -18.72
CA SER R 629 -29.88 -18.00 -17.83
C SER R 629 -31.02 -18.97 -17.62
N TYR R 630 -30.71 -20.26 -17.55
CA TYR R 630 -31.75 -21.27 -17.47
C TYR R 630 -32.65 -21.03 -16.27
N LEU R 631 -33.94 -21.24 -16.47
CA LEU R 631 -34.87 -21.26 -15.35
C LEU R 631 -34.69 -22.58 -14.62
N ALA R 632 -34.14 -22.53 -13.42
CA ALA R 632 -33.90 -23.72 -12.62
C ALA R 632 -34.54 -23.52 -11.26
N LEU R 633 -35.78 -23.98 -11.11
CA LEU R 633 -36.46 -23.89 -9.82
C LEU R 633 -36.33 -25.20 -9.05
N ASP R 634 -36.98 -26.25 -9.54
CA ASP R 634 -36.97 -27.58 -8.98
C ASP R 634 -37.81 -28.44 -9.90
N PRO R 635 -37.43 -29.68 -10.18
CA PRO R 635 -38.37 -30.61 -10.81
C PRO R 635 -39.65 -30.82 -10.01
N ALA R 636 -39.70 -30.34 -8.77
CA ALA R 636 -40.90 -30.43 -7.97
C ALA R 636 -41.65 -29.12 -7.87
N VAL R 637 -41.03 -28.00 -8.21
CA VAL R 637 -41.75 -26.74 -8.29
C VAL R 637 -42.32 -26.53 -9.69
N THR R 638 -41.56 -26.88 -10.71
CA THR R 638 -42.08 -26.80 -12.07
C THR R 638 -43.40 -27.53 -12.21
N GLU R 639 -43.54 -28.68 -11.56
CA GLU R 639 -44.81 -29.38 -11.59
C GLU R 639 -45.85 -28.69 -10.72
N SER R 640 -45.41 -27.90 -9.75
CA SER R 640 -46.37 -27.15 -8.93
C SER R 640 -47.00 -26.04 -9.73
N LEU R 641 -46.18 -25.22 -10.41
CA LEU R 641 -46.72 -24.17 -11.26
C LEU R 641 -47.48 -24.75 -12.43
N LEU R 642 -46.85 -25.68 -13.15
CA LEU R 642 -47.49 -26.26 -14.32
C LEU R 642 -48.79 -26.95 -13.96
N GLU R 643 -49.01 -27.24 -12.68
CA GLU R 643 -50.30 -27.77 -12.28
C GLU R 643 -51.30 -26.65 -12.07
N GLN R 644 -50.89 -25.57 -11.40
CA GLN R 644 -51.78 -24.43 -11.22
C GLN R 644 -52.23 -23.88 -12.56
N VAL R 645 -51.36 -23.89 -13.55
CA VAL R 645 -51.77 -23.53 -14.90
C VAL R 645 -52.83 -24.50 -15.39
N ARG R 646 -52.46 -25.77 -15.49
CA ARG R 646 -53.37 -26.79 -15.99
C ARG R 646 -54.68 -26.85 -15.21
N LYS R 647 -54.70 -26.30 -14.00
CA LYS R 647 -55.91 -26.32 -13.21
C LYS R 647 -56.89 -25.24 -13.62
N THR R 648 -56.42 -24.14 -14.20
CA THR R 648 -57.30 -23.06 -14.64
C THR R 648 -57.50 -23.04 -16.14
N ILE R 649 -56.41 -23.06 -16.91
CA ILE R 649 -56.50 -23.10 -18.36
C ILE R 649 -57.26 -24.33 -18.81
N GLY R 650 -57.18 -25.42 -18.06
CA GLY R 650 -57.83 -26.63 -18.47
C GLY R 650 -57.08 -27.28 -19.61
N ASP R 651 -57.76 -27.51 -20.73
CA ASP R 651 -57.14 -28.09 -21.90
C ASP R 651 -57.14 -27.19 -23.12
N LEU R 652 -57.97 -26.15 -23.13
CA LEU R 652 -58.08 -25.17 -24.22
C LEU R 652 -58.34 -25.83 -25.56
N SER R 653 -58.61 -27.12 -25.59
CA SER R 653 -58.96 -27.76 -26.86
C SER R 653 -60.38 -27.37 -27.24
N GLN R 654 -61.28 -27.37 -26.27
CA GLN R 654 -62.62 -26.86 -26.51
C GLN R 654 -62.66 -25.34 -26.41
N ILE R 655 -61.76 -24.74 -25.62
CA ILE R 655 -61.76 -23.30 -25.46
C ILE R 655 -61.45 -22.66 -26.80
N GLN R 656 -62.43 -21.95 -27.34
CA GLN R 656 -62.31 -21.34 -28.65
C GLN R 656 -61.72 -19.94 -28.53
N SER R 657 -61.48 -19.32 -29.68
CA SER R 657 -61.06 -17.94 -29.88
C SER R 657 -59.57 -17.73 -29.60
N LYS R 658 -58.78 -18.79 -29.46
CA LYS R 658 -57.34 -18.67 -29.35
C LYS R 658 -56.91 -17.70 -28.25
N PRO R 659 -57.03 -18.07 -26.98
CA PRO R 659 -56.61 -17.18 -25.90
C PRO R 659 -55.09 -17.10 -25.85
N VAL R 660 -54.60 -16.14 -25.08
CA VAL R 660 -53.17 -15.93 -24.91
C VAL R 660 -52.86 -15.70 -23.46
N LEU R 661 -51.76 -16.27 -22.99
CA LEU R 661 -51.27 -16.00 -21.65
C LEU R 661 -50.55 -14.67 -21.66
N ILE R 662 -50.61 -13.94 -20.56
CA ILE R 662 -50.05 -12.61 -20.48
C ILE R 662 -49.26 -12.49 -19.19
N VAL R 663 -47.96 -12.38 -19.30
CA VAL R 663 -47.09 -12.35 -18.14
C VAL R 663 -46.13 -11.17 -18.31
N SER R 664 -45.52 -10.76 -17.21
CA SER R 664 -44.59 -9.64 -17.23
C SER R 664 -43.50 -9.88 -18.27
N MET R 665 -42.81 -8.80 -18.64
CA MET R 665 -41.91 -8.88 -19.77
C MET R 665 -40.67 -9.70 -19.45
N ASP R 666 -40.02 -9.41 -18.32
CA ASP R 666 -38.70 -9.96 -18.05
C ASP R 666 -38.68 -11.46 -17.86
N ILE R 667 -39.83 -12.13 -17.81
CA ILE R 667 -39.84 -13.58 -17.71
C ILE R 667 -40.73 -14.16 -18.80
N ARG R 668 -41.11 -13.34 -19.76
CA ARG R 668 -41.98 -13.81 -20.83
C ARG R 668 -41.38 -15.02 -21.53
N ARG R 669 -40.06 -15.14 -21.50
CA ARG R 669 -39.44 -16.26 -22.17
C ARG R 669 -39.51 -17.52 -21.33
N TYR R 670 -39.08 -17.44 -20.07
CA TYR R 670 -38.95 -18.64 -19.26
C TYR R 670 -40.30 -19.30 -19.04
N VAL R 671 -41.36 -18.50 -18.95
CA VAL R 671 -42.69 -19.08 -18.91
C VAL R 671 -42.99 -19.82 -20.21
N ARG R 672 -42.54 -19.26 -21.33
CA ARG R 672 -42.86 -19.86 -22.62
C ARG R 672 -42.23 -21.24 -22.74
N LYS R 673 -40.92 -21.34 -22.52
CA LYS R 673 -40.29 -22.65 -22.64
C LYS R 673 -40.65 -23.56 -21.48
N LEU R 674 -41.38 -23.08 -20.49
CA LEU R 674 -41.86 -23.95 -19.43
C LEU R 674 -43.08 -24.72 -19.87
N ILE R 675 -44.17 -24.02 -20.19
CA ILE R 675 -45.39 -24.67 -20.66
C ILE R 675 -45.30 -25.13 -22.10
N GLU R 676 -44.16 -24.93 -22.76
CA GLU R 676 -44.01 -25.32 -24.17
C GLU R 676 -44.31 -26.78 -24.39
N SER R 677 -44.16 -27.62 -23.37
CA SER R 677 -44.48 -29.03 -23.54
C SER R 677 -45.97 -29.25 -23.61
N GLU R 678 -46.71 -28.76 -22.62
CA GLU R 678 -48.12 -29.09 -22.53
C GLU R 678 -48.97 -28.22 -23.44
N TYR R 679 -48.87 -26.91 -23.30
CA TYR R 679 -49.71 -25.98 -24.05
C TYR R 679 -48.88 -25.36 -25.14
N TYR R 680 -48.92 -25.96 -26.33
CA TYR R 680 -48.10 -25.48 -27.42
C TYR R 680 -48.73 -24.34 -28.19
N GLY R 681 -50.05 -24.36 -28.35
CA GLY R 681 -50.72 -23.33 -29.11
C GLY R 681 -51.21 -22.20 -28.24
N LEU R 682 -50.60 -22.02 -27.08
CA LEU R 682 -50.94 -20.96 -26.14
C LEU R 682 -49.83 -19.92 -26.16
N PRO R 683 -49.91 -18.90 -27.01
CA PRO R 683 -48.84 -17.92 -27.07
C PRO R 683 -48.77 -17.13 -25.78
N VAL R 684 -47.59 -16.60 -25.51
CA VAL R 684 -47.35 -15.80 -24.31
C VAL R 684 -46.97 -14.40 -24.76
N LEU R 685 -47.55 -13.40 -24.12
CA LEU R 685 -47.27 -12.00 -24.41
C LEU R 685 -46.63 -11.34 -23.22
N SER R 686 -46.45 -10.04 -23.32
CA SER R 686 -45.98 -9.23 -22.22
C SER R 686 -47.00 -8.14 -21.93
N TYR R 687 -46.78 -7.41 -20.86
CA TYR R 687 -47.57 -6.20 -20.68
C TYR R 687 -47.10 -5.11 -21.61
N GLN R 688 -45.83 -5.15 -22.00
CA GLN R 688 -45.25 -4.09 -22.80
C GLN R 688 -45.62 -4.26 -24.25
N GLU R 689 -45.51 -5.48 -24.78
CA GLU R 689 -45.90 -5.74 -26.16
C GLU R 689 -47.33 -5.34 -26.40
N LEU R 690 -48.16 -5.34 -25.37
CA LEU R 690 -49.55 -4.92 -25.53
C LEU R 690 -49.59 -3.42 -25.73
N THR R 691 -49.76 -3.02 -26.99
CA THR R 691 -50.03 -1.61 -27.25
C THR R 691 -51.22 -1.18 -26.43
N GLN R 692 -51.15 0.04 -25.93
CA GLN R 692 -52.30 0.57 -25.22
C GLN R 692 -53.52 0.56 -26.14
N GLN R 693 -54.68 0.84 -25.55
CA GLN R 693 -55.95 0.76 -26.28
C GLN R 693 -56.26 -0.69 -26.67
N ILE R 694 -55.94 -1.61 -25.77
CA ILE R 694 -56.32 -3.01 -25.92
C ILE R 694 -57.08 -3.42 -24.67
N ASN R 695 -58.29 -3.93 -24.84
CA ASN R 695 -59.11 -4.34 -23.71
C ASN R 695 -58.81 -5.79 -23.39
N ILE R 696 -57.85 -6.00 -22.51
CA ILE R 696 -57.58 -7.33 -21.99
C ILE R 696 -58.80 -7.82 -21.23
N GLN R 697 -59.37 -8.93 -21.68
CA GLN R 697 -60.53 -9.50 -21.03
C GLN R 697 -60.12 -10.77 -20.29
N PRO R 698 -59.64 -10.64 -19.06
CA PRO R 698 -59.02 -11.81 -18.40
C PRO R 698 -60.00 -12.96 -18.25
N LEU R 699 -59.65 -14.09 -18.86
CA LEU R 699 -60.47 -15.28 -18.69
C LEU R 699 -60.37 -15.82 -17.27
N GLY R 700 -59.15 -15.95 -16.75
CA GLY R 700 -58.98 -16.36 -15.37
C GLY R 700 -57.55 -16.25 -14.90
N ARG R 701 -57.34 -15.61 -13.77
CA ARG R 701 -55.99 -15.37 -13.28
C ARG R 701 -55.41 -16.65 -12.69
N VAL R 702 -54.15 -16.92 -12.99
CA VAL R 702 -53.47 -18.13 -12.52
C VAL R 702 -52.93 -17.83 -11.13
N CYS R 703 -53.63 -18.30 -10.11
CA CYS R 703 -53.24 -18.05 -8.72
C CYS R 703 -52.08 -18.99 -8.38
N LEU R 704 -51.76 -19.09 -7.11
CA LEU R 704 -50.76 -20.06 -6.68
C LEU R 704 -51.44 -21.10 -5.80
#